data_8ZSG
#
_entry.id   8ZSG
#
_cell.length_a   1.00
_cell.length_b   1.00
_cell.length_c   1.00
_cell.angle_alpha   90.00
_cell.angle_beta   90.00
_cell.angle_gamma   90.00
#
_symmetry.space_group_name_H-M   'P 1'
#
loop_
_entity.id
_entity.type
_entity.pdbx_description
1 polymer 'KomC, SIR2 domain protein, NADase'
2 polymer 'KomB, HAM-like protein, non-canonical purine NTP pyrophosphatase'
#
loop_
_entity_poly.entity_id
_entity_poly.type
_entity_poly.pdbx_seq_one_letter_code
_entity_poly.pdbx_strand_id
1 'polypeptide(L)'
;MEQLLADYKKGNVILFVGAGVSMNLGLPSWSQLVDHIATELGYDPDIYRTFGSALELAEYYKLKKGKIGPLRSWMDRMWH
SSDIDINKSKVHEYIAKANFPIIYTTNYDRWIETALSNYGKEYIKISSVSDIAKIDNNKTQIIKFHGDFDDDSSIVLDET
SYFQRLEFETPLDIKFRSDVLGKSVLFIGYSLSDINIRLLFYKLSKLWKEQKLEEAQPKSYIFLPRPNPIQEEILEQWRI
GMISSENDNPGESLEEFLKNFVLV
;
R,T,b,f,A,C,K,O,B,D,L,P
2 'polypeptide(L)'
;MNIRFITRNRHKIKEINKILSGTGVVVLASEHSIDEIQTENVHALIKDKLLKAFKLVGRPVFVEHTGLYIESLNGFPGGL
TQIFWDKLQADKFSQLLGTSENPRLVAKTIIGYCDSMKIYIFEGETQGTISPVPKGPRDFQWDCIFIPDGESETFAEMGD
RKNEISMRKKAFDKFKEYLLEGGK
;
V,X,Z,d,E,G,I,M,F,H,J,N
#
# COMPACT_ATOMS: atom_id res chain seq x y z
N MET A 1 -18.92 4.30 26.47
CA MET A 1 -18.75 3.14 27.32
C MET A 1 -19.70 2.02 26.93
N GLU A 2 -20.96 2.37 26.71
CA GLU A 2 -21.97 1.37 26.38
C GLU A 2 -21.76 0.80 24.99
N GLN A 3 -21.23 1.60 24.06
CA GLN A 3 -20.90 1.10 22.73
C GLN A 3 -19.75 0.11 22.80
N LEU A 4 -18.79 0.34 23.70
CA LEU A 4 -17.70 -0.60 23.90
C LEU A 4 -18.21 -1.92 24.49
N LEU A 5 -19.18 -1.85 25.40
CA LEU A 5 -19.73 -3.08 25.95
C LEU A 5 -20.57 -3.83 24.92
N ALA A 6 -21.23 -3.08 24.02
CA ALA A 6 -21.96 -3.72 22.93
C ALA A 6 -21.01 -4.39 21.94
N ASP A 7 -19.86 -3.76 21.68
CA ASP A 7 -18.86 -4.37 20.80
C ASP A 7 -18.14 -5.53 21.48
N TYR A 8 -18.00 -5.49 22.80
CA TYR A 8 -17.41 -6.61 23.50
C TYR A 8 -18.37 -7.79 23.55
N LYS A 9 -19.68 -7.51 23.61
CA LYS A 9 -20.67 -8.58 23.51
C LYS A 9 -20.66 -9.21 22.13
N LYS A 10 -20.35 -8.44 21.10
CA LYS A 10 -20.12 -8.99 19.78
C LYS A 10 -18.70 -9.52 19.60
N GLY A 11 -17.80 -9.21 20.53
CA GLY A 11 -16.45 -9.68 20.44
C GLY A 11 -15.56 -8.93 19.47
N ASN A 12 -15.87 -7.66 19.19
CA ASN A 12 -15.08 -6.86 18.27
C ASN A 12 -14.12 -5.93 19.00
N VAL A 13 -13.52 -6.37 20.10
CA VAL A 13 -12.57 -5.54 20.83
C VAL A 13 -11.23 -6.25 20.87
N ILE A 14 -10.17 -5.47 20.71
CA ILE A 14 -8.80 -5.96 20.74
C ILE A 14 -8.13 -5.26 21.91
N LEU A 15 -7.87 -6.01 22.99
CA LEU A 15 -7.36 -5.42 24.22
C LEU A 15 -5.88 -5.11 24.06
N PHE A 16 -5.57 -3.84 23.84
CA PHE A 16 -4.19 -3.39 23.85
C PHE A 16 -3.73 -3.22 25.29
N VAL A 17 -2.50 -3.63 25.58
CA VAL A 17 -1.99 -3.62 26.95
C VAL A 17 -0.61 -2.96 26.93
N GLY A 18 -0.42 -1.97 27.80
CA GLY A 18 0.85 -1.29 27.94
C GLY A 18 1.56 -1.62 29.22
N ALA A 19 2.60 -0.83 29.49
CA ALA A 19 3.41 -1.03 30.68
C ALA A 19 2.75 -0.54 31.95
N GLY A 20 1.70 0.27 31.83
CA GLY A 20 1.04 0.82 33.01
C GLY A 20 0.18 -0.16 33.77
N VAL A 21 -0.09 -1.34 33.20
CA VAL A 21 -0.90 -2.35 33.88
C VAL A 21 -0.07 -3.15 34.87
N SER A 22 1.25 -2.99 34.86
CA SER A 22 2.11 -3.89 35.61
C SER A 22 2.49 -3.31 36.98
N MET A 23 1.88 -2.17 37.33
CA MET A 23 2.27 -1.46 38.57
C MET A 23 2.00 -2.28 39.84
N ASN A 24 0.82 -2.91 39.95
CA ASN A 24 0.48 -3.57 41.20
C ASN A 24 1.26 -4.86 41.41
N LEU A 25 1.86 -5.42 40.37
CA LEU A 25 2.57 -6.68 40.50
C LEU A 25 3.91 -6.54 41.22
N GLY A 26 4.46 -5.34 41.28
CA GLY A 26 5.77 -5.17 41.87
C GLY A 26 6.91 -5.48 40.94
N LEU A 27 6.74 -5.22 39.65
CA LEU A 27 7.82 -5.38 38.70
C LEU A 27 8.86 -4.29 38.91
N PRO A 28 10.12 -4.57 38.56
CA PRO A 28 11.14 -3.52 38.56
C PRO A 28 10.81 -2.40 37.58
N SER A 29 11.06 -1.18 38.01
CA SER A 29 10.75 0.00 37.22
C SER A 29 11.83 0.23 36.17
N TRP A 30 11.53 1.17 35.27
CA TRP A 30 12.54 1.58 34.30
C TRP A 30 13.65 2.39 34.95
N SER A 31 13.32 3.11 36.02
CA SER A 31 14.33 3.87 36.75
C SER A 31 15.30 2.97 37.48
N GLN A 32 14.81 1.84 38.02
CA GLN A 32 15.69 0.87 38.67
C GLN A 32 16.59 0.19 37.65
N LEU A 33 16.08 -0.02 36.44
CA LEU A 33 16.90 -0.49 35.32
C LEU A 33 17.99 0.52 34.97
N VAL A 34 17.65 1.81 35.02
CA VAL A 34 18.63 2.87 34.76
C VAL A 34 19.72 2.89 35.84
N ASP A 35 19.32 2.66 37.10
CA ASP A 35 20.28 2.58 38.19
C ASP A 35 21.22 1.38 38.04
N HIS A 36 20.67 0.24 37.66
CA HIS A 36 21.48 -0.97 37.43
C HIS A 36 22.42 -0.78 36.24
N ILE A 37 21.95 -0.10 35.20
CA ILE A 37 22.80 0.08 34.04
C ILE A 37 23.85 1.15 34.28
N ALA A 38 23.61 2.07 35.21
CA ALA A 38 24.64 3.01 35.61
C ALA A 38 25.70 2.31 36.44
N THR A 39 25.28 1.39 37.30
CA THR A 39 26.22 0.60 38.09
C THR A 39 27.06 -0.30 37.18
N GLU A 40 26.45 -0.89 36.17
CA GLU A 40 27.18 -1.74 35.22
C GLU A 40 28.08 -0.91 34.32
N LEU A 41 27.73 0.34 34.06
CA LEU A 41 28.57 1.19 33.23
C LEU A 41 29.52 2.05 34.04
N GLY A 42 29.54 1.89 35.37
CA GLY A 42 30.43 2.69 36.19
C GLY A 42 30.02 4.12 36.36
N TYR A 43 28.73 4.39 36.44
CA TYR A 43 28.20 5.74 36.62
C TYR A 43 27.34 5.79 37.87
N ASP A 44 27.30 6.97 38.48
CA ASP A 44 26.27 7.22 39.48
C ASP A 44 24.94 7.35 38.74
N PRO A 45 23.84 6.83 39.31
CA PRO A 45 22.54 6.87 38.61
C PRO A 45 22.00 8.26 38.31
N ASP A 46 22.19 9.22 39.21
CA ASP A 46 21.67 10.56 38.97
C ASP A 46 22.50 11.29 37.92
N ILE A 47 23.82 11.15 37.98
CA ILE A 47 24.67 11.79 36.98
C ILE A 47 24.66 11.04 35.66
N TYR A 48 24.15 9.81 35.62
CA TYR A 48 23.85 9.19 34.34
C TYR A 48 22.51 9.68 33.80
N ARG A 49 21.54 9.87 34.69
CA ARG A 49 20.21 10.25 34.26
C ARG A 49 20.11 11.71 33.84
N THR A 50 21.05 12.56 34.26
CA THR A 50 20.93 13.97 33.92
C THR A 50 21.26 14.28 32.47
N PHE A 51 21.86 13.34 31.74
CA PHE A 51 22.25 13.60 30.36
C PHE A 51 21.83 12.41 29.51
N GLY A 52 21.13 12.70 28.41
CA GLY A 52 20.39 11.70 27.67
C GLY A 52 19.00 11.50 28.25
N SER A 53 18.13 10.91 27.42
CA SER A 53 16.75 10.69 27.83
C SER A 53 16.60 9.40 28.63
N ALA A 54 15.36 8.97 28.86
CA ALA A 54 15.10 7.77 29.64
C ALA A 54 15.25 6.48 28.85
N LEU A 55 15.47 6.58 27.54
CA LEU A 55 15.66 5.40 26.70
C LEU A 55 16.91 5.50 25.84
N GLU A 56 17.47 6.67 25.63
CA GLU A 56 18.67 6.68 24.81
C GLU A 56 19.88 6.17 25.61
N LEU A 57 19.86 6.25 26.94
CA LEU A 57 20.95 5.65 27.69
C LEU A 57 20.96 4.13 27.56
N ALA A 58 19.81 3.51 27.26
CA ALA A 58 19.79 2.09 26.94
C ALA A 58 20.45 1.84 25.59
N GLU A 59 20.26 2.74 24.63
CA GLU A 59 21.01 2.69 23.36
C GLU A 59 22.49 2.84 23.61
N TYR A 60 22.87 3.73 24.53
CA TYR A 60 24.27 3.92 24.88
C TYR A 60 24.87 2.67 25.49
N TYR A 61 24.11 1.96 26.33
CA TYR A 61 24.61 0.71 26.90
C TYR A 61 24.74 -0.35 25.82
N LYS A 62 23.81 -0.39 24.86
CA LYS A 62 23.89 -1.36 23.78
C LYS A 62 25.08 -1.10 22.88
N LEU A 63 25.39 0.17 22.64
CA LEU A 63 26.58 0.50 21.86
C LEU A 63 27.86 0.25 22.64
N LYS A 64 27.84 0.43 23.96
CA LYS A 64 29.04 0.17 24.74
C LYS A 64 29.29 -1.31 24.92
N LYS A 65 28.24 -2.12 24.88
CA LYS A 65 28.39 -3.57 24.99
C LYS A 65 28.25 -4.27 23.65
N GLY A 66 28.23 -3.52 22.55
CA GLY A 66 28.16 -4.11 21.24
C GLY A 66 26.79 -4.59 20.84
N LYS A 67 26.29 -5.62 21.51
CA LYS A 67 24.97 -6.17 21.26
C LYS A 67 24.04 -5.81 22.42
N ILE A 68 22.79 -6.26 22.32
CA ILE A 68 21.79 -5.97 23.33
C ILE A 68 21.67 -7.07 24.37
N GLY A 69 22.33 -8.22 24.16
CA GLY A 69 22.29 -9.41 24.98
C GLY A 69 22.31 -9.36 26.50
N PRO A 70 23.34 -8.75 27.13
CA PRO A 70 23.40 -8.75 28.59
C PRO A 70 22.32 -7.90 29.23
N LEU A 71 21.87 -6.86 28.54
CA LEU A 71 20.78 -6.02 29.03
C LEU A 71 19.49 -6.81 29.13
N ARG A 72 19.04 -7.42 28.03
CA ARG A 72 17.82 -8.20 28.04
C ARG A 72 17.94 -9.47 28.85
N SER A 73 19.16 -9.98 29.06
CA SER A 73 19.36 -11.07 29.99
C SER A 73 19.07 -10.62 31.43
N TRP A 74 19.51 -9.41 31.78
CA TRP A 74 19.22 -8.88 33.11
C TRP A 74 17.72 -8.60 33.29
N MET A 75 17.07 -8.04 32.26
CA MET A 75 15.62 -7.80 32.39
C MET A 75 14.84 -9.10 32.43
N ASP A 76 15.31 -10.16 31.76
CA ASP A 76 14.64 -11.44 31.88
C ASP A 76 14.87 -12.06 33.24
N ARG A 77 16.01 -11.77 33.86
CA ARG A 77 16.27 -12.32 35.19
C ARG A 77 15.41 -11.65 36.26
N MET A 78 15.35 -10.33 36.25
CA MET A 78 14.58 -9.67 37.32
C MET A 78 13.11 -9.46 36.98
N TRP A 79 12.72 -9.52 35.71
CA TRP A 79 11.32 -9.35 35.37
C TRP A 79 10.50 -10.60 35.64
N HIS A 80 11.14 -11.76 35.75
CA HIS A 80 10.42 -13.01 35.97
C HIS A 80 10.98 -13.72 37.19
N SER A 81 11.34 -12.95 38.22
CA SER A 81 11.82 -13.54 39.46
C SER A 81 10.68 -14.21 40.19
N SER A 82 11.01 -15.28 40.92
CA SER A 82 10.02 -16.17 41.50
C SER A 82 9.25 -15.57 42.68
N ASP A 83 9.70 -14.44 43.24
CA ASP A 83 8.98 -13.84 44.35
C ASP A 83 7.70 -13.15 43.90
N ILE A 84 7.57 -12.83 42.62
CA ILE A 84 6.35 -12.21 42.11
C ILE A 84 5.28 -13.28 41.96
N ASP A 85 4.12 -13.04 42.57
CA ASP A 85 2.98 -13.94 42.48
C ASP A 85 1.94 -13.33 41.57
N ILE A 86 1.42 -14.13 40.64
CA ILE A 86 0.42 -13.63 39.72
C ILE A 86 -0.98 -13.66 40.34
N ASN A 87 -1.16 -14.35 41.46
CA ASN A 87 -2.46 -14.40 42.08
C ASN A 87 -2.81 -13.16 42.88
N LYS A 88 -1.83 -12.30 43.18
CA LYS A 88 -2.09 -11.09 43.93
C LYS A 88 -2.49 -9.93 43.03
N SER A 89 -2.48 -10.10 41.72
CA SER A 89 -2.88 -9.06 40.79
C SER A 89 -4.31 -9.34 40.35
N LYS A 90 -5.24 -8.48 40.78
CA LYS A 90 -6.63 -8.62 40.36
C LYS A 90 -6.85 -8.24 38.91
N VAL A 91 -6.03 -7.33 38.38
CA VAL A 91 -6.25 -6.83 37.03
C VAL A 91 -5.86 -7.88 35.99
N HIS A 92 -4.79 -8.65 36.26
CA HIS A 92 -4.43 -9.75 35.37
C HIS A 92 -5.44 -10.88 35.45
N GLU A 93 -6.03 -11.08 36.62
CA GLU A 93 -7.12 -12.03 36.77
C GLU A 93 -8.33 -11.61 35.96
N TYR A 94 -8.63 -10.31 35.94
CA TYR A 94 -9.77 -9.85 35.15
C TYR A 94 -9.46 -9.84 33.66
N ILE A 95 -8.19 -9.71 33.29
CA ILE A 95 -7.81 -9.82 31.89
C ILE A 95 -7.98 -11.27 31.42
N ALA A 96 -7.49 -12.21 32.21
CA ALA A 96 -7.52 -13.61 31.80
C ALA A 96 -8.92 -14.20 31.88
N LYS A 97 -9.76 -13.72 32.80
CA LYS A 97 -11.12 -14.24 32.85
C LYS A 97 -12.04 -13.57 31.85
N ALA A 98 -11.60 -12.51 31.19
CA ALA A 98 -12.44 -11.86 30.19
C ALA A 98 -12.42 -12.65 28.89
N ASN A 99 -13.42 -12.39 28.05
CA ASN A 99 -13.55 -13.09 26.78
C ASN A 99 -12.93 -12.27 25.65
N PHE A 100 -11.65 -11.95 25.81
CA PHE A 100 -10.93 -11.21 24.81
C PHE A 100 -10.34 -12.18 23.79
N PRO A 101 -10.72 -12.09 22.52
CA PRO A 101 -10.15 -13.03 21.54
C PRO A 101 -8.72 -12.72 21.17
N ILE A 102 -8.41 -11.46 20.95
CA ILE A 102 -7.09 -11.04 20.49
C ILE A 102 -6.57 -9.99 21.46
N ILE A 103 -5.41 -10.26 22.06
CA ILE A 103 -4.81 -9.36 23.03
C ILE A 103 -3.45 -8.93 22.52
N TYR A 104 -3.31 -7.65 22.20
CA TYR A 104 -2.03 -7.09 21.82
C TYR A 104 -1.34 -6.57 23.07
N THR A 105 -0.01 -6.49 23.02
CA THR A 105 0.73 -5.93 24.13
C THR A 105 2.05 -5.35 23.66
N THR A 106 2.59 -4.46 24.48
CA THR A 106 3.93 -3.94 24.29
C THR A 106 4.81 -4.29 25.48
N ASN A 107 4.37 -5.19 26.34
CA ASN A 107 5.19 -5.64 27.45
C ASN A 107 6.26 -6.60 26.96
N TYR A 108 7.43 -6.53 27.58
CA TYR A 108 8.49 -7.47 27.28
C TYR A 108 8.41 -8.74 28.11
N ASP A 109 7.50 -8.79 29.09
CA ASP A 109 7.44 -9.93 29.98
C ASP A 109 6.45 -10.96 29.47
N ARG A 110 6.21 -11.98 30.28
CA ARG A 110 5.29 -13.07 29.94
C ARG A 110 4.18 -13.20 30.96
N TRP A 111 3.88 -12.13 31.69
CA TRP A 111 2.93 -12.27 32.79
C TRP A 111 1.48 -12.33 32.33
N ILE A 112 1.17 -11.82 31.15
CA ILE A 112 -0.18 -12.01 30.61
C ILE A 112 -0.40 -13.47 30.24
N GLU A 113 0.63 -14.09 29.65
CA GLU A 113 0.57 -15.50 29.29
C GLU A 113 0.56 -16.38 30.53
N THR A 114 1.32 -16.00 31.55
CA THR A 114 1.35 -16.73 32.80
C THR A 114 0.01 -16.61 33.52
N ALA A 115 -0.63 -15.45 33.43
CA ALA A 115 -1.95 -15.27 34.00
C ALA A 115 -3.00 -16.06 33.23
N LEU A 116 -2.84 -16.18 31.91
CA LEU A 116 -3.79 -16.96 31.12
C LEU A 116 -3.64 -18.45 31.40
N SER A 117 -2.40 -18.93 31.55
CA SER A 117 -2.20 -20.32 31.92
C SER A 117 -2.57 -20.60 33.36
N ASN A 118 -2.58 -19.57 34.21
CA ASN A 118 -2.92 -19.77 35.61
C ASN A 118 -4.40 -20.02 35.83
N TYR A 119 -5.26 -19.68 34.87
CA TYR A 119 -6.69 -19.90 34.99
C TYR A 119 -7.22 -20.87 33.94
N GLY A 120 -6.35 -21.70 33.38
CA GLY A 120 -6.77 -22.74 32.46
C GLY A 120 -7.22 -22.27 31.10
N LYS A 121 -6.74 -21.13 30.65
CA LYS A 121 -7.10 -20.60 29.35
C LYS A 121 -5.90 -20.69 28.41
N GLU A 122 -6.13 -21.24 27.23
CA GLU A 122 -5.04 -21.47 26.28
C GLU A 122 -4.65 -20.19 25.58
N TYR A 123 -3.35 -20.03 25.35
CA TYR A 123 -2.79 -18.86 24.69
C TYR A 123 -1.86 -19.30 23.58
N ILE A 124 -1.68 -18.43 22.59
CA ILE A 124 -0.72 -18.63 21.53
C ILE A 124 0.10 -17.35 21.42
N LYS A 125 1.36 -17.41 21.83
CA LYS A 125 2.20 -16.23 21.81
C LYS A 125 2.78 -16.03 20.42
N ILE A 126 2.53 -14.87 19.84
CA ILE A 126 3.00 -14.54 18.50
C ILE A 126 3.99 -13.40 18.63
N SER A 127 5.27 -13.70 18.50
CA SER A 127 6.29 -12.66 18.58
C SER A 127 6.97 -12.39 17.25
N SER A 128 6.96 -13.34 16.34
CA SER A 128 7.63 -13.17 15.05
C SER A 128 6.65 -13.47 13.92
N VAL A 129 7.15 -13.48 12.69
CA VAL A 129 6.29 -13.74 11.54
C VAL A 129 6.00 -15.22 11.36
N SER A 130 6.77 -16.10 12.00
CA SER A 130 6.57 -17.52 11.79
C SER A 130 5.40 -18.06 12.60
N ASP A 131 4.98 -17.35 13.64
CA ASP A 131 3.94 -17.87 14.51
C ASP A 131 2.54 -17.58 14.01
N ILE A 132 2.39 -16.84 12.91
CA ILE A 132 1.08 -16.52 12.36
C ILE A 132 0.42 -17.76 11.80
N ALA A 133 1.20 -18.75 11.37
CA ALA A 133 0.63 -20.00 10.91
C ALA A 133 0.11 -20.86 12.05
N LYS A 134 0.49 -20.56 13.29
CA LYS A 134 0.06 -21.32 14.44
C LYS A 134 -1.19 -20.73 15.10
N ILE A 135 -1.90 -19.85 14.42
CA ILE A 135 -3.08 -19.20 14.98
C ILE A 135 -4.23 -20.21 15.03
N ASP A 136 -4.78 -20.41 16.21
CA ASP A 136 -5.96 -21.23 16.42
C ASP A 136 -7.05 -20.33 16.98
N ASN A 137 -8.24 -20.39 16.40
CA ASN A 137 -9.30 -19.49 16.82
C ASN A 137 -10.04 -19.98 18.05
N ASN A 138 -9.71 -21.14 18.58
CA ASN A 138 -10.23 -21.56 19.87
C ASN A 138 -9.33 -21.13 21.02
N LYS A 139 -8.22 -20.48 20.72
CA LYS A 139 -7.28 -20.01 21.72
C LYS A 139 -7.07 -18.52 21.58
N THR A 140 -6.77 -17.87 22.69
CA THR A 140 -6.52 -16.43 22.71
C THR A 140 -5.16 -16.12 22.13
N GLN A 141 -5.11 -15.21 21.18
CA GLN A 141 -3.83 -14.81 20.60
C GLN A 141 -3.18 -13.72 21.44
N ILE A 142 -1.90 -13.87 21.71
CA ILE A 142 -1.11 -12.85 22.37
C ILE A 142 -0.04 -12.41 21.39
N ILE A 143 0.00 -11.12 21.09
CA ILE A 143 0.95 -10.59 20.12
C ILE A 143 1.86 -9.62 20.86
N LYS A 144 3.14 -9.94 20.92
CA LYS A 144 4.10 -9.03 21.51
C LYS A 144 4.51 -8.06 20.42
N PHE A 145 3.74 -6.97 20.33
CA PHE A 145 3.90 -5.97 19.27
C PHE A 145 5.23 -5.24 19.33
N HIS A 146 5.86 -5.18 20.49
CA HIS A 146 7.20 -4.61 20.62
C HIS A 146 8.26 -5.67 20.80
N GLY A 147 7.93 -6.93 20.61
CA GLY A 147 8.91 -7.99 20.73
C GLY A 147 8.90 -8.63 22.10
N ASP A 148 9.77 -9.63 22.24
CA ASP A 148 9.81 -10.43 23.46
C ASP A 148 11.23 -10.87 23.73
N PHE A 149 11.45 -11.39 24.95
CA PHE A 149 12.78 -11.71 25.45
C PHE A 149 13.44 -12.88 24.73
N ASP A 150 12.68 -13.68 24.00
CA ASP A 150 13.26 -14.82 23.30
C ASP A 150 13.64 -14.48 21.86
N ASP A 151 13.83 -13.21 21.55
CA ASP A 151 14.25 -12.78 20.22
C ASP A 151 14.97 -11.46 20.38
N ASP A 152 16.27 -11.44 20.10
CA ASP A 152 17.04 -10.21 20.22
C ASP A 152 16.80 -9.26 19.07
N SER A 153 16.33 -9.74 17.92
CA SER A 153 16.12 -8.85 16.79
C SER A 153 14.86 -8.02 16.92
N SER A 154 13.81 -8.55 17.53
CA SER A 154 12.54 -7.85 17.61
C SER A 154 12.39 -7.04 18.89
N ILE A 155 13.39 -7.01 19.76
CA ILE A 155 13.29 -6.27 21.01
C ILE A 155 13.43 -4.79 20.72
N VAL A 156 12.50 -4.00 21.27
CA VAL A 156 12.55 -2.55 21.12
C VAL A 156 12.91 -1.92 22.47
N LEU A 157 14.20 -1.64 22.65
CA LEU A 157 14.71 -0.98 23.84
C LEU A 157 15.47 0.29 23.54
N ASP A 158 15.97 0.37 22.32
CA ASP A 158 16.87 1.50 21.98
C ASP A 158 16.15 2.49 21.10
N GLU A 159 16.59 3.75 21.15
CA GLU A 159 15.90 4.79 20.37
C GLU A 159 15.89 4.34 18.91
N THR A 160 17.05 4.02 18.35
CA THR A 160 17.08 3.64 16.92
C THR A 160 15.84 2.78 16.64
N SER A 161 15.68 1.70 17.39
CA SER A 161 14.51 0.81 17.18
C SER A 161 13.21 1.58 17.45
N TYR A 162 13.13 2.30 18.57
CA TYR A 162 11.88 3.01 18.93
C TYR A 162 11.66 4.15 17.93
N PHE A 163 12.74 4.67 17.33
CA PHE A 163 12.60 5.73 16.30
C PHE A 163 12.09 5.03 15.05
N GLN A 164 12.41 3.74 14.93
CA GLN A 164 11.74 2.98 13.85
C GLN A 164 10.43 2.54 14.52
N ARG A 165 9.97 1.35 14.23
CA ARG A 165 8.73 0.88 14.83
C ARG A 165 7.66 1.96 14.83
N LEU A 166 7.77 2.94 13.93
CA LEU A 166 6.74 3.96 13.77
C LEU A 166 6.17 4.04 12.38
N GLU A 167 6.96 3.84 11.32
CA GLU A 167 6.42 3.91 9.97
C GLU A 167 5.73 2.62 9.55
N PHE A 168 5.86 1.56 10.36
CA PHE A 168 5.05 0.34 10.31
C PHE A 168 5.21 -0.41 8.99
N GLU A 169 6.43 -0.92 8.78
CA GLU A 169 6.71 -1.80 7.66
C GLU A 169 6.85 -3.27 8.04
N THR A 170 6.99 -3.56 9.34
CA THR A 170 7.14 -4.93 9.78
C THR A 170 5.82 -5.68 9.64
N PRO A 171 5.86 -7.00 9.43
CA PRO A 171 4.60 -7.75 9.23
C PRO A 171 3.68 -7.82 10.44
N LEU A 172 4.19 -7.56 11.65
CA LEU A 172 3.29 -7.48 12.79
C LEU A 172 2.37 -6.27 12.69
N ASP A 173 2.84 -5.20 12.06
CA ASP A 173 1.96 -4.07 11.78
C ASP A 173 0.90 -4.41 10.75
N ILE A 174 1.23 -5.28 9.79
CA ILE A 174 0.26 -5.70 8.80
C ILE A 174 -0.80 -6.58 9.45
N LYS A 175 -0.38 -7.43 10.39
CA LYS A 175 -1.31 -8.21 11.19
C LYS A 175 -2.19 -7.30 12.05
N PHE A 176 -1.61 -6.22 12.57
CA PHE A 176 -2.37 -5.27 13.39
C PHE A 176 -3.40 -4.52 12.58
N ARG A 177 -3.04 -4.11 11.36
CA ARG A 177 -3.98 -3.39 10.51
C ARG A 177 -5.12 -4.30 10.07
N SER A 178 -4.82 -5.56 9.75
CA SER A 178 -5.88 -6.48 9.37
C SER A 178 -6.76 -6.87 10.55
N ASP A 179 -6.23 -6.89 11.76
CA ASP A 179 -7.08 -7.15 12.91
C ASP A 179 -7.93 -5.94 13.24
N VAL A 180 -7.41 -4.74 13.02
CA VAL A 180 -8.10 -3.52 13.40
C VAL A 180 -9.21 -3.17 12.42
N LEU A 181 -9.03 -3.51 11.14
CA LEU A 181 -10.05 -3.18 10.11
C LEU A 181 -11.41 -3.78 10.49
N GLY A 182 -12.30 -2.95 11.03
CA GLY A 182 -13.66 -3.44 11.32
C GLY A 182 -13.87 -3.75 12.78
N LYS A 183 -12.84 -3.57 13.61
CA LYS A 183 -13.00 -3.95 15.04
C LYS A 183 -12.55 -2.79 15.91
N SER A 184 -12.90 -2.82 17.19
CA SER A 184 -12.47 -1.78 18.11
C SER A 184 -11.19 -2.18 18.81
N VAL A 185 -10.49 -1.19 19.34
CA VAL A 185 -9.32 -1.43 20.17
C VAL A 185 -9.48 -0.67 21.48
N LEU A 186 -9.23 -1.36 22.58
CA LEU A 186 -9.29 -0.79 23.91
C LEU A 186 -7.88 -0.73 24.46
N PHE A 187 -7.41 0.47 24.80
CA PHE A 187 -6.05 0.68 25.26
C PHE A 187 -6.08 0.84 26.77
N ILE A 188 -5.38 -0.03 27.49
CA ILE A 188 -5.25 0.13 28.92
C ILE A 188 -3.77 0.28 29.26
N GLY A 189 -3.51 0.90 30.40
CA GLY A 189 -2.16 1.06 30.92
C GLY A 189 -1.23 1.91 30.09
N TYR A 190 -1.71 3.03 29.56
CA TYR A 190 -0.87 3.92 28.77
C TYR A 190 -0.92 5.32 29.35
N SER A 191 0.24 5.96 29.43
CA SER A 191 0.37 7.25 30.08
C SER A 191 0.01 8.42 29.19
N LEU A 192 -0.11 8.19 27.87
CA LEU A 192 -0.46 9.24 26.86
C LEU A 192 0.67 10.25 26.66
N SER A 193 1.89 9.93 27.09
CA SER A 193 3.04 10.78 26.85
C SER A 193 4.01 10.11 25.91
N ASP A 194 3.74 8.84 25.61
CA ASP A 194 4.58 8.06 24.68
C ASP A 194 4.24 8.52 23.25
N ILE A 195 5.26 8.70 22.39
CA ILE A 195 5.03 9.22 21.05
C ILE A 195 4.50 8.13 20.14
N ASN A 196 4.86 6.86 20.38
CA ASN A 196 4.52 5.79 19.46
C ASN A 196 3.04 5.45 19.47
N ILE A 197 2.32 5.78 20.53
CA ILE A 197 0.89 5.53 20.57
C ILE A 197 0.10 6.63 19.86
N ARG A 198 0.54 7.89 19.95
CA ARG A 198 -0.11 8.97 19.20
C ARG A 198 0.20 8.83 17.72
N LEU A 199 1.40 8.37 17.40
CA LEU A 199 1.74 8.01 16.03
C LEU A 199 0.88 6.86 15.53
N LEU A 200 0.54 5.92 16.43
CA LEU A 200 -0.31 4.80 16.05
C LEU A 200 -1.71 5.25 15.73
N PHE A 201 -2.28 6.16 16.53
CA PHE A 201 -3.62 6.65 16.19
C PHE A 201 -3.61 7.53 14.96
N TYR A 202 -2.53 8.29 14.75
CA TYR A 202 -2.47 9.12 13.54
C TYR A 202 -2.32 8.27 12.29
N LYS A 203 -1.55 7.18 12.38
CA LYS A 203 -1.40 6.28 11.24
C LYS A 203 -2.70 5.55 10.97
N LEU A 204 -3.43 5.15 12.02
CA LEU A 204 -4.72 4.49 11.84
C LEU A 204 -5.76 5.43 11.24
N SER A 205 -5.77 6.67 11.67
CA SER A 205 -6.74 7.54 11.08
C SER A 205 -6.43 7.57 9.63
N LYS A 206 -5.26 8.07 9.30
CA LYS A 206 -4.92 8.22 7.90
C LYS A 206 -5.43 7.05 7.10
N LEU A 207 -5.04 5.85 7.48
CA LEU A 207 -5.43 4.71 6.71
C LEU A 207 -6.90 4.63 6.63
N TRP A 208 -7.50 4.34 7.75
CA TRP A 208 -8.92 4.15 7.76
C TRP A 208 -9.58 5.17 6.89
N LYS A 209 -8.99 6.32 6.74
CA LYS A 209 -9.56 7.28 5.84
C LYS A 209 -9.23 6.84 4.46
N GLU A 210 -8.19 7.42 3.90
CA GLU A 210 -7.82 7.11 2.54
C GLU A 210 -8.57 5.95 1.99
N GLN A 211 -8.40 4.78 2.56
CA GLN A 211 -9.05 3.63 2.01
C GLN A 211 -10.56 3.77 2.15
N LYS A 212 -11.06 5.00 2.18
CA LYS A 212 -12.51 5.21 2.23
C LYS A 212 -13.22 4.18 3.08
N LEU A 213 -12.57 3.76 4.17
CA LEU A 213 -13.15 2.86 5.14
C LEU A 213 -13.70 3.59 6.34
N GLU A 214 -13.87 4.87 6.22
CA GLU A 214 -14.28 5.59 7.38
C GLU A 214 -15.51 4.97 7.91
N GLU A 215 -16.53 4.94 7.10
CA GLU A 215 -17.80 4.45 7.59
C GLU A 215 -17.64 3.24 8.44
N ALA A 216 -16.62 2.45 8.17
CA ALA A 216 -16.52 1.22 8.90
C ALA A 216 -15.31 1.14 9.73
N GLN A 217 -15.42 1.56 10.97
CA GLN A 217 -14.32 1.39 11.85
C GLN A 217 -14.86 1.92 13.10
N PRO A 218 -15.27 1.04 13.96
CA PRO A 218 -15.87 1.47 15.20
C PRO A 218 -14.93 2.36 15.92
N LYS A 219 -15.35 2.81 17.09
CA LYS A 219 -14.53 3.76 17.81
C LYS A 219 -13.58 3.17 18.79
N SER A 220 -12.36 3.59 18.75
CA SER A 220 -11.28 3.19 19.64
C SER A 220 -11.43 3.88 20.98
N TYR A 221 -10.82 3.30 22.01
CA TYR A 221 -10.98 3.81 23.37
C TYR A 221 -9.71 3.63 24.17
N ILE A 222 -9.36 4.63 24.98
CA ILE A 222 -8.28 4.54 25.96
C ILE A 222 -8.91 4.67 27.33
N PHE A 223 -8.37 3.97 28.31
CA PHE A 223 -8.80 4.12 29.70
C PHE A 223 -7.71 4.84 30.48
N LEU A 224 -8.03 6.04 30.95
CA LEU A 224 -7.13 6.77 31.83
C LEU A 224 -7.80 7.02 33.16
N PRO A 225 -7.07 6.87 34.28
CA PRO A 225 -7.71 7.05 35.59
C PRO A 225 -8.04 8.49 35.92
N ARG A 226 -7.44 9.47 35.24
CA ARG A 226 -7.78 10.85 35.51
C ARG A 226 -8.43 11.47 34.28
N PRO A 227 -9.45 12.31 34.46
CA PRO A 227 -10.08 12.96 33.31
C PRO A 227 -9.18 14.04 32.73
N ASN A 228 -9.40 14.32 31.46
CA ASN A 228 -8.54 15.22 30.73
C ASN A 228 -9.31 15.82 29.55
N PRO A 229 -9.77 17.06 29.65
CA PRO A 229 -10.59 17.62 28.56
C PRO A 229 -9.79 17.95 27.32
N ILE A 230 -8.55 18.43 27.49
CA ILE A 230 -7.71 18.79 26.35
C ILE A 230 -7.29 17.56 25.58
N GLN A 231 -6.92 16.50 26.29
CA GLN A 231 -6.52 15.26 25.64
C GLN A 231 -7.71 14.57 24.98
N GLU A 232 -8.89 14.66 25.57
CA GLU A 232 -10.08 14.11 24.94
C GLU A 232 -10.44 14.87 23.67
N GLU A 233 -10.29 16.20 23.69
CA GLU A 233 -10.62 16.98 22.51
C GLU A 233 -9.61 16.80 21.39
N ILE A 234 -8.33 16.59 21.71
CA ILE A 234 -7.41 16.30 20.62
C ILE A 234 -7.56 14.84 20.15
N LEU A 235 -7.84 13.92 21.05
CA LEU A 235 -7.94 12.51 20.65
C LEU A 235 -9.23 12.17 19.92
N GLU A 236 -10.25 13.04 20.00
CA GLU A 236 -11.46 12.78 19.22
C GLU A 236 -11.26 13.12 17.75
N GLN A 237 -10.21 13.87 17.41
CA GLN A 237 -9.91 14.13 16.00
C GLN A 237 -9.42 12.87 15.29
N TRP A 238 -8.74 11.99 15.99
CA TRP A 238 -8.42 10.67 15.47
C TRP A 238 -9.44 9.64 15.93
N ARG A 239 -10.52 10.13 16.53
CA ARG A 239 -11.78 9.42 16.76
C ARG A 239 -11.60 8.31 17.79
N ILE A 240 -11.04 8.70 18.93
CA ILE A 240 -10.86 7.86 20.12
C ILE A 240 -11.47 8.61 21.29
N GLY A 241 -12.37 7.96 22.01
CA GLY A 241 -12.95 8.54 23.21
C GLY A 241 -12.29 7.95 24.44
N MET A 242 -11.84 8.83 25.33
CA MET A 242 -11.27 8.31 26.55
C MET A 242 -12.37 7.87 27.51
N ILE A 243 -11.98 7.02 28.45
CA ILE A 243 -12.85 6.58 29.53
C ILE A 243 -12.14 6.91 30.82
N SER A 244 -12.78 7.70 31.67
CA SER A 244 -12.22 8.10 32.95
C SER A 244 -13.16 7.69 34.07
N SER A 245 -12.59 7.34 35.21
CA SER A 245 -13.37 6.86 36.33
C SER A 245 -13.30 7.84 37.50
N GLU A 246 -14.12 7.57 38.50
CA GLU A 246 -14.20 8.43 39.68
C GLU A 246 -13.19 8.04 40.76
N ASN A 247 -12.49 6.93 40.60
CA ASN A 247 -11.54 6.50 41.60
C ASN A 247 -10.20 7.18 41.37
N ASP A 248 -9.65 7.78 42.43
CA ASP A 248 -8.34 8.42 42.31
C ASP A 248 -7.21 7.41 42.33
N ASN A 249 -7.38 6.32 43.06
CA ASN A 249 -6.38 5.26 43.12
C ASN A 249 -6.36 4.53 41.78
N PRO A 250 -5.22 4.49 41.07
CA PRO A 250 -5.24 3.92 39.71
C PRO A 250 -5.40 2.41 39.65
N GLY A 251 -4.88 1.68 40.64
CA GLY A 251 -5.05 0.23 40.64
C GLY A 251 -6.49 -0.18 40.86
N GLU A 252 -7.16 0.47 41.80
CA GLU A 252 -8.58 0.21 42.04
C GLU A 252 -9.44 0.68 40.89
N SER A 253 -9.04 1.77 40.23
CA SER A 253 -9.80 2.27 39.08
C SER A 253 -9.67 1.33 37.88
N LEU A 254 -8.47 0.82 37.65
CA LEU A 254 -8.26 -0.12 36.55
C LEU A 254 -8.93 -1.45 36.82
N GLU A 255 -8.91 -1.91 38.08
CA GLU A 255 -9.61 -3.13 38.46
C GLU A 255 -11.12 -2.97 38.33
N GLU A 256 -11.65 -1.81 38.73
CA GLU A 256 -13.07 -1.56 38.63
C GLU A 256 -13.52 -1.39 37.19
N PHE A 257 -12.64 -0.89 36.32
CA PHE A 257 -12.99 -0.81 34.91
C PHE A 257 -12.92 -2.17 34.24
N LEU A 258 -11.94 -2.99 34.60
CA LEU A 258 -11.82 -4.32 34.02
C LEU A 258 -12.79 -5.32 34.63
N LYS A 259 -13.48 -4.95 35.70
CA LYS A 259 -14.52 -5.79 36.28
C LYS A 259 -15.70 -5.99 35.32
N ASN A 260 -15.94 -5.01 34.45
CA ASN A 260 -17.11 -4.98 33.55
C ASN A 260 -17.13 -6.09 32.50
N PHE A 261 -16.02 -6.78 32.26
CA PHE A 261 -15.99 -7.83 31.25
C PHE A 261 -16.04 -9.23 31.83
N VAL A 262 -15.71 -9.40 33.10
CA VAL A 262 -15.67 -10.72 33.72
C VAL A 262 -17.07 -11.27 33.90
N LEU A 263 -18.01 -10.44 34.37
CA LEU A 263 -19.37 -10.87 34.64
C LEU A 263 -20.11 -11.22 33.34
N VAL A 264 -19.76 -10.59 32.24
CA VAL A 264 -20.29 -10.96 30.94
C VAL A 264 -19.57 -12.23 30.51
N MET B 1 -5.73 -32.78 1.54
CA MET B 1 -7.00 -33.00 2.22
C MET B 1 -6.90 -32.97 3.73
N GLU B 2 -5.95 -33.74 4.27
CA GLU B 2 -5.81 -33.87 5.72
C GLU B 2 -5.31 -32.57 6.33
N GLN B 3 -4.45 -31.86 5.62
CA GLN B 3 -4.02 -30.54 6.04
C GLN B 3 -5.17 -29.52 5.96
N LEU B 4 -6.07 -29.68 5.00
CA LEU B 4 -7.24 -28.83 4.92
C LEU B 4 -8.20 -29.09 6.08
N LEU B 5 -8.37 -30.35 6.47
CA LEU B 5 -9.20 -30.65 7.63
C LEU B 5 -8.53 -30.20 8.92
N ALA B 6 -7.20 -30.22 8.96
CA ALA B 6 -6.49 -29.68 10.13
C ALA B 6 -6.65 -28.18 10.23
N ASP B 7 -6.71 -27.48 9.09
CA ASP B 7 -7.00 -26.05 9.13
C ASP B 7 -8.46 -25.77 9.43
N TYR B 8 -9.36 -26.65 9.00
CA TYR B 8 -10.79 -26.45 9.27
C TYR B 8 -11.12 -26.69 10.74
N LYS B 9 -10.38 -27.60 11.39
CA LYS B 9 -10.57 -27.80 12.83
C LYS B 9 -10.13 -26.58 13.63
N LYS B 10 -9.16 -25.83 13.11
CA LYS B 10 -8.76 -24.57 13.74
C LYS B 10 -9.59 -23.39 13.27
N GLY B 11 -10.46 -23.59 12.28
CA GLY B 11 -11.30 -22.50 11.80
C GLY B 11 -10.59 -21.52 10.91
N ASN B 12 -9.45 -21.88 10.33
CA ASN B 12 -8.70 -21.00 9.44
C ASN B 12 -9.01 -21.23 7.98
N VAL B 13 -10.25 -21.56 7.63
CA VAL B 13 -10.63 -21.74 6.24
C VAL B 13 -11.75 -20.77 5.89
N ILE B 14 -11.65 -20.18 4.71
CA ILE B 14 -12.62 -19.23 4.19
C ILE B 14 -13.15 -19.82 2.89
N LEU B 15 -14.46 -19.82 2.72
CA LEU B 15 -15.07 -20.54 1.60
C LEU B 15 -15.46 -19.55 0.53
N PHE B 16 -15.20 -19.91 -0.73
CA PHE B 16 -15.71 -19.19 -1.89
C PHE B 16 -16.78 -19.99 -2.58
N VAL B 17 -17.79 -19.30 -3.11
CA VAL B 17 -18.87 -19.93 -3.85
C VAL B 17 -18.85 -19.40 -5.27
N GLY B 18 -18.95 -20.28 -6.24
CA GLY B 18 -19.13 -19.87 -7.61
C GLY B 18 -20.48 -20.32 -8.15
N ALA B 19 -20.64 -20.37 -9.46
CA ALA B 19 -21.89 -20.83 -10.03
C ALA B 19 -22.02 -22.34 -10.05
N GLY B 20 -20.91 -23.05 -9.85
CA GLY B 20 -20.94 -24.50 -9.84
C GLY B 20 -21.70 -25.08 -8.67
N VAL B 21 -21.71 -24.36 -7.54
CA VAL B 21 -22.59 -24.73 -6.44
C VAL B 21 -24.04 -24.49 -6.81
N SER B 22 -24.30 -23.40 -7.54
CA SER B 22 -25.65 -23.01 -7.92
C SER B 22 -26.22 -23.83 -9.07
N MET B 23 -25.42 -24.74 -9.63
CA MET B 23 -25.87 -25.58 -10.77
C MET B 23 -26.92 -26.58 -10.28
N ASN B 24 -26.83 -27.01 -9.02
CA ASN B 24 -27.71 -28.06 -8.50
C ASN B 24 -29.15 -27.60 -8.30
N LEU B 25 -29.38 -26.30 -8.16
CA LEU B 25 -30.72 -25.79 -7.85
C LEU B 25 -31.63 -25.73 -9.07
N GLY B 26 -31.09 -25.90 -10.27
CA GLY B 26 -31.89 -25.65 -11.45
C GLY B 26 -32.17 -24.18 -11.65
N LEU B 27 -31.20 -23.33 -11.31
CA LEU B 27 -31.32 -21.90 -11.53
C LEU B 27 -31.17 -21.61 -13.02
N PRO B 28 -31.65 -20.45 -13.48
CA PRO B 28 -31.39 -20.05 -14.87
C PRO B 28 -29.92 -19.85 -15.16
N SER B 29 -29.48 -20.34 -16.31
CA SER B 29 -28.09 -20.25 -16.70
C SER B 29 -27.83 -18.93 -17.41
N TRP B 30 -26.58 -18.71 -17.80
CA TRP B 30 -26.22 -17.48 -18.51
C TRP B 30 -26.69 -17.53 -19.95
N SER B 31 -26.86 -18.73 -20.50
CA SER B 31 -27.35 -18.88 -21.87
C SER B 31 -28.78 -18.40 -22.02
N GLN B 32 -29.66 -18.73 -21.07
CA GLN B 32 -31.03 -18.24 -21.14
C GLN B 32 -31.11 -16.75 -20.83
N LEU B 33 -30.14 -16.23 -20.08
CA LEU B 33 -30.03 -14.78 -19.91
C LEU B 33 -29.68 -14.10 -21.23
N VAL B 34 -28.79 -14.72 -22.00
CA VAL B 34 -28.46 -14.24 -23.34
C VAL B 34 -29.68 -14.32 -24.25
N ASP B 35 -30.48 -15.38 -24.09
CA ASP B 35 -31.73 -15.53 -24.83
C ASP B 35 -32.73 -14.43 -24.50
N HIS B 36 -32.84 -14.07 -23.23
CA HIS B 36 -33.77 -13.03 -22.81
C HIS B 36 -33.35 -11.66 -23.31
N ILE B 37 -32.05 -11.34 -23.24
CA ILE B 37 -31.65 -10.02 -23.71
C ILE B 37 -31.62 -9.96 -25.23
N ALA B 38 -31.47 -11.10 -25.89
CA ALA B 38 -31.59 -11.12 -27.35
C ALA B 38 -33.03 -10.91 -27.79
N THR B 39 -33.98 -11.50 -27.06
CA THR B 39 -35.39 -11.28 -27.37
C THR B 39 -35.81 -9.85 -27.00
N GLU B 40 -35.17 -9.26 -25.99
CA GLU B 40 -35.47 -7.88 -25.63
C GLU B 40 -34.91 -6.91 -26.65
N LEU B 41 -33.75 -7.21 -27.23
CA LEU B 41 -33.21 -6.42 -28.32
C LEU B 41 -33.70 -6.87 -29.69
N GLY B 42 -34.56 -7.87 -29.75
CA GLY B 42 -35.08 -8.35 -31.02
C GLY B 42 -34.05 -9.05 -31.87
N TYR B 43 -33.16 -9.80 -31.25
CA TYR B 43 -32.15 -10.58 -31.96
C TYR B 43 -32.50 -12.06 -31.85
N ASP B 44 -32.10 -12.80 -32.86
CA ASP B 44 -32.12 -14.25 -32.75
C ASP B 44 -31.05 -14.64 -31.75
N PRO B 45 -31.36 -15.45 -30.73
CA PRO B 45 -30.35 -15.72 -29.71
C PRO B 45 -29.32 -16.80 -30.04
N ASP B 46 -28.85 -16.81 -31.28
CA ASP B 46 -27.63 -17.45 -31.74
C ASP B 46 -26.77 -16.48 -32.51
N ILE B 47 -27.40 -15.66 -33.37
CA ILE B 47 -26.66 -14.62 -34.07
C ILE B 47 -26.28 -13.50 -33.13
N TYR B 48 -26.98 -13.36 -32.01
CA TYR B 48 -26.52 -12.45 -30.96
C TYR B 48 -25.26 -12.97 -30.30
N ARG B 49 -25.17 -14.28 -30.11
CA ARG B 49 -24.04 -14.84 -29.37
C ARG B 49 -22.87 -15.25 -30.26
N THR B 50 -22.93 -15.01 -31.58
CA THR B 50 -21.70 -15.05 -32.35
C THR B 50 -20.72 -13.98 -31.92
N PHE B 51 -21.19 -12.72 -31.87
CA PHE B 51 -20.28 -11.61 -31.65
C PHE B 51 -20.24 -11.13 -30.20
N GLY B 52 -20.36 -12.04 -29.24
CA GLY B 52 -20.28 -11.64 -27.85
C GLY B 52 -20.03 -12.78 -26.90
N SER B 53 -19.12 -12.57 -25.96
CA SER B 53 -18.81 -13.58 -24.96
C SER B 53 -19.59 -13.27 -23.68
N ALA B 54 -20.93 -13.32 -23.82
CA ALA B 54 -21.94 -13.15 -22.77
C ALA B 54 -21.89 -11.80 -22.06
N LEU B 55 -20.77 -11.51 -21.40
CA LEU B 55 -20.64 -10.27 -20.65
C LEU B 55 -20.54 -9.07 -21.58
N GLU B 56 -20.04 -9.25 -22.81
CA GLU B 56 -20.11 -8.18 -23.80
C GLU B 56 -21.54 -7.94 -24.26
N LEU B 57 -22.36 -9.00 -24.32
CA LEU B 57 -23.78 -8.81 -24.61
C LEU B 57 -24.49 -8.08 -23.49
N ALA B 58 -24.10 -8.34 -22.24
CA ALA B 58 -24.65 -7.58 -21.12
C ALA B 58 -24.17 -6.13 -21.14
N GLU B 59 -22.96 -5.88 -21.65
CA GLU B 59 -22.49 -4.52 -21.89
C GLU B 59 -23.36 -3.80 -22.89
N TYR B 60 -23.72 -4.49 -23.97
CA TYR B 60 -24.57 -3.89 -24.99
C TYR B 60 -25.97 -3.63 -24.45
N TYR B 61 -26.48 -4.53 -23.60
CA TYR B 61 -27.77 -4.32 -22.99
C TYR B 61 -27.76 -3.13 -22.04
N LYS B 62 -26.70 -2.97 -21.27
CA LYS B 62 -26.57 -1.83 -20.37
C LYS B 62 -26.44 -0.52 -21.14
N LEU B 63 -25.66 -0.52 -22.22
CA LEU B 63 -25.48 0.70 -22.98
C LEU B 63 -26.67 1.01 -23.88
N LYS B 64 -27.55 0.04 -24.12
CA LYS B 64 -28.77 0.33 -24.87
C LYS B 64 -29.90 0.80 -23.97
N LYS B 65 -30.12 0.12 -22.84
CA LYS B 65 -31.21 0.52 -21.96
C LYS B 65 -30.80 1.61 -20.99
N GLY B 66 -29.53 1.98 -20.93
CA GLY B 66 -29.06 3.08 -20.12
C GLY B 66 -28.56 2.68 -18.74
N LYS B 67 -28.91 1.50 -18.25
CA LYS B 67 -28.51 1.03 -16.94
C LYS B 67 -28.60 -0.48 -16.92
N ILE B 68 -28.40 -1.07 -15.74
CA ILE B 68 -28.56 -2.51 -15.58
C ILE B 68 -29.91 -2.80 -14.93
N GLY B 69 -30.76 -1.78 -14.86
CA GLY B 69 -32.05 -1.82 -14.20
C GLY B 69 -33.01 -2.92 -14.60
N PRO B 70 -33.47 -2.93 -15.86
CA PRO B 70 -34.31 -4.04 -16.32
C PRO B 70 -33.61 -5.38 -16.30
N LEU B 71 -32.29 -5.39 -16.50
CA LEU B 71 -31.51 -6.62 -16.48
C LEU B 71 -31.46 -7.20 -15.07
N ARG B 72 -31.15 -6.36 -14.07
CA ARG B 72 -31.12 -6.79 -12.67
C ARG B 72 -32.50 -7.18 -12.19
N SER B 73 -33.54 -6.49 -12.68
CA SER B 73 -34.91 -6.85 -12.36
C SER B 73 -35.27 -8.23 -12.90
N TRP B 74 -34.80 -8.55 -14.11
CA TRP B 74 -35.09 -9.86 -14.69
C TRP B 74 -34.35 -10.98 -13.97
N MET B 75 -33.06 -10.76 -13.65
CA MET B 75 -32.33 -11.81 -12.92
C MET B 75 -32.83 -11.96 -11.49
N ASP B 76 -33.32 -10.88 -10.88
CA ASP B 76 -33.89 -11.01 -9.54
C ASP B 76 -35.25 -11.70 -9.59
N ARG B 77 -35.96 -11.59 -10.71
CA ARG B 77 -37.22 -12.30 -10.83
C ARG B 77 -37.01 -13.80 -11.04
N MET B 78 -36.28 -14.17 -12.09
CA MET B 78 -36.15 -15.60 -12.37
C MET B 78 -35.07 -16.29 -11.55
N TRP B 79 -34.22 -15.57 -10.83
CA TRP B 79 -33.25 -16.25 -9.98
C TRP B 79 -33.85 -16.65 -8.63
N HIS B 80 -35.00 -16.08 -8.26
CA HIS B 80 -35.66 -16.39 -7.01
C HIS B 80 -37.13 -16.70 -7.26
N SER B 81 -37.38 -17.53 -8.26
CA SER B 81 -38.74 -17.96 -8.56
C SER B 81 -39.26 -18.89 -7.47
N SER B 82 -40.58 -19.04 -7.43
CA SER B 82 -41.23 -19.76 -6.35
C SER B 82 -41.02 -21.28 -6.44
N ASP B 83 -40.77 -21.81 -7.62
CA ASP B 83 -40.62 -23.26 -7.77
C ASP B 83 -39.26 -23.77 -7.34
N ILE B 84 -38.32 -22.88 -7.04
CA ILE B 84 -36.98 -23.29 -6.64
C ILE B 84 -37.02 -23.71 -5.17
N ASP B 85 -36.65 -24.96 -4.91
CA ASP B 85 -36.68 -25.51 -3.57
C ASP B 85 -35.26 -25.62 -3.04
N ILE B 86 -35.04 -25.10 -1.85
CA ILE B 86 -33.71 -25.12 -1.26
C ILE B 86 -33.44 -26.41 -0.49
N ASN B 87 -34.47 -27.19 -0.17
CA ASN B 87 -34.27 -28.40 0.60
C ASN B 87 -33.88 -29.60 -0.26
N LYS B 88 -33.98 -29.50 -1.59
CA LYS B 88 -33.60 -30.59 -2.45
C LYS B 88 -32.12 -30.59 -2.81
N SER B 89 -31.39 -29.53 -2.47
CA SER B 89 -29.99 -29.43 -2.81
C SER B 89 -29.15 -29.81 -1.60
N LYS B 90 -28.36 -30.87 -1.74
CA LYS B 90 -27.50 -31.31 -0.65
C LYS B 90 -26.28 -30.43 -0.47
N VAL B 91 -25.87 -29.70 -1.51
CA VAL B 91 -24.67 -28.88 -1.43
C VAL B 91 -24.88 -27.69 -0.53
N HIS B 92 -26.04 -27.04 -0.66
CA HIS B 92 -26.34 -25.89 0.20
C HIS B 92 -26.60 -26.32 1.64
N GLU B 93 -27.19 -27.51 1.82
CA GLU B 93 -27.38 -28.06 3.16
C GLU B 93 -26.05 -28.37 3.83
N TYR B 94 -25.11 -28.93 3.08
CA TYR B 94 -23.80 -29.20 3.66
C TYR B 94 -22.96 -27.95 3.84
N ILE B 95 -23.24 -26.90 3.06
CA ILE B 95 -22.58 -25.61 3.29
C ILE B 95 -23.10 -24.98 4.58
N ALA B 96 -24.43 -25.01 4.78
CA ALA B 96 -25.03 -24.36 5.93
C ALA B 96 -24.75 -25.13 7.22
N LYS B 97 -24.70 -26.46 7.15
CA LYS B 97 -24.48 -27.23 8.37
C LYS B 97 -23.02 -27.26 8.77
N ALA B 98 -22.10 -26.89 7.89
CA ALA B 98 -20.69 -26.86 8.23
C ALA B 98 -20.36 -25.59 8.98
N ASN B 99 -19.32 -25.66 9.82
CA ASN B 99 -18.96 -24.54 10.68
C ASN B 99 -17.92 -23.66 9.98
N PHE B 100 -18.41 -22.93 8.97
CA PHE B 100 -17.57 -21.99 8.24
C PHE B 100 -17.78 -20.59 8.78
N PRO B 101 -16.73 -19.93 9.27
CA PRO B 101 -16.90 -18.59 9.84
C PRO B 101 -17.23 -17.53 8.81
N ILE B 102 -16.41 -17.46 7.76
CA ILE B 102 -16.58 -16.49 6.70
C ILE B 102 -16.85 -17.24 5.41
N ILE B 103 -17.92 -16.88 4.71
CA ILE B 103 -18.27 -17.47 3.43
C ILE B 103 -18.35 -16.35 2.42
N TYR B 104 -17.35 -16.26 1.56
CA TYR B 104 -17.41 -15.31 0.47
C TYR B 104 -18.17 -15.94 -0.69
N THR B 105 -18.65 -15.09 -1.59
CA THR B 105 -19.30 -15.59 -2.80
C THR B 105 -19.20 -14.55 -3.90
N THR B 106 -19.31 -15.04 -5.14
CA THR B 106 -19.45 -14.18 -6.30
C THR B 106 -20.80 -14.38 -6.96
N ASN B 107 -21.71 -15.08 -6.31
CA ASN B 107 -23.04 -15.25 -6.83
C ASN B 107 -23.84 -13.98 -6.66
N TYR B 108 -24.89 -13.83 -7.47
CA TYR B 108 -25.79 -12.71 -7.36
C TYR B 108 -27.07 -13.04 -6.63
N ASP B 109 -27.32 -14.31 -6.35
CA ASP B 109 -28.57 -14.71 -5.71
C ASP B 109 -28.43 -14.63 -4.20
N ARG B 110 -29.45 -15.12 -3.51
CA ARG B 110 -29.48 -15.13 -2.05
C ARG B 110 -29.69 -16.52 -1.49
N TRP B 111 -29.36 -17.57 -2.26
CA TRP B 111 -29.68 -18.92 -1.82
C TRP B 111 -28.73 -19.43 -0.76
N ILE B 112 -27.53 -18.86 -0.63
CA ILE B 112 -26.68 -19.21 0.50
C ILE B 112 -27.26 -18.65 1.78
N GLU B 113 -27.76 -17.41 1.72
CA GLU B 113 -28.43 -16.80 2.87
C GLU B 113 -29.75 -17.50 3.18
N THR B 114 -30.46 -17.92 2.14
CA THR B 114 -31.71 -18.65 2.35
C THR B 114 -31.45 -20.03 2.93
N ALA B 115 -30.35 -20.66 2.52
CA ALA B 115 -29.96 -21.94 3.09
C ALA B 115 -29.52 -21.80 4.53
N LEU B 116 -28.86 -20.69 4.87
CA LEU B 116 -28.47 -20.48 6.26
C LEU B 116 -29.66 -20.13 7.13
N SER B 117 -30.65 -19.41 6.60
CA SER B 117 -31.85 -19.13 7.36
C SER B 117 -32.73 -20.35 7.48
N ASN B 118 -32.65 -21.27 6.52
CA ASN B 118 -33.48 -22.46 6.55
C ASN B 118 -33.04 -23.45 7.62
N TYR B 119 -31.73 -23.55 7.85
CA TYR B 119 -31.21 -24.51 8.81
C TYR B 119 -30.87 -23.89 10.15
N GLY B 120 -31.47 -22.73 10.45
CA GLY B 120 -31.35 -22.11 11.76
C GLY B 120 -29.98 -21.59 12.14
N LYS B 121 -29.28 -20.97 11.20
CA LYS B 121 -27.99 -20.36 11.47
C LYS B 121 -28.09 -18.88 11.22
N GLU B 122 -27.74 -18.08 12.22
CA GLU B 122 -27.78 -16.63 12.08
C GLU B 122 -26.60 -16.17 11.24
N TYR B 123 -26.82 -15.12 10.46
CA TYR B 123 -25.80 -14.64 9.54
C TYR B 123 -25.86 -13.12 9.43
N ILE B 124 -24.78 -12.55 8.95
CA ILE B 124 -24.71 -11.13 8.62
C ILE B 124 -24.29 -11.03 7.16
N LYS B 125 -25.14 -10.43 6.35
CA LYS B 125 -24.84 -10.28 4.94
C LYS B 125 -24.12 -8.97 4.71
N ILE B 126 -22.95 -9.04 4.10
CA ILE B 126 -22.14 -7.87 3.81
C ILE B 126 -22.15 -7.67 2.30
N SER B 127 -22.54 -6.49 1.86
CA SER B 127 -22.54 -6.18 0.44
C SER B 127 -21.73 -4.96 0.09
N SER B 128 -21.71 -3.95 0.95
CA SER B 128 -20.95 -2.74 0.68
C SER B 128 -20.08 -2.38 1.86
N VAL B 129 -19.46 -1.20 1.83
CA VAL B 129 -18.55 -0.80 2.89
C VAL B 129 -19.29 -0.41 4.16
N SER B 130 -20.58 -0.12 4.08
CA SER B 130 -21.34 0.25 5.27
C SER B 130 -21.67 -0.95 6.13
N ASP B 131 -21.77 -2.13 5.55
CA ASP B 131 -22.22 -3.31 6.28
C ASP B 131 -21.11 -3.97 7.09
N ILE B 132 -19.87 -3.50 6.97
CA ILE B 132 -18.77 -4.06 7.76
C ILE B 132 -18.90 -3.72 9.23
N ALA B 133 -19.65 -2.66 9.56
CA ALA B 133 -19.87 -2.30 10.95
C ALA B 133 -20.83 -3.26 11.66
N LYS B 134 -21.60 -4.04 10.93
CA LYS B 134 -22.58 -4.95 11.52
C LYS B 134 -22.05 -6.35 11.72
N ILE B 135 -20.73 -6.52 11.78
CA ILE B 135 -20.13 -7.84 11.91
C ILE B 135 -20.30 -8.32 13.35
N ASP B 136 -20.92 -9.49 13.50
CA ASP B 136 -21.02 -10.16 14.79
C ASP B 136 -20.30 -11.49 14.67
N ASN B 137 -19.42 -11.77 15.63
CA ASN B 137 -18.58 -12.96 15.54
C ASN B 137 -19.30 -14.24 15.90
N ASN B 138 -20.53 -14.17 16.38
CA ASN B 138 -21.32 -15.38 16.58
C ASN B 138 -22.18 -15.71 15.37
N LYS B 139 -22.07 -14.93 14.30
CA LYS B 139 -22.84 -15.15 13.09
C LYS B 139 -21.91 -15.30 11.90
N THR B 140 -22.38 -16.00 10.88
CA THR B 140 -21.59 -16.26 9.69
C THR B 140 -21.61 -15.05 8.77
N GLN B 141 -20.43 -14.57 8.38
CA GLN B 141 -20.32 -13.43 7.50
C GLN B 141 -20.47 -13.89 6.05
N ILE B 142 -21.40 -13.31 5.34
CA ILE B 142 -21.58 -13.56 3.91
C ILE B 142 -21.19 -12.30 3.17
N ILE B 143 -20.15 -12.37 2.36
CA ILE B 143 -19.70 -11.23 1.60
C ILE B 143 -20.05 -11.49 0.14
N LYS B 144 -20.93 -10.67 -0.40
CA LYS B 144 -21.19 -10.73 -1.83
C LYS B 144 -20.06 -9.94 -2.48
N PHE B 145 -18.97 -10.66 -2.77
CA PHE B 145 -17.75 -10.07 -3.30
C PHE B 145 -17.96 -9.50 -4.70
N HIS B 146 -18.91 -10.03 -5.44
CA HIS B 146 -19.25 -9.54 -6.76
C HIS B 146 -20.55 -8.76 -6.78
N GLY B 147 -20.96 -8.20 -5.65
CA GLY B 147 -22.18 -7.45 -5.57
C GLY B 147 -23.40 -8.34 -5.43
N ASP B 148 -24.53 -7.65 -5.25
CA ASP B 148 -25.82 -8.34 -5.03
C ASP B 148 -26.93 -7.48 -5.65
N PHE B 149 -28.14 -8.03 -5.74
CA PHE B 149 -29.27 -7.36 -6.37
C PHE B 149 -29.81 -6.17 -5.60
N ASP B 150 -29.34 -5.93 -4.38
CA ASP B 150 -29.82 -4.86 -3.54
C ASP B 150 -29.10 -3.54 -3.80
N ASP B 151 -28.18 -3.48 -4.75
CA ASP B 151 -27.47 -2.25 -5.08
C ASP B 151 -26.97 -2.33 -6.50
N ASP B 152 -27.38 -1.39 -7.35
CA ASP B 152 -26.94 -1.42 -8.74
C ASP B 152 -25.53 -0.89 -8.91
N SER B 153 -25.05 -0.03 -8.02
CA SER B 153 -23.70 0.51 -8.16
C SER B 153 -22.64 -0.52 -7.84
N SER B 154 -22.96 -1.51 -7.02
CA SER B 154 -22.01 -2.54 -6.65
C SER B 154 -22.10 -3.78 -7.52
N ILE B 155 -23.07 -3.86 -8.42
CA ILE B 155 -23.16 -4.99 -9.35
C ILE B 155 -22.06 -4.96 -10.38
N VAL B 156 -21.33 -6.06 -10.45
CA VAL B 156 -20.51 -6.43 -11.58
C VAL B 156 -21.33 -7.32 -12.53
N LEU B 157 -21.59 -6.80 -13.72
CA LEU B 157 -22.36 -7.52 -14.72
C LEU B 157 -21.90 -7.18 -16.13
N ASP B 158 -20.91 -6.32 -16.28
CA ASP B 158 -20.48 -5.91 -17.61
C ASP B 158 -18.96 -6.00 -17.65
N GLU B 159 -18.41 -5.76 -18.86
CA GLU B 159 -16.97 -5.80 -19.05
C GLU B 159 -16.26 -4.74 -18.23
N THR B 160 -16.81 -3.53 -18.18
CA THR B 160 -16.19 -2.43 -17.47
C THR B 160 -16.18 -2.66 -15.96
N SER B 161 -17.30 -3.14 -15.40
CA SER B 161 -17.38 -3.40 -13.96
C SER B 161 -16.46 -4.55 -13.58
N TYR B 162 -16.36 -5.55 -14.45
CA TYR B 162 -15.38 -6.63 -14.31
C TYR B 162 -13.96 -6.10 -14.32
N PHE B 163 -13.74 -5.03 -15.07
CA PHE B 163 -12.39 -4.50 -15.22
C PHE B 163 -11.98 -3.63 -14.02
N GLN B 164 -12.89 -2.82 -13.44
CA GLN B 164 -12.46 -2.14 -12.21
C GLN B 164 -12.47 -3.09 -11.01
N ARG B 165 -13.18 -4.23 -11.09
CA ARG B 165 -12.93 -5.25 -10.09
C ARG B 165 -11.56 -5.88 -10.28
N LEU B 166 -11.11 -6.00 -11.53
CA LEU B 166 -9.78 -6.55 -11.79
C LEU B 166 -8.67 -5.58 -11.42
N GLU B 167 -8.99 -4.29 -11.28
CA GLU B 167 -8.01 -3.35 -10.72
C GLU B 167 -7.71 -3.65 -9.25
N PHE B 168 -8.70 -4.19 -8.52
CA PHE B 168 -8.61 -4.66 -7.13
C PHE B 168 -8.25 -3.55 -6.15
N GLU B 169 -9.07 -2.48 -6.12
CA GLU B 169 -8.86 -1.39 -5.18
C GLU B 169 -10.12 -1.01 -4.40
N THR B 170 -11.24 -1.71 -4.59
CA THR B 170 -12.42 -1.43 -3.80
C THR B 170 -12.24 -1.94 -2.37
N PRO B 171 -12.86 -1.27 -1.37
CA PRO B 171 -12.62 -1.65 0.04
C PRO B 171 -13.06 -3.05 0.45
N LEU B 172 -13.93 -3.70 -0.31
CA LEU B 172 -14.22 -5.11 -0.06
C LEU B 172 -13.00 -5.98 -0.29
N ASP B 173 -12.14 -5.60 -1.23
CA ASP B 173 -10.89 -6.33 -1.42
C ASP B 173 -9.91 -6.06 -0.28
N ILE B 174 -9.97 -4.87 0.32
CA ILE B 174 -9.14 -4.57 1.48
C ILE B 174 -9.56 -5.42 2.66
N LYS B 175 -10.88 -5.59 2.84
CA LYS B 175 -11.38 -6.51 3.86
C LYS B 175 -11.00 -7.94 3.53
N PHE B 176 -11.02 -8.31 2.24
CA PHE B 176 -10.69 -9.66 1.81
C PHE B 176 -9.25 -10.02 2.08
N ARG B 177 -8.33 -9.08 1.83
CA ARG B 177 -6.93 -9.27 2.18
C ARG B 177 -6.78 -9.36 3.69
N SER B 178 -7.54 -8.56 4.43
CA SER B 178 -7.49 -8.59 5.89
C SER B 178 -8.04 -9.89 6.47
N ASP B 179 -8.91 -10.59 5.76
CA ASP B 179 -9.31 -11.89 6.26
C ASP B 179 -8.39 -13.02 5.80
N VAL B 180 -7.85 -12.96 4.60
CA VAL B 180 -7.03 -14.08 4.16
C VAL B 180 -5.57 -13.92 4.52
N LEU B 181 -5.20 -12.90 5.30
CA LEU B 181 -3.79 -12.76 5.69
C LEU B 181 -3.36 -13.90 6.62
N GLY B 182 -4.20 -14.34 7.53
CA GLY B 182 -3.74 -15.39 8.41
C GLY B 182 -4.20 -16.78 8.06
N LYS B 183 -5.23 -16.89 7.23
CA LYS B 183 -5.95 -18.14 7.04
C LYS B 183 -5.73 -18.68 5.63
N SER B 184 -6.29 -19.86 5.40
CA SER B 184 -6.37 -20.47 4.09
C SER B 184 -7.75 -20.20 3.50
N VAL B 185 -7.85 -20.25 2.18
CA VAL B 185 -9.12 -19.98 1.51
C VAL B 185 -9.45 -21.11 0.55
N LEU B 186 -10.67 -21.64 0.67
CA LEU B 186 -11.14 -22.76 -0.13
C LEU B 186 -12.05 -22.23 -1.23
N PHE B 187 -11.88 -22.75 -2.44
CA PHE B 187 -12.63 -22.30 -3.62
C PHE B 187 -13.42 -23.49 -4.16
N ILE B 188 -14.74 -23.41 -4.12
CA ILE B 188 -15.54 -24.47 -4.72
C ILE B 188 -16.41 -23.86 -5.81
N GLY B 189 -16.78 -24.69 -6.78
CA GLY B 189 -17.66 -24.28 -7.85
C GLY B 189 -17.10 -23.27 -8.83
N TYR B 190 -15.82 -23.34 -9.13
CA TYR B 190 -15.20 -22.45 -10.11
C TYR B 190 -14.55 -23.26 -11.21
N SER B 191 -14.34 -22.60 -12.35
CA SER B 191 -13.64 -23.18 -13.48
C SER B 191 -12.44 -22.32 -13.80
N LEU B 192 -11.40 -22.94 -14.35
CA LEU B 192 -10.18 -22.18 -14.63
C LEU B 192 -10.17 -21.56 -16.02
N SER B 193 -11.26 -21.67 -16.77
CA SER B 193 -11.43 -20.81 -17.93
C SER B 193 -11.71 -19.37 -17.51
N ASP B 194 -12.20 -19.17 -16.29
CA ASP B 194 -12.34 -17.85 -15.70
C ASP B 194 -10.98 -17.21 -15.51
N ILE B 195 -10.90 -15.92 -15.82
CA ILE B 195 -9.64 -15.20 -15.78
C ILE B 195 -9.48 -14.45 -14.45
N ASN B 196 -10.59 -13.96 -13.88
CA ASN B 196 -10.54 -13.13 -12.69
C ASN B 196 -10.08 -13.92 -11.48
N ILE B 197 -10.40 -15.21 -11.43
CA ILE B 197 -9.96 -16.01 -10.29
C ILE B 197 -8.45 -16.28 -10.36
N ARG B 198 -7.92 -16.50 -11.57
CA ARG B 198 -6.48 -16.72 -11.74
C ARG B 198 -5.70 -15.45 -11.45
N LEU B 199 -6.23 -14.31 -11.88
CA LEU B 199 -5.58 -13.05 -11.55
C LEU B 199 -5.73 -12.73 -10.08
N LEU B 200 -6.79 -13.21 -9.42
CA LEU B 200 -6.91 -13.08 -7.97
C LEU B 200 -5.86 -13.91 -7.24
N PHE B 201 -5.59 -15.14 -7.73
CA PHE B 201 -4.57 -15.97 -7.09
C PHE B 201 -3.19 -15.35 -7.28
N TYR B 202 -2.96 -14.82 -8.48
CA TYR B 202 -1.71 -14.15 -8.80
C TYR B 202 -1.52 -12.87 -7.97
N LYS B 203 -2.59 -12.13 -7.75
CA LYS B 203 -2.53 -10.94 -6.92
C LYS B 203 -2.23 -11.30 -5.48
N LEU B 204 -2.78 -12.42 -5.00
CA LEU B 204 -2.45 -12.90 -3.66
C LEU B 204 -0.99 -13.30 -3.55
N SER B 205 -0.45 -14.00 -4.56
CA SER B 205 0.95 -14.40 -4.54
C SER B 205 1.89 -13.20 -4.60
N LYS B 206 1.54 -12.19 -5.41
CA LYS B 206 2.32 -10.95 -5.43
C LYS B 206 2.25 -10.18 -4.12
N LEU B 207 1.06 -10.07 -3.52
CA LEU B 207 0.90 -9.36 -2.26
C LEU B 207 1.66 -10.01 -1.11
N TRP B 208 1.63 -11.34 -1.06
CA TRP B 208 2.39 -12.05 -0.03
C TRP B 208 3.88 -12.08 -0.36
N LYS B 209 4.23 -11.85 -1.63
CA LYS B 209 5.63 -11.81 -2.00
C LYS B 209 6.29 -10.46 -1.72
N GLU B 210 5.55 -9.36 -1.81
CA GLU B 210 6.16 -8.05 -1.53
C GLU B 210 6.39 -7.84 -0.04
N GLN B 211 5.34 -7.87 0.77
CA GLN B 211 5.55 -7.86 2.21
C GLN B 211 6.00 -9.25 2.64
N LYS B 212 7.06 -9.30 3.43
CA LYS B 212 7.83 -10.52 3.62
C LYS B 212 7.16 -11.43 4.65
N LEU B 213 6.19 -12.23 4.19
CA LEU B 213 5.53 -13.21 5.09
C LEU B 213 5.34 -14.54 4.34
N GLU B 214 6.34 -14.98 3.57
CA GLU B 214 6.26 -16.26 2.86
C GLU B 214 5.91 -17.40 3.81
N GLU B 215 6.48 -17.37 5.02
CA GLU B 215 6.30 -18.45 5.99
C GLU B 215 4.89 -18.44 6.57
N ALA B 216 4.24 -17.29 6.62
CA ALA B 216 2.88 -17.26 7.09
C ALA B 216 1.93 -17.74 6.01
N GLN B 217 0.67 -17.98 6.40
CA GLN B 217 -0.52 -18.31 5.62
C GLN B 217 -0.35 -19.49 4.66
N PRO B 218 -0.61 -20.72 5.15
CA PRO B 218 -0.57 -21.91 4.28
C PRO B 218 -1.44 -21.86 3.02
N LYS B 219 -1.15 -22.76 2.09
CA LYS B 219 -1.62 -22.69 0.72
C LYS B 219 -3.13 -22.87 0.61
N SER B 220 -3.71 -22.18 -0.37
CA SER B 220 -5.13 -22.23 -0.63
C SER B 220 -5.49 -23.46 -1.46
N TYR B 221 -6.77 -23.81 -1.48
CA TYR B 221 -7.20 -24.99 -2.21
C TYR B 221 -8.41 -24.66 -3.08
N ILE B 222 -8.48 -25.33 -4.22
CA ILE B 222 -9.61 -25.23 -5.14
C ILE B 222 -10.07 -26.65 -5.46
N PHE B 223 -11.37 -26.89 -5.36
CA PHE B 223 -11.92 -28.22 -5.60
C PHE B 223 -12.36 -28.33 -7.04
N LEU B 224 -11.93 -29.40 -7.71
CA LEU B 224 -12.34 -29.68 -9.07
C LEU B 224 -12.84 -31.11 -9.20
N PRO B 225 -13.96 -31.33 -9.87
CA PRO B 225 -14.38 -32.71 -10.13
C PRO B 225 -13.54 -33.41 -11.19
N ARG B 226 -12.89 -32.66 -12.07
CA ARG B 226 -12.07 -33.26 -13.12
C ARG B 226 -10.60 -33.09 -12.75
N PRO B 227 -9.83 -34.18 -12.64
CA PRO B 227 -8.41 -34.04 -12.30
C PRO B 227 -7.62 -33.49 -13.47
N ASN B 228 -7.13 -32.27 -13.31
CA ASN B 228 -6.34 -31.59 -14.33
C ASN B 228 -4.90 -31.55 -13.84
N PRO B 229 -4.00 -32.35 -14.43
CA PRO B 229 -2.63 -32.42 -13.90
C PRO B 229 -1.81 -31.17 -14.14
N ILE B 230 -1.82 -30.59 -15.33
CA ILE B 230 -0.89 -29.50 -15.54
C ILE B 230 -1.48 -28.19 -15.04
N GLN B 231 -2.79 -28.13 -14.88
CA GLN B 231 -3.38 -26.99 -14.19
C GLN B 231 -3.05 -27.04 -12.71
N GLU B 232 -2.96 -28.24 -12.15
CA GLU B 232 -2.47 -28.41 -10.79
C GLU B 232 -1.02 -27.99 -10.66
N GLU B 233 -0.21 -28.32 -11.67
CA GLU B 233 1.21 -27.97 -11.61
C GLU B 233 1.42 -26.48 -11.80
N ILE B 234 0.57 -25.83 -12.60
CA ILE B 234 0.76 -24.38 -12.74
C ILE B 234 0.17 -23.64 -11.54
N LEU B 235 -0.87 -24.19 -10.89
CA LEU B 235 -1.41 -23.54 -9.70
C LEU B 235 -0.56 -23.78 -8.47
N GLU B 236 0.31 -24.81 -8.50
CA GLU B 236 1.19 -25.07 -7.37
C GLU B 236 2.23 -23.96 -7.24
N GLN B 237 2.65 -23.38 -8.36
CA GLN B 237 3.67 -22.33 -8.38
C GLN B 237 3.18 -21.05 -7.71
N TRP B 238 1.87 -20.84 -7.62
CA TRP B 238 1.32 -19.71 -6.88
C TRP B 238 0.98 -20.07 -5.44
N ARG B 239 1.40 -21.25 -4.98
CA ARG B 239 1.06 -21.85 -3.67
C ARG B 239 -0.44 -22.08 -3.53
N ILE B 240 -1.00 -22.86 -4.46
CA ILE B 240 -2.39 -23.33 -4.38
C ILE B 240 -2.39 -24.79 -4.80
N GLY B 241 -2.78 -25.67 -3.89
CA GLY B 241 -2.99 -27.04 -4.26
C GLY B 241 -4.38 -27.23 -4.84
N MET B 242 -4.50 -28.22 -5.71
CA MET B 242 -5.80 -28.60 -6.24
C MET B 242 -6.27 -29.88 -5.58
N ILE B 243 -7.59 -30.00 -5.47
CA ILE B 243 -8.22 -31.19 -4.91
C ILE B 243 -9.11 -31.77 -5.99
N SER B 244 -8.85 -33.02 -6.34
CA SER B 244 -9.58 -33.71 -7.40
C SER B 244 -10.44 -34.80 -6.79
N SER B 245 -11.70 -34.86 -7.22
CA SER B 245 -12.60 -35.90 -6.76
C SER B 245 -12.41 -37.15 -7.61
N GLU B 246 -13.10 -38.21 -7.24
CA GLU B 246 -13.09 -39.45 -8.00
C GLU B 246 -14.36 -39.64 -8.82
N ASN B 247 -15.50 -39.24 -8.30
CA ASN B 247 -16.76 -39.38 -9.01
C ASN B 247 -16.83 -38.39 -10.15
N ASP B 248 -17.56 -38.74 -11.20
CA ASP B 248 -17.55 -37.94 -12.41
C ASP B 248 -18.70 -36.95 -12.47
N ASN B 249 -19.88 -37.35 -12.00
CA ASN B 249 -21.04 -36.45 -11.99
C ASN B 249 -20.79 -35.37 -10.94
N PRO B 250 -20.75 -34.09 -11.33
CA PRO B 250 -20.21 -33.07 -10.43
C PRO B 250 -21.09 -32.73 -9.24
N GLY B 251 -22.40 -32.95 -9.34
CA GLY B 251 -23.28 -32.64 -8.22
C GLY B 251 -23.05 -33.54 -7.02
N GLU B 252 -23.08 -34.84 -7.24
CA GLU B 252 -22.85 -35.77 -6.13
C GLU B 252 -21.39 -35.82 -5.72
N SER B 253 -20.46 -35.50 -6.62
CA SER B 253 -19.05 -35.42 -6.25
C SER B 253 -18.79 -34.21 -5.35
N LEU B 254 -19.40 -33.08 -5.69
CA LEU B 254 -19.30 -31.89 -4.85
C LEU B 254 -19.98 -32.09 -3.50
N GLU B 255 -21.12 -32.80 -3.50
CA GLU B 255 -21.81 -33.13 -2.26
C GLU B 255 -20.97 -34.08 -1.40
N GLU B 256 -20.29 -35.03 -2.03
CA GLU B 256 -19.42 -35.94 -1.29
C GLU B 256 -18.18 -35.23 -0.77
N PHE B 257 -17.71 -34.20 -1.47
CA PHE B 257 -16.61 -33.41 -0.95
C PHE B 257 -17.05 -32.56 0.23
N LEU B 258 -18.24 -31.96 0.16
CA LEU B 258 -18.72 -31.15 1.28
C LEU B 258 -19.24 -31.99 2.44
N LYS B 259 -19.37 -33.32 2.26
CA LYS B 259 -19.73 -34.22 3.35
C LYS B 259 -18.65 -34.25 4.44
N ASN B 260 -17.39 -33.94 4.10
CA ASN B 260 -16.29 -34.03 5.05
C ASN B 260 -16.31 -32.95 6.14
N PHE B 261 -17.18 -31.94 6.04
CA PHE B 261 -17.19 -30.88 7.04
C PHE B 261 -18.40 -30.87 7.98
N VAL B 262 -19.50 -31.53 7.61
CA VAL B 262 -20.72 -31.44 8.43
C VAL B 262 -20.57 -32.24 9.72
N LEU B 263 -19.82 -33.35 9.69
CA LEU B 263 -19.66 -34.23 10.85
C LEU B 263 -18.89 -33.57 11.98
N VAL B 264 -18.02 -32.61 11.66
CA VAL B 264 -17.34 -31.83 12.67
C VAL B 264 -18.33 -30.80 13.21
N MET C 1 44.49 20.17 33.62
CA MET C 1 43.09 19.91 33.36
C MET C 1 42.22 20.88 34.15
N ASN C 2 41.06 21.24 33.59
CA ASN C 2 40.23 22.28 34.17
C ASN C 2 39.04 21.69 34.90
N ILE C 3 38.71 22.27 36.05
CA ILE C 3 37.50 21.96 36.80
C ILE C 3 36.77 23.28 37.04
N ARG C 4 35.60 23.43 36.45
CA ARG C 4 34.91 24.70 36.61
C ARG C 4 34.18 24.79 37.94
N PHE C 5 33.81 26.00 38.31
CA PHE C 5 33.08 26.27 39.53
C PHE C 5 31.94 27.23 39.24
N ILE C 6 30.79 26.97 39.83
CA ILE C 6 29.60 27.79 39.68
C ILE C 6 29.43 28.65 40.93
N THR C 7 29.75 29.92 40.78
CA THR C 7 29.60 30.92 41.84
C THR C 7 29.52 32.29 41.19
N ARG C 8 29.09 33.26 41.98
CA ARG C 8 29.08 34.67 41.56
C ARG C 8 29.87 35.57 42.49
N ASN C 9 30.83 35.03 43.24
CA ASN C 9 31.70 35.87 44.05
C ASN C 9 33.02 36.03 43.32
N ARG C 10 33.44 37.29 43.15
CA ARG C 10 34.67 37.64 42.44
C ARG C 10 35.91 37.14 43.17
N HIS C 11 35.86 37.06 44.50
CA HIS C 11 37.03 36.69 45.29
C HIS C 11 37.33 35.21 45.20
N LYS C 12 36.29 34.37 45.20
CA LYS C 12 36.45 32.92 45.21
C LYS C 12 37.06 32.37 43.94
N ILE C 13 36.90 33.07 42.81
CA ILE C 13 37.40 32.64 41.51
C ILE C 13 38.92 32.53 41.53
N LYS C 14 39.60 33.49 42.13
CA LYS C 14 41.04 33.38 42.32
C LYS C 14 41.42 32.75 43.65
N GLU C 15 40.52 32.77 44.64
CA GLU C 15 40.86 32.23 45.95
C GLU C 15 40.94 30.71 45.94
N ILE C 16 40.01 30.03 45.25
CA ILE C 16 40.05 28.58 45.16
C ILE C 16 41.23 28.13 44.30
N ASN C 17 41.60 28.93 43.29
CA ASN C 17 42.79 28.64 42.51
C ASN C 17 44.07 28.84 43.34
N LYS C 18 44.07 29.81 44.26
CA LYS C 18 45.21 30.01 45.14
C LYS C 18 45.33 28.88 46.16
N ILE C 19 44.19 28.43 46.70
CA ILE C 19 44.20 27.33 47.66
C ILE C 19 44.60 26.02 46.99
N LEU C 20 44.06 25.76 45.81
CA LEU C 20 44.28 24.52 45.07
C LEU C 20 45.47 24.60 44.13
N SER C 21 46.38 25.55 44.35
CA SER C 21 47.52 25.70 43.45
C SER C 21 48.54 24.60 43.66
N GLY C 22 49.26 24.27 42.58
CA GLY C 22 50.31 23.29 42.63
C GLY C 22 49.93 21.91 42.11
N THR C 23 48.64 21.60 42.03
CA THR C 23 48.19 20.30 41.54
C THR C 23 48.02 20.25 40.04
N GLY C 24 48.33 21.34 39.33
CA GLY C 24 48.17 21.38 37.90
C GLY C 24 46.75 21.59 37.43
N VAL C 25 45.83 21.90 38.33
CA VAL C 25 44.42 22.06 38.02
C VAL C 25 44.06 23.53 38.17
N VAL C 26 43.56 24.13 37.11
CA VAL C 26 43.06 25.51 37.14
C VAL C 26 41.56 25.46 37.34
N VAL C 27 41.07 26.23 38.31
CA VAL C 27 39.66 26.22 38.67
C VAL C 27 39.00 27.40 37.96
N LEU C 28 38.31 27.11 36.87
CA LEU C 28 37.62 28.15 36.12
C LEU C 28 36.29 28.49 36.79
N ALA C 29 35.67 29.56 36.31
CA ALA C 29 34.44 30.07 36.88
C ALA C 29 33.29 29.96 35.90
N SER C 30 32.10 29.69 36.43
CA SER C 30 30.86 29.71 35.68
C SER C 30 30.01 30.83 36.24
N GLU C 31 29.45 31.66 35.34
CA GLU C 31 28.72 32.84 35.77
C GLU C 31 27.22 32.66 35.72
N HIS C 32 26.74 31.42 35.82
CA HIS C 32 25.31 31.16 35.83
C HIS C 32 24.75 31.37 37.23
N SER C 33 23.44 31.15 37.37
CA SER C 33 22.76 31.28 38.63
C SER C 33 22.02 29.99 38.92
N ILE C 34 22.28 29.40 40.08
CA ILE C 34 21.66 28.15 40.49
C ILE C 34 20.73 28.44 41.65
N ASP C 35 19.45 28.16 41.46
CA ASP C 35 18.49 28.21 42.56
C ASP C 35 18.56 26.88 43.31
N GLU C 36 18.71 26.98 44.62
CA GLU C 36 18.88 25.80 45.46
C GLU C 36 17.55 25.43 46.08
N ILE C 37 17.34 24.13 46.32
CA ILE C 37 16.20 23.73 47.13
C ILE C 37 16.52 24.03 48.59
N GLN C 38 15.48 24.06 49.40
CA GLN C 38 15.63 24.33 50.83
C GLN C 38 15.31 23.05 51.57
N THR C 39 16.32 22.49 52.23
CA THR C 39 16.18 21.27 53.01
C THR C 39 17.21 21.26 54.11
N GLU C 40 16.94 20.46 55.14
CA GLU C 40 17.89 20.35 56.25
C GLU C 40 18.98 19.33 56.00
N ASN C 41 18.75 18.38 55.09
CA ASN C 41 19.79 17.40 54.75
C ASN C 41 20.71 18.06 53.74
N VAL C 42 21.95 18.34 54.16
CA VAL C 42 22.93 18.98 53.31
C VAL C 42 23.41 18.07 52.18
N HIS C 43 23.28 16.75 52.34
CA HIS C 43 23.70 15.84 51.28
C HIS C 43 22.77 15.92 50.08
N ALA C 44 21.47 16.08 50.32
CA ALA C 44 20.51 16.24 49.22
C ALA C 44 20.72 17.58 48.51
N LEU C 45 21.01 18.63 49.28
CA LEU C 45 21.27 19.94 48.70
C LEU C 45 22.54 19.93 47.85
N ILE C 46 23.59 19.28 48.36
CA ILE C 46 24.85 19.17 47.64
C ILE C 46 24.67 18.32 46.39
N LYS C 47 23.90 17.23 46.49
CA LYS C 47 23.71 16.32 45.37
C LYS C 47 22.90 16.97 44.25
N ASP C 48 21.79 17.65 44.58
CA ASP C 48 21.05 18.26 43.48
C ASP C 48 21.67 19.55 42.98
N LYS C 49 22.43 20.28 43.82
CA LYS C 49 23.12 21.45 43.31
C LYS C 49 24.24 21.04 42.36
N LEU C 50 24.91 19.93 42.66
CA LEU C 50 25.88 19.38 41.72
C LEU C 50 25.21 18.81 40.49
N LEU C 51 23.99 18.27 40.63
CA LEU C 51 23.23 17.79 39.48
C LEU C 51 22.83 18.93 38.55
N LYS C 52 22.37 20.05 39.13
CA LYS C 52 22.02 21.22 38.35
C LYS C 52 23.26 21.85 37.71
N ALA C 53 24.39 21.83 38.43
CA ALA C 53 25.63 22.34 37.89
C ALA C 53 26.12 21.51 36.71
N PHE C 54 26.12 20.17 36.87
CA PHE C 54 26.55 19.30 35.79
C PHE C 54 25.57 19.32 34.62
N LYS C 55 24.29 19.56 34.90
CA LYS C 55 23.33 19.78 33.83
C LYS C 55 23.62 21.10 33.12
N LEU C 56 24.17 22.08 33.83
CA LEU C 56 24.49 23.35 33.20
C LEU C 56 25.73 23.26 32.32
N VAL C 57 26.77 22.55 32.75
CA VAL C 57 28.03 22.50 31.97
C VAL C 57 28.24 21.16 31.27
N GLY C 58 28.18 20.03 31.98
CA GLY C 58 28.52 18.78 31.35
C GLY C 58 30.00 18.46 31.30
N ARG C 59 30.80 19.03 32.19
CA ARG C 59 32.22 18.79 32.35
C ARG C 59 32.45 18.52 33.83
N PRO C 60 33.59 17.93 34.21
CA PRO C 60 33.87 17.69 35.65
C PRO C 60 33.94 18.96 36.47
N VAL C 61 33.06 19.06 37.46
CA VAL C 61 32.89 20.26 38.27
C VAL C 61 32.68 19.88 39.73
N PHE C 62 32.71 20.90 40.58
CA PHE C 62 32.51 20.73 42.01
C PHE C 62 31.65 21.88 42.52
N VAL C 63 31.11 21.69 43.72
CA VAL C 63 30.20 22.67 44.31
C VAL C 63 30.55 22.85 45.78
N GLU C 64 30.09 23.96 46.36
CA GLU C 64 30.42 24.33 47.73
C GLU C 64 29.17 24.83 48.45
N HIS C 65 28.99 24.38 49.69
CA HIS C 65 27.95 24.90 50.56
C HIS C 65 28.49 24.93 51.99
N THR C 66 28.23 26.03 52.70
CA THR C 66 28.66 26.20 54.08
C THR C 66 27.45 26.12 55.00
N GLY C 67 27.52 25.25 56.01
CA GLY C 67 26.38 25.00 56.88
C GLY C 67 26.71 25.26 58.34
N LEU C 68 25.64 25.40 59.12
CA LEU C 68 25.73 25.60 60.56
C LEU C 68 24.84 24.59 61.27
N TYR C 69 25.37 23.99 62.33
CA TYR C 69 24.67 22.98 63.11
C TYR C 69 24.73 23.37 64.58
N ILE C 70 23.65 23.93 65.11
CA ILE C 70 23.61 24.34 66.51
C ILE C 70 23.45 23.11 67.38
N GLU C 71 24.29 22.99 68.41
CA GLU C 71 24.28 21.78 69.24
C GLU C 71 23.07 21.74 70.17
N SER C 72 22.74 22.84 70.82
CA SER C 72 21.58 22.89 71.71
C SER C 72 20.27 22.88 70.92
N LEU C 73 20.26 23.55 69.75
CA LEU C 73 19.03 23.62 68.88
C LEU C 73 18.97 22.40 67.97
N ASN C 74 19.92 21.46 68.11
CA ASN C 74 19.96 20.16 67.42
C ASN C 74 20.22 20.30 65.93
N GLY C 75 21.03 21.28 65.54
CA GLY C 75 21.40 21.44 64.13
C GLY C 75 20.28 21.90 63.24
N PHE C 76 19.64 23.02 63.57
CA PHE C 76 18.53 23.51 62.78
C PHE C 76 18.88 24.01 61.37
N PRO C 77 19.89 24.97 61.14
CA PRO C 77 19.99 25.57 59.78
C PRO C 77 20.39 24.60 58.67
N GLY C 78 21.54 23.93 58.77
CA GLY C 78 21.88 22.93 57.77
C GLY C 78 22.15 23.50 56.40
N GLY C 79 21.15 23.37 55.53
CA GLY C 79 21.18 24.08 54.26
C GLY C 79 20.46 25.41 54.28
N LEU C 80 19.70 25.68 55.35
CA LEU C 80 18.91 26.89 55.47
C LEU C 80 19.69 28.06 56.07
N THR C 81 21.02 28.00 56.08
CA THR C 81 21.81 28.98 56.81
C THR C 81 21.78 30.36 56.16
N GLN C 82 21.80 30.40 54.83
CA GLN C 82 21.80 31.69 54.13
C GLN C 82 20.47 32.41 54.28
N ILE C 83 19.36 31.70 54.08
CA ILE C 83 18.04 32.30 54.23
C ILE C 83 17.75 32.62 55.70
N PHE C 84 18.24 31.79 56.62
CA PHE C 84 18.16 32.06 58.06
C PHE C 84 18.97 33.30 58.43
N TRP C 85 20.11 33.50 57.76
CA TRP C 85 20.96 34.65 58.02
C TRP C 85 20.33 35.94 57.51
N ASP C 86 19.76 35.92 56.30
CA ASP C 86 19.08 37.12 55.83
C ASP C 86 17.74 37.36 56.52
N LYS C 87 17.16 36.32 57.12
CA LYS C 87 15.93 36.54 57.88
C LYS C 87 16.20 37.00 59.31
N LEU C 88 17.39 36.74 59.83
CA LEU C 88 17.69 37.10 61.22
C LEU C 88 18.60 38.32 61.36
N GLN C 89 19.76 38.32 60.67
CA GLN C 89 20.90 39.24 60.75
C GLN C 89 21.63 39.15 62.10
N ALA C 90 22.77 39.83 62.18
CA ALA C 90 23.75 39.60 63.24
C ALA C 90 23.26 40.04 64.61
N ASP C 91 22.56 41.16 64.67
CA ASP C 91 22.08 41.70 65.95
C ASP C 91 21.04 40.80 66.60
N LYS C 92 20.02 40.40 65.83
CA LYS C 92 19.02 39.47 66.32
C LYS C 92 19.60 38.09 66.57
N PHE C 93 20.57 37.68 65.73
CA PHE C 93 21.26 36.40 65.91
C PHE C 93 22.01 36.34 67.23
N SER C 94 22.72 37.43 67.56
CA SER C 94 23.47 37.48 68.81
C SER C 94 22.54 37.58 70.01
N GLN C 95 21.48 38.37 69.87
CA GLN C 95 20.53 38.58 71.02
C GLN C 95 19.75 37.29 71.31
N LEU C 96 19.51 36.43 70.30
CA LEU C 96 18.88 35.16 70.60
C LEU C 96 19.88 34.10 71.07
N LEU C 97 20.99 33.93 70.37
CA LEU C 97 21.81 32.76 70.58
C LEU C 97 23.17 33.04 71.23
N GLY C 98 23.77 34.20 71.00
CA GLY C 98 25.02 34.52 71.68
C GLY C 98 24.83 34.86 73.14
N THR C 99 23.63 35.29 73.53
CA THR C 99 23.29 35.58 74.91
C THR C 99 22.47 34.48 75.55
N SER C 100 22.35 33.33 74.89
CA SER C 100 21.55 32.23 75.40
C SER C 100 22.37 31.41 76.41
N GLU C 101 21.75 30.33 76.90
CA GLU C 101 22.42 29.48 77.88
C GLU C 101 23.50 28.62 77.22
N ASN C 102 23.21 28.07 76.04
CA ASN C 102 24.12 27.16 75.35
C ASN C 102 24.36 27.67 73.94
N PRO C 103 25.46 28.41 73.71
CA PRO C 103 25.78 28.88 72.36
C PRO C 103 26.63 27.90 71.56
N ARG C 104 26.63 26.63 71.97
CA ARG C 104 27.43 25.61 71.29
C ARG C 104 26.86 25.30 69.91
N LEU C 105 27.73 25.28 68.90
CA LEU C 105 27.30 25.03 67.53
C LEU C 105 28.45 24.41 66.75
N VAL C 106 28.10 23.78 65.63
CA VAL C 106 29.03 23.22 64.67
C VAL C 106 28.87 23.96 63.36
N ALA C 107 29.98 24.31 62.72
CA ALA C 107 29.94 24.95 61.41
C ALA C 107 30.47 23.96 60.39
N LYS C 108 29.66 23.64 59.38
CA LYS C 108 29.97 22.61 58.41
C LYS C 108 30.18 23.21 57.02
N THR C 109 31.00 22.54 56.22
CA THR C 109 31.18 22.90 54.82
C THR C 109 31.41 21.60 54.06
N ILE C 110 30.50 21.29 53.14
CA ILE C 110 30.53 20.03 52.41
C ILE C 110 30.83 20.31 50.95
N ILE C 111 31.89 19.69 50.44
CA ILE C 111 32.30 19.82 49.05
C ILE C 111 31.79 18.60 48.29
N GLY C 112 30.96 18.83 47.29
CA GLY C 112 30.53 17.76 46.41
C GLY C 112 31.19 17.91 45.06
N TYR C 113 31.93 16.89 44.64
CA TYR C 113 32.68 16.93 43.40
C TYR C 113 32.23 15.81 42.48
N CYS C 114 32.03 16.15 41.21
CA CYS C 114 31.65 15.19 40.18
C CYS C 114 32.71 15.22 39.08
N ASP C 115 33.16 14.04 38.68
CA ASP C 115 34.15 13.90 37.62
C ASP C 115 33.54 13.34 36.35
N SER C 116 32.22 13.47 36.20
CA SER C 116 31.37 12.89 35.15
C SER C 116 31.39 11.38 35.12
N MET C 117 31.86 10.73 36.19
CA MET C 117 31.88 9.28 36.34
C MET C 117 31.26 8.83 37.65
N LYS C 118 31.49 9.56 38.75
CA LYS C 118 31.00 9.16 40.06
C LYS C 118 30.68 10.42 40.85
N ILE C 119 30.39 10.23 42.15
CA ILE C 119 30.05 11.31 43.06
C ILE C 119 30.87 11.13 44.33
N TYR C 120 31.58 12.19 44.73
CA TYR C 120 32.37 12.19 45.95
C TYR C 120 31.91 13.31 46.86
N ILE C 121 31.75 13.00 48.14
CA ILE C 121 31.30 13.95 49.14
C ILE C 121 32.45 14.20 50.11
N PHE C 122 32.93 15.43 50.14
CA PHE C 122 34.04 15.83 50.99
C PHE C 122 33.52 16.79 52.05
N GLU C 123 33.79 16.49 53.31
CA GLU C 123 33.20 17.20 54.43
C GLU C 123 34.28 17.83 55.30
N GLY C 124 34.02 19.08 55.71
CA GLY C 124 34.85 19.76 56.68
C GLY C 124 33.99 20.45 57.73
N GLU C 125 34.15 20.06 59.00
CA GLU C 125 33.36 20.63 60.07
C GLU C 125 34.28 21.09 61.20
N THR C 126 33.90 22.19 61.84
CA THR C 126 34.62 22.73 62.99
C THR C 126 33.61 23.38 63.92
N GLN C 127 33.62 22.95 65.18
CA GLN C 127 32.69 23.48 66.17
C GLN C 127 33.18 24.83 66.70
N GLY C 128 32.35 25.45 67.53
CA GLY C 128 32.69 26.74 68.07
C GLY C 128 31.59 27.28 68.96
N THR C 129 31.62 28.59 69.19
CA THR C 129 30.62 29.28 70.00
C THR C 129 30.10 30.49 69.24
N ILE C 130 29.14 31.17 69.85
CA ILE C 130 28.51 32.36 69.29
C ILE C 130 28.82 33.54 70.18
N SER C 131 29.28 34.63 69.57
CA SER C 131 29.51 35.85 70.33
C SER C 131 28.19 36.49 70.73
N PRO C 132 28.10 37.02 71.96
CA PRO C 132 26.86 37.72 72.34
C PRO C 132 26.70 39.08 71.68
N VAL C 133 27.76 39.65 71.15
CA VAL C 133 27.74 40.91 70.41
C VAL C 133 28.44 40.65 69.09
N PRO C 134 27.90 41.09 67.95
CA PRO C 134 28.62 40.89 66.68
C PRO C 134 29.82 41.82 66.57
N LYS C 135 31.00 41.22 66.45
CA LYS C 135 32.27 41.95 66.42
C LYS C 135 32.92 41.79 65.05
N GLY C 136 33.40 42.91 64.49
CA GLY C 136 34.11 42.87 63.24
C GLY C 136 33.23 43.28 62.08
N PRO C 137 33.81 43.39 60.88
CA PRO C 137 33.03 43.77 59.70
C PRO C 137 32.14 42.62 59.23
N ARG C 138 30.85 42.91 59.09
CA ARG C 138 29.86 41.90 58.75
C ARG C 138 29.58 41.84 57.25
N ASP C 139 30.50 42.34 56.43
CA ASP C 139 30.28 42.35 54.98
C ASP C 139 30.44 40.99 54.35
N PHE C 140 31.09 40.05 55.03
CA PHE C 140 31.30 38.70 54.52
C PHE C 140 30.65 37.71 55.47
N GLN C 141 29.52 37.12 55.01
CA GLN C 141 28.64 36.14 55.67
C GLN C 141 28.39 36.41 57.15
N TRP C 142 28.33 35.36 57.97
CA TRP C 142 28.15 35.49 59.41
C TRP C 142 29.47 35.39 60.15
N ASP C 143 30.53 35.97 59.58
CA ASP C 143 31.84 35.96 60.22
C ASP C 143 31.89 36.76 61.51
N CYS C 144 30.99 37.71 61.70
CA CYS C 144 31.01 38.56 62.87
C CYS C 144 30.41 37.91 64.11
N ILE C 145 29.84 36.71 64.01
CA ILE C 145 29.18 36.09 65.15
C ILE C 145 29.74 34.72 65.51
N PHE C 146 30.55 34.09 64.67
CA PHE C 146 31.04 32.74 64.92
C PHE C 146 32.41 32.80 65.57
N ILE C 147 32.47 32.45 66.85
CA ILE C 147 33.73 32.28 67.56
C ILE C 147 34.09 30.80 67.55
N PRO C 148 35.19 30.40 66.94
CA PRO C 148 35.54 28.99 66.89
C PRO C 148 36.06 28.49 68.25
N ASP C 149 36.15 27.18 68.36
CA ASP C 149 36.69 26.57 69.58
C ASP C 149 38.20 26.77 69.63
N GLY C 150 38.69 27.19 70.79
CA GLY C 150 40.10 27.49 70.96
C GLY C 150 40.48 28.93 70.70
N GLU C 151 39.53 29.77 70.27
CA GLU C 151 39.79 31.18 70.03
C GLU C 151 38.79 32.02 70.81
N SER C 152 39.08 33.32 70.92
CA SER C 152 38.23 34.25 71.64
C SER C 152 37.67 35.34 70.75
N GLU C 153 37.79 35.21 69.43
CA GLU C 153 37.34 36.24 68.51
C GLU C 153 36.40 35.63 67.47
N THR C 154 35.60 36.50 66.86
CA THR C 154 34.73 36.12 65.77
C THR C 154 35.54 36.05 64.47
N PHE C 155 35.00 35.33 63.49
CA PHE C 155 35.70 35.04 62.22
C PHE C 155 36.02 36.29 61.40
N ALA C 156 35.30 37.39 61.61
CA ALA C 156 35.67 38.64 60.95
C ALA C 156 36.92 39.25 61.57
N GLU C 157 37.18 38.99 62.85
CA GLU C 157 38.34 39.53 63.53
C GLU C 157 39.64 38.82 63.15
N MET C 158 39.56 37.55 62.75
CA MET C 158 40.74 36.89 62.17
C MET C 158 41.13 37.50 60.84
N GLY C 159 40.17 37.66 59.92
CA GLY C 159 40.48 38.17 58.60
C GLY C 159 41.24 37.15 57.77
N ASP C 160 42.54 37.38 57.60
CA ASP C 160 43.42 36.42 56.95
C ASP C 160 43.82 35.27 57.86
N ARG C 161 43.55 35.37 59.16
CA ARG C 161 43.83 34.29 60.09
C ARG C 161 42.69 33.28 60.17
N LYS C 162 41.62 33.49 59.41
CA LYS C 162 40.45 32.61 59.48
C LYS C 162 40.75 31.25 58.87
N ASN C 163 41.43 31.22 57.73
CA ASN C 163 41.68 30.02 56.95
C ASN C 163 42.72 29.06 57.56
N GLU C 164 43.19 29.23 58.79
CA GLU C 164 44.15 28.30 59.37
C GLU C 164 43.47 27.13 60.07
N ILE C 165 42.41 27.40 60.83
CA ILE C 165 41.69 26.35 61.54
C ILE C 165 40.23 26.28 61.11
N SER C 166 39.90 26.87 59.96
CA SER C 166 38.53 26.86 59.47
C SER C 166 38.16 25.49 58.92
N MET C 167 36.85 25.19 58.98
CA MET C 167 36.32 23.97 58.39
C MET C 167 36.37 24.02 56.87
N ARG C 168 36.37 25.24 56.32
CA ARG C 168 36.40 25.46 54.89
C ARG C 168 37.73 25.01 54.30
N LYS C 169 38.83 25.39 54.94
CA LYS C 169 40.16 24.99 54.51
C LYS C 169 40.38 23.48 54.67
N LYS C 170 39.77 22.87 55.69
CA LYS C 170 39.84 21.41 55.83
C LYS C 170 39.09 20.71 54.71
N ALA C 171 37.97 21.30 54.26
CA ALA C 171 37.21 20.72 53.16
C ALA C 171 38.00 20.75 51.86
N PHE C 172 38.56 21.91 51.47
CA PHE C 172 39.38 21.83 50.26
C PHE C 172 40.77 21.24 50.49
N ASP C 173 41.22 21.02 51.72
CA ASP C 173 42.43 20.23 51.88
C ASP C 173 42.16 18.75 51.63
N LYS C 174 40.97 18.28 52.02
CA LYS C 174 40.55 16.93 51.64
C LYS C 174 40.33 16.83 50.12
N PHE C 175 39.78 17.89 49.53
CA PHE C 175 39.61 17.94 48.08
C PHE C 175 40.96 17.94 47.36
N LYS C 176 41.92 18.71 47.89
CA LYS C 176 43.27 18.72 47.29
C LYS C 176 43.86 17.31 47.43
N GLU C 177 43.73 16.71 48.62
CA GLU C 177 44.28 15.38 48.86
C GLU C 177 43.74 14.37 47.86
N TYR C 178 42.43 14.43 47.58
CA TYR C 178 41.87 13.54 46.57
C TYR C 178 42.31 13.91 45.16
N LEU C 179 42.50 15.20 44.90
CA LEU C 179 42.87 15.64 43.57
C LEU C 179 44.34 15.35 43.24
N LEU C 180 45.23 15.34 44.25
CA LEU C 180 46.64 15.07 43.96
C LEU C 180 46.88 13.60 43.62
N GLU C 181 46.00 12.71 44.05
CA GLU C 181 46.15 11.29 43.76
C GLU C 181 45.79 10.93 42.33
N GLY C 182 45.17 11.84 41.59
CA GLY C 182 44.72 11.57 40.24
C GLY C 182 43.28 11.10 40.14
N GLY C 183 42.51 11.21 41.21
CA GLY C 183 41.13 10.75 41.22
C GLY C 183 40.97 9.25 41.13
N LYS C 184 41.81 8.49 41.83
CA LYS C 184 41.75 7.03 41.79
C LYS C 184 40.53 6.47 42.51
N MET D 1 -21.95 18.57 43.11
CA MET D 1 -20.56 18.96 42.92
C MET D 1 -19.67 18.39 44.02
N ASN D 2 -18.67 17.61 43.62
CA ASN D 2 -17.76 16.97 44.56
C ASN D 2 -16.37 17.58 44.39
N ILE D 3 -15.69 17.79 45.52
CA ILE D 3 -14.36 18.37 45.53
C ILE D 3 -13.40 17.41 46.22
N ARG D 4 -12.30 17.08 45.54
CA ARG D 4 -11.32 16.16 46.09
C ARG D 4 -10.46 16.85 47.15
N PHE D 5 -9.71 16.05 47.90
CA PHE D 5 -8.90 16.55 49.01
C PHE D 5 -7.66 15.67 49.15
N ILE D 6 -6.49 16.29 49.20
CA ILE D 6 -5.23 15.57 49.31
C ILE D 6 -4.74 15.75 50.74
N THR D 7 -5.06 14.80 51.61
CA THR D 7 -4.54 14.74 52.97
C THR D 7 -4.33 13.29 53.35
N ARG D 8 -3.80 13.07 54.55
CA ARG D 8 -3.77 11.75 55.14
C ARG D 8 -4.42 11.69 56.51
N ASN D 9 -4.88 12.82 57.04
CA ASN D 9 -5.58 12.81 58.32
C ASN D 9 -6.96 12.21 58.15
N ARG D 10 -7.34 11.32 59.07
CA ARG D 10 -8.63 10.65 59.01
C ARG D 10 -9.75 11.65 59.31
N HIS D 11 -9.56 12.49 60.33
CA HIS D 11 -10.57 13.41 60.83
C HIS D 11 -10.85 14.59 59.90
N LYS D 12 -9.99 14.83 58.91
CA LYS D 12 -10.03 16.07 58.13
C LYS D 12 -11.28 16.16 57.26
N ILE D 13 -11.68 15.05 56.63
CA ILE D 13 -12.83 15.08 55.74
C ILE D 13 -14.13 15.21 56.52
N LYS D 14 -14.21 14.55 57.68
CA LYS D 14 -15.40 14.69 58.53
C LYS D 14 -15.49 16.09 59.11
N GLU D 15 -14.34 16.68 59.48
CA GLU D 15 -14.32 18.05 59.97
C GLU D 15 -14.74 19.04 58.89
N ILE D 16 -14.26 18.86 57.66
CA ILE D 16 -14.64 19.80 56.61
C ILE D 16 -16.04 19.55 56.09
N ASN D 17 -16.57 18.33 56.22
CA ASN D 17 -17.98 18.11 55.91
C ASN D 17 -18.88 18.68 56.99
N LYS D 18 -18.40 18.70 58.24
CA LYS D 18 -19.12 19.38 59.29
C LYS D 18 -19.10 20.89 59.10
N ILE D 19 -17.99 21.43 58.59
CA ILE D 19 -17.89 22.85 58.31
C ILE D 19 -18.80 23.24 57.14
N LEU D 20 -18.72 22.48 56.05
CA LEU D 20 -19.43 22.80 54.83
C LEU D 20 -20.75 22.07 54.71
N SER D 21 -21.42 21.78 55.82
CA SER D 21 -22.71 21.10 55.78
C SER D 21 -23.78 22.04 55.27
N GLY D 22 -24.58 21.57 54.33
CA GLY D 22 -25.61 22.38 53.73
C GLY D 22 -25.14 23.36 52.67
N THR D 23 -23.86 23.32 52.31
CA THR D 23 -23.32 24.22 51.30
C THR D 23 -23.48 23.69 49.88
N GLY D 24 -23.95 22.45 49.71
CA GLY D 24 -24.09 21.86 48.41
C GLY D 24 -22.83 21.26 47.83
N VAL D 25 -21.76 21.19 48.61
CA VAL D 25 -20.47 20.69 48.16
C VAL D 25 -20.06 19.56 49.09
N VAL D 26 -19.75 18.40 48.50
CA VAL D 26 -19.28 17.24 49.25
C VAL D 26 -17.79 17.10 49.03
N VAL D 27 -17.05 16.86 50.11
CA VAL D 27 -15.59 16.73 50.04
C VAL D 27 -15.24 15.25 50.05
N LEU D 28 -14.56 14.81 49.00
CA LEU D 28 -14.13 13.42 48.88
C LEU D 28 -12.65 13.30 49.20
N ALA D 29 -12.30 12.22 49.89
CA ALA D 29 -10.93 12.04 50.33
C ALA D 29 -10.06 11.44 49.22
N SER D 30 -8.76 11.53 49.43
CA SER D 30 -7.76 10.87 48.60
C SER D 30 -6.53 10.65 49.45
N GLU D 31 -5.87 9.52 49.25
CA GLU D 31 -4.83 9.03 50.15
C GLU D 31 -3.41 9.35 49.66
N HIS D 32 -3.27 10.14 48.60
CA HIS D 32 -1.96 10.39 48.03
C HIS D 32 -1.14 11.34 48.88
N SER D 33 0.19 11.20 48.78
CA SER D 33 1.13 12.06 49.46
C SER D 33 1.85 12.92 48.42
N ILE D 34 2.14 14.16 48.79
CA ILE D 34 2.69 15.15 47.88
C ILE D 34 4.02 15.62 48.43
N ASP D 35 5.06 15.61 47.58
CA ASP D 35 6.42 16.07 47.99
C ASP D 35 6.46 17.60 47.99
N GLU D 36 5.85 18.24 48.99
CA GLU D 36 5.80 19.69 49.08
C GLU D 36 7.20 20.22 49.27
N ILE D 37 7.63 21.13 48.40
CA ILE D 37 8.95 21.73 48.57
C ILE D 37 8.89 22.74 49.70
N GLN D 38 10.05 23.08 50.24
CA GLN D 38 10.15 24.04 51.32
C GLN D 38 10.52 25.39 50.71
N THR D 39 9.77 26.42 51.07
CA THR D 39 9.97 27.77 50.56
C THR D 39 9.30 28.70 51.56
N GLU D 40 9.99 29.78 51.94
CA GLU D 40 9.44 30.73 52.90
C GLU D 40 8.26 31.49 52.32
N ASN D 41 8.26 31.73 51.01
CA ASN D 41 7.08 32.24 50.33
C ASN D 41 6.04 31.14 50.31
N VAL D 42 5.05 31.25 51.19
CA VAL D 42 4.10 30.17 51.41
C VAL D 42 3.11 30.06 50.24
N HIS D 43 2.93 31.16 49.49
CA HIS D 43 2.08 31.16 48.29
C HIS D 43 2.65 30.25 47.21
N ALA D 44 3.97 30.23 47.03
CA ALA D 44 4.59 29.35 46.04
C ALA D 44 4.48 27.89 46.45
N LEU D 45 4.58 27.62 47.76
CA LEU D 45 4.38 26.28 48.30
C LEU D 45 2.97 25.78 48.05
N ILE D 46 1.98 26.63 48.30
CA ILE D 46 0.57 26.25 48.10
C ILE D 46 0.27 26.09 46.61
N LYS D 47 0.87 26.93 45.76
CA LYS D 47 0.67 26.83 44.32
C LYS D 47 1.24 25.54 43.76
N ASP D 48 2.46 25.15 44.16
CA ASP D 48 3.01 23.91 43.64
C ASP D 48 2.36 22.67 44.28
N LYS D 49 1.88 22.79 45.52
CA LYS D 49 1.15 21.69 46.14
C LYS D 49 -0.18 21.45 45.43
N LEU D 50 -0.86 22.53 45.05
CA LEU D 50 -2.10 22.38 44.29
C LEU D 50 -1.82 21.92 42.87
N LEU D 51 -0.67 22.28 42.30
CA LEU D 51 -0.27 21.76 40.99
C LEU D 51 -0.05 20.25 41.04
N LYS D 52 0.60 19.75 42.10
CA LYS D 52 0.78 18.32 42.23
C LYS D 52 -0.53 17.61 42.53
N ALA D 53 -1.43 18.27 43.28
CA ALA D 53 -2.76 17.70 43.53
C ALA D 53 -3.59 17.60 42.25
N PHE D 54 -3.54 18.63 41.42
CA PHE D 54 -4.27 18.60 40.17
C PHE D 54 -3.62 17.67 39.16
N LYS D 55 -2.30 17.46 39.26
CA LYS D 55 -1.65 16.45 38.44
C LYS D 55 -2.09 15.06 38.85
N LEU D 56 -2.28 14.83 40.14
CA LEU D 56 -2.65 13.50 40.61
C LEU D 56 -4.15 13.25 40.63
N VAL D 57 -4.99 14.27 40.43
CA VAL D 57 -6.43 14.05 40.43
C VAL D 57 -7.04 14.47 39.10
N GLY D 58 -6.88 15.74 38.74
CA GLY D 58 -7.46 16.26 37.52
C GLY D 58 -8.87 16.80 37.66
N ARG D 59 -9.45 16.71 38.85
CA ARG D 59 -10.77 17.21 39.16
C ARG D 59 -10.64 18.39 40.12
N PRO D 60 -11.76 19.11 40.46
CA PRO D 60 -11.69 20.11 41.53
C PRO D 60 -11.15 19.61 42.86
N VAL D 61 -10.01 20.18 43.27
CA VAL D 61 -9.29 19.74 44.46
C VAL D 61 -8.74 20.99 45.15
N PHE D 62 -8.66 20.93 46.47
CA PHE D 62 -8.11 22.02 47.27
C PHE D 62 -7.12 21.48 48.28
N VAL D 63 -6.14 22.31 48.64
CA VAL D 63 -5.14 21.96 49.64
C VAL D 63 -5.01 23.13 50.61
N GLU D 64 -4.23 22.91 51.67
CA GLU D 64 -4.04 23.91 52.69
C GLU D 64 -2.68 23.73 53.35
N HIS D 65 -2.19 24.80 53.96
CA HIS D 65 -1.02 24.73 54.83
C HIS D 65 -1.08 25.88 55.82
N THR D 66 -0.78 25.57 57.08
CA THR D 66 -0.83 26.54 58.17
C THR D 66 0.59 26.93 58.58
N GLY D 67 0.86 28.23 58.62
CA GLY D 67 2.16 28.74 58.98
C GLY D 67 2.13 29.61 60.23
N LEU D 68 3.32 29.98 60.67
CA LEU D 68 3.50 30.84 61.85
C LEU D 68 4.34 32.04 61.46
N TYR D 69 4.12 33.18 62.10
CA TYR D 69 4.86 34.40 61.75
C TYR D 69 5.12 35.18 63.03
N ILE D 70 6.29 34.96 63.61
CA ILE D 70 6.76 35.71 64.76
C ILE D 70 7.54 36.91 64.26
N GLU D 71 7.16 38.09 64.76
CA GLU D 71 7.89 39.31 64.41
C GLU D 71 9.27 39.35 65.03
N SER D 72 9.48 38.61 66.13
CA SER D 72 10.82 38.43 66.66
C SER D 72 11.69 37.61 65.73
N LEU D 73 11.11 36.62 65.06
CA LEU D 73 11.82 35.82 64.08
C LEU D 73 11.62 36.30 62.66
N ASN D 74 10.95 37.45 62.49
CA ASN D 74 10.62 38.08 61.18
C ASN D 74 9.80 37.15 60.29
N GLY D 75 8.87 36.41 60.90
CA GLY D 75 8.00 35.53 60.14
C GLY D 75 8.66 34.30 59.58
N PHE D 76 9.76 33.83 60.19
CA PHE D 76 10.50 32.70 59.65
C PHE D 76 9.79 31.35 59.73
N PRO D 77 9.00 30.99 60.82
CA PRO D 77 8.36 29.65 60.69
C PRO D 77 7.11 29.60 59.80
N GLY D 78 7.32 29.84 58.51
CA GLY D 78 6.27 29.93 57.53
C GLY D 78 6.10 28.59 56.82
N GLY D 79 6.75 28.41 55.67
CA GLY D 79 6.70 27.13 54.99
C GLY D 79 7.41 26.02 55.74
N LEU D 80 8.35 26.36 56.62
CA LEU D 80 9.06 25.38 57.43
C LEU D 80 8.48 25.27 58.83
N THR D 81 7.18 25.50 58.97
CA THR D 81 6.50 25.40 60.25
C THR D 81 6.53 23.97 60.78
N GLN D 82 6.33 23.00 59.89
CA GLN D 82 6.39 21.59 60.27
C GLN D 82 7.80 21.19 60.68
N ILE D 83 8.82 21.69 59.97
CA ILE D 83 10.21 21.39 60.25
C ILE D 83 10.61 21.98 61.61
N PHE D 84 10.14 23.20 61.89
CA PHE D 84 10.28 23.81 63.21
C PHE D 84 9.65 23.00 64.31
N TRP D 85 8.43 22.49 64.08
CA TRP D 85 7.73 21.79 65.15
C TRP D 85 8.37 20.44 65.46
N ASP D 86 8.72 19.65 64.43
CA ASP D 86 9.35 18.38 64.78
C ASP D 86 10.83 18.53 65.10
N LYS D 87 11.44 19.68 64.84
CA LYS D 87 12.82 19.86 65.28
C LYS D 87 12.91 20.46 66.66
N LEU D 88 11.86 21.13 67.15
CA LEU D 88 11.91 21.78 68.45
C LEU D 88 11.07 21.07 69.50
N GLN D 89 9.76 20.85 69.23
CA GLN D 89 8.67 20.46 70.13
C GLN D 89 8.33 21.54 71.16
N ALA D 90 7.36 21.22 72.02
CA ALA D 90 6.62 22.21 72.78
C ALA D 90 7.45 22.86 73.88
N ASP D 91 8.19 22.05 74.64
CA ASP D 91 8.98 22.55 75.77
C ASP D 91 10.12 23.45 75.29
N LYS D 92 10.80 23.03 74.21
CA LYS D 92 11.88 23.82 73.64
C LYS D 92 11.38 25.12 73.04
N PHE D 93 10.24 25.07 72.33
CA PHE D 93 9.66 26.29 71.77
C PHE D 93 9.16 27.22 72.88
N SER D 94 8.66 26.63 73.98
CA SER D 94 8.14 27.41 75.10
C SER D 94 9.26 28.16 75.81
N GLN D 95 10.39 27.48 76.08
CA GLN D 95 11.45 28.21 76.75
C GLN D 95 12.24 29.09 75.79
N LEU D 96 12.14 28.82 74.48
CA LEU D 96 12.89 29.64 73.54
C LEU D 96 12.17 30.93 73.20
N LEU D 97 10.84 30.90 73.07
CA LEU D 97 10.11 32.10 72.68
C LEU D 97 8.89 32.42 73.53
N GLY D 98 8.35 31.48 74.29
CA GLY D 98 7.27 31.82 75.22
C GLY D 98 7.75 32.60 76.43
N THR D 99 9.04 32.48 76.76
CA THR D 99 9.67 33.26 77.81
C THR D 99 10.42 34.46 77.26
N SER D 100 10.31 34.73 75.96
CA SER D 100 11.08 35.77 75.31
C SER D 100 10.46 37.15 75.58
N GLU D 101 11.14 38.18 75.07
CA GLU D 101 10.67 39.56 75.20
C GLU D 101 9.59 39.90 74.19
N ASN D 102 9.44 39.10 73.13
CA ASN D 102 8.40 39.29 72.12
C ASN D 102 7.61 37.98 72.01
N PRO D 103 6.48 37.87 72.70
CA PRO D 103 5.64 36.68 72.57
C PRO D 103 4.61 36.76 71.45
N ARG D 104 4.48 37.91 70.80
CA ARG D 104 3.46 38.10 69.78
C ARG D 104 3.85 37.42 68.47
N LEU D 105 2.86 36.83 67.81
CA LEU D 105 3.10 36.08 66.59
C LEU D 105 1.81 35.97 65.79
N VAL D 106 1.96 35.71 64.50
CA VAL D 106 0.86 35.61 63.55
C VAL D 106 0.77 34.17 63.07
N ALA D 107 -0.45 33.65 62.93
CA ALA D 107 -0.67 32.33 62.36
C ALA D 107 -1.71 32.43 61.26
N LYS D 108 -1.36 31.93 60.07
CA LYS D 108 -2.26 31.97 58.92
C LYS D 108 -2.39 30.60 58.29
N THR D 109 -3.61 30.26 57.90
CA THR D 109 -3.92 29.06 57.14
C THR D 109 -4.36 29.50 55.76
N ILE D 110 -3.53 29.22 54.78
CA ILE D 110 -3.81 29.59 53.39
C ILE D 110 -4.35 28.36 52.67
N ILE D 111 -5.44 28.54 51.95
CA ILE D 111 -6.13 27.45 51.28
C ILE D 111 -6.21 27.77 49.80
N GLY D 112 -5.53 26.98 48.98
CA GLY D 112 -5.59 27.11 47.54
C GLY D 112 -6.61 26.14 47.00
N TYR D 113 -7.41 26.61 46.05
CA TYR D 113 -8.45 25.81 45.44
C TYR D 113 -8.42 26.00 43.93
N CYS D 114 -8.52 24.89 43.21
CA CYS D 114 -8.55 24.91 41.75
C CYS D 114 -9.81 24.20 41.27
N ASP D 115 -10.62 24.91 40.48
CA ASP D 115 -11.86 24.37 39.93
C ASP D 115 -11.68 23.80 38.53
N SER D 116 -10.47 23.35 38.21
CA SER D 116 -10.02 22.84 36.89
C SER D 116 -10.15 23.88 35.78
N MET D 117 -10.22 25.16 36.13
CA MET D 117 -10.21 26.27 35.20
C MET D 117 -9.20 27.34 35.58
N LYS D 118 -9.07 27.63 36.88
CA LYS D 118 -8.21 28.69 37.41
C LYS D 118 -7.75 28.26 38.79
N ILE D 119 -6.72 28.92 39.32
CA ILE D 119 -6.26 28.66 40.68
C ILE D 119 -6.73 29.82 41.57
N TYR D 120 -7.45 29.47 42.64
CA TYR D 120 -7.98 30.46 43.58
C TYR D 120 -7.35 30.24 44.94
N ILE D 121 -7.02 31.35 45.60
CA ILE D 121 -6.29 31.35 46.86
C ILE D 121 -7.16 31.99 47.94
N PHE D 122 -7.31 31.31 49.07
CA PHE D 122 -8.04 31.83 50.21
C PHE D 122 -7.16 31.71 51.45
N GLU D 123 -7.36 32.62 52.40
CA GLU D 123 -6.52 32.66 53.59
C GLU D 123 -7.29 33.28 54.74
N GLY D 124 -6.82 33.01 55.95
CA GLY D 124 -7.39 33.57 57.16
C GLY D 124 -6.28 33.78 58.16
N GLU D 125 -6.46 34.77 59.03
CA GLU D 125 -5.40 35.20 59.94
C GLU D 125 -5.90 35.22 61.38
N THR D 126 -4.97 35.00 62.30
CA THR D 126 -5.27 35.04 63.73
C THR D 126 -4.03 35.47 64.47
N GLN D 127 -4.15 36.54 65.25
CA GLN D 127 -3.05 37.08 66.04
C GLN D 127 -3.09 36.50 67.45
N GLY D 128 -1.95 36.00 67.92
CA GLY D 128 -1.91 35.42 69.25
C GLY D 128 -0.58 35.56 69.95
N THR D 129 -0.41 34.86 71.08
CA THR D 129 0.82 34.90 71.85
C THR D 129 1.30 33.49 72.19
N ILE D 130 2.60 33.38 72.45
CA ILE D 130 3.23 32.10 72.75
C ILE D 130 3.22 31.88 74.25
N SER D 131 2.74 30.71 74.66
CA SER D 131 2.79 30.35 76.08
C SER D 131 4.22 29.99 76.48
N PRO D 132 4.64 30.34 77.70
CA PRO D 132 5.96 29.92 78.17
C PRO D 132 6.00 28.48 78.67
N VAL D 133 4.86 27.80 78.73
CA VAL D 133 4.79 26.42 79.18
C VAL D 133 3.81 25.64 78.31
N PRO D 134 4.11 24.38 78.01
CA PRO D 134 3.14 23.54 77.29
C PRO D 134 1.93 23.24 78.16
N LYS D 135 0.78 23.79 77.76
CA LYS D 135 -0.48 23.60 78.46
C LYS D 135 -1.39 22.72 77.62
N GLY D 136 -1.90 21.65 78.23
CA GLY D 136 -2.79 20.74 77.54
C GLY D 136 -2.03 19.66 76.80
N PRO D 137 -2.76 18.80 76.09
CA PRO D 137 -2.12 17.72 75.35
C PRO D 137 -1.45 18.24 74.09
N ARG D 138 -0.43 17.50 73.63
CA ARG D 138 0.39 17.87 72.50
C ARG D 138 0.10 16.98 71.29
N ASP D 139 -1.18 16.68 71.06
CA ASP D 139 -1.58 15.75 70.02
C ASP D 139 -1.42 16.35 68.62
N PHE D 140 -1.89 17.57 68.41
CA PHE D 140 -2.00 18.16 67.09
C PHE D 140 -1.24 19.48 67.03
N GLN D 141 0.04 19.38 66.65
CA GLN D 141 0.96 20.48 66.30
C GLN D 141 1.13 21.40 67.51
N TRP D 142 1.20 22.72 67.30
CA TRP D 142 1.50 23.68 68.34
C TRP D 142 0.26 24.20 69.05
N ASP D 143 -0.80 23.40 69.15
CA ASP D 143 -2.00 23.85 69.84
C ASP D 143 -1.83 23.92 71.34
N CYS D 144 -0.81 23.26 71.89
CA CYS D 144 -0.53 23.30 73.32
C CYS D 144 0.33 24.49 73.73
N ILE D 145 0.69 25.38 72.81
CA ILE D 145 1.42 26.59 73.15
C ILE D 145 0.79 27.86 72.60
N PHE D 146 -0.10 27.78 71.61
CA PHE D 146 -0.64 28.97 70.95
C PHE D 146 -1.80 29.52 71.76
N ILE D 147 -1.61 30.69 72.35
CA ILE D 147 -2.68 31.40 73.05
C ILE D 147 -3.11 32.57 72.18
N PRO D 148 -4.39 32.68 71.82
CA PRO D 148 -4.82 33.80 70.97
C PRO D 148 -5.03 35.06 71.79
N ASP D 149 -5.33 36.14 71.08
CA ASP D 149 -5.69 37.39 71.73
C ASP D 149 -7.05 37.26 72.40
N GLY D 150 -7.19 37.87 73.56
CA GLY D 150 -8.44 37.82 74.30
C GLY D 150 -8.67 36.54 75.06
N GLU D 151 -7.70 35.63 75.10
CA GLU D 151 -7.81 34.38 75.81
C GLU D 151 -6.56 34.17 76.66
N SER D 152 -6.64 33.20 77.57
CA SER D 152 -5.53 32.85 78.43
C SER D 152 -5.07 31.40 78.26
N GLU D 153 -5.83 30.57 77.57
CA GLU D 153 -5.49 29.17 77.39
C GLU D 153 -4.84 28.93 76.04
N THR D 154 -4.11 27.83 75.95
CA THR D 154 -3.59 27.34 74.68
C THR D 154 -4.71 26.63 73.94
N PHE D 155 -4.56 26.57 72.60
CA PHE D 155 -5.56 26.05 71.67
C PHE D 155 -6.00 24.61 71.94
N ALA D 156 -5.14 23.79 72.53
CA ALA D 156 -5.48 22.38 72.76
C ALA D 156 -6.28 22.14 74.02
N GLU D 157 -6.79 23.17 74.68
CA GLU D 157 -7.40 22.96 76.00
C GLU D 157 -8.93 22.99 76.00
N MET D 158 -9.57 23.89 75.24
CA MET D 158 -11.00 24.02 75.42
C MET D 158 -11.83 23.12 74.52
N GLY D 159 -11.24 22.39 73.57
CA GLY D 159 -12.07 21.54 72.75
C GLY D 159 -12.41 22.06 71.37
N ASP D 160 -13.60 22.68 71.21
CA ASP D 160 -14.10 23.06 69.90
C ASP D 160 -14.11 24.57 69.64
N ARG D 161 -13.90 25.40 70.66
CA ARG D 161 -13.86 26.85 70.44
C ARG D 161 -12.62 27.26 69.65
N LYS D 162 -11.55 26.45 69.71
CA LYS D 162 -10.40 26.63 68.82
C LYS D 162 -10.80 26.46 67.36
N ASN D 163 -11.66 25.49 67.06
CA ASN D 163 -12.18 25.35 65.70
C ASN D 163 -13.18 26.45 65.37
N GLU D 164 -13.81 27.03 66.38
CA GLU D 164 -14.71 28.16 66.14
C GLU D 164 -13.95 29.42 65.75
N ILE D 165 -12.78 29.66 66.36
CA ILE D 165 -12.10 30.94 66.21
C ILE D 165 -10.80 30.83 65.42
N SER D 166 -10.54 29.70 64.76
CA SER D 166 -9.26 29.52 64.08
C SER D 166 -9.18 30.36 62.80
N MET D 167 -7.94 30.62 62.39
CA MET D 167 -7.69 31.22 61.10
C MET D 167 -8.02 30.27 59.96
N ARG D 168 -7.98 28.95 60.23
CA ARG D 168 -8.48 27.97 59.28
C ARG D 168 -10.00 28.08 59.14
N LYS D 169 -10.69 28.41 60.23
CA LYS D 169 -12.14 28.60 60.17
C LYS D 169 -12.49 29.85 59.36
N LYS D 170 -11.72 30.93 59.52
CA LYS D 170 -11.97 32.14 58.73
C LYS D 170 -11.64 31.93 57.26
N ALA D 171 -10.57 31.18 56.98
CA ALA D 171 -10.21 30.85 55.61
C ALA D 171 -11.25 29.95 54.96
N PHE D 172 -11.78 28.98 55.72
CA PHE D 172 -12.82 28.10 55.20
C PHE D 172 -14.15 28.83 55.07
N ASP D 173 -14.38 29.86 55.90
CA ASP D 173 -15.58 30.67 55.74
C ASP D 173 -15.47 31.55 54.50
N LYS D 174 -14.27 32.03 54.19
CA LYS D 174 -14.05 32.74 52.92
C LYS D 174 -14.24 31.81 51.73
N PHE D 175 -13.77 30.56 51.88
CA PHE D 175 -13.98 29.53 50.87
C PHE D 175 -15.46 29.23 50.68
N LYS D 176 -16.22 29.16 51.78
CA LYS D 176 -17.65 28.92 51.74
C LYS D 176 -18.39 30.09 51.11
N GLU D 177 -17.96 31.32 51.39
CA GLU D 177 -18.55 32.49 50.77
C GLU D 177 -18.22 32.58 49.30
N TYR D 178 -17.09 32.01 48.88
CA TYR D 178 -16.86 31.86 47.45
C TYR D 178 -17.79 30.82 46.84
N LEU D 179 -17.88 29.65 47.45
CA LEU D 179 -18.59 28.56 46.78
C LEU D 179 -20.10 28.62 46.97
N LEU D 180 -20.61 29.56 47.76
CA LEU D 180 -22.05 29.65 47.95
C LEU D 180 -22.73 30.59 46.96
N GLU D 181 -21.98 31.35 46.17
CA GLU D 181 -22.59 32.22 45.17
C GLU D 181 -22.54 31.63 43.77
N GLY D 182 -22.20 30.36 43.63
CA GLY D 182 -22.15 29.70 42.34
C GLY D 182 -20.77 29.53 41.75
N GLY D 183 -19.72 29.93 42.46
CA GLY D 183 -18.36 29.84 41.96
C GLY D 183 -18.06 30.75 40.80
N LYS D 184 -18.64 31.95 40.81
CA LYS D 184 -18.45 32.92 39.72
C LYS D 184 -17.17 33.71 39.91
N MET E 1 -29.10 -2.09 -51.50
CA MET E 1 -28.18 -2.65 -50.52
C MET E 1 -27.67 -4.01 -50.97
N ASN E 2 -26.53 -4.43 -50.43
CA ASN E 2 -25.82 -5.61 -50.89
C ASN E 2 -25.99 -6.76 -49.90
N ILE E 3 -26.31 -7.93 -50.43
CA ILE E 3 -26.44 -9.16 -49.63
C ILE E 3 -25.37 -10.13 -50.10
N ARG E 4 -24.52 -10.57 -49.18
CA ARG E 4 -23.42 -11.44 -49.57
C ARG E 4 -23.87 -12.90 -49.69
N PHE E 5 -23.15 -13.65 -50.51
CA PHE E 5 -23.36 -15.08 -50.68
C PHE E 5 -22.04 -15.79 -50.48
N ILE E 6 -22.12 -16.99 -49.89
CA ILE E 6 -20.91 -17.77 -49.66
C ILE E 6 -21.03 -19.13 -50.34
N THR E 7 -20.60 -19.19 -51.61
CA THR E 7 -20.68 -20.39 -52.42
C THR E 7 -19.50 -20.33 -53.40
N ARG E 8 -19.05 -21.47 -53.89
CA ARG E 8 -17.91 -21.54 -54.81
C ARG E 8 -18.28 -22.26 -56.10
N ASN E 9 -19.40 -21.87 -56.72
CA ASN E 9 -19.76 -22.39 -58.02
C ASN E 9 -20.51 -21.31 -58.80
N ARG E 10 -20.30 -21.30 -60.12
CA ARG E 10 -20.80 -20.23 -60.97
C ARG E 10 -22.26 -20.41 -61.37
N HIS E 11 -22.77 -21.65 -61.33
CA HIS E 11 -24.16 -21.93 -61.70
C HIS E 11 -25.14 -21.22 -60.78
N LYS E 12 -24.87 -21.27 -59.47
CA LYS E 12 -25.74 -20.65 -58.50
C LYS E 12 -25.64 -19.13 -58.54
N ILE E 13 -24.44 -18.61 -58.83
CA ILE E 13 -24.23 -17.17 -58.96
C ILE E 13 -24.98 -16.62 -60.16
N LYS E 14 -24.89 -17.31 -61.30
CA LYS E 14 -25.63 -16.88 -62.49
C LYS E 14 -27.13 -17.07 -62.34
N GLU E 15 -27.55 -18.11 -61.60
CA GLU E 15 -28.97 -18.33 -61.36
C GLU E 15 -29.57 -17.26 -60.46
N ILE E 16 -28.85 -16.85 -59.42
CA ILE E 16 -29.40 -15.77 -58.59
C ILE E 16 -29.24 -14.41 -59.26
N ASN E 17 -28.28 -14.26 -60.18
CA ASN E 17 -28.21 -13.01 -60.94
C ASN E 17 -29.36 -12.92 -61.92
N LYS E 18 -29.79 -14.05 -62.48
CA LYS E 18 -30.97 -14.07 -63.34
C LYS E 18 -32.25 -13.89 -62.53
N ILE E 19 -32.35 -14.53 -61.36
CA ILE E 19 -33.59 -14.52 -60.59
C ILE E 19 -33.79 -13.16 -59.91
N LEU E 20 -32.75 -12.64 -59.26
CA LEU E 20 -32.86 -11.36 -58.56
C LEU E 20 -32.45 -10.18 -59.42
N SER E 21 -32.65 -10.26 -60.73
CA SER E 21 -32.38 -9.13 -61.61
C SER E 21 -33.44 -8.06 -61.42
N GLY E 22 -33.00 -6.86 -61.05
CA GLY E 22 -33.91 -5.75 -60.91
C GLY E 22 -34.81 -5.77 -59.69
N THR E 23 -34.50 -6.60 -58.70
CA THR E 23 -35.31 -6.70 -57.49
C THR E 23 -34.91 -5.68 -56.43
N GLY E 24 -33.95 -4.81 -56.72
CA GLY E 24 -33.53 -3.77 -55.81
C GLY E 24 -32.32 -4.10 -54.96
N VAL E 25 -31.94 -5.37 -54.87
CA VAL E 25 -30.79 -5.78 -54.07
C VAL E 25 -29.70 -6.27 -55.01
N VAL E 26 -28.45 -6.21 -54.54
CA VAL E 26 -27.29 -6.71 -55.26
C VAL E 26 -26.73 -7.89 -54.47
N VAL E 27 -26.35 -8.95 -55.17
CA VAL E 27 -25.80 -10.13 -54.53
C VAL E 27 -24.32 -10.21 -54.84
N LEU E 28 -23.50 -10.37 -53.80
CA LEU E 28 -22.07 -10.52 -53.92
C LEU E 28 -21.65 -11.90 -53.44
N ALA E 29 -20.56 -12.39 -54.00
CA ALA E 29 -20.03 -13.71 -53.64
C ALA E 29 -18.75 -13.56 -52.82
N SER E 30 -18.36 -14.65 -52.18
CA SER E 30 -17.13 -14.71 -51.41
C SER E 30 -16.42 -16.02 -51.71
N GLU E 31 -15.16 -16.10 -51.27
CA GLU E 31 -14.27 -17.19 -51.65
C GLU E 31 -14.26 -18.33 -50.63
N HIS E 32 -14.61 -18.05 -49.38
CA HIS E 32 -14.42 -18.96 -48.24
C HIS E 32 -15.23 -20.25 -48.36
N SER E 33 -14.86 -21.23 -47.54
CA SER E 33 -15.58 -22.49 -47.51
C SER E 33 -16.41 -22.57 -46.24
N ILE E 34 -17.47 -23.36 -46.30
CA ILE E 34 -18.36 -23.56 -45.16
C ILE E 34 -18.28 -25.02 -44.74
N ASP E 35 -17.82 -25.25 -43.53
CA ASP E 35 -17.78 -26.61 -42.98
C ASP E 35 -19.20 -26.97 -42.59
N GLU E 36 -19.96 -27.47 -43.56
CA GLU E 36 -21.33 -27.87 -43.30
C GLU E 36 -21.34 -29.18 -42.54
N ILE E 37 -21.90 -29.17 -41.33
CA ILE E 37 -21.96 -30.40 -40.56
C ILE E 37 -23.05 -31.30 -41.13
N GLN E 38 -22.75 -32.59 -41.14
CA GLN E 38 -23.63 -33.61 -41.67
C GLN E 38 -24.59 -34.13 -40.59
N THR E 39 -25.87 -33.86 -40.80
CA THR E 39 -26.93 -34.26 -39.90
C THR E 39 -28.19 -34.51 -40.72
N GLU E 40 -29.17 -35.14 -40.07
CA GLU E 40 -30.44 -35.44 -40.74
C GLU E 40 -31.26 -34.18 -40.96
N ASN E 41 -31.27 -33.28 -39.97
CA ASN E 41 -32.12 -32.10 -40.03
C ASN E 41 -31.54 -31.10 -41.01
N VAL E 42 -32.31 -30.80 -42.06
CA VAL E 42 -31.92 -29.78 -43.02
C VAL E 42 -32.00 -28.40 -42.39
N HIS E 43 -32.96 -28.22 -41.45
CA HIS E 43 -33.08 -26.96 -40.73
C HIS E 43 -31.88 -26.69 -39.83
N ALA E 44 -31.36 -27.72 -39.16
CA ALA E 44 -30.17 -27.55 -38.34
C ALA E 44 -28.93 -27.31 -39.20
N LEU E 45 -28.89 -27.95 -40.38
CA LEU E 45 -27.84 -27.67 -41.36
C LEU E 45 -27.88 -26.23 -41.85
N ILE E 46 -29.07 -25.71 -42.17
CA ILE E 46 -29.16 -24.36 -42.67
C ILE E 46 -28.92 -23.36 -41.55
N LYS E 47 -29.20 -23.74 -40.30
CA LYS E 47 -28.91 -22.88 -39.17
C LYS E 47 -27.42 -22.81 -38.90
N ASP E 48 -26.73 -23.95 -38.98
CA ASP E 48 -25.29 -23.97 -38.78
C ASP E 48 -24.56 -23.26 -39.90
N LYS E 49 -25.01 -23.44 -41.14
CA LYS E 49 -24.38 -22.78 -42.27
C LYS E 49 -24.58 -21.28 -42.23
N LEU E 50 -25.79 -20.83 -41.86
CA LEU E 50 -26.08 -19.40 -41.74
C LEU E 50 -25.30 -18.79 -40.58
N LEU E 51 -25.19 -19.52 -39.47
CA LEU E 51 -24.45 -19.05 -38.30
C LEU E 51 -22.97 -18.92 -38.58
N LYS E 52 -22.39 -19.92 -39.27
CA LYS E 52 -20.98 -19.87 -39.63
C LYS E 52 -20.71 -18.80 -40.67
N ALA E 53 -21.65 -18.57 -41.59
CA ALA E 53 -21.51 -17.51 -42.58
C ALA E 53 -21.54 -16.13 -41.95
N PHE E 54 -22.45 -15.92 -41.00
CA PHE E 54 -22.49 -14.63 -40.31
C PHE E 54 -21.33 -14.46 -39.35
N LYS E 55 -20.76 -15.56 -38.84
CA LYS E 55 -19.50 -15.46 -38.13
C LYS E 55 -18.37 -15.05 -39.06
N LEU E 56 -18.42 -15.50 -40.31
CA LEU E 56 -17.35 -15.21 -41.26
C LEU E 56 -17.39 -13.76 -41.75
N VAL E 57 -18.58 -13.24 -42.04
CA VAL E 57 -18.65 -11.92 -42.67
C VAL E 57 -19.29 -10.85 -41.79
N GLY E 58 -20.27 -11.17 -40.95
CA GLY E 58 -20.92 -10.14 -40.16
C GLY E 58 -21.76 -9.16 -40.94
N ARG E 59 -22.25 -9.56 -42.10
CA ARG E 59 -23.05 -8.78 -43.02
C ARG E 59 -24.25 -9.63 -43.41
N PRO E 60 -25.34 -9.03 -43.91
CA PRO E 60 -26.54 -9.82 -44.25
C PRO E 60 -26.29 -10.86 -45.34
N VAL E 61 -26.65 -12.10 -45.02
CA VAL E 61 -26.29 -13.26 -45.84
C VAL E 61 -27.47 -14.23 -45.88
N PHE E 62 -27.80 -14.70 -47.07
CA PHE E 62 -28.61 -15.88 -47.27
C PHE E 62 -27.68 -17.03 -47.65
N VAL E 63 -28.06 -18.26 -47.27
CA VAL E 63 -27.33 -19.47 -47.64
C VAL E 63 -28.31 -20.45 -48.30
N GLU E 64 -27.75 -21.54 -48.87
CA GLU E 64 -28.54 -22.50 -49.64
C GLU E 64 -28.24 -23.93 -49.22
N HIS E 65 -29.22 -24.81 -49.46
CA HIS E 65 -29.04 -26.25 -49.41
C HIS E 65 -30.18 -26.91 -50.18
N THR E 66 -29.87 -27.97 -50.92
CA THR E 66 -30.85 -28.75 -51.65
C THR E 66 -30.61 -30.22 -51.38
N GLY E 67 -31.65 -30.93 -50.91
CA GLY E 67 -31.50 -32.32 -50.53
C GLY E 67 -32.60 -33.18 -51.10
N LEU E 68 -32.48 -34.49 -50.85
CA LEU E 68 -33.41 -35.50 -51.33
C LEU E 68 -34.03 -36.26 -50.17
N TYR E 69 -35.26 -36.73 -50.38
CA TYR E 69 -35.94 -37.63 -49.44
C TYR E 69 -36.59 -38.74 -50.24
N ILE E 70 -36.24 -39.98 -49.90
CA ILE E 70 -36.79 -41.16 -50.57
C ILE E 70 -38.07 -41.56 -49.84
N GLU E 71 -39.14 -41.74 -50.61
CA GLU E 71 -40.37 -42.17 -50.01
C GLU E 71 -40.14 -43.54 -49.43
N SER E 72 -39.06 -44.19 -49.86
CA SER E 72 -38.78 -45.52 -49.36
C SER E 72 -37.94 -45.45 -48.10
N LEU E 73 -36.88 -44.66 -48.15
CA LEU E 73 -36.00 -44.58 -46.99
C LEU E 73 -36.56 -43.61 -45.98
N ASN E 74 -37.88 -43.44 -46.00
CA ASN E 74 -38.51 -42.50 -45.10
C ASN E 74 -37.80 -41.16 -45.21
N GLY E 75 -37.40 -40.80 -46.42
CA GLY E 75 -36.67 -39.56 -46.61
C GLY E 75 -35.29 -39.68 -46.02
N PHE E 76 -34.29 -39.93 -46.85
CA PHE E 76 -32.97 -40.14 -46.26
C PHE E 76 -31.88 -39.17 -46.67
N PRO E 77 -31.63 -39.03 -47.97
CA PRO E 77 -30.53 -38.12 -48.29
C PRO E 77 -30.63 -36.85 -47.46
N GLY E 78 -31.84 -36.36 -47.24
CA GLY E 78 -32.05 -35.17 -46.42
C GLY E 78 -30.94 -34.15 -46.58
N GLY E 79 -30.07 -34.06 -45.59
CA GLY E 79 -28.95 -33.15 -45.68
C GLY E 79 -27.77 -33.96 -46.11
N LEU E 80 -27.66 -35.18 -45.59
CA LEU E 80 -26.58 -36.06 -46.01
C LEU E 80 -26.68 -36.41 -47.49
N THR E 81 -27.44 -35.63 -48.26
CA THR E 81 -27.65 -35.88 -49.68
C THR E 81 -26.37 -35.75 -50.49
N GLN E 82 -25.52 -34.79 -50.12
CA GLN E 82 -24.27 -34.56 -50.85
C GLN E 82 -23.30 -35.72 -50.66
N ILE E 83 -23.15 -36.20 -49.41
CA ILE E 83 -22.27 -37.33 -49.19
C ILE E 83 -22.90 -38.63 -49.69
N PHE E 84 -24.22 -38.69 -49.78
CA PHE E 84 -24.89 -39.83 -50.40
C PHE E 84 -24.62 -39.88 -51.89
N TRP E 85 -24.63 -38.70 -52.53
CA TRP E 85 -24.36 -38.61 -53.97
C TRP E 85 -22.91 -38.93 -54.29
N ASP E 86 -21.97 -38.38 -53.52
CA ASP E 86 -20.56 -38.71 -53.76
C ASP E 86 -20.20 -40.11 -53.31
N LYS E 87 -21.02 -40.77 -52.48
CA LYS E 87 -20.78 -42.16 -52.19
C LYS E 87 -21.37 -43.09 -53.26
N LEU E 88 -22.46 -42.69 -53.90
CA LEU E 88 -23.15 -43.65 -54.76
C LEU E 88 -23.00 -43.39 -56.26
N GLN E 89 -23.10 -42.13 -56.70
CA GLN E 89 -23.14 -41.67 -58.10
C GLN E 89 -24.36 -42.15 -58.88
N ALA E 90 -24.47 -41.70 -60.13
CA ALA E 90 -25.73 -41.68 -60.85
C ALA E 90 -26.23 -43.06 -61.24
N ASP E 91 -25.36 -43.88 -61.84
CA ASP E 91 -25.80 -45.17 -62.37
C ASP E 91 -26.08 -46.16 -61.26
N LYS E 92 -25.25 -46.16 -60.22
CA LYS E 92 -25.48 -47.04 -59.07
C LYS E 92 -26.70 -46.59 -58.28
N PHE E 93 -26.94 -45.28 -58.21
CA PHE E 93 -28.14 -44.75 -57.57
C PHE E 93 -29.39 -45.16 -58.33
N SER E 94 -29.36 -45.08 -59.66
CA SER E 94 -30.50 -45.44 -60.48
C SER E 94 -30.78 -46.94 -60.43
N GLN E 95 -29.71 -47.76 -60.42
CA GLN E 95 -29.88 -49.20 -60.32
C GLN E 95 -30.40 -49.60 -58.94
N LEU E 96 -29.95 -48.94 -57.88
CA LEU E 96 -30.36 -49.33 -56.54
C LEU E 96 -31.76 -48.83 -56.20
N LEU E 97 -32.16 -47.67 -56.70
CA LEU E 97 -33.44 -47.10 -56.27
C LEU E 97 -34.49 -46.95 -57.37
N GLY E 98 -34.09 -46.66 -58.61
CA GLY E 98 -35.06 -46.52 -59.68
C GLY E 98 -35.69 -47.83 -60.11
N THR E 99 -35.02 -48.95 -59.87
CA THR E 99 -35.55 -50.26 -60.17
C THR E 99 -36.37 -50.85 -59.04
N SER E 100 -36.61 -50.09 -57.97
CA SER E 100 -37.43 -50.54 -56.86
C SER E 100 -38.92 -50.39 -57.23
N GLU E 101 -39.78 -50.81 -56.30
CA GLU E 101 -41.21 -50.75 -56.54
C GLU E 101 -41.75 -49.32 -56.46
N ASN E 102 -41.12 -48.46 -55.67
CA ASN E 102 -41.57 -47.09 -55.48
C ASN E 102 -40.51 -46.08 -55.89
N PRO E 103 -40.53 -45.62 -57.16
CA PRO E 103 -39.50 -44.62 -57.47
C PRO E 103 -39.88 -43.19 -57.09
N ARG E 104 -40.97 -42.99 -56.36
CA ARG E 104 -41.33 -41.64 -55.91
C ARG E 104 -40.37 -41.15 -54.84
N LEU E 105 -40.02 -39.88 -54.91
CA LEU E 105 -39.12 -39.27 -53.94
C LEU E 105 -39.35 -37.76 -53.92
N VAL E 106 -39.06 -37.15 -52.78
CA VAL E 106 -39.31 -35.73 -52.53
C VAL E 106 -37.96 -35.03 -52.42
N ALA E 107 -37.88 -33.81 -52.95
CA ALA E 107 -36.69 -32.99 -52.85
C ALA E 107 -37.07 -31.58 -52.41
N LYS E 108 -36.23 -30.97 -51.57
CA LYS E 108 -36.48 -29.63 -51.06
C LYS E 108 -35.23 -28.77 -51.18
N THR E 109 -35.46 -27.49 -51.44
CA THR E 109 -34.42 -26.48 -51.41
C THR E 109 -34.80 -25.46 -50.36
N ILE E 110 -33.94 -25.29 -49.35
CA ILE E 110 -34.22 -24.39 -48.24
C ILE E 110 -33.19 -23.28 -48.25
N ILE E 111 -33.66 -22.03 -48.28
CA ILE E 111 -32.81 -20.85 -48.25
C ILE E 111 -32.91 -20.25 -46.86
N GLY E 112 -31.79 -20.18 -46.16
CA GLY E 112 -31.76 -19.57 -44.85
C GLY E 112 -31.13 -18.19 -44.90
N TYR E 113 -31.93 -17.15 -44.64
CA TYR E 113 -31.49 -15.77 -44.78
C TYR E 113 -31.46 -15.08 -43.43
N CYS E 114 -30.39 -14.36 -43.16
CA CYS E 114 -30.27 -13.50 -41.98
C CYS E 114 -29.95 -12.10 -42.44
N ASP E 115 -30.52 -11.11 -41.74
CA ASP E 115 -30.40 -9.71 -42.10
C ASP E 115 -29.66 -8.92 -41.03
N SER E 116 -28.78 -9.60 -40.29
CA SER E 116 -28.07 -9.15 -39.08
C SER E 116 -29.02 -8.77 -37.94
N MET E 117 -30.26 -9.20 -37.98
CA MET E 117 -31.24 -8.94 -36.95
C MET E 117 -31.97 -10.19 -36.49
N LYS E 118 -32.34 -11.07 -37.41
CA LYS E 118 -33.04 -12.32 -37.11
C LYS E 118 -32.55 -13.37 -38.09
N ILE E 119 -33.27 -14.49 -38.18
CA ILE E 119 -33.07 -15.48 -39.21
C ILE E 119 -34.40 -15.69 -39.93
N TYR E 120 -34.32 -16.15 -41.18
CA TYR E 120 -35.51 -16.38 -41.98
C TYR E 120 -35.32 -17.65 -42.80
N ILE E 121 -36.35 -18.49 -42.84
CA ILE E 121 -36.31 -19.77 -43.54
C ILE E 121 -37.34 -19.73 -44.66
N PHE E 122 -36.91 -20.08 -45.87
CA PHE E 122 -37.77 -20.16 -47.04
C PHE E 122 -37.63 -21.55 -47.65
N GLU E 123 -38.75 -22.19 -47.93
CA GLU E 123 -38.77 -23.56 -48.41
C GLU E 123 -39.36 -23.65 -49.80
N GLY E 124 -39.36 -24.88 -50.32
CA GLY E 124 -39.93 -25.19 -51.63
C GLY E 124 -39.69 -26.64 -51.97
N GLU E 125 -40.71 -27.33 -52.47
CA GLU E 125 -40.61 -28.75 -52.77
C GLU E 125 -41.15 -29.03 -54.17
N THR E 126 -40.65 -30.11 -54.76
CA THR E 126 -41.13 -30.59 -56.06
C THR E 126 -40.98 -32.10 -56.08
N GLN E 127 -42.10 -32.81 -56.19
CA GLN E 127 -42.08 -34.26 -56.19
C GLN E 127 -41.72 -34.81 -57.56
N GLY E 128 -41.56 -36.12 -57.64
CA GLY E 128 -41.29 -36.74 -58.92
C GLY E 128 -40.80 -38.16 -58.76
N THR E 129 -40.01 -38.61 -59.74
CA THR E 129 -39.58 -39.99 -59.82
C THR E 129 -38.08 -40.07 -60.11
N ILE E 130 -37.52 -41.26 -59.94
CA ILE E 130 -36.15 -41.56 -60.31
C ILE E 130 -36.16 -42.49 -61.50
N SER E 131 -35.46 -42.10 -62.56
CA SER E 131 -35.33 -42.95 -63.74
C SER E 131 -34.43 -44.15 -63.44
N PRO E 132 -34.69 -45.31 -64.05
CA PRO E 132 -33.80 -46.46 -63.87
C PRO E 132 -32.44 -46.30 -64.53
N VAL E 133 -32.29 -45.37 -65.47
CA VAL E 133 -31.01 -45.10 -66.10
C VAL E 133 -30.79 -43.58 -66.06
N PRO E 134 -29.56 -43.11 -65.87
CA PRO E 134 -29.33 -41.67 -65.93
C PRO E 134 -29.37 -41.17 -67.37
N LYS E 135 -30.19 -40.15 -67.60
CA LYS E 135 -30.34 -39.55 -68.92
C LYS E 135 -29.87 -38.10 -68.86
N GLY E 136 -29.16 -37.67 -69.89
CA GLY E 136 -28.63 -36.34 -69.94
C GLY E 136 -27.24 -36.27 -69.35
N PRO E 137 -26.58 -35.12 -69.48
CA PRO E 137 -25.23 -34.98 -68.92
C PRO E 137 -25.26 -34.86 -67.41
N ARG E 138 -24.36 -35.61 -66.76
CA ARG E 138 -24.32 -35.71 -65.32
C ARG E 138 -23.31 -34.76 -64.69
N ASP E 139 -23.04 -33.62 -65.33
CA ASP E 139 -22.06 -32.68 -64.81
C ASP E 139 -22.59 -31.88 -63.63
N PHE E 140 -23.91 -31.79 -63.47
CA PHE E 140 -24.52 -30.99 -62.41
C PHE E 140 -25.36 -31.89 -61.51
N GLN E 141 -24.72 -32.44 -60.47
CA GLN E 141 -25.26 -33.22 -59.35
C GLN E 141 -26.32 -34.26 -59.75
N TRP E 142 -27.37 -34.50 -58.97
CA TRP E 142 -28.30 -35.59 -59.27
C TRP E 142 -29.40 -35.20 -60.25
N ASP E 143 -29.17 -34.20 -61.11
CA ASP E 143 -30.17 -33.77 -62.08
C ASP E 143 -30.43 -34.82 -63.16
N CYS E 144 -29.46 -35.69 -63.42
CA CYS E 144 -29.61 -36.70 -64.46
C CYS E 144 -30.49 -37.88 -64.03
N ILE E 145 -30.84 -37.99 -62.76
CA ILE E 145 -31.61 -39.14 -62.29
C ILE E 145 -32.99 -38.78 -61.78
N PHE E 146 -33.24 -37.54 -61.36
CA PHE E 146 -34.57 -37.13 -60.90
C PHE E 146 -35.41 -36.79 -62.12
N ILE E 147 -36.61 -37.37 -62.19
CA ILE E 147 -37.61 -36.97 -63.17
C ILE E 147 -38.78 -36.37 -62.42
N PRO E 148 -39.16 -35.11 -62.69
CA PRO E 148 -40.25 -34.48 -61.95
C PRO E 148 -41.61 -34.95 -62.44
N ASP E 149 -42.63 -34.57 -61.68
CA ASP E 149 -43.99 -34.89 -62.07
C ASP E 149 -44.46 -33.97 -63.18
N GLY E 150 -45.22 -34.54 -64.13
CA GLY E 150 -45.67 -33.80 -65.29
C GLY E 150 -44.68 -33.73 -66.43
N GLU E 151 -43.49 -34.31 -66.27
CA GLU E 151 -42.46 -34.31 -67.29
C GLU E 151 -41.98 -35.73 -67.52
N SER E 152 -41.48 -35.99 -68.72
CA SER E 152 -40.94 -37.29 -69.09
C SER E 152 -39.42 -37.26 -69.17
N GLU E 153 -38.79 -36.18 -68.73
CA GLU E 153 -37.35 -36.00 -68.86
C GLU E 153 -36.72 -35.86 -67.48
N THR E 154 -35.40 -35.96 -67.44
CA THR E 154 -34.68 -35.72 -66.21
C THR E 154 -34.41 -34.22 -66.04
N PHE E 155 -34.00 -33.83 -64.81
CA PHE E 155 -33.73 -32.42 -64.51
C PHE E 155 -32.56 -31.87 -65.33
N ALA E 156 -31.57 -32.71 -65.65
CA ALA E 156 -30.53 -32.30 -66.57
C ALA E 156 -30.99 -32.32 -68.02
N GLU E 157 -32.05 -33.07 -68.33
CA GLU E 157 -32.54 -33.14 -69.70
C GLU E 157 -33.38 -31.93 -70.07
N MET E 158 -34.14 -31.37 -69.13
CA MET E 158 -34.93 -30.18 -69.44
C MET E 158 -34.05 -28.95 -69.61
N GLY E 159 -32.96 -28.86 -68.85
CA GLY E 159 -32.00 -27.79 -69.04
C GLY E 159 -32.44 -26.41 -68.59
N ASP E 160 -32.73 -25.52 -69.55
CA ASP E 160 -33.04 -24.13 -69.23
C ASP E 160 -34.43 -23.98 -68.63
N ARG E 161 -35.38 -24.84 -69.00
CA ARG E 161 -36.73 -24.75 -68.47
C ARG E 161 -36.86 -25.35 -67.07
N LYS E 162 -35.81 -26.03 -66.59
CA LYS E 162 -35.76 -26.49 -65.21
C LYS E 162 -35.74 -25.32 -64.23
N ASN E 163 -35.14 -24.20 -64.63
CA ASN E 163 -34.97 -23.01 -63.79
C ASN E 163 -36.28 -22.31 -63.46
N GLU E 164 -37.39 -22.66 -64.10
CA GLU E 164 -38.69 -22.10 -63.77
C GLU E 164 -39.61 -23.11 -63.09
N ILE E 165 -39.25 -24.40 -63.09
CA ILE E 165 -40.07 -25.43 -62.48
C ILE E 165 -39.37 -26.11 -61.32
N SER E 166 -38.20 -25.63 -60.93
CA SER E 166 -37.49 -26.22 -59.81
C SER E 166 -38.04 -25.72 -58.49
N MET E 167 -37.79 -26.50 -57.43
CA MET E 167 -38.13 -26.05 -56.09
C MET E 167 -37.16 -24.97 -55.60
N ARG E 168 -35.97 -24.91 -56.20
CA ARG E 168 -35.04 -23.82 -55.97
C ARG E 168 -35.63 -22.50 -56.47
N LYS E 169 -36.33 -22.56 -57.61
CA LYS E 169 -37.03 -21.40 -58.14
C LYS E 169 -38.15 -20.96 -57.20
N LYS E 170 -38.87 -21.92 -56.59
CA LYS E 170 -39.93 -21.58 -55.66
C LYS E 170 -39.39 -20.93 -54.38
N ALA E 171 -38.28 -21.46 -53.86
CA ALA E 171 -37.65 -20.86 -52.69
C ALA E 171 -37.11 -19.47 -53.01
N PHE E 172 -36.56 -19.29 -54.21
CA PHE E 172 -36.03 -17.99 -54.58
C PHE E 172 -37.11 -16.97 -54.89
N ASP E 173 -38.27 -17.38 -55.42
CA ASP E 173 -39.31 -16.39 -55.60
C ASP E 173 -40.03 -16.07 -54.29
N LYS E 174 -40.03 -17.01 -53.33
CA LYS E 174 -40.48 -16.66 -51.98
C LYS E 174 -39.53 -15.66 -51.32
N PHE E 175 -38.22 -15.83 -51.55
CA PHE E 175 -37.22 -14.87 -51.10
C PHE E 175 -37.38 -13.53 -51.79
N LYS E 176 -37.73 -13.54 -53.07
CA LYS E 176 -38.00 -12.31 -53.82
C LYS E 176 -39.25 -11.61 -53.30
N GLU E 177 -40.26 -12.40 -52.92
CA GLU E 177 -41.48 -11.86 -52.31
C GLU E 177 -41.19 -11.22 -50.97
N TYR E 178 -40.33 -11.84 -50.16
CA TYR E 178 -39.95 -11.26 -48.88
C TYR E 178 -39.11 -10.01 -49.07
N LEU E 179 -38.17 -10.03 -50.01
CA LEU E 179 -37.26 -8.91 -50.21
C LEU E 179 -37.93 -7.71 -50.85
N LEU E 180 -38.96 -7.94 -51.68
CA LEU E 180 -39.67 -6.84 -52.30
C LEU E 180 -40.65 -6.15 -51.36
N GLU E 181 -40.93 -6.73 -50.19
CA GLU E 181 -41.79 -6.12 -49.19
C GLU E 181 -41.01 -5.22 -48.23
N GLY E 182 -39.82 -4.77 -48.61
CA GLY E 182 -38.96 -4.02 -47.74
C GLY E 182 -38.12 -4.87 -46.81
N GLY E 183 -38.18 -6.20 -46.93
CA GLY E 183 -37.48 -7.09 -46.04
C GLY E 183 -38.03 -7.10 -44.63
N LYS E 184 -39.32 -6.84 -44.47
CA LYS E 184 -39.94 -6.75 -43.15
C LYS E 184 -40.18 -8.13 -42.55
N MET F 1 -4.70 -49.98 -11.77
CA MET F 1 -5.02 -49.13 -12.91
C MET F 1 -6.51 -49.19 -13.21
N ASN F 2 -7.14 -48.03 -13.34
CA ASN F 2 -8.56 -47.92 -13.62
C ASN F 2 -8.77 -47.21 -14.95
N ILE F 3 -9.71 -47.70 -15.74
CA ILE F 3 -10.06 -47.11 -17.02
C ILE F 3 -11.54 -46.81 -17.03
N ARG F 4 -11.89 -45.54 -17.22
CA ARG F 4 -13.29 -45.16 -17.28
C ARG F 4 -13.88 -45.59 -18.63
N PHE F 5 -15.20 -45.77 -18.64
CA PHE F 5 -15.90 -46.04 -19.88
C PHE F 5 -17.17 -45.20 -19.92
N ILE F 6 -17.29 -44.39 -20.96
CA ILE F 6 -18.49 -43.61 -21.22
C ILE F 6 -19.40 -44.43 -22.11
N THR F 7 -20.63 -44.65 -21.64
CA THR F 7 -21.65 -45.35 -22.39
C THR F 7 -23.02 -45.00 -21.81
N ARG F 8 -24.05 -45.31 -22.59
CA ARG F 8 -25.42 -45.29 -22.11
C ARG F 8 -26.04 -46.68 -22.02
N ASN F 9 -25.48 -47.65 -22.72
CA ASN F 9 -25.96 -49.03 -22.63
C ASN F 9 -25.19 -49.56 -21.42
N ARG F 10 -25.92 -49.82 -20.33
CA ARG F 10 -25.33 -50.29 -19.08
C ARG F 10 -24.81 -51.71 -19.21
N HIS F 11 -25.44 -52.53 -20.04
CA HIS F 11 -25.13 -53.95 -20.16
C HIS F 11 -23.76 -54.25 -20.75
N LYS F 12 -23.08 -53.25 -21.34
CA LYS F 12 -21.74 -53.47 -21.88
C LYS F 12 -20.69 -53.62 -20.79
N ILE F 13 -20.96 -53.14 -19.57
CA ILE F 13 -19.97 -53.14 -18.51
C ILE F 13 -19.67 -54.56 -18.04
N LYS F 14 -20.71 -55.41 -17.96
CA LYS F 14 -20.54 -56.79 -17.53
C LYS F 14 -19.69 -57.60 -18.51
N GLU F 15 -19.98 -57.47 -19.80
CA GLU F 15 -19.16 -58.18 -20.79
C GLU F 15 -17.78 -57.56 -20.94
N ILE F 16 -17.62 -56.27 -20.65
CA ILE F 16 -16.31 -55.65 -20.72
C ILE F 16 -15.41 -56.16 -19.58
N ASN F 17 -15.94 -56.24 -18.36
CA ASN F 17 -15.13 -56.80 -17.29
C ASN F 17 -15.01 -58.32 -17.39
N LYS F 18 -15.93 -58.98 -18.09
CA LYS F 18 -15.75 -60.41 -18.37
C LYS F 18 -14.69 -60.64 -19.45
N ILE F 19 -14.47 -59.68 -20.34
CA ILE F 19 -13.43 -59.82 -21.34
C ILE F 19 -12.07 -59.48 -20.76
N LEU F 20 -11.98 -58.36 -20.04
CA LEU F 20 -10.71 -57.89 -19.51
C LEU F 20 -10.40 -58.46 -18.13
N SER F 21 -11.08 -59.53 -17.72
CA SER F 21 -10.74 -60.21 -16.49
C SER F 21 -9.40 -60.91 -16.63
N GLY F 22 -8.59 -60.83 -15.57
CA GLY F 22 -7.24 -61.35 -15.60
C GLY F 22 -6.19 -60.35 -15.99
N THR F 23 -6.59 -59.24 -16.62
CA THR F 23 -5.64 -58.17 -16.92
C THR F 23 -5.22 -57.45 -15.65
N GLY F 24 -6.15 -57.27 -14.72
CA GLY F 24 -5.90 -56.48 -13.53
C GLY F 24 -6.33 -55.04 -13.63
N VAL F 25 -6.96 -54.66 -14.73
CA VAL F 25 -7.40 -53.28 -14.97
C VAL F 25 -8.92 -53.29 -14.93
N VAL F 26 -9.48 -52.83 -13.82
CA VAL F 26 -10.93 -52.82 -13.62
C VAL F 26 -11.52 -51.61 -14.33
N VAL F 27 -12.59 -51.82 -15.09
CA VAL F 27 -13.24 -50.75 -15.83
C VAL F 27 -14.36 -50.17 -14.99
N LEU F 28 -14.28 -48.87 -14.72
CA LEU F 28 -15.27 -48.16 -13.92
C LEU F 28 -16.24 -47.44 -14.85
N ALA F 29 -17.53 -47.57 -14.55
CA ALA F 29 -18.56 -47.05 -15.43
C ALA F 29 -18.90 -45.61 -15.13
N SER F 30 -19.34 -44.89 -16.16
CA SER F 30 -19.81 -43.51 -16.03
C SER F 30 -20.79 -43.26 -17.17
N GLU F 31 -21.97 -42.78 -16.83
CA GLU F 31 -23.04 -42.60 -17.81
C GLU F 31 -23.29 -41.12 -18.04
N HIS F 32 -23.07 -40.68 -19.28
CA HIS F 32 -23.32 -39.32 -19.73
C HIS F 32 -23.75 -39.40 -21.18
N SER F 33 -24.09 -38.26 -21.76
CA SER F 33 -24.44 -38.18 -23.16
C SER F 33 -23.40 -37.36 -23.90
N ILE F 34 -22.94 -37.87 -25.03
CA ILE F 34 -21.99 -37.19 -25.90
C ILE F 34 -22.65 -37.03 -27.26
N ASP F 35 -22.59 -35.82 -27.81
CA ASP F 35 -23.14 -35.53 -29.14
C ASP F 35 -22.00 -35.57 -30.15
N GLU F 36 -21.74 -36.76 -30.69
CA GLU F 36 -20.74 -36.86 -31.76
C GLU F 36 -21.30 -36.29 -33.05
N ILE F 37 -20.40 -35.86 -33.94
CA ILE F 37 -20.85 -35.54 -35.28
C ILE F 37 -20.98 -36.84 -36.06
N GLN F 38 -21.82 -36.83 -37.07
CA GLN F 38 -22.14 -38.04 -37.82
C GLN F 38 -21.35 -37.98 -39.12
N THR F 39 -20.15 -38.55 -39.12
CA THR F 39 -19.22 -38.40 -40.24
C THR F 39 -18.77 -39.77 -40.74
N GLU F 40 -18.65 -39.91 -42.07
CA GLU F 40 -18.20 -41.15 -42.69
C GLU F 40 -16.77 -41.50 -42.31
N ASN F 41 -15.93 -40.51 -42.03
CA ASN F 41 -14.57 -40.79 -41.60
C ASN F 41 -14.71 -41.20 -40.14
N VAL F 42 -14.57 -42.50 -39.86
CA VAL F 42 -14.78 -43.01 -38.52
C VAL F 42 -13.61 -42.64 -37.61
N HIS F 43 -12.44 -42.33 -38.18
CA HIS F 43 -11.32 -41.87 -37.38
C HIS F 43 -11.61 -40.52 -36.72
N ALA F 44 -12.21 -39.58 -37.46
CA ALA F 44 -12.57 -38.29 -36.88
C ALA F 44 -13.70 -38.41 -35.87
N LEU F 45 -14.63 -39.35 -36.12
CA LEU F 45 -15.73 -39.61 -35.19
C LEU F 45 -15.21 -40.15 -33.86
N ILE F 46 -14.36 -41.18 -33.92
CA ILE F 46 -13.81 -41.74 -32.70
C ILE F 46 -12.80 -40.80 -32.06
N LYS F 47 -12.19 -39.90 -32.83
CA LYS F 47 -11.23 -38.97 -32.27
C LYS F 47 -11.93 -37.88 -31.49
N ASP F 48 -13.03 -37.38 -32.04
CA ASP F 48 -13.83 -36.33 -31.34
C ASP F 48 -14.55 -36.96 -30.14
N LYS F 49 -14.99 -38.22 -30.26
CA LYS F 49 -15.67 -38.88 -29.15
C LYS F 49 -14.70 -39.14 -28.00
N LEU F 50 -13.45 -39.52 -28.32
CA LEU F 50 -12.44 -39.68 -27.30
C LEU F 50 -12.04 -38.33 -26.69
N LEU F 51 -12.01 -37.27 -27.52
CA LEU F 51 -11.68 -35.94 -27.02
C LEU F 51 -12.75 -35.40 -26.09
N LYS F 52 -14.02 -35.60 -26.43
CA LYS F 52 -15.10 -35.13 -25.58
C LYS F 52 -15.22 -35.98 -24.32
N ALA F 53 -14.90 -37.27 -24.42
CA ALA F 53 -14.84 -38.12 -23.24
C ALA F 53 -13.71 -37.71 -22.30
N PHE F 54 -12.57 -37.33 -22.86
CA PHE F 54 -11.47 -36.89 -22.01
C PHE F 54 -11.70 -35.49 -21.45
N LYS F 55 -12.44 -34.64 -22.17
CA LYS F 55 -12.82 -33.36 -21.61
C LYS F 55 -13.82 -33.53 -20.48
N LEU F 56 -14.70 -34.53 -20.60
CA LEU F 56 -15.76 -34.73 -19.57
C LEU F 56 -15.18 -35.50 -18.37
N VAL F 57 -14.11 -36.27 -18.57
CA VAL F 57 -13.58 -37.12 -17.51
C VAL F 57 -12.19 -36.67 -17.05
N GLY F 58 -11.21 -36.68 -17.95
CA GLY F 58 -9.86 -36.31 -17.58
C GLY F 58 -9.02 -37.44 -17.04
N ARG F 59 -9.52 -38.66 -17.05
CA ARG F 59 -8.80 -39.83 -16.57
C ARG F 59 -8.59 -40.74 -17.78
N PRO F 60 -7.86 -41.86 -17.67
CA PRO F 60 -7.84 -42.84 -18.78
C PRO F 60 -9.23 -43.38 -19.10
N VAL F 61 -9.65 -43.19 -20.34
CA VAL F 61 -10.99 -43.53 -20.78
C VAL F 61 -10.91 -43.93 -22.26
N PHE F 62 -11.71 -44.91 -22.65
CA PHE F 62 -11.79 -45.34 -24.04
C PHE F 62 -13.21 -45.21 -24.55
N VAL F 63 -13.34 -44.97 -25.85
CA VAL F 63 -14.63 -44.92 -26.53
C VAL F 63 -14.63 -45.99 -27.61
N GLU F 64 -15.83 -46.31 -28.10
CA GLU F 64 -15.98 -47.39 -29.05
C GLU F 64 -17.13 -47.09 -30.00
N HIS F 65 -16.90 -47.28 -31.30
CA HIS F 65 -17.96 -47.17 -32.28
C HIS F 65 -17.88 -48.34 -33.26
N THR F 66 -19.04 -48.92 -33.57
CA THR F 66 -19.17 -50.01 -34.51
C THR F 66 -19.67 -49.45 -35.84
N GLY F 67 -19.00 -49.80 -36.92
CA GLY F 67 -19.37 -49.30 -38.23
C GLY F 67 -19.51 -50.41 -39.27
N LEU F 68 -20.59 -50.32 -40.03
CA LEU F 68 -20.85 -51.19 -41.18
C LEU F 68 -20.35 -50.51 -42.45
N TYR F 69 -19.96 -51.31 -43.44
CA TYR F 69 -19.52 -50.77 -44.72
C TYR F 69 -20.03 -51.73 -45.79
N ILE F 70 -20.99 -51.29 -46.59
CA ILE F 70 -21.55 -52.13 -47.63
C ILE F 70 -20.76 -51.91 -48.92
N GLU F 71 -20.24 -53.01 -49.47
CA GLU F 71 -19.36 -52.95 -50.63
C GLU F 71 -20.09 -52.52 -51.89
N SER F 72 -21.35 -52.92 -52.04
CA SER F 72 -22.16 -52.45 -53.16
C SER F 72 -22.61 -51.01 -52.97
N LEU F 73 -22.58 -50.49 -51.74
CA LEU F 73 -22.86 -49.10 -51.47
C LEU F 73 -21.61 -48.23 -51.48
N ASN F 74 -20.48 -48.81 -51.94
CA ASN F 74 -19.16 -48.16 -52.02
C ASN F 74 -18.68 -47.67 -50.65
N GLY F 75 -18.96 -48.45 -49.62
CA GLY F 75 -18.54 -48.11 -48.27
C GLY F 75 -19.25 -46.93 -47.66
N PHE F 76 -20.50 -46.69 -48.04
CA PHE F 76 -21.28 -45.58 -47.47
C PHE F 76 -21.55 -45.66 -45.97
N PRO F 77 -22.12 -46.74 -45.38
CA PRO F 77 -22.68 -46.58 -44.03
C PRO F 77 -21.67 -46.56 -42.89
N GLY F 78 -20.37 -46.41 -43.15
CA GLY F 78 -19.44 -46.15 -42.06
C GLY F 78 -19.73 -44.80 -41.44
N GLY F 79 -19.73 -44.76 -40.11
CA GLY F 79 -20.04 -43.53 -39.43
C GLY F 79 -21.52 -43.28 -39.25
N LEU F 80 -22.29 -43.31 -40.34
CA LEU F 80 -23.74 -43.16 -40.30
C LEU F 80 -24.48 -44.48 -40.13
N THR F 81 -23.80 -45.48 -39.55
CA THR F 81 -24.38 -46.81 -39.35
C THR F 81 -25.61 -46.76 -38.46
N GLN F 82 -25.50 -46.02 -37.35
CA GLN F 82 -26.60 -45.86 -36.41
C GLN F 82 -27.76 -45.11 -37.03
N ILE F 83 -27.46 -44.00 -37.73
CA ILE F 83 -28.47 -43.11 -38.32
C ILE F 83 -29.24 -43.83 -39.42
N PHE F 84 -28.50 -44.49 -40.30
CA PHE F 84 -29.18 -45.24 -41.35
C PHE F 84 -30.01 -46.31 -40.71
N TRP F 85 -29.49 -46.91 -39.67
CA TRP F 85 -30.20 -48.00 -39.06
C TRP F 85 -31.57 -47.56 -38.60
N ASP F 86 -31.66 -46.50 -37.80
CA ASP F 86 -33.02 -46.19 -37.34
C ASP F 86 -33.84 -45.53 -38.44
N LYS F 87 -33.20 -45.05 -39.50
CA LYS F 87 -33.99 -44.54 -40.61
C LYS F 87 -34.48 -45.64 -41.55
N LEU F 88 -33.90 -46.84 -41.51
CA LEU F 88 -34.35 -47.90 -42.41
C LEU F 88 -35.03 -49.07 -41.72
N GLN F 89 -34.44 -49.59 -40.64
CA GLN F 89 -34.83 -50.81 -39.90
C GLN F 89 -34.77 -52.09 -40.72
N ALA F 90 -35.08 -53.20 -40.05
CA ALA F 90 -34.63 -54.53 -40.49
C ALA F 90 -35.36 -55.02 -41.74
N ASP F 91 -36.67 -54.83 -41.81
CA ASP F 91 -37.44 -55.37 -42.93
C ASP F 91 -37.16 -54.62 -44.23
N LYS F 92 -37.06 -53.29 -44.15
CA LYS F 92 -36.73 -52.51 -45.34
C LYS F 92 -35.28 -52.72 -45.76
N PHE F 93 -34.38 -52.89 -44.78
CA PHE F 93 -32.99 -53.19 -45.06
C PHE F 93 -32.85 -54.56 -45.72
N SER F 94 -33.61 -55.55 -45.25
CA SER F 94 -33.58 -56.88 -45.82
C SER F 94 -34.16 -56.88 -47.24
N GLN F 95 -35.29 -56.20 -47.43
CA GLN F 95 -35.93 -56.21 -48.72
C GLN F 95 -35.21 -55.35 -49.76
N LEU F 96 -34.32 -54.45 -49.35
CA LEU F 96 -33.59 -53.70 -50.36
C LEU F 96 -32.15 -54.17 -50.54
N LEU F 97 -31.52 -54.75 -49.50
CA LEU F 97 -30.13 -55.16 -49.63
C LEU F 97 -29.88 -56.64 -49.35
N GLY F 98 -30.70 -57.29 -48.52
CA GLY F 98 -30.55 -58.72 -48.33
C GLY F 98 -31.05 -59.54 -49.50
N THR F 99 -31.90 -58.95 -50.34
CA THR F 99 -32.37 -59.56 -51.57
C THR F 99 -31.69 -58.96 -52.80
N SER F 100 -30.64 -58.16 -52.61
CA SER F 100 -29.96 -57.51 -53.71
C SER F 100 -28.93 -58.46 -54.32
N GLU F 101 -28.16 -57.95 -55.29
CA GLU F 101 -27.15 -58.78 -55.94
C GLU F 101 -25.94 -58.99 -55.05
N ASN F 102 -25.49 -57.95 -54.35
CA ASN F 102 -24.26 -58.00 -53.56
C ASN F 102 -24.54 -57.59 -52.12
N PRO F 103 -25.02 -58.50 -51.27
CA PRO F 103 -25.21 -58.18 -49.85
C PRO F 103 -23.97 -58.37 -48.99
N ARG F 104 -22.82 -58.66 -49.59
CA ARG F 104 -21.59 -58.81 -48.81
C ARG F 104 -21.10 -57.45 -48.36
N LEU F 105 -20.76 -57.33 -47.07
CA LEU F 105 -20.48 -56.04 -46.47
C LEU F 105 -19.39 -56.18 -45.40
N VAL F 106 -18.76 -55.05 -45.10
CA VAL F 106 -17.64 -54.96 -44.16
C VAL F 106 -18.17 -54.38 -42.86
N ALA F 107 -17.75 -54.94 -41.73
CA ALA F 107 -18.19 -54.46 -40.43
C ALA F 107 -17.00 -54.38 -39.50
N LYS F 108 -16.69 -53.17 -39.02
CA LYS F 108 -15.53 -52.93 -38.17
C LYS F 108 -15.95 -52.14 -36.94
N THR F 109 -15.26 -52.40 -35.83
CA THR F 109 -15.41 -51.63 -34.60
C THR F 109 -14.08 -50.95 -34.32
N ILE F 110 -14.11 -49.63 -34.16
CA ILE F 110 -12.93 -48.84 -33.84
C ILE F 110 -13.02 -48.44 -32.37
N ILE F 111 -12.01 -48.81 -31.60
CA ILE F 111 -11.91 -48.40 -30.21
C ILE F 111 -10.86 -47.30 -30.12
N GLY F 112 -11.29 -46.13 -29.67
CA GLY F 112 -10.37 -45.03 -29.44
C GLY F 112 -10.07 -44.91 -27.96
N TYR F 113 -8.82 -45.13 -27.58
CA TYR F 113 -8.43 -45.17 -26.18
C TYR F 113 -7.39 -44.11 -25.91
N CYS F 114 -7.56 -43.37 -24.81
CA CYS F 114 -6.61 -42.37 -24.37
C CYS F 114 -6.26 -42.65 -22.91
N ASP F 115 -4.96 -42.67 -22.61
CA ASP F 115 -4.47 -42.89 -21.26
C ASP F 115 -3.95 -41.62 -20.62
N SER F 116 -4.45 -40.46 -21.07
CA SER F 116 -4.05 -39.09 -20.76
C SER F 116 -2.64 -38.74 -21.23
N MET F 117 -2.05 -39.61 -22.07
CA MET F 117 -0.70 -39.31 -22.63
C MET F 117 -0.72 -39.48 -24.14
N LYS F 118 -1.28 -40.58 -24.64
CA LYS F 118 -1.32 -40.86 -26.07
C LYS F 118 -2.73 -41.23 -26.47
N ILE F 119 -2.97 -41.30 -27.77
CA ILE F 119 -4.23 -41.74 -28.33
C ILE F 119 -3.98 -43.06 -29.06
N TYR F 120 -4.73 -44.09 -28.71
CA TYR F 120 -4.58 -45.40 -29.33
C TYR F 120 -5.86 -45.79 -30.05
N ILE F 121 -5.70 -46.31 -31.26
CA ILE F 121 -6.81 -46.70 -32.13
C ILE F 121 -6.68 -48.20 -32.40
N PHE F 122 -7.77 -48.93 -32.21
CA PHE F 122 -7.79 -50.37 -32.38
C PHE F 122 -8.82 -50.75 -33.44
N GLU F 123 -8.35 -51.31 -34.55
CA GLU F 123 -9.19 -51.68 -35.68
C GLU F 123 -8.85 -53.11 -36.10
N GLY F 124 -9.75 -53.71 -36.87
CA GLY F 124 -9.56 -55.06 -37.36
C GLY F 124 -10.49 -55.40 -38.51
N GLU F 125 -11.04 -56.61 -38.50
CA GLU F 125 -11.85 -57.07 -39.62
C GLU F 125 -12.84 -58.14 -39.18
N THR F 126 -14.08 -58.01 -39.67
CA THR F 126 -15.09 -59.07 -39.54
C THR F 126 -16.01 -58.92 -40.74
N GLN F 127 -15.91 -59.84 -41.69
CA GLN F 127 -16.61 -59.75 -42.96
C GLN F 127 -17.89 -60.58 -42.95
N GLY F 128 -18.95 -60.01 -43.53
CA GLY F 128 -20.23 -60.68 -43.49
C GLY F 128 -21.14 -60.34 -44.65
N THR F 129 -22.35 -60.89 -44.60
CA THR F 129 -23.38 -60.69 -45.61
C THR F 129 -24.70 -60.29 -44.94
N ILE F 130 -25.64 -59.83 -45.76
CA ILE F 130 -26.95 -59.38 -45.27
C ILE F 130 -27.98 -60.48 -45.55
N SER F 131 -28.76 -60.82 -44.53
CA SER F 131 -29.84 -61.79 -44.69
C SER F 131 -31.01 -61.17 -45.46
N PRO F 132 -31.70 -61.95 -46.29
CA PRO F 132 -32.89 -61.43 -46.98
C PRO F 132 -34.10 -61.29 -46.07
N VAL F 133 -34.08 -61.86 -44.88
CA VAL F 133 -35.17 -61.73 -43.91
C VAL F 133 -34.59 -61.55 -42.53
N PRO F 134 -35.30 -60.82 -41.66
CA PRO F 134 -34.85 -60.72 -40.26
C PRO F 134 -35.00 -62.04 -39.54
N LYS F 135 -33.87 -62.64 -39.19
CA LYS F 135 -33.81 -63.91 -38.49
C LYS F 135 -33.43 -63.66 -37.04
N GLY F 136 -34.24 -64.15 -36.11
CA GLY F 136 -34.00 -63.95 -34.71
C GLY F 136 -34.63 -62.67 -34.21
N PRO F 137 -34.37 -62.33 -32.94
CA PRO F 137 -34.93 -61.09 -32.39
C PRO F 137 -34.24 -59.86 -32.95
N ARG F 138 -34.97 -58.75 -32.97
CA ARG F 138 -34.44 -57.48 -33.44
C ARG F 138 -34.19 -56.51 -32.30
N ASP F 139 -33.97 -57.02 -31.09
CA ASP F 139 -33.82 -56.17 -29.92
C ASP F 139 -32.45 -55.51 -29.83
N PHE F 140 -31.47 -55.96 -30.61
CA PHE F 140 -30.13 -55.39 -30.55
C PHE F 140 -29.60 -55.15 -31.97
N GLN F 141 -29.88 -53.95 -32.50
CA GLN F 141 -29.36 -53.40 -33.74
C GLN F 141 -29.60 -54.29 -34.96
N TRP F 142 -28.61 -54.34 -35.86
CA TRP F 142 -28.71 -55.09 -37.11
C TRP F 142 -28.22 -56.54 -36.97
N ASP F 143 -28.34 -57.13 -35.78
CA ASP F 143 -27.90 -58.50 -35.58
C ASP F 143 -28.82 -59.52 -36.25
N CYS F 144 -30.03 -59.14 -36.61
CA CYS F 144 -30.94 -60.09 -37.23
C CYS F 144 -30.71 -60.25 -38.73
N ILE F 145 -29.78 -59.50 -39.32
CA ILE F 145 -29.52 -59.60 -40.76
C ILE F 145 -28.06 -59.90 -41.09
N PHE F 146 -27.12 -59.63 -40.19
CA PHE F 146 -25.70 -59.77 -40.50
C PHE F 146 -25.29 -61.24 -40.42
N ILE F 147 -25.05 -61.86 -41.58
CA ILE F 147 -24.59 -63.23 -41.66
C ILE F 147 -23.08 -63.19 -41.92
N PRO F 148 -22.25 -63.63 -40.98
CA PRO F 148 -20.79 -63.58 -41.19
C PRO F 148 -20.32 -64.63 -42.18
N ASP F 149 -19.11 -64.42 -42.68
CA ASP F 149 -18.50 -65.39 -43.59
C ASP F 149 -18.07 -66.62 -42.81
N GLY F 150 -18.37 -67.79 -43.38
CA GLY F 150 -18.13 -69.05 -42.72
C GLY F 150 -19.30 -69.57 -41.91
N GLU F 151 -20.34 -68.76 -41.72
CA GLU F 151 -21.55 -69.18 -41.03
C GLU F 151 -22.75 -68.83 -41.90
N SER F 152 -23.88 -69.46 -41.61
CA SER F 152 -25.12 -69.21 -42.34
C SER F 152 -26.22 -68.64 -41.46
N GLU F 153 -25.91 -68.27 -40.23
CA GLU F 153 -26.88 -67.72 -39.30
C GLU F 153 -26.58 -66.26 -39.03
N THR F 154 -27.62 -65.51 -38.67
CA THR F 154 -27.44 -64.10 -38.36
C THR F 154 -26.90 -63.92 -36.95
N PHE F 155 -26.42 -62.70 -36.68
CA PHE F 155 -25.81 -62.37 -35.38
C PHE F 155 -26.80 -62.39 -34.22
N ALA F 156 -28.11 -62.32 -34.51
CA ALA F 156 -29.12 -62.48 -33.47
C ALA F 156 -29.42 -63.94 -33.17
N GLU F 157 -28.76 -64.88 -33.82
CA GLU F 157 -29.09 -66.29 -33.65
C GLU F 157 -28.06 -67.09 -32.86
N MET F 158 -26.76 -66.76 -32.94
CA MET F 158 -25.81 -67.49 -32.10
C MET F 158 -25.90 -67.09 -30.63
N GLY F 159 -26.25 -65.84 -30.33
CA GLY F 159 -26.36 -65.46 -28.93
C GLY F 159 -25.02 -65.13 -28.32
N ASP F 160 -24.41 -66.11 -27.64
CA ASP F 160 -23.09 -65.90 -27.00
C ASP F 160 -21.98 -66.41 -27.93
N ARG F 161 -22.32 -67.26 -28.90
CA ARG F 161 -21.31 -67.80 -29.80
C ARG F 161 -20.82 -66.76 -30.78
N LYS F 162 -21.62 -65.73 -31.07
CA LYS F 162 -21.15 -64.61 -31.89
C LYS F 162 -20.16 -63.73 -31.15
N ASN F 163 -20.11 -63.79 -29.81
CA ASN F 163 -19.22 -62.97 -29.00
C ASN F 163 -17.76 -63.39 -29.08
N GLU F 164 -17.45 -64.51 -29.72
CA GLU F 164 -16.07 -64.93 -29.95
C GLU F 164 -15.59 -64.59 -31.35
N ILE F 165 -16.49 -64.20 -32.24
CA ILE F 165 -16.14 -63.88 -33.62
C ILE F 165 -16.56 -62.48 -34.03
N SER F 166 -17.12 -61.69 -33.12
CA SER F 166 -17.62 -60.37 -33.48
C SER F 166 -16.48 -59.37 -33.61
N MET F 167 -16.86 -58.18 -34.07
CA MET F 167 -15.90 -57.10 -34.25
C MET F 167 -15.49 -56.52 -32.91
N ARG F 168 -16.42 -56.51 -31.95
CA ARG F 168 -16.15 -56.11 -30.58
C ARG F 168 -15.15 -57.05 -29.94
N LYS F 169 -15.24 -58.35 -30.27
CA LYS F 169 -14.33 -59.35 -29.71
C LYS F 169 -12.90 -59.12 -30.16
N LYS F 170 -12.67 -58.95 -31.47
CA LYS F 170 -11.29 -58.77 -31.96
C LYS F 170 -10.71 -57.43 -31.54
N ALA F 171 -11.56 -56.40 -31.47
CA ALA F 171 -11.12 -55.11 -30.95
C ALA F 171 -10.72 -55.20 -29.48
N PHE F 172 -11.47 -55.98 -28.70
CA PHE F 172 -11.11 -56.15 -27.29
C PHE F 172 -9.92 -57.08 -27.10
N ASP F 173 -9.70 -58.05 -28.01
CA ASP F 173 -8.49 -58.86 -27.90
C ASP F 173 -7.23 -58.07 -28.22
N LYS F 174 -7.28 -57.19 -29.24
CA LYS F 174 -6.09 -56.38 -29.50
C LYS F 174 -5.90 -55.30 -28.45
N PHE F 175 -6.99 -54.80 -27.86
CA PHE F 175 -6.87 -53.85 -26.77
C PHE F 175 -6.32 -54.51 -25.51
N LYS F 176 -6.74 -55.74 -25.24
CA LYS F 176 -6.20 -56.48 -24.11
C LYS F 176 -4.76 -56.92 -24.36
N GLU F 177 -4.40 -57.13 -25.63
CA GLU F 177 -3.02 -57.43 -25.98
C GLU F 177 -2.12 -56.22 -25.74
N TYR F 178 -2.63 -55.02 -26.03
CA TYR F 178 -1.89 -53.81 -25.68
C TYR F 178 -1.80 -53.64 -24.17
N LEU F 179 -2.89 -53.92 -23.46
CA LEU F 179 -2.91 -53.72 -22.01
C LEU F 179 -2.06 -54.73 -21.27
N LEU F 180 -1.88 -55.93 -21.84
CA LEU F 180 -1.01 -56.93 -21.24
C LEU F 180 0.45 -56.61 -21.44
N GLU F 181 0.77 -55.74 -22.40
CA GLU F 181 2.15 -55.36 -22.65
C GLU F 181 2.71 -54.46 -21.55
N GLY F 182 1.84 -53.75 -20.85
CA GLY F 182 2.26 -52.88 -19.77
C GLY F 182 2.12 -51.40 -20.01
N GLY F 183 1.50 -51.00 -21.12
CA GLY F 183 1.35 -49.59 -21.43
C GLY F 183 2.64 -48.87 -21.78
N LYS F 184 3.52 -49.51 -22.53
CA LYS F 184 4.77 -48.88 -22.95
C LYS F 184 4.60 -48.16 -24.29
N MET G 1 35.45 18.14 12.38
CA MET G 1 35.57 19.51 12.87
C MET G 1 36.27 20.30 11.77
N GLU G 2 37.47 19.84 11.41
CA GLU G 2 38.22 20.47 10.33
C GLU G 2 37.58 20.26 8.97
N GLN G 3 36.90 19.12 8.80
CA GLN G 3 36.20 18.84 7.56
C GLN G 3 35.00 19.75 7.36
N LEU G 4 34.42 20.26 8.45
CA LEU G 4 33.35 21.26 8.35
C LEU G 4 33.86 22.54 7.70
N LEU G 5 35.03 23.01 8.13
CA LEU G 5 35.63 24.19 7.51
C LEU G 5 36.13 23.89 6.10
N ALA G 6 36.53 22.65 5.85
CA ALA G 6 36.97 22.24 4.52
C ALA G 6 35.82 22.30 3.52
N ASP G 7 34.67 21.72 3.87
CA ASP G 7 33.50 21.80 3.01
C ASP G 7 32.87 23.19 3.02
N TYR G 8 33.10 23.98 4.09
CA TYR G 8 32.66 25.36 4.10
C TYR G 8 33.46 26.20 3.12
N LYS G 9 34.74 25.85 2.92
CA LYS G 9 35.51 26.46 1.84
C LYS G 9 34.97 26.05 0.47
N LYS G 10 34.54 24.79 0.34
CA LYS G 10 33.92 24.34 -0.89
C LYS G 10 32.47 24.74 -1.01
N GLY G 11 31.86 25.25 0.06
CA GLY G 11 30.46 25.63 0.03
C GLY G 11 29.50 24.47 0.06
N ASN G 12 29.93 23.31 0.52
CA ASN G 12 29.07 22.14 0.62
C ASN G 12 28.48 21.96 2.01
N VAL G 13 28.30 23.06 2.74
CA VAL G 13 27.68 23.03 4.06
C VAL G 13 26.39 23.83 3.98
N ILE G 14 25.27 23.18 4.27
CA ILE G 14 23.96 23.80 4.21
C ILE G 14 23.52 24.06 5.65
N LEU G 15 23.36 25.32 6.00
CA LEU G 15 23.05 25.68 7.37
C LEU G 15 21.60 25.37 7.71
N PHE G 16 21.40 24.82 8.89
CA PHE G 16 20.09 24.44 9.40
C PHE G 16 19.99 25.01 10.81
N VAL G 17 18.92 25.73 11.10
CA VAL G 17 18.90 26.55 12.30
C VAL G 17 17.51 26.50 12.95
N GLY G 18 17.49 26.35 14.28
CA GLY G 18 16.27 26.40 15.06
C GLY G 18 16.12 27.68 15.85
N ALA G 19 15.61 27.59 17.08
CA ALA G 19 15.35 28.75 17.92
C ALA G 19 16.52 29.12 18.82
N GLY G 20 17.63 28.36 18.72
CA GLY G 20 18.78 28.64 19.56
C GLY G 20 19.49 29.94 19.22
N VAL G 21 19.37 30.40 17.98
CA VAL G 21 19.86 31.72 17.66
C VAL G 21 18.80 32.78 17.94
N SER G 22 17.56 32.36 18.17
CA SER G 22 16.48 33.31 18.37
C SER G 22 16.24 33.62 19.83
N MET G 23 16.83 32.85 20.75
CA MET G 23 16.68 33.19 22.16
C MET G 23 17.53 34.39 22.58
N ASN G 24 18.49 34.82 21.75
CA ASN G 24 19.37 35.91 22.14
C ASN G 24 18.69 37.27 22.04
N LEU G 25 17.72 37.44 21.15
CA LEU G 25 17.15 38.75 20.89
C LEU G 25 16.07 39.16 21.88
N GLY G 26 15.75 38.32 22.86
CA GLY G 26 14.64 38.64 23.73
C GLY G 26 13.30 38.45 23.06
N LEU G 27 13.17 37.46 22.20
CA LEU G 27 11.92 37.10 21.58
C LEU G 27 10.97 36.52 22.63
N PRO G 28 9.66 36.55 22.38
CA PRO G 28 8.72 35.82 23.25
C PRO G 28 8.98 34.33 23.22
N SER G 29 9.11 33.75 24.41
CA SER G 29 9.45 32.34 24.53
C SER G 29 8.24 31.46 24.26
N TRP G 30 8.47 30.16 24.27
CA TRP G 30 7.37 29.22 24.16
C TRP G 30 6.58 29.12 25.45
N SER G 31 7.20 29.47 26.57
CA SER G 31 6.50 29.45 27.86
C SER G 31 5.42 30.52 27.92
N GLN G 32 5.72 31.74 27.45
CA GLN G 32 4.66 32.74 27.39
C GLN G 32 3.70 32.49 26.24
N LEU G 33 4.12 31.70 25.25
CA LEU G 33 3.20 31.21 24.22
C LEU G 33 2.25 30.17 24.79
N VAL G 34 2.63 29.51 25.89
CA VAL G 34 1.69 28.69 26.62
C VAL G 34 0.85 29.57 27.55
N ASP G 35 1.45 30.65 28.08
CA ASP G 35 0.77 31.52 29.03
C ASP G 35 -0.39 32.29 28.40
N HIS G 36 -0.11 33.04 27.34
CA HIS G 36 -1.17 33.43 26.43
C HIS G 36 -1.64 32.21 25.68
N ILE G 37 -2.88 32.25 25.21
CA ILE G 37 -3.78 31.26 24.58
C ILE G 37 -4.27 30.22 25.60
N ALA G 38 -3.70 30.23 26.80
CA ALA G 38 -4.39 29.67 27.96
C ALA G 38 -5.14 30.79 28.67
N THR G 39 -4.48 31.93 28.89
CA THR G 39 -5.18 33.06 29.46
C THR G 39 -6.03 33.80 28.44
N GLU G 40 -5.84 33.53 27.15
CA GLU G 40 -6.74 34.04 26.13
C GLU G 40 -7.92 33.11 25.90
N LEU G 41 -7.97 32.00 26.62
CA LEU G 41 -9.05 31.04 26.46
C LEU G 41 -9.93 30.97 27.70
N GLY G 42 -9.41 31.35 28.85
CA GLY G 42 -10.15 31.29 30.08
C GLY G 42 -9.40 30.46 31.10
N TYR G 43 -8.37 29.77 30.64
CA TYR G 43 -7.60 28.96 31.58
C TYR G 43 -6.55 29.84 32.26
N ASP G 44 -5.99 29.28 33.31
CA ASP G 44 -4.91 29.90 34.05
C ASP G 44 -3.60 29.59 33.29
N PRO G 45 -2.57 30.44 33.43
CA PRO G 45 -1.38 30.16 32.61
C PRO G 45 -0.86 28.76 32.89
N ASP G 46 -0.56 28.47 34.15
CA ASP G 46 -0.16 27.11 34.50
C ASP G 46 -1.42 26.28 34.52
N ILE G 47 -1.53 25.28 35.40
CA ILE G 47 -2.74 24.38 35.46
C ILE G 47 -2.88 23.67 34.11
N TYR G 48 -3.03 24.39 32.99
CA TYR G 48 -2.98 23.69 31.71
C TYR G 48 -1.79 22.73 31.64
N ARG G 49 -0.63 23.15 32.17
CA ARG G 49 0.62 22.42 32.01
C ARG G 49 0.64 21.07 32.71
N THR G 50 -0.35 20.76 33.54
CA THR G 50 -0.56 19.38 33.97
C THR G 50 -0.92 18.47 32.80
N PHE G 51 -1.58 18.99 31.76
CA PHE G 51 -1.84 18.20 30.56
C PHE G 51 -1.34 18.96 29.33
N GLY G 52 -0.05 18.82 29.02
CA GLY G 52 0.44 19.50 27.84
C GLY G 52 1.92 19.46 27.56
N SER G 53 2.26 19.64 26.29
CA SER G 53 3.64 19.78 25.82
C SER G 53 3.72 20.85 24.75
N ALA G 54 2.79 21.80 24.81
CA ALA G 54 2.57 23.04 24.02
C ALA G 54 2.09 22.82 22.60
N LEU G 55 2.34 21.63 22.07
CA LEU G 55 1.76 21.23 20.80
C LEU G 55 0.30 20.90 21.01
N GLU G 56 -0.02 20.45 22.22
CA GLU G 56 -1.38 20.11 22.57
C GLU G 56 -2.24 21.35 22.83
N LEU G 57 -1.69 22.43 23.40
CA LEU G 57 -2.51 23.64 23.43
C LEU G 57 -2.55 24.33 22.09
N ALA G 58 -1.53 24.12 21.25
CA ALA G 58 -1.64 24.60 19.87
C ALA G 58 -2.78 23.89 19.15
N GLU G 59 -2.93 22.59 19.38
CA GLU G 59 -4.05 21.85 18.81
C GLU G 59 -5.38 22.23 19.44
N TYR G 60 -5.39 22.45 20.75
CA TYR G 60 -6.64 22.80 21.42
C TYR G 60 -7.09 24.20 21.05
N TYR G 61 -6.15 25.11 20.81
CA TYR G 61 -6.52 26.44 20.34
C TYR G 61 -6.98 26.41 18.89
N LYS G 62 -6.30 25.63 18.05
CA LYS G 62 -6.75 25.52 16.67
C LYS G 62 -8.03 24.71 16.52
N LEU G 63 -8.44 23.97 17.55
CA LEU G 63 -9.75 23.35 17.56
C LEU G 63 -10.83 24.25 18.14
N LYS G 64 -10.54 24.94 19.25
CA LYS G 64 -11.55 25.74 19.91
C LYS G 64 -11.83 27.03 19.15
N LYS G 65 -10.80 27.64 18.56
CA LYS G 65 -11.02 28.81 17.74
C LYS G 65 -11.33 28.45 16.29
N GLY G 66 -11.34 27.17 15.95
CA GLY G 66 -11.68 26.69 14.63
C GLY G 66 -10.55 26.67 13.63
N LYS G 67 -9.71 27.71 13.64
CA LYS G 67 -8.59 27.81 12.72
C LYS G 67 -7.32 28.05 13.51
N ILE G 68 -6.19 27.91 12.82
CA ILE G 68 -4.90 28.16 13.44
C ILE G 68 -4.63 29.67 13.46
N GLY G 69 -5.35 30.41 12.62
CA GLY G 69 -5.24 31.85 12.40
C GLY G 69 -4.99 32.84 13.51
N PRO G 70 -5.78 32.83 14.60
CA PRO G 70 -5.52 33.79 15.68
C PRO G 70 -4.21 33.55 16.41
N LEU G 71 -3.80 32.30 16.56
CA LEU G 71 -2.48 31.99 17.11
C LEU G 71 -1.37 32.49 16.20
N ARG G 72 -1.55 32.34 14.89
CA ARG G 72 -0.56 32.82 13.94
C ARG G 72 -0.50 34.34 13.91
N SER G 73 -1.65 34.99 14.07
CA SER G 73 -1.71 36.45 14.15
C SER G 73 -1.02 36.97 15.40
N TRP G 74 -1.26 36.34 16.55
CA TRP G 74 -0.62 36.73 17.80
C TRP G 74 0.89 36.50 17.74
N MET G 75 1.32 35.41 17.13
CA MET G 75 2.75 35.15 17.06
C MET G 75 3.44 36.05 16.06
N ASP G 76 2.75 36.46 14.99
CA ASP G 76 3.33 37.45 14.10
C ASP G 76 3.38 38.82 14.74
N ARG G 77 2.42 39.14 15.61
CA ARG G 77 2.46 40.44 16.27
C ARG G 77 3.53 40.49 17.35
N MET G 78 3.77 39.38 18.04
CA MET G 78 4.77 39.41 19.11
C MET G 78 6.17 39.05 18.66
N TRP G 79 6.32 38.24 17.61
CA TRP G 79 7.65 37.85 17.15
C TRP G 79 8.32 38.93 16.32
N HIS G 80 7.59 39.96 15.91
CA HIS G 80 8.12 41.00 15.04
C HIS G 80 7.71 42.36 15.56
N SER G 81 7.98 42.60 16.84
CA SER G 81 7.66 43.89 17.45
C SER G 81 8.65 44.95 16.98
N SER G 82 8.39 46.19 17.38
CA SER G 82 9.24 47.30 16.94
C SER G 82 10.41 47.55 17.88
N ASP G 83 10.26 47.27 19.17
CA ASP G 83 11.30 47.56 20.14
C ASP G 83 12.43 46.55 20.14
N ILE G 84 12.27 45.43 19.45
CA ILE G 84 13.34 44.44 19.34
C ILE G 84 14.24 44.81 18.17
N ASP G 85 15.54 44.85 18.41
CA ASP G 85 16.52 45.24 17.41
C ASP G 85 17.27 44.03 16.91
N ILE G 86 17.45 43.95 15.58
CA ILE G 86 18.22 42.86 15.01
C ILE G 86 19.71 43.09 15.22
N ASN G 87 20.13 44.35 15.36
CA ASN G 87 21.55 44.67 15.42
C ASN G 87 22.19 44.31 16.75
N LYS G 88 21.40 44.17 17.83
CA LYS G 88 21.96 43.81 19.13
C LYS G 88 21.91 42.30 19.36
N SER G 89 22.39 41.54 18.37
CA SER G 89 22.42 40.08 18.47
C SER G 89 23.48 39.61 17.47
N LYS G 90 24.66 39.26 17.99
CA LYS G 90 25.80 38.97 17.12
C LYS G 90 25.69 37.65 16.38
N VAL G 91 24.81 36.74 16.83
CA VAL G 91 24.63 35.47 16.14
C VAL G 91 23.99 35.67 14.77
N HIS G 92 23.07 36.64 14.66
CA HIS G 92 22.41 36.89 13.38
C HIS G 92 23.34 37.59 12.40
N GLU G 93 24.22 38.46 12.90
CA GLU G 93 25.25 39.04 12.04
C GLU G 93 26.28 37.99 11.64
N TYR G 94 26.47 36.97 12.48
CA TYR G 94 27.36 35.88 12.11
C TYR G 94 26.69 34.96 11.09
N ILE G 95 25.36 34.88 11.11
CA ILE G 95 24.63 34.22 10.02
C ILE G 95 24.82 34.98 8.72
N ALA G 96 24.65 36.31 8.79
CA ALA G 96 24.62 37.12 7.57
C ALA G 96 26.01 37.25 6.93
N LYS G 97 27.05 37.47 7.74
CA LYS G 97 28.38 37.68 7.17
C LYS G 97 29.05 36.38 6.72
N ALA G 98 28.50 35.23 7.06
CA ALA G 98 29.06 33.98 6.59
C ALA G 98 28.75 33.76 5.11
N ASN G 99 29.58 32.95 4.47
CA ASN G 99 29.35 32.59 3.07
C ASN G 99 28.58 31.27 3.04
N PHE G 100 27.27 31.36 3.17
CA PHE G 100 26.44 30.19 3.21
C PHE G 100 25.51 30.16 2.01
N PRO G 101 25.53 29.08 1.22
CA PRO G 101 24.75 29.08 -0.03
C PRO G 101 23.27 28.88 0.17
N ILE G 102 22.86 27.93 1.03
CA ILE G 102 21.45 27.63 1.26
C ILE G 102 21.20 27.64 2.77
N ILE G 103 20.13 28.31 3.18
CA ILE G 103 19.73 28.37 4.59
C ILE G 103 18.41 27.66 4.75
N TYR G 104 18.33 26.72 5.68
CA TYR G 104 17.09 26.09 6.07
C TYR G 104 16.78 26.47 7.51
N THR G 105 15.54 26.84 7.78
CA THR G 105 15.17 27.23 9.13
C THR G 105 13.82 26.64 9.51
N THR G 106 13.68 26.37 10.80
CA THR G 106 12.40 25.98 11.37
C THR G 106 11.79 27.11 12.18
N ASN G 107 12.46 28.24 12.27
CA ASN G 107 11.86 29.41 12.89
C ASN G 107 10.81 30.00 11.95
N TYR G 108 9.67 30.36 12.51
CA TYR G 108 8.61 30.98 11.72
C TYR G 108 8.85 32.46 11.49
N ASP G 109 9.64 33.10 12.32
CA ASP G 109 9.94 34.51 12.18
C ASP G 109 10.91 34.74 11.02
N ARG G 110 10.92 35.97 10.51
CA ARG G 110 11.75 36.32 9.37
C ARG G 110 13.00 37.09 9.77
N TRP G 111 13.53 36.81 10.97
CA TRP G 111 14.69 37.57 11.46
C TRP G 111 15.97 37.25 10.71
N ILE G 112 16.06 36.07 10.09
CA ILE G 112 17.19 35.79 9.21
C ILE G 112 17.12 36.64 7.96
N GLU G 113 15.91 36.85 7.43
CA GLU G 113 15.71 37.70 6.26
C GLU G 113 16.01 39.16 6.56
N THR G 114 15.58 39.64 7.73
CA THR G 114 15.90 41.01 8.10
C THR G 114 17.36 41.18 8.47
N ALA G 115 17.99 40.12 8.98
CA ALA G 115 19.43 40.19 9.23
C ALA G 115 20.21 40.21 7.92
N LEU G 116 19.70 39.54 6.88
CA LEU G 116 20.37 39.59 5.58
C LEU G 116 20.16 40.93 4.90
N SER G 117 18.94 41.46 4.92
CA SER G 117 18.68 42.74 4.26
C SER G 117 19.29 43.90 5.04
N ASN G 118 19.41 43.76 6.36
CA ASN G 118 20.03 44.81 7.15
C ASN G 118 21.54 44.85 6.94
N TYR G 119 22.14 43.71 6.60
CA TYR G 119 23.59 43.65 6.41
C TYR G 119 23.98 43.39 4.96
N GLY G 120 23.25 43.98 4.03
CA GLY G 120 23.64 44.05 2.63
C GLY G 120 23.72 42.75 1.86
N LYS G 121 22.73 41.89 2.02
CA LYS G 121 22.72 40.63 1.28
C LYS G 121 21.29 40.29 0.89
N GLU G 122 21.12 39.93 -0.37
CA GLU G 122 19.82 39.56 -0.93
C GLU G 122 19.59 38.07 -0.76
N TYR G 123 18.32 37.67 -0.93
CA TYR G 123 17.97 36.27 -0.72
C TYR G 123 16.79 35.90 -1.60
N ILE G 124 16.65 34.60 -1.82
CA ILE G 124 15.45 34.05 -2.41
C ILE G 124 14.74 33.29 -1.31
N LYS G 125 13.79 33.93 -0.62
CA LYS G 125 13.02 33.16 0.35
C LYS G 125 12.31 32.12 -0.47
N ILE G 126 11.94 31.03 0.17
CA ILE G 126 11.21 30.00 -0.54
C ILE G 126 10.48 29.18 0.48
N SER G 127 9.17 29.24 0.46
CA SER G 127 8.40 28.50 1.43
C SER G 127 7.49 27.56 0.71
N SER G 128 7.38 27.72 -0.60
CA SER G 128 6.43 26.89 -1.33
C SER G 128 6.91 26.54 -2.69
N VAL G 129 6.45 25.41 -3.19
CA VAL G 129 6.86 24.96 -4.49
C VAL G 129 6.75 26.14 -5.38
N SER G 130 5.83 27.01 -5.03
CA SER G 130 5.64 28.17 -5.84
C SER G 130 6.88 28.99 -5.95
N ASP G 131 7.47 29.38 -4.82
CA ASP G 131 8.57 30.31 -4.97
C ASP G 131 9.71 29.59 -5.67
N ILE G 132 9.56 28.30 -5.95
CA ILE G 132 10.70 27.54 -6.48
C ILE G 132 11.32 28.20 -7.66
N ALA G 133 10.55 28.29 -8.72
CA ALA G 133 11.09 28.86 -9.92
C ALA G 133 12.01 29.98 -9.55
N LYS G 134 11.63 30.81 -8.59
CA LYS G 134 12.43 31.99 -8.30
C LYS G 134 13.85 31.70 -7.82
N ILE G 135 14.32 30.48 -8.05
CA ILE G 135 15.67 30.14 -7.65
C ILE G 135 16.69 30.92 -8.44
N ASP G 136 17.76 31.37 -7.79
CA ASP G 136 18.85 32.05 -8.48
C ASP G 136 20.15 31.71 -7.82
N ASN G 137 21.21 31.63 -8.60
CA ASN G 137 22.47 31.22 -8.03
C ASN G 137 22.92 32.07 -6.86
N ASN G 138 22.74 33.38 -6.96
CA ASN G 138 23.24 34.26 -5.91
C ASN G 138 22.32 34.25 -4.72
N LYS G 139 21.49 35.28 -4.60
CA LYS G 139 20.61 35.39 -3.45
C LYS G 139 20.46 34.04 -2.81
N THR G 140 21.15 33.83 -1.70
CA THR G 140 21.10 32.55 -1.04
C THR G 140 19.68 32.11 -0.82
N GLN G 141 19.49 30.82 -0.60
CA GLN G 141 18.14 30.31 -0.47
C GLN G 141 17.68 30.12 0.94
N ILE G 142 16.91 31.06 1.47
CA ILE G 142 16.31 30.83 2.78
C ILE G 142 15.03 30.04 2.59
N ILE G 143 14.94 28.88 3.23
CA ILE G 143 13.77 28.01 3.13
C ILE G 143 13.17 27.87 4.51
N LYS G 144 11.94 28.30 4.67
CA LYS G 144 11.22 28.10 5.92
C LYS G 144 10.67 26.68 5.87
N PHE G 145 11.28 25.79 6.66
CA PHE G 145 10.93 24.37 6.59
C PHE G 145 9.59 24.09 7.25
N HIS G 146 9.27 24.81 8.32
CA HIS G 146 8.02 24.60 9.05
C HIS G 146 7.02 25.71 8.79
N GLY G 147 7.17 26.43 7.70
CA GLY G 147 6.22 27.46 7.33
C GLY G 147 6.47 28.78 8.05
N ASP G 148 5.89 29.83 7.49
CA ASP G 148 6.03 31.18 8.00
C ASP G 148 4.67 31.84 8.07
N PHE G 149 4.64 33.05 8.63
CA PHE G 149 3.39 33.77 8.88
C PHE G 149 2.74 34.32 7.62
N ASP G 150 3.41 34.25 6.48
CA ASP G 150 2.84 34.63 5.20
C ASP G 150 2.11 33.47 4.53
N ASP G 151 1.89 32.37 5.25
CA ASP G 151 1.28 31.19 4.65
C ASP G 151 0.53 30.52 5.80
N ASP G 152 -0.79 30.73 5.85
CA ASP G 152 -1.58 30.21 6.97
C ASP G 152 -1.79 28.70 6.88
N SER G 153 -1.73 28.15 5.68
CA SER G 153 -2.07 26.74 5.50
C SER G 153 -0.98 25.79 5.93
N SER G 154 0.28 26.04 5.57
CA SER G 154 1.34 25.09 5.87
C SER G 154 2.22 25.54 7.03
N ILE G 155 1.68 26.36 7.94
CA ILE G 155 2.26 26.53 9.26
C ILE G 155 2.26 25.18 9.98
N VAL G 156 3.42 24.83 10.54
CA VAL G 156 3.47 23.66 11.39
C VAL G 156 3.60 24.09 12.85
N LEU G 157 2.49 24.27 13.55
CA LEU G 157 2.55 24.34 15.01
C LEU G 157 1.75 23.27 15.72
N ASP G 158 0.94 22.50 15.03
CA ASP G 158 0.04 21.59 15.70
C ASP G 158 0.47 20.14 15.45
N GLU G 159 -0.04 19.26 16.32
CA GLU G 159 0.30 17.84 16.28
C GLU G 159 -0.17 17.17 15.00
N THR G 160 -1.28 17.63 14.41
CA THR G 160 -1.69 17.10 13.12
C THR G 160 -0.74 17.53 12.01
N SER G 161 -0.28 18.78 12.05
CA SER G 161 0.69 19.23 11.05
C SER G 161 2.06 18.60 11.29
N TYR G 162 2.46 18.51 12.57
CA TYR G 162 3.74 17.91 12.91
C TYR G 162 3.78 16.42 12.60
N PHE G 163 2.65 15.73 12.74
CA PHE G 163 2.61 14.34 12.34
C PHE G 163 2.33 14.19 10.85
N GLN G 164 1.82 15.24 10.20
CA GLN G 164 1.69 15.23 8.76
C GLN G 164 3.05 15.36 8.10
N ARG G 165 3.94 16.12 8.73
CA ARG G 165 5.25 16.38 8.13
C ARG G 165 6.23 15.30 8.52
N LEU G 166 5.77 14.06 8.46
CA LEU G 166 6.66 12.93 8.79
C LEU G 166 6.95 12.21 7.49
N GLU G 167 5.90 11.90 6.72
CA GLU G 167 6.08 11.16 5.44
C GLU G 167 6.90 12.00 4.46
N PHE G 168 7.09 13.29 4.76
CA PHE G 168 7.95 14.14 3.91
C PHE G 168 7.44 14.18 2.47
N GLU G 169 6.13 14.29 2.29
CA GLU G 169 5.52 14.39 0.97
C GLU G 169 5.47 15.82 0.45
N THR G 170 5.77 16.80 1.28
CA THR G 170 5.79 18.20 0.84
C THR G 170 6.97 18.43 -0.10
N PRO G 171 6.83 19.35 -1.06
CA PRO G 171 7.94 19.61 -2.00
C PRO G 171 9.18 20.22 -1.37
N LEU G 172 9.06 20.82 -0.18
CA LEU G 172 10.24 21.28 0.55
C LEU G 172 11.11 20.11 0.98
N ASP G 173 10.51 18.96 1.27
CA ASP G 173 11.29 17.76 1.59
C ASP G 173 12.03 17.24 0.36
N ILE G 174 11.41 17.37 -0.81
CA ILE G 174 12.04 16.95 -2.06
C ILE G 174 13.21 17.87 -2.39
N LYS G 175 13.02 19.18 -2.21
CA LYS G 175 14.12 20.12 -2.41
C LYS G 175 15.21 19.95 -1.36
N PHE G 176 14.84 19.53 -0.15
CA PHE G 176 15.83 19.26 0.87
C PHE G 176 16.66 18.02 0.53
N ARG G 177 16.02 16.97 0.01
CA ARG G 177 16.79 15.79 -0.41
C ARG G 177 17.67 16.12 -1.61
N SER G 178 17.22 17.01 -2.50
CA SER G 178 18.02 17.39 -3.66
C SER G 178 19.18 18.28 -3.28
N ASP G 179 19.04 19.07 -2.21
CA ASP G 179 20.13 19.96 -1.81
C ASP G 179 21.14 19.25 -0.90
N VAL G 180 20.68 18.29 -0.11
CA VAL G 180 21.55 17.65 0.86
C VAL G 180 22.26 16.45 0.22
N LEU G 181 21.71 15.94 -0.92
CA LEU G 181 22.19 14.80 -1.70
C LEU G 181 23.69 14.69 -1.94
N GLY G 182 24.36 15.81 -2.19
CA GLY G 182 25.79 15.81 -2.34
C GLY G 182 26.56 16.61 -1.32
N LYS G 183 25.89 17.24 -0.37
CA LYS G 183 26.51 18.17 0.56
C LYS G 183 26.31 17.71 2.00
N SER G 184 26.78 18.55 2.93
CA SER G 184 26.65 18.31 4.36
C SER G 184 25.81 19.40 5.00
N VAL G 185 25.29 19.12 6.20
CA VAL G 185 24.47 20.10 6.91
C VAL G 185 25.05 20.35 8.30
N LEU G 186 24.65 21.48 8.87
CA LEU G 186 25.11 21.91 10.19
C LEU G 186 23.90 22.38 10.98
N PHE G 187 23.49 21.59 11.99
CA PHE G 187 22.33 21.92 12.79
C PHE G 187 22.75 22.91 13.88
N ILE G 188 22.05 24.03 13.98
CA ILE G 188 22.40 24.98 14.97
C ILE G 188 21.20 25.29 15.80
N GLY G 189 21.39 25.48 17.09
CA GLY G 189 20.30 25.89 17.92
C GLY G 189 19.16 24.93 17.92
N TYR G 190 19.45 23.66 18.12
CA TYR G 190 18.40 22.69 18.23
C TYR G 190 18.80 21.94 19.45
N SER G 191 17.89 21.78 20.38
CA SER G 191 18.24 21.14 21.61
C SER G 191 17.75 19.73 21.71
N LEU G 192 18.39 18.83 20.99
CA LEU G 192 18.02 17.45 21.09
C LEU G 192 17.75 17.17 22.51
N SER G 193 16.49 17.07 22.86
CA SER G 193 16.11 16.74 24.21
C SER G 193 14.68 16.23 24.18
N ASP G 194 13.80 16.94 23.51
CA ASP G 194 12.40 16.55 23.43
C ASP G 194 12.15 15.67 22.23
N ILE G 195 11.86 14.41 22.49
CA ILE G 195 11.69 13.47 21.41
C ILE G 195 11.44 14.15 20.08
N ASN G 196 10.31 14.81 19.95
CA ASN G 196 9.97 15.39 18.68
C ASN G 196 11.22 15.67 17.93
N ILE G 197 11.91 16.70 18.34
CA ILE G 197 13.08 17.08 17.61
C ILE G 197 13.77 15.85 17.18
N ARG G 198 14.17 15.03 18.14
CA ARG G 198 14.96 13.88 17.78
C ARG G 198 14.39 13.26 16.55
N LEU G 199 13.14 12.87 16.63
CA LEU G 199 12.59 12.15 15.51
C LEU G 199 13.01 12.86 14.28
N LEU G 200 12.66 14.13 14.24
CA LEU G 200 12.99 14.91 13.08
C LEU G 200 14.34 14.48 12.66
N PHE G 201 15.26 14.55 13.58
CA PHE G 201 16.59 14.27 13.16
C PHE G 201 16.54 12.91 12.56
N TYR G 202 16.14 11.93 13.32
CA TYR G 202 16.18 10.59 12.79
C TYR G 202 15.68 10.60 11.41
N LYS G 203 14.39 10.83 11.26
CA LYS G 203 13.81 10.76 9.94
C LYS G 203 14.77 11.45 9.04
N LEU G 204 15.07 12.69 9.36
CA LEU G 204 15.97 13.42 8.53
C LEU G 204 17.16 12.52 8.36
N SER G 205 17.82 12.22 9.45
CA SER G 205 19.02 11.41 9.38
C SER G 205 18.91 10.44 8.25
N LYS G 206 17.84 9.68 8.25
CA LYS G 206 17.70 8.69 7.25
C LYS G 206 18.30 9.24 5.99
N LEU G 207 17.76 10.36 5.56
CA LEU G 207 18.23 10.94 4.31
C LEU G 207 19.63 10.56 3.91
N TRP G 208 20.63 11.10 4.61
CA TRP G 208 22.00 10.84 4.21
C TRP G 208 22.27 9.37 4.20
N LYS G 209 22.49 8.81 5.38
CA LYS G 209 22.75 7.40 5.48
C LYS G 209 22.01 6.67 4.40
N GLU G 210 20.75 7.02 4.21
CA GLU G 210 19.95 6.36 3.20
C GLU G 210 20.87 6.01 2.07
N GLN G 211 21.71 6.96 1.70
CA GLN G 211 22.69 6.70 0.67
C GLN G 211 24.00 6.46 1.36
N LYS G 212 24.72 5.48 0.90
CA LYS G 212 26.03 5.24 1.44
C LYS G 212 26.71 4.73 0.20
N LEU G 213 26.00 4.87 -0.92
CA LEU G 213 26.53 4.41 -2.17
C LEU G 213 27.25 5.55 -2.82
N GLU G 214 28.44 5.29 -3.32
CA GLU G 214 29.16 6.34 -4.02
C GLU G 214 29.13 7.62 -3.20
N GLU G 215 29.18 8.76 -3.87
CA GLU G 215 29.14 10.04 -3.17
C GLU G 215 29.98 10.15 -1.91
N ALA G 216 29.61 11.07 -1.03
CA ALA G 216 30.37 11.30 0.18
C ALA G 216 29.48 11.44 1.38
N GLN G 217 28.25 11.86 1.19
CA GLN G 217 27.37 11.87 2.31
C GLN G 217 28.14 12.71 3.24
N PRO G 218 28.62 13.86 2.74
CA PRO G 218 29.48 14.66 3.58
C PRO G 218 29.05 14.51 5.01
N LYS G 219 29.91 13.97 5.84
CA LYS G 219 29.54 13.91 7.23
C LYS G 219 28.84 15.20 7.65
N SER G 220 27.72 15.07 8.34
CA SER G 220 26.99 16.20 8.88
C SER G 220 27.32 16.36 10.35
N TYR G 221 27.09 17.56 10.87
CA TYR G 221 27.44 17.88 12.25
C TYR G 221 26.34 18.73 12.88
N ILE G 222 26.31 18.74 14.20
CA ILE G 222 25.47 19.66 14.96
C ILE G 222 26.38 20.44 15.90
N PHE G 223 25.84 21.52 16.45
CA PHE G 223 26.55 22.27 17.48
C PHE G 223 25.70 22.34 18.73
N LEU G 224 26.30 21.99 19.85
CA LEU G 224 25.72 22.17 21.17
C LEU G 224 26.76 22.82 22.07
N PRO G 225 26.34 23.63 23.04
CA PRO G 225 27.31 24.10 24.04
C PRO G 225 27.76 22.99 24.98
N ARG G 226 26.90 22.03 25.27
CA ARG G 226 27.21 21.00 26.25
C ARG G 226 27.90 19.82 25.56
N PRO G 227 29.01 19.31 26.12
CA PRO G 227 29.75 18.14 25.58
C PRO G 227 29.39 16.78 26.20
N ASN G 228 28.25 16.24 25.80
CA ASN G 228 27.87 14.97 26.43
C ASN G 228 28.02 13.79 25.48
N PRO G 229 28.63 12.69 25.94
CA PRO G 229 29.00 11.59 25.04
C PRO G 229 27.88 10.62 24.70
N ILE G 230 26.72 10.70 25.36
CA ILE G 230 25.61 9.78 25.09
C ILE G 230 25.11 9.98 23.67
N GLN G 231 24.63 11.19 23.38
CA GLN G 231 24.19 11.53 22.04
C GLN G 231 25.34 11.58 21.04
N GLU G 232 26.58 11.78 21.49
CA GLU G 232 27.72 11.71 20.58
C GLU G 232 27.88 10.29 20.02
N GLU G 233 27.84 9.30 20.91
CA GLU G 233 27.90 7.92 20.46
C GLU G 233 26.60 7.48 19.78
N ILE G 234 25.46 8.10 20.09
CA ILE G 234 24.21 7.68 19.47
C ILE G 234 24.11 8.21 18.04
N LEU G 235 24.32 9.52 17.88
CA LEU G 235 24.22 10.14 16.53
C LEU G 235 25.46 9.82 15.70
N GLU G 236 26.50 9.18 16.27
CA GLU G 236 27.63 8.78 15.44
C GLU G 236 27.19 7.90 14.27
N GLN G 237 26.31 6.92 14.51
CA GLN G 237 25.90 6.06 13.40
C GLN G 237 24.85 6.69 12.50
N TRP G 238 24.31 7.86 12.85
CA TRP G 238 23.40 8.55 11.94
C TRP G 238 24.12 9.53 11.05
N ARG G 239 25.45 9.37 10.91
CA ARG G 239 26.35 10.23 10.13
C ARG G 239 26.27 11.68 10.59
N ILE G 240 26.15 11.87 11.90
CA ILE G 240 25.99 13.18 12.50
C ILE G 240 27.18 13.43 13.42
N GLY G 241 27.91 14.49 13.16
CA GLY G 241 29.01 14.86 14.02
C GLY G 241 28.52 15.59 15.26
N MET G 242 29.38 15.65 16.26
CA MET G 242 29.06 16.28 17.53
C MET G 242 30.16 17.31 17.81
N ILE G 243 29.83 18.58 17.62
CA ILE G 243 30.78 19.67 17.83
C ILE G 243 30.34 20.43 19.06
N SER G 244 31.20 20.45 20.08
CA SER G 244 30.89 21.10 21.33
C SER G 244 31.92 22.18 21.64
N SER G 245 31.63 22.96 22.67
CA SER G 245 32.53 24.02 23.11
C SER G 245 32.76 23.93 24.61
N GLU G 246 33.43 24.95 25.17
CA GLU G 246 33.75 24.97 26.58
C GLU G 246 33.08 26.08 27.36
N ASN G 247 32.62 27.14 26.70
CA ASN G 247 32.00 28.25 27.39
C ASN G 247 30.58 27.90 27.83
N ASP G 248 30.26 28.25 29.08
CA ASP G 248 28.95 27.93 29.64
C ASP G 248 27.84 28.84 29.13
N ASN G 249 28.16 30.08 28.82
CA ASN G 249 27.14 30.99 28.28
C ASN G 249 26.83 30.59 26.84
N PRO G 250 25.58 30.24 26.52
CA PRO G 250 25.29 29.70 25.18
C PRO G 250 25.38 30.72 24.07
N GLY G 251 25.10 31.99 24.36
CA GLY G 251 25.21 33.02 23.34
C GLY G 251 26.66 33.25 22.90
N GLU G 252 27.57 33.32 23.87
CA GLU G 252 28.97 33.51 23.54
C GLU G 252 29.59 32.26 22.94
N SER G 253 29.13 31.08 23.37
CA SER G 253 29.62 29.83 22.80
C SER G 253 29.20 29.69 21.35
N LEU G 254 27.95 30.05 21.04
CA LEU G 254 27.48 30.05 19.66
C LEU G 254 28.19 31.11 18.83
N GLU G 255 28.40 32.29 19.41
CA GLU G 255 29.08 33.39 18.71
C GLU G 255 30.52 33.03 18.35
N GLU G 256 31.23 32.37 19.27
CA GLU G 256 32.57 31.90 18.96
C GLU G 256 32.55 30.75 17.97
N PHE G 257 31.49 29.92 17.99
CA PHE G 257 31.41 28.81 17.06
C PHE G 257 31.23 29.28 15.62
N LEU G 258 30.41 30.32 15.41
CA LEU G 258 30.26 30.90 14.06
C LEU G 258 31.51 31.73 13.76
N LYS G 259 32.09 32.38 14.76
CA LYS G 259 33.29 33.22 14.62
C LYS G 259 34.51 32.44 14.16
N ASN G 260 34.51 31.13 14.37
CA ASN G 260 35.44 30.24 13.69
C ASN G 260 35.34 30.33 12.16
N PHE G 261 34.16 30.60 11.61
CA PHE G 261 34.02 30.66 10.16
C PHE G 261 33.17 31.83 9.67
N VAL G 262 33.30 33.00 10.29
CA VAL G 262 32.69 34.22 9.79
C VAL G 262 33.67 35.10 9.05
N LEU G 263 34.86 35.34 9.64
CA LEU G 263 35.85 36.27 9.11
C LEU G 263 36.47 35.85 7.78
N VAL G 264 36.32 34.60 7.37
CA VAL G 264 36.77 34.17 6.06
C VAL G 264 35.77 34.63 5.00
N MET H 1 -12.73 8.39 -39.66
CA MET H 1 -11.63 7.80 -40.41
C MET H 1 -10.95 8.86 -41.26
N GLU H 2 -11.73 9.84 -41.72
CA GLU H 2 -11.14 10.97 -42.43
C GLU H 2 -10.37 11.87 -41.47
N GLN H 3 -10.86 11.99 -40.23
CA GLN H 3 -10.12 12.72 -39.21
C GLN H 3 -8.88 11.96 -38.79
N LEU H 4 -8.90 10.63 -38.90
CA LEU H 4 -7.70 9.84 -38.69
C LEU H 4 -6.67 10.10 -39.77
N LEU H 5 -7.11 10.23 -41.02
CA LEU H 5 -6.21 10.56 -42.11
C LEU H 5 -5.65 11.96 -41.95
N ALA H 6 -6.48 12.91 -41.47
CA ALA H 6 -6.03 14.27 -41.21
C ALA H 6 -5.02 14.33 -40.08
N ASP H 7 -5.19 13.52 -39.04
CA ASP H 7 -4.16 13.41 -38.01
C ASP H 7 -2.92 12.70 -38.54
N TYR H 8 -3.12 11.80 -39.51
CA TYR H 8 -2.01 11.05 -40.08
C TYR H 8 -1.13 11.92 -40.97
N LYS H 9 -1.69 12.99 -41.56
CA LYS H 9 -0.82 13.98 -42.20
C LYS H 9 0.03 14.71 -41.17
N LYS H 10 -0.51 14.96 -39.99
CA LYS H 10 0.24 15.61 -38.93
C LYS H 10 1.26 14.71 -38.27
N GLY H 11 1.20 13.40 -38.50
CA GLY H 11 2.11 12.48 -37.87
C GLY H 11 1.84 12.24 -36.41
N ASN H 12 0.59 12.37 -36.00
CA ASN H 12 0.19 12.17 -34.61
C ASN H 12 -0.38 10.79 -34.36
N VAL H 13 0.19 9.76 -35.00
CA VAL H 13 -0.38 8.43 -34.98
C VAL H 13 0.71 7.41 -34.65
N ILE H 14 0.32 6.33 -33.95
CA ILE H 14 1.20 5.23 -33.58
C ILE H 14 0.60 3.97 -34.18
N LEU H 15 1.46 3.07 -34.66
CA LEU H 15 1.01 1.82 -35.26
C LEU H 15 1.29 0.66 -34.31
N PHE H 16 0.27 -0.17 -34.07
CA PHE H 16 0.43 -1.44 -33.39
C PHE H 16 0.30 -2.56 -34.39
N VAL H 17 0.99 -3.67 -34.14
CA VAL H 17 0.96 -4.82 -35.02
C VAL H 17 0.66 -6.06 -34.19
N GLY H 18 -0.38 -6.79 -34.56
CA GLY H 18 -0.73 -8.05 -33.95
C GLY H 18 -0.31 -9.22 -34.81
N ALA H 19 -1.03 -10.33 -34.66
CA ALA H 19 -0.75 -11.53 -35.43
C ALA H 19 -1.36 -11.50 -36.82
N GLY H 20 -2.31 -10.59 -37.08
CA GLY H 20 -2.94 -10.50 -38.38
C GLY H 20 -2.00 -10.04 -39.47
N VAL H 21 -1.01 -9.22 -39.11
CA VAL H 21 0.03 -8.84 -40.05
C VAL H 21 0.93 -10.04 -40.34
N SER H 22 1.21 -10.84 -39.32
CA SER H 22 2.08 -11.99 -39.47
C SER H 22 1.40 -13.16 -40.16
N MET H 23 0.08 -13.08 -40.35
CA MET H 23 -0.69 -14.18 -40.99
C MET H 23 -0.34 -14.24 -42.49
N ASN H 24 0.01 -13.10 -43.10
CA ASN H 24 0.21 -13.05 -44.55
C ASN H 24 1.50 -13.74 -44.97
N LEU H 25 2.51 -13.76 -44.10
CA LEU H 25 3.83 -14.24 -44.50
C LEU H 25 3.93 -15.75 -44.55
N GLY H 26 2.94 -16.48 -44.04
CA GLY H 26 3.04 -17.92 -43.97
C GLY H 26 3.87 -18.42 -42.81
N LEU H 27 3.94 -17.67 -41.73
CA LEU H 27 4.66 -18.10 -40.54
C LEU H 27 3.90 -19.23 -39.86
N PRO H 28 4.61 -20.08 -39.11
CA PRO H 28 3.92 -21.12 -38.33
C PRO H 28 3.06 -20.52 -37.23
N SER H 29 1.83 -20.99 -37.15
CA SER H 29 0.83 -20.39 -36.28
C SER H 29 1.04 -20.84 -34.83
N TRP H 30 0.18 -20.32 -33.96
CA TRP H 30 0.27 -20.66 -32.54
C TRP H 30 -0.19 -22.09 -32.28
N SER H 31 -1.11 -22.60 -33.10
CA SER H 31 -1.65 -23.93 -32.91
C SER H 31 -0.59 -25.01 -33.15
N GLN H 32 0.21 -24.87 -34.21
CA GLN H 32 1.28 -25.84 -34.44
C GLN H 32 2.43 -25.66 -33.45
N LEU H 33 2.58 -24.48 -32.87
CA LEU H 33 3.49 -24.31 -31.74
C LEU H 33 3.03 -25.13 -30.53
N VAL H 34 1.71 -25.12 -30.28
CA VAL H 34 1.14 -25.95 -29.21
C VAL H 34 1.30 -27.44 -29.54
N ASP H 35 1.18 -27.79 -30.83
CA ASP H 35 1.40 -29.17 -31.26
C ASP H 35 2.84 -29.60 -31.06
N HIS H 36 3.79 -28.70 -31.33
CA HIS H 36 5.20 -29.01 -31.11
C HIS H 36 5.51 -29.17 -29.62
N ILE H 37 4.89 -28.35 -28.78
CA ILE H 37 5.03 -28.47 -27.33
C ILE H 37 4.51 -29.80 -26.84
N ALA H 38 3.34 -30.20 -27.36
CA ALA H 38 2.71 -31.46 -26.96
C ALA H 38 3.52 -32.67 -27.41
N THR H 39 4.05 -32.64 -28.63
CA THR H 39 4.87 -33.75 -29.09
C THR H 39 6.25 -33.75 -28.42
N GLU H 40 6.71 -32.60 -27.93
CA GLU H 40 7.94 -32.58 -27.15
C GLU H 40 7.72 -33.20 -25.78
N LEU H 41 6.58 -32.89 -25.15
CA LEU H 41 6.26 -33.44 -23.84
C LEU H 41 5.63 -34.82 -23.91
N GLY H 42 5.42 -35.37 -25.10
CA GLY H 42 4.86 -36.68 -25.25
C GLY H 42 3.35 -36.73 -25.38
N TYR H 43 2.67 -35.60 -25.22
CA TYR H 43 1.23 -35.59 -25.34
C TYR H 43 0.81 -35.59 -26.81
N ASP H 44 -0.45 -35.92 -27.04
CA ASP H 44 -1.01 -35.72 -28.36
C ASP H 44 -1.20 -34.23 -28.60
N PRO H 45 -1.16 -33.78 -29.87
CA PRO H 45 -1.32 -32.35 -30.15
C PRO H 45 -2.71 -31.78 -29.87
N ASP H 46 -3.72 -32.61 -29.65
CA ASP H 46 -5.05 -32.12 -29.31
C ASP H 46 -5.56 -32.61 -27.95
N ILE H 47 -4.97 -33.67 -27.38
CA ILE H 47 -5.27 -34.03 -26.01
C ILE H 47 -4.75 -32.95 -25.07
N TYR H 48 -3.53 -32.47 -25.34
CA TYR H 48 -2.92 -31.39 -24.60
C TYR H 48 -3.63 -30.06 -24.80
N ARG H 49 -4.38 -29.91 -25.88
CA ARG H 49 -5.15 -28.68 -26.10
C ARG H 49 -6.34 -28.57 -25.16
N THR H 50 -6.82 -29.67 -24.60
CA THR H 50 -7.92 -29.65 -23.65
C THR H 50 -7.42 -29.53 -22.22
N PHE H 51 -6.51 -28.58 -22.00
CA PHE H 51 -5.84 -28.41 -20.72
C PHE H 51 -5.65 -26.94 -20.38
N GLY H 52 -6.43 -26.06 -20.96
CA GLY H 52 -6.19 -24.64 -20.94
C GLY H 52 -5.86 -24.11 -22.31
N SER H 53 -5.87 -22.78 -22.43
CA SER H 53 -5.83 -22.24 -23.78
C SER H 53 -4.46 -22.13 -24.40
N ALA H 54 -3.67 -21.13 -24.02
CA ALA H 54 -2.35 -20.99 -24.62
C ALA H 54 -1.25 -20.75 -23.60
N LEU H 55 -1.49 -19.76 -22.72
CA LEU H 55 -0.45 -19.25 -21.85
C LEU H 55 -0.13 -20.24 -20.76
N GLU H 56 -1.13 -20.97 -20.27
CA GLU H 56 -0.88 -21.98 -19.26
C GLU H 56 -0.19 -23.19 -19.86
N LEU H 57 -0.41 -23.46 -21.15
CA LEU H 57 0.31 -24.53 -21.83
C LEU H 57 1.78 -24.16 -22.00
N ALA H 58 2.04 -22.89 -22.37
CA ALA H 58 3.40 -22.41 -22.48
C ALA H 58 4.11 -22.39 -21.13
N GLU H 59 3.39 -22.03 -20.07
CA GLU H 59 4.02 -22.06 -18.75
C GLU H 59 4.19 -23.47 -18.21
N TYR H 60 3.35 -24.42 -18.61
CA TYR H 60 3.60 -25.79 -18.21
C TYR H 60 4.84 -26.35 -18.90
N TYR H 61 5.03 -26.00 -20.17
CA TYR H 61 6.25 -26.39 -20.86
C TYR H 61 7.47 -25.71 -20.26
N LYS H 62 7.31 -24.45 -19.83
CA LYS H 62 8.39 -23.72 -19.18
C LYS H 62 8.75 -24.34 -17.84
N LEU H 63 7.76 -24.70 -17.04
CA LEU H 63 8.04 -25.27 -15.72
C LEU H 63 8.56 -26.70 -15.83
N LYS H 64 8.18 -27.43 -16.87
CA LYS H 64 8.78 -28.75 -17.05
C LYS H 64 10.18 -28.66 -17.65
N LYS H 65 10.52 -27.54 -18.29
CA LYS H 65 11.87 -27.38 -18.80
C LYS H 65 12.69 -26.38 -17.99
N GLY H 66 12.13 -25.76 -16.95
CA GLY H 66 12.86 -24.88 -16.07
C GLY H 66 12.98 -23.44 -16.55
N LYS H 67 12.97 -23.22 -17.86
CA LYS H 67 13.08 -21.91 -18.44
C LYS H 67 12.41 -21.93 -19.80
N ILE H 68 12.28 -20.74 -20.41
CA ILE H 68 11.62 -20.61 -21.70
C ILE H 68 12.65 -20.63 -22.82
N GLY H 69 13.86 -21.04 -22.49
CA GLY H 69 14.97 -21.13 -23.42
C GLY H 69 14.79 -21.98 -24.68
N PRO H 70 14.47 -23.28 -24.53
CA PRO H 70 14.23 -24.11 -25.71
C PRO H 70 13.05 -23.66 -26.55
N LEU H 71 12.02 -23.11 -25.93
CA LEU H 71 10.86 -22.66 -26.69
C LEU H 71 11.15 -21.35 -27.41
N ARG H 72 11.96 -20.49 -26.80
CA ARG H 72 12.40 -19.28 -27.50
C ARG H 72 13.31 -19.62 -28.67
N SER H 73 14.17 -20.63 -28.49
CA SER H 73 15.04 -21.06 -29.59
C SER H 73 14.25 -21.70 -30.72
N TRP H 74 13.22 -22.49 -30.38
CA TRP H 74 12.38 -23.11 -31.39
C TRP H 74 11.55 -22.08 -32.14
N MET H 75 11.04 -21.08 -31.43
CA MET H 75 10.27 -20.03 -32.11
C MET H 75 11.18 -19.13 -32.94
N ASP H 76 12.43 -18.95 -32.53
CA ASP H 76 13.36 -18.16 -33.34
C ASP H 76 13.78 -18.93 -34.59
N ARG H 77 13.87 -20.26 -34.49
CA ARG H 77 14.24 -21.03 -35.68
C ARG H 77 13.07 -21.19 -36.63
N MET H 78 11.84 -21.30 -36.11
CA MET H 78 10.70 -21.49 -37.00
C MET H 78 10.12 -20.20 -37.53
N TRP H 79 10.18 -19.11 -36.77
CA TRP H 79 9.59 -17.85 -37.18
C TRP H 79 10.55 -16.97 -37.95
N HIS H 80 11.76 -17.44 -38.19
CA HIS H 80 12.74 -16.74 -39.02
C HIS H 80 13.36 -17.69 -40.01
N SER H 81 12.56 -18.59 -40.55
CA SER H 81 13.04 -19.58 -41.49
C SER H 81 13.38 -18.93 -42.82
N SER H 82 14.25 -19.60 -43.58
CA SER H 82 14.73 -19.07 -44.84
C SER H 82 13.71 -19.16 -45.97
N ASP H 83 12.62 -19.88 -45.77
CA ASP H 83 11.60 -20.06 -46.79
C ASP H 83 10.54 -18.97 -46.78
N ILE H 84 10.75 -17.89 -46.03
CA ILE H 84 9.80 -16.80 -45.93
C ILE H 84 10.50 -15.52 -46.39
N ASP H 85 9.94 -14.88 -47.41
CA ASP H 85 10.49 -13.66 -47.98
C ASP H 85 9.57 -12.48 -47.70
N ILE H 86 10.16 -11.36 -47.29
CA ILE H 86 9.38 -10.16 -47.00
C ILE H 86 8.98 -9.41 -48.27
N ASN H 87 9.58 -9.75 -49.42
CA ASN H 87 9.27 -9.06 -50.66
C ASN H 87 7.89 -9.42 -51.20
N LYS H 88 7.37 -10.58 -50.85
CA LYS H 88 6.05 -10.99 -51.27
C LYS H 88 4.96 -10.49 -50.33
N SER H 89 5.33 -9.84 -49.23
CA SER H 89 4.35 -9.35 -48.27
C SER H 89 3.92 -7.94 -48.67
N LYS H 90 2.71 -7.82 -49.18
CA LYS H 90 2.19 -6.51 -49.55
C LYS H 90 1.82 -5.70 -48.31
N VAL H 91 1.41 -6.36 -47.23
CA VAL H 91 1.02 -5.66 -46.01
C VAL H 91 2.23 -5.04 -45.32
N HIS H 92 3.34 -5.79 -45.26
CA HIS H 92 4.57 -5.25 -44.67
C HIS H 92 5.18 -4.16 -45.54
N GLU H 93 5.02 -4.28 -46.86
CA GLU H 93 5.43 -3.23 -47.78
C GLU H 93 4.62 -1.96 -47.57
N TYR H 94 3.30 -2.13 -47.36
CA TYR H 94 2.42 -1.00 -47.12
C TYR H 94 2.69 -0.35 -45.76
N ILE H 95 3.13 -1.14 -44.79
CA ILE H 95 3.56 -0.58 -43.51
C ILE H 95 4.88 0.17 -43.68
N ALA H 96 5.81 -0.39 -44.46
CA ALA H 96 7.15 0.17 -44.59
C ALA H 96 7.15 1.48 -45.38
N LYS H 97 6.32 1.57 -46.41
CA LYS H 97 6.29 2.78 -47.22
C LYS H 97 5.54 3.93 -46.55
N ALA H 98 4.75 3.65 -45.51
CA ALA H 98 4.04 4.69 -44.80
C ALA H 98 5.00 5.48 -43.90
N ASN H 99 4.61 6.72 -43.62
CA ASN H 99 5.43 7.61 -42.80
C ASN H 99 5.05 7.54 -41.32
N PHE H 100 5.03 6.35 -40.76
CA PHE H 100 4.71 6.21 -39.35
C PHE H 100 5.91 6.62 -38.51
N PRO H 101 5.75 7.55 -37.57
CA PRO H 101 6.88 7.97 -36.74
C PRO H 101 7.32 6.90 -35.76
N ILE H 102 6.38 6.40 -34.96
CA ILE H 102 6.64 5.42 -33.92
C ILE H 102 5.77 4.21 -34.21
N ILE H 103 6.38 3.02 -34.20
CA ILE H 103 5.67 1.78 -34.43
C ILE H 103 5.87 0.88 -33.22
N TYR H 104 4.77 0.37 -32.66
CA TYR H 104 4.83 -0.60 -31.59
C TYR H 104 4.39 -1.96 -32.13
N THR H 105 4.80 -3.02 -31.44
CA THR H 105 4.37 -4.36 -31.82
C THR H 105 4.30 -5.26 -30.61
N THR H 106 3.35 -6.19 -30.65
CA THR H 106 3.25 -7.25 -29.67
C THR H 106 3.66 -8.59 -30.27
N ASN H 107 4.35 -8.56 -31.40
CA ASN H 107 4.89 -9.76 -32.01
C ASN H 107 6.37 -9.89 -31.67
N TYR H 108 6.82 -11.12 -31.56
CA TYR H 108 8.20 -11.38 -31.17
C TYR H 108 9.17 -11.37 -32.34
N ASP H 109 8.70 -11.71 -33.54
CA ASP H 109 9.57 -11.78 -34.70
C ASP H 109 9.93 -10.39 -35.20
N ARG H 110 10.97 -10.34 -36.03
CA ARG H 110 11.52 -9.08 -36.53
C ARG H 110 11.19 -8.84 -38.00
N TRP H 111 10.00 -9.23 -38.43
CA TRP H 111 9.66 -9.07 -39.84
C TRP H 111 9.34 -7.62 -40.21
N ILE H 112 8.93 -6.80 -39.25
CA ILE H 112 8.79 -5.38 -39.52
C ILE H 112 10.17 -4.74 -39.70
N GLU H 113 11.14 -5.19 -38.91
CA GLU H 113 12.52 -4.76 -39.08
C GLU H 113 13.09 -5.27 -40.39
N THR H 114 12.71 -6.47 -40.79
CA THR H 114 13.12 -7.03 -42.07
C THR H 114 12.53 -6.24 -43.24
N ALA H 115 11.28 -5.80 -43.08
CA ALA H 115 10.63 -4.99 -44.11
C ALA H 115 11.27 -3.61 -44.20
N LEU H 116 11.60 -3.01 -43.06
CA LEU H 116 12.23 -1.70 -43.09
C LEU H 116 13.67 -1.77 -43.59
N SER H 117 14.35 -2.90 -43.35
CA SER H 117 15.68 -3.08 -43.92
C SER H 117 15.60 -3.32 -45.42
N ASN H 118 14.59 -4.06 -45.87
CA ASN H 118 14.45 -4.36 -47.29
C ASN H 118 14.01 -3.14 -48.09
N TYR H 119 13.15 -2.31 -47.53
CA TYR H 119 12.61 -1.15 -48.23
C TYR H 119 13.38 0.11 -47.93
N GLY H 120 14.51 0.02 -47.23
CA GLY H 120 15.47 1.10 -47.13
C GLY H 120 15.24 2.11 -46.04
N LYS H 121 14.11 2.06 -45.34
CA LYS H 121 13.82 3.05 -44.30
C LYS H 121 14.59 2.67 -43.03
N GLU H 122 15.42 3.59 -42.54
CA GLU H 122 16.25 3.30 -41.38
C GLU H 122 15.44 3.38 -40.10
N TYR H 123 15.77 2.50 -39.16
CA TYR H 123 15.02 2.34 -37.92
C TYR H 123 15.97 2.12 -36.76
N ILE H 124 15.44 2.28 -35.56
CA ILE H 124 16.14 1.95 -34.32
C ILE H 124 15.23 1.03 -33.52
N LYS H 125 15.70 -0.19 -33.26
CA LYS H 125 14.90 -1.18 -32.56
C LYS H 125 15.06 -1.02 -31.06
N ILE H 126 13.94 -0.92 -30.35
CA ILE H 126 13.92 -0.74 -28.91
C ILE H 126 13.33 -1.98 -28.28
N SER H 127 14.04 -2.53 -27.29
CA SER H 127 13.52 -3.69 -26.57
C SER H 127 13.70 -3.60 -25.06
N SER H 128 14.43 -2.62 -24.54
CA SER H 128 14.67 -2.51 -23.11
C SER H 128 14.90 -1.04 -22.77
N VAL H 129 15.37 -0.80 -21.55
CA VAL H 129 15.68 0.57 -21.14
C VAL H 129 17.05 1.00 -21.65
N SER H 130 17.86 0.05 -22.12
CA SER H 130 19.18 0.39 -22.66
C SER H 130 19.07 1.12 -23.99
N ASP H 131 18.07 0.77 -24.80
CA ASP H 131 17.89 1.40 -26.10
C ASP H 131 17.15 2.72 -26.02
N ILE H 132 16.68 3.11 -24.84
CA ILE H 132 16.00 4.40 -24.68
C ILE H 132 16.98 5.55 -24.86
N ALA H 133 18.21 5.38 -24.38
CA ALA H 133 19.23 6.41 -24.53
C ALA H 133 19.74 6.52 -25.97
N LYS H 134 19.58 5.48 -26.78
CA LYS H 134 20.00 5.50 -28.17
C LYS H 134 18.88 5.92 -29.12
N ILE H 135 17.96 6.74 -28.65
CA ILE H 135 16.86 7.23 -29.47
C ILE H 135 17.38 8.31 -30.40
N ASP H 136 16.77 8.43 -31.58
CA ASP H 136 17.08 9.49 -32.53
C ASP H 136 15.78 9.91 -33.20
N ASN H 137 15.48 11.20 -33.16
CA ASN H 137 14.18 11.71 -33.53
C ASN H 137 13.89 11.66 -35.03
N ASN H 138 14.91 11.66 -35.88
CA ASN H 138 14.69 11.62 -37.32
C ASN H 138 14.57 10.21 -37.87
N LYS H 139 14.70 9.19 -37.02
CA LYS H 139 14.57 7.81 -37.43
C LYS H 139 13.38 7.19 -36.71
N THR H 140 12.70 6.27 -37.38
CA THR H 140 11.56 5.60 -36.75
C THR H 140 12.04 4.62 -35.70
N GLN H 141 11.18 4.38 -34.72
CA GLN H 141 11.51 3.50 -33.60
C GLN H 141 10.51 2.36 -33.54
N ILE H 142 11.00 1.13 -33.67
CA ILE H 142 10.18 -0.06 -33.50
C ILE H 142 10.36 -0.51 -32.07
N ILE H 143 9.29 -0.45 -31.28
CA ILE H 143 9.32 -0.87 -29.89
C ILE H 143 8.61 -2.22 -29.79
N LYS H 144 9.35 -3.24 -29.39
CA LYS H 144 8.76 -4.55 -29.13
C LYS H 144 8.14 -4.47 -27.74
N PHE H 145 6.81 -4.31 -27.71
CA PHE H 145 6.11 -4.15 -26.44
C PHE H 145 6.07 -5.45 -25.65
N HIS H 146 6.01 -6.59 -26.33
CA HIS H 146 6.02 -7.89 -25.69
C HIS H 146 7.38 -8.57 -25.82
N GLY H 147 8.44 -7.80 -25.94
CA GLY H 147 9.75 -8.36 -26.00
C GLY H 147 10.09 -8.95 -27.36
N ASP H 148 11.29 -9.52 -27.42
CA ASP H 148 11.81 -10.09 -28.65
C ASP H 148 12.76 -11.21 -28.28
N PHE H 149 13.26 -11.91 -29.29
CA PHE H 149 14.10 -13.09 -29.06
C PHE H 149 15.51 -12.77 -28.61
N ASP H 150 15.87 -11.49 -28.46
CA ASP H 150 17.18 -11.10 -27.98
C ASP H 150 17.27 -11.06 -26.46
N ASP H 151 16.19 -11.34 -25.74
CA ASP H 151 16.24 -11.31 -24.28
C ASP H 151 15.15 -12.21 -23.73
N ASP H 152 15.54 -13.24 -22.98
CA ASP H 152 14.56 -14.17 -22.43
C ASP H 152 13.87 -13.64 -21.19
N SER H 153 14.40 -12.57 -20.58
CA SER H 153 13.76 -12.03 -19.38
C SER H 153 12.52 -11.22 -19.72
N SER H 154 12.52 -10.55 -20.86
CA SER H 154 11.42 -9.68 -21.26
C SER H 154 10.46 -10.33 -22.24
N ILE H 155 10.62 -11.61 -22.53
CA ILE H 155 9.66 -12.32 -23.37
C ILE H 155 8.34 -12.49 -22.63
N VAL H 156 7.26 -12.09 -23.28
CA VAL H 156 5.91 -12.25 -22.75
C VAL H 156 5.24 -13.36 -23.52
N LEU H 157 5.33 -14.60 -23.02
CA LEU H 157 4.74 -15.75 -23.75
C LEU H 157 4.06 -16.66 -22.73
N ASP H 158 4.53 -16.62 -21.48
CA ASP H 158 3.91 -17.37 -20.40
C ASP H 158 2.97 -16.46 -19.62
N GLU H 159 2.07 -17.08 -18.84
CA GLU H 159 1.07 -16.32 -18.10
C GLU H 159 1.68 -15.52 -16.96
N THR H 160 2.82 -15.96 -16.42
CA THR H 160 3.43 -15.27 -15.28
C THR H 160 4.02 -13.92 -15.67
N SER H 161 4.82 -13.88 -16.73
CA SER H 161 5.37 -12.59 -17.15
C SER H 161 4.31 -11.74 -17.84
N TYR H 162 3.26 -12.38 -18.39
CA TYR H 162 2.10 -11.65 -18.88
C TYR H 162 1.41 -10.90 -17.76
N PHE H 163 1.10 -11.60 -16.67
CA PHE H 163 0.47 -10.98 -15.53
C PHE H 163 1.42 -10.05 -14.79
N GLN H 164 2.73 -10.20 -14.97
CA GLN H 164 3.68 -9.16 -14.59
C GLN H 164 3.48 -7.89 -15.43
N ARG H 165 3.30 -8.04 -16.74
CA ARG H 165 3.12 -6.90 -17.63
C ARG H 165 1.77 -6.21 -17.48
N LEU H 166 0.78 -6.88 -16.91
CA LEU H 166 -0.55 -6.26 -16.75
C LEU H 166 -0.59 -5.10 -15.75
N GLU H 167 0.39 -4.95 -14.86
CA GLU H 167 0.30 -3.77 -13.99
C GLU H 167 1.09 -2.58 -14.49
N PHE H 168 1.86 -2.75 -15.58
CA PHE H 168 2.51 -1.67 -16.34
C PHE H 168 3.53 -0.89 -15.50
N GLU H 169 4.55 -1.60 -15.04
CA GLU H 169 5.63 -0.96 -14.29
C GLU H 169 6.94 -0.90 -15.05
N THR H 170 7.06 -1.57 -16.18
CA THR H 170 8.29 -1.57 -16.95
C THR H 170 8.49 -0.20 -17.61
N PRO H 171 9.74 0.19 -17.91
CA PRO H 171 9.98 1.47 -18.59
C PRO H 171 9.40 1.57 -19.99
N LEU H 172 9.11 0.43 -20.65
CA LEU H 172 8.40 0.46 -21.93
C LEU H 172 6.98 0.98 -21.77
N ASP H 173 6.36 0.71 -20.62
CA ASP H 173 5.00 1.21 -20.38
C ASP H 173 5.01 2.72 -20.15
N ILE H 174 6.02 3.22 -19.43
CA ILE H 174 6.14 4.67 -19.23
C ILE H 174 6.50 5.37 -20.53
N LYS H 175 7.32 4.72 -21.36
CA LYS H 175 7.64 5.23 -22.69
C LYS H 175 6.40 5.27 -23.57
N PHE H 176 5.54 4.25 -23.46
CA PHE H 176 4.31 4.22 -24.23
C PHE H 176 3.33 5.29 -23.74
N ARG H 177 3.31 5.54 -22.43
CA ARG H 177 2.46 6.59 -21.87
C ARG H 177 2.90 7.97 -22.35
N SER H 178 4.21 8.21 -22.35
CA SER H 178 4.75 9.47 -22.83
C SER H 178 4.58 9.63 -24.34
N ASP H 179 4.62 8.53 -25.09
CA ASP H 179 4.39 8.62 -26.52
C ASP H 179 2.92 8.78 -26.86
N VAL H 180 2.01 8.21 -26.06
CA VAL H 180 0.59 8.30 -26.32
C VAL H 180 0.00 9.59 -25.78
N LEU H 181 0.75 10.35 -24.97
CA LEU H 181 0.29 11.66 -24.52
C LEU H 181 0.14 12.64 -25.68
N GLY H 182 -1.10 12.90 -26.06
CA GLY H 182 -1.37 13.84 -27.13
C GLY H 182 -1.39 13.27 -28.52
N LYS H 183 -1.60 11.96 -28.67
CA LYS H 183 -1.45 11.32 -29.97
C LYS H 183 -2.41 10.14 -30.08
N SER H 184 -2.59 9.65 -31.31
CA SER H 184 -3.52 8.57 -31.62
C SER H 184 -2.76 7.28 -31.90
N VAL H 185 -3.48 6.16 -31.91
CA VAL H 185 -2.88 4.84 -32.04
C VAL H 185 -3.70 4.00 -33.03
N LEU H 186 -3.02 3.36 -33.99
CA LEU H 186 -3.61 2.31 -34.83
C LEU H 186 -3.29 0.93 -34.29
N PHE H 187 -4.33 0.19 -33.94
CA PHE H 187 -4.24 -1.24 -33.67
C PHE H 187 -4.67 -1.98 -34.92
N ILE H 188 -3.75 -2.68 -35.57
CA ILE H 188 -4.12 -3.50 -36.72
C ILE H 188 -3.80 -4.96 -36.40
N GLY H 189 -4.60 -5.85 -36.97
CA GLY H 189 -4.40 -7.28 -36.81
C GLY H 189 -4.61 -7.85 -35.42
N TYR H 190 -5.68 -7.44 -34.74
CA TYR H 190 -5.99 -7.98 -33.42
C TYR H 190 -7.38 -8.59 -33.44
N SER H 191 -7.57 -9.68 -32.72
CA SER H 191 -8.90 -10.25 -32.65
C SER H 191 -9.46 -10.11 -31.25
N LEU H 192 -10.17 -9.02 -31.00
CA LEU H 192 -10.75 -8.82 -29.70
C LEU H 192 -11.71 -9.92 -29.46
N SER H 193 -11.19 -11.08 -29.11
CA SER H 193 -12.04 -12.22 -28.90
C SER H 193 -11.51 -13.13 -27.82
N ASP H 194 -10.40 -12.77 -27.22
CA ASP H 194 -9.80 -13.61 -26.20
C ASP H 194 -9.53 -12.74 -25.02
N ILE H 195 -10.48 -12.72 -24.11
CA ILE H 195 -10.35 -11.88 -22.94
C ILE H 195 -9.01 -11.19 -22.91
N ASN H 196 -7.98 -11.92 -22.55
CA ASN H 196 -6.69 -11.31 -22.41
C ASN H 196 -6.58 -10.14 -23.32
N ILE H 197 -6.54 -10.42 -24.59
CA ILE H 197 -6.34 -9.35 -25.52
C ILE H 197 -7.14 -8.18 -25.03
N ARG H 198 -8.43 -8.38 -24.89
CA ARG H 198 -9.26 -7.28 -24.51
C ARG H 198 -8.65 -6.61 -23.35
N LEU H 199 -8.51 -7.34 -22.25
CA LEU H 199 -8.02 -6.72 -21.05
C LEU H 199 -7.03 -5.68 -21.42
N LEU H 200 -5.93 -6.14 -22.00
CA LEU H 200 -4.89 -5.23 -22.34
C LEU H 200 -5.54 -3.94 -22.67
N PHE H 201 -6.22 -3.92 -23.79
CA PHE H 201 -6.76 -2.68 -24.23
C PHE H 201 -7.27 -1.94 -23.04
N TYR H 202 -8.22 -2.51 -22.33
CA TYR H 202 -8.79 -1.75 -21.24
C TYR H 202 -7.68 -1.02 -20.59
N LYS H 203 -6.78 -1.76 -19.98
CA LYS H 203 -5.73 -1.11 -19.24
C LYS H 203 -5.24 -0.02 -20.14
N LEU H 204 -4.57 -0.43 -21.22
CA LEU H 204 -4.04 0.54 -22.22
C LEU H 204 -5.08 1.65 -22.41
N SER H 205 -6.35 1.31 -22.67
CA SER H 205 -7.36 2.32 -22.84
C SER H 205 -7.22 3.33 -21.78
N LYS H 206 -7.23 2.89 -20.54
CA LYS H 206 -7.18 3.83 -19.46
C LYS H 206 -6.30 4.95 -19.88
N LEU H 207 -5.04 4.64 -20.15
CA LEU H 207 -4.08 5.70 -20.46
C LEU H 207 -4.75 6.90 -21.09
N TRP H 208 -5.17 6.77 -22.33
CA TRP H 208 -5.78 7.90 -23.00
C TRP H 208 -7.15 8.10 -22.45
N LYS H 209 -7.80 7.01 -22.18
CA LYS H 209 -9.17 7.08 -21.69
C LYS H 209 -9.34 8.14 -20.62
N GLU H 210 -8.88 7.85 -19.41
CA GLU H 210 -9.12 8.78 -18.34
C GLU H 210 -8.72 10.16 -18.79
N GLN H 211 -7.77 10.23 -19.71
CA GLN H 211 -7.29 11.53 -20.15
C GLN H 211 -8.37 12.29 -20.89
N LYS H 212 -8.39 13.60 -20.73
CA LYS H 212 -9.37 14.40 -21.41
C LYS H 212 -8.84 15.79 -21.48
N LEU H 213 -8.14 16.18 -20.43
CA LEU H 213 -7.61 17.52 -20.36
C LEU H 213 -7.00 17.95 -21.68
N GLU H 214 -7.25 19.19 -22.07
CA GLU H 214 -6.69 19.73 -23.30
C GLU H 214 -6.63 18.65 -24.35
N GLU H 215 -5.54 18.64 -25.11
CA GLU H 215 -5.40 17.67 -26.16
C GLU H 215 -6.74 17.08 -26.50
N ALA H 216 -6.94 15.83 -26.02
CA ALA H 216 -8.17 15.02 -26.17
C ALA H 216 -7.55 13.64 -26.32
N GLN H 217 -6.20 13.60 -26.45
CA GLN H 217 -5.53 12.34 -26.82
C GLN H 217 -6.42 11.84 -27.94
N PRO H 218 -6.68 12.64 -29.00
CA PRO H 218 -7.72 12.37 -29.98
C PRO H 218 -8.63 11.24 -29.55
N LYS H 219 -8.32 10.00 -29.92
CA LYS H 219 -9.04 8.79 -29.67
C LYS H 219 -8.52 7.83 -30.68
N SER H 220 -7.91 6.77 -30.22
CA SER H 220 -7.30 5.89 -31.18
C SER H 220 -8.32 5.08 -31.87
N TYR H 221 -7.85 4.28 -32.80
CA TYR H 221 -8.76 3.45 -33.56
C TYR H 221 -8.13 2.07 -33.77
N ILE H 222 -8.97 1.11 -34.16
CA ILE H 222 -8.55 -0.27 -34.41
C ILE H 222 -9.18 -0.71 -35.73
N PHE H 223 -8.44 -1.43 -36.56
CA PHE H 223 -9.03 -1.96 -37.78
C PHE H 223 -9.51 -3.38 -37.54
N LEU H 224 -10.68 -3.70 -38.09
CA LEU H 224 -11.20 -5.06 -38.09
C LEU H 224 -11.70 -5.43 -39.47
N PRO H 225 -11.52 -6.68 -39.89
CA PRO H 225 -12.08 -7.11 -41.17
C PRO H 225 -13.57 -7.37 -41.13
N ARG H 226 -14.18 -7.45 -39.95
CA ARG H 226 -15.58 -7.75 -39.81
C ARG H 226 -16.29 -6.61 -39.12
N PRO H 227 -17.30 -6.00 -39.76
CA PRO H 227 -18.06 -4.94 -39.09
C PRO H 227 -18.97 -5.52 -38.01
N ASN H 228 -19.06 -4.81 -36.89
CA ASN H 228 -19.70 -5.41 -35.72
C ASN H 228 -20.20 -4.35 -34.74
N PRO H 229 -21.49 -4.36 -34.37
CA PRO H 229 -22.04 -3.26 -33.55
C PRO H 229 -21.82 -3.36 -32.05
N ILE H 230 -21.68 -4.56 -31.51
CA ILE H 230 -21.57 -4.73 -30.06
C ILE H 230 -20.23 -4.21 -29.57
N GLN H 231 -19.15 -4.63 -30.22
CA GLN H 231 -17.84 -4.07 -29.92
C GLN H 231 -17.73 -2.64 -30.39
N GLU H 232 -18.57 -2.21 -31.35
CA GLU H 232 -18.64 -0.78 -31.67
C GLU H 232 -19.17 0.01 -30.48
N GLU H 233 -20.16 -0.53 -29.77
CA GLU H 233 -20.72 0.18 -28.63
C GLU H 233 -19.78 0.14 -27.43
N ILE H 234 -19.14 -1.01 -27.17
CA ILE H 234 -18.24 -1.11 -26.01
C ILE H 234 -16.94 -0.33 -26.27
N LEU H 235 -16.35 -0.51 -27.45
CA LEU H 235 -15.15 0.23 -27.80
C LEU H 235 -15.44 1.70 -28.04
N GLU H 236 -16.71 2.06 -28.30
CA GLU H 236 -17.18 3.44 -28.34
C GLU H 236 -17.37 4.02 -26.94
N GLN H 237 -17.26 3.12 -25.97
CA GLN H 237 -17.35 3.58 -24.61
C GLN H 237 -15.98 3.99 -24.18
N TRP H 238 -15.00 3.12 -24.39
CA TRP H 238 -13.67 3.43 -23.91
C TRP H 238 -13.15 4.62 -24.67
N ARG H 239 -12.79 4.43 -25.93
CA ARG H 239 -12.30 5.53 -26.74
C ARG H 239 -11.73 5.02 -28.04
N ILE H 240 -12.43 4.11 -28.70
CA ILE H 240 -11.88 3.52 -29.91
C ILE H 240 -12.90 3.10 -30.95
N GLY H 241 -13.02 3.85 -32.04
CA GLY H 241 -13.94 3.53 -33.13
C GLY H 241 -13.27 2.62 -34.12
N MET H 242 -13.94 1.55 -34.49
CA MET H 242 -13.35 0.70 -35.52
C MET H 242 -13.74 1.10 -36.92
N ILE H 243 -12.84 0.79 -37.84
CA ILE H 243 -13.02 0.94 -39.27
C ILE H 243 -13.10 -0.47 -39.83
N SER H 244 -14.07 -0.73 -40.69
CA SER H 244 -14.22 -2.05 -41.26
C SER H 244 -14.34 -1.96 -42.76
N SER H 245 -13.72 -2.92 -43.45
CA SER H 245 -13.81 -3.00 -44.90
C SER H 245 -15.05 -3.78 -45.29
N GLU H 246 -15.25 -3.91 -46.60
CA GLU H 246 -16.40 -4.62 -47.13
C GLU H 246 -15.99 -5.92 -47.81
N ASN H 247 -14.91 -6.56 -47.35
CA ASN H 247 -14.39 -7.75 -47.99
C ASN H 247 -14.30 -8.89 -46.98
N ASP H 248 -13.97 -10.07 -47.48
CA ASP H 248 -13.92 -11.29 -46.69
C ASP H 248 -12.52 -11.71 -46.28
N ASN H 249 -11.59 -11.75 -47.23
CA ASN H 249 -10.23 -12.19 -46.93
C ASN H 249 -9.50 -11.11 -46.15
N PRO H 250 -8.85 -11.44 -45.04
CA PRO H 250 -8.26 -10.39 -44.20
C PRO H 250 -7.00 -9.77 -44.77
N GLY H 251 -6.28 -10.51 -45.62
CA GLY H 251 -5.04 -9.98 -46.17
C GLY H 251 -5.26 -8.83 -47.13
N GLU H 252 -6.17 -9.01 -48.09
CA GLU H 252 -6.47 -7.92 -49.01
C GLU H 252 -7.29 -6.83 -48.33
N SER H 253 -8.00 -7.16 -47.25
CA SER H 253 -8.66 -6.14 -46.45
C SER H 253 -7.64 -5.23 -45.77
N LEU H 254 -6.56 -5.83 -45.24
CA LEU H 254 -5.47 -5.05 -44.67
C LEU H 254 -4.74 -4.25 -45.74
N GLU H 255 -4.59 -4.82 -46.94
CA GLU H 255 -3.92 -4.12 -48.04
C GLU H 255 -4.70 -2.91 -48.49
N GLU H 256 -6.02 -3.06 -48.68
CA GLU H 256 -6.85 -1.95 -49.09
C GLU H 256 -7.09 -0.95 -47.95
N PHE H 257 -6.92 -1.37 -46.69
CA PHE H 257 -6.98 -0.39 -45.62
C PHE H 257 -5.69 0.40 -45.53
N LEU H 258 -4.55 -0.25 -45.73
CA LEU H 258 -3.27 0.43 -45.61
C LEU H 258 -2.94 1.28 -46.83
N LYS H 259 -3.57 1.01 -47.97
CA LYS H 259 -3.35 1.79 -49.19
C LYS H 259 -3.81 3.24 -49.05
N ASN H 260 -4.73 3.53 -48.12
CA ASN H 260 -5.06 4.91 -47.81
C ASN H 260 -3.90 5.63 -47.13
N PHE H 261 -3.04 4.88 -46.44
CA PHE H 261 -1.89 5.48 -45.77
C PHE H 261 -0.63 5.44 -46.61
N VAL H 262 -0.58 4.59 -47.64
CA VAL H 262 0.63 4.46 -48.46
C VAL H 262 0.84 5.69 -49.32
N LEU H 263 -0.20 6.08 -50.09
CA LEU H 263 -0.08 7.07 -51.15
C LEU H 263 0.15 8.49 -50.65
N VAL H 264 -0.06 8.75 -49.37
CA VAL H 264 0.28 10.03 -48.79
C VAL H 264 1.43 9.80 -47.80
N MET I 1 -33.96 61.72 13.31
CA MET I 1 -33.12 61.67 14.50
C MET I 1 -33.88 61.03 15.67
N GLU I 2 -35.06 61.58 15.96
CA GLU I 2 -35.86 61.07 17.07
C GLU I 2 -36.41 59.68 16.78
N GLN I 3 -36.60 59.35 15.49
CA GLN I 3 -37.01 58.02 15.10
C GLN I 3 -35.88 57.02 15.38
N LEU I 4 -34.64 57.43 15.13
CA LEU I 4 -33.49 56.60 15.45
C LEU I 4 -33.32 56.42 16.95
N LEU I 5 -33.59 57.46 17.73
CA LEU I 5 -33.50 57.32 19.18
C LEU I 5 -34.63 56.46 19.73
N ALA I 6 -35.80 56.51 19.10
CA ALA I 6 -36.91 55.65 19.50
C ALA I 6 -36.62 54.19 19.16
N ASP I 7 -35.99 53.95 18.01
CA ASP I 7 -35.63 52.58 17.67
C ASP I 7 -34.44 52.09 18.48
N TYR I 8 -33.54 52.98 18.89
CA TYR I 8 -32.45 52.59 19.77
C TYR I 8 -32.96 52.29 21.17
N LYS I 9 -34.04 52.97 21.58
CA LYS I 9 -34.69 52.63 22.83
C LYS I 9 -35.34 51.27 22.78
N LYS I 10 -35.80 50.85 21.60
CA LYS I 10 -36.36 49.52 21.42
C LYS I 10 -35.33 48.50 20.97
N GLY I 11 -34.08 48.91 20.75
CA GLY I 11 -33.06 47.97 20.35
C GLY I 11 -33.15 47.49 18.92
N ASN I 12 -33.83 48.23 18.05
CA ASN I 12 -33.97 47.86 16.64
C ASN I 12 -32.97 48.58 15.75
N VAL I 13 -31.79 48.90 16.26
CA VAL I 13 -30.74 49.51 15.44
C VAL I 13 -29.54 48.58 15.40
N ILE I 14 -28.85 48.58 14.26
CA ILE I 14 -27.68 47.75 14.03
C ILE I 14 -26.57 48.67 13.55
N LEU I 15 -25.46 48.68 14.25
CA LEU I 15 -24.40 49.65 13.97
C LEU I 15 -23.47 49.08 12.92
N PHE I 16 -23.42 49.72 11.76
CA PHE I 16 -22.32 49.48 10.84
C PHE I 16 -21.14 50.38 11.17
N VAL I 17 -19.94 49.81 11.04
CA VAL I 17 -18.71 50.54 11.29
C VAL I 17 -17.87 50.48 10.03
N GLY I 18 -17.56 51.64 9.47
CA GLY I 18 -16.72 51.73 8.30
C GLY I 18 -15.28 52.04 8.67
N ALA I 19 -14.51 52.39 7.64
CA ALA I 19 -13.11 52.76 7.84
C ALA I 19 -12.96 54.20 8.29
N GLY I 20 -14.00 55.02 8.18
CA GLY I 20 -13.88 56.43 8.50
C GLY I 20 -13.82 56.75 9.98
N VAL I 21 -14.10 55.79 10.85
CA VAL I 21 -14.04 56.01 12.28
C VAL I 21 -12.62 55.95 12.80
N SER I 22 -11.71 55.40 12.01
CA SER I 22 -10.36 55.07 12.49
C SER I 22 -9.39 56.24 12.41
N MET I 23 -9.84 57.41 11.94
CA MET I 23 -8.92 58.52 11.76
C MET I 23 -8.53 59.16 13.10
N ASN I 24 -9.35 58.99 14.13
CA ASN I 24 -9.00 59.50 15.44
C ASN I 24 -7.95 58.63 16.12
N LEU I 25 -7.93 57.34 15.79
CA LEU I 25 -7.00 56.43 16.45
C LEU I 25 -5.58 56.53 15.91
N GLY I 26 -5.38 57.17 14.77
CA GLY I 26 -4.05 57.26 14.21
C GLY I 26 -3.55 55.96 13.61
N LEU I 27 -4.43 55.22 12.94
CA LEU I 27 -4.01 54.03 12.22
C LEU I 27 -3.23 54.42 10.97
N PRO I 28 -2.39 53.52 10.46
CA PRO I 28 -1.78 53.75 9.14
C PRO I 28 -2.82 53.87 8.04
N SER I 29 -2.56 54.79 7.12
CA SER I 29 -3.49 55.07 6.04
C SER I 29 -3.36 54.03 4.95
N TRP I 30 -4.29 54.09 3.99
CA TRP I 30 -4.18 53.25 2.81
C TRP I 30 -3.03 53.70 1.92
N SER I 31 -2.78 55.01 1.88
CA SER I 31 -1.69 55.56 1.09
C SER I 31 -0.33 55.14 1.62
N GLN I 32 -0.21 54.99 2.95
CA GLN I 32 1.03 54.47 3.52
C GLN I 32 1.26 53.02 3.14
N LEU I 33 0.17 52.25 3.01
CA LEU I 33 0.31 50.89 2.51
C LEU I 33 0.67 50.88 1.03
N VAL I 34 0.21 51.86 0.27
CA VAL I 34 0.60 51.96 -1.14
C VAL I 34 2.09 52.28 -1.25
N ASP I 35 2.59 53.17 -0.37
CA ASP I 35 4.02 53.50 -0.33
C ASP I 35 4.87 52.29 0.07
N HIS I 36 4.43 51.57 1.11
CA HIS I 36 5.13 50.35 1.53
C HIS I 36 5.05 49.27 0.46
N ILE I 37 3.94 49.21 -0.27
CA ILE I 37 3.76 48.08 -1.15
C ILE I 37 4.53 48.35 -2.45
N ALA I 38 4.76 49.63 -2.77
CA ALA I 38 5.62 50.00 -3.88
C ALA I 38 7.09 49.79 -3.53
N THR I 39 7.46 50.11 -2.29
CA THR I 39 8.83 49.88 -1.83
C THR I 39 9.15 48.39 -1.81
N GLU I 40 8.19 47.56 -1.36
CA GLU I 40 8.34 46.12 -1.38
C GLU I 40 8.36 45.58 -2.81
N LEU I 41 7.61 46.19 -3.71
CA LEU I 41 7.62 45.74 -5.09
C LEU I 41 8.73 46.38 -5.92
N GLY I 42 9.56 47.23 -5.32
CA GLY I 42 10.60 47.89 -6.07
C GLY I 42 10.09 48.97 -7.00
N TYR I 43 9.11 49.76 -6.56
CA TYR I 43 8.55 50.84 -7.35
C TYR I 43 8.61 52.12 -6.54
N ASP I 44 8.70 53.24 -7.25
CA ASP I 44 8.50 54.53 -6.61
C ASP I 44 7.04 54.63 -6.19
N PRO I 45 6.76 55.19 -5.00
CA PRO I 45 5.37 55.21 -4.50
C PRO I 45 4.41 56.05 -5.31
N ASP I 46 4.84 57.22 -5.78
CA ASP I 46 3.94 58.07 -6.55
C ASP I 46 3.67 57.49 -7.94
N ILE I 47 4.68 56.90 -8.57
CA ILE I 47 4.45 56.37 -9.91
C ILE I 47 3.68 55.06 -9.82
N TYR I 48 3.76 54.36 -8.69
CA TYR I 48 2.91 53.19 -8.51
C TYR I 48 1.48 53.62 -8.23
N ARG I 49 1.32 54.76 -7.56
CA ARG I 49 0.00 55.32 -7.30
C ARG I 49 -0.66 55.84 -8.58
N THR I 50 0.12 56.22 -9.59
CA THR I 50 -0.46 56.73 -10.84
C THR I 50 -1.22 55.70 -11.64
N PHE I 51 -0.55 54.67 -12.14
CA PHE I 51 -1.24 53.69 -12.97
C PHE I 51 -1.73 52.55 -12.09
N GLY I 52 -3.01 52.23 -12.23
CA GLY I 52 -3.73 51.36 -11.33
C GLY I 52 -4.51 52.19 -10.32
N SER I 53 -5.58 51.60 -9.79
CA SER I 53 -6.44 52.28 -8.83
C SER I 53 -5.86 52.15 -7.43
N ALA I 54 -6.66 52.52 -6.43
CA ALA I 54 -6.22 52.46 -5.05
C ALA I 54 -6.29 51.05 -4.46
N LEU I 55 -6.88 50.09 -5.17
CA LEU I 55 -6.93 48.74 -4.63
C LEU I 55 -6.64 47.65 -5.65
N GLU I 56 -6.55 47.97 -6.91
CA GLU I 56 -6.17 46.92 -7.82
C GLU I 56 -4.75 46.57 -7.47
N LEU I 57 -3.89 47.58 -7.34
CA LEU I 57 -2.47 47.35 -7.09
C LEU I 57 -2.23 46.38 -5.94
N ALA I 58 -3.19 46.27 -5.02
CA ALA I 58 -3.13 45.23 -4.00
C ALA I 58 -3.26 43.84 -4.62
N GLU I 59 -4.13 43.69 -5.62
CA GLU I 59 -4.21 42.40 -6.30
C GLU I 59 -2.99 42.18 -7.20
N TYR I 60 -2.38 43.26 -7.69
CA TYR I 60 -1.12 43.11 -8.42
C TYR I 60 -0.03 42.58 -7.51
N TYR I 61 0.03 43.07 -6.28
CA TYR I 61 0.98 42.54 -5.30
C TYR I 61 0.62 41.11 -4.91
N LYS I 62 -0.68 40.80 -4.83
CA LYS I 62 -1.13 39.45 -4.51
C LYS I 62 -0.73 38.45 -5.59
N LEU I 63 -0.86 38.84 -6.85
CA LEU I 63 -0.46 37.97 -7.94
C LEU I 63 1.06 37.89 -8.07
N LYS I 64 1.77 38.99 -7.81
CA LYS I 64 3.21 38.97 -7.95
C LYS I 64 3.90 38.22 -6.81
N LYS I 65 3.31 38.21 -5.62
CA LYS I 65 3.88 37.51 -4.48
C LYS I 65 3.10 36.26 -4.11
N GLY I 66 2.46 35.63 -5.10
CA GLY I 66 1.81 34.36 -4.87
C GLY I 66 0.42 34.44 -4.26
N LYS I 67 0.30 35.03 -3.07
CA LYS I 67 -0.95 35.05 -2.35
C LYS I 67 -1.03 36.25 -1.40
N ILE I 68 -2.11 36.31 -0.62
CA ILE I 68 -2.42 37.48 0.20
C ILE I 68 -1.62 37.51 1.49
N GLY I 69 -0.92 36.42 1.82
CA GLY I 69 -0.19 36.23 3.07
C GLY I 69 0.75 37.30 3.60
N PRO I 70 1.78 37.69 2.83
CA PRO I 70 2.70 38.73 3.32
C PRO I 70 2.06 40.09 3.49
N LEU I 71 1.10 40.42 2.60
CA LEU I 71 0.37 41.72 2.67
C LEU I 71 -0.37 41.77 4.00
N ARG I 72 -1.20 40.76 4.28
CA ARG I 72 -1.99 40.78 5.51
C ARG I 72 -1.13 40.56 6.74
N SER I 73 0.07 39.98 6.59
CA SER I 73 1.04 40.00 7.69
C SER I 73 1.49 41.41 8.00
N TRP I 74 1.70 42.22 6.95
CA TRP I 74 2.08 43.62 7.17
C TRP I 74 0.93 44.44 7.76
N MET I 75 -0.30 44.20 7.29
CA MET I 75 -1.48 44.83 7.87
C MET I 75 -1.67 44.45 9.33
N ASP I 76 -1.45 43.17 9.66
CA ASP I 76 -1.61 42.73 11.05
C ASP I 76 -0.48 43.26 11.93
N ARG I 77 0.69 43.52 11.35
CA ARG I 77 1.77 44.06 12.16
C ARG I 77 1.56 45.54 12.47
N MET I 78 1.41 46.37 11.45
CA MET I 78 1.29 47.81 11.75
C MET I 78 -0.12 48.26 12.09
N TRP I 79 -1.13 47.42 11.93
CA TRP I 79 -2.47 47.82 12.33
C TRP I 79 -2.72 47.61 13.81
N HIS I 80 -1.85 46.88 14.51
CA HIS I 80 -2.00 46.63 15.93
C HIS I 80 -0.69 46.89 16.65
N SER I 81 0.01 47.96 16.28
CA SER I 81 1.24 48.31 16.96
C SER I 81 0.93 48.88 18.34
N SER I 82 1.92 48.78 19.23
CA SER I 82 1.75 49.23 20.61
C SER I 82 1.74 50.74 20.77
N ASP I 83 2.06 51.49 19.71
CA ASP I 83 2.03 52.95 19.78
C ASP I 83 0.63 53.50 19.76
N ILE I 84 -0.37 52.68 19.42
CA ILE I 84 -1.75 53.13 19.35
C ILE I 84 -2.41 52.92 20.70
N ASP I 85 -2.89 54.00 21.30
CA ASP I 85 -3.61 53.95 22.57
C ASP I 85 -5.10 53.98 22.27
N ILE I 86 -5.86 53.13 22.93
CA ILE I 86 -7.28 53.02 22.65
C ILE I 86 -8.14 53.80 23.65
N ASN I 87 -7.58 54.21 24.79
CA ASN I 87 -8.37 55.00 25.74
C ASN I 87 -8.53 56.44 25.27
N LYS I 88 -7.63 56.93 24.43
CA LYS I 88 -7.68 58.32 24.00
C LYS I 88 -8.76 58.60 22.95
N SER I 89 -9.26 57.57 22.29
CA SER I 89 -10.27 57.75 21.25
C SER I 89 -11.65 57.76 21.90
N LYS I 90 -12.31 58.92 21.86
CA LYS I 90 -13.61 59.04 22.49
C LYS I 90 -14.72 58.34 21.72
N VAL I 91 -14.55 58.19 20.41
CA VAL I 91 -15.62 57.62 19.59
C VAL I 91 -15.73 56.12 19.83
N HIS I 92 -14.60 55.43 20.06
CA HIS I 92 -14.64 54.02 20.38
C HIS I 92 -15.21 53.78 21.77
N GLU I 93 -14.94 54.71 22.69
CA GLU I 93 -15.56 54.66 24.03
C GLU I 93 -17.06 54.85 23.94
N TYR I 94 -17.52 55.76 23.09
CA TYR I 94 -18.95 55.98 22.92
C TYR I 94 -19.61 54.81 22.21
N ILE I 95 -18.87 54.12 21.34
CA ILE I 95 -19.40 52.90 20.72
C ILE I 95 -19.53 51.80 21.75
N ALA I 96 -18.51 51.61 22.58
CA ALA I 96 -18.50 50.52 23.55
C ALA I 96 -19.48 50.75 24.69
N LYS I 97 -19.77 52.00 25.01
CA LYS I 97 -20.72 52.26 26.09
C LYS I 97 -22.16 52.29 25.61
N ALA I 98 -22.39 52.25 24.30
CA ALA I 98 -23.75 52.24 23.80
C ALA I 98 -24.34 50.85 23.86
N ASN I 99 -25.66 50.78 23.83
CA ASN I 99 -26.37 49.50 23.92
C ASN I 99 -26.66 48.93 22.54
N PHE I 100 -25.59 48.71 21.79
CA PHE I 100 -25.70 48.13 20.46
C PHE I 100 -25.65 46.61 20.59
N PRO I 101 -26.71 45.89 20.24
CA PRO I 101 -26.63 44.43 20.35
C PRO I 101 -25.78 43.80 19.26
N ILE I 102 -25.96 44.23 18.01
CA ILE I 102 -25.23 43.69 16.88
C ILE I 102 -24.44 44.82 16.25
N ILE I 103 -23.14 44.62 16.08
CA ILE I 103 -22.26 45.63 15.46
C ILE I 103 -21.60 44.98 14.27
N TYR I 104 -21.99 45.39 13.07
CA TYR I 104 -21.29 44.95 11.88
C TYR I 104 -20.14 45.90 11.60
N THR I 105 -19.11 45.38 10.95
CA THR I 105 -17.99 46.22 10.57
C THR I 105 -17.32 45.69 9.31
N THR I 106 -16.73 46.61 8.55
CA THR I 106 -15.90 46.26 7.42
C THR I 106 -14.42 46.51 7.71
N ASN I 107 -14.09 46.82 8.96
CA ASN I 107 -12.70 47.00 9.33
C ASN I 107 -12.04 45.64 9.52
N TYR I 108 -10.79 45.55 9.09
CA TYR I 108 -10.03 44.32 9.28
C TYR I 108 -9.30 44.29 10.61
N ASP I 109 -9.29 45.39 11.35
CA ASP I 109 -8.57 45.43 12.62
C ASP I 109 -9.43 44.87 13.73
N ARG I 110 -8.89 44.90 14.95
CA ARG I 110 -9.59 44.40 16.13
C ARG I 110 -9.81 45.49 17.16
N TRP I 111 -9.82 46.75 16.75
CA TRP I 111 -9.91 47.82 17.74
C TRP I 111 -11.31 48.00 18.30
N ILE I 112 -12.35 47.56 17.58
CA ILE I 112 -13.69 47.58 18.17
C ILE I 112 -13.81 46.51 19.23
N GLU I 113 -13.22 45.34 18.98
CA GLU I 113 -13.20 44.26 19.97
C GLU I 113 -12.36 44.63 21.18
N THR I 114 -11.22 45.28 20.94
CA THR I 114 -10.37 45.72 22.05
C THR I 114 -11.02 46.87 22.80
N ALA I 115 -11.81 47.69 22.12
CA ALA I 115 -12.56 48.75 22.79
C ALA I 115 -13.67 48.18 23.65
N LEU I 116 -14.31 47.12 23.19
CA LEU I 116 -15.32 46.47 24.01
C LEU I 116 -14.70 45.74 25.19
N SER I 117 -13.50 45.18 25.00
CA SER I 117 -12.82 44.51 26.10
C SER I 117 -12.29 45.52 27.12
N ASN I 118 -11.96 46.72 26.68
CA ASN I 118 -11.39 47.72 27.57
C ASN I 118 -12.40 48.34 28.50
N TYR I 119 -13.70 48.22 28.19
CA TYR I 119 -14.74 48.80 29.01
C TYR I 119 -15.62 47.73 29.67
N GLY I 120 -15.13 46.50 29.75
CA GLY I 120 -15.80 45.48 30.51
C GLY I 120 -17.06 44.91 29.89
N LYS I 121 -17.21 45.01 28.58
CA LYS I 121 -18.38 44.47 27.90
C LYS I 121 -17.97 43.25 27.08
N GLU I 122 -18.70 42.16 27.23
CA GLU I 122 -18.35 40.92 26.57
C GLU I 122 -18.70 40.97 25.09
N TYR I 123 -17.77 40.50 24.26
CA TYR I 123 -17.95 40.51 22.81
C TYR I 123 -17.79 39.10 22.27
N ILE I 124 -18.34 38.87 21.09
CA ILE I 124 -18.17 37.64 20.33
C ILE I 124 -17.83 38.03 18.89
N LYS I 125 -16.68 37.60 18.41
CA LYS I 125 -16.26 37.91 17.06
C LYS I 125 -16.74 36.83 16.10
N ILE I 126 -17.40 37.25 15.03
CA ILE I 126 -17.88 36.34 13.99
C ILE I 126 -17.19 36.72 12.70
N SER I 127 -16.49 35.75 12.10
CA SER I 127 -15.81 36.03 10.84
C SER I 127 -16.21 35.01 9.79
N SER I 128 -16.39 33.76 10.19
CA SER I 128 -16.72 32.68 9.27
C SER I 128 -18.07 32.11 9.64
N VAL I 129 -18.46 31.05 8.93
CA VAL I 129 -19.79 30.47 9.11
C VAL I 129 -19.87 29.59 10.35
N SER I 130 -18.73 29.15 10.89
CA SER I 130 -18.79 28.28 12.06
C SER I 130 -19.03 29.04 13.35
N ASP I 131 -18.84 30.36 13.34
CA ASP I 131 -18.98 31.16 14.54
C ASP I 131 -20.42 31.59 14.80
N ILE I 132 -21.35 31.32 13.88
CA ILE I 132 -22.74 31.69 14.10
C ILE I 132 -23.36 30.81 15.18
N ALA I 133 -22.84 29.60 15.35
CA ALA I 133 -23.30 28.74 16.43
C ALA I 133 -22.80 29.19 17.79
N LYS I 134 -21.82 30.07 17.84
CA LYS I 134 -21.24 30.55 19.09
C LYS I 134 -21.92 31.81 19.59
N ILE I 135 -23.08 32.17 19.06
CA ILE I 135 -23.74 33.42 19.40
C ILE I 135 -24.40 33.28 20.77
N ASP I 136 -24.07 34.21 21.67
CA ASP I 136 -24.73 34.34 22.96
C ASP I 136 -25.48 35.66 22.95
N ASN I 137 -26.75 35.62 23.34
CA ASN I 137 -27.57 36.82 23.30
C ASN I 137 -27.32 37.76 24.47
N ASN I 138 -26.51 37.37 25.44
CA ASN I 138 -26.13 38.27 26.53
C ASN I 138 -24.84 39.02 26.25
N LYS I 139 -24.24 38.82 25.07
CA LYS I 139 -23.02 39.51 24.69
C LYS I 139 -23.24 40.21 23.36
N THR I 140 -22.42 41.23 23.11
CA THR I 140 -22.53 42.02 21.90
C THR I 140 -21.85 41.29 20.75
N GLN I 141 -22.60 41.01 19.68
CA GLN I 141 -22.04 40.31 18.54
C GLN I 141 -21.29 41.27 17.64
N ILE I 142 -20.07 40.89 17.24
CA ILE I 142 -19.27 41.65 16.29
C ILE I 142 -19.10 40.77 15.06
N ILE I 143 -19.44 41.30 13.90
CA ILE I 143 -19.28 40.58 12.65
C ILE I 143 -18.29 41.32 11.78
N LYS I 144 -17.17 40.68 11.50
CA LYS I 144 -16.20 41.23 10.55
C LYS I 144 -16.71 40.85 9.18
N PHE I 145 -17.58 41.72 8.65
CA PHE I 145 -18.32 41.46 7.42
C PHE I 145 -17.42 41.39 6.19
N HIS I 146 -16.25 42.01 6.23
CA HIS I 146 -15.30 41.93 5.14
C HIS I 146 -14.12 41.02 5.47
N GLY I 147 -14.23 40.22 6.52
CA GLY I 147 -13.16 39.31 6.88
C GLY I 147 -12.28 39.88 7.97
N ASP I 148 -11.29 39.09 8.35
CA ASP I 148 -10.41 39.45 9.45
C ASP I 148 -9.03 38.86 9.16
N PHE I 149 -8.06 39.28 9.98
CA PHE I 149 -6.67 38.92 9.74
C PHE I 149 -6.36 37.46 10.05
N ASP I 150 -7.22 36.77 10.79
CA ASP I 150 -6.98 35.39 11.13
C ASP I 150 -7.62 34.41 10.15
N ASP I 151 -7.94 34.86 8.95
CA ASP I 151 -8.52 34.00 7.91
C ASP I 151 -8.18 34.62 6.56
N ASP I 152 -7.24 34.02 5.85
CA ASP I 152 -6.83 34.57 4.56
C ASP I 152 -7.84 34.30 3.46
N SER I 153 -8.73 33.32 3.63
CA SER I 153 -9.72 33.05 2.58
C SER I 153 -10.84 34.07 2.60
N SER I 154 -11.21 34.57 3.78
CA SER I 154 -12.31 35.51 3.91
C SER I 154 -11.86 36.96 3.79
N ILE I 155 -10.57 37.20 3.54
CA ILE I 155 -10.05 38.55 3.43
C ILE I 155 -10.51 39.18 2.12
N VAL I 156 -11.05 40.40 2.22
CA VAL I 156 -11.42 41.16 1.04
C VAL I 156 -10.48 42.35 0.91
N LEU I 157 -9.38 42.15 0.20
CA LEU I 157 -8.39 43.19 -0.07
C LEU I 157 -8.15 43.41 -1.55
N ASP I 158 -8.60 42.51 -2.43
CA ASP I 158 -8.30 42.57 -3.84
C ASP I 158 -9.58 42.66 -4.65
N GLU I 159 -9.43 43.10 -5.92
CA GLU I 159 -10.57 43.28 -6.82
C GLU I 159 -11.26 41.95 -7.15
N THR I 160 -10.49 40.86 -7.25
CA THR I 160 -11.08 39.55 -7.47
C THR I 160 -11.92 39.14 -6.26
N SER I 161 -11.42 39.37 -5.05
CA SER I 161 -12.23 39.16 -3.86
C SER I 161 -13.27 40.25 -3.69
N TYR I 162 -12.99 41.46 -4.14
CA TYR I 162 -13.91 42.57 -3.83
C TYR I 162 -15.02 42.51 -4.76
N PHE I 163 -15.30 41.33 -5.22
CA PHE I 163 -16.31 41.27 -6.23
C PHE I 163 -17.37 40.25 -5.91
N GLN I 164 -17.11 38.96 -6.05
CA GLN I 164 -18.21 38.09 -5.68
C GLN I 164 -18.73 38.36 -4.28
N ARG I 165 -18.07 39.26 -3.55
CA ARG I 165 -18.67 39.79 -2.34
C ARG I 165 -19.92 40.60 -2.68
N LEU I 166 -19.92 41.30 -3.81
CA LEU I 166 -21.06 42.14 -4.19
C LEU I 166 -22.29 41.36 -4.63
N GLU I 167 -22.16 40.10 -5.05
CA GLU I 167 -23.34 39.32 -5.41
C GLU I 167 -24.15 38.87 -4.21
N PHE I 168 -23.60 38.99 -3.00
CA PHE I 168 -24.30 38.78 -1.71
C PHE I 168 -24.77 37.32 -1.58
N GLU I 169 -23.83 36.41 -1.80
CA GLU I 169 -24.11 34.98 -1.77
C GLU I 169 -23.38 34.24 -0.68
N THR I 170 -22.44 34.89 0.02
CA THR I 170 -21.80 34.27 1.17
C THR I 170 -22.82 34.16 2.31
N PRO I 171 -22.67 33.18 3.21
CA PRO I 171 -23.63 33.03 4.31
C PRO I 171 -23.64 34.18 5.31
N LEU I 172 -22.59 35.01 5.33
CA LEU I 172 -22.61 36.18 6.18
C LEU I 172 -23.61 37.21 5.66
N ASP I 173 -23.84 37.23 4.34
CA ASP I 173 -24.90 38.07 3.79
C ASP I 173 -26.28 37.56 4.19
N ILE I 174 -26.45 36.24 4.30
CA ILE I 174 -27.71 35.67 4.76
C ILE I 174 -27.94 36.04 6.22
N LYS I 175 -26.87 35.99 7.03
CA LYS I 175 -26.96 36.42 8.42
C LYS I 175 -27.30 37.90 8.53
N PHE I 176 -26.68 38.71 7.69
CA PHE I 176 -26.93 40.16 7.65
C PHE I 176 -28.36 40.48 7.28
N ARG I 177 -28.90 39.77 6.28
CA ARG I 177 -30.28 39.94 5.88
C ARG I 177 -31.24 39.55 7.00
N SER I 178 -30.88 38.49 7.73
CA SER I 178 -31.73 38.02 8.82
C SER I 178 -31.77 38.99 9.98
N ASP I 179 -30.65 39.64 10.32
CA ASP I 179 -30.77 40.64 11.38
C ASP I 179 -31.40 41.94 10.88
N VAL I 180 -31.22 42.27 9.60
CA VAL I 180 -31.68 43.58 9.13
C VAL I 180 -33.19 43.59 8.85
N LEU I 181 -33.81 42.41 8.68
CA LEU I 181 -35.22 42.29 8.28
C LEU I 181 -36.21 43.03 9.20
N GLY I 182 -36.04 42.96 10.50
CA GLY I 182 -36.95 43.68 11.35
C GLY I 182 -36.45 44.99 11.90
N LYS I 183 -35.16 45.30 11.72
CA LYS I 183 -34.52 46.39 12.44
C LYS I 183 -33.91 47.42 11.48
N SER I 184 -33.79 48.65 11.97
CA SER I 184 -33.07 49.66 11.23
C SER I 184 -31.58 49.43 11.33
N VAL I 185 -30.83 50.02 10.41
CA VAL I 185 -29.38 49.88 10.38
C VAL I 185 -28.74 51.25 10.25
N LEU I 186 -27.75 51.53 11.09
CA LEU I 186 -27.05 52.80 11.13
C LEU I 186 -25.66 52.63 10.55
N PHE I 187 -25.30 53.50 9.61
CA PHE I 187 -24.00 53.45 8.94
C PHE I 187 -23.20 54.66 9.37
N ILE I 188 -22.02 54.42 9.95
CA ILE I 188 -21.10 55.51 10.28
C ILE I 188 -19.75 55.21 9.63
N GLY I 189 -18.97 56.25 9.45
CA GLY I 189 -17.62 56.14 8.90
C GLY I 189 -17.53 55.70 7.46
N TYR I 190 -18.48 56.10 6.63
CA TYR I 190 -18.45 55.78 5.21
C TYR I 190 -18.39 57.06 4.40
N SER I 191 -17.62 57.03 3.32
CA SER I 191 -17.34 58.23 2.54
C SER I 191 -18.36 58.48 1.43
N LEU I 192 -19.30 57.55 1.22
CA LEU I 192 -20.46 57.62 0.32
C LEU I 192 -20.08 57.55 -1.17
N SER I 193 -18.81 57.63 -1.51
CA SER I 193 -18.35 57.38 -2.87
C SER I 193 -17.96 55.94 -3.08
N ASP I 194 -18.03 55.11 -2.05
CA ASP I 194 -17.73 53.70 -2.18
C ASP I 194 -18.89 52.99 -2.86
N ILE I 195 -18.58 52.16 -3.86
CA ILE I 195 -19.58 51.50 -4.67
C ILE I 195 -20.28 50.39 -3.87
N ASN I 196 -19.58 49.85 -2.86
CA ASN I 196 -20.05 48.69 -2.12
C ASN I 196 -21.29 48.98 -1.31
N ILE I 197 -21.32 50.12 -0.61
CA ILE I 197 -22.50 50.47 0.17
C ILE I 197 -23.66 50.88 -0.72
N ARG I 198 -23.42 51.42 -1.90
CA ARG I 198 -24.52 51.77 -2.79
C ARG I 198 -25.18 50.53 -3.38
N LEU I 199 -24.37 49.53 -3.76
CA LEU I 199 -24.92 48.23 -4.13
C LEU I 199 -25.62 47.56 -2.96
N LEU I 200 -25.11 47.77 -1.74
CA LEU I 200 -25.74 47.21 -0.55
C LEU I 200 -27.12 47.80 -0.32
N PHE I 201 -27.24 49.12 -0.48
CA PHE I 201 -28.52 49.81 -0.26
C PHE I 201 -29.52 49.41 -1.33
N TYR I 202 -29.04 49.31 -2.58
CA TYR I 202 -29.94 48.96 -3.68
C TYR I 202 -30.41 47.52 -3.60
N LYS I 203 -29.52 46.59 -3.22
CA LYS I 203 -29.93 45.21 -3.05
C LYS I 203 -30.86 45.04 -1.87
N LEU I 204 -30.62 45.85 -0.87
CA LEU I 204 -31.46 45.76 0.27
C LEU I 204 -32.80 46.15 -0.21
N SER I 205 -32.91 47.31 -0.81
CA SER I 205 -34.23 47.76 -1.19
C SER I 205 -34.93 46.65 -1.87
N LYS I 206 -34.47 46.34 -3.06
CA LYS I 206 -35.13 45.33 -3.81
C LYS I 206 -35.60 44.23 -2.91
N LEU I 207 -34.68 43.58 -2.23
CA LEU I 207 -35.08 42.45 -1.42
C LEU I 207 -36.30 42.81 -0.64
N TRP I 208 -36.17 43.77 0.23
CA TRP I 208 -37.28 44.11 1.08
C TRP I 208 -38.43 44.64 0.29
N LYS I 209 -38.51 44.29 -0.98
CA LYS I 209 -39.66 44.71 -1.76
C LYS I 209 -40.22 43.51 -2.43
N GLU I 210 -39.40 42.85 -3.21
CA GLU I 210 -39.84 41.64 -3.85
C GLU I 210 -40.40 40.70 -2.82
N GLN I 211 -39.96 40.88 -1.58
CA GLN I 211 -40.43 40.02 -0.54
C GLN I 211 -41.59 40.67 0.14
N LYS I 212 -42.33 41.46 -0.61
CA LYS I 212 -43.54 42.05 -0.08
C LYS I 212 -43.45 42.46 1.36
N LEU I 213 -42.25 42.69 1.83
CA LEU I 213 -42.06 43.15 3.19
C LEU I 213 -41.87 44.65 3.26
N GLU I 214 -42.46 45.36 2.29
CA GLU I 214 -42.30 46.81 2.20
C GLU I 214 -42.96 47.51 3.39
N GLU I 215 -44.07 46.98 3.85
CA GLU I 215 -44.71 47.57 5.00
C GLU I 215 -43.79 47.39 6.19
N ALA I 216 -42.97 46.35 6.19
CA ALA I 216 -42.15 46.10 7.34
C ALA I 216 -40.69 46.35 7.13
N GLN I 217 -40.13 47.38 7.74
CA GLN I 217 -38.70 47.62 7.65
C GLN I 217 -38.55 49.06 7.93
N PRO I 218 -38.03 49.37 9.08
CA PRO I 218 -38.00 50.78 9.37
C PRO I 218 -37.08 51.46 8.42
N LYS I 219 -36.76 52.70 8.72
CA LYS I 219 -35.93 53.47 7.82
C LYS I 219 -34.47 53.33 8.24
N SER I 220 -33.61 53.05 7.29
CA SER I 220 -32.19 52.97 7.59
C SER I 220 -31.58 54.37 7.59
N TYR I 221 -30.40 54.50 8.20
CA TYR I 221 -29.78 55.80 8.32
C TYR I 221 -28.29 55.71 8.09
N ILE I 222 -27.71 56.79 7.58
CA ILE I 222 -26.28 56.90 7.34
C ILE I 222 -25.84 58.25 7.88
N PHE I 223 -24.66 58.29 8.51
CA PHE I 223 -24.13 59.52 9.06
C PHE I 223 -23.12 60.12 8.10
N LEU I 224 -23.32 61.39 7.75
CA LEU I 224 -22.38 62.16 6.97
C LEU I 224 -22.09 63.46 7.71
N PRO I 225 -20.83 63.88 7.81
CA PRO I 225 -20.52 65.10 8.55
C PRO I 225 -20.93 66.37 7.82
N ARG I 226 -21.07 66.33 6.52
CA ARG I 226 -21.49 67.49 5.77
C ARG I 226 -22.91 67.32 5.25
N PRO I 227 -23.65 68.40 5.06
CA PRO I 227 -24.93 68.29 4.36
C PRO I 227 -24.72 68.06 2.89
N ASN I 228 -25.69 67.41 2.28
CA ASN I 228 -25.59 66.98 0.89
C ASN I 228 -26.98 66.73 0.34
N PRO I 229 -27.64 67.72 -0.24
CA PRO I 229 -29.03 67.54 -0.70
C PRO I 229 -29.17 66.59 -1.88
N ILE I 230 -28.16 66.53 -2.75
CA ILE I 230 -28.22 65.65 -3.92
C ILE I 230 -28.18 64.19 -3.48
N GLN I 231 -27.21 63.86 -2.62
CA GLN I 231 -27.11 62.49 -2.13
C GLN I 231 -28.25 62.12 -1.21
N GLU I 232 -28.81 63.10 -0.49
CA GLU I 232 -29.97 62.82 0.34
C GLU I 232 -31.19 62.49 -0.51
N GLU I 233 -31.38 63.21 -1.61
CA GLU I 233 -32.49 62.92 -2.51
C GLU I 233 -32.29 61.60 -3.25
N ILE I 234 -31.04 61.23 -3.53
CA ILE I 234 -30.79 59.93 -4.16
C ILE I 234 -31.02 58.80 -3.17
N LEU I 235 -30.47 58.93 -1.95
CA LEU I 235 -30.57 57.88 -0.95
C LEU I 235 -31.97 57.75 -0.36
N GLU I 236 -32.83 58.76 -0.55
CA GLU I 236 -34.22 58.63 -0.14
C GLU I 236 -34.95 57.59 -1.00
N GLN I 237 -34.54 57.44 -2.26
CA GLN I 237 -35.10 56.42 -3.14
C GLN I 237 -34.74 55.01 -2.69
N TRP I 238 -33.65 54.85 -1.95
CA TRP I 238 -33.30 53.58 -1.32
C TRP I 238 -33.69 53.55 0.15
N ARG I 239 -34.60 54.47 0.53
CA ARG I 239 -35.28 54.52 1.82
C ARG I 239 -34.31 54.72 2.99
N ILE I 240 -33.30 55.56 2.76
CA ILE I 240 -32.31 55.89 3.77
C ILE I 240 -32.22 57.39 3.90
N GLY I 241 -32.54 57.90 5.08
CA GLY I 241 -32.34 59.32 5.36
C GLY I 241 -30.93 59.56 5.87
N MET I 242 -30.34 60.63 5.40
CA MET I 242 -29.03 61.01 5.89
C MET I 242 -29.16 61.83 7.16
N ILE I 243 -28.11 61.80 7.97
CA ILE I 243 -28.04 62.60 9.18
C ILE I 243 -26.80 63.46 9.08
N SER I 244 -26.97 64.78 9.16
CA SER I 244 -25.88 65.72 9.06
C SER I 244 -25.71 66.46 10.38
N SER I 245 -24.50 66.93 10.62
CA SER I 245 -24.17 67.66 11.84
C SER I 245 -23.69 69.06 11.49
N GLU I 246 -23.79 69.96 12.47
CA GLU I 246 -23.37 71.33 12.27
C GLU I 246 -21.88 71.53 12.45
N ASN I 247 -21.17 70.56 13.02
CA ASN I 247 -19.74 70.70 13.21
C ASN I 247 -19.01 70.41 11.91
N ASP I 248 -18.09 71.30 11.54
CA ASP I 248 -17.31 71.10 10.31
C ASP I 248 -16.20 70.08 10.51
N ASN I 249 -15.62 70.02 11.69
CA ASN I 249 -14.58 69.04 12.00
C ASN I 249 -15.21 67.66 12.09
N PRO I 250 -14.72 66.66 11.34
CA PRO I 250 -15.42 65.36 11.32
C PRO I 250 -15.30 64.55 12.61
N GLY I 251 -14.16 64.65 13.31
CA GLY I 251 -13.99 63.89 14.53
C GLY I 251 -14.92 64.38 15.64
N GLU I 252 -15.02 65.69 15.80
CA GLU I 252 -15.91 66.27 16.80
C GLU I 252 -17.37 66.04 16.44
N SER I 253 -17.68 66.06 15.14
CA SER I 253 -19.04 65.76 14.68
C SER I 253 -19.42 64.32 14.97
N LEU I 254 -18.49 63.39 14.77
CA LEU I 254 -18.76 61.98 15.03
C LEU I 254 -18.89 61.70 16.53
N GLU I 255 -18.06 62.34 17.34
CA GLU I 255 -18.17 62.18 18.79
C GLU I 255 -19.46 62.78 19.33
N GLU I 256 -19.87 63.93 18.79
CA GLU I 256 -21.14 64.53 19.19
C GLU I 256 -22.33 63.71 18.71
N PHE I 257 -22.17 62.98 17.59
CA PHE I 257 -23.24 62.12 17.13
C PHE I 257 -23.39 60.88 18.01
N LEU I 258 -22.27 60.22 18.34
CA LEU I 258 -22.36 59.04 19.20
C LEU I 258 -22.48 59.37 20.68
N LYS I 259 -22.47 60.65 21.06
CA LYS I 259 -22.79 61.01 22.44
C LYS I 259 -24.24 60.68 22.80
N ASN I 260 -25.15 60.73 21.83
CA ASN I 260 -26.59 60.62 22.07
C ASN I 260 -27.04 59.25 22.56
N PHE I 261 -26.25 58.20 22.36
CA PHE I 261 -26.66 56.87 22.77
C PHE I 261 -26.08 56.42 24.11
N VAL I 262 -25.01 57.09 24.57
CA VAL I 262 -24.30 56.65 25.76
C VAL I 262 -25.12 56.90 27.02
N LEU I 263 -25.77 58.06 27.11
CA LEU I 263 -26.42 58.49 28.35
C LEU I 263 -27.65 57.67 28.68
N VAL I 264 -28.37 57.19 27.67
CA VAL I 264 -29.53 56.35 27.89
C VAL I 264 -29.03 54.95 28.26
N MET J 1 -31.00 17.27 26.14
CA MET J 1 -31.47 17.99 27.31
C MET J 1 -30.55 19.06 27.86
N GLU J 2 -29.30 18.67 28.19
CA GLU J 2 -28.37 19.62 28.78
C GLU J 2 -27.94 20.68 27.78
N GLN J 3 -27.80 20.28 26.51
CA GLN J 3 -27.50 21.23 25.45
C GLN J 3 -28.67 22.16 25.18
N LEU J 4 -29.90 21.67 25.35
CA LEU J 4 -31.07 22.53 25.18
C LEU J 4 -31.17 23.57 26.29
N LEU J 5 -30.83 23.17 27.52
CA LEU J 5 -30.80 24.14 28.62
C LEU J 5 -29.63 25.11 28.48
N ALA J 6 -28.52 24.65 27.89
CA ALA J 6 -27.40 25.54 27.62
C ALA J 6 -27.75 26.56 26.54
N ASP J 7 -28.53 26.15 25.55
CA ASP J 7 -29.02 27.11 24.57
C ASP J 7 -30.10 28.01 25.14
N TYR J 8 -30.84 27.52 26.13
CA TYR J 8 -31.85 28.36 26.77
C TYR J 8 -31.22 29.42 27.65
N LYS J 9 -30.10 29.10 28.30
CA LYS J 9 -29.37 30.11 29.04
C LYS J 9 -28.73 31.16 28.13
N LYS J 10 -28.42 30.79 26.90
CA LYS J 10 -27.98 31.76 25.90
C LYS J 10 -29.12 32.42 25.17
N GLY J 11 -30.36 32.03 25.46
CA GLY J 11 -31.50 32.67 24.83
C GLY J 11 -31.71 32.31 23.38
N ASN J 12 -31.22 31.16 22.94
CA ASN J 12 -31.37 30.72 21.55
C ASN J 12 -32.43 29.64 21.39
N VAL J 13 -33.54 29.73 22.12
CA VAL J 13 -34.63 28.78 21.95
C VAL J 13 -35.89 29.54 21.56
N ILE J 14 -36.47 29.17 20.42
CA ILE J 14 -37.72 29.72 19.94
C ILE J 14 -38.78 28.65 20.11
N LEU J 15 -39.90 29.00 20.73
CA LEU J 15 -40.88 28.02 21.15
C LEU J 15 -42.09 28.03 20.22
N PHE J 16 -42.50 26.86 19.78
CA PHE J 16 -43.76 26.65 19.09
C PHE J 16 -44.83 26.25 20.08
N VAL J 17 -46.08 26.34 19.65
CA VAL J 17 -47.23 25.90 20.44
C VAL J 17 -48.21 25.25 19.49
N GLY J 18 -48.64 24.03 19.81
CA GLY J 18 -49.72 23.36 19.13
C GLY J 18 -50.99 23.36 19.94
N ALA J 19 -51.94 22.54 19.50
CA ALA J 19 -53.19 22.41 20.24
C ALA J 19 -53.05 21.57 21.50
N GLY J 20 -51.99 20.76 21.58
CA GLY J 20 -51.77 19.90 22.73
C GLY J 20 -51.45 20.64 24.00
N VAL J 21 -50.92 21.85 23.90
CA VAL J 21 -50.76 22.70 25.07
C VAL J 21 -52.12 23.17 25.56
N SER J 22 -52.98 23.56 24.63
CA SER J 22 -54.26 24.14 24.99
C SER J 22 -55.34 23.10 25.29
N MET J 23 -54.99 21.82 25.24
CA MET J 23 -56.00 20.75 25.45
C MET J 23 -56.37 20.64 26.94
N ASN J 24 -55.52 21.13 27.85
CA ASN J 24 -55.80 20.98 29.28
C ASN J 24 -56.80 21.99 29.80
N LEU J 25 -57.08 23.06 29.06
CA LEU J 25 -57.94 24.14 29.51
C LEU J 25 -59.42 23.83 29.43
N GLY J 26 -59.83 22.71 28.85
CA GLY J 26 -61.25 22.52 28.60
C GLY J 26 -61.72 23.32 27.42
N LEU J 27 -60.81 23.62 26.49
CA LEU J 27 -61.18 24.24 25.24
C LEU J 27 -61.97 23.26 24.39
N PRO J 28 -62.84 23.74 23.50
CA PRO J 28 -63.55 22.82 22.59
C PRO J 28 -62.59 22.14 21.62
N SER J 29 -62.92 20.90 21.29
CA SER J 29 -62.07 20.13 20.39
C SER J 29 -62.46 20.43 18.94
N TRP J 30 -61.81 19.73 18.01
CA TRP J 30 -62.18 19.91 16.62
C TRP J 30 -63.49 19.22 16.29
N SER J 31 -63.79 18.12 16.99
CA SER J 31 -65.10 17.48 16.86
C SER J 31 -66.19 18.35 17.42
N GLN J 32 -65.85 19.18 18.41
CA GLN J 32 -66.79 20.18 18.94
C GLN J 32 -67.08 21.27 17.92
N LEU J 33 -66.23 21.45 16.91
CA LEU J 33 -66.58 22.31 15.78
C LEU J 33 -67.33 21.54 14.71
N VAL J 34 -67.01 20.24 14.57
CA VAL J 34 -67.59 19.40 13.54
C VAL J 34 -69.09 19.20 13.77
N ASP J 35 -69.51 19.03 15.03
CA ASP J 35 -70.94 18.83 15.25
C ASP J 35 -71.72 20.13 15.08
N HIS J 36 -71.07 21.27 15.36
CA HIS J 36 -71.71 22.55 15.15
C HIS J 36 -71.94 22.82 13.68
N ILE J 37 -70.95 22.54 12.83
CA ILE J 37 -71.18 22.77 11.41
C ILE J 37 -72.08 21.69 10.82
N ALA J 38 -72.12 20.50 11.44
CA ALA J 38 -73.06 19.45 11.01
C ALA J 38 -74.50 19.85 11.30
N THR J 39 -74.76 20.40 12.48
CA THR J 39 -76.10 20.92 12.76
C THR J 39 -76.37 22.20 11.99
N GLU J 40 -75.32 22.93 11.58
CA GLU J 40 -75.52 24.12 10.77
C GLU J 40 -76.00 23.76 9.37
N LEU J 41 -75.52 22.66 8.80
CA LEU J 41 -76.08 22.21 7.53
C LEU J 41 -77.09 21.09 7.69
N GLY J 42 -77.51 20.78 8.91
CA GLY J 42 -78.49 19.74 9.12
C GLY J 42 -77.99 18.33 8.87
N TYR J 43 -76.71 18.09 9.09
CA TYR J 43 -76.11 16.77 8.95
C TYR J 43 -75.95 16.16 10.33
N ASP J 44 -75.82 14.86 10.35
CA ASP J 44 -75.52 14.20 11.61
C ASP J 44 -74.00 14.19 11.81
N PRO J 45 -73.53 14.41 13.04
CA PRO J 45 -72.08 14.55 13.23
C PRO J 45 -71.32 13.25 13.37
N ASP J 46 -71.69 12.27 12.62
CA ASP J 46 -70.91 11.09 12.28
C ASP J 46 -70.98 10.82 10.80
N ILE J 47 -72.16 10.99 10.20
CA ILE J 47 -72.27 10.84 8.76
C ILE J 47 -71.69 12.05 8.06
N TYR J 48 -71.58 13.19 8.74
CA TYR J 48 -70.89 14.31 8.13
C TYR J 48 -69.38 14.10 8.15
N ARG J 49 -68.87 13.50 9.21
CA ARG J 49 -67.44 13.27 9.34
C ARG J 49 -66.99 11.96 8.70
N THR J 50 -67.90 11.18 8.11
CA THR J 50 -67.45 10.03 7.33
C THR J 50 -66.79 10.44 6.03
N PHE J 51 -67.53 11.14 5.17
CA PHE J 51 -66.98 11.46 3.86
C PHE J 51 -66.30 12.83 3.83
N GLY J 52 -65.69 13.22 4.95
CA GLY J 52 -64.83 14.38 5.00
C GLY J 52 -63.96 14.30 6.23
N SER J 53 -62.80 14.96 6.19
CA SER J 53 -61.82 14.86 7.27
C SER J 53 -61.47 16.25 7.78
N ALA J 54 -62.29 16.79 8.69
CA ALA J 54 -62.09 18.03 9.44
C ALA J 54 -61.84 19.26 8.58
N LEU J 55 -60.65 19.31 7.96
CA LEU J 55 -60.26 20.43 7.11
C LEU J 55 -61.17 20.52 5.88
N GLU J 56 -61.57 19.39 5.37
CA GLU J 56 -62.46 19.51 4.27
C GLU J 56 -63.74 20.05 4.85
N LEU J 57 -64.25 19.40 5.89
CA LEU J 57 -65.55 19.81 6.49
C LEU J 57 -65.60 21.33 6.66
N ALA J 58 -64.48 21.96 7.04
CA ALA J 58 -64.42 23.42 7.13
C ALA J 58 -64.39 24.06 5.75
N GLU J 59 -63.80 23.38 4.76
CA GLU J 59 -63.87 23.83 3.37
C GLU J 59 -65.31 23.88 2.88
N TYR J 60 -66.07 22.83 3.19
CA TYR J 60 -67.48 22.79 2.77
C TYR J 60 -68.32 23.81 3.51
N TYR J 61 -68.01 24.06 4.80
CA TYR J 61 -68.76 25.08 5.53
C TYR J 61 -68.48 26.48 5.00
N LYS J 62 -67.22 26.77 4.66
CA LYS J 62 -66.87 28.04 4.06
C LYS J 62 -67.52 28.20 2.68
N LEU J 63 -67.59 27.10 1.92
CA LEU J 63 -68.12 27.19 0.57
C LEU J 63 -69.63 27.31 0.58
N LYS J 64 -70.29 26.69 1.55
CA LYS J 64 -71.74 26.80 1.60
C LYS J 64 -72.17 28.12 2.21
N LYS J 65 -71.43 28.65 3.18
CA LYS J 65 -71.80 29.93 3.75
C LYS J 65 -71.16 31.11 3.04
N GLY J 66 -70.33 30.87 2.02
CA GLY J 66 -69.73 31.92 1.23
C GLY J 66 -68.40 32.43 1.74
N LYS J 67 -68.19 32.42 3.05
CA LYS J 67 -66.94 32.88 3.66
C LYS J 67 -66.76 32.16 4.98
N ILE J 68 -65.69 32.50 5.69
CA ILE J 68 -65.39 31.88 6.98
C ILE J 68 -65.89 32.77 8.11
N GLY J 69 -66.77 33.71 7.78
CA GLY J 69 -67.33 34.67 8.72
C GLY J 69 -68.06 34.09 9.93
N PRO J 70 -69.16 33.35 9.69
CA PRO J 70 -69.84 32.69 10.81
C PRO J 70 -68.99 31.66 11.53
N LEU J 71 -68.08 31.00 10.82
CA LEU J 71 -67.17 30.07 11.46
C LEU J 71 -66.19 30.80 12.36
N ARG J 72 -65.69 31.96 11.92
CA ARG J 72 -64.80 32.77 12.75
C ARG J 72 -65.52 33.29 13.98
N SER J 73 -66.79 33.68 13.82
CA SER J 73 -67.57 34.16 14.96
C SER J 73 -67.84 33.04 15.95
N TRP J 74 -68.06 31.81 15.46
CA TRP J 74 -68.31 30.70 16.36
C TRP J 74 -67.04 30.29 17.11
N MET J 75 -65.91 30.20 16.40
CA MET J 75 -64.64 29.88 17.07
C MET J 75 -64.23 30.96 18.05
N ASP J 76 -64.45 32.24 17.72
CA ASP J 76 -64.11 33.30 18.65
C ASP J 76 -65.07 33.36 19.83
N ARG J 77 -66.29 32.87 19.67
CA ARG J 77 -67.20 32.83 20.80
C ARG J 77 -66.86 31.70 21.76
N MET J 78 -66.84 30.46 21.25
CA MET J 78 -66.63 29.34 22.16
C MET J 78 -65.17 29.06 22.49
N TRP J 79 -64.22 29.72 21.82
CA TRP J 79 -62.82 29.55 22.18
C TRP J 79 -62.39 30.51 23.27
N HIS J 80 -63.16 31.57 23.51
CA HIS J 80 -62.86 32.57 24.52
C HIS J 80 -64.05 32.77 25.44
N SER J 81 -64.73 31.68 25.79
CA SER J 81 -65.85 31.77 26.70
C SER J 81 -65.36 32.07 28.11
N SER J 82 -66.19 32.80 28.86
CA SER J 82 -65.78 33.38 30.14
C SER J 82 -65.59 32.35 31.25
N ASP J 83 -66.07 31.12 31.09
CA ASP J 83 -65.88 30.12 32.12
C ASP J 83 -64.50 29.52 32.13
N ILE J 84 -63.71 29.73 31.09
CA ILE J 84 -62.37 29.16 31.01
C ILE J 84 -61.42 29.97 31.86
N ASP J 85 -60.72 29.31 32.76
CA ASP J 85 -59.78 29.96 33.66
C ASP J 85 -58.36 29.75 33.17
N ILE J 86 -57.59 30.83 33.15
CA ILE J 86 -56.21 30.75 32.70
C ILE J 86 -55.25 30.48 33.86
N ASN J 87 -55.66 30.77 35.09
CA ASN J 87 -54.78 30.55 36.24
C ASN J 87 -54.70 29.08 36.63
N LYS J 88 -55.67 28.27 36.21
CA LYS J 88 -55.74 26.89 36.66
C LYS J 88 -54.82 25.94 35.90
N SER J 89 -54.21 26.39 34.80
CA SER J 89 -53.32 25.56 34.02
C SER J 89 -51.87 25.90 34.37
N LYS J 90 -51.11 24.88 34.77
CA LYS J 90 -49.70 25.08 35.07
C LYS J 90 -48.87 25.24 33.80
N VAL J 91 -49.38 24.75 32.67
CA VAL J 91 -48.63 24.79 31.42
C VAL J 91 -48.51 26.22 30.90
N HIS J 92 -49.62 26.96 30.92
CA HIS J 92 -49.59 28.35 30.46
C HIS J 92 -48.86 29.25 31.44
N GLU J 93 -48.94 28.93 32.73
CA GLU J 93 -48.15 29.64 33.74
C GLU J 93 -46.66 29.43 33.54
N TYR J 94 -46.25 28.19 33.24
CA TYR J 94 -44.85 27.91 33.00
C TYR J 94 -44.38 28.45 31.66
N ILE J 95 -45.29 28.62 30.71
CA ILE J 95 -44.97 29.32 29.47
C ILE J 95 -44.69 30.79 29.76
N ALA J 96 -45.54 31.40 30.59
CA ALA J 96 -45.43 32.83 30.85
C ALA J 96 -44.22 33.18 31.71
N LYS J 97 -43.91 32.33 32.69
CA LYS J 97 -42.81 32.66 33.58
C LYS J 97 -41.45 32.34 32.99
N ALA J 98 -41.40 31.56 31.91
CA ALA J 98 -40.12 31.29 31.27
C ALA J 98 -39.66 32.48 30.44
N ASN J 99 -38.37 32.55 30.20
CA ASN J 99 -37.77 33.69 29.54
C ASN J 99 -37.64 33.25 28.07
N PHE J 100 -38.75 33.33 27.36
CA PHE J 100 -38.74 33.03 25.94
C PHE J 100 -38.90 34.32 25.17
N PRO J 101 -37.93 34.71 24.34
CA PRO J 101 -38.06 35.98 23.63
C PRO J 101 -39.05 35.92 22.49
N ILE J 102 -39.04 34.85 21.71
CA ILE J 102 -39.90 34.70 20.55
C ILE J 102 -40.71 33.43 20.72
N ILE J 103 -42.03 33.55 20.60
CA ILE J 103 -42.93 32.40 20.72
C ILE J 103 -43.81 32.37 19.49
N TYR J 104 -43.72 31.30 18.71
CA TYR J 104 -44.61 31.09 17.60
C TYR J 104 -45.76 30.20 18.05
N THR J 105 -46.88 30.29 17.35
CA THR J 105 -48.01 29.42 17.65
C THR J 105 -48.83 29.19 16.40
N THR J 106 -49.45 28.03 16.33
CA THR J 106 -50.41 27.73 15.29
C THR J 106 -51.83 27.72 15.84
N ASN J 107 -52.00 28.13 17.09
CA ASN J 107 -53.34 28.27 17.64
C ASN J 107 -53.99 29.53 17.07
N TYR J 108 -55.31 29.59 17.21
CA TYR J 108 -56.07 30.74 16.81
C TYR J 108 -56.62 31.52 18.00
N ASP J 109 -56.45 31.00 19.21
CA ASP J 109 -56.96 31.64 20.39
C ASP J 109 -55.96 32.69 20.89
N ARG J 110 -56.26 33.29 22.04
CA ARG J 110 -55.42 34.31 22.64
C ARG J 110 -54.94 33.92 24.02
N TRP J 111 -54.93 32.62 24.35
CA TRP J 111 -54.65 32.23 25.72
C TRP J 111 -53.18 32.31 26.10
N ILE J 112 -52.27 32.23 25.13
CA ILE J 112 -50.87 32.52 25.44
C ILE J 112 -50.70 34.00 25.76
N GLU J 113 -51.39 34.85 24.99
CA GLU J 113 -51.37 36.28 25.25
C GLU J 113 -52.07 36.62 26.56
N THR J 114 -53.15 35.92 26.87
CA THR J 114 -53.83 36.10 28.14
C THR J 114 -52.98 35.63 29.30
N ALA J 115 -52.21 34.55 29.11
CA ALA J 115 -51.32 34.08 30.15
C ALA J 115 -50.14 35.02 30.33
N LEU J 116 -49.68 35.66 29.26
CA LEU J 116 -48.59 36.62 29.39
C LEU J 116 -49.06 37.91 30.04
N SER J 117 -50.28 38.34 29.75
CA SER J 117 -50.81 39.53 30.40
C SER J 117 -51.20 39.25 31.84
N ASN J 118 -51.57 38.01 32.14
CA ASN J 118 -52.00 37.67 33.49
C ASN J 118 -50.84 37.62 34.46
N TYR J 119 -49.64 37.31 33.96
CA TYR J 119 -48.47 37.14 34.82
C TYR J 119 -47.50 38.31 34.70
N GLY J 120 -47.97 39.46 34.26
CA GLY J 120 -47.16 40.67 34.21
C GLY J 120 -46.02 40.67 33.21
N LYS J 121 -46.25 40.12 32.01
CA LYS J 121 -45.24 40.11 30.96
C LYS J 121 -45.76 40.95 29.80
N GLU J 122 -44.99 41.96 29.40
CA GLU J 122 -45.34 42.75 28.25
C GLU J 122 -45.11 41.95 26.98
N TYR J 123 -46.07 41.99 26.07
CA TYR J 123 -45.97 41.21 24.85
C TYR J 123 -46.38 42.06 23.66
N ILE J 124 -45.85 41.69 22.50
CA ILE J 124 -46.22 42.31 21.22
C ILE J 124 -46.79 41.21 20.35
N LYS J 125 -48.07 41.30 20.06
CA LYS J 125 -48.74 40.28 19.27
C LYS J 125 -48.54 40.58 17.80
N ILE J 126 -48.05 39.60 17.05
CA ILE J 126 -47.80 39.76 15.63
C ILE J 126 -48.73 38.81 14.88
N SER J 127 -49.55 39.35 14.00
CA SER J 127 -50.46 38.54 13.22
C SER J 127 -50.22 38.65 11.72
N SER J 128 -49.96 39.86 11.23
CA SER J 128 -49.72 40.06 9.80
C SER J 128 -48.39 40.76 9.59
N VAL J 129 -48.10 41.13 8.35
CA VAL J 129 -46.81 41.71 8.01
C VAL J 129 -46.70 43.16 8.50
N SER J 130 -47.81 43.83 8.80
CA SER J 130 -47.75 45.21 9.25
C SER J 130 -47.29 45.33 10.70
N ASP J 131 -47.38 44.26 11.47
CA ASP J 131 -47.04 44.32 12.89
C ASP J 131 -45.57 44.08 13.16
N ILE J 132 -44.77 43.82 12.13
CA ILE J 132 -43.34 43.58 12.33
C ILE J 132 -42.61 44.87 12.70
N ALA J 133 -43.17 46.02 12.31
CA ALA J 133 -42.59 47.30 12.69
C ALA J 133 -42.79 47.63 14.15
N LYS J 134 -43.71 46.94 14.84
CA LYS J 134 -43.95 47.18 16.26
C LYS J 134 -43.16 46.24 17.15
N ILE J 135 -42.10 45.62 16.63
CA ILE J 135 -41.29 44.69 17.40
C ILE J 135 -40.48 45.46 18.43
N ASP J 136 -40.56 45.03 19.68
CA ASP J 136 -39.71 45.55 20.75
C ASP J 136 -38.90 44.39 21.32
N ASN J 137 -37.61 44.63 21.52
CA ASN J 137 -36.76 43.58 22.08
C ASN J 137 -36.82 43.52 23.59
N ASN J 138 -37.57 44.40 24.24
CA ASN J 138 -37.80 44.31 25.66
C ASN J 138 -39.06 43.53 26.00
N LYS J 139 -39.83 43.11 24.99
CA LYS J 139 -41.08 42.39 25.20
C LYS J 139 -41.05 41.07 24.44
N THR J 140 -41.89 40.15 24.87
CA THR J 140 -41.99 38.84 24.25
C THR J 140 -42.80 38.92 22.96
N GLN J 141 -42.23 38.42 21.87
CA GLN J 141 -42.92 38.42 20.59
C GLN J 141 -43.81 37.19 20.48
N ILE J 142 -45.08 37.41 20.17
CA ILE J 142 -46.03 36.35 19.89
C ILE J 142 -46.40 36.44 18.43
N ILE J 143 -46.08 35.42 17.65
CA ILE J 143 -46.42 35.39 16.25
C ILE J 143 -47.51 34.35 16.05
N LYS J 144 -48.69 34.80 15.65
CA LYS J 144 -49.75 33.88 15.27
C LYS J 144 -49.41 33.43 13.87
N PHE J 145 -48.64 32.34 13.77
CA PHE J 145 -48.16 31.82 12.51
C PHE J 145 -49.27 31.28 11.63
N HIS J 146 -50.42 30.94 12.20
CA HIS J 146 -51.55 30.45 11.45
C HIS J 146 -52.71 31.45 11.46
N GLY J 147 -52.45 32.68 11.87
CA GLY J 147 -53.48 33.70 11.86
C GLY J 147 -54.33 33.72 13.12
N ASP J 148 -55.02 34.85 13.28
CA ASP J 148 -55.88 35.03 14.47
C ASP J 148 -57.27 35.51 14.03
N PHE J 149 -58.20 35.61 14.96
CA PHE J 149 -59.58 35.96 14.71
C PHE J 149 -59.80 37.44 14.36
N ASP J 150 -58.78 38.30 14.51
CA ASP J 150 -58.97 39.68 14.10
C ASP J 150 -58.93 39.85 12.58
N ASP J 151 -58.26 38.95 11.86
CA ASP J 151 -58.12 39.07 10.42
C ASP J 151 -58.72 37.87 9.72
N ASP J 152 -59.62 38.11 8.77
CA ASP J 152 -60.24 37.02 8.03
C ASP J 152 -59.31 36.39 7.01
N SER J 153 -58.48 37.19 6.32
CA SER J 153 -57.69 36.65 5.23
C SER J 153 -56.49 35.84 5.72
N SER J 154 -55.98 36.14 6.91
CA SER J 154 -54.82 35.43 7.45
C SER J 154 -55.22 34.15 8.15
N ILE J 155 -56.52 33.89 8.30
CA ILE J 155 -57.01 32.65 8.89
C ILE J 155 -56.76 31.47 7.96
N VAL J 156 -56.18 30.42 8.51
CA VAL J 156 -56.08 29.13 7.86
C VAL J 156 -56.86 28.08 8.67
N LEU J 157 -58.03 27.73 8.16
CA LEU J 157 -58.90 26.71 8.73
C LEU J 157 -59.34 25.68 7.71
N ASP J 158 -58.98 25.88 6.45
CA ASP J 158 -59.46 25.05 5.35
C ASP J 158 -58.27 24.47 4.62
N GLU J 159 -58.56 23.51 3.74
CA GLU J 159 -57.52 22.73 3.08
C GLU J 159 -56.76 23.54 2.04
N THR J 160 -57.44 24.43 1.32
CA THR J 160 -56.77 25.20 0.27
C THR J 160 -55.83 26.26 0.85
N SER J 161 -56.25 26.93 1.92
CA SER J 161 -55.32 27.87 2.54
C SER J 161 -54.27 27.14 3.37
N TYR J 162 -54.55 25.89 3.76
CA TYR J 162 -53.49 25.03 4.29
C TYR J 162 -52.43 24.79 3.23
N PHE J 163 -52.83 24.59 1.99
CA PHE J 163 -51.85 24.39 0.92
C PHE J 163 -51.10 25.69 0.61
N GLN J 164 -51.81 26.84 0.66
CA GLN J 164 -51.17 28.16 0.58
C GLN J 164 -50.12 28.37 1.65
N ARG J 165 -50.39 27.95 2.89
CA ARG J 165 -49.35 28.02 3.90
C ARG J 165 -48.27 26.97 3.69
N LEU J 166 -48.57 25.91 2.95
CA LEU J 166 -47.59 24.86 2.72
C LEU J 166 -46.65 25.06 1.53
N GLU J 167 -46.85 26.04 0.62
CA GLU J 167 -45.69 26.21 -0.27
C GLU J 167 -44.60 27.07 0.35
N PHE J 168 -44.89 27.73 1.48
CA PHE J 168 -43.94 28.48 2.32
C PHE J 168 -43.28 29.64 1.56
N GLU J 169 -44.12 30.62 1.21
CA GLU J 169 -43.60 31.84 0.61
C GLU J 169 -44.23 33.11 1.17
N THR J 170 -45.07 33.01 2.19
CA THR J 170 -45.66 34.16 2.84
C THR J 170 -44.60 34.94 3.62
N PRO J 171 -44.77 36.26 3.81
CA PRO J 171 -43.75 37.04 4.54
C PRO J 171 -43.55 36.64 6.01
N LEU J 172 -44.56 36.05 6.64
CA LEU J 172 -44.37 35.51 7.98
C LEU J 172 -43.40 34.34 7.98
N ASP J 173 -43.33 33.59 6.88
CA ASP J 173 -42.35 32.53 6.77
C ASP J 173 -40.95 33.10 6.55
N ILE J 174 -40.84 34.26 5.92
CA ILE J 174 -39.55 34.94 5.80
C ILE J 174 -39.08 35.40 7.17
N LYS J 175 -40.00 35.94 7.98
CA LYS J 175 -39.67 36.32 9.35
C LYS J 175 -39.31 35.10 10.18
N PHE J 176 -40.00 33.98 9.94
CA PHE J 176 -39.71 32.74 10.63
C PHE J 176 -38.31 32.22 10.31
N ARG J 177 -37.94 32.24 9.03
CA ARG J 177 -36.63 31.77 8.59
C ARG J 177 -35.51 32.62 9.16
N SER J 178 -35.69 33.94 9.12
CA SER J 178 -34.70 34.84 9.67
C SER J 178 -34.61 34.78 11.19
N ASP J 179 -35.69 34.38 11.85
CA ASP J 179 -35.60 34.21 13.30
C ASP J 179 -34.93 32.90 13.66
N VAL J 180 -35.21 31.81 12.91
CA VAL J 180 -34.67 30.50 13.28
C VAL J 180 -33.28 30.25 12.74
N LEU J 181 -32.69 31.22 12.04
CA LEU J 181 -31.34 31.09 11.48
C LEU J 181 -30.28 30.68 12.52
N GLY J 182 -30.17 31.39 13.62
CA GLY J 182 -29.10 31.08 14.54
C GLY J 182 -29.50 30.23 15.73
N LYS J 183 -30.79 30.01 15.93
CA LYS J 183 -31.28 29.46 17.18
C LYS J 183 -31.92 28.09 16.99
N SER J 184 -31.79 27.26 18.02
CA SER J 184 -32.53 26.01 18.09
C SER J 184 -33.99 26.32 18.39
N VAL J 185 -34.88 25.41 17.99
CA VAL J 185 -36.31 25.67 18.08
C VAL J 185 -37.00 24.51 18.79
N LEU J 186 -37.81 24.83 19.79
CA LEU J 186 -38.54 23.84 20.57
C LEU J 186 -39.99 23.79 20.11
N PHE J 187 -40.49 22.59 19.84
CA PHE J 187 -41.89 22.37 19.48
C PHE J 187 -42.54 21.63 20.62
N ILE J 188 -43.67 22.14 21.12
CA ILE J 188 -44.42 21.42 22.14
C ILE J 188 -45.87 21.31 21.68
N GLY J 189 -46.55 20.29 22.19
CA GLY J 189 -47.96 20.08 21.90
C GLY J 189 -48.29 19.71 20.48
N TYR J 190 -47.46 18.90 19.84
CA TYR J 190 -47.68 18.50 18.46
C TYR J 190 -47.73 16.99 18.35
N SER J 191 -48.40 16.52 17.30
CA SER J 191 -48.48 15.10 16.99
C SER J 191 -47.81 14.85 15.64
N LEU J 192 -47.20 13.68 15.49
CA LEU J 192 -46.47 13.39 14.26
C LEU J 192 -47.38 12.97 13.12
N SER J 193 -48.67 12.77 13.36
CA SER J 193 -49.58 12.49 12.27
C SER J 193 -49.89 13.74 11.45
N ASP J 194 -49.58 14.92 11.99
CA ASP J 194 -49.70 16.17 11.23
C ASP J 194 -48.66 16.21 10.12
N ILE J 195 -49.10 16.64 8.94
CA ILE J 195 -48.22 16.66 7.78
C ILE J 195 -47.37 17.92 7.75
N ASN J 196 -47.92 19.06 8.19
CA ASN J 196 -47.26 20.35 7.97
C ASN J 196 -46.04 20.53 8.84
N ILE J 197 -45.98 19.90 10.01
CA ILE J 197 -44.80 20.00 10.86
C ILE J 197 -43.65 19.18 10.26
N ARG J 198 -43.97 18.04 9.66
CA ARG J 198 -42.96 17.22 9.01
C ARG J 198 -42.45 17.89 7.75
N LEU J 199 -43.33 18.53 7.00
CA LEU J 199 -42.89 19.22 5.80
C LEU J 199 -42.15 20.51 6.14
N LEU J 200 -42.46 21.11 7.28
CA LEU J 200 -41.69 22.25 7.77
C LEU J 200 -40.28 21.83 8.17
N PHE J 201 -40.15 20.66 8.81
CA PHE J 201 -38.85 20.06 9.10
C PHE J 201 -38.05 19.81 7.83
N TYR J 202 -38.71 19.25 6.82
CA TYR J 202 -38.06 18.93 5.56
C TYR J 202 -37.63 20.19 4.82
N LYS J 203 -38.46 21.23 4.85
CA LYS J 203 -38.12 22.51 4.22
C LYS J 203 -36.93 23.16 4.90
N LEU J 204 -36.90 23.09 6.24
CA LEU J 204 -35.77 23.63 7.01
C LEU J 204 -34.49 22.87 6.70
N SER J 205 -34.57 21.54 6.61
CA SER J 205 -33.37 20.73 6.38
C SER J 205 -32.83 20.92 4.98
N LYS J 206 -33.71 20.98 3.97
CA LYS J 206 -33.25 21.24 2.61
C LYS J 206 -32.70 22.64 2.46
N LEU J 207 -33.33 23.60 3.16
CA LEU J 207 -32.90 25.01 3.02
C LEU J 207 -31.51 25.18 3.64
N TRP J 208 -31.24 24.50 4.77
CA TRP J 208 -29.96 24.72 5.36
C TRP J 208 -29.01 23.99 4.43
N LYS J 209 -29.33 22.77 4.00
CA LYS J 209 -28.35 22.07 3.19
C LYS J 209 -28.09 22.77 1.87
N GLU J 210 -28.99 23.65 1.44
CA GLU J 210 -28.82 24.35 0.17
C GLU J 210 -27.75 25.43 0.27
N GLN J 211 -27.98 26.42 1.10
CA GLN J 211 -26.94 27.40 1.41
C GLN J 211 -25.97 26.74 2.38
N LYS J 212 -24.68 26.99 2.18
CA LYS J 212 -23.65 26.26 2.91
C LYS J 212 -23.47 26.86 4.30
N LEU J 213 -24.39 26.50 5.21
CA LEU J 213 -24.27 27.00 6.62
C LEU J 213 -24.67 25.90 7.61
N GLU J 214 -24.71 24.65 7.16
CA GLU J 214 -25.15 23.56 8.03
C GLU J 214 -24.21 23.33 9.22
N GLU J 215 -23.01 23.90 9.20
CA GLU J 215 -22.14 23.86 10.36
C GLU J 215 -22.70 24.71 11.48
N ALA J 216 -23.39 25.80 11.14
CA ALA J 216 -24.18 26.56 12.09
C ALA J 216 -25.57 25.92 12.15
N GLN J 217 -26.45 26.51 12.95
CA GLN J 217 -27.81 25.99 13.13
C GLN J 217 -27.86 24.78 14.00
N PRO J 218 -27.66 24.96 15.30
CA PRO J 218 -27.84 23.78 16.14
C PRO J 218 -29.26 23.24 16.02
N LYS J 219 -29.38 21.93 16.25
CA LYS J 219 -30.58 21.17 15.93
C LYS J 219 -31.79 21.58 16.77
N SER J 220 -32.96 21.45 16.15
CA SER J 220 -34.23 21.76 16.81
C SER J 220 -34.69 20.57 17.63
N TYR J 221 -35.74 20.78 18.42
CA TYR J 221 -36.24 19.72 19.29
C TYR J 221 -37.77 19.73 19.33
N ILE J 222 -38.34 18.56 19.59
CA ILE J 222 -39.78 18.40 19.73
C ILE J 222 -40.01 17.56 20.98
N PHE J 223 -41.11 17.80 21.69
CA PHE J 223 -41.43 17.09 22.91
C PHE J 223 -42.66 16.23 22.70
N LEU J 224 -42.48 14.91 22.75
CA LEU J 224 -43.56 13.96 22.69
C LEU J 224 -43.52 13.13 23.97
N PRO J 225 -44.61 13.09 24.74
CA PRO J 225 -44.58 12.33 25.99
C PRO J 225 -44.53 10.83 25.79
N ARG J 226 -45.09 10.32 24.69
CA ARG J 226 -44.97 8.91 24.37
C ARG J 226 -43.71 8.70 23.55
N PRO J 227 -42.77 7.87 23.99
CA PRO J 227 -41.55 7.68 23.21
C PRO J 227 -41.81 6.87 21.95
N ASN J 228 -41.11 7.22 20.90
CA ASN J 228 -41.22 6.56 19.62
C ASN J 228 -39.82 6.39 19.08
N PRO J 229 -39.36 5.15 18.89
CA PRO J 229 -37.96 4.97 18.45
C PRO J 229 -37.75 5.32 17.01
N ILE J 230 -38.65 4.91 16.11
CA ILE J 230 -38.36 5.14 14.71
C ILE J 230 -38.75 6.55 14.30
N GLN J 231 -39.59 7.22 15.08
CA GLN J 231 -39.83 8.63 14.81
C GLN J 231 -38.62 9.45 15.20
N GLU J 232 -37.92 9.05 16.27
CA GLU J 232 -36.64 9.65 16.61
C GLU J 232 -35.60 9.36 15.54
N GLU J 233 -35.67 8.17 14.93
CA GLU J 233 -34.73 7.82 13.86
C GLU J 233 -34.97 8.63 12.59
N ILE J 234 -36.23 8.84 12.19
CA ILE J 234 -36.47 9.64 10.99
C ILE J 234 -36.22 11.13 11.27
N LEU J 235 -36.58 11.62 12.46
CA LEU J 235 -36.37 13.03 12.75
C LEU J 235 -34.91 13.36 13.00
N GLU J 236 -34.09 12.36 13.31
CA GLU J 236 -32.65 12.56 13.43
C GLU J 236 -32.03 12.94 12.10
N GLN J 237 -32.57 12.44 10.99
CA GLN J 237 -32.06 12.79 9.67
C GLN J 237 -32.45 14.20 9.23
N TRP J 238 -33.32 14.87 9.97
CA TRP J 238 -33.66 16.26 9.70
C TRP J 238 -33.09 17.20 10.76
N ARG J 239 -32.26 16.67 11.66
CA ARG J 239 -31.69 17.35 12.84
C ARG J 239 -32.80 17.89 13.75
N ILE J 240 -33.71 17.00 14.12
CA ILE J 240 -34.65 17.24 15.21
C ILE J 240 -34.57 16.04 16.15
N GLY J 241 -34.19 16.27 17.41
CA GLY J 241 -34.15 15.21 18.40
C GLY J 241 -35.41 15.24 19.25
N MET J 242 -36.08 14.11 19.34
CA MET J 242 -37.26 14.03 20.18
C MET J 242 -36.86 13.94 21.65
N ILE J 243 -37.75 14.43 22.50
CA ILE J 243 -37.59 14.36 23.94
C ILE J 243 -38.79 13.61 24.49
N SER J 244 -38.54 12.54 25.23
CA SER J 244 -39.60 11.69 25.75
C SER J 244 -39.66 11.81 27.27
N SER J 245 -40.86 12.00 27.79
CA SER J 245 -41.07 12.08 29.23
C SER J 245 -41.27 10.67 29.78
N GLU J 246 -41.66 10.58 31.05
CA GLU J 246 -41.86 9.28 31.67
C GLU J 246 -43.25 9.09 32.25
N ASN J 247 -43.94 10.16 32.62
CA ASN J 247 -45.29 9.99 33.14
C ASN J 247 -46.28 9.98 32.00
N ASP J 248 -47.16 8.98 32.01
CA ASP J 248 -48.03 8.72 30.87
C ASP J 248 -49.21 9.68 30.76
N ASN J 249 -49.59 10.34 31.84
CA ASN J 249 -50.60 11.38 31.74
C ASN J 249 -49.94 12.59 31.09
N PRO J 250 -50.46 13.08 29.95
CA PRO J 250 -49.70 14.07 29.18
C PRO J 250 -49.65 15.46 29.79
N GLY J 251 -50.67 15.84 30.57
CA GLY J 251 -50.76 17.21 31.08
C GLY J 251 -49.68 17.54 32.09
N GLU J 252 -49.56 16.73 33.14
CA GLU J 252 -48.52 16.99 34.12
C GLU J 252 -47.14 16.60 33.62
N SER J 253 -47.06 15.72 32.61
CA SER J 253 -45.76 15.43 31.99
C SER J 253 -45.25 16.65 31.23
N LEU J 254 -46.14 17.31 30.48
CA LEU J 254 -45.78 18.56 29.82
C LEU J 254 -45.50 19.66 30.83
N GLU J 255 -46.22 19.66 31.96
CA GLU J 255 -45.97 20.62 33.03
C GLU J 255 -44.59 20.43 33.65
N GLU J 256 -44.19 19.19 33.94
CA GLU J 256 -42.87 18.98 34.53
C GLU J 256 -41.77 19.08 33.50
N PHE J 257 -42.08 18.99 32.20
CA PHE J 257 -41.07 19.30 31.20
C PHE J 257 -40.86 20.80 31.11
N LEU J 258 -41.93 21.59 31.13
CA LEU J 258 -41.80 23.04 31.08
C LEU J 258 -41.38 23.66 32.40
N LYS J 259 -41.34 22.87 33.47
CA LYS J 259 -40.79 23.32 34.75
C LYS J 259 -39.32 23.71 34.63
N ASN J 260 -38.57 23.04 33.74
CA ASN J 260 -37.12 23.20 33.62
C ASN J 260 -36.68 24.59 33.16
N PHE J 261 -37.55 25.36 32.52
CA PHE J 261 -37.17 26.69 32.05
C PHE J 261 -37.63 27.80 32.98
N VAL J 262 -38.49 27.51 33.94
CA VAL J 262 -39.05 28.55 34.81
C VAL J 262 -37.99 29.04 35.79
N LEU J 263 -37.26 28.12 36.40
CA LEU J 263 -36.29 28.48 37.44
C LEU J 263 -35.08 29.17 36.86
N VAL J 264 -34.74 28.89 35.61
CA VAL J 264 -33.64 29.57 34.95
C VAL J 264 -34.18 30.89 34.41
N MET K 1 16.68 50.84 -28.04
CA MET K 1 15.55 51.00 -27.14
C MET K 1 15.17 52.48 -27.18
N ASN K 2 13.87 52.78 -27.09
CA ASN K 2 13.38 54.13 -27.28
C ASN K 2 12.91 54.75 -25.97
N ILE K 3 13.13 56.07 -25.83
CA ILE K 3 12.65 56.87 -24.71
C ILE K 3 11.99 58.11 -25.31
N ARG K 4 10.70 58.30 -25.01
CA ARG K 4 10.01 59.44 -25.61
C ARG K 4 10.24 60.71 -24.80
N PHE K 5 9.91 61.84 -25.43
CA PHE K 5 9.99 63.16 -24.84
C PHE K 5 8.69 63.89 -25.11
N ILE K 6 8.21 64.63 -24.12
CA ILE K 6 6.95 65.35 -24.18
C ILE K 6 7.23 66.86 -24.18
N THR K 7 7.21 67.44 -25.38
CA THR K 7 7.44 68.87 -25.57
C THR K 7 6.81 69.30 -26.89
N ARG K 8 6.62 70.61 -27.02
CA ARG K 8 6.13 71.19 -28.26
C ARG K 8 7.19 72.03 -28.96
N ASN K 9 8.47 71.76 -28.72
CA ASN K 9 9.55 72.49 -29.35
C ASN K 9 10.13 71.65 -30.48
N ARG K 10 10.32 72.28 -31.65
CA ARG K 10 10.77 71.57 -32.83
C ARG K 10 12.25 71.23 -32.78
N HIS K 11 13.09 72.13 -32.25
CA HIS K 11 14.54 71.93 -32.30
C HIS K 11 15.02 70.83 -31.35
N LYS K 12 14.25 70.52 -30.30
CA LYS K 12 14.67 69.52 -29.33
C LYS K 12 14.62 68.11 -29.89
N ILE K 13 13.76 67.87 -30.88
CA ILE K 13 13.58 66.55 -31.50
C ILE K 13 14.86 66.09 -32.19
N LYS K 14 15.60 67.01 -32.76
CA LYS K 14 16.91 66.69 -33.32
C LYS K 14 18.05 67.00 -32.36
N GLU K 15 17.86 67.96 -31.44
CA GLU K 15 18.93 68.36 -30.53
C GLU K 15 19.26 67.29 -29.50
N ILE K 16 18.24 66.64 -28.93
CA ILE K 16 18.50 65.62 -27.92
C ILE K 16 19.02 64.35 -28.58
N ASN K 17 18.63 64.10 -29.83
CA ASN K 17 19.22 63.01 -30.60
C ASN K 17 20.69 63.28 -30.91
N LYS K 18 21.03 64.54 -31.16
CA LYS K 18 22.42 64.92 -31.42
C LYS K 18 23.27 64.83 -30.16
N ILE K 19 22.72 65.28 -29.02
CA ILE K 19 23.46 65.25 -27.76
C ILE K 19 23.63 63.82 -27.26
N LEU K 20 22.55 63.03 -27.30
CA LEU K 20 22.55 61.67 -26.81
C LEU K 20 22.92 60.65 -27.87
N SER K 21 23.66 61.07 -28.90
CA SER K 21 24.09 60.15 -29.94
C SER K 21 25.17 59.21 -29.43
N GLY K 22 25.13 57.97 -29.93
CA GLY K 22 26.07 56.95 -29.52
C GLY K 22 25.60 56.07 -28.38
N THR K 23 24.51 56.43 -27.71
CA THR K 23 23.99 55.62 -26.62
C THR K 23 23.10 54.48 -27.11
N GLY K 24 22.72 54.48 -28.38
CA GLY K 24 21.79 53.50 -28.89
C GLY K 24 20.34 53.79 -28.60
N VAL K 25 20.05 54.95 -28.02
CA VAL K 25 18.70 55.33 -27.63
C VAL K 25 18.29 56.53 -28.48
N VAL K 26 17.20 56.38 -29.22
CA VAL K 26 16.64 57.47 -30.01
C VAL K 26 15.53 58.13 -29.19
N VAL K 27 15.60 59.46 -29.09
CA VAL K 27 14.65 60.21 -28.28
C VAL K 27 13.46 60.59 -29.18
N LEU K 28 12.32 59.99 -28.92
CA LEU K 28 11.10 60.28 -29.67
C LEU K 28 10.41 61.49 -29.07
N ALA K 29 9.58 62.14 -29.89
CA ALA K 29 8.87 63.34 -29.47
C ALA K 29 7.37 63.09 -29.50
N SER K 30 6.70 63.44 -28.41
CA SER K 30 5.25 63.40 -28.31
C SER K 30 4.74 64.83 -28.29
N GLU K 31 3.59 65.05 -28.91
CA GLU K 31 3.09 66.39 -29.17
C GLU K 31 1.88 66.76 -28.32
N HIS K 32 1.74 66.16 -27.14
CA HIS K 32 0.62 66.48 -26.28
C HIS K 32 0.90 67.77 -25.50
N SER K 33 -0.17 68.43 -25.09
CA SER K 33 -0.07 69.63 -24.28
C SER K 33 0.25 69.26 -22.85
N ILE K 34 1.13 70.03 -22.21
CA ILE K 34 1.53 69.80 -20.83
C ILE K 34 1.10 70.99 -20.00
N ASP K 35 0.38 70.72 -18.92
CA ASP K 35 0.08 71.73 -17.92
C ASP K 35 1.02 71.52 -16.73
N GLU K 36 1.73 72.58 -16.37
CA GLU K 36 2.71 72.53 -15.29
C GLU K 36 2.23 73.38 -14.13
N ILE K 37 2.28 72.82 -12.92
CA ILE K 37 2.00 73.63 -11.74
C ILE K 37 3.15 74.60 -11.50
N GLN K 38 2.85 75.66 -10.77
CA GLN K 38 3.77 76.78 -10.62
C GLN K 38 4.06 77.00 -9.15
N THR K 39 5.02 76.25 -8.63
CA THR K 39 5.56 76.44 -7.29
C THR K 39 7.05 76.73 -7.41
N GLU K 40 7.62 77.25 -6.33
CA GLU K 40 9.05 77.59 -6.36
C GLU K 40 9.96 76.38 -6.26
N ASN K 41 9.49 75.29 -5.66
CA ASN K 41 10.36 74.13 -5.48
C ASN K 41 10.38 73.42 -6.82
N VAL K 42 11.55 73.40 -7.45
CA VAL K 42 11.72 72.86 -8.79
C VAL K 42 11.53 71.34 -8.79
N HIS K 43 11.88 70.69 -7.67
CA HIS K 43 11.79 69.23 -7.56
C HIS K 43 10.35 68.73 -7.63
N ALA K 44 9.40 69.46 -7.04
CA ALA K 44 8.00 69.10 -7.18
C ALA K 44 7.51 69.34 -8.61
N LEU K 45 8.07 70.33 -9.30
CA LEU K 45 7.64 70.60 -10.67
C LEU K 45 8.13 69.53 -11.63
N ILE K 46 9.40 69.11 -11.49
CA ILE K 46 9.91 68.05 -12.34
C ILE K 46 9.26 66.72 -11.95
N LYS K 47 8.90 66.54 -10.67
CA LYS K 47 8.26 65.33 -10.21
C LYS K 47 6.85 65.19 -10.77
N ASP K 48 6.01 66.22 -10.62
CA ASP K 48 4.64 66.10 -11.09
C ASP K 48 4.55 66.24 -12.60
N LYS K 49 5.53 66.88 -13.24
CA LYS K 49 5.58 66.89 -14.70
C LYS K 49 5.90 65.49 -15.23
N LEU K 50 6.81 64.79 -14.56
CA LEU K 50 7.09 63.40 -14.94
C LEU K 50 5.93 62.48 -14.60
N LEU K 51 5.20 62.76 -13.52
CA LEU K 51 4.04 61.96 -13.15
C LEU K 51 2.92 62.10 -14.17
N LYS K 52 2.65 63.33 -14.61
CA LYS K 52 1.63 63.55 -15.62
C LYS K 52 2.07 63.03 -16.98
N ALA K 53 3.38 63.08 -17.27
CA ALA K 53 3.90 62.53 -18.51
C ALA K 53 3.76 61.01 -18.54
N PHE K 54 4.11 60.35 -17.45
CA PHE K 54 4.01 58.89 -17.38
C PHE K 54 2.56 58.45 -17.33
N LYS K 55 1.67 59.29 -16.80
CA LYS K 55 0.25 58.99 -16.93
C LYS K 55 -0.22 59.19 -18.37
N LEU K 56 0.45 60.10 -19.10
CA LEU K 56 0.04 60.38 -20.48
C LEU K 56 0.44 59.26 -21.44
N VAL K 57 1.63 58.69 -21.30
CA VAL K 57 2.10 57.67 -22.23
C VAL K 57 2.17 56.27 -21.58
N GLY K 58 2.75 56.15 -20.40
CA GLY K 58 2.91 54.84 -19.80
C GLY K 58 4.12 54.06 -20.26
N ARG K 59 5.12 54.74 -20.80
CA ARG K 59 6.36 54.16 -21.29
C ARG K 59 7.50 54.93 -20.64
N PRO K 60 8.71 54.35 -20.58
CA PRO K 60 9.85 55.07 -19.97
C PRO K 60 10.21 56.35 -20.70
N VAL K 61 10.05 57.48 -19.99
CA VAL K 61 10.17 58.80 -20.55
C VAL K 61 11.00 59.67 -19.61
N PHE K 62 11.10 60.95 -19.99
CA PHE K 62 11.83 61.96 -19.26
C PHE K 62 11.24 63.31 -19.63
N VAL K 63 11.53 64.32 -18.81
CA VAL K 63 11.05 65.67 -19.09
C VAL K 63 12.05 66.66 -18.50
N GLU K 64 12.01 67.90 -18.98
CA GLU K 64 13.03 68.91 -18.73
C GLU K 64 12.43 70.19 -18.16
N HIS K 65 13.13 70.80 -17.21
CA HIS K 65 12.82 72.15 -16.78
C HIS K 65 14.10 72.93 -16.53
N THR K 66 14.12 74.19 -16.96
CA THR K 66 15.27 75.08 -16.83
C THR K 66 14.82 76.38 -16.16
N GLY K 67 15.47 76.74 -15.06
CA GLY K 67 15.03 77.89 -14.28
C GLY K 67 16.19 78.75 -13.82
N LEU K 68 15.83 79.97 -13.42
CA LEU K 68 16.77 80.97 -12.92
C LEU K 68 16.57 81.19 -11.42
N TYR K 69 17.64 81.62 -10.75
CA TYR K 69 17.60 81.92 -9.32
C TYR K 69 18.46 83.16 -9.10
N ILE K 70 17.83 84.28 -8.79
CA ILE K 70 18.56 85.50 -8.48
C ILE K 70 19.11 85.40 -7.07
N GLU K 71 20.42 85.64 -6.91
CA GLU K 71 21.05 85.53 -5.60
C GLU K 71 20.64 86.69 -4.68
N SER K 72 20.29 87.84 -5.25
CA SER K 72 19.81 88.93 -4.42
C SER K 72 18.39 88.68 -3.95
N LEU K 73 17.59 88.00 -4.74
CA LEU K 73 16.21 87.67 -4.40
C LEU K 73 16.08 86.35 -3.68
N ASN K 74 17.21 85.79 -3.18
CA ASN K 74 17.30 84.51 -2.48
C ASN K 74 16.76 83.35 -3.33
N GLY K 75 17.02 83.41 -4.63
CA GLY K 75 16.49 82.42 -5.56
C GLY K 75 14.99 82.45 -5.69
N PHE K 76 14.41 83.64 -5.83
CA PHE K 76 12.95 83.77 -5.88
C PHE K 76 12.26 83.09 -7.07
N PRO K 77 12.70 83.23 -8.39
CA PRO K 77 11.93 82.58 -9.46
C PRO K 77 11.93 81.06 -9.41
N GLY K 78 13.12 80.45 -9.50
CA GLY K 78 13.24 79.00 -9.51
C GLY K 78 12.49 78.38 -10.68
N GLY K 79 11.37 77.74 -10.36
CA GLY K 79 10.49 77.23 -11.38
C GLY K 79 9.50 78.24 -11.93
N LEU K 80 9.47 79.44 -11.36
CA LEU K 80 8.67 80.54 -11.88
C LEU K 80 9.43 81.40 -12.86
N THR K 81 10.54 80.87 -13.40
CA THR K 81 11.40 81.59 -14.32
C THR K 81 10.68 81.94 -15.61
N GLN K 82 9.96 80.97 -16.17
CA GLN K 82 9.26 81.18 -17.47
C GLN K 82 8.19 82.26 -17.29
N ILE K 83 7.35 82.14 -16.27
CA ILE K 83 6.26 83.11 -16.10
C ILE K 83 6.82 84.48 -15.70
N PHE K 84 7.93 84.53 -14.95
CA PHE K 84 8.57 85.80 -14.63
C PHE K 84 9.17 86.44 -15.87
N TRP K 85 9.73 85.62 -16.77
CA TRP K 85 10.23 86.10 -18.05
C TRP K 85 9.10 86.62 -18.93
N ASP K 86 7.97 85.91 -18.97
CA ASP K 86 6.83 86.37 -19.76
C ASP K 86 6.19 87.62 -19.17
N LYS K 87 6.31 87.82 -17.86
CA LYS K 87 5.75 89.03 -17.25
C LYS K 87 6.68 90.22 -17.38
N LEU K 88 7.99 90.01 -17.44
CA LEU K 88 8.92 91.13 -17.43
C LEU K 88 9.53 91.46 -18.79
N GLN K 89 10.03 90.44 -19.51
CA GLN K 89 10.85 90.49 -20.73
C GLN K 89 12.23 91.10 -20.48
N ALA K 90 13.03 91.17 -21.54
CA ALA K 90 14.48 91.33 -21.42
C ALA K 90 14.88 92.74 -20.98
N ASP K 91 14.21 93.77 -21.49
CA ASP K 91 14.60 95.14 -21.15
C ASP K 91 14.23 95.50 -19.72
N LYS K 92 13.07 95.02 -19.24
CA LYS K 92 12.70 95.28 -17.85
C LYS K 92 13.54 94.43 -16.91
N PHE K 93 13.89 93.21 -17.35
CA PHE K 93 14.81 92.37 -16.57
C PHE K 93 16.18 93.00 -16.45
N SER K 94 16.67 93.59 -17.55
CA SER K 94 17.97 94.26 -17.55
C SER K 94 17.97 95.50 -16.67
N GLN K 95 16.95 96.34 -16.81
CA GLN K 95 16.88 97.58 -16.03
C GLN K 95 16.61 97.31 -14.55
N LEU K 96 15.94 96.21 -14.23
CA LEU K 96 15.62 95.96 -12.83
C LEU K 96 16.71 95.17 -12.11
N LEU K 97 17.33 94.18 -12.77
CA LEU K 97 18.32 93.34 -12.11
C LEU K 97 19.69 93.36 -12.76
N GLY K 98 19.78 93.54 -14.07
CA GLY K 98 21.09 93.62 -14.72
C GLY K 98 21.82 94.92 -14.45
N THR K 99 21.09 95.98 -14.11
CA THR K 99 21.67 97.25 -13.71
C THR K 99 21.76 97.41 -12.20
N SER K 100 21.45 96.35 -11.44
CA SER K 100 21.51 96.41 -10.00
C SER K 100 22.95 96.27 -9.51
N GLU K 101 23.11 96.34 -8.18
CA GLU K 101 24.43 96.17 -7.59
C GLU K 101 24.92 94.73 -7.70
N ASN K 102 24.01 93.76 -7.57
CA ASN K 102 24.35 92.34 -7.60
C ASN K 102 23.61 91.66 -8.74
N PRO K 103 24.21 91.58 -9.93
CA PRO K 103 23.63 90.77 -11.01
C PRO K 103 24.06 89.31 -11.01
N ARG K 104 24.67 88.83 -9.93
CA ARG K 104 25.07 87.43 -9.83
C ARG K 104 23.82 86.56 -9.63
N LEU K 105 23.72 85.48 -10.40
CA LEU K 105 22.55 84.63 -10.34
C LEU K 105 22.94 83.19 -10.66
N VAL K 106 22.10 82.26 -10.22
CA VAL K 106 22.28 80.83 -10.41
C VAL K 106 21.20 80.34 -11.36
N ALA K 107 21.57 79.45 -12.28
CA ALA K 107 20.63 78.86 -13.23
C ALA K 107 20.85 77.36 -13.26
N LYS K 108 19.79 76.60 -12.96
CA LYS K 108 19.89 75.15 -12.88
C LYS K 108 18.87 74.51 -13.82
N THR K 109 19.30 73.50 -14.56
CA THR K 109 18.42 72.66 -15.37
C THR K 109 18.34 71.30 -14.69
N ILE K 110 17.13 70.86 -14.38
CA ILE K 110 16.91 69.60 -13.69
C ILE K 110 16.23 68.64 -14.65
N ILE K 111 16.85 67.48 -14.87
CA ILE K 111 16.31 66.43 -15.72
C ILE K 111 15.73 65.36 -14.82
N GLY K 112 14.46 65.03 -15.05
CA GLY K 112 13.83 63.93 -14.33
C GLY K 112 13.56 62.77 -15.27
N TYR K 113 14.12 61.61 -14.98
CA TYR K 113 13.98 60.45 -15.86
C TYR K 113 13.24 59.33 -15.16
N CYS K 114 12.30 58.72 -15.88
CA CYS K 114 11.53 57.58 -15.41
C CYS K 114 11.77 56.38 -16.31
N ASP K 115 12.08 55.24 -15.70
CA ASP K 115 12.32 54.00 -16.42
C ASP K 115 11.17 53.02 -16.28
N SER K 116 9.96 53.53 -15.99
CA SER K 116 8.70 52.83 -15.74
C SER K 116 8.72 51.97 -14.47
N MET K 117 9.76 52.06 -13.66
CA MET K 117 9.82 51.38 -12.38
C MET K 117 10.27 52.31 -11.25
N LYS K 118 11.19 53.22 -11.54
CA LYS K 118 11.75 54.14 -10.54
C LYS K 118 11.74 55.55 -11.11
N ILE K 119 12.24 56.49 -10.31
CA ILE K 119 12.41 57.87 -10.74
C ILE K 119 13.84 58.29 -10.44
N TYR K 120 14.39 59.14 -11.31
CA TYR K 120 15.77 59.61 -11.20
C TYR K 120 15.82 61.10 -11.52
N ILE K 121 16.62 61.84 -10.77
CA ILE K 121 16.75 63.28 -10.92
C ILE K 121 18.21 63.59 -11.25
N PHE K 122 18.42 64.33 -12.35
CA PHE K 122 19.73 64.78 -12.78
C PHE K 122 19.73 66.30 -12.81
N GLU K 123 20.80 66.90 -12.28
CA GLU K 123 20.83 68.35 -12.07
C GLU K 123 22.16 68.94 -12.56
N GLY K 124 22.08 69.93 -13.44
CA GLY K 124 23.25 70.64 -13.92
C GLY K 124 23.18 72.10 -13.52
N GLU K 125 24.32 72.68 -13.18
CA GLU K 125 24.40 74.05 -12.70
C GLU K 125 25.53 74.80 -13.38
N THR K 126 25.27 76.06 -13.73
CA THR K 126 26.31 76.97 -14.22
C THR K 126 25.97 78.37 -13.75
N GLN K 127 26.89 79.00 -13.02
CA GLN K 127 26.68 80.35 -12.53
C GLN K 127 26.79 81.36 -13.68
N GLY K 128 26.34 82.58 -13.41
CA GLY K 128 26.38 83.60 -14.45
C GLY K 128 26.04 84.97 -13.91
N THR K 129 25.90 85.91 -14.85
CA THR K 129 25.56 87.30 -14.56
C THR K 129 24.48 87.78 -15.51
N ILE K 130 23.73 88.78 -15.07
CA ILE K 130 22.69 89.39 -15.89
C ILE K 130 23.28 90.59 -16.62
N SER K 131 23.07 90.63 -17.93
CA SER K 131 23.56 91.75 -18.72
C SER K 131 22.66 92.98 -18.49
N PRO K 132 23.25 94.17 -18.36
CA PRO K 132 22.43 95.38 -18.18
C PRO K 132 21.71 95.83 -19.45
N VAL K 133 22.06 95.27 -20.61
CA VAL K 133 21.31 95.50 -21.84
C VAL K 133 21.07 94.16 -22.52
N PRO K 134 19.96 94.01 -23.24
CA PRO K 134 19.75 92.76 -23.98
C PRO K 134 20.57 92.74 -25.27
N LYS K 135 21.38 91.70 -25.41
CA LYS K 135 22.26 91.53 -26.55
C LYS K 135 21.91 90.24 -27.27
N GLY K 136 22.00 90.26 -28.60
CA GLY K 136 21.76 89.08 -29.39
C GLY K 136 20.30 88.90 -29.76
N PRO K 137 19.97 87.78 -30.40
CA PRO K 137 18.57 87.53 -30.77
C PRO K 137 17.74 87.17 -29.56
N ARG K 138 16.61 87.86 -29.40
CA ARG K 138 15.73 87.66 -28.26
C ARG K 138 14.68 86.59 -28.49
N ASP K 139 14.73 85.89 -29.63
CA ASP K 139 13.68 84.93 -29.97
C ASP K 139 13.75 83.65 -29.15
N PHE K 140 14.90 83.34 -28.56
CA PHE K 140 15.07 82.09 -27.82
C PHE K 140 15.25 82.40 -26.34
N GLN K 141 14.16 82.22 -25.57
CA GLN K 141 13.99 82.39 -24.12
C GLN K 141 14.67 83.63 -23.55
N TRP K 142 15.16 83.55 -22.31
CA TRP K 142 15.86 84.65 -21.65
C TRP K 142 17.36 84.64 -21.93
N ASP K 143 17.79 84.05 -23.04
CA ASP K 143 19.21 83.91 -23.34
C ASP K 143 19.87 85.22 -23.77
N CYS K 144 19.10 86.27 -24.01
CA CYS K 144 19.66 87.55 -24.43
C CYS K 144 20.25 88.35 -23.28
N ILE K 145 20.12 87.89 -22.03
CA ILE K 145 20.66 88.63 -20.88
C ILE K 145 21.59 87.79 -20.01
N PHE K 146 21.78 86.50 -20.27
CA PHE K 146 22.56 85.64 -19.40
C PHE K 146 24.02 85.64 -19.85
N ILE K 147 24.89 86.27 -19.06
CA ILE K 147 26.33 86.23 -19.30
C ILE K 147 26.93 85.25 -18.29
N PRO K 148 27.48 84.13 -18.73
CA PRO K 148 28.08 83.17 -17.78
C PRO K 148 29.41 83.67 -17.26
N ASP K 149 29.95 82.89 -16.31
CA ASP K 149 31.25 83.25 -15.69
C ASP K 149 32.39 82.99 -16.67
N GLY K 150 33.41 83.85 -16.66
CA GLY K 150 34.57 83.71 -17.50
C GLY K 150 34.39 84.15 -18.94
N GLU K 151 33.20 84.64 -19.31
CA GLU K 151 32.90 85.09 -20.66
C GLU K 151 32.49 86.56 -20.59
N SER K 152 32.14 87.12 -21.76
CA SER K 152 31.78 88.52 -21.85
C SER K 152 30.47 88.77 -22.57
N GLU K 153 29.97 87.81 -23.34
CA GLU K 153 28.79 87.96 -24.15
C GLU K 153 27.60 87.27 -23.49
N THR K 154 26.41 87.57 -24.00
CA THR K 154 25.21 86.94 -23.48
C THR K 154 25.05 85.54 -24.06
N PHE K 155 24.10 84.80 -23.49
CA PHE K 155 23.87 83.41 -23.87
C PHE K 155 23.23 83.29 -25.25
N ALA K 156 22.52 84.33 -25.71
CA ALA K 156 21.99 84.31 -27.07
C ALA K 156 23.09 84.56 -28.09
N GLU K 157 24.20 85.16 -27.66
CA GLU K 157 25.34 85.39 -28.53
C GLU K 157 26.29 84.20 -28.58
N MET K 158 25.94 83.10 -27.90
CA MET K 158 26.84 81.97 -27.78
C MET K 158 26.84 81.15 -29.07
N GLY K 159 25.69 81.00 -29.72
CA GLY K 159 25.60 80.23 -30.94
C GLY K 159 25.65 78.74 -30.72
N ASP K 160 26.57 78.06 -31.42
CA ASP K 160 26.75 76.63 -31.30
C ASP K 160 27.80 76.25 -30.26
N ARG K 161 28.39 77.23 -29.59
CA ARG K 161 29.29 77.00 -28.46
C ARG K 161 28.49 76.99 -27.15
N LYS K 162 27.17 77.20 -27.27
CA LYS K 162 26.22 77.16 -26.15
C LYS K 162 26.23 75.81 -25.43
N ASN K 163 26.26 74.71 -26.19
CA ASN K 163 26.16 73.38 -25.60
C ASN K 163 27.52 72.79 -25.21
N GLU K 164 28.49 73.64 -24.86
CA GLU K 164 29.74 73.19 -24.28
C GLU K 164 29.89 73.53 -22.81
N ILE K 165 29.24 74.58 -22.33
CA ILE K 165 29.41 75.04 -20.96
C ILE K 165 28.06 75.26 -20.28
N SER K 166 26.97 74.89 -20.93
CA SER K 166 25.67 75.19 -20.38
C SER K 166 25.30 74.25 -19.24
N MET K 167 24.33 74.68 -18.45
CA MET K 167 23.82 73.89 -17.34
C MET K 167 22.96 72.73 -17.85
N ARG K 168 22.32 72.92 -19.01
CA ARG K 168 21.55 71.86 -19.63
C ARG K 168 22.46 70.79 -20.21
N LYS K 169 23.65 71.20 -20.68
CA LYS K 169 24.63 70.22 -21.14
C LYS K 169 25.15 69.38 -19.98
N LYS K 170 25.29 69.98 -18.78
CA LYS K 170 25.70 69.20 -17.62
C LYS K 170 24.61 68.25 -17.15
N ALA K 171 23.34 68.68 -17.22
CA ALA K 171 22.23 67.78 -16.94
C ALA K 171 22.17 66.64 -17.95
N PHE K 172 22.50 66.94 -19.21
CA PHE K 172 22.42 65.89 -20.20
C PHE K 172 23.63 64.96 -20.26
N ASP K 173 24.83 65.33 -19.79
CA ASP K 173 25.82 64.24 -19.79
C ASP K 173 25.75 63.50 -18.47
N LYS K 174 25.07 64.05 -17.46
CA LYS K 174 24.64 63.20 -16.35
C LYS K 174 23.62 62.17 -16.84
N PHE K 175 22.68 62.61 -17.70
CA PHE K 175 21.71 61.71 -18.32
C PHE K 175 22.43 60.69 -19.20
N LYS K 176 23.49 61.13 -19.90
CA LYS K 176 24.25 60.23 -20.77
C LYS K 176 25.09 59.24 -19.97
N GLU K 177 25.69 59.66 -18.83
CA GLU K 177 26.49 58.70 -18.06
C GLU K 177 25.59 57.69 -17.35
N TYR K 178 24.42 58.13 -16.89
CA TYR K 178 23.51 57.16 -16.28
C TYR K 178 22.90 56.22 -17.33
N LEU K 179 22.65 56.73 -18.54
CA LEU K 179 22.06 55.90 -19.57
C LEU K 179 23.06 54.91 -20.16
N LEU K 180 24.35 55.27 -20.19
CA LEU K 180 25.35 54.38 -20.76
C LEU K 180 25.76 53.25 -19.81
N GLU K 181 25.36 53.30 -18.54
CA GLU K 181 25.68 52.27 -17.57
C GLU K 181 24.63 51.17 -17.51
N GLY K 182 23.65 51.20 -18.40
CA GLY K 182 22.56 50.24 -18.34
C GLY K 182 21.43 50.62 -17.40
N GLY K 183 21.44 51.85 -16.88
CA GLY K 183 20.42 52.31 -15.95
C GLY K 183 20.48 51.63 -14.60
N LYS K 184 21.67 51.35 -14.10
CA LYS K 184 21.82 50.70 -12.80
C LYS K 184 21.57 51.68 -11.66
N MET L 1 -29.27 83.23 9.60
CA MET L 1 -28.54 82.54 8.53
C MET L 1 -27.03 82.63 8.80
N ASN L 2 -26.38 81.48 8.86
CA ASN L 2 -24.96 81.41 9.17
C ASN L 2 -24.16 81.15 7.91
N ILE L 3 -23.04 81.86 7.79
CA ILE L 3 -22.11 81.68 6.67
C ILE L 3 -20.77 81.28 7.25
N ARG L 4 -20.26 80.13 6.84
CA ARG L 4 -18.99 79.64 7.36
C ARG L 4 -17.82 80.41 6.75
N PHE L 5 -16.66 80.31 7.40
CA PHE L 5 -15.44 80.93 6.93
C PHE L 5 -14.27 80.02 7.31
N ILE L 6 -13.37 79.81 6.37
CA ILE L 6 -12.24 78.91 6.56
C ILE L 6 -10.97 79.77 6.61
N THR L 7 -10.50 80.03 7.83
CA THR L 7 -9.26 80.77 8.08
C THR L 7 -8.50 80.16 9.24
N ARG L 8 -7.23 80.56 9.34
CA ARG L 8 -6.41 80.25 10.51
C ARG L 8 -6.11 81.48 11.35
N ASN L 9 -6.21 82.67 10.77
CA ASN L 9 -6.04 83.91 11.53
C ASN L 9 -7.26 84.16 12.39
N ARG L 10 -7.08 84.15 13.71
CA ARG L 10 -8.22 84.24 14.60
C ARG L 10 -8.74 85.65 14.79
N HIS L 11 -7.99 86.67 14.35
CA HIS L 11 -8.51 88.04 14.40
C HIS L 11 -9.46 88.34 13.26
N LYS L 12 -9.38 87.56 12.16
CA LYS L 12 -10.19 87.80 10.98
C LYS L 12 -11.67 87.59 11.24
N ILE L 13 -12.01 86.53 11.97
CA ILE L 13 -13.42 86.20 12.22
C ILE L 13 -14.08 87.24 13.12
N LYS L 14 -13.35 87.73 14.13
CA LYS L 14 -13.90 88.80 14.96
C LYS L 14 -13.93 90.13 14.23
N GLU L 15 -12.98 90.35 13.29
CA GLU L 15 -13.00 91.57 12.49
C GLU L 15 -14.19 91.63 11.55
N ILE L 16 -14.50 90.52 10.87
CA ILE L 16 -15.67 90.52 10.00
C ILE L 16 -16.97 90.33 10.79
N ASN L 17 -16.89 89.84 12.04
CA ASN L 17 -18.05 89.94 12.92
C ASN L 17 -18.33 91.39 13.30
N LYS L 18 -17.27 92.19 13.47
CA LYS L 18 -17.45 93.62 13.70
C LYS L 18 -17.94 94.33 12.44
N ILE L 19 -17.48 93.87 11.27
CA ILE L 19 -17.87 94.49 10.00
C ILE L 19 -19.32 94.19 9.68
N LEU L 20 -19.73 92.92 9.81
CA LEU L 20 -21.06 92.47 9.46
C LEU L 20 -22.01 92.43 10.65
N SER L 21 -21.80 93.30 11.63
CA SER L 21 -22.69 93.36 12.78
C SER L 21 -24.03 93.97 12.38
N GLY L 22 -25.12 93.31 12.77
CA GLY L 22 -26.43 93.80 12.43
C GLY L 22 -26.86 93.55 11.01
N THR L 23 -26.13 92.74 10.26
CA THR L 23 -26.44 92.44 8.87
C THR L 23 -27.30 91.20 8.72
N GLY L 24 -27.72 90.59 9.81
CA GLY L 24 -28.54 89.39 9.76
C GLY L 24 -27.80 88.10 9.56
N VAL L 25 -26.47 88.13 9.48
CA VAL L 25 -25.67 86.94 9.25
C VAL L 25 -24.49 86.94 10.23
N VAL L 26 -24.29 85.81 10.89
CA VAL L 26 -23.12 85.61 11.72
C VAL L 26 -22.11 84.78 10.92
N VAL L 27 -20.84 84.89 11.29
CA VAL L 27 -19.76 84.24 10.58
C VAL L 27 -19.15 83.18 11.49
N LEU L 28 -19.13 81.94 11.02
CA LEU L 28 -18.59 80.83 11.79
C LEU L 28 -17.24 80.42 11.23
N ALA L 29 -16.31 80.08 12.12
CA ALA L 29 -14.94 79.78 11.74
C ALA L 29 -14.78 78.29 11.44
N SER L 30 -13.87 78.00 10.50
CA SER L 30 -13.46 76.64 10.19
C SER L 30 -11.96 76.53 10.38
N GLU L 31 -11.51 75.43 10.97
CA GLU L 31 -10.12 75.26 11.35
C GLU L 31 -9.36 74.28 10.45
N HIS L 32 -9.86 74.03 9.24
CA HIS L 32 -9.17 73.13 8.33
C HIS L 32 -8.08 73.90 7.58
N SER L 33 -7.42 73.21 6.65
CA SER L 33 -6.35 73.81 5.86
C SER L 33 -6.66 73.62 4.39
N ILE L 34 -6.52 74.70 3.62
CA ILE L 34 -6.74 74.66 2.18
C ILE L 34 -5.41 74.92 1.50
N ASP L 35 -4.94 73.92 0.74
CA ASP L 35 -3.69 74.05 -0.02
C ASP L 35 -4.02 74.71 -1.34
N GLU L 36 -3.81 76.02 -1.39
CA GLU L 36 -4.13 76.78 -2.59
C GLU L 36 -3.10 76.55 -3.67
N ILE L 37 -3.56 76.47 -4.92
CA ILE L 37 -2.65 76.48 -6.05
C ILE L 37 -2.09 77.89 -6.23
N GLN L 38 -0.95 77.98 -6.90
CA GLN L 38 -0.25 79.26 -7.07
C GLN L 38 -0.25 79.63 -8.54
N THR L 39 -1.32 80.27 -8.99
CA THR L 39 -1.51 80.66 -10.38
C THR L 39 -1.80 82.16 -10.41
N GLU L 40 -1.18 82.87 -11.36
CA GLU L 40 -1.31 84.32 -11.47
C GLU L 40 -2.73 84.78 -11.76
N ASN L 41 -3.55 83.94 -12.36
CA ASN L 41 -4.98 84.26 -12.50
C ASN L 41 -5.61 84.10 -11.12
N VAL L 42 -5.86 85.23 -10.46
CA VAL L 42 -6.38 85.23 -9.10
C VAL L 42 -7.84 84.81 -9.06
N HIS L 43 -8.57 84.96 -10.16
CA HIS L 43 -9.95 84.50 -10.22
C HIS L 43 -10.03 82.98 -10.19
N ALA L 44 -9.12 82.30 -10.90
CA ALA L 44 -9.06 80.85 -10.83
C ALA L 44 -8.59 80.37 -9.46
N LEU L 45 -7.72 81.16 -8.81
CA LEU L 45 -7.27 80.86 -7.46
C LEU L 45 -8.43 80.94 -6.46
N ILE L 46 -9.25 81.99 -6.56
CA ILE L 46 -10.38 82.08 -5.66
C ILE L 46 -11.48 81.08 -6.04
N LYS L 47 -11.54 80.66 -7.31
CA LYS L 47 -12.54 79.68 -7.72
C LYS L 47 -12.21 78.30 -7.18
N ASP L 48 -10.97 77.84 -7.34
CA ASP L 48 -10.67 76.52 -6.80
C ASP L 48 -10.46 76.54 -5.29
N LYS L 49 -10.15 77.70 -4.69
CA LYS L 49 -10.16 77.79 -3.24
C LYS L 49 -11.58 77.70 -2.69
N LEU L 50 -12.54 78.32 -3.38
CA LEU L 50 -13.95 78.20 -2.99
C LEU L 50 -14.47 76.79 -3.22
N LEU L 51 -14.01 76.12 -4.27
CA LEU L 51 -14.40 74.75 -4.53
C LEU L 51 -13.86 73.81 -3.46
N LYS L 52 -12.60 74.00 -3.04
CA LYS L 52 -12.04 73.21 -1.96
C LYS L 52 -12.72 73.51 -0.62
N ALA L 53 -13.12 74.78 -0.41
CA ALA L 53 -13.84 75.14 0.81
C ALA L 53 -15.22 74.49 0.86
N PHE L 54 -15.94 74.48 -0.26
CA PHE L 54 -17.26 73.83 -0.27
C PHE L 54 -17.13 72.32 -0.22
N LYS L 55 -16.01 71.78 -0.70
CA LYS L 55 -15.72 70.36 -0.46
C LYS L 55 -15.50 70.11 1.02
N LEU L 56 -14.89 71.07 1.72
CA LEU L 56 -14.61 70.88 3.13
C LEU L 56 -15.85 70.99 4.02
N VAL L 57 -16.73 71.97 3.80
CA VAL L 57 -17.86 72.18 4.69
C VAL L 57 -19.19 71.81 4.05
N GLY L 58 -19.43 72.19 2.80
CA GLY L 58 -20.71 71.89 2.18
C GLY L 58 -21.83 72.84 2.52
N ARG L 59 -21.58 73.85 3.33
CA ARG L 59 -22.53 74.87 3.72
C ARG L 59 -22.18 76.16 2.99
N PRO L 60 -23.05 77.22 3.06
CA PRO L 60 -22.65 78.53 2.55
C PRO L 60 -21.38 79.09 3.17
N VAL L 61 -20.35 79.17 2.34
CA VAL L 61 -19.00 79.54 2.76
C VAL L 61 -18.47 80.56 1.76
N PHE L 62 -17.45 81.30 2.19
CA PHE L 62 -16.76 82.22 1.31
C PHE L 62 -15.28 82.16 1.62
N VAL L 63 -14.47 82.57 0.64
CA VAL L 63 -13.03 82.63 0.80
C VAL L 63 -12.57 83.99 0.31
N GLU L 64 -11.42 84.44 0.82
CA GLU L 64 -10.85 85.71 0.43
C GLU L 64 -9.37 85.51 0.13
N HIS L 65 -8.84 86.40 -0.71
CA HIS L 65 -7.43 86.40 -1.02
C HIS L 65 -7.01 87.82 -1.35
N THR L 66 -5.88 88.25 -0.80
CA THR L 66 -5.36 89.58 -0.98
C THR L 66 -4.20 89.54 -1.97
N GLY L 67 -4.24 90.44 -2.96
CA GLY L 67 -3.21 90.49 -3.98
C GLY L 67 -2.75 91.91 -4.25
N LEU L 68 -1.71 92.00 -5.07
CA LEU L 68 -1.13 93.27 -5.49
C LEU L 68 -1.02 93.27 -7.00
N TYR L 69 -0.94 94.48 -7.58
CA TYR L 69 -0.78 94.64 -9.04
C TYR L 69 0.13 95.84 -9.26
N ILE L 70 1.43 95.57 -9.37
CA ILE L 70 2.40 96.63 -9.56
C ILE L 70 2.51 96.94 -11.05
N GLU L 71 2.39 98.22 -11.39
CA GLU L 71 2.48 98.64 -12.78
C GLU L 71 3.89 98.49 -13.33
N SER L 72 4.90 98.74 -12.50
CA SER L 72 6.28 98.57 -12.93
C SER L 72 6.65 97.11 -13.10
N LEU L 73 5.99 96.21 -12.37
CA LEU L 73 6.20 94.78 -12.52
C LEU L 73 5.17 94.14 -13.43
N ASN L 74 4.32 94.96 -14.08
CA ASN L 74 3.25 94.55 -15.00
C ASN L 74 2.27 93.57 -14.35
N GLY L 75 1.99 93.80 -13.07
CA GLY L 75 1.11 92.92 -12.32
C GLY L 75 1.66 91.53 -12.09
N PHE L 76 2.97 91.41 -11.88
CA PHE L 76 3.55 90.12 -11.50
C PHE L 76 3.13 89.64 -10.12
N PRO L 77 2.84 90.51 -9.10
CA PRO L 77 2.10 89.98 -7.95
C PRO L 77 0.62 89.69 -8.25
N GLY L 78 -0.15 89.39 -7.21
CA GLY L 78 -1.47 88.83 -7.45
C GLY L 78 -1.51 87.40 -6.98
N GLY L 79 -1.39 86.44 -7.90
CA GLY L 79 -1.50 85.04 -7.53
C GLY L 79 -0.37 84.53 -6.66
N LEU L 80 0.77 85.21 -6.65
CA LEU L 80 1.87 84.87 -5.76
C LEU L 80 2.31 86.08 -4.96
N THR L 81 1.33 86.86 -4.49
CA THR L 81 1.60 88.01 -3.63
C THR L 81 2.22 87.59 -2.29
N GLN L 82 1.67 86.52 -1.69
CA GLN L 82 2.20 85.99 -0.44
C GLN L 82 3.61 85.46 -0.60
N ILE L 83 3.86 84.74 -1.71
CA ILE L 83 5.17 84.16 -2.01
C ILE L 83 6.20 85.25 -2.27
N PHE L 84 5.82 86.28 -3.04
CA PHE L 84 6.65 87.45 -3.29
C PHE L 84 7.01 88.17 -1.99
N TRP L 85 6.03 88.27 -1.08
CA TRP L 85 6.22 88.97 0.18
C TRP L 85 7.20 88.23 1.08
N ASP L 86 7.03 86.92 1.30
CA ASP L 86 7.95 86.33 2.28
C ASP L 86 9.27 85.94 1.62
N LYS L 87 9.34 85.94 0.29
CA LYS L 87 10.62 85.71 -0.34
C LYS L 87 11.44 86.98 -0.44
N LEU L 88 10.81 88.15 -0.39
CA LEU L 88 11.58 89.39 -0.47
C LEU L 88 11.82 90.05 0.88
N GLN L 89 10.79 90.14 1.74
CA GLN L 89 10.71 90.91 2.99
C GLN L 89 10.76 92.42 2.78
N ALA L 90 10.57 93.15 3.89
CA ALA L 90 10.18 94.56 3.83
C ALA L 90 11.29 95.48 3.35
N ASP L 91 12.50 95.33 3.90
CA ASP L 91 13.59 96.24 3.55
C ASP L 91 14.08 96.03 2.12
N LYS L 92 14.16 94.76 1.68
CA LYS L 92 14.58 94.45 0.32
C LYS L 92 13.52 94.90 -0.69
N PHE L 93 12.24 94.75 -0.35
CA PHE L 93 11.15 95.24 -1.20
C PHE L 93 11.19 96.76 -1.30
N SER L 94 11.48 97.43 -0.17
CA SER L 94 11.54 98.89 -0.12
C SER L 94 12.69 99.43 -0.95
N GLN L 95 13.87 98.82 -0.85
CA GLN L 95 14.99 99.29 -1.65
C GLN L 95 14.86 98.88 -3.12
N LEU L 96 14.12 97.80 -3.39
CA LEU L 96 13.90 97.40 -4.79
C LEU L 96 12.97 98.36 -5.50
N LEU L 97 11.84 98.69 -4.89
CA LEU L 97 10.81 99.40 -5.62
C LEU L 97 10.46 100.78 -5.08
N GLY L 98 10.66 101.05 -3.78
CA GLY L 98 10.44 102.39 -3.27
C GLY L 98 11.49 103.37 -3.72
N THR L 99 12.68 102.88 -4.07
CA THR L 99 13.73 103.68 -4.67
C THR L 99 13.70 103.64 -6.18
N SER L 100 12.72 102.96 -6.78
CA SER L 100 12.64 102.82 -8.22
C SER L 100 11.92 104.02 -8.82
N GLU L 101 11.67 103.96 -10.13
CA GLU L 101 11.05 105.06 -10.85
C GLU L 101 9.53 105.01 -10.83
N ASN L 102 8.94 103.83 -10.62
CA ASN L 102 7.48 103.66 -10.66
C ASN L 102 7.02 102.86 -9.46
N PRO L 103 6.70 103.52 -8.35
CA PRO L 103 6.12 102.82 -7.20
C PRO L 103 4.60 102.65 -7.25
N ARG L 104 3.98 102.85 -8.42
CA ARG L 104 2.53 102.75 -8.54
C ARG L 104 2.12 101.29 -8.54
N LEU L 105 1.35 100.87 -7.53
CA LEU L 105 0.84 99.51 -7.49
C LEU L 105 -0.62 99.56 -7.13
N VAL L 106 -1.36 98.53 -7.56
CA VAL L 106 -2.78 98.38 -7.25
C VAL L 106 -2.93 97.20 -6.30
N ALA L 107 -3.48 97.45 -5.12
CA ALA L 107 -3.71 96.39 -4.14
C ALA L 107 -5.18 95.99 -4.19
N LYS L 108 -5.43 94.71 -4.42
CA LYS L 108 -6.78 94.20 -4.61
C LYS L 108 -7.02 92.97 -3.77
N THR L 109 -8.22 92.86 -3.20
CA THR L 109 -8.65 91.69 -2.45
C THR L 109 -9.86 91.09 -3.14
N ILE L 110 -9.75 89.84 -3.55
CA ILE L 110 -10.81 89.15 -4.27
C ILE L 110 -11.48 88.19 -3.30
N ILE L 111 -12.81 88.31 -3.18
CA ILE L 111 -13.59 87.47 -2.29
C ILE L 111 -14.53 86.62 -3.14
N GLY L 112 -14.42 85.30 -3.00
CA GLY L 112 -15.31 84.39 -3.69
C GLY L 112 -16.29 83.75 -2.73
N TYR L 113 -17.59 83.89 -2.98
CA TYR L 113 -18.62 83.43 -2.07
C TYR L 113 -19.56 82.46 -2.77
N CYS L 114 -19.87 81.36 -2.10
CA CYS L 114 -20.79 80.34 -2.61
C CYS L 114 -21.90 80.12 -1.61
N ASP L 115 -23.14 80.13 -2.08
CA ASP L 115 -24.31 79.94 -1.25
C ASP L 115 -25.00 78.62 -1.52
N SER L 116 -24.22 77.60 -1.90
CA SER L 116 -24.63 76.22 -2.23
C SER L 116 -25.59 76.13 -3.42
N MET L 117 -25.69 77.18 -4.20
CA MET L 117 -26.48 77.25 -5.43
C MET L 117 -25.65 77.74 -6.60
N LYS L 118 -24.82 78.76 -6.39
CA LYS L 118 -23.91 79.32 -7.38
C LYS L 118 -22.68 79.80 -6.63
N ILE L 119 -21.73 80.37 -7.36
CA ILE L 119 -20.59 81.04 -6.75
C ILE L 119 -20.62 82.50 -7.18
N TYR L 120 -20.14 83.38 -6.30
CA TYR L 120 -20.19 84.81 -6.53
C TYR L 120 -18.83 85.40 -6.21
N ILE L 121 -18.38 86.33 -7.05
CA ILE L 121 -17.06 86.93 -6.93
C ILE L 121 -17.22 88.39 -6.56
N PHE L 122 -16.50 88.82 -5.52
CA PHE L 122 -16.44 90.21 -5.12
C PHE L 122 -14.97 90.61 -5.05
N GLU L 123 -14.66 91.80 -5.59
CA GLU L 123 -13.29 92.28 -5.57
C GLU L 123 -13.26 93.74 -5.14
N GLY L 124 -12.22 94.10 -4.41
CA GLY L 124 -12.02 95.47 -3.99
C GLY L 124 -10.76 96.02 -4.61
N GLU L 125 -10.59 97.34 -4.61
CA GLU L 125 -9.45 97.96 -5.25
C GLU L 125 -8.97 99.15 -4.43
N THR L 126 -7.65 99.33 -4.42
CA THR L 126 -7.03 100.46 -3.74
C THR L 126 -5.71 100.75 -4.43
N GLN L 127 -5.58 101.97 -4.96
CA GLN L 127 -4.36 102.42 -5.59
C GLN L 127 -3.41 102.93 -4.51
N GLY L 128 -2.17 102.44 -4.52
CA GLY L 128 -1.20 102.79 -3.50
C GLY L 128 0.14 103.18 -4.12
N THR L 129 1.10 103.43 -3.23
CA THR L 129 2.46 103.76 -3.60
C THR L 129 3.42 103.00 -2.69
N ILE L 130 4.63 102.78 -3.19
CA ILE L 130 5.63 101.97 -2.48
C ILE L 130 6.58 102.88 -1.72
N SER L 131 6.67 102.69 -0.41
CA SER L 131 7.61 103.42 0.43
C SER L 131 9.03 102.88 0.22
N PRO L 132 10.05 103.74 0.29
CA PRO L 132 11.43 103.24 0.27
C PRO L 132 11.96 102.82 1.63
N VAL L 133 11.11 102.78 2.66
CA VAL L 133 11.52 102.43 4.02
C VAL L 133 10.33 101.80 4.73
N PRO L 134 10.50 100.69 5.44
CA PRO L 134 9.40 100.13 6.24
C PRO L 134 9.11 100.99 7.46
N LYS L 135 7.86 101.38 7.62
CA LYS L 135 7.43 102.23 8.72
C LYS L 135 6.38 101.52 9.55
N GLY L 136 6.39 101.77 10.85
CA GLY L 136 5.45 101.15 11.75
C GLY L 136 5.82 99.71 12.05
N PRO L 137 4.85 98.93 12.53
CA PRO L 137 5.13 97.51 12.82
C PRO L 137 5.25 96.68 11.56
N ARG L 138 6.01 95.59 11.68
CA ARG L 138 6.17 94.60 10.62
C ARG L 138 5.46 93.30 10.95
N ASP L 139 4.30 93.39 11.61
CA ASP L 139 3.63 92.19 12.07
C ASP L 139 2.73 91.58 10.99
N PHE L 140 1.84 92.37 10.40
CA PHE L 140 0.82 91.85 9.49
C PHE L 140 1.04 92.37 8.08
N GLN L 141 1.58 91.50 7.23
CA GLN L 141 1.68 91.60 5.77
C GLN L 141 2.51 92.83 5.38
N TRP L 142 2.23 93.37 4.18
CA TRP L 142 2.97 94.48 3.59
C TRP L 142 2.41 95.83 3.98
N ASP L 143 1.77 95.94 5.15
CA ASP L 143 1.21 97.21 5.59
C ASP L 143 2.29 98.21 6.01
N CYS L 144 3.52 97.77 6.24
CA CYS L 144 4.60 98.66 6.61
C CYS L 144 5.20 99.40 5.42
N ILE L 145 4.76 99.11 4.20
CA ILE L 145 5.33 99.73 3.01
C ILE L 145 4.23 100.47 2.26
N PHE L 146 3.01 99.94 2.33
CA PHE L 146 1.91 100.35 1.45
C PHE L 146 1.38 101.72 1.84
N ILE L 147 1.73 102.72 1.05
CA ILE L 147 1.25 104.09 1.22
C ILE L 147 0.16 104.34 0.18
N PRO L 148 -1.06 104.69 0.59
CA PRO L 148 -2.11 104.95 -0.40
C PRO L 148 -1.91 106.30 -1.07
N ASP L 149 -2.59 106.48 -2.21
CA ASP L 149 -2.62 107.79 -2.84
C ASP L 149 -3.53 108.72 -2.04
N GLY L 150 -3.06 109.95 -1.85
CA GLY L 150 -3.79 110.92 -1.05
C GLY L 150 -3.43 110.95 0.41
N GLU L 151 -2.64 109.98 0.90
CA GLU L 151 -2.20 109.95 2.29
C GLU L 151 -0.69 109.76 2.32
N SER L 152 -0.14 109.84 3.53
CA SER L 152 1.31 109.78 3.71
C SER L 152 1.80 108.53 4.43
N GLU L 153 1.07 108.05 5.43
CA GLU L 153 1.56 106.95 6.25
C GLU L 153 1.39 105.60 5.55
N THR L 154 2.27 104.67 5.92
CA THR L 154 2.12 103.28 5.53
C THR L 154 0.97 102.67 6.32
N PHE L 155 0.33 101.65 5.74
CA PHE L 155 -0.86 101.01 6.31
C PHE L 155 -0.67 100.33 7.66
N ALA L 156 0.56 100.16 8.14
CA ALA L 156 0.75 99.64 9.48
C ALA L 156 0.70 100.73 10.54
N GLU L 157 0.59 102.01 10.15
CA GLU L 157 0.83 103.08 11.11
C GLU L 157 -0.44 103.65 11.73
N MET L 158 -1.50 103.86 10.95
CA MET L 158 -2.68 104.58 11.46
C MET L 158 -3.50 103.80 12.48
N GLY L 159 -3.46 102.47 12.47
CA GLY L 159 -4.29 101.78 13.44
C GLY L 159 -5.63 101.34 12.91
N ASP L 160 -6.67 102.17 13.09
CA ASP L 160 -8.03 101.74 12.84
C ASP L 160 -8.63 102.18 11.50
N ARG L 161 -8.22 103.32 10.93
CA ARG L 161 -8.87 103.77 9.70
C ARG L 161 -8.40 103.03 8.45
N LYS L 162 -7.34 102.21 8.57
CA LYS L 162 -6.98 101.29 7.50
C LYS L 162 -8.06 100.22 7.31
N ASN L 163 -8.79 99.88 8.37
CA ASN L 163 -9.92 98.97 8.23
C ASN L 163 -11.12 99.61 7.54
N GLU L 164 -11.14 100.94 7.41
CA GLU L 164 -12.20 101.63 6.69
C GLU L 164 -11.80 101.98 5.27
N ILE L 165 -10.52 102.16 4.99
CA ILE L 165 -10.08 102.60 3.66
C ILE L 165 -9.47 101.47 2.84
N SER L 166 -9.44 100.24 3.33
CA SER L 166 -8.78 99.17 2.59
C SER L 166 -9.66 98.69 1.42
N MET L 167 -9.02 97.95 0.53
CA MET L 167 -9.72 97.36 -0.61
C MET L 167 -10.62 96.21 -0.17
N ARG L 168 -10.22 95.51 0.90
CA ARG L 168 -11.05 94.43 1.41
C ARG L 168 -12.26 94.98 2.15
N LYS L 169 -12.17 96.21 2.66
CA LYS L 169 -13.34 96.88 3.21
C LYS L 169 -14.35 97.20 2.12
N LYS L 170 -13.88 97.61 0.93
CA LYS L 170 -14.78 97.90 -0.17
C LYS L 170 -15.39 96.61 -0.75
N ALA L 171 -14.59 95.55 -0.81
CA ALA L 171 -15.10 94.25 -1.24
C ALA L 171 -16.11 93.69 -0.26
N PHE L 172 -15.87 93.89 1.04
CA PHE L 172 -16.84 93.51 2.06
C PHE L 172 -18.05 94.42 2.04
N ASP L 173 -17.89 95.66 1.57
CA ASP L 173 -19.04 96.56 1.42
C ASP L 173 -19.96 96.07 0.30
N LYS L 174 -19.39 95.64 -0.83
CA LYS L 174 -20.22 95.07 -1.89
C LYS L 174 -20.80 93.71 -1.49
N PHE L 175 -20.05 92.91 -0.74
CA PHE L 175 -20.57 91.64 -0.23
C PHE L 175 -21.69 91.87 0.77
N LYS L 176 -21.54 92.88 1.63
CA LYS L 176 -22.56 93.24 2.61
C LYS L 176 -23.80 93.80 1.93
N GLU L 177 -23.60 94.57 0.86
CA GLU L 177 -24.71 95.04 0.04
C GLU L 177 -25.45 93.87 -0.61
N TYR L 178 -24.69 92.88 -1.09
CA TYR L 178 -25.30 91.72 -1.74
C TYR L 178 -26.10 90.87 -0.77
N LEU L 179 -25.59 90.65 0.44
CA LEU L 179 -26.38 89.88 1.39
C LEU L 179 -27.51 90.68 2.00
N LEU L 180 -27.37 92.01 2.09
CA LEU L 180 -28.40 92.81 2.74
C LEU L 180 -29.66 92.98 1.89
N GLU L 181 -29.58 92.75 0.58
CA GLU L 181 -30.77 92.77 -0.25
C GLU L 181 -31.44 91.41 -0.35
N GLY L 182 -30.91 90.41 0.35
CA GLY L 182 -31.48 89.07 0.33
C GLY L 182 -30.73 88.07 -0.53
N GLY L 183 -29.61 88.47 -1.14
CA GLY L 183 -28.84 87.57 -1.98
C GLY L 183 -29.52 87.17 -3.26
N LYS L 184 -30.26 88.09 -3.89
CA LYS L 184 -30.98 87.80 -5.13
C LYS L 184 -30.05 87.89 -6.33
N MET M 1 -87.42 6.47 -6.28
CA MET M 1 -86.03 6.61 -5.88
C MET M 1 -85.46 5.27 -5.43
N ASN M 2 -84.13 5.20 -5.32
CA ASN M 2 -83.44 3.96 -5.02
C ASN M 2 -82.85 4.01 -3.62
N ILE M 3 -83.11 2.95 -2.84
CA ILE M 3 -82.53 2.78 -1.51
C ILE M 3 -81.70 1.51 -1.52
N ARG M 4 -80.43 1.63 -1.13
CA ARG M 4 -79.57 0.46 -1.12
C ARG M 4 -79.70 -0.29 0.19
N PHE M 5 -79.53 -1.60 0.13
CA PHE M 5 -79.64 -2.48 1.29
C PHE M 5 -78.41 -3.37 1.34
N ILE M 6 -77.71 -3.36 2.47
CA ILE M 6 -76.48 -4.12 2.63
C ILE M 6 -76.90 -5.41 3.33
N THR M 7 -77.32 -6.40 2.55
CA THR M 7 -77.76 -7.68 3.10
C THR M 7 -77.36 -8.79 2.15
N ARG M 8 -76.96 -9.93 2.72
CA ARG M 8 -76.60 -11.11 1.96
C ARG M 8 -77.47 -12.31 2.36
N ASN M 9 -78.78 -12.08 2.47
CA ASN M 9 -79.73 -13.15 2.76
C ASN M 9 -80.96 -12.94 1.88
N ARG M 10 -81.28 -13.96 1.08
CA ARG M 10 -82.32 -13.84 0.06
C ARG M 10 -83.72 -13.75 0.67
N HIS M 11 -83.94 -14.39 1.84
CA HIS M 11 -85.24 -14.35 2.50
C HIS M 11 -85.60 -12.94 2.96
N LYS M 12 -84.61 -12.19 3.44
CA LYS M 12 -84.84 -10.80 3.82
C LYS M 12 -85.12 -9.92 2.61
N ILE M 13 -84.46 -10.21 1.47
CA ILE M 13 -84.69 -9.48 0.23
C ILE M 13 -86.10 -9.74 -0.30
N LYS M 14 -86.56 -10.99 -0.23
CA LYS M 14 -87.92 -11.29 -0.66
C LYS M 14 -88.96 -10.73 0.30
N GLU M 15 -88.64 -10.67 1.59
CA GLU M 15 -89.53 -10.05 2.57
C GLU M 15 -89.68 -8.56 2.33
N ILE M 16 -88.58 -7.86 2.08
CA ILE M 16 -88.71 -6.41 1.84
C ILE M 16 -89.24 -6.13 0.44
N ASN M 17 -89.10 -7.07 -0.49
CA ASN M 17 -89.74 -6.91 -1.80
C ASN M 17 -91.24 -7.07 -1.68
N LYS M 18 -91.70 -8.00 -0.85
CA LYS M 18 -93.14 -8.16 -0.66
C LYS M 18 -93.73 -7.10 0.28
N ILE M 19 -92.90 -6.44 1.09
CA ILE M 19 -93.41 -5.41 1.99
C ILE M 19 -93.43 -4.05 1.30
N LEU M 20 -92.35 -3.68 0.63
CA LEU M 20 -92.22 -2.37 0.04
C LEU M 20 -92.70 -2.31 -1.40
N SER M 21 -93.48 -3.31 -1.84
CA SER M 21 -94.06 -3.27 -3.17
C SER M 21 -95.20 -2.26 -3.21
N GLY M 22 -95.18 -1.40 -4.22
CA GLY M 22 -96.21 -0.39 -4.36
C GLY M 22 -96.08 0.79 -3.42
N THR M 23 -94.98 0.91 -2.70
CA THR M 23 -94.79 1.99 -1.75
C THR M 23 -94.12 3.22 -2.37
N GLY M 24 -93.86 3.19 -3.68
CA GLY M 24 -93.24 4.31 -4.36
C GLY M 24 -91.72 4.28 -4.37
N VAL M 25 -91.09 3.33 -3.70
CA VAL M 25 -89.64 3.24 -3.65
C VAL M 25 -89.20 1.91 -4.23
N VAL M 26 -87.99 1.90 -4.78
CA VAL M 26 -87.35 0.71 -5.30
C VAL M 26 -86.13 0.45 -4.45
N VAL M 27 -85.96 -0.78 -3.98
CA VAL M 27 -84.84 -1.12 -3.11
C VAL M 27 -83.90 -2.04 -3.88
N LEU M 28 -82.63 -1.65 -3.95
CA LEU M 28 -81.60 -2.40 -4.64
C LEU M 28 -80.72 -3.11 -3.63
N ALA M 29 -80.46 -4.39 -3.86
CA ALA M 29 -79.63 -5.17 -2.96
C ALA M 29 -78.15 -4.96 -3.29
N SER M 30 -77.31 -5.63 -2.50
CA SER M 30 -75.86 -5.50 -2.60
C SER M 30 -75.20 -6.71 -1.95
N GLU M 31 -73.90 -6.85 -2.15
CA GLU M 31 -73.17 -8.04 -1.72
C GLU M 31 -72.10 -7.77 -0.66
N HIS M 32 -71.92 -6.53 -0.22
CA HIS M 32 -70.89 -6.24 0.77
C HIS M 32 -71.29 -6.73 2.15
N SER M 33 -70.29 -6.92 2.99
CA SER M 33 -70.48 -7.41 4.35
C SER M 33 -70.29 -6.28 5.36
N ILE M 34 -70.93 -6.42 6.51
CA ILE M 34 -70.82 -5.47 7.60
C ILE M 34 -70.24 -6.20 8.81
N ASP M 35 -69.11 -5.72 9.30
CA ASP M 35 -68.55 -6.25 10.55
C ASP M 35 -69.14 -5.44 11.69
N GLU M 36 -70.29 -5.89 12.19
CA GLU M 36 -70.96 -5.20 13.28
C GLU M 36 -70.22 -5.44 14.59
N ILE M 37 -70.12 -4.40 15.42
CA ILE M 37 -69.58 -4.57 16.75
C ILE M 37 -70.62 -5.30 17.60
N GLN M 38 -70.15 -6.06 18.57
CA GLN M 38 -71.05 -6.81 19.44
C GLN M 38 -71.19 -6.05 20.76
N THR M 39 -72.41 -5.57 21.02
CA THR M 39 -72.70 -4.84 22.24
C THR M 39 -74.18 -4.98 22.56
N GLU M 40 -74.52 -4.75 23.83
CA GLU M 40 -75.91 -4.80 24.25
C GLU M 40 -76.70 -3.60 23.77
N ASN M 41 -76.02 -2.46 23.58
CA ASN M 41 -76.67 -1.22 23.19
C ASN M 41 -76.98 -1.42 21.71
N VAL M 42 -78.24 -1.75 21.43
CA VAL M 42 -78.67 -2.04 20.07
C VAL M 42 -78.71 -0.77 19.24
N HIS M 43 -78.90 0.39 19.88
CA HIS M 43 -78.84 1.67 19.16
C HIS M 43 -77.43 1.94 18.65
N ALA M 44 -76.42 1.65 19.47
CA ALA M 44 -75.04 1.81 19.04
C ALA M 44 -74.65 0.75 18.00
N LEU M 45 -75.25 -0.44 18.09
CA LEU M 45 -74.99 -1.49 17.12
C LEU M 45 -75.52 -1.12 15.74
N ILE M 46 -76.77 -0.65 15.69
CA ILE M 46 -77.33 -0.23 14.40
C ILE M 46 -76.72 1.09 13.94
N LYS M 47 -76.21 1.90 14.86
CA LYS M 47 -75.46 3.10 14.49
C LYS M 47 -74.17 2.74 13.79
N ASP M 48 -73.42 1.77 14.34
CA ASP M 48 -72.19 1.31 13.72
C ASP M 48 -72.44 0.64 12.39
N LYS M 49 -73.52 -0.15 12.30
CA LYS M 49 -73.86 -0.82 11.05
C LYS M 49 -74.26 0.16 9.96
N LEU M 50 -75.07 1.17 10.31
CA LEU M 50 -75.51 2.17 9.34
C LEU M 50 -74.36 3.06 8.91
N LEU M 51 -73.46 3.40 9.84
CA LEU M 51 -72.33 4.25 9.50
C LEU M 51 -71.33 3.50 8.62
N LYS M 52 -71.11 2.21 8.88
CA LYS M 52 -70.22 1.42 8.02
C LYS M 52 -70.84 1.20 6.65
N ALA M 53 -72.16 1.02 6.59
CA ALA M 53 -72.85 0.87 5.32
C ALA M 53 -72.77 2.14 4.47
N PHE M 54 -72.98 3.29 5.11
CA PHE M 54 -72.87 4.55 4.40
C PHE M 54 -71.44 4.87 4.04
N LYS M 55 -70.47 4.37 4.79
CA LYS M 55 -69.09 4.45 4.33
C LYS M 55 -68.86 3.56 3.11
N LEU M 56 -69.58 2.44 3.03
CA LEU M 56 -69.37 1.50 1.95
C LEU M 56 -69.93 2.02 0.62
N VAL M 57 -71.15 2.56 0.63
CA VAL M 57 -71.81 2.95 -0.62
C VAL M 57 -72.12 4.43 -0.68
N GLY M 58 -72.64 5.03 0.39
CA GLY M 58 -72.87 6.46 0.39
C GLY M 58 -74.16 6.93 -0.24
N ARG M 59 -75.03 6.01 -0.62
CA ARG M 59 -76.35 6.30 -1.13
C ARG M 59 -77.35 6.20 0.03
N PRO M 60 -78.62 6.61 -0.17
CA PRO M 60 -79.65 6.35 0.86
C PRO M 60 -79.78 4.89 1.23
N VAL M 61 -79.54 4.60 2.50
CA VAL M 61 -79.35 3.23 2.98
C VAL M 61 -80.10 3.05 4.30
N PHE M 62 -80.88 1.98 4.39
CA PHE M 62 -81.43 1.50 5.65
C PHE M 62 -80.79 0.16 5.99
N VAL M 63 -80.87 -0.22 7.27
CA VAL M 63 -80.33 -1.49 7.75
C VAL M 63 -81.33 -2.15 8.68
N GLU M 64 -80.99 -3.35 9.11
CA GLU M 64 -81.85 -4.14 9.97
C GLU M 64 -81.05 -4.86 11.04
N HIS M 65 -81.69 -5.11 12.17
CA HIS M 65 -81.16 -5.99 13.20
C HIS M 65 -82.31 -6.50 14.03
N THR M 66 -82.34 -7.81 14.28
CA THR M 66 -83.40 -8.46 15.03
C THR M 66 -82.84 -8.88 16.39
N GLY M 67 -83.47 -8.44 17.46
CA GLY M 67 -82.96 -8.69 18.79
C GLY M 67 -83.99 -9.32 19.70
N LEU M 68 -83.49 -9.96 20.76
CA LEU M 68 -84.30 -10.59 21.79
C LEU M 68 -83.92 -10.03 23.15
N TYR M 69 -84.88 -10.05 24.08
CA TYR M 69 -84.65 -9.67 25.47
C TYR M 69 -85.38 -10.65 26.37
N ILE M 70 -84.64 -11.35 27.22
CA ILE M 70 -85.25 -12.24 28.19
C ILE M 70 -85.56 -11.45 29.45
N GLU M 71 -86.79 -11.58 29.94
CA GLU M 71 -87.18 -10.94 31.20
C GLU M 71 -86.46 -11.56 32.38
N SER M 72 -86.17 -12.86 32.31
CA SER M 72 -85.43 -13.54 33.38
C SER M 72 -83.98 -13.08 33.42
N LEU M 73 -83.35 -12.93 32.26
CA LEU M 73 -81.98 -12.45 32.19
C LEU M 73 -81.89 -10.93 32.11
N ASN M 74 -83.02 -10.25 32.31
CA ASN M 74 -83.15 -8.78 32.39
C ASN M 74 -82.67 -8.09 31.10
N GLY M 75 -83.20 -8.57 29.98
CA GLY M 75 -82.89 -8.01 28.69
C GLY M 75 -81.49 -8.25 28.19
N PHE M 76 -80.86 -9.35 28.60
CA PHE M 76 -79.51 -9.71 28.18
C PHE M 76 -79.25 -9.89 26.68
N PRO M 77 -80.07 -10.70 25.86
CA PRO M 77 -79.61 -11.03 24.50
C PRO M 77 -79.44 -9.88 23.53
N GLY M 78 -80.32 -8.88 23.53
CA GLY M 78 -80.11 -7.58 22.88
C GLY M 78 -79.56 -7.50 21.47
N GLY M 79 -78.33 -6.99 21.37
CA GLY M 79 -77.55 -7.03 20.14
C GLY M 79 -76.62 -8.22 20.02
N LEU M 80 -76.46 -8.98 21.10
CA LEU M 80 -75.72 -10.23 21.15
C LEU M 80 -76.59 -11.43 20.79
N THR M 81 -77.79 -11.18 20.25
CA THR M 81 -78.80 -12.20 20.06
C THR M 81 -78.37 -13.26 19.06
N GLN M 82 -77.75 -12.83 17.95
CA GLN M 82 -77.32 -13.76 16.90
C GLN M 82 -76.17 -14.64 17.39
N ILE M 83 -75.18 -14.03 18.06
CA ILE M 83 -74.05 -14.81 18.54
C ILE M 83 -74.45 -15.72 19.70
N PHE M 84 -75.44 -15.31 20.50
CA PHE M 84 -76.00 -16.16 21.54
C PHE M 84 -76.75 -17.33 20.93
N TRP M 85 -77.45 -17.08 19.82
CA TRP M 85 -78.23 -18.12 19.17
C TRP M 85 -77.35 -19.19 18.54
N ASP M 86 -76.30 -18.79 17.80
CA ASP M 86 -75.40 -19.82 17.27
C ASP M 86 -74.50 -20.42 18.34
N LYS M 87 -74.29 -19.72 19.47
CA LYS M 87 -73.52 -20.34 20.54
C LYS M 87 -74.33 -21.35 21.34
N LEU M 88 -75.65 -21.21 21.37
CA LEU M 88 -76.43 -22.11 22.21
C LEU M 88 -77.23 -23.16 21.45
N GLN M 89 -77.72 -22.86 20.23
CA GLN M 89 -78.61 -23.68 19.39
C GLN M 89 -79.97 -23.99 20.02
N ALA M 90 -80.85 -24.55 19.18
CA ALA M 90 -82.30 -24.56 19.44
C ALA M 90 -82.67 -25.42 20.64
N ASP M 91 -82.21 -26.67 20.67
CA ASP M 91 -82.64 -27.63 21.70
C ASP M 91 -82.06 -27.29 23.07
N LYS M 92 -80.77 -26.94 23.10
CA LYS M 92 -80.10 -26.60 24.35
C LYS M 92 -80.64 -25.30 24.92
N PHE M 93 -80.90 -24.32 24.05
CA PHE M 93 -81.53 -23.06 24.45
C PHE M 93 -82.98 -23.28 24.88
N SER M 94 -83.66 -24.27 24.28
CA SER M 94 -85.02 -24.62 24.66
C SER M 94 -85.08 -25.19 26.06
N GLN M 95 -84.15 -26.09 26.40
CA GLN M 95 -84.17 -26.66 27.73
C GLN M 95 -83.70 -25.64 28.76
N LEU M 96 -82.86 -24.69 28.34
CA LEU M 96 -82.42 -23.66 29.27
C LEU M 96 -83.53 -22.66 29.59
N LEU M 97 -84.24 -22.17 28.59
CA LEU M 97 -85.16 -21.06 28.84
C LEU M 97 -86.63 -21.36 28.60
N GLY M 98 -86.97 -22.30 27.71
CA GLY M 98 -88.37 -22.65 27.52
C GLY M 98 -88.95 -23.44 28.66
N THR M 99 -88.11 -24.08 29.48
CA THR M 99 -88.52 -24.79 30.66
C THR M 99 -88.53 -23.92 31.91
N SER M 100 -88.19 -22.64 31.78
CA SER M 100 -88.05 -21.75 32.92
C SER M 100 -89.41 -21.36 33.50
N GLU M 101 -89.37 -20.86 34.74
CA GLU M 101 -90.60 -20.45 35.41
C GLU M 101 -91.16 -19.15 34.83
N ASN M 102 -90.30 -18.31 34.26
CA ASN M 102 -90.71 -17.05 33.62
C ASN M 102 -90.45 -17.19 32.13
N PRO M 103 -91.47 -17.51 31.33
CA PRO M 103 -91.26 -17.67 29.89
C PRO M 103 -91.39 -16.40 29.08
N ARG M 104 -91.70 -15.26 29.72
CA ARG M 104 -91.94 -14.04 28.98
C ARG M 104 -90.64 -13.43 28.47
N LEU M 105 -90.64 -13.03 27.20
CA LEU M 105 -89.46 -12.42 26.58
C LEU M 105 -89.93 -11.40 25.56
N VAL M 106 -89.06 -10.42 25.29
CA VAL M 106 -89.36 -9.32 24.38
C VAL M 106 -88.45 -9.46 23.16
N ALA M 107 -89.04 -9.32 21.97
CA ALA M 107 -88.32 -9.40 20.70
C ALA M 107 -88.45 -8.08 19.96
N LYS M 108 -87.33 -7.52 19.52
CA LYS M 108 -87.33 -6.25 18.81
C LYS M 108 -86.57 -6.35 17.49
N THR M 109 -87.04 -5.59 16.52
CA THR M 109 -86.38 -5.42 15.24
C THR M 109 -86.31 -3.93 14.94
N ILE M 110 -85.10 -3.40 14.79
CA ILE M 110 -84.88 -1.97 14.60
C ILE M 110 -84.40 -1.72 13.18
N ILE M 111 -84.98 -0.70 12.54
CA ILE M 111 -84.60 -0.28 11.21
C ILE M 111 -84.02 1.12 11.31
N GLY M 112 -82.78 1.28 10.85
CA GLY M 112 -82.13 2.58 10.86
C GLY M 112 -81.87 3.08 9.47
N TYR M 113 -82.59 4.13 9.06
CA TYR M 113 -82.55 4.60 7.69
C TYR M 113 -81.83 5.94 7.61
N CYS M 114 -80.84 6.01 6.74
CA CYS M 114 -80.11 7.24 6.46
C CYS M 114 -80.37 7.66 5.03
N ASP M 115 -80.73 8.93 4.83
CA ASP M 115 -81.07 9.47 3.52
C ASP M 115 -80.00 10.42 3.00
N SER M 116 -78.76 10.21 3.45
CA SER M 116 -77.57 11.03 3.21
C SER M 116 -77.69 12.46 3.75
N MET M 117 -78.66 12.72 4.61
CA MET M 117 -78.89 13.99 5.25
C MET M 117 -79.07 13.85 6.76
N LYS M 118 -79.78 12.81 7.20
CA LYS M 118 -80.08 12.54 8.59
C LYS M 118 -80.07 11.03 8.78
N ILE M 119 -80.24 10.58 10.02
CA ILE M 119 -80.54 9.17 10.27
C ILE M 119 -81.84 9.14 11.06
N TYR M 120 -82.56 8.04 10.93
CA TYR M 120 -83.84 7.87 11.61
C TYR M 120 -83.90 6.49 12.23
N ILE M 121 -84.59 6.39 13.36
CA ILE M 121 -84.70 5.14 14.10
C ILE M 121 -86.15 4.69 14.05
N PHE M 122 -86.37 3.47 13.55
CA PHE M 122 -87.69 2.85 13.51
C PHE M 122 -87.63 1.55 14.30
N GLU M 123 -88.54 1.40 15.25
CA GLU M 123 -88.53 0.25 16.14
C GLU M 123 -89.88 -0.44 16.14
N GLY M 124 -89.84 -1.74 16.41
CA GLY M 124 -91.03 -2.54 16.60
C GLY M 124 -90.76 -3.60 17.64
N GLU M 125 -91.75 -3.99 18.42
CA GLU M 125 -91.57 -4.98 19.47
C GLU M 125 -92.72 -5.97 19.48
N THR M 126 -92.44 -7.17 19.96
CA THR M 126 -93.44 -8.23 20.09
C THR M 126 -93.05 -9.13 21.26
N GLN M 127 -93.91 -9.20 22.26
CA GLN M 127 -93.69 -10.04 23.44
C GLN M 127 -94.26 -11.43 23.19
N GLY M 128 -93.96 -12.35 24.09
CA GLY M 128 -94.47 -13.70 23.97
C GLY M 128 -93.77 -14.66 24.91
N THR M 129 -94.07 -15.94 24.71
CA THR M 129 -93.52 -17.03 25.51
C THR M 129 -92.48 -17.80 24.74
N ILE M 130 -91.74 -18.64 25.46
CA ILE M 130 -90.67 -19.44 24.88
C ILE M 130 -91.03 -20.91 25.03
N SER M 131 -90.92 -21.66 23.93
CA SER M 131 -91.26 -23.07 23.95
C SER M 131 -90.12 -23.89 24.56
N PRO M 132 -90.46 -24.97 25.27
CA PRO M 132 -89.41 -25.89 25.73
C PRO M 132 -88.96 -26.87 24.66
N VAL M 133 -89.62 -26.92 23.52
CA VAL M 133 -89.31 -27.86 22.45
C VAL M 133 -89.33 -27.10 21.13
N PRO M 134 -88.31 -27.26 20.27
CA PRO M 134 -88.31 -26.59 18.97
C PRO M 134 -89.33 -27.21 18.02
N LYS M 135 -90.33 -26.41 17.66
CA LYS M 135 -91.40 -26.86 16.78
C LYS M 135 -91.26 -26.17 15.43
N GLY M 136 -91.34 -26.96 14.37
CA GLY M 136 -91.17 -26.46 13.03
C GLY M 136 -89.73 -26.54 12.57
N PRO M 137 -89.42 -25.97 11.41
CA PRO M 137 -88.03 -26.00 10.93
C PRO M 137 -87.13 -25.07 11.73
N ARG M 138 -85.89 -25.50 11.91
CA ARG M 138 -84.88 -24.70 12.61
C ARG M 138 -83.93 -24.01 11.65
N ASP M 139 -84.32 -23.86 10.38
CA ASP M 139 -83.45 -23.27 9.38
C ASP M 139 -83.29 -21.76 9.57
N PHE M 140 -84.39 -21.05 9.77
CA PHE M 140 -84.39 -19.58 9.82
C PHE M 140 -84.35 -19.14 11.28
N GLN M 141 -83.11 -19.03 11.81
CA GLN M 141 -82.73 -18.70 13.20
C GLN M 141 -83.65 -19.24 14.29
N TRP M 142 -84.03 -18.41 15.27
CA TRP M 142 -84.80 -18.87 16.41
C TRP M 142 -86.31 -18.84 16.17
N ASP M 143 -86.76 -18.93 14.91
CA ASP M 143 -88.19 -18.97 14.61
C ASP M 143 -88.85 -20.28 15.04
N CYS M 144 -88.09 -21.32 15.34
CA CYS M 144 -88.68 -22.56 15.82
C CYS M 144 -88.98 -22.54 17.32
N ILE M 145 -88.83 -21.39 18.00
CA ILE M 145 -88.95 -21.39 19.45
C ILE M 145 -89.77 -20.23 20.00
N PHE M 146 -90.09 -19.23 19.18
CA PHE M 146 -90.78 -18.05 19.68
C PHE M 146 -92.29 -18.23 19.57
N ILE M 147 -92.98 -18.24 20.70
CA ILE M 147 -94.43 -18.33 20.75
C ILE M 147 -94.98 -17.00 21.26
N PRO M 148 -95.69 -16.23 20.44
CA PRO M 148 -96.22 -14.95 20.89
C PRO M 148 -97.51 -15.15 21.67
N ASP M 149 -98.11 -14.04 22.07
CA ASP M 149 -99.42 -14.07 22.72
C ASP M 149 -100.51 -14.21 21.67
N GLY M 150 -101.53 -15.01 21.98
CA GLY M 150 -102.61 -15.25 21.06
C GLY M 150 -102.34 -16.33 20.03
N GLU M 151 -101.20 -17.00 20.10
CA GLU M 151 -100.86 -18.07 19.17
C GLU M 151 -100.38 -19.29 19.96
N SER M 152 -100.49 -20.45 19.33
CA SER M 152 -100.08 -21.72 19.93
C SER M 152 -98.93 -22.37 19.18
N GLU M 153 -98.37 -21.68 18.18
CA GLU M 153 -97.31 -22.24 17.35
C GLU M 153 -96.10 -21.32 17.33
N THR M 154 -94.94 -21.91 17.12
CA THR M 154 -93.71 -21.14 17.02
C THR M 154 -93.63 -20.46 15.66
N PHE M 155 -92.94 -19.32 15.61
CA PHE M 155 -92.86 -18.48 14.38
C PHE M 155 -92.59 -19.30 13.12
N ALA M 156 -91.73 -20.33 13.17
CA ALA M 156 -91.38 -21.02 11.94
C ALA M 156 -92.51 -21.89 11.39
N GLU M 157 -93.64 -22.02 12.10
CA GLU M 157 -94.61 -23.03 11.69
C GLU M 157 -95.65 -22.49 10.71
N MET M 158 -96.28 -21.37 11.04
CA MET M 158 -97.29 -20.79 10.17
C MET M 158 -96.71 -19.86 9.09
N GLY M 159 -95.63 -19.12 9.37
CA GLY M 159 -94.96 -18.47 8.26
C GLY M 159 -95.45 -17.10 7.82
N ASP M 160 -96.33 -17.08 6.80
CA ASP M 160 -96.85 -15.82 6.24
C ASP M 160 -97.66 -15.01 7.26
N ARG M 161 -98.32 -15.68 8.21
CA ARG M 161 -98.97 -14.97 9.29
C ARG M 161 -97.96 -14.39 10.28
N LYS M 162 -96.78 -15.02 10.44
CA LYS M 162 -95.69 -14.36 11.18
C LYS M 162 -95.22 -13.12 10.44
N ASN M 163 -95.11 -13.20 9.11
CA ASN M 163 -94.79 -12.03 8.30
C ASN M 163 -95.85 -10.94 8.40
N GLU M 164 -97.10 -11.30 8.70
CA GLU M 164 -98.08 -10.32 9.13
C GLU M 164 -97.82 -9.80 10.56
N ILE M 165 -97.47 -10.67 11.51
CA ILE M 165 -97.48 -10.28 12.92
C ILE M 165 -96.08 -10.04 13.47
N SER M 166 -95.05 -10.02 12.64
CA SER M 166 -93.71 -9.79 13.18
C SER M 166 -93.51 -8.32 13.54
N MET M 167 -92.61 -8.10 14.48
CA MET M 167 -92.20 -6.75 14.83
C MET M 167 -91.33 -6.14 13.72
N ARG M 168 -90.72 -6.98 12.90
CA ARG M 168 -90.05 -6.53 11.68
C ARG M 168 -91.06 -5.90 10.72
N LYS M 169 -92.25 -6.50 10.62
CA LYS M 169 -93.32 -5.92 9.82
C LYS M 169 -93.82 -4.61 10.42
N LYS M 170 -93.84 -4.49 11.76
CA LYS M 170 -94.23 -3.23 12.40
C LYS M 170 -93.23 -2.13 12.11
N ALA M 171 -91.93 -2.45 12.19
CA ALA M 171 -90.89 -1.48 11.89
C ALA M 171 -90.90 -1.10 10.42
N PHE M 172 -91.16 -2.05 9.53
CA PHE M 172 -91.26 -1.74 8.11
C PHE M 172 -92.53 -0.98 7.77
N ASP M 173 -93.59 -1.17 8.55
CA ASP M 173 -94.79 -0.38 8.38
C ASP M 173 -94.57 1.05 8.83
N LYS M 174 -93.78 1.24 9.90
CA LYS M 174 -93.40 2.58 10.32
C LYS M 174 -92.49 3.24 9.29
N PHE M 175 -91.61 2.44 8.67
CA PHE M 175 -90.74 2.94 7.60
C PHE M 175 -91.55 3.34 6.37
N LYS M 176 -92.55 2.53 6.00
CA LYS M 176 -93.42 2.86 4.88
C LYS M 176 -94.28 4.08 5.18
N GLU M 177 -94.73 4.20 6.43
CA GLU M 177 -95.49 5.36 6.90
C GLU M 177 -94.66 6.63 6.83
N TYR M 178 -93.38 6.55 7.21
CA TYR M 178 -92.51 7.71 7.10
C TYR M 178 -92.20 8.05 5.64
N LEU M 179 -91.96 7.03 4.81
CA LEU M 179 -91.58 7.28 3.43
C LEU M 179 -92.74 7.75 2.57
N LEU M 180 -93.98 7.45 2.96
CA LEU M 180 -95.13 7.90 2.19
C LEU M 180 -95.49 9.36 2.48
N GLU M 181 -94.88 9.97 3.49
CA GLU M 181 -95.11 11.36 3.82
C GLU M 181 -94.13 12.30 3.13
N GLY M 182 -93.48 11.84 2.06
CA GLY M 182 -92.45 12.62 1.40
C GLY M 182 -91.09 12.50 2.03
N GLY M 183 -90.92 11.67 3.06
CA GLY M 183 -89.66 11.53 3.77
C GLY M 183 -89.28 12.77 4.56
N LYS M 184 -90.25 13.43 5.17
CA LYS M 184 -90.00 14.67 5.89
C LYS M 184 -89.64 14.42 7.35
N MET N 1 -35.33 -2.27 34.80
CA MET N 1 -36.36 -2.59 33.82
C MET N 1 -37.74 -2.40 34.43
N ASN N 2 -38.58 -1.60 33.77
CA ASN N 2 -39.92 -1.29 34.23
C ASN N 2 -40.93 -1.76 33.20
N ILE N 3 -42.10 -2.17 33.69
CA ILE N 3 -43.19 -2.62 32.84
C ILE N 3 -44.44 -1.82 33.20
N ARG N 4 -45.03 -1.15 32.22
CA ARG N 4 -46.24 -0.41 32.50
C ARG N 4 -47.44 -1.35 32.56
N PHE N 5 -48.53 -0.86 33.15
CA PHE N 5 -49.75 -1.64 33.31
C PHE N 5 -50.92 -0.68 33.44
N ILE N 6 -51.90 -0.80 32.54
CA ILE N 6 -53.06 0.07 32.53
C ILE N 6 -54.17 -0.58 33.33
N THR N 7 -54.41 -0.08 34.54
CA THR N 7 -55.50 -0.56 35.39
C THR N 7 -56.35 0.61 35.84
N ARG N 8 -57.59 0.30 36.19
CA ARG N 8 -58.40 1.19 37.00
C ARG N 8 -58.50 0.70 38.44
N ASN N 9 -58.03 -0.52 38.70
CA ASN N 9 -57.99 -1.10 40.04
C ASN N 9 -56.66 -0.74 40.69
N ARG N 10 -56.72 0.00 41.79
CA ARG N 10 -55.50 0.45 42.46
C ARG N 10 -54.83 -0.68 43.23
N HIS N 11 -55.62 -1.62 43.74
CA HIS N 11 -55.13 -2.62 44.67
C HIS N 11 -54.38 -3.75 43.98
N LYS N 12 -54.43 -3.83 42.66
CA LYS N 12 -53.71 -4.88 41.93
C LYS N 12 -52.21 -4.66 41.93
N ILE N 13 -51.76 -3.42 42.14
CA ILE N 13 -50.35 -3.08 42.03
C ILE N 13 -49.55 -3.71 43.16
N LYS N 14 -50.13 -3.72 44.37
CA LYS N 14 -49.48 -4.34 45.53
C LYS N 14 -49.31 -5.84 45.33
N GLU N 15 -50.34 -6.52 44.81
CA GLU N 15 -50.22 -7.95 44.63
C GLU N 15 -49.32 -8.30 43.44
N ILE N 16 -49.21 -7.43 42.43
CA ILE N 16 -48.33 -7.82 41.33
C ILE N 16 -46.87 -7.51 41.65
N ASN N 17 -46.58 -6.50 42.49
CA ASN N 17 -45.19 -6.36 42.89
C ASN N 17 -44.81 -7.39 43.94
N LYS N 18 -45.77 -7.85 44.75
CA LYS N 18 -45.45 -8.94 45.68
C LYS N 18 -45.39 -10.29 44.97
N ILE N 19 -46.01 -10.42 43.79
CA ILE N 19 -45.80 -11.60 42.96
C ILE N 19 -44.44 -11.52 42.28
N LEU N 20 -44.12 -10.35 41.73
CA LEU N 20 -42.93 -10.17 40.91
C LEU N 20 -41.73 -9.67 41.71
N SER N 21 -41.73 -9.84 43.03
CA SER N 21 -40.55 -9.51 43.81
C SER N 21 -39.45 -10.53 43.55
N GLY N 22 -38.23 -10.04 43.38
CA GLY N 22 -37.09 -10.88 43.06
C GLY N 22 -36.91 -11.14 41.58
N THR N 23 -37.84 -10.69 40.74
CA THR N 23 -37.72 -10.85 39.30
C THR N 23 -36.63 -9.95 38.73
N GLY N 24 -36.43 -8.78 39.33
CA GLY N 24 -35.55 -7.77 38.78
C GLY N 24 -36.29 -6.67 38.05
N VAL N 25 -37.57 -6.88 37.76
CA VAL N 25 -38.41 -5.87 37.13
C VAL N 25 -39.44 -5.42 38.15
N VAL N 26 -39.98 -4.22 37.93
CA VAL N 26 -40.97 -3.65 38.82
C VAL N 26 -42.06 -3.03 37.95
N VAL N 27 -43.32 -3.29 38.29
CA VAL N 27 -44.43 -2.78 37.50
C VAL N 27 -44.76 -1.36 37.95
N LEU N 28 -44.63 -0.40 37.03
CA LEU N 28 -45.04 0.96 37.29
C LEU N 28 -46.50 1.11 36.91
N ALA N 29 -47.30 1.60 37.84
CA ALA N 29 -48.73 1.72 37.62
C ALA N 29 -49.04 2.90 36.70
N SER N 30 -50.18 2.79 36.02
CA SER N 30 -50.71 3.87 35.19
C SER N 30 -52.20 3.64 35.05
N GLU N 31 -52.97 4.72 35.13
CA GLU N 31 -54.42 4.63 35.07
C GLU N 31 -54.93 5.34 33.83
N HIS N 32 -55.64 4.59 32.98
CA HIS N 32 -56.28 5.13 31.80
C HIS N 32 -57.59 4.38 31.58
N SER N 33 -58.53 5.07 30.97
CA SER N 33 -59.84 4.48 30.66
C SER N 33 -59.74 3.89 29.26
N ILE N 34 -59.45 2.60 29.17
CA ILE N 34 -59.37 1.90 27.90
C ILE N 34 -60.59 1.01 27.78
N ASP N 35 -61.41 1.28 26.77
CA ASP N 35 -62.55 0.43 26.48
C ASP N 35 -62.08 -0.83 25.76
N GLU N 36 -62.85 -1.90 25.91
CA GLU N 36 -62.56 -3.17 25.28
C GLU N 36 -63.66 -3.50 24.28
N ILE N 37 -63.27 -3.89 23.06
CA ILE N 37 -64.24 -4.42 22.12
C ILE N 37 -64.68 -5.80 22.61
N GLN N 38 -65.94 -6.14 22.38
CA GLN N 38 -66.54 -7.32 22.96
C GLN N 38 -66.68 -8.39 21.89
N THR N 39 -65.99 -9.51 22.09
CA THR N 39 -66.07 -10.64 21.18
C THR N 39 -65.75 -11.91 21.96
N GLU N 40 -66.14 -13.05 21.38
CA GLU N 40 -65.85 -14.33 22.01
C GLU N 40 -64.38 -14.71 21.85
N ASN N 41 -63.74 -14.20 20.80
CA ASN N 41 -62.33 -14.49 20.56
C ASN N 41 -61.51 -13.65 21.53
N VAL N 42 -61.07 -14.27 22.62
CA VAL N 42 -60.31 -13.57 23.65
C VAL N 42 -58.89 -13.25 23.16
N HIS N 43 -58.39 -13.99 22.17
CA HIS N 43 -57.10 -13.67 21.60
C HIS N 43 -57.15 -12.36 20.81
N ALA N 44 -58.23 -12.14 20.06
CA ALA N 44 -58.42 -10.86 19.39
C ALA N 44 -58.69 -9.75 20.38
N LEU N 45 -59.36 -10.06 21.49
CA LEU N 45 -59.62 -9.07 22.53
C LEU N 45 -58.34 -8.64 23.22
N ILE N 46 -57.46 -9.58 23.55
CA ILE N 46 -56.22 -9.22 24.21
C ILE N 46 -55.25 -8.58 23.22
N LYS N 47 -55.36 -8.90 21.92
CA LYS N 47 -54.55 -8.21 20.92
C LYS N 47 -54.98 -6.76 20.77
N ASP N 48 -56.30 -6.51 20.73
CA ASP N 48 -56.81 -5.16 20.63
C ASP N 48 -56.51 -4.33 21.87
N LYS N 49 -56.65 -4.94 23.06
CA LYS N 49 -56.38 -4.19 24.27
C LYS N 49 -54.89 -3.95 24.48
N LEU N 50 -54.03 -4.88 24.04
CA LEU N 50 -52.60 -4.66 24.11
C LEU N 50 -52.16 -3.59 23.11
N LEU N 51 -52.80 -3.55 21.93
CA LEU N 51 -52.49 -2.51 20.96
C LEU N 51 -52.95 -1.15 21.45
N LYS N 52 -54.10 -1.08 22.12
CA LYS N 52 -54.58 0.18 22.67
C LYS N 52 -53.69 0.64 23.83
N ALA N 53 -53.21 -0.30 24.65
CA ALA N 53 -52.30 0.04 25.73
C ALA N 53 -50.95 0.50 25.21
N PHE N 54 -50.47 -0.10 24.12
CA PHE N 54 -49.22 0.36 23.56
C PHE N 54 -49.37 1.68 22.81
N LYS N 55 -50.55 1.95 22.27
CA LYS N 55 -50.80 3.27 21.70
C LYS N 55 -50.86 4.33 22.79
N LEU N 56 -51.36 3.95 23.96
CA LEU N 56 -51.44 4.91 25.05
C LEU N 56 -50.10 5.16 25.72
N VAL N 57 -49.28 4.13 25.86
CA VAL N 57 -48.08 4.20 26.70
C VAL N 57 -46.80 4.23 25.87
N GLY N 58 -46.68 3.32 24.90
CA GLY N 58 -45.51 3.31 24.04
C GLY N 58 -44.26 2.69 24.62
N ARG N 59 -44.32 2.17 25.82
CA ARG N 59 -43.20 1.56 26.52
C ARG N 59 -43.57 0.09 26.69
N PRO N 60 -42.68 -0.80 27.22
CA PRO N 60 -43.10 -2.18 27.53
C PRO N 60 -44.26 -2.27 28.50
N VAL N 61 -45.38 -2.77 27.98
CA VAL N 61 -46.65 -2.81 28.71
C VAL N 61 -47.26 -4.20 28.53
N PHE N 62 -48.10 -4.60 29.48
CA PHE N 62 -48.89 -5.79 29.37
C PHE N 62 -50.31 -5.48 29.82
N VAL N 63 -51.21 -6.42 29.60
CA VAL N 63 -52.61 -6.24 29.96
C VAL N 63 -53.22 -7.61 30.24
N GLU N 64 -54.17 -7.63 31.17
CA GLU N 64 -54.72 -8.86 31.74
C GLU N 64 -56.23 -8.91 31.54
N HIS N 65 -56.73 -10.05 31.06
CA HIS N 65 -58.16 -10.29 30.99
C HIS N 65 -58.46 -11.69 31.49
N THR N 66 -59.57 -11.83 32.21
CA THR N 66 -60.02 -13.09 32.78
C THR N 66 -61.38 -13.45 32.19
N GLY N 67 -61.49 -14.66 31.64
CA GLY N 67 -62.72 -15.11 31.04
C GLY N 67 -63.16 -16.45 31.60
N LEU N 68 -64.37 -16.86 31.20
CA LEU N 68 -64.96 -18.10 31.66
C LEU N 68 -65.40 -18.95 30.47
N TYR N 69 -65.50 -20.26 30.70
CA TYR N 69 -66.00 -21.18 29.68
C TYR N 69 -66.87 -22.23 30.37
N ILE N 70 -68.16 -21.98 30.42
CA ILE N 70 -69.09 -22.93 31.01
C ILE N 70 -69.30 -24.07 30.01
N GLU N 71 -69.16 -25.31 30.49
CA GLU N 71 -69.31 -26.47 29.64
C GLU N 71 -70.76 -26.67 29.20
N SER N 72 -71.72 -26.31 30.06
CA SER N 72 -73.11 -26.37 29.65
C SER N 72 -73.46 -25.25 28.66
N LEU N 73 -72.89 -24.07 28.86
CA LEU N 73 -73.16 -22.94 27.98
C LEU N 73 -72.27 -22.92 26.74
N ASN N 74 -71.55 -24.02 26.47
CA ASN N 74 -70.66 -24.20 25.32
C ASN N 74 -69.53 -23.17 25.28
N GLY N 75 -69.05 -22.76 26.45
CA GLY N 75 -67.95 -21.81 26.52
C GLY N 75 -68.28 -20.41 26.12
N PHE N 76 -69.56 -20.02 26.19
CA PHE N 76 -69.99 -18.70 25.72
C PHE N 76 -69.45 -17.52 26.55
N PRO N 77 -69.53 -17.48 27.92
CA PRO N 77 -69.10 -16.20 28.54
C PRO N 77 -67.60 -16.07 28.69
N GLY N 78 -66.93 -15.82 27.57
CA GLY N 78 -65.49 -15.78 27.44
C GLY N 78 -65.00 -14.36 27.53
N GLY N 79 -64.79 -13.70 26.38
CA GLY N 79 -64.44 -12.29 26.38
C GLY N 79 -65.54 -11.35 26.81
N LEU N 80 -66.77 -11.84 26.99
CA LEU N 80 -67.90 -11.05 27.44
C LEU N 80 -68.34 -11.48 28.84
N THR N 81 -67.38 -11.96 29.62
CA THR N 81 -67.64 -12.44 30.98
C THR N 81 -68.06 -11.31 31.90
N GLN N 82 -67.50 -10.11 31.70
CA GLN N 82 -67.78 -8.97 32.56
C GLN N 82 -69.21 -8.48 32.36
N ILE N 83 -69.62 -8.34 31.10
CA ILE N 83 -70.96 -7.84 30.81
C ILE N 83 -72.00 -8.91 31.12
N PHE N 84 -71.63 -10.20 30.95
CA PHE N 84 -72.46 -11.31 31.39
C PHE N 84 -72.68 -11.30 32.90
N TRP N 85 -71.61 -11.04 33.65
CA TRP N 85 -71.68 -11.06 35.11
C TRP N 85 -72.51 -9.91 35.64
N ASP N 86 -72.29 -8.70 35.12
CA ASP N 86 -73.10 -7.60 35.67
C ASP N 86 -74.50 -7.53 35.07
N LYS N 87 -74.80 -8.32 34.03
CA LYS N 87 -76.17 -8.45 33.60
C LYS N 87 -76.90 -9.62 34.22
N LEU N 88 -76.18 -10.54 34.88
CA LEU N 88 -76.87 -11.66 35.53
C LEU N 88 -76.87 -11.62 37.05
N GLN N 89 -75.74 -11.26 37.69
CA GLN N 89 -75.48 -11.27 39.14
C GLN N 89 -75.55 -12.66 39.79
N ALA N 90 -75.15 -12.71 41.06
CA ALA N 90 -74.82 -13.97 41.73
C ALA N 90 -76.05 -14.82 42.00
N ASP N 91 -77.15 -14.20 42.44
CA ASP N 91 -78.36 -14.96 42.79
C ASP N 91 -79.01 -15.60 41.58
N LYS N 92 -79.16 -14.83 40.50
CA LYS N 92 -79.75 -15.36 39.28
C LYS N 92 -78.81 -16.35 38.60
N PHE N 93 -77.49 -16.14 38.71
CA PHE N 93 -76.54 -17.09 38.15
C PHE N 93 -76.55 -18.41 38.91
N SER N 94 -76.69 -18.35 40.24
CA SER N 94 -76.78 -19.56 41.05
C SER N 94 -78.08 -20.30 40.77
N GLN N 95 -79.20 -19.59 40.70
CA GLN N 95 -80.48 -20.23 40.43
C GLN N 95 -80.61 -20.69 38.97
N LEU N 96 -79.77 -20.20 38.07
CA LEU N 96 -79.86 -20.64 36.68
C LEU N 96 -78.90 -21.75 36.34
N LEU N 97 -77.66 -21.70 36.83
CA LEU N 97 -76.67 -22.71 36.47
C LEU N 97 -76.00 -23.39 37.65
N GLY N 98 -76.07 -22.82 38.85
CA GLY N 98 -75.51 -23.52 40.00
C GLY N 98 -76.35 -24.70 40.43
N THR N 99 -77.64 -24.67 40.14
CA THR N 99 -78.55 -25.79 40.40
C THR N 99 -78.87 -26.56 39.13
N SER N 100 -78.12 -26.33 38.05
CA SER N 100 -78.38 -26.99 36.78
C SER N 100 -77.80 -28.41 36.78
N GLU N 101 -77.91 -29.07 35.63
CA GLU N 101 -77.42 -30.44 35.51
C GLU N 101 -75.90 -30.48 35.44
N ASN N 102 -75.30 -29.52 34.75
CA ASN N 102 -73.84 -29.45 34.61
C ASN N 102 -73.35 -28.07 35.03
N PRO N 103 -72.86 -27.91 36.26
CA PRO N 103 -72.31 -26.62 36.68
C PRO N 103 -70.81 -26.51 36.42
N ARG N 104 -70.27 -27.41 35.61
CA ARG N 104 -68.83 -27.43 35.35
C ARG N 104 -68.45 -26.29 34.40
N LEU N 105 -67.34 -25.62 34.72
CA LEU N 105 -66.91 -24.48 33.92
C LEU N 105 -65.39 -24.35 33.95
N VAL N 106 -64.86 -23.66 32.94
CA VAL N 106 -63.44 -23.45 32.76
C VAL N 106 -63.15 -21.97 32.99
N ALA N 107 -62.19 -21.67 33.86
CA ALA N 107 -61.76 -20.30 34.11
C ALA N 107 -60.41 -20.08 33.46
N LYS N 108 -60.35 -19.09 32.56
CA LYS N 108 -59.11 -18.76 31.87
C LYS N 108 -58.76 -17.30 32.06
N THR N 109 -57.48 -17.04 32.30
CA THR N 109 -56.93 -15.69 32.37
C THR N 109 -55.86 -15.57 31.30
N ILE N 110 -56.04 -14.62 30.39
CA ILE N 110 -55.10 -14.38 29.30
C ILE N 110 -54.38 -13.08 29.59
N ILE N 111 -53.06 -13.14 29.65
CA ILE N 111 -52.21 -11.98 29.83
C ILE N 111 -51.38 -11.82 28.57
N GLY N 112 -51.50 -10.65 27.92
CA GLY N 112 -50.75 -10.37 26.72
C GLY N 112 -49.68 -9.33 26.99
N TYR N 113 -48.42 -9.71 26.81
CA TYR N 113 -47.30 -8.84 27.13
C TYR N 113 -46.61 -8.38 25.86
N CYS N 114 -46.27 -7.09 25.82
CA CYS N 114 -45.56 -6.48 24.69
C CYS N 114 -44.30 -5.83 25.21
N ASP N 115 -43.17 -6.10 24.54
CA ASP N 115 -41.88 -5.54 24.92
C ASP N 115 -41.36 -4.60 23.85
N SER N 116 -42.28 -3.92 23.15
CA SER N 116 -42.11 -2.99 22.04
C SER N 116 -41.53 -3.61 20.77
N MET N 117 -41.31 -4.93 20.74
CA MET N 117 -40.94 -5.63 19.53
C MET N 117 -41.91 -6.75 19.20
N LYS N 118 -42.23 -7.59 20.17
CA LYS N 118 -43.11 -8.74 19.96
C LYS N 118 -44.33 -8.63 20.87
N ILE N 119 -45.21 -9.62 20.73
CA ILE N 119 -46.37 -9.76 21.59
C ILE N 119 -46.36 -11.20 22.10
N TYR N 120 -46.38 -11.36 23.42
CA TYR N 120 -46.37 -12.67 24.04
C TYR N 120 -47.68 -12.86 24.79
N ILE N 121 -48.32 -13.99 24.56
CA ILE N 121 -49.60 -14.33 25.17
C ILE N 121 -49.36 -15.39 26.22
N PHE N 122 -49.90 -15.17 27.43
CA PHE N 122 -49.75 -16.11 28.53
C PHE N 122 -51.15 -16.51 28.99
N GLU N 123 -51.38 -17.82 29.11
CA GLU N 123 -52.70 -18.33 29.43
C GLU N 123 -52.57 -19.67 30.15
N GLY N 124 -53.67 -20.07 30.78
CA GLY N 124 -53.70 -21.33 31.50
C GLY N 124 -55.13 -21.77 31.72
N GLU N 125 -55.27 -23.01 32.16
CA GLU N 125 -56.58 -23.63 32.37
C GLU N 125 -56.81 -23.85 33.86
N THR N 126 -58.05 -23.63 34.29
CA THR N 126 -58.45 -23.91 35.66
C THR N 126 -59.91 -24.38 35.62
N GLN N 127 -60.10 -25.69 35.76
CA GLN N 127 -61.44 -26.27 35.80
C GLN N 127 -62.12 -25.95 37.12
N GLY N 128 -63.44 -25.86 37.10
CA GLY N 128 -64.17 -25.53 38.31
C GLY N 128 -65.65 -25.82 38.18
N THR N 129 -66.37 -25.54 39.26
CA THR N 129 -67.81 -25.77 39.35
C THR N 129 -68.51 -24.52 39.86
N ILE N 130 -69.75 -24.32 39.41
CA ILE N 130 -70.58 -23.20 39.84
C ILE N 130 -71.32 -23.59 41.10
N SER N 131 -71.22 -22.75 42.13
CA SER N 131 -71.93 -22.98 43.37
C SER N 131 -73.43 -22.77 43.19
N PRO N 132 -74.28 -23.58 43.84
CA PRO N 132 -75.73 -23.37 43.74
C PRO N 132 -76.25 -22.21 44.57
N VAL N 133 -75.42 -21.63 45.43
CA VAL N 133 -75.83 -20.52 46.30
C VAL N 133 -74.62 -19.60 46.42
N PRO N 134 -74.79 -18.28 46.37
CA PRO N 134 -73.64 -17.38 46.54
C PRO N 134 -73.11 -17.38 47.96
N LYS N 135 -71.97 -18.04 48.14
CA LYS N 135 -71.34 -18.16 49.45
C LYS N 135 -70.13 -17.24 49.52
N GLY N 136 -69.99 -16.53 50.63
CA GLY N 136 -68.89 -15.62 50.80
C GLY N 136 -69.24 -14.22 50.34
N PRO N 137 -68.26 -13.32 50.33
CA PRO N 137 -68.52 -11.95 49.89
C PRO N 137 -68.74 -11.86 48.39
N ARG N 138 -69.47 -10.81 47.99
CA ARG N 138 -69.74 -10.52 46.60
C ARG N 138 -69.00 -9.28 46.12
N ASP N 139 -67.92 -8.92 46.81
CA ASP N 139 -67.21 -7.67 46.51
C ASP N 139 -66.37 -7.78 45.25
N PHE N 140 -65.74 -8.92 45.01
CA PHE N 140 -64.82 -9.07 43.88
C PHE N 140 -65.38 -10.10 42.89
N GLN N 141 -66.23 -9.61 41.99
CA GLN N 141 -66.75 -10.27 40.78
C GLN N 141 -67.48 -11.56 41.14
N TRP N 142 -67.34 -12.61 40.34
CA TRP N 142 -68.03 -13.89 40.51
C TRP N 142 -67.25 -14.85 41.39
N ASP N 143 -66.52 -14.34 42.38
CA ASP N 143 -65.76 -15.22 43.25
C ASP N 143 -66.63 -15.96 44.27
N CYS N 144 -67.89 -15.56 44.43
CA CYS N 144 -68.76 -16.20 45.38
C CYS N 144 -69.50 -17.40 44.81
N ILE N 145 -69.19 -17.83 43.58
CA ILE N 145 -69.86 -18.98 42.98
C ILE N 145 -68.88 -19.96 42.37
N PHE N 146 -67.63 -19.55 42.18
CA PHE N 146 -66.63 -20.39 41.51
C PHE N 146 -65.98 -21.33 42.52
N ILE N 147 -66.21 -22.63 42.35
CA ILE N 147 -65.63 -23.65 43.22
C ILE N 147 -64.76 -24.57 42.36
N PRO N 148 -63.46 -24.68 42.63
CA PRO N 148 -62.58 -25.50 41.80
C PRO N 148 -62.68 -26.98 42.18
N ASP N 149 -61.80 -27.77 41.57
CA ASP N 149 -61.76 -29.21 41.85
C ASP N 149 -60.95 -29.49 43.10
N GLY N 150 -61.42 -30.44 43.89
CA GLY N 150 -60.79 -30.78 45.15
C GLY N 150 -61.16 -29.88 46.31
N GLU N 151 -61.99 -28.88 46.08
CA GLU N 151 -62.45 -27.97 47.12
C GLU N 151 -63.97 -27.90 47.06
N SER N 152 -64.57 -27.43 48.15
CA SER N 152 -66.01 -27.23 48.22
C SER N 152 -66.37 -25.78 48.54
N GLU N 153 -65.37 -24.91 48.68
CA GLU N 153 -65.60 -23.51 48.98
C GLU N 153 -65.55 -22.68 47.70
N THR N 154 -66.23 -21.54 47.73
CA THR N 154 -66.15 -20.63 46.60
C THR N 154 -64.84 -19.86 46.63
N PHE N 155 -64.61 -19.12 45.55
CA PHE N 155 -63.31 -18.48 45.35
C PHE N 155 -63.17 -17.28 46.29
N ALA N 156 -64.31 -16.68 46.68
CA ALA N 156 -64.34 -15.60 47.68
C ALA N 156 -64.25 -16.15 49.09
N GLU N 157 -64.84 -17.33 49.32
CA GLU N 157 -64.73 -18.00 50.61
C GLU N 157 -63.31 -18.48 50.88
N MET N 158 -62.53 -18.68 49.81
CA MET N 158 -61.25 -19.34 49.84
C MET N 158 -60.21 -18.51 50.59
N GLY N 159 -60.35 -17.18 50.58
CA GLY N 159 -59.60 -16.32 51.49
C GLY N 159 -58.43 -15.63 50.82
N ASP N 160 -57.33 -15.47 51.57
CA ASP N 160 -56.09 -14.95 51.04
C ASP N 160 -55.31 -16.05 50.34
N ARG N 161 -55.68 -17.31 50.56
CA ARG N 161 -55.08 -18.47 49.94
C ARG N 161 -55.48 -18.68 48.49
N LYS N 162 -56.16 -17.71 47.86
CA LYS N 162 -56.58 -17.81 46.47
C LYS N 162 -55.43 -17.63 45.51
N ASN N 163 -54.35 -16.96 45.96
CA ASN N 163 -53.21 -16.62 45.11
C ASN N 163 -52.19 -17.74 45.04
N GLU N 164 -52.57 -18.98 45.31
CA GLU N 164 -51.77 -20.14 45.00
C GLU N 164 -52.38 -20.99 43.90
N ILE N 165 -53.67 -20.82 43.63
CA ILE N 165 -54.38 -21.67 42.67
C ILE N 165 -55.23 -20.84 41.72
N SER N 166 -54.99 -19.53 41.65
CA SER N 166 -55.80 -18.71 40.77
C SER N 166 -55.30 -18.81 39.33
N MET N 167 -56.19 -18.48 38.39
CA MET N 167 -55.83 -18.42 36.98
C MET N 167 -54.84 -17.31 36.73
N ARG N 168 -55.04 -16.17 37.40
CA ARG N 168 -54.09 -15.07 37.37
C ARG N 168 -52.75 -15.46 37.96
N LYS N 169 -52.76 -16.35 38.97
CA LYS N 169 -51.52 -16.77 39.60
C LYS N 169 -50.65 -17.59 38.65
N LYS N 170 -51.21 -18.63 38.02
CA LYS N 170 -50.35 -19.43 37.15
C LYS N 170 -50.06 -18.72 35.83
N ALA N 171 -50.93 -17.79 35.42
CA ALA N 171 -50.59 -16.90 34.32
C ALA N 171 -49.38 -16.03 34.69
N PHE N 172 -49.35 -15.52 35.91
CA PHE N 172 -48.20 -14.74 36.36
C PHE N 172 -46.98 -15.59 36.61
N ASP N 173 -47.14 -16.86 36.98
CA ASP N 173 -45.98 -17.73 37.15
C ASP N 173 -45.34 -18.08 35.81
N LYS N 174 -46.14 -18.33 34.77
CA LYS N 174 -45.51 -18.57 33.47
C LYS N 174 -44.98 -17.28 32.85
N PHE N 175 -45.60 -16.14 33.16
CA PHE N 175 -45.06 -14.85 32.73
C PHE N 175 -43.74 -14.54 33.42
N LYS N 176 -43.66 -14.81 34.72
CA LYS N 176 -42.42 -14.60 35.46
C LYS N 176 -41.37 -15.63 35.08
N GLU N 177 -41.81 -16.84 34.70
CA GLU N 177 -40.90 -17.87 34.21
C GLU N 177 -40.30 -17.47 32.87
N TYR N 178 -41.07 -16.78 32.03
CA TYR N 178 -40.48 -16.18 30.84
C TYR N 178 -39.55 -15.03 31.20
N LEU N 179 -39.90 -14.24 32.23
CA LEU N 179 -39.12 -13.04 32.53
C LEU N 179 -37.76 -13.36 33.17
N LEU N 180 -37.67 -14.42 33.97
CA LEU N 180 -36.34 -14.83 34.45
C LEU N 180 -35.50 -15.52 33.38
N GLU N 181 -36.09 -15.92 32.25
CA GLU N 181 -35.28 -16.49 31.18
C GLU N 181 -34.42 -15.43 30.51
N GLY N 182 -34.86 -14.16 30.53
CA GLY N 182 -34.07 -13.09 29.99
C GLY N 182 -34.83 -12.21 29.02
N GLY N 183 -36.03 -12.63 28.64
CA GLY N 183 -36.81 -11.87 27.68
C GLY N 183 -36.29 -11.98 26.26
N LYS N 184 -35.58 -13.07 25.95
CA LYS N 184 -35.03 -13.27 24.62
C LYS N 184 -36.12 -13.60 23.61
N MET O 1 -2.83 38.94 -29.76
CA MET O 1 -2.90 39.95 -30.82
C MET O 1 -3.08 39.29 -32.18
N GLU O 2 -2.19 38.33 -32.46
CA GLU O 2 -2.24 37.60 -33.73
C GLU O 2 -3.44 36.65 -33.77
N GLN O 3 -3.82 36.10 -32.61
CA GLN O 3 -4.96 35.20 -32.55
C GLN O 3 -6.27 35.94 -32.78
N LEU O 4 -6.30 37.25 -32.45
CA LEU O 4 -7.46 38.08 -32.74
C LEU O 4 -7.68 38.20 -34.25
N LEU O 5 -6.60 38.40 -35.01
CA LEU O 5 -6.72 38.45 -36.45
C LEU O 5 -7.02 37.08 -37.04
N ALA O 6 -6.51 36.02 -36.41
CA ALA O 6 -6.80 34.65 -36.86
C ALA O 6 -8.28 34.30 -36.69
N ASP O 7 -8.87 34.67 -35.56
CA ASP O 7 -10.30 34.44 -35.36
C ASP O 7 -11.15 35.47 -36.07
N TYR O 8 -10.60 36.65 -36.39
CA TYR O 8 -11.29 37.63 -37.19
C TYR O 8 -11.42 37.17 -38.63
N LYS O 9 -10.44 36.40 -39.10
CA LYS O 9 -10.59 35.72 -40.39
C LYS O 9 -11.72 34.69 -40.34
N LYS O 10 -11.86 33.98 -39.23
CA LYS O 10 -12.93 33.01 -39.06
C LYS O 10 -14.21 33.64 -38.51
N GLY O 11 -14.18 34.93 -38.17
CA GLY O 11 -15.37 35.61 -37.70
C GLY O 11 -15.82 35.24 -36.30
N ASN O 12 -14.92 34.72 -35.46
CA ASN O 12 -15.26 34.32 -34.11
C ASN O 12 -14.98 35.40 -33.08
N VAL O 13 -15.07 36.67 -33.46
CA VAL O 13 -14.86 37.78 -32.54
C VAL O 13 -16.04 38.73 -32.67
N ILE O 14 -16.37 39.40 -31.56
CA ILE O 14 -17.48 40.33 -31.49
C ILE O 14 -16.92 41.69 -31.14
N LEU O 15 -17.25 42.70 -31.95
CA LEU O 15 -16.79 44.05 -31.69
C LEU O 15 -17.63 44.64 -30.58
N PHE O 16 -16.96 45.20 -29.58
CA PHE O 16 -17.60 45.90 -28.48
C PHE O 16 -16.97 47.28 -28.39
N VAL O 17 -17.79 48.31 -28.38
CA VAL O 17 -17.31 49.67 -28.61
C VAL O 17 -17.93 50.62 -27.60
N GLY O 18 -17.10 51.47 -27.00
CA GLY O 18 -17.54 52.49 -26.06
C GLY O 18 -17.50 53.90 -26.62
N ALA O 19 -17.18 54.88 -25.78
CA ALA O 19 -17.16 56.28 -26.19
C ALA O 19 -15.79 56.73 -26.69
N GLY O 20 -14.80 55.84 -26.69
CA GLY O 20 -13.47 56.18 -27.17
C GLY O 20 -13.42 56.46 -28.65
N VAL O 21 -14.31 55.84 -29.43
CA VAL O 21 -14.45 56.22 -30.83
C VAL O 21 -15.34 57.45 -31.00
N SER O 22 -16.05 57.85 -29.95
CA SER O 22 -16.98 58.95 -30.04
C SER O 22 -16.36 60.27 -29.64
N MET O 23 -15.23 60.24 -28.94
CA MET O 23 -14.58 61.51 -28.59
C MET O 23 -13.87 62.17 -29.75
N ASN O 24 -13.61 61.44 -30.84
CA ASN O 24 -12.87 62.00 -31.97
C ASN O 24 -13.69 62.97 -32.81
N LEU O 25 -15.01 62.86 -32.76
CA LEU O 25 -15.86 63.58 -33.70
C LEU O 25 -16.28 64.95 -33.21
N GLY O 26 -15.83 65.38 -32.05
CA GLY O 26 -16.33 66.63 -31.50
C GLY O 26 -17.71 66.51 -30.90
N LEU O 27 -18.06 65.32 -30.43
CA LEU O 27 -19.32 65.10 -29.74
C LEU O 27 -19.30 65.79 -28.37
N PRO O 28 -20.46 66.10 -27.81
CA PRO O 28 -20.50 66.65 -26.44
C PRO O 28 -20.00 65.62 -25.45
N SER O 29 -19.07 66.03 -24.60
CA SER O 29 -18.52 65.11 -23.63
C SER O 29 -19.45 65.02 -22.42
N TRP O 30 -19.06 64.16 -21.48
CA TRP O 30 -19.82 64.00 -20.26
C TRP O 30 -19.64 65.19 -19.33
N SER O 31 -18.56 65.95 -19.50
CA SER O 31 -18.34 67.14 -18.68
C SER O 31 -19.35 68.24 -18.98
N GLN O 32 -19.63 68.50 -20.26
CA GLN O 32 -20.71 69.44 -20.53
C GLN O 32 -22.09 68.82 -20.36
N LEU O 33 -22.18 67.49 -20.31
CA LEU O 33 -23.41 66.84 -19.85
C LEU O 33 -23.59 67.03 -18.34
N VAL O 34 -22.52 67.34 -17.63
CA VAL O 34 -22.64 67.76 -16.24
C VAL O 34 -22.95 69.26 -16.17
N ASP O 35 -22.35 70.05 -17.07
CA ASP O 35 -22.51 71.51 -17.06
C ASP O 35 -23.94 71.92 -17.39
N HIS O 36 -24.41 71.19 -18.39
CA HIS O 36 -25.84 71.35 -18.67
C HIS O 36 -26.51 70.47 -17.61
N ILE O 37 -27.80 70.55 -17.52
CA ILE O 37 -28.68 69.88 -16.54
C ILE O 37 -28.33 70.26 -15.10
N ALA O 38 -27.22 70.95 -14.91
CA ALA O 38 -26.95 71.74 -13.71
C ALA O 38 -27.31 73.19 -13.94
N THR O 39 -26.89 73.76 -15.07
CA THR O 39 -27.36 75.11 -15.36
C THR O 39 -28.80 75.11 -15.86
N GLU O 40 -29.34 73.93 -16.15
CA GLU O 40 -30.76 73.82 -16.57
C GLU O 40 -31.59 73.53 -15.32
N LEU O 41 -30.94 73.43 -14.17
CA LEU O 41 -31.58 73.17 -12.89
C LEU O 41 -31.54 74.36 -11.95
N GLY O 42 -30.64 75.30 -12.19
CA GLY O 42 -30.42 76.41 -11.28
C GLY O 42 -29.07 76.39 -10.61
N TYR O 43 -28.26 75.37 -10.84
CA TYR O 43 -26.93 75.27 -10.28
C TYR O 43 -25.88 75.92 -11.16
N ASP O 44 -24.74 76.10 -10.57
CA ASP O 44 -23.54 76.44 -11.28
C ASP O 44 -23.05 75.17 -11.99
N PRO O 45 -22.43 75.27 -13.21
CA PRO O 45 -21.80 74.11 -13.90
C PRO O 45 -20.77 73.42 -13.00
N ASP O 46 -19.92 74.19 -12.29
CA ASP O 46 -19.06 73.55 -11.30
C ASP O 46 -19.91 73.29 -10.06
N ILE O 47 -19.29 73.12 -8.90
CA ILE O 47 -19.86 73.18 -7.54
C ILE O 47 -20.79 71.99 -7.23
N TYR O 48 -21.45 71.39 -8.23
CA TYR O 48 -22.04 70.08 -8.00
C TYR O 48 -20.99 68.99 -7.93
N ARG O 49 -19.86 69.18 -8.61
CA ARG O 49 -18.83 68.15 -8.71
C ARG O 49 -18.15 67.84 -7.38
N THR O 50 -18.38 68.67 -6.36
CA THR O 50 -18.07 68.30 -4.99
C THR O 50 -18.86 67.06 -4.56
N PHE O 51 -20.12 66.92 -4.98
CA PHE O 51 -20.91 65.74 -4.63
C PHE O 51 -21.51 65.10 -5.88
N GLY O 52 -20.72 64.30 -6.60
CA GLY O 52 -21.26 63.67 -7.78
C GLY O 52 -20.28 62.75 -8.47
N SER O 53 -20.83 61.89 -9.32
CA SER O 53 -20.09 61.03 -10.24
C SER O 53 -20.79 60.94 -11.58
N ALA O 54 -21.64 61.95 -11.87
CA ALA O 54 -22.42 62.27 -13.07
C ALA O 54 -23.61 61.35 -13.32
N LEU O 55 -23.58 60.15 -12.74
CA LEU O 55 -24.78 59.35 -12.68
C LEU O 55 -25.67 59.89 -11.57
N GLU O 56 -25.06 60.57 -10.61
CA GLU O 56 -25.80 61.23 -9.55
C GLU O 56 -26.46 62.52 -10.03
N LEU O 57 -25.85 63.26 -10.98
CA LEU O 57 -26.61 64.25 -11.75
C LEU O 57 -27.72 63.67 -12.59
N ALA O 58 -27.52 62.52 -13.20
CA ALA O 58 -28.65 61.95 -13.93
C ALA O 58 -29.79 61.53 -12.98
N GLU O 59 -29.44 61.04 -11.79
CA GLU O 59 -30.41 60.76 -10.73
C GLU O 59 -31.13 62.01 -10.26
N TYR O 60 -30.38 63.06 -9.94
CA TYR O 60 -31.01 64.27 -9.40
C TYR O 60 -31.84 64.99 -10.45
N TYR O 61 -31.40 64.94 -11.72
CA TYR O 61 -32.18 65.58 -12.77
C TYR O 61 -33.45 64.80 -13.07
N LYS O 62 -33.38 63.47 -13.12
CA LYS O 62 -34.61 62.72 -13.36
C LYS O 62 -35.50 62.66 -12.13
N LEU O 63 -34.95 62.91 -10.95
CA LEU O 63 -35.78 62.97 -9.75
C LEU O 63 -36.50 64.30 -9.65
N LYS O 64 -35.85 65.40 -10.01
CA LYS O 64 -36.53 66.68 -9.96
C LYS O 64 -37.48 66.87 -11.13
N LYS O 65 -37.10 66.39 -12.31
CA LYS O 65 -37.98 66.54 -13.46
C LYS O 65 -39.00 65.43 -13.57
N GLY O 66 -38.92 64.40 -12.73
CA GLY O 66 -39.88 63.32 -12.71
C GLY O 66 -39.58 62.18 -13.67
N LYS O 67 -39.07 62.51 -14.85
CA LYS O 67 -38.79 61.52 -15.88
C LYS O 67 -37.37 61.71 -16.39
N ILE O 68 -36.95 60.78 -17.23
CA ILE O 68 -35.67 60.89 -17.93
C ILE O 68 -35.84 61.59 -19.27
N GLY O 69 -37.07 61.95 -19.63
CA GLY O 69 -37.44 62.52 -20.91
C GLY O 69 -36.74 63.78 -21.40
N PRO O 70 -36.68 64.86 -20.60
CA PRO O 70 -35.92 66.05 -21.04
C PRO O 70 -34.44 65.81 -21.24
N LEU O 71 -33.83 64.95 -20.41
CA LEU O 71 -32.43 64.61 -20.59
C LEU O 71 -32.21 63.78 -21.86
N ARG O 72 -33.16 62.88 -22.15
CA ARG O 72 -33.10 62.07 -23.37
C ARG O 72 -33.25 62.95 -24.61
N SER O 73 -34.17 63.91 -24.57
CA SER O 73 -34.38 64.80 -25.70
C SER O 73 -33.19 65.74 -25.91
N TRP O 74 -32.59 66.22 -24.80
CA TRP O 74 -31.43 67.11 -24.92
C TRP O 74 -30.21 66.38 -25.46
N MET O 75 -29.96 65.16 -25.00
CA MET O 75 -28.82 64.43 -25.54
C MET O 75 -29.07 63.92 -26.95
N ASP O 76 -30.34 63.69 -27.31
CA ASP O 76 -30.64 63.35 -28.69
C ASP O 76 -30.43 64.56 -29.61
N ARG O 77 -30.72 65.77 -29.12
CA ARG O 77 -30.54 66.94 -29.96
C ARG O 77 -29.07 67.33 -30.08
N MET O 78 -28.30 67.28 -28.98
CA MET O 78 -26.86 67.56 -29.09
C MET O 78 -26.05 66.44 -29.73
N TRP O 79 -26.41 65.18 -29.50
CA TRP O 79 -25.61 64.08 -30.04
C TRP O 79 -25.82 63.86 -31.52
N HIS O 80 -26.84 64.45 -32.12
CA HIS O 80 -27.15 64.31 -33.53
C HIS O 80 -27.27 65.67 -34.18
N SER O 81 -26.27 66.52 -33.95
CA SER O 81 -26.28 67.88 -34.45
C SER O 81 -26.09 67.92 -35.97
N SER O 82 -26.27 69.11 -36.53
CA SER O 82 -26.19 69.26 -37.98
C SER O 82 -24.77 69.44 -38.48
N ASP O 83 -23.93 70.17 -37.74
CA ASP O 83 -22.59 70.50 -38.21
C ASP O 83 -21.61 69.32 -38.17
N ILE O 84 -21.88 68.32 -37.34
CA ILE O 84 -20.97 67.20 -37.18
C ILE O 84 -21.10 66.25 -38.37
N ASP O 85 -19.98 65.97 -39.02
CA ASP O 85 -19.95 65.07 -40.17
C ASP O 85 -19.40 63.71 -39.75
N ILE O 86 -20.07 62.66 -40.24
CA ILE O 86 -19.62 61.31 -40.00
C ILE O 86 -18.31 61.03 -40.73
N ASN O 87 -18.17 61.57 -41.95
CA ASN O 87 -17.06 61.24 -42.84
C ASN O 87 -15.71 61.80 -42.41
N LYS O 88 -15.67 62.78 -41.51
CA LYS O 88 -14.37 63.31 -41.06
C LYS O 88 -13.87 62.59 -39.80
N SER O 89 -13.91 61.26 -39.84
CA SER O 89 -13.50 60.45 -38.70
C SER O 89 -13.16 59.07 -39.24
N LYS O 90 -11.87 58.74 -39.29
CA LYS O 90 -11.43 57.51 -39.92
C LYS O 90 -11.78 56.26 -39.11
N VAL O 91 -11.96 56.38 -37.79
CA VAL O 91 -12.22 55.21 -36.96
C VAL O 91 -13.61 54.63 -37.23
N HIS O 92 -14.61 55.49 -37.46
CA HIS O 92 -15.97 55.03 -37.79
C HIS O 92 -16.00 54.30 -39.13
N GLU O 93 -15.27 54.82 -40.10
CA GLU O 93 -15.27 54.21 -41.42
C GLU O 93 -14.42 52.96 -41.44
N TYR O 94 -13.41 52.89 -40.57
CA TYR O 94 -12.62 51.68 -40.42
C TYR O 94 -13.45 50.57 -39.78
N ILE O 95 -14.35 50.94 -38.86
CA ILE O 95 -15.35 50.00 -38.36
C ILE O 95 -16.28 49.58 -39.48
N ALA O 96 -16.67 50.55 -40.33
CA ALA O 96 -17.65 50.30 -41.40
C ALA O 96 -17.13 49.35 -42.47
N LYS O 97 -15.86 49.49 -42.86
CA LYS O 97 -15.33 48.64 -43.92
C LYS O 97 -14.89 47.28 -43.42
N ALA O 98 -14.82 47.07 -42.11
CA ALA O 98 -14.39 45.79 -41.57
C ALA O 98 -15.53 44.77 -41.66
N ASN O 99 -15.18 43.50 -41.47
CA ASN O 99 -16.15 42.40 -41.53
C ASN O 99 -16.45 41.94 -40.11
N PHE O 100 -17.39 42.63 -39.47
CA PHE O 100 -17.84 42.27 -38.14
C PHE O 100 -19.31 41.87 -38.21
N PRO O 101 -19.66 40.63 -37.90
CA PRO O 101 -21.08 40.23 -38.01
C PRO O 101 -21.93 40.78 -36.89
N ILE O 102 -21.47 40.71 -35.64
CA ILE O 102 -22.21 41.17 -34.48
C ILE O 102 -21.38 42.26 -33.82
N ILE O 103 -22.02 43.38 -33.51
CA ILE O 103 -21.35 44.50 -32.88
C ILE O 103 -22.23 45.05 -31.75
N TYR O 104 -21.65 45.19 -30.56
CA TYR O 104 -22.35 45.69 -29.39
C TYR O 104 -21.83 47.07 -29.03
N THR O 105 -22.73 48.00 -28.79
CA THR O 105 -22.34 49.34 -28.37
C THR O 105 -23.07 49.73 -27.10
N THR O 106 -22.35 50.41 -26.21
CA THR O 106 -22.94 50.99 -25.02
C THR O 106 -23.25 52.46 -25.21
N ASN O 107 -22.89 53.03 -26.35
CA ASN O 107 -23.22 54.41 -26.64
C ASN O 107 -24.69 54.51 -27.03
N TYR O 108 -25.25 55.72 -26.84
CA TYR O 108 -26.67 55.94 -27.06
C TYR O 108 -26.97 56.63 -28.38
N ASP O 109 -25.97 57.02 -29.15
CA ASP O 109 -26.22 57.69 -30.41
C ASP O 109 -26.29 56.66 -31.55
N ARG O 110 -26.51 57.17 -32.76
CA ARG O 110 -26.66 56.32 -33.94
C ARG O 110 -25.56 56.57 -34.96
N TRP O 111 -24.36 56.95 -34.52
CA TRP O 111 -23.30 57.24 -35.47
C TRP O 111 -22.72 55.98 -36.09
N ILE O 112 -22.79 54.85 -35.37
CA ILE O 112 -22.36 53.58 -35.95
C ILE O 112 -23.35 53.14 -37.03
N GLU O 113 -24.64 53.39 -36.80
CA GLU O 113 -25.67 53.06 -37.78
C GLU O 113 -25.54 53.91 -39.04
N THR O 114 -25.25 55.21 -38.87
CA THR O 114 -25.04 56.06 -40.04
C THR O 114 -23.70 55.76 -40.70
N ALA O 115 -22.73 55.24 -39.95
CA ALA O 115 -21.47 54.80 -40.55
C ALA O 115 -21.67 53.57 -41.41
N LEU O 116 -22.52 52.64 -40.96
CA LEU O 116 -22.79 51.46 -41.78
C LEU O 116 -23.70 51.79 -42.96
N SER O 117 -24.62 52.74 -42.79
CA SER O 117 -25.48 53.15 -43.88
C SER O 117 -24.76 54.01 -44.91
N ASN O 118 -23.72 54.73 -44.50
CA ASN O 118 -23.01 55.60 -45.42
C ASN O 118 -22.12 54.80 -46.37
N TYR O 119 -21.66 53.62 -45.95
CA TYR O 119 -20.84 52.75 -46.79
C TYR O 119 -21.56 51.49 -47.26
N GLY O 120 -22.88 51.58 -47.44
CA GLY O 120 -23.65 50.55 -48.11
C GLY O 120 -23.82 49.24 -47.37
N LYS O 121 -23.43 49.17 -46.11
CA LYS O 121 -23.59 47.96 -45.34
C LYS O 121 -25.00 47.91 -44.79
N GLU O 122 -25.68 46.80 -45.01
CA GLU O 122 -27.07 46.66 -44.58
C GLU O 122 -27.12 46.24 -43.12
N TYR O 123 -27.70 47.08 -42.30
CA TYR O 123 -27.80 46.85 -40.86
C TYR O 123 -29.26 46.80 -40.46
N ILE O 124 -29.53 46.03 -39.41
CA ILE O 124 -30.82 46.06 -38.72
C ILE O 124 -30.48 46.35 -37.26
N LYS O 125 -30.74 47.58 -36.83
CA LYS O 125 -30.49 47.97 -35.46
C LYS O 125 -31.49 47.31 -34.53
N ILE O 126 -31.00 46.84 -33.38
CA ILE O 126 -31.84 46.12 -32.43
C ILE O 126 -31.59 46.61 -31.02
N SER O 127 -32.66 46.87 -30.27
CA SER O 127 -32.53 47.31 -28.88
C SER O 127 -33.48 46.57 -27.95
N SER O 128 -34.69 46.32 -28.42
CA SER O 128 -35.65 45.61 -27.60
C SER O 128 -35.79 44.19 -28.04
N VAL O 129 -35.92 43.30 -27.07
CA VAL O 129 -36.06 41.90 -27.37
C VAL O 129 -36.85 41.73 -28.63
N SER O 130 -37.96 42.44 -28.72
CA SER O 130 -38.75 42.38 -29.91
C SER O 130 -37.85 42.27 -31.11
N ASP O 131 -37.14 43.35 -31.39
CA ASP O 131 -36.29 43.36 -32.55
C ASP O 131 -35.45 42.10 -32.67
N ILE O 132 -35.01 41.55 -31.55
CA ILE O 132 -34.16 40.39 -31.61
C ILE O 132 -34.63 39.53 -32.75
N ALA O 133 -35.93 39.35 -32.85
CA ALA O 133 -36.44 38.46 -33.88
C ALA O 133 -35.90 38.84 -35.25
N LYS O 134 -36.01 40.11 -35.62
CA LYS O 134 -35.60 40.54 -36.97
C LYS O 134 -34.09 40.65 -37.10
N ILE O 135 -33.41 39.52 -37.19
CA ILE O 135 -31.97 39.55 -37.37
C ILE O 135 -31.67 39.02 -38.74
N ASP O 136 -31.20 39.87 -39.64
CA ASP O 136 -30.80 39.39 -40.95
C ASP O 136 -29.52 38.62 -40.82
N ASN O 137 -29.64 37.33 -40.60
CA ASN O 137 -28.47 36.49 -40.44
C ASN O 137 -27.31 37.14 -41.14
N ASN O 138 -27.55 37.58 -42.36
CA ASN O 138 -26.51 38.25 -43.10
C ASN O 138 -26.20 39.66 -42.56
N LYS O 139 -27.08 40.63 -42.82
CA LYS O 139 -26.81 41.99 -42.38
C LYS O 139 -26.19 42.00 -41.01
N THR O 140 -25.21 42.87 -40.80
CA THR O 140 -24.62 42.98 -39.49
C THR O 140 -25.71 43.25 -38.50
N GLN O 141 -25.47 42.89 -37.25
CA GLN O 141 -26.45 43.21 -36.23
C GLN O 141 -25.85 44.12 -35.18
N ILE O 142 -26.23 45.39 -35.22
CA ILE O 142 -25.78 46.30 -34.20
C ILE O 142 -26.71 46.18 -33.04
N ILE O 143 -26.16 46.04 -31.84
CA ILE O 143 -26.97 45.88 -30.64
C ILE O 143 -26.65 47.02 -29.68
N LYS O 144 -27.64 47.84 -29.39
CA LYS O 144 -27.51 48.87 -28.38
C LYS O 144 -27.61 48.20 -27.01
N PHE O 145 -26.48 48.08 -26.33
CA PHE O 145 -26.45 47.38 -25.05
C PHE O 145 -27.14 48.19 -23.96
N HIS O 146 -26.94 49.51 -23.95
CA HIS O 146 -27.57 50.38 -22.98
C HIS O 146 -28.71 51.18 -23.59
N GLY O 147 -29.32 50.68 -24.66
CA GLY O 147 -30.48 51.32 -25.24
C GLY O 147 -30.14 52.50 -26.11
N ASP O 148 -31.18 53.04 -26.75
CA ASP O 148 -31.03 54.18 -27.64
C ASP O 148 -31.99 55.29 -27.25
N PHE O 149 -32.09 56.32 -28.08
CA PHE O 149 -32.97 57.44 -27.79
C PHE O 149 -34.40 57.19 -28.24
N ASP O 150 -34.67 56.11 -28.98
CA ASP O 150 -36.03 55.79 -29.40
C ASP O 150 -36.78 54.95 -28.38
N ASP O 151 -36.16 54.65 -27.23
CA ASP O 151 -36.81 53.90 -26.16
C ASP O 151 -36.51 54.63 -24.85
N ASP O 152 -37.53 55.25 -24.26
CA ASP O 152 -37.37 55.95 -23.01
C ASP O 152 -37.32 55.01 -21.81
N SER O 153 -37.73 53.75 -21.99
CA SER O 153 -37.84 52.84 -20.87
C SER O 153 -36.49 52.21 -20.51
N SER O 154 -35.89 51.50 -21.45
CA SER O 154 -34.68 50.71 -21.19
C SER O 154 -33.40 51.47 -21.43
N ILE O 155 -33.46 52.80 -21.56
CA ILE O 155 -32.26 53.56 -21.84
C ILE O 155 -31.48 53.75 -20.54
N VAL O 156 -30.17 53.49 -20.59
CA VAL O 156 -29.37 53.45 -19.37
C VAL O 156 -28.44 54.65 -19.28
N LEU O 157 -28.86 55.69 -18.57
CA LEU O 157 -28.04 56.86 -18.31
C LEU O 157 -27.88 57.08 -16.82
N ASP O 158 -28.55 56.30 -16.00
CA ASP O 158 -28.74 56.61 -14.60
C ASP O 158 -28.24 55.50 -13.71
N GLU O 159 -27.97 55.89 -12.46
CA GLU O 159 -27.43 54.99 -11.45
C GLU O 159 -28.43 53.88 -11.09
N THR O 160 -29.73 54.19 -11.12
CA THR O 160 -30.74 53.16 -10.91
C THR O 160 -30.75 52.16 -12.07
N SER O 161 -30.67 52.66 -13.31
CA SER O 161 -30.65 51.75 -14.46
C SER O 161 -29.33 51.01 -14.55
N TYR O 162 -28.24 51.67 -14.17
CA TYR O 162 -26.94 51.01 -14.11
C TYR O 162 -26.92 49.93 -13.02
N PHE O 163 -27.71 50.12 -11.97
CA PHE O 163 -27.79 49.10 -10.94
C PHE O 163 -28.78 48.01 -11.30
N GLN O 164 -29.76 48.30 -12.16
CA GLN O 164 -30.59 47.24 -12.73
C GLN O 164 -29.80 46.38 -13.69
N ARG O 165 -28.75 46.93 -14.30
CA ARG O 165 -27.88 46.15 -15.17
C ARG O 165 -26.77 45.41 -14.41
N LEU O 166 -26.94 45.15 -13.11
CA LEU O 166 -25.97 44.36 -12.37
C LEU O 166 -26.14 42.87 -12.61
N GLU O 167 -27.35 42.35 -12.47
CA GLU O 167 -27.59 40.92 -12.45
C GLU O 167 -27.90 40.35 -13.83
N PHE O 168 -27.99 41.22 -14.84
CA PHE O 168 -28.06 40.88 -16.27
C PHE O 168 -29.34 40.10 -16.59
N GLU O 169 -30.48 40.56 -16.08
CA GLU O 169 -31.72 39.83 -16.28
C GLU O 169 -32.42 40.19 -17.59
N THR O 170 -32.05 41.31 -18.19
CA THR O 170 -32.64 41.74 -19.44
C THR O 170 -32.23 40.78 -20.55
N PRO O 171 -33.15 40.37 -21.43
CA PRO O 171 -32.82 39.36 -22.45
C PRO O 171 -31.83 39.81 -23.52
N LEU O 172 -31.46 41.09 -23.58
CA LEU O 172 -30.30 41.50 -24.37
C LEU O 172 -29.02 40.89 -23.82
N ASP O 173 -28.94 40.77 -22.49
CA ASP O 173 -27.81 40.09 -21.88
C ASP O 173 -27.83 38.59 -22.15
N ILE O 174 -29.04 38.02 -22.23
CA ILE O 174 -29.19 36.61 -22.57
C ILE O 174 -28.77 36.37 -24.02
N LYS O 175 -29.13 37.29 -24.91
CA LYS O 175 -28.68 37.24 -26.30
C LYS O 175 -27.17 37.43 -26.41
N PHE O 176 -26.60 38.27 -25.55
CA PHE O 176 -25.14 38.43 -25.52
C PHE O 176 -24.45 37.15 -25.09
N ARG O 177 -24.98 36.49 -24.07
CA ARG O 177 -24.44 35.22 -23.60
C ARG O 177 -24.54 34.14 -24.67
N SER O 178 -25.68 34.11 -25.38
CA SER O 178 -25.86 33.17 -26.47
C SER O 178 -24.96 33.49 -27.66
N ASP O 179 -24.65 34.76 -27.87
CA ASP O 179 -23.76 35.14 -28.96
C ASP O 179 -22.30 34.85 -28.64
N VAL O 180 -21.90 34.93 -27.38
CA VAL O 180 -20.49 34.80 -27.04
C VAL O 180 -20.20 33.49 -26.30
N LEU O 181 -21.13 32.52 -26.35
CA LEU O 181 -20.83 31.19 -25.80
C LEU O 181 -19.78 30.42 -26.60
N GLY O 182 -19.37 30.86 -27.78
CA GLY O 182 -18.28 30.24 -28.50
C GLY O 182 -17.30 31.22 -29.15
N LYS O 183 -17.45 32.51 -28.86
CA LYS O 183 -16.65 33.53 -29.55
C LYS O 183 -15.87 34.42 -28.58
N SER O 184 -15.30 35.51 -29.10
CA SER O 184 -14.51 36.45 -28.32
C SER O 184 -15.14 37.84 -28.37
N VAL O 185 -14.64 38.72 -27.50
CA VAL O 185 -15.07 40.11 -27.43
C VAL O 185 -13.85 40.99 -27.61
N LEU O 186 -13.93 41.96 -28.52
CA LEU O 186 -12.86 42.94 -28.69
C LEU O 186 -13.44 44.24 -28.15
N PHE O 187 -12.89 44.73 -27.04
CA PHE O 187 -13.37 45.96 -26.42
C PHE O 187 -12.60 47.17 -26.97
N ILE O 188 -13.33 48.23 -27.31
CA ILE O 188 -12.75 49.47 -27.82
C ILE O 188 -13.17 50.62 -26.94
N GLY O 189 -12.25 51.53 -26.67
CA GLY O 189 -12.62 52.73 -25.94
C GLY O 189 -13.39 52.45 -24.68
N TYR O 190 -12.69 51.94 -23.69
CA TYR O 190 -13.30 51.67 -22.42
C TYR O 190 -12.23 51.86 -21.40
N SER O 191 -12.14 53.06 -20.84
CA SER O 191 -11.09 53.36 -19.89
C SER O 191 -11.22 52.63 -18.58
N LEU O 192 -10.60 51.48 -18.46
CA LEU O 192 -10.63 50.79 -17.21
C LEU O 192 -10.07 51.74 -16.22
N SER O 193 -10.94 52.48 -15.57
CA SER O 193 -10.52 53.43 -14.58
C SER O 193 -11.71 53.70 -13.72
N ASP O 194 -12.89 53.74 -14.33
CA ASP O 194 -14.11 53.99 -13.59
C ASP O 194 -14.67 52.70 -13.05
N ILE O 195 -14.71 52.59 -11.74
CA ILE O 195 -15.15 51.36 -11.14
C ILE O 195 -16.26 50.73 -11.94
N ASN O 196 -17.40 51.40 -11.99
CA ASN O 196 -18.51 50.80 -12.66
C ASN O 196 -18.00 50.05 -13.85
N ILE O 197 -17.44 50.78 -14.79
CA ILE O 197 -16.99 50.14 -16.00
C ILE O 197 -16.27 48.92 -15.57
N ARG O 198 -15.22 49.12 -14.79
CA ARG O 198 -14.43 47.98 -14.44
C ARG O 198 -15.40 46.90 -14.09
N LEU O 199 -16.33 47.24 -13.23
CA LEU O 199 -17.22 46.20 -12.78
C LEU O 199 -17.90 45.63 -13.96
N LEU O 200 -18.51 46.51 -14.75
CA LEU O 200 -19.26 46.01 -15.86
C LEU O 200 -18.45 44.89 -16.40
N PHE O 201 -17.20 45.17 -16.63
CA PHE O 201 -16.38 44.16 -17.23
C PHE O 201 -16.48 42.96 -16.36
N TYR O 202 -16.15 43.13 -15.10
CA TYR O 202 -16.11 41.95 -14.25
C TYR O 202 -17.30 41.10 -14.52
N LYS O 203 -18.47 41.58 -14.14
CA LYS O 203 -19.63 40.74 -14.31
C LYS O 203 -19.48 40.10 -15.64
N LEU O 204 -19.35 40.93 -16.67
CA LEU O 204 -19.28 40.39 -18.00
C LEU O 204 -18.25 39.31 -18.00
N SER O 205 -17.07 39.63 -17.50
CA SER O 205 -15.99 38.67 -17.52
C SER O 205 -16.55 37.32 -17.30
N LYS O 206 -17.39 37.22 -16.30
CA LYS O 206 -17.93 35.93 -15.97
C LYS O 206 -18.40 35.28 -17.24
N LEU O 207 -19.52 35.77 -17.75
CA LEU O 207 -20.07 35.23 -18.98
C LEU O 207 -19.22 34.18 -19.64
N TRP O 208 -18.14 34.59 -20.29
CA TRP O 208 -17.34 33.62 -21.01
C TRP O 208 -16.73 32.59 -20.08
N LYS O 209 -15.50 32.83 -19.66
CA LYS O 209 -14.82 31.90 -18.78
C LYS O 209 -15.84 31.20 -17.94
N GLU O 210 -16.80 31.95 -17.43
CA GLU O 210 -17.87 31.35 -16.68
C GLU O 210 -18.03 29.92 -17.10
N GLN O 211 -18.24 29.71 -18.39
CA GLN O 211 -18.40 28.36 -18.91
C GLN O 211 -17.13 27.90 -19.59
N LYS O 212 -16.04 27.85 -18.85
CA LYS O 212 -14.79 27.39 -19.42
C LYS O 212 -15.00 25.98 -19.94
N LEU O 213 -16.13 25.38 -19.58
CA LEU O 213 -16.43 24.03 -20.02
C LEU O 213 -15.96 23.83 -21.44
N GLU O 214 -15.24 22.74 -21.69
CA GLU O 214 -14.73 22.47 -23.03
C GLU O 214 -14.41 23.77 -23.73
N GLU O 215 -14.98 23.96 -24.91
CA GLU O 215 -14.80 25.20 -25.63
C GLU O 215 -13.43 25.74 -25.49
N ALA O 216 -13.35 27.03 -25.26
CA ALA O 216 -12.08 27.69 -25.13
C ALA O 216 -12.45 29.13 -24.94
N GLN O 217 -13.75 29.40 -24.90
CA GLN O 217 -14.21 30.77 -24.81
C GLN O 217 -13.11 31.59 -25.38
N PRO O 218 -12.94 31.48 -26.69
CA PRO O 218 -11.90 32.21 -27.36
C PRO O 218 -11.52 33.43 -26.57
N LYS O 219 -10.24 33.54 -26.23
CA LYS O 219 -9.75 34.71 -25.52
C LYS O 219 -10.41 35.98 -25.95
N SER O 220 -10.28 37.00 -25.12
CA SER O 220 -10.85 38.29 -25.44
C SER O 220 -9.81 39.36 -25.20
N TYR O 221 -9.96 40.50 -25.86
CA TYR O 221 -8.95 41.55 -25.76
C TYR O 221 -9.61 42.92 -25.69
N ILE O 222 -8.90 43.87 -25.08
CA ILE O 222 -9.27 45.28 -25.09
C ILE O 222 -8.11 46.05 -25.69
N PHE O 223 -8.38 47.27 -26.15
CA PHE O 223 -7.34 48.11 -26.73
C PHE O 223 -7.26 49.43 -25.97
N LEU O 224 -6.10 49.70 -25.39
CA LEU O 224 -5.81 50.97 -24.73
C LEU O 224 -4.51 51.54 -25.30
N PRO O 225 -4.37 52.86 -25.31
CA PRO O 225 -3.08 53.42 -25.72
C PRO O 225 -1.97 53.18 -24.71
N ARG O 226 -2.24 53.39 -23.43
CA ARG O 226 -1.21 53.22 -22.40
C ARG O 226 -0.98 51.73 -22.14
N PRO O 227 0.28 51.27 -22.14
CA PRO O 227 0.58 49.87 -21.79
C PRO O 227 0.93 49.68 -20.31
N ASN O 228 -0.12 49.75 -19.40
CA ASN O 228 0.32 49.58 -18.02
C ASN O 228 0.30 48.10 -17.62
N PRO O 229 1.20 47.68 -16.73
CA PRO O 229 1.23 46.27 -16.32
C PRO O 229 0.13 45.86 -15.35
N ILE O 230 -0.44 46.80 -14.59
CA ILE O 230 -1.44 46.45 -13.58
C ILE O 230 -2.71 45.98 -14.24
N GLN O 231 -3.17 46.69 -15.28
CA GLN O 231 -4.42 46.33 -15.91
C GLN O 231 -4.30 45.06 -16.74
N GLU O 232 -3.14 44.79 -17.33
CA GLU O 232 -3.00 43.53 -18.06
C GLU O 232 -2.89 42.35 -17.10
N GLU O 233 -2.22 42.54 -15.95
CA GLU O 233 -2.13 41.47 -14.96
C GLU O 233 -3.48 41.22 -14.29
N ILE O 234 -4.27 42.28 -14.11
CA ILE O 234 -5.61 42.14 -13.56
C ILE O 234 -6.54 41.47 -14.58
N LEU O 235 -6.48 41.92 -15.84
CA LEU O 235 -7.40 41.46 -16.86
C LEU O 235 -7.09 40.07 -17.35
N GLU O 236 -5.84 39.61 -17.19
CA GLU O 236 -5.49 38.25 -17.59
C GLU O 236 -6.06 37.20 -16.66
N GLN O 237 -6.51 37.58 -15.46
CA GLN O 237 -7.17 36.65 -14.57
C GLN O 237 -8.65 36.53 -14.84
N TRP O 238 -9.18 37.33 -15.77
CA TRP O 238 -10.56 37.20 -16.20
C TRP O 238 -10.64 36.67 -17.62
N ARG O 239 -9.56 36.06 -18.09
CA ARG O 239 -9.57 35.53 -19.44
C ARG O 239 -9.72 36.64 -20.43
N ILE O 240 -9.00 37.72 -20.22
CA ILE O 240 -9.02 38.84 -21.17
C ILE O 240 -7.59 39.29 -21.43
N GLY O 241 -7.22 39.41 -22.71
CA GLY O 241 -5.93 39.92 -23.08
C GLY O 241 -5.87 41.44 -23.15
N MET O 242 -4.67 41.94 -23.43
CA MET O 242 -4.35 43.36 -23.47
C MET O 242 -3.56 43.69 -24.71
N ILE O 243 -4.00 44.72 -25.43
CA ILE O 243 -3.39 45.14 -26.68
C ILE O 243 -3.14 46.64 -26.63
N SER O 244 -1.89 47.05 -26.83
CA SER O 244 -1.51 48.45 -26.78
C SER O 244 -0.54 48.77 -27.90
N SER O 245 -0.44 50.06 -28.20
CA SER O 245 0.46 50.59 -29.22
C SER O 245 1.51 51.49 -28.57
N GLU O 246 2.47 51.92 -29.37
CA GLU O 246 3.48 52.85 -28.90
C GLU O 246 3.14 54.30 -29.19
N ASN O 247 2.12 54.56 -30.00
CA ASN O 247 1.71 55.92 -30.28
C ASN O 247 0.92 56.48 -29.10
N ASP O 248 1.17 57.76 -28.80
CA ASP O 248 0.58 58.37 -27.61
C ASP O 248 -0.74 59.09 -27.90
N ASN O 249 -0.92 59.61 -29.10
CA ASN O 249 -2.20 60.24 -29.45
C ASN O 249 -3.24 59.16 -29.65
N PRO O 250 -4.38 59.20 -28.97
CA PRO O 250 -5.30 58.05 -28.98
C PRO O 250 -6.06 57.88 -30.29
N GLY O 251 -6.39 58.97 -30.98
CA GLY O 251 -7.14 58.84 -32.23
C GLY O 251 -6.33 58.19 -33.34
N GLU O 252 -5.06 58.59 -33.49
CA GLU O 252 -4.20 57.98 -34.49
C GLU O 252 -3.82 56.56 -34.11
N SER O 253 -3.69 56.29 -32.81
CA SER O 253 -3.43 54.93 -32.34
C SER O 253 -4.61 54.02 -32.64
N LEU O 254 -5.83 54.52 -32.47
CA LEU O 254 -7.01 53.73 -32.78
C LEU O 254 -7.17 53.55 -34.29
N GLU O 255 -6.79 54.56 -35.07
CA GLU O 255 -6.83 54.45 -36.53
C GLU O 255 -5.86 53.38 -37.04
N GLU O 256 -4.62 53.41 -36.56
CA GLU O 256 -3.66 52.41 -36.97
C GLU O 256 -3.93 51.04 -36.34
N PHE O 257 -4.68 50.99 -35.24
CA PHE O 257 -5.10 49.70 -34.72
C PHE O 257 -6.20 49.08 -35.57
N LEU O 258 -7.18 49.89 -35.98
CA LEU O 258 -8.26 49.40 -36.83
C LEU O 258 -7.81 49.14 -38.26
N LYS O 259 -6.66 49.70 -38.66
CA LYS O 259 -6.06 49.42 -39.96
C LYS O 259 -5.68 47.96 -40.13
N ASN O 260 -5.43 47.24 -39.03
CA ASN O 260 -5.20 45.80 -39.10
C ASN O 260 -6.45 45.05 -39.53
N PHE O 261 -7.62 45.51 -39.10
CA PHE O 261 -8.86 44.86 -39.49
C PHE O 261 -9.45 45.41 -40.78
N VAL O 262 -8.95 46.55 -41.27
CA VAL O 262 -9.47 47.09 -42.53
C VAL O 262 -9.05 46.22 -43.71
N LEU O 263 -7.77 45.86 -43.78
CA LEU O 263 -7.24 45.14 -44.93
C LEU O 263 -7.46 43.64 -44.87
N VAL O 264 -8.01 43.12 -43.77
CA VAL O 264 -8.25 41.68 -43.66
C VAL O 264 -9.74 41.40 -43.73
N MET P 1 -68.86 14.80 -18.28
CA MET P 1 -68.63 13.43 -18.68
C MET P 1 -68.92 13.23 -20.16
N GLU P 2 -69.89 13.98 -20.69
CA GLU P 2 -70.13 13.95 -22.11
C GLU P 2 -69.08 14.75 -22.86
N GLN P 3 -68.69 15.91 -22.32
CA GLN P 3 -67.61 16.69 -22.90
C GLN P 3 -66.26 16.01 -22.68
N LEU P 4 -66.16 15.17 -21.64
CA LEU P 4 -64.99 14.32 -21.45
C LEU P 4 -64.86 13.32 -22.58
N LEU P 5 -65.98 12.70 -22.98
CA LEU P 5 -65.97 11.79 -24.11
C LEU P 5 -65.75 12.54 -25.42
N ALA P 6 -66.19 13.80 -25.49
CA ALA P 6 -65.94 14.63 -26.66
C ALA P 6 -64.46 14.94 -26.83
N ASP P 7 -63.78 15.27 -25.72
CA ASP P 7 -62.35 15.50 -25.78
C ASP P 7 -61.57 14.20 -25.95
N TYR P 8 -62.13 13.10 -25.45
CA TYR P 8 -61.51 11.79 -25.63
C TYR P 8 -61.58 11.34 -27.08
N LYS P 9 -62.66 11.72 -27.79
CA LYS P 9 -62.75 11.46 -29.22
C LYS P 9 -61.74 12.30 -30.00
N LYS P 10 -61.42 13.50 -29.50
CA LYS P 10 -60.39 14.32 -30.11
C LYS P 10 -58.98 13.95 -29.65
N GLY P 11 -58.87 13.00 -28.72
CA GLY P 11 -57.57 12.58 -28.24
C GLY P 11 -56.85 13.60 -27.38
N ASN P 12 -57.57 14.33 -26.54
CA ASN P 12 -56.99 15.32 -25.64
C ASN P 12 -57.16 14.90 -24.18
N VAL P 13 -57.06 13.61 -23.89
CA VAL P 13 -57.20 13.11 -22.53
C VAL P 13 -55.95 12.29 -22.19
N ILE P 14 -55.49 12.45 -20.94
CA ILE P 14 -54.32 11.74 -20.42
C ILE P 14 -54.80 10.93 -19.22
N LEU P 15 -54.28 9.72 -19.09
CA LEU P 15 -54.73 8.80 -18.04
C LEU P 15 -53.71 8.72 -16.93
N PHE P 16 -54.18 8.87 -15.70
CA PHE P 16 -53.39 8.63 -14.50
C PHE P 16 -53.89 7.36 -13.82
N VAL P 17 -52.98 6.48 -13.45
CA VAL P 17 -53.33 5.19 -12.87
C VAL P 17 -52.84 5.16 -11.44
N GLY P 18 -53.75 4.81 -10.51
CA GLY P 18 -53.41 4.59 -9.13
C GLY P 18 -53.39 3.13 -8.77
N ALA P 19 -53.56 2.86 -7.48
CA ALA P 19 -53.58 1.48 -7.01
C ALA P 19 -54.92 0.80 -7.19
N GLY P 20 -55.98 1.56 -7.47
CA GLY P 20 -57.29 0.98 -7.67
C GLY P 20 -57.43 0.17 -8.93
N VAL P 21 -56.61 0.46 -9.94
CA VAL P 21 -56.55 -0.41 -11.10
C VAL P 21 -55.86 -1.71 -10.73
N SER P 22 -54.74 -1.60 -10.01
CA SER P 22 -53.90 -2.75 -9.72
C SER P 22 -54.45 -3.66 -8.63
N MET P 23 -55.49 -3.25 -7.90
CA MET P 23 -56.02 -4.13 -6.87
C MET P 23 -56.83 -5.30 -7.41
N ASN P 24 -57.26 -5.25 -8.67
CA ASN P 24 -58.02 -6.36 -9.24
C ASN P 24 -57.15 -7.54 -9.62
N LEU P 25 -55.84 -7.33 -9.78
CA LEU P 25 -54.95 -8.39 -10.24
C LEU P 25 -54.56 -9.37 -9.15
N GLY P 26 -54.93 -9.13 -7.90
CA GLY P 26 -54.50 -10.00 -6.83
C GLY P 26 -53.08 -9.72 -6.37
N LEU P 27 -52.55 -8.53 -6.64
CA LEU P 27 -51.24 -8.16 -6.16
C LEU P 27 -51.27 -7.94 -4.65
N PRO P 28 -50.15 -8.16 -3.97
CA PRO P 28 -50.12 -7.89 -2.52
C PRO P 28 -50.20 -6.39 -2.23
N SER P 29 -51.01 -6.05 -1.24
CA SER P 29 -51.30 -4.66 -0.93
C SER P 29 -50.19 -4.05 -0.09
N TRP P 30 -50.41 -2.81 0.34
CA TRP P 30 -49.45 -2.10 1.16
C TRP P 30 -49.38 -2.66 2.56
N SER P 31 -50.50 -3.24 3.03
CA SER P 31 -50.55 -3.83 4.37
C SER P 31 -49.61 -5.03 4.48
N GLN P 32 -49.60 -5.90 3.46
CA GLN P 32 -48.70 -7.05 3.50
C GLN P 32 -47.25 -6.63 3.34
N LEU P 33 -47.00 -5.53 2.63
CA LEU P 33 -45.65 -4.99 2.54
C LEU P 33 -45.16 -4.49 3.89
N VAL P 34 -46.02 -3.77 4.61
CA VAL P 34 -45.71 -3.29 5.95
C VAL P 34 -45.49 -4.46 6.91
N ASP P 35 -46.30 -5.52 6.75
CA ASP P 35 -46.12 -6.74 7.53
C ASP P 35 -44.79 -7.42 7.24
N HIS P 36 -44.37 -7.44 5.97
CA HIS P 36 -43.09 -8.06 5.62
C HIS P 36 -41.91 -7.29 6.18
N ILE P 37 -41.98 -5.95 6.15
CA ILE P 37 -40.93 -5.13 6.73
C ILE P 37 -40.87 -5.31 8.24
N ALA P 38 -42.04 -5.42 8.89
CA ALA P 38 -42.10 -5.58 10.33
C ALA P 38 -41.53 -6.93 10.78
N THR P 39 -41.96 -8.03 10.15
CA THR P 39 -41.38 -9.32 10.54
C THR P 39 -39.96 -9.52 10.05
N GLU P 40 -39.46 -8.70 9.13
CA GLU P 40 -38.03 -8.83 8.90
C GLU P 40 -37.27 -8.07 9.97
N LEU P 41 -37.78 -6.91 10.42
CA LEU P 41 -37.07 -6.11 11.42
C LEU P 41 -37.30 -6.57 12.85
N GLY P 42 -37.81 -7.78 13.05
CA GLY P 42 -38.01 -8.28 14.38
C GLY P 42 -39.24 -7.75 15.08
N TYR P 43 -40.11 -7.06 14.35
CA TYR P 43 -41.34 -6.55 14.95
C TYR P 43 -42.50 -7.46 14.59
N ASP P 44 -43.51 -7.46 15.44
CA ASP P 44 -44.76 -8.10 15.08
C ASP P 44 -45.44 -7.24 14.02
N PRO P 45 -46.17 -7.84 13.07
CA PRO P 45 -46.69 -7.04 11.94
C PRO P 45 -47.82 -6.10 12.30
N ASP P 46 -48.39 -6.18 13.49
CA ASP P 46 -49.35 -5.20 13.94
C ASP P 46 -48.85 -4.36 15.09
N ILE P 47 -47.67 -4.63 15.63
CA ILE P 47 -47.18 -3.81 16.73
C ILE P 47 -46.48 -2.58 16.15
N TYR P 48 -46.13 -2.61 14.86
CA TYR P 48 -45.56 -1.44 14.21
C TYR P 48 -46.56 -0.30 14.09
N ARG P 49 -47.79 -0.60 13.66
CA ARG P 49 -48.69 0.42 13.10
C ARG P 49 -49.18 1.51 14.05
N THR P 50 -48.72 1.46 15.29
CA THR P 50 -48.79 2.54 16.26
C THR P 50 -47.63 3.51 16.13
N PHE P 51 -46.74 3.34 15.15
CA PHE P 51 -45.56 4.19 15.03
C PHE P 51 -45.56 5.08 13.79
N GLY P 52 -46.55 4.96 12.92
CA GLY P 52 -46.57 5.70 11.67
C GLY P 52 -47.34 4.95 10.60
N SER P 53 -47.62 5.66 9.52
CA SER P 53 -48.56 5.08 8.56
C SER P 53 -47.95 4.09 7.59
N ALA P 54 -47.24 4.57 6.57
CA ALA P 54 -46.59 3.64 5.65
C ALA P 54 -45.22 4.15 5.23
N LEU P 55 -45.18 5.46 4.98
CA LEU P 55 -43.98 6.11 4.47
C LEU P 55 -42.88 6.12 5.52
N GLU P 56 -43.29 6.15 6.79
CA GLU P 56 -42.33 6.08 7.88
C GLU P 56 -41.70 4.71 8.00
N LEU P 57 -42.46 3.62 7.76
CA LEU P 57 -41.81 2.31 7.64
C LEU P 57 -40.89 2.20 6.45
N ALA P 58 -41.28 2.77 5.30
CA ALA P 58 -40.40 2.67 4.13
C ALA P 58 -39.10 3.44 4.34
N GLU P 59 -39.18 4.62 4.94
CA GLU P 59 -37.96 5.37 5.21
C GLU P 59 -37.17 4.76 6.38
N TYR P 60 -37.85 4.19 7.37
CA TYR P 60 -37.13 3.58 8.49
C TYR P 60 -36.44 2.30 8.05
N TYR P 61 -37.05 1.57 7.12
CA TYR P 61 -36.39 0.41 6.54
C TYR P 61 -35.23 0.80 5.66
N LYS P 62 -35.35 1.93 4.94
CA LYS P 62 -34.23 2.45 4.17
C LYS P 62 -33.07 2.88 5.08
N LEU P 63 -33.38 3.54 6.18
CA LEU P 63 -32.35 4.04 7.08
C LEU P 63 -31.71 2.90 7.87
N LYS P 64 -32.46 1.86 8.20
CA LYS P 64 -31.86 0.74 8.90
C LYS P 64 -31.10 -0.18 7.96
N LYS P 65 -31.47 -0.22 6.68
CA LYS P 65 -30.74 -1.05 5.73
C LYS P 65 -29.78 -0.29 4.84
N GLY P 66 -29.66 1.03 5.01
CA GLY P 66 -28.74 1.81 4.23
C GLY P 66 -29.28 2.30 2.90
N LYS P 67 -30.16 1.53 2.26
CA LYS P 67 -30.70 1.90 0.96
C LYS P 67 -32.05 1.21 0.80
N ILE P 68 -32.75 1.54 -0.29
CA ILE P 68 -34.07 0.98 -0.55
C ILE P 68 -34.00 -0.29 -1.37
N GLY P 69 -32.78 -0.77 -1.60
CA GLY P 69 -32.51 -1.98 -2.35
C GLY P 69 -33.20 -3.27 -1.97
N PRO P 70 -33.14 -3.69 -0.70
CA PRO P 70 -33.92 -4.87 -0.29
C PRO P 70 -35.42 -4.71 -0.43
N LEU P 71 -35.92 -3.50 -0.20
CA LEU P 71 -37.35 -3.25 -0.33
C LEU P 71 -37.78 -3.28 -1.79
N ARG P 72 -36.95 -2.70 -2.67
CA ARG P 72 -37.22 -2.73 -4.09
C ARG P 72 -37.16 -4.15 -4.63
N SER P 73 -36.20 -4.94 -4.15
CA SER P 73 -36.06 -6.31 -4.61
C SER P 73 -37.24 -7.17 -4.14
N TRP P 74 -37.70 -6.95 -2.90
CA TRP P 74 -38.85 -7.72 -2.42
C TRP P 74 -40.13 -7.34 -3.15
N MET P 75 -40.31 -6.05 -3.44
CA MET P 75 -41.52 -5.65 -4.15
C MET P 75 -41.47 -6.09 -5.61
N ASP P 76 -40.28 -6.16 -6.20
CA ASP P 76 -40.17 -6.67 -7.56
C ASP P 76 -40.41 -8.17 -7.61
N ARG P 77 -40.01 -8.89 -6.57
CA ARG P 77 -40.24 -10.33 -6.57
C ARG P 77 -41.70 -10.67 -6.30
N MET P 78 -42.34 -9.98 -5.37
CA MET P 78 -43.71 -10.36 -5.05
C MET P 78 -44.77 -9.55 -5.81
N TRP P 79 -44.38 -8.60 -6.64
CA TRP P 79 -45.34 -7.89 -7.46
C TRP P 79 -45.32 -8.33 -8.91
N HIS P 80 -44.47 -9.28 -9.26
CA HIS P 80 -44.42 -9.82 -10.61
C HIS P 80 -44.32 -11.33 -10.56
N SER P 81 -45.07 -11.95 -9.65
CA SER P 81 -45.06 -13.39 -9.54
C SER P 81 -45.79 -14.01 -10.72
N SER P 82 -45.45 -15.27 -11.00
CA SER P 82 -46.02 -15.97 -12.15
C SER P 82 -47.47 -16.40 -11.94
N ASP P 83 -47.99 -16.29 -10.74
CA ASP P 83 -49.37 -16.65 -10.45
C ASP P 83 -50.36 -15.52 -10.74
N ILE P 84 -49.90 -14.44 -11.35
CA ILE P 84 -50.75 -13.30 -11.69
C ILE P 84 -50.77 -13.19 -13.21
N ASP P 85 -51.96 -13.26 -13.80
CA ASP P 85 -52.13 -13.19 -15.24
C ASP P 85 -52.90 -11.94 -15.61
N ILE P 86 -52.46 -11.29 -16.70
CA ILE P 86 -53.09 -10.05 -17.14
C ILE P 86 -54.37 -10.30 -17.93
N ASN P 87 -54.65 -11.55 -18.31
CA ASN P 87 -55.82 -11.84 -19.12
C ASN P 87 -57.11 -11.74 -18.34
N LYS P 88 -57.08 -12.09 -17.05
CA LYS P 88 -58.28 -12.04 -16.24
C LYS P 88 -58.64 -10.63 -15.79
N SER P 89 -57.73 -9.67 -15.94
CA SER P 89 -58.00 -8.29 -15.53
C SER P 89 -58.73 -7.58 -16.66
N LYS P 90 -60.01 -7.33 -16.47
CA LYS P 90 -60.79 -6.60 -17.47
C LYS P 90 -60.44 -5.12 -17.50
N VAL P 91 -59.93 -4.57 -16.39
CA VAL P 91 -59.60 -3.15 -16.33
C VAL P 91 -58.37 -2.86 -17.20
N HIS P 92 -57.36 -3.72 -17.12
CA HIS P 92 -56.17 -3.53 -17.93
C HIS P 92 -56.45 -3.78 -19.41
N GLU P 93 -57.33 -4.73 -19.70
CA GLU P 93 -57.77 -4.97 -21.08
C GLU P 93 -58.53 -3.77 -21.63
N TYR P 94 -59.37 -3.16 -20.79
CA TYR P 94 -60.12 -1.98 -21.20
C TYR P 94 -59.20 -0.78 -21.39
N ILE P 95 -58.13 -0.71 -20.60
CA ILE P 95 -57.16 0.38 -20.75
C ILE P 95 -56.35 0.20 -22.04
N ALA P 96 -55.89 -1.03 -22.30
CA ALA P 96 -55.09 -1.28 -23.49
C ALA P 96 -55.90 -1.18 -24.78
N LYS P 97 -57.15 -1.61 -24.75
CA LYS P 97 -58.01 -1.47 -25.93
C LYS P 97 -58.43 -0.03 -26.19
N ALA P 98 -58.40 0.81 -25.16
CA ALA P 98 -58.71 2.22 -25.37
C ALA P 98 -57.56 2.91 -26.08
N ASN P 99 -57.89 3.97 -26.83
CA ASN P 99 -56.91 4.70 -27.61
C ASN P 99 -56.40 5.92 -26.84
N PHE P 100 -55.85 5.66 -25.67
CA PHE P 100 -55.25 6.73 -24.87
C PHE P 100 -53.88 7.07 -25.42
N PRO P 101 -53.61 8.33 -25.78
CA PRO P 101 -52.30 8.68 -26.35
C PRO P 101 -51.17 8.62 -25.35
N ILE P 102 -51.35 9.29 -24.21
CA ILE P 102 -50.36 9.36 -23.14
C ILE P 102 -50.98 8.78 -21.89
N ILE P 103 -50.24 7.92 -21.20
CA ILE P 103 -50.72 7.32 -19.96
C ILE P 103 -49.66 7.55 -18.89
N TYR P 104 -50.06 8.15 -17.77
CA TYR P 104 -49.20 8.29 -16.62
C TYR P 104 -49.62 7.28 -15.56
N THR P 105 -48.68 6.90 -14.71
CA THR P 105 -49.01 5.96 -13.65
C THR P 105 -48.13 6.20 -12.43
N THR P 106 -48.72 5.96 -11.27
CA THR P 106 -47.98 5.98 -10.01
C THR P 106 -47.65 4.58 -9.53
N ASN P 107 -47.95 3.57 -10.34
CA ASN P 107 -47.57 2.20 -9.99
C ASN P 107 -46.11 1.98 -10.35
N TYR P 108 -45.39 1.29 -9.47
CA TYR P 108 -44.02 0.94 -9.76
C TYR P 108 -43.92 -0.31 -10.62
N ASP P 109 -44.96 -1.14 -10.63
CA ASP P 109 -44.97 -2.36 -11.41
C ASP P 109 -45.17 -2.05 -12.90
N ARG P 110 -44.98 -3.08 -13.72
CA ARG P 110 -45.09 -2.93 -15.17
C ARG P 110 -46.29 -3.67 -15.74
N TRP P 111 -47.40 -3.73 -14.99
CA TRP P 111 -48.55 -4.47 -15.50
C TRP P 111 -49.31 -3.73 -16.58
N ILE P 112 -49.22 -2.40 -16.63
CA ILE P 112 -49.81 -1.67 -17.74
C ILE P 112 -49.01 -1.92 -19.01
N GLU P 113 -47.69 -1.99 -18.89
CA GLU P 113 -46.83 -2.34 -20.02
C GLU P 113 -47.06 -3.78 -20.46
N THR P 114 -47.28 -4.68 -19.51
CA THR P 114 -47.57 -6.07 -19.83
C THR P 114 -48.92 -6.22 -20.49
N ALA P 115 -49.90 -5.43 -20.06
CA ALA P 115 -51.21 -5.44 -20.71
C ALA P 115 -51.15 -4.85 -22.11
N LEU P 116 -50.31 -3.83 -22.32
CA LEU P 116 -50.13 -3.26 -23.64
C LEU P 116 -49.42 -4.23 -24.57
N SER P 117 -48.48 -5.02 -24.03
CA SER P 117 -47.82 -6.03 -24.83
C SER P 117 -48.72 -7.23 -25.09
N ASN P 118 -49.66 -7.49 -24.20
CA ASN P 118 -50.51 -8.67 -24.34
C ASN P 118 -51.52 -8.50 -25.48
N TYR P 119 -52.00 -7.28 -25.70
CA TYR P 119 -52.97 -7.03 -26.75
C TYR P 119 -52.34 -6.39 -27.97
N GLY P 120 -51.02 -6.42 -28.08
CA GLY P 120 -50.34 -6.06 -29.31
C GLY P 120 -50.17 -4.58 -29.56
N LYS P 121 -50.63 -3.72 -28.66
CA LYS P 121 -50.49 -2.28 -28.86
C LYS P 121 -49.09 -1.87 -28.41
N GLU P 122 -48.27 -1.43 -29.35
CA GLU P 122 -46.87 -1.15 -29.08
C GLU P 122 -46.72 0.17 -28.32
N TYR P 123 -45.70 0.24 -27.46
CA TYR P 123 -45.57 1.36 -26.52
C TYR P 123 -44.12 1.79 -26.37
N ILE P 124 -43.94 2.87 -25.62
CA ILE P 124 -42.64 3.38 -25.19
C ILE P 124 -42.73 3.65 -23.70
N LYS P 125 -41.81 3.09 -22.93
CA LYS P 125 -41.77 3.29 -21.49
C LYS P 125 -40.81 4.42 -21.15
N ILE P 126 -41.28 5.37 -20.36
CA ILE P 126 -40.48 6.53 -19.95
C ILE P 126 -40.29 6.46 -18.45
N SER P 127 -39.03 6.56 -18.01
CA SER P 127 -38.74 6.59 -16.58
C SER P 127 -37.71 7.63 -16.17
N SER P 128 -36.96 8.21 -17.09
CA SER P 128 -35.93 9.18 -16.75
C SER P 128 -35.77 10.16 -17.90
N VAL P 129 -34.84 11.10 -17.73
CA VAL P 129 -34.63 12.13 -18.74
C VAL P 129 -33.91 11.59 -19.97
N SER P 130 -33.24 10.44 -19.87
CA SER P 130 -32.62 9.84 -21.03
C SER P 130 -33.64 9.18 -21.95
N ASP P 131 -34.83 8.89 -21.44
CA ASP P 131 -35.90 8.32 -22.25
C ASP P 131 -36.69 9.37 -23.03
N ILE P 132 -36.46 10.65 -22.74
CA ILE P 132 -37.22 11.73 -23.36
C ILE P 132 -36.89 11.84 -24.85
N ALA P 133 -35.64 11.63 -25.23
CA ALA P 133 -35.25 11.72 -26.63
C ALA P 133 -35.73 10.55 -27.46
N LYS P 134 -36.19 9.46 -26.83
CA LYS P 134 -36.70 8.28 -27.53
C LYS P 134 -38.21 8.29 -27.62
N ILE P 135 -38.80 9.46 -27.79
CA ILE P 135 -40.24 9.64 -27.84
C ILE P 135 -40.70 9.44 -29.29
N ASP P 136 -41.88 8.86 -29.47
CA ASP P 136 -42.51 8.77 -30.78
C ASP P 136 -44.00 9.07 -30.63
N ASN P 137 -44.54 9.79 -31.62
CA ASN P 137 -45.94 10.18 -31.56
C ASN P 137 -46.88 9.02 -31.88
N ASN P 138 -46.44 8.08 -32.71
CA ASN P 138 -47.30 6.95 -33.08
C ASN P 138 -47.43 5.95 -31.94
N LYS P 139 -46.33 5.67 -31.26
CA LYS P 139 -46.31 4.73 -30.16
C LYS P 139 -46.81 5.43 -28.90
N THR P 140 -47.58 4.71 -28.09
CA THR P 140 -48.11 5.33 -26.88
C THR P 140 -47.04 5.39 -25.81
N GLN P 141 -47.23 6.29 -24.85
CA GLN P 141 -46.23 6.61 -23.84
C GLN P 141 -46.75 6.23 -22.46
N ILE P 142 -46.03 5.37 -21.76
CA ILE P 142 -46.32 5.08 -20.36
C ILE P 142 -45.20 5.69 -19.54
N ILE P 143 -45.54 6.69 -18.73
CA ILE P 143 -44.57 7.37 -17.89
C ILE P 143 -44.74 6.88 -16.47
N LYS P 144 -43.69 6.27 -15.92
CA LYS P 144 -43.69 5.90 -14.52
C LYS P 144 -43.43 7.17 -13.74
N PHE P 145 -44.51 7.80 -13.26
CA PHE P 145 -44.40 9.12 -12.65
C PHE P 145 -43.69 9.06 -11.30
N HIS P 146 -43.87 7.98 -10.55
CA HIS P 146 -43.18 7.79 -9.29
C HIS P 146 -42.05 6.79 -9.41
N GLY P 147 -41.57 6.53 -10.62
CA GLY P 147 -40.45 5.64 -10.82
C GLY P 147 -40.86 4.18 -10.83
N ASP P 148 -39.99 3.37 -11.44
CA ASP P 148 -40.19 1.94 -11.57
C ASP P 148 -38.98 1.24 -10.98
N PHE P 149 -39.02 -0.09 -10.99
CA PHE P 149 -37.99 -0.90 -10.34
C PHE P 149 -36.66 -0.91 -11.08
N ASP P 150 -36.55 -0.28 -12.25
CA ASP P 150 -35.29 -0.22 -12.97
C ASP P 150 -34.37 0.89 -12.47
N ASP P 151 -34.78 1.69 -11.49
CA ASP P 151 -33.96 2.81 -11.05
C ASP P 151 -34.26 3.08 -9.59
N ASP P 152 -33.33 2.74 -8.70
CA ASP P 152 -33.50 3.03 -7.29
C ASP P 152 -33.27 4.50 -6.95
N SER P 153 -32.66 5.27 -7.85
CA SER P 153 -32.47 6.68 -7.57
C SER P 153 -33.73 7.50 -7.82
N SER P 154 -34.75 6.91 -8.43
CA SER P 154 -35.99 7.62 -8.72
C SER P 154 -37.23 6.90 -8.21
N ILE P 155 -37.06 5.80 -7.47
CA ILE P 155 -38.18 5.18 -6.76
C ILE P 155 -38.65 6.13 -5.66
N VAL P 156 -39.95 6.40 -5.65
CA VAL P 156 -40.56 7.16 -4.59
C VAL P 156 -41.29 6.12 -3.75
N LEU P 157 -40.71 5.78 -2.62
CA LEU P 157 -41.31 4.78 -1.76
C LEU P 157 -41.30 5.33 -0.35
N ASP P 158 -40.30 6.15 -0.06
CA ASP P 158 -40.03 6.67 1.26
C ASP P 158 -40.68 8.04 1.49
N GLU P 159 -40.44 8.60 2.67
CA GLU P 159 -40.93 9.94 2.96
C GLU P 159 -40.14 11.01 2.22
N THR P 160 -38.81 10.82 2.11
CA THR P 160 -37.91 11.85 1.60
C THR P 160 -38.10 12.08 0.11
N SER P 161 -38.19 11.00 -0.68
CA SER P 161 -38.40 11.17 -2.11
C SER P 161 -39.82 11.62 -2.42
N TYR P 162 -40.77 11.28 -1.56
CA TYR P 162 -42.13 11.81 -1.67
C TYR P 162 -42.14 13.32 -1.48
N PHE P 163 -41.43 13.79 -0.46
CA PHE P 163 -41.34 15.22 -0.24
C PHE P 163 -40.44 15.90 -1.26
N GLN P 164 -39.54 15.15 -1.90
CA GLN P 164 -38.83 15.67 -3.07
C GLN P 164 -39.79 15.93 -4.21
N ARG P 165 -40.70 14.99 -4.47
CA ARG P 165 -41.63 15.14 -5.57
C ARG P 165 -42.76 16.10 -5.27
N LEU P 166 -42.95 16.50 -4.02
CA LEU P 166 -43.86 17.62 -3.74
C LEU P 166 -43.39 18.94 -4.34
N GLU P 167 -42.10 19.11 -4.61
CA GLU P 167 -41.60 20.37 -5.14
C GLU P 167 -41.72 20.50 -6.65
N PHE P 168 -41.78 19.39 -7.38
CA PHE P 168 -41.94 19.29 -8.83
C PHE P 168 -40.80 20.02 -9.58
N GLU P 169 -39.59 19.47 -9.42
CA GLU P 169 -38.44 19.97 -10.15
C GLU P 169 -37.79 18.93 -11.05
N THR P 170 -38.23 17.68 -11.01
CA THR P 170 -37.68 16.67 -11.89
C THR P 170 -38.17 16.91 -13.32
N PRO P 171 -37.41 16.45 -14.33
CA PRO P 171 -37.86 16.64 -15.73
C PRO P 171 -39.14 15.91 -16.11
N LEU P 172 -39.55 14.90 -15.34
CA LEU P 172 -40.85 14.28 -15.56
C LEU P 172 -42.00 15.24 -15.24
N ASP P 173 -41.80 16.15 -14.28
CA ASP P 173 -42.81 17.16 -13.99
C ASP P 173 -42.92 18.17 -15.12
N ILE P 174 -41.79 18.53 -15.73
CA ILE P 174 -41.82 19.47 -16.85
C ILE P 174 -42.42 18.81 -18.09
N LYS P 175 -42.14 17.52 -18.27
CA LYS P 175 -42.77 16.73 -19.33
C LYS P 175 -44.28 16.63 -19.10
N PHE P 176 -44.69 16.48 -17.85
CA PHE P 176 -46.11 16.47 -17.51
C PHE P 176 -46.76 17.82 -17.76
N ARG P 177 -46.04 18.91 -17.48
CA ARG P 177 -46.55 20.25 -17.72
C ARG P 177 -46.77 20.50 -19.21
N SER P 178 -45.81 20.06 -20.03
CA SER P 178 -45.97 20.17 -21.48
C SER P 178 -47.08 19.27 -22.01
N ASP P 179 -47.26 18.09 -21.41
CA ASP P 179 -48.34 17.21 -21.85
C ASP P 179 -49.71 17.66 -21.38
N VAL P 180 -49.77 18.39 -20.26
CA VAL P 180 -51.04 18.84 -19.71
C VAL P 180 -51.44 20.21 -20.23
N LEU P 181 -50.53 20.92 -20.90
CA LEU P 181 -50.90 22.24 -21.42
C LEU P 181 -51.83 22.11 -22.62
N GLY P 182 -53.12 22.04 -22.35
CA GLY P 182 -54.13 21.97 -23.38
C GLY P 182 -54.88 20.65 -23.49
N LYS P 183 -54.78 19.77 -22.51
CA LYS P 183 -55.45 18.47 -22.58
C LYS P 183 -56.13 18.16 -21.26
N SER P 184 -57.17 17.34 -21.34
CA SER P 184 -57.82 16.83 -20.14
C SER P 184 -56.95 15.76 -19.50
N VAL P 185 -57.17 15.50 -18.21
CA VAL P 185 -56.41 14.48 -17.52
C VAL P 185 -57.39 13.66 -16.69
N LEU P 186 -57.35 12.34 -16.83
CA LEU P 186 -58.23 11.43 -16.11
C LEU P 186 -57.46 10.72 -15.00
N PHE P 187 -58.04 10.69 -13.81
CA PHE P 187 -57.49 9.96 -12.67
C PHE P 187 -58.40 8.78 -12.36
N ILE P 188 -57.83 7.61 -12.17
CA ILE P 188 -58.59 6.45 -11.72
C ILE P 188 -57.83 5.76 -10.60
N GLY P 189 -58.56 5.34 -9.57
CA GLY P 189 -57.99 4.58 -8.49
C GLY P 189 -57.22 5.38 -7.46
N TYR P 190 -57.78 6.47 -7.01
CA TYR P 190 -57.12 7.23 -6.00
C TYR P 190 -58.16 7.41 -4.95
N SER P 191 -57.77 7.61 -3.72
CA SER P 191 -58.76 7.65 -2.67
C SER P 191 -59.06 9.03 -2.15
N LEU P 192 -58.33 10.02 -2.63
CA LEU P 192 -58.52 11.35 -2.09
C LEU P 192 -58.85 11.28 -0.62
N SER P 193 -58.38 10.25 0.07
CA SER P 193 -58.63 10.15 1.48
C SER P 193 -57.39 10.49 2.26
N ASP P 194 -56.28 9.81 1.97
CA ASP P 194 -55.05 10.03 2.71
C ASP P 194 -54.40 11.34 2.35
N ILE P 195 -54.20 12.21 3.33
CA ILE P 195 -53.66 13.52 3.07
C ILE P 195 -52.71 13.46 1.93
N ASN P 196 -51.61 12.79 2.14
CA ASN P 196 -50.62 12.67 1.12
C ASN P 196 -51.27 12.78 -0.21
N ILE P 197 -52.12 11.82 -0.54
CA ILE P 197 -52.69 11.82 -1.84
C ILE P 197 -53.17 13.19 -2.11
N ARG P 198 -54.14 13.65 -1.35
CA ARG P 198 -54.70 14.94 -1.65
C ARG P 198 -53.59 15.88 -2.03
N LEU P 199 -52.65 16.10 -1.14
CA LEU P 199 -51.61 17.09 -1.39
C LEU P 199 -51.30 17.08 -2.83
N LEU P 200 -50.70 16.01 -3.26
CA LEU P 200 -50.31 15.93 -4.63
C LEU P 200 -51.26 16.72 -5.47
N PHE P 201 -52.38 16.08 -5.72
CA PHE P 201 -53.34 16.68 -6.58
C PHE P 201 -53.22 18.15 -6.49
N TYR P 202 -53.38 18.70 -5.32
CA TYR P 202 -53.39 20.12 -5.29
C TYR P 202 -52.22 20.55 -6.03
N LYS P 203 -51.07 20.28 -5.44
CA LYS P 203 -49.90 20.79 -6.06
C LYS P 203 -50.10 20.62 -7.55
N LEU P 204 -50.50 19.43 -7.96
CA LEU P 204 -50.64 19.23 -9.38
C LEU P 204 -51.66 20.22 -9.83
N SER P 205 -52.86 20.09 -9.32
CA SER P 205 -53.93 20.97 -9.71
C SER P 205 -53.39 22.26 -10.16
N LYS P 206 -52.50 22.79 -9.37
CA LYS P 206 -51.99 24.08 -9.70
C LYS P 206 -51.75 24.12 -11.18
N LEU P 207 -50.78 23.36 -11.64
CA LEU P 207 -50.42 23.40 -13.06
C LEU P 207 -51.54 23.83 -13.99
N TRP P 208 -52.63 23.09 -14.07
CA TRP P 208 -53.66 23.45 -15.04
C TRP P 208 -54.25 24.79 -14.71
N LYS P 209 -55.35 24.75 -13.98
CA LYS P 209 -56.08 25.98 -13.66
C LYS P 209 -55.35 27.28 -13.86
N GLU P 210 -54.58 27.69 -12.85
CA GLU P 210 -53.93 28.99 -12.91
C GLU P 210 -53.73 29.57 -14.31
N GLN P 211 -53.22 28.77 -15.24
CA GLN P 211 -52.95 29.29 -16.57
C GLN P 211 -54.24 29.56 -17.31
N LYS P 212 -55.29 29.89 -16.56
CA LYS P 212 -56.57 30.17 -17.18
C LYS P 212 -56.42 31.05 -18.40
N LEU P 213 -55.43 31.93 -18.39
CA LEU P 213 -55.23 32.85 -19.50
C LEU P 213 -55.35 32.10 -20.79
N GLU P 214 -56.22 32.55 -21.69
CA GLU P 214 -56.30 31.91 -23.01
C GLU P 214 -56.66 30.44 -22.95
N GLU P 215 -56.66 29.79 -24.10
CA GLU P 215 -57.05 28.40 -24.14
C GLU P 215 -58.16 28.21 -23.15
N ALA P 216 -57.93 27.38 -22.14
CA ALA P 216 -58.94 27.14 -21.12
C ALA P 216 -58.49 26.00 -20.24
N GLN P 217 -57.69 25.10 -20.78
CA GLN P 217 -57.25 23.97 -20.03
C GLN P 217 -58.50 23.29 -19.57
N PRO P 218 -58.97 22.37 -20.37
CA PRO P 218 -60.23 21.71 -20.04
C PRO P 218 -60.28 21.20 -18.62
N LYS P 219 -61.49 20.97 -18.12
CA LYS P 219 -61.65 20.41 -16.79
C LYS P 219 -61.39 18.92 -16.77
N SER P 220 -60.36 18.51 -16.06
CA SER P 220 -60.01 17.10 -15.99
C SER P 220 -61.06 16.33 -15.23
N TYR P 221 -60.73 15.13 -14.80
CA TYR P 221 -61.69 14.29 -14.11
C TYR P 221 -61.00 13.23 -13.28
N ILE P 222 -61.70 12.79 -12.23
CA ILE P 222 -61.27 11.68 -11.38
C ILE P 222 -62.47 10.76 -11.18
N PHE P 223 -62.30 9.47 -11.45
CA PHE P 223 -63.39 8.53 -11.27
C PHE P 223 -63.39 8.03 -9.84
N LEU P 224 -64.28 8.57 -9.02
CA LEU P 224 -64.48 8.12 -7.66
C LEU P 224 -65.83 7.41 -7.60
N PRO P 225 -65.87 6.09 -7.39
CA PRO P 225 -67.16 5.37 -7.46
C PRO P 225 -68.11 5.68 -6.31
N ARG P 226 -67.61 6.16 -5.19
CA ARG P 226 -68.54 6.53 -4.13
C ARG P 226 -68.91 7.99 -4.27
N PRO P 227 -70.21 8.34 -4.24
CA PRO P 227 -70.59 9.74 -4.35
C PRO P 227 -70.23 10.52 -3.09
N ASN P 228 -69.83 11.77 -3.29
CA ASN P 228 -69.29 12.56 -2.21
C ASN P 228 -69.51 14.04 -2.47
N PRO P 229 -70.41 14.70 -1.74
CA PRO P 229 -70.69 16.12 -2.01
C PRO P 229 -69.57 17.07 -1.62
N ILE P 230 -68.89 16.78 -0.50
CA ILE P 230 -67.76 17.60 -0.04
C ILE P 230 -66.63 17.52 -1.05
N GLN P 231 -66.39 16.33 -1.58
CA GLN P 231 -65.26 16.15 -2.48
C GLN P 231 -65.51 16.79 -3.83
N GLU P 232 -66.75 16.78 -4.33
CA GLU P 232 -66.98 17.49 -5.59
C GLU P 232 -66.99 19.00 -5.38
N GLU P 233 -67.45 19.46 -4.20
CA GLU P 233 -67.45 20.90 -3.94
C GLU P 233 -66.03 21.44 -3.79
N ILE P 234 -65.15 20.68 -3.13
CA ILE P 234 -63.75 21.10 -3.03
C ILE P 234 -63.04 20.95 -4.36
N LEU P 235 -63.23 19.80 -5.01
CA LEU P 235 -62.52 19.47 -6.24
C LEU P 235 -62.99 20.28 -7.44
N GLU P 236 -64.14 20.97 -7.32
CA GLU P 236 -64.59 21.84 -8.40
C GLU P 236 -63.71 23.08 -8.52
N GLN P 237 -63.14 23.47 -7.39
CA GLN P 237 -62.33 24.66 -7.37
C GLN P 237 -60.98 24.32 -7.89
N TRP P 238 -60.42 23.26 -7.37
CA TRP P 238 -59.16 22.85 -7.91
C TRP P 238 -59.38 22.56 -9.38
N ARG P 239 -60.63 22.57 -9.82
CA ARG P 239 -60.92 22.37 -11.23
C ARG P 239 -60.77 20.93 -11.61
N ILE P 240 -61.63 20.09 -11.07
CA ILE P 240 -61.60 18.68 -11.39
C ILE P 240 -62.88 18.04 -10.97
N GLY P 241 -63.73 17.67 -11.91
CA GLY P 241 -65.02 17.08 -11.59
C GLY P 241 -64.89 15.60 -11.32
N MET P 242 -65.83 15.04 -10.56
CA MET P 242 -65.79 13.62 -10.26
C MET P 242 -67.01 12.92 -10.82
N ILE P 243 -66.81 11.70 -11.29
CA ILE P 243 -67.84 10.85 -11.85
C ILE P 243 -68.03 9.67 -10.92
N SER P 244 -69.28 9.38 -10.58
CA SER P 244 -69.58 8.33 -9.62
C SER P 244 -70.38 7.21 -10.28
N SER P 245 -70.27 6.01 -9.70
CA SER P 245 -71.04 4.85 -10.14
C SER P 245 -72.28 4.70 -9.26
N GLU P 246 -73.09 3.71 -9.61
CA GLU P 246 -74.33 3.41 -8.91
C GLU P 246 -74.39 1.94 -8.53
N ASN P 247 -73.28 1.42 -8.00
CA ASN P 247 -73.26 0.04 -7.56
C ASN P 247 -72.28 -0.13 -6.41
N ASP P 248 -72.40 -1.28 -5.75
CA ASP P 248 -71.69 -1.62 -4.52
C ASP P 248 -70.17 -1.70 -4.66
N ASN P 249 -69.69 -2.66 -5.43
CA ASN P 249 -68.25 -2.91 -5.50
C ASN P 249 -67.58 -2.04 -6.56
N PRO P 250 -66.29 -1.72 -6.41
CA PRO P 250 -65.60 -1.01 -7.49
C PRO P 250 -65.15 -1.92 -8.62
N GLY P 251 -65.18 -3.25 -8.39
CA GLY P 251 -64.60 -4.19 -9.33
C GLY P 251 -65.38 -4.37 -10.62
N GLU P 252 -66.60 -3.85 -10.67
CA GLU P 252 -67.27 -3.69 -11.95
C GLU P 252 -67.48 -2.22 -12.26
N SER P 253 -67.32 -1.36 -11.26
CA SER P 253 -67.52 0.08 -11.46
C SER P 253 -66.45 0.67 -12.34
N LEU P 254 -65.21 0.18 -12.20
CA LEU P 254 -64.14 0.64 -13.09
C LEU P 254 -64.38 0.18 -14.53
N GLU P 255 -64.91 -1.03 -14.70
CA GLU P 255 -65.26 -1.53 -16.03
C GLU P 255 -66.39 -0.73 -16.64
N GLU P 256 -67.40 -0.38 -15.84
CA GLU P 256 -68.52 0.41 -16.34
C GLU P 256 -68.12 1.85 -16.62
N PHE P 257 -67.08 2.34 -15.93
CA PHE P 257 -66.56 3.65 -16.31
C PHE P 257 -65.75 3.58 -17.60
N LEU P 258 -64.93 2.54 -17.76
CA LEU P 258 -64.07 2.46 -18.92
C LEU P 258 -64.80 2.00 -20.17
N LYS P 259 -66.01 1.43 -20.03
CA LYS P 259 -66.75 0.91 -21.17
C LYS P 259 -67.24 2.01 -22.11
N ASN P 260 -67.31 3.26 -21.64
CA ASN P 260 -67.51 4.37 -22.56
C ASN P 260 -66.31 4.57 -23.45
N PHE P 261 -65.11 4.26 -22.96
CA PHE P 261 -63.88 4.42 -23.71
C PHE P 261 -63.49 3.16 -24.48
N VAL P 262 -64.16 2.03 -24.23
CA VAL P 262 -63.81 0.79 -24.91
C VAL P 262 -64.23 0.81 -26.37
N LEU P 263 -65.51 1.09 -26.62
CA LEU P 263 -66.06 0.95 -27.97
C LEU P 263 -65.62 2.08 -28.90
N VAL P 264 -65.26 3.23 -28.34
CA VAL P 264 -64.77 4.34 -29.13
C VAL P 264 -63.25 4.31 -29.12
N MET Q 1 8.93 -42.10 -0.14
CA MET Q 1 9.03 -43.55 -0.07
C MET Q 1 9.00 -44.05 -1.51
N GLU Q 2 7.95 -43.68 -2.26
CA GLU Q 2 7.80 -44.08 -3.64
C GLU Q 2 8.84 -43.45 -4.56
N GLN Q 3 9.34 -42.27 -4.17
CA GLN Q 3 10.39 -41.61 -4.95
C GLN Q 3 11.70 -42.37 -4.89
N LEU Q 4 11.93 -43.13 -3.82
CA LEU Q 4 13.07 -44.03 -3.75
C LEU Q 4 12.97 -45.11 -4.82
N LEU Q 5 11.77 -45.67 -5.02
CA LEU Q 5 11.60 -46.67 -6.07
C LEU Q 5 11.72 -46.05 -7.45
N ALA Q 6 11.27 -44.80 -7.60
CA ALA Q 6 11.44 -44.10 -8.88
C ALA Q 6 12.90 -43.85 -9.19
N ASP Q 7 13.70 -43.51 -8.19
CA ASP Q 7 15.12 -43.33 -8.41
C ASP Q 7 15.85 -44.67 -8.53
N TYR Q 8 15.33 -45.72 -7.92
CA TYR Q 8 15.91 -47.05 -8.05
C TYR Q 8 15.68 -47.61 -9.44
N LYS Q 9 14.56 -47.24 -10.07
CA LYS Q 9 14.33 -47.61 -11.46
C LYS Q 9 15.32 -46.89 -12.38
N LYS Q 10 15.73 -45.68 -12.02
CA LYS Q 10 16.75 -44.94 -12.75
C LYS Q 10 18.16 -45.28 -12.30
N GLY Q 11 18.32 -46.18 -11.33
CA GLY Q 11 19.63 -46.56 -10.88
C GLY Q 11 20.38 -45.51 -10.09
N ASN Q 12 19.67 -44.56 -9.49
CA ASN Q 12 20.30 -43.45 -8.78
C ASN Q 12 20.29 -43.66 -7.28
N VAL Q 13 20.34 -44.89 -6.80
CA VAL Q 13 20.43 -45.15 -5.37
C VAL Q 13 21.71 -45.93 -5.10
N ILE Q 14 22.36 -45.60 -4.01
CA ILE Q 14 23.59 -46.25 -3.57
C ILE Q 14 23.29 -46.89 -2.23
N LEU Q 15 23.42 -48.21 -2.15
CA LEU Q 15 23.00 -48.92 -0.95
C LEU Q 15 24.12 -48.90 0.07
N PHE Q 16 24.04 -47.96 1.00
CA PHE Q 16 24.92 -47.98 2.16
C PHE Q 16 24.45 -49.06 3.12
N VAL Q 17 25.38 -49.90 3.56
CA VAL Q 17 25.04 -51.03 4.42
C VAL Q 17 25.79 -50.89 5.74
N GLY Q 18 25.05 -50.86 6.84
CA GLY Q 18 25.64 -50.79 8.16
C GLY Q 18 25.90 -52.15 8.75
N ALA Q 19 26.31 -52.14 10.01
CA ALA Q 19 26.55 -53.38 10.73
C ALA Q 19 25.28 -54.05 11.22
N GLY Q 20 24.14 -53.36 11.16
CA GLY Q 20 22.91 -53.92 11.67
C GLY Q 20 22.27 -54.97 10.80
N VAL Q 21 22.77 -55.18 9.59
CA VAL Q 21 22.18 -56.17 8.69
C VAL Q 21 22.62 -57.59 9.04
N SER Q 22 23.59 -57.73 9.95
CA SER Q 22 24.15 -59.05 10.22
C SER Q 22 23.55 -59.70 11.46
N MET Q 23 22.40 -59.21 11.95
CA MET Q 23 21.83 -59.79 13.16
C MET Q 23 21.14 -61.11 12.86
N ASN Q 24 20.77 -61.33 11.59
CA ASN Q 24 20.08 -62.55 11.23
C ASN Q 24 21.03 -63.75 11.15
N LEU Q 25 22.26 -63.52 10.68
CA LEU Q 25 23.19 -64.61 10.40
C LEU Q 25 23.76 -65.24 11.66
N GLY Q 26 23.66 -64.58 12.81
CA GLY Q 26 24.25 -65.13 14.00
C GLY Q 26 25.74 -64.92 14.09
N LEU Q 27 26.23 -63.81 13.55
CA LEU Q 27 27.62 -63.41 13.74
C LEU Q 27 27.85 -63.04 15.20
N PRO Q 28 29.09 -63.13 15.68
CA PRO Q 28 29.42 -62.54 16.98
C PRO Q 28 29.21 -61.05 16.98
N SER Q 29 28.69 -60.55 18.09
CA SER Q 29 28.51 -59.12 18.25
C SER Q 29 29.76 -58.50 18.83
N TRP Q 30 29.65 -57.25 19.23
CA TRP Q 30 30.79 -56.57 19.84
C TRP Q 30 30.98 -57.01 21.29
N SER Q 31 29.93 -57.57 21.90
CA SER Q 31 29.96 -57.94 23.31
C SER Q 31 30.89 -59.10 23.59
N GLN Q 32 30.80 -60.19 22.83
CA GLN Q 32 31.71 -61.31 23.09
C GLN Q 32 33.10 -61.03 22.53
N LEU Q 33 33.22 -60.05 21.63
CA LEU Q 33 34.53 -59.51 21.30
C LEU Q 33 35.17 -58.84 22.51
N VAL Q 34 34.36 -58.09 23.26
CA VAL Q 34 34.84 -57.46 24.50
C VAL Q 34 35.16 -58.53 25.55
N ASP Q 35 34.36 -59.61 25.59
CA ASP Q 35 34.61 -60.73 26.51
C ASP Q 35 35.92 -61.44 26.21
N HIS Q 36 36.14 -61.73 24.92
CA HIS Q 36 37.38 -62.36 24.49
C HIS Q 36 38.58 -61.44 24.70
N ILE Q 37 38.38 -60.14 24.51
CA ILE Q 37 39.50 -59.23 24.63
C ILE Q 37 39.84 -59.00 26.10
N ALA Q 38 38.87 -59.17 26.99
CA ALA Q 38 39.14 -59.12 28.42
C ALA Q 38 39.84 -60.39 28.89
N THR Q 39 39.43 -61.53 28.33
CA THR Q 39 40.06 -62.80 28.67
C THR Q 39 41.51 -62.84 28.21
N GLU Q 40 41.77 -62.38 26.99
CA GLU Q 40 43.14 -62.33 26.49
C GLU Q 40 43.94 -61.22 27.15
N LEU Q 41 43.28 -60.19 27.66
CA LEU Q 41 44.00 -59.12 28.34
C LEU Q 41 44.12 -59.37 29.85
N GLY Q 42 43.49 -60.42 30.35
CA GLY Q 42 43.56 -60.71 31.77
C GLY Q 42 42.64 -59.84 32.59
N TYR Q 43 41.38 -59.77 32.18
CA TYR Q 43 40.36 -59.03 32.89
C TYR Q 43 39.06 -59.81 32.88
N ASP Q 44 38.22 -59.57 33.87
CA ASP Q 44 36.85 -60.03 33.76
C ASP Q 44 36.11 -59.15 32.75
N PRO Q 45 35.24 -59.74 31.92
CA PRO Q 45 34.52 -58.93 30.91
C PRO Q 45 33.62 -57.84 31.46
N ASP Q 46 32.95 -58.09 32.59
CA ASP Q 46 32.11 -57.05 33.18
C ASP Q 46 32.97 -55.93 33.78
N ILE Q 47 34.03 -56.29 34.50
CA ILE Q 47 34.90 -55.30 35.10
C ILE Q 47 35.75 -54.60 34.05
N TYR Q 48 35.93 -55.20 32.88
CA TYR Q 48 36.48 -54.43 31.77
C TYR Q 48 35.43 -53.50 31.20
N ARG Q 49 34.18 -53.93 31.21
CA ARG Q 49 33.12 -53.15 30.58
C ARG Q 49 32.59 -52.04 31.47
N THR Q 50 33.07 -51.90 32.71
CA THR Q 50 32.72 -50.69 33.47
C THR Q 50 33.36 -49.45 32.85
N PHE Q 51 34.68 -49.39 32.83
CA PHE Q 51 35.34 -48.22 32.29
C PHE Q 51 35.44 -48.32 30.77
N GLY Q 52 35.44 -47.15 30.14
CA GLY Q 52 35.57 -47.06 28.70
C GLY Q 52 34.27 -47.31 27.96
N SER Q 53 34.28 -46.98 26.68
CA SER Q 53 33.14 -47.24 25.80
C SER Q 53 33.26 -48.65 25.23
N ALA Q 54 32.45 -48.94 24.22
CA ALA Q 54 32.52 -50.24 23.55
C ALA Q 54 33.62 -50.29 22.50
N LEU Q 55 34.35 -49.20 22.29
CA LEU Q 55 35.39 -49.15 21.29
C LEU Q 55 36.70 -48.59 21.80
N GLU Q 56 36.71 -47.95 22.94
CA GLU Q 56 37.98 -47.48 23.40
C GLU Q 56 38.80 -48.67 23.80
N LEU Q 57 38.20 -49.53 24.59
CA LEU Q 57 38.97 -50.66 25.10
C LEU Q 57 39.66 -51.44 23.99
N ALA Q 58 39.14 -51.36 22.76
CA ALA Q 58 39.85 -51.92 21.62
C ALA Q 58 41.14 -51.14 21.33
N GLU Q 59 41.09 -49.81 21.50
CA GLU Q 59 42.30 -49.00 21.38
C GLU Q 59 43.28 -49.32 22.49
N TYR Q 60 42.76 -49.62 23.68
CA TYR Q 60 43.61 -50.06 24.79
C TYR Q 60 44.29 -51.38 24.47
N TYR Q 61 43.58 -52.32 23.85
CA TYR Q 61 44.18 -53.59 23.47
C TYR Q 61 45.22 -53.42 22.38
N LYS Q 62 44.97 -52.51 21.43
CA LYS Q 62 45.94 -52.23 20.38
C LYS Q 62 47.20 -51.61 20.97
N LEU Q 63 47.05 -50.72 21.94
CA LEU Q 63 48.22 -50.10 22.54
C LEU Q 63 48.95 -51.06 23.47
N LYS Q 64 48.25 -52.00 24.08
CA LYS Q 64 48.91 -52.97 24.93
C LYS Q 64 49.48 -54.15 24.18
N LYS Q 65 49.15 -54.31 22.91
CA LYS Q 65 49.82 -55.34 22.09
C LYS Q 65 50.46 -54.75 20.85
N GLY Q 66 50.78 -53.46 20.86
CA GLY Q 66 51.55 -52.86 19.79
C GLY Q 66 50.78 -52.60 18.52
N LYS Q 67 50.44 -53.64 17.80
CA LYS Q 67 49.73 -53.52 16.53
C LYS Q 67 48.31 -54.05 16.69
N ILE Q 68 47.55 -54.01 15.60
CA ILE Q 68 46.18 -54.48 15.59
C ILE Q 68 46.07 -55.92 15.12
N GLY Q 69 47.21 -56.55 14.80
CA GLY Q 69 47.32 -57.88 14.24
C GLY Q 69 46.60 -59.06 14.88
N PRO Q 70 46.81 -59.33 16.17
CA PRO Q 70 46.06 -60.41 16.82
C PRO Q 70 44.56 -60.18 16.87
N LEU Q 71 44.14 -58.92 17.03
CA LEU Q 71 42.73 -58.58 16.98
C LEU Q 71 42.17 -58.81 15.59
N ARG Q 72 42.95 -58.47 14.56
CA ARG Q 72 42.55 -58.71 13.17
C ARG Q 72 42.41 -60.20 12.88
N SER Q 73 43.34 -61.00 13.41
CA SER Q 73 43.29 -62.45 13.22
C SER Q 73 42.10 -63.07 13.92
N TRP Q 74 41.79 -62.62 15.15
CA TRP Q 74 40.65 -63.18 15.86
C TRP Q 74 39.33 -62.75 15.22
N MET Q 75 39.24 -61.50 14.79
CA MET Q 75 38.05 -61.00 14.11
C MET Q 75 37.83 -61.70 12.78
N ASP Q 76 38.91 -61.99 12.05
CA ASP Q 76 38.79 -62.72 10.80
C ASP Q 76 38.45 -64.18 11.04
N ARG Q 77 38.92 -64.76 12.15
CA ARG Q 77 38.63 -66.16 12.42
C ARG Q 77 37.18 -66.37 12.83
N MET Q 78 36.67 -65.56 13.74
CA MET Q 78 35.30 -65.79 14.19
C MET Q 78 34.26 -65.00 13.41
N TRP Q 79 34.66 -64.08 12.55
CA TRP Q 79 33.69 -63.44 11.66
C TRP Q 79 33.49 -64.23 10.38
N HIS Q 80 34.38 -65.17 10.08
CA HIS Q 80 34.29 -66.01 8.90
C HIS Q 80 34.34 -67.48 9.30
N SER Q 81 33.58 -67.83 10.33
CA SER Q 81 33.54 -69.21 10.78
C SER Q 81 32.78 -70.08 9.78
N SER Q 82 33.13 -71.37 9.77
CA SER Q 82 32.64 -72.28 8.73
C SER Q 82 31.17 -72.62 8.90
N ASP Q 83 30.62 -72.55 10.11
CA ASP Q 83 29.23 -72.94 10.33
C ASP Q 83 28.24 -71.89 9.84
N ILE Q 84 28.69 -70.66 9.62
CA ILE Q 84 27.81 -69.60 9.15
C ILE Q 84 27.53 -69.81 7.67
N ASP Q 85 26.25 -69.81 7.30
CA ASP Q 85 25.82 -70.03 5.93
C ASP Q 85 25.00 -68.84 5.46
N ILE Q 86 25.31 -68.38 4.24
CA ILE Q 86 24.64 -67.22 3.67
C ILE Q 86 23.30 -67.57 3.02
N ASN Q 87 23.01 -68.85 2.82
CA ASN Q 87 21.80 -69.23 2.11
C ASN Q 87 20.54 -69.08 2.96
N LYS Q 88 20.67 -69.07 4.29
CA LYS Q 88 19.49 -68.90 5.14
C LYS Q 88 19.16 -67.45 5.40
N SER Q 89 20.01 -66.51 4.98
CA SER Q 89 19.75 -65.10 5.18
C SER Q 89 18.93 -64.58 4.01
N LYS Q 90 17.69 -64.20 4.29
CA LYS Q 90 16.84 -63.69 3.22
C LYS Q 90 17.22 -62.27 2.82
N VAL Q 91 17.76 -61.49 3.78
CA VAL Q 91 18.09 -60.11 3.49
C VAL Q 91 19.34 -60.03 2.61
N HIS Q 92 20.28 -60.95 2.78
CA HIS Q 92 21.45 -60.98 1.91
C HIS Q 92 21.09 -61.47 0.52
N GLU Q 93 20.13 -62.39 0.43
CA GLU Q 93 19.60 -62.82 -0.87
C GLU Q 93 18.89 -61.67 -1.57
N TYR Q 94 18.15 -60.85 -0.82
CA TYR Q 94 17.44 -59.73 -1.41
C TYR Q 94 18.41 -58.62 -1.80
N ILE Q 95 19.54 -58.51 -1.10
CA ILE Q 95 20.58 -57.57 -1.49
C ILE Q 95 21.24 -58.03 -2.78
N ALA Q 96 21.58 -59.31 -2.86
CA ALA Q 96 22.30 -59.84 -4.02
C ALA Q 96 21.42 -59.89 -5.26
N LYS Q 97 20.11 -60.08 -5.10
CA LYS Q 97 19.23 -60.13 -6.24
C LYS Q 97 18.71 -58.76 -6.63
N ALA Q 98 19.10 -57.70 -5.92
CA ALA Q 98 18.65 -56.37 -6.27
C ALA Q 98 19.58 -55.75 -7.31
N ASN Q 99 19.06 -54.71 -7.98
CA ASN Q 99 19.81 -54.03 -9.03
C ASN Q 99 20.50 -52.80 -8.46
N PHE Q 100 21.45 -53.05 -7.57
CA PHE Q 100 22.22 -51.99 -6.95
C PHE Q 100 23.57 -51.87 -7.63
N PRO Q 101 23.89 -50.75 -8.27
CA PRO Q 101 25.19 -50.65 -8.94
C PRO Q 101 26.35 -50.48 -7.98
N ILE Q 102 26.21 -49.60 -6.99
CA ILE Q 102 27.26 -49.32 -6.03
C ILE Q 102 26.72 -49.63 -4.64
N ILE Q 103 27.45 -50.43 -3.88
CA ILE Q 103 27.07 -50.78 -2.51
C ILE Q 103 28.23 -50.43 -1.60
N TYR Q 104 28.00 -49.51 -0.68
CA TYR Q 104 29.00 -49.19 0.32
C TYR Q 104 28.72 -49.99 1.58
N THR Q 105 29.78 -50.26 2.34
CA THR Q 105 29.59 -50.93 3.60
C THR Q 105 30.65 -50.49 4.59
N THR Q 106 30.28 -50.50 5.86
CA THR Q 106 31.20 -50.26 6.96
C THR Q 106 31.47 -51.52 7.75
N ASN Q 107 31.08 -52.67 7.23
CA ASN Q 107 31.38 -53.93 7.90
C ASN Q 107 32.84 -54.31 7.66
N TYR Q 108 33.32 -55.25 8.46
CA TYR Q 108 34.65 -55.78 8.30
C TYR Q 108 34.67 -57.18 7.72
N ASP Q 109 33.52 -57.83 7.61
CA ASP Q 109 33.45 -59.18 7.08
C ASP Q 109 33.33 -59.12 5.55
N ARG Q 110 33.16 -60.29 4.94
CA ARG Q 110 33.02 -60.39 3.50
C ARG Q 110 31.69 -61.02 3.09
N TRP Q 111 30.68 -60.94 3.95
CA TRP Q 111 29.46 -61.69 3.69
C TRP Q 111 28.57 -61.05 2.63
N ILE Q 112 28.71 -59.75 2.37
CA ILE Q 112 28.02 -59.17 1.23
C ILE Q 112 28.66 -59.66 -0.06
N GLU Q 113 29.98 -59.77 -0.07
CA GLU Q 113 30.70 -60.30 -1.23
C GLU Q 113 30.40 -61.77 -1.44
N THR Q 114 30.32 -62.54 -0.34
CA THR Q 114 29.96 -63.95 -0.44
C THR Q 114 28.51 -64.13 -0.84
N ALA Q 115 27.64 -63.19 -0.44
CA ALA Q 115 26.25 -63.22 -0.88
C ALA Q 115 26.13 -62.90 -2.36
N LEU Q 116 26.94 -61.97 -2.85
CA LEU Q 116 26.91 -61.65 -4.27
C LEU Q 116 27.51 -62.76 -5.12
N SER Q 117 28.55 -63.42 -4.63
CA SER Q 117 29.10 -64.57 -5.34
C SER Q 117 28.23 -65.81 -5.22
N ASN Q 118 27.36 -65.86 -4.21
CA ASN Q 118 26.49 -67.01 -4.03
C ASN Q 118 25.39 -67.05 -5.08
N TYR Q 119 24.99 -65.91 -5.61
CA TYR Q 119 23.94 -65.85 -6.61
C TYR Q 119 24.46 -65.46 -7.99
N GLY Q 120 25.75 -65.68 -8.24
CA GLY Q 120 26.30 -65.55 -9.57
C GLY Q 120 26.44 -64.14 -10.10
N LYS Q 121 26.51 -63.14 -9.23
CA LYS Q 121 26.64 -61.76 -9.66
C LYS Q 121 28.08 -61.30 -9.45
N GLU Q 122 28.63 -60.63 -10.45
CA GLU Q 122 30.02 -60.21 -10.40
C GLU Q 122 30.21 -59.02 -9.46
N TYR Q 123 31.21 -59.12 -8.59
CA TYR Q 123 31.50 -58.08 -7.63
C TYR Q 123 32.96 -57.68 -7.75
N ILE Q 124 33.26 -56.45 -7.32
CA ILE Q 124 34.63 -55.94 -7.25
C ILE Q 124 34.81 -55.35 -5.86
N LYS Q 125 35.70 -55.93 -5.08
CA LYS Q 125 35.93 -55.43 -3.73
C LYS Q 125 36.92 -54.28 -3.78
N ILE Q 126 36.52 -53.13 -3.25
CA ILE Q 126 37.35 -51.94 -3.23
C ILE Q 126 37.62 -51.57 -1.78
N SER Q 127 38.89 -51.53 -1.41
CA SER Q 127 39.26 -51.18 -0.05
C SER Q 127 40.38 -50.16 0.04
N SER Q 128 41.15 -49.94 -1.03
CA SER Q 128 42.27 -49.02 -1.00
C SER Q 128 42.11 -48.01 -2.12
N VAL Q 129 43.13 -47.17 -2.27
CA VAL Q 129 43.13 -46.17 -3.32
C VAL Q 129 43.35 -46.83 -4.68
N SER Q 130 44.22 -47.82 -4.75
CA SER Q 130 44.57 -48.45 -6.02
C SER Q 130 43.48 -49.36 -6.58
N ASP Q 131 42.44 -49.67 -5.80
CA ASP Q 131 41.35 -50.47 -6.30
C ASP Q 131 40.37 -49.68 -7.15
N ILE Q 132 40.47 -48.35 -7.16
CA ILE Q 132 39.66 -47.51 -8.03
C ILE Q 132 40.09 -47.66 -9.49
N ALA Q 133 41.30 -48.15 -9.75
CA ALA Q 133 41.68 -48.45 -11.11
C ALA Q 133 41.03 -49.72 -11.65
N LYS Q 134 40.38 -50.52 -10.80
CA LYS Q 134 39.85 -51.82 -11.21
C LYS Q 134 38.33 -51.84 -11.34
N ILE Q 135 37.67 -50.70 -11.44
CA ILE Q 135 36.22 -50.70 -11.57
C ILE Q 135 35.79 -51.09 -12.98
N ASP Q 136 34.88 -52.04 -13.04
CA ASP Q 136 34.18 -52.43 -14.26
C ASP Q 136 32.72 -52.06 -14.08
N ASN Q 137 32.13 -51.41 -15.08
CA ASN Q 137 30.76 -50.97 -14.97
C ASN Q 137 29.75 -52.10 -15.16
N ASN Q 138 30.19 -53.28 -15.58
CA ASN Q 138 29.32 -54.44 -15.66
C ASN Q 138 29.35 -55.29 -14.40
N LYS Q 139 30.07 -54.85 -13.37
CA LYS Q 139 30.14 -55.56 -12.11
C LYS Q 139 29.69 -54.64 -10.98
N THR Q 140 29.17 -55.24 -9.93
CA THR Q 140 28.69 -54.48 -8.77
C THR Q 140 29.87 -54.01 -7.93
N GLN Q 141 29.89 -52.73 -7.62
CA GLN Q 141 30.95 -52.17 -6.80
C GLN Q 141 30.67 -52.40 -5.32
N ILE Q 142 31.65 -52.93 -4.60
CA ILE Q 142 31.59 -53.05 -3.16
C ILE Q 142 32.73 -52.23 -2.60
N ILE Q 143 32.42 -51.27 -1.73
CA ILE Q 143 33.43 -50.45 -1.10
C ILE Q 143 33.37 -50.70 0.39
N LYS Q 144 34.47 -51.21 0.94
CA LYS Q 144 34.59 -51.36 2.39
C LYS Q 144 35.05 -50.03 2.92
N PHE Q 145 34.09 -49.21 3.35
CA PHE Q 145 34.35 -47.83 3.74
C PHE Q 145 35.18 -47.72 5.02
N HIS Q 146 35.19 -48.77 5.85
CA HIS Q 146 35.98 -48.77 7.07
C HIS Q 146 37.12 -49.76 7.00
N GLY Q 147 37.49 -50.20 5.81
CA GLY Q 147 38.58 -51.14 5.65
C GLY Q 147 38.10 -52.58 5.68
N ASP Q 148 39.07 -53.48 5.56
CA ASP Q 148 38.78 -54.90 5.49
C ASP Q 148 39.90 -55.60 6.25
N PHE Q 149 39.74 -56.91 6.47
CA PHE Q 149 40.64 -57.69 7.30
C PHE Q 149 42.02 -57.89 6.67
N ASP Q 150 42.15 -57.77 5.36
CA ASP Q 150 43.43 -57.95 4.70
C ASP Q 150 44.21 -56.64 4.54
N ASP Q 151 43.97 -55.66 5.40
CA ASP Q 151 44.68 -54.40 5.34
C ASP Q 151 44.53 -53.85 6.75
N ASP Q 152 45.66 -53.62 7.42
CA ASP Q 152 45.63 -53.08 8.77
C ASP Q 152 45.87 -51.58 8.82
N SER Q 153 46.29 -50.97 7.70
CA SER Q 153 46.52 -49.53 7.69
C SER Q 153 45.20 -48.76 7.62
N SER Q 154 44.24 -49.25 6.85
CA SER Q 154 42.98 -48.54 6.64
C SER Q 154 41.83 -49.14 7.44
N ILE Q 155 42.11 -50.04 8.36
CA ILE Q 155 41.04 -50.63 9.16
C ILE Q 155 40.63 -49.64 10.24
N VAL Q 156 39.34 -49.65 10.58
CA VAL Q 156 38.78 -48.73 11.57
C VAL Q 156 38.23 -49.58 12.71
N LEU Q 157 39.03 -49.77 13.74
CA LEU Q 157 38.60 -50.50 14.93
C LEU Q 157 38.81 -49.73 16.21
N ASP Q 158 39.80 -48.85 16.28
CA ASP Q 158 40.13 -48.10 17.48
C ASP Q 158 39.71 -46.65 17.34
N GLU Q 159 39.84 -45.90 18.45
CA GLU Q 159 39.40 -44.52 18.48
C GLU Q 159 40.29 -43.61 17.64
N THR Q 160 41.56 -43.98 17.45
CA THR Q 160 42.43 -43.17 16.61
C THR Q 160 42.07 -43.30 15.13
N SER Q 161 41.71 -44.50 14.67
CA SER Q 161 41.24 -44.60 13.30
C SER Q 161 39.77 -44.21 13.18
N TYR Q 162 39.07 -44.05 14.29
CA TYR Q 162 37.64 -43.80 14.18
C TYR Q 162 37.40 -42.36 14.04
N PHE Q 163 38.46 -41.58 14.02
CA PHE Q 163 38.23 -40.16 13.99
C PHE Q 163 38.89 -39.48 12.83
N GLN Q 164 40.15 -39.79 12.60
CA GLN Q 164 40.75 -39.20 11.46
C GLN Q 164 39.82 -39.58 10.39
N ARG Q 165 38.83 -40.34 10.76
CA ARG Q 165 37.90 -40.84 9.75
C ARG Q 165 36.78 -39.83 9.49
N LEU Q 166 36.32 -39.12 10.52
CA LEU Q 166 35.07 -38.38 10.44
C LEU Q 166 35.15 -37.12 9.59
N GLU Q 167 36.33 -36.52 9.45
CA GLU Q 167 36.44 -35.29 8.68
C GLU Q 167 36.67 -35.53 7.19
N PHE Q 168 36.78 -36.80 6.78
CA PHE Q 168 36.68 -37.25 5.39
C PHE Q 168 37.78 -36.65 4.50
N GLU Q 169 39.02 -37.04 4.79
CA GLU Q 169 40.16 -36.60 4.01
C GLU Q 169 40.81 -37.70 3.20
N THR Q 170 40.50 -38.97 3.46
CA THR Q 170 41.03 -40.08 2.69
C THR Q 170 40.42 -40.10 1.30
N PRO Q 171 41.11 -40.68 0.30
CA PRO Q 171 40.56 -40.70 -1.07
C PRO Q 171 39.29 -41.51 -1.24
N LEU Q 172 38.99 -42.44 -0.32
CA LEU Q 172 37.72 -43.16 -0.40
C LEU Q 172 36.54 -42.23 -0.13
N ASP Q 173 36.75 -41.21 0.70
CA ASP Q 173 35.72 -40.20 0.90
C ASP Q 173 35.52 -39.35 -0.36
N ILE Q 174 36.58 -39.10 -1.11
CA ILE Q 174 36.45 -38.36 -2.36
C ILE Q 174 35.71 -39.19 -3.39
N LYS Q 175 35.96 -40.50 -3.40
CA LYS Q 175 35.21 -41.42 -4.26
C LYS Q 175 33.73 -41.44 -3.85
N PHE Q 176 33.46 -41.42 -2.54
CA PHE Q 176 32.10 -41.41 -2.03
C PHE Q 176 31.37 -40.14 -2.40
N ARG Q 177 32.04 -38.99 -2.30
CA ARG Q 177 31.41 -37.72 -2.66
C ARG Q 177 31.14 -37.64 -4.15
N SER Q 178 32.03 -38.21 -4.97
CA SER Q 178 31.80 -38.23 -6.41
C SER Q 178 30.65 -39.14 -6.80
N ASP Q 179 30.49 -40.27 -6.10
CA ASP Q 179 29.34 -41.12 -6.42
C ASP Q 179 28.04 -40.49 -5.93
N VAL Q 180 28.08 -39.81 -4.79
CA VAL Q 180 26.86 -39.32 -4.19
C VAL Q 180 26.35 -38.05 -4.87
N LEU Q 181 27.28 -37.25 -5.50
CA LEU Q 181 26.93 -35.88 -5.98
C LEU Q 181 25.91 -35.82 -7.16
N GLY Q 182 25.22 -36.88 -7.56
CA GLY Q 182 24.06 -36.74 -8.40
C GLY Q 182 22.97 -37.74 -8.05
N LYS Q 183 23.22 -38.60 -7.06
CA LYS Q 183 22.35 -39.74 -6.81
C LYS Q 183 21.85 -39.75 -5.37
N SER Q 184 20.75 -40.46 -5.16
CA SER Q 184 20.29 -40.75 -3.81
C SER Q 184 21.19 -41.78 -3.16
N VAL Q 185 21.11 -41.84 -1.84
CA VAL Q 185 21.86 -42.80 -1.05
C VAL Q 185 20.96 -43.36 0.05
N LEU Q 186 20.93 -44.68 0.17
CA LEU Q 186 20.03 -45.39 1.05
C LEU Q 186 20.82 -46.07 2.15
N PHE Q 187 20.45 -45.81 3.39
CA PHE Q 187 21.16 -46.35 4.55
C PHE Q 187 20.30 -47.44 5.16
N ILE Q 188 20.88 -48.63 5.33
CA ILE Q 188 20.20 -49.71 6.03
C ILE Q 188 21.11 -50.21 7.15
N GLY Q 189 20.50 -50.81 8.16
CA GLY Q 189 21.22 -51.41 9.26
C GLY Q 189 21.99 -50.46 10.15
N TYR Q 190 21.41 -49.32 10.49
CA TYR Q 190 22.07 -48.36 11.36
C TYR Q 190 21.16 -48.03 12.55
N SER Q 191 21.79 -47.81 13.70
CA SER Q 191 21.05 -47.67 14.95
C SER Q 191 20.59 -46.26 15.23
N LEU Q 192 21.05 -45.28 14.44
CA LEU Q 192 20.75 -43.84 14.57
C LEU Q 192 21.21 -43.34 15.96
N SER Q 193 22.32 -43.91 16.42
CA SER Q 193 23.02 -43.45 17.60
C SER Q 193 24.51 -43.39 17.37
N ASP Q 194 24.98 -43.93 16.25
CA ASP Q 194 26.37 -43.81 15.85
C ASP Q 194 26.66 -42.37 15.47
N ILE Q 195 27.77 -41.86 15.96
CA ILE Q 195 28.10 -40.45 15.74
C ILE Q 195 28.60 -40.26 14.32
N ASN Q 196 29.14 -41.33 13.72
CA ASN Q 196 29.75 -41.25 12.38
C ASN Q 196 28.69 -41.00 11.32
N ILE Q 197 27.51 -41.61 11.46
CA ILE Q 197 26.43 -41.40 10.50
C ILE Q 197 25.88 -39.97 10.57
N ARG Q 198 25.76 -39.42 11.78
CA ARG Q 198 25.28 -38.05 11.93
C ARG Q 198 26.30 -37.04 11.41
N LEU Q 199 27.59 -37.28 11.67
CA LEU Q 199 28.64 -36.48 11.04
C LEU Q 199 28.65 -36.61 9.52
N LEU Q 200 28.41 -37.81 9.00
CA LEU Q 200 28.39 -37.99 7.55
C LEU Q 200 27.23 -37.24 6.91
N PHE Q 201 26.09 -37.22 7.61
CA PHE Q 201 24.92 -36.49 7.15
C PHE Q 201 25.19 -34.99 7.15
N TYR Q 202 25.85 -34.51 8.21
CA TYR Q 202 26.12 -33.09 8.33
C TYR Q 202 27.17 -32.62 7.32
N LYS Q 203 28.20 -33.43 7.08
CA LYS Q 203 29.21 -33.06 6.09
C LYS Q 203 28.64 -33.10 4.68
N LEU Q 204 27.72 -34.04 4.41
CA LEU Q 204 27.06 -34.09 3.12
C LEU Q 204 26.17 -32.87 2.90
N SER Q 205 25.42 -32.47 3.91
CA SER Q 205 24.54 -31.36 3.71
C SER Q 205 25.45 -30.26 3.36
N LYS Q 206 26.27 -29.89 4.31
CA LYS Q 206 27.16 -28.80 4.08
C LYS Q 206 27.64 -28.77 2.67
N LEU Q 207 28.42 -29.77 2.30
CA LEU Q 207 29.00 -29.72 0.99
C LEU Q 207 28.02 -29.28 -0.02
N TRP Q 208 27.06 -30.12 -0.31
CA TRP Q 208 26.14 -29.81 -1.36
C TRP Q 208 25.84 -28.35 -1.36
N LYS Q 209 25.43 -27.82 -0.24
CA LYS Q 209 25.04 -26.43 -0.25
C LYS Q 209 26.20 -25.61 -0.69
N GLU Q 210 27.27 -25.66 0.06
CA GLU Q 210 28.42 -24.86 -0.25
C GLU Q 210 28.51 -24.58 -1.71
N GLN Q 211 28.96 -25.55 -2.48
CA GLN Q 211 29.16 -25.30 -3.90
C GLN Q 211 27.85 -25.24 -4.69
N LYS Q 212 26.76 -24.85 -4.02
CA LYS Q 212 25.50 -24.42 -4.65
C LYS Q 212 24.84 -25.51 -5.49
N LEU Q 213 25.03 -26.77 -5.12
CA LEU Q 213 24.40 -27.88 -5.82
C LEU Q 213 23.10 -28.30 -5.17
N GLU Q 214 22.45 -27.39 -4.44
CA GLU Q 214 21.24 -27.73 -3.70
C GLU Q 214 20.03 -27.94 -4.60
N GLU Q 215 20.13 -27.52 -5.84
CA GLU Q 215 19.02 -27.76 -6.70
C GLU Q 215 19.02 -29.21 -7.08
N ALA Q 216 20.10 -29.89 -6.79
CA ALA Q 216 20.19 -31.26 -7.20
C ALA Q 216 21.02 -32.06 -6.27
N GLN Q 217 20.43 -33.07 -5.68
CA GLN Q 217 21.13 -33.91 -4.78
C GLN Q 217 19.86 -34.40 -4.27
N PRO Q 218 19.36 -35.43 -4.90
CA PRO Q 218 18.06 -35.89 -4.50
C PRO Q 218 18.02 -36.16 -3.04
N LYS Q 219 16.93 -36.73 -2.60
CA LYS Q 219 16.78 -36.93 -1.17
C LYS Q 219 17.40 -38.26 -0.76
N SER Q 220 18.24 -38.23 0.27
CA SER Q 220 18.81 -39.46 0.79
C SER Q 220 17.87 -40.06 1.82
N TYR Q 221 18.05 -41.35 2.09
CA TYR Q 221 17.10 -42.03 2.95
C TYR Q 221 17.81 -43.00 3.89
N ILE Q 222 17.17 -43.25 5.03
CA ILE Q 222 17.66 -44.18 6.04
C ILE Q 222 16.48 -45.01 6.52
N PHE Q 223 16.72 -46.29 6.75
CA PHE Q 223 15.68 -47.23 7.15
C PHE Q 223 15.84 -47.58 8.62
N LEU Q 224 14.75 -47.45 9.38
CA LEU Q 224 14.70 -47.84 10.77
C LEU Q 224 13.38 -48.54 11.03
N PRO Q 225 13.38 -49.62 11.82
CA PRO Q 225 12.13 -50.36 12.03
C PRO Q 225 11.15 -49.63 12.93
N ARG Q 226 11.62 -48.90 13.94
CA ARG Q 226 10.63 -48.21 14.74
C ARG Q 226 10.46 -46.77 14.27
N PRO Q 227 9.25 -46.24 14.26
CA PRO Q 227 9.06 -44.83 13.91
C PRO Q 227 9.59 -43.92 15.00
N ASN Q 228 9.95 -42.72 14.59
CA ASN Q 228 10.64 -41.78 15.48
C ASN Q 228 10.37 -40.38 14.98
N PRO Q 229 9.47 -39.63 15.61
CA PRO Q 229 9.15 -38.29 15.12
C PRO Q 229 10.25 -37.28 15.34
N ILE Q 230 10.94 -37.37 16.49
CA ILE Q 230 12.01 -36.45 16.83
C ILE Q 230 13.19 -36.61 15.87
N GLN Q 231 13.56 -37.86 15.59
CA GLN Q 231 14.66 -38.11 14.69
C GLN Q 231 14.30 -37.78 13.26
N GLU Q 232 13.05 -37.97 12.86
CA GLU Q 232 12.62 -37.58 11.52
C GLU Q 232 12.67 -36.07 11.33
N GLU Q 233 12.23 -35.32 12.35
CA GLU Q 233 12.30 -33.87 12.29
C GLU Q 233 13.73 -33.36 12.32
N ILE Q 234 14.64 -34.04 13.04
CA ILE Q 234 16.03 -33.62 13.06
C ILE Q 234 16.71 -33.92 11.73
N LEU Q 235 16.52 -35.13 11.20
CA LEU Q 235 17.13 -35.52 9.93
C LEU Q 235 16.52 -34.82 8.73
N GLU Q 236 15.35 -34.19 8.88
CA GLU Q 236 14.81 -33.39 7.80
C GLU Q 236 15.66 -32.15 7.53
N GLN Q 237 16.36 -31.63 8.53
CA GLN Q 237 17.20 -30.45 8.33
C GLN Q 237 18.46 -30.74 7.54
N TRP Q 238 18.94 -31.98 7.57
CA TRP Q 238 20.02 -32.40 6.70
C TRP Q 238 19.49 -33.03 5.43
N ARG Q 239 18.17 -32.90 5.22
CA ARG Q 239 17.43 -33.34 4.05
C ARG Q 239 17.56 -34.84 3.80
N ILE Q 240 17.31 -35.63 4.84
CA ILE Q 240 17.25 -37.08 4.73
C ILE Q 240 15.94 -37.53 5.33
N GLY Q 241 15.11 -38.16 4.52
CA GLY Q 241 13.86 -38.71 5.00
C GLY Q 241 14.08 -40.03 5.68
N MET Q 242 13.17 -40.36 6.60
CA MET Q 242 13.20 -41.65 7.28
C MET Q 242 12.13 -42.54 6.71
N ILE Q 243 12.36 -43.85 6.79
CA ILE Q 243 11.40 -44.85 6.34
C ILE Q 243 11.21 -45.84 7.47
N SER Q 244 9.98 -46.01 7.92
CA SER Q 244 9.63 -46.94 8.98
C SER Q 244 8.67 -47.99 8.44
N SER Q 245 8.60 -49.11 9.14
CA SER Q 245 7.75 -50.22 8.75
C SER Q 245 6.74 -50.53 9.84
N GLU Q 246 5.83 -51.46 9.53
CA GLU Q 246 4.81 -51.87 10.47
C GLU Q 246 5.19 -53.10 11.27
N ASN Q 247 6.15 -53.89 10.81
CA ASN Q 247 6.56 -55.09 11.51
C ASN Q 247 7.40 -54.73 12.73
N ASP Q 248 7.08 -55.33 13.86
CA ASP Q 248 7.84 -55.07 15.09
C ASP Q 248 9.16 -55.81 15.08
N ASN Q 249 9.21 -56.99 14.48
CA ASN Q 249 10.44 -57.76 14.40
C ASN Q 249 11.36 -57.12 13.38
N PRO Q 250 12.60 -56.77 13.75
CA PRO Q 250 13.47 -56.05 12.80
C PRO Q 250 13.94 -56.89 11.62
N GLY Q 251 14.12 -58.20 11.80
CA GLY Q 251 14.54 -59.04 10.68
C GLY Q 251 13.47 -59.16 9.61
N GLU Q 252 12.22 -59.38 10.02
CA GLU Q 252 11.12 -59.44 9.06
C GLU Q 252 10.82 -58.08 8.45
N SER Q 253 11.00 -57.00 9.21
CA SER Q 253 10.79 -55.66 8.68
C SER Q 253 11.83 -55.30 7.65
N LEU Q 254 13.10 -55.64 7.93
CA LEU Q 254 14.18 -55.36 6.99
C LEU Q 254 14.06 -56.22 5.73
N GLU Q 255 13.65 -57.48 5.90
CA GLU Q 255 13.44 -58.36 4.75
C GLU Q 255 12.26 -57.90 3.90
N GLU Q 256 11.18 -57.44 4.54
CA GLU Q 256 10.01 -56.93 3.83
C GLU Q 256 10.33 -55.63 3.09
N PHE Q 257 11.17 -54.77 3.69
CA PHE Q 257 11.59 -53.56 3.00
C PHE Q 257 12.52 -53.86 1.83
N LEU Q 258 13.40 -54.85 1.99
CA LEU Q 258 14.30 -55.21 0.91
C LEU Q 258 13.64 -56.07 -0.16
N LYS Q 259 12.43 -56.55 0.08
CA LYS Q 259 11.68 -57.28 -0.93
C LYS Q 259 11.32 -56.39 -2.13
N ASN Q 260 11.13 -55.09 -1.89
CA ASN Q 260 10.64 -54.15 -2.90
C ASN Q 260 11.60 -53.93 -4.07
N PHE Q 261 12.88 -54.26 -3.91
CA PHE Q 261 13.85 -54.05 -4.98
C PHE Q 261 14.17 -55.30 -5.76
N VAL Q 262 13.75 -56.47 -5.28
CA VAL Q 262 14.08 -57.73 -5.96
C VAL Q 262 13.30 -57.88 -7.25
N LEU Q 263 12.02 -57.52 -7.22
CA LEU Q 263 11.13 -57.77 -8.36
C LEU Q 263 11.44 -56.85 -9.53
N VAL Q 264 11.96 -55.66 -9.26
CA VAL Q 264 12.34 -54.73 -10.32
C VAL Q 264 13.76 -55.09 -10.79
N MET R 1 46.51 -47.62 -27.15
CA MET R 1 45.32 -47.75 -28.03
C MET R 1 44.52 -48.97 -27.59
N GLU R 2 45.18 -50.11 -27.40
CA GLU R 2 44.49 -51.30 -26.93
C GLU R 2 44.00 -51.14 -25.50
N GLN R 3 44.72 -50.33 -24.70
CA GLN R 3 44.28 -49.98 -23.36
C GLN R 3 43.00 -49.15 -23.41
N LEU R 4 42.88 -48.27 -24.40
CA LEU R 4 41.67 -47.46 -24.56
C LEU R 4 40.47 -48.31 -24.96
N LEU R 5 40.67 -49.29 -25.83
CA LEU R 5 39.57 -50.19 -26.18
C LEU R 5 39.21 -51.12 -25.04
N ALA R 6 40.18 -51.48 -24.22
CA ALA R 6 39.89 -52.26 -23.01
C ALA R 6 39.10 -51.44 -22.00
N ASP R 7 39.40 -50.14 -21.91
CA ASP R 7 38.62 -49.26 -21.03
C ASP R 7 37.23 -49.01 -21.60
N TYR R 8 37.11 -48.95 -22.92
CA TYR R 8 35.80 -48.77 -23.55
C TYR R 8 34.93 -49.99 -23.37
N LYS R 9 35.53 -51.18 -23.35
CA LYS R 9 34.74 -52.39 -23.12
C LYS R 9 34.27 -52.47 -21.67
N LYS R 10 34.97 -51.83 -20.75
CA LYS R 10 34.51 -51.73 -19.38
C LYS R 10 33.63 -50.52 -19.13
N GLY R 11 33.50 -49.63 -20.10
CA GLY R 11 32.66 -48.46 -19.94
C GLY R 11 33.25 -47.33 -19.14
N ASN R 12 34.58 -47.25 -19.04
CA ASN R 12 35.25 -46.20 -18.28
C ASN R 12 35.77 -45.08 -19.18
N VAL R 13 35.04 -44.71 -20.22
CA VAL R 13 35.48 -43.66 -21.12
C VAL R 13 34.43 -42.57 -21.18
N ILE R 14 34.90 -41.33 -21.19
CA ILE R 14 34.05 -40.15 -21.28
C ILE R 14 34.50 -39.37 -22.50
N LEU R 15 33.60 -39.16 -23.44
CA LEU R 15 33.95 -38.55 -24.71
C LEU R 15 33.75 -37.05 -24.67
N PHE R 16 34.71 -36.31 -25.21
CA PHE R 16 34.59 -34.88 -25.44
C PHE R 16 34.31 -34.61 -26.91
N VAL R 17 33.87 -33.39 -27.20
CA VAL R 17 33.54 -32.96 -28.54
C VAL R 17 33.96 -31.50 -28.70
N GLY R 18 34.73 -31.21 -29.75
CA GLY R 18 35.00 -29.85 -30.17
C GLY R 18 34.31 -29.52 -31.47
N ALA R 19 34.82 -28.50 -32.14
CA ALA R 19 34.25 -28.11 -33.43
C ALA R 19 34.73 -28.99 -34.57
N GLY R 20 35.76 -29.82 -34.33
CA GLY R 20 36.33 -30.64 -35.38
C GLY R 20 35.40 -31.72 -35.89
N VAL R 21 34.49 -32.19 -35.05
CA VAL R 21 33.50 -33.15 -35.55
C VAL R 21 32.35 -32.41 -36.20
N SER R 22 32.24 -31.11 -35.94
CA SER R 22 31.17 -30.31 -36.54
C SER R 22 31.57 -29.71 -37.87
N MET R 23 32.82 -29.87 -38.26
CA MET R 23 33.33 -29.31 -39.55
C MET R 23 32.77 -30.12 -40.72
N ASN R 24 32.43 -31.39 -40.49
CA ASN R 24 32.02 -32.29 -41.58
C ASN R 24 30.62 -31.99 -42.11
N LEU R 25 29.76 -31.35 -41.33
CA LEU R 25 28.37 -31.14 -41.72
C LEU R 25 28.16 -29.87 -42.52
N GLY R 26 29.22 -29.14 -42.83
CA GLY R 26 29.04 -27.89 -43.54
C GLY R 26 28.49 -26.80 -42.65
N LEU R 27 28.79 -26.85 -41.36
CA LEU R 27 28.38 -25.82 -40.43
C LEU R 27 29.19 -24.54 -40.72
N PRO R 28 28.63 -23.37 -40.40
CA PRO R 28 29.38 -22.13 -40.58
C PRO R 28 30.60 -22.06 -39.68
N SER R 29 31.64 -21.41 -40.16
CA SER R 29 32.86 -21.29 -39.39
C SER R 29 32.76 -20.12 -38.43
N TRP R 30 33.80 -19.89 -37.67
CA TRP R 30 33.72 -18.72 -36.84
C TRP R 30 33.92 -17.56 -37.78
N SER R 31 34.86 -17.70 -38.68
CA SER R 31 35.15 -16.58 -39.57
C SER R 31 33.89 -16.03 -40.21
N GLN R 32 32.93 -16.90 -40.54
CA GLN R 32 31.64 -16.45 -41.06
C GLN R 32 30.87 -15.64 -40.03
N LEU R 33 30.98 -16.04 -38.76
CA LEU R 33 30.42 -15.28 -37.65
C LEU R 33 31.11 -13.93 -37.50
N VAL R 34 32.43 -13.89 -37.74
CA VAL R 34 33.18 -12.65 -37.74
C VAL R 34 32.70 -11.72 -38.85
N ASP R 35 32.40 -12.30 -40.03
CA ASP R 35 31.84 -11.54 -41.14
C ASP R 35 30.47 -10.96 -40.80
N HIS R 36 29.63 -11.75 -40.13
CA HIS R 36 28.29 -11.27 -39.77
C HIS R 36 28.35 -10.16 -38.73
N ILE R 37 29.22 -10.28 -37.72
CA ILE R 37 29.27 -9.23 -36.71
C ILE R 37 30.00 -8.00 -37.25
N ALA R 38 30.86 -8.17 -38.26
CA ALA R 38 31.46 -7.03 -38.93
C ALA R 38 30.41 -6.27 -39.74
N THR R 39 29.52 -7.00 -40.42
CA THR R 39 28.44 -6.37 -41.17
C THR R 39 27.43 -5.71 -40.25
N GLU R 40 27.19 -6.31 -39.08
CA GLU R 40 26.26 -5.70 -38.13
C GLU R 40 26.85 -4.49 -37.44
N LEU R 41 28.16 -4.48 -37.21
CA LEU R 41 28.83 -3.29 -36.71
C LEU R 41 29.33 -2.39 -37.82
N GLY R 42 29.01 -2.73 -39.07
CA GLY R 42 29.37 -1.89 -40.20
C GLY R 42 30.82 -1.90 -40.58
N TYR R 43 31.56 -2.94 -40.20
CA TYR R 43 32.96 -3.05 -40.58
C TYR R 43 33.05 -3.99 -41.79
N ASP R 44 34.07 -3.79 -42.59
CA ASP R 44 34.32 -4.80 -43.61
C ASP R 44 34.93 -6.03 -42.96
N PRO R 45 34.69 -7.23 -43.50
CA PRO R 45 35.14 -8.43 -42.79
C PRO R 45 36.59 -8.81 -43.01
N ASP R 46 37.48 -7.85 -43.07
CA ASP R 46 38.91 -8.07 -42.92
C ASP R 46 39.53 -7.09 -41.94
N ILE R 47 39.10 -5.83 -41.98
CA ILE R 47 39.64 -4.80 -41.11
C ILE R 47 39.27 -5.08 -39.66
N TYR R 48 38.06 -5.60 -39.44
CA TYR R 48 37.59 -6.00 -38.12
C TYR R 48 38.41 -7.14 -37.52
N ARG R 49 39.01 -7.98 -38.34
CA ARG R 49 39.86 -9.05 -37.82
C ARG R 49 41.34 -8.71 -37.86
N THR R 50 41.75 -7.54 -38.39
CA THR R 50 43.12 -7.10 -38.11
C THR R 50 43.32 -6.75 -36.64
N PHE R 51 42.38 -6.03 -36.03
CA PHE R 51 42.62 -5.57 -34.68
C PHE R 51 41.87 -6.36 -33.61
N GLY R 52 41.76 -7.67 -33.77
CA GLY R 52 41.16 -8.48 -32.73
C GLY R 52 41.37 -9.95 -33.00
N SER R 53 40.79 -10.77 -32.12
CA SER R 53 40.93 -12.22 -32.27
C SER R 53 39.67 -12.89 -31.71
N ALA R 54 38.69 -13.11 -32.59
CA ALA R 54 37.46 -13.89 -32.37
C ALA R 54 36.67 -13.57 -31.11
N LEU R 55 37.22 -13.98 -29.96
CA LEU R 55 36.58 -13.77 -28.67
C LEU R 55 36.45 -12.29 -28.34
N GLU R 56 37.43 -11.53 -28.73
CA GLU R 56 37.27 -10.16 -28.47
C GLU R 56 36.11 -9.71 -29.30
N LEU R 57 36.20 -9.89 -30.61
CA LEU R 57 35.16 -9.38 -31.49
C LEU R 57 33.77 -9.71 -30.98
N ALA R 58 33.60 -10.91 -30.41
CA ALA R 58 32.33 -11.28 -29.81
C ALA R 58 32.05 -10.47 -28.54
N GLU R 59 33.12 -10.13 -27.80
CA GLU R 59 32.98 -9.23 -26.65
C GLU R 59 32.50 -7.85 -27.07
N TYR R 60 33.06 -7.32 -28.16
CA TYR R 60 32.66 -6.00 -28.65
C TYR R 60 31.24 -6.02 -29.20
N TYR R 61 30.83 -7.11 -29.84
CA TYR R 61 29.46 -7.23 -30.32
C TYR R 61 28.47 -7.32 -29.16
N LYS R 62 28.84 -8.06 -28.12
CA LYS R 62 28.04 -8.16 -26.89
C LYS R 62 27.91 -6.82 -26.20
N LEU R 63 28.98 -6.03 -26.23
CA LEU R 63 28.98 -4.72 -25.59
C LEU R 63 28.20 -3.68 -26.39
N LYS R 64 28.28 -3.73 -27.72
CA LYS R 64 27.55 -2.76 -28.51
C LYS R 64 26.06 -3.07 -28.54
N LYS R 65 25.70 -4.35 -28.49
CA LYS R 65 24.28 -4.68 -28.43
C LYS R 65 23.75 -4.76 -27.01
N GLY R 66 24.62 -4.71 -26.00
CA GLY R 66 24.21 -4.76 -24.61
C GLY R 66 24.03 -6.15 -24.05
N LYS R 67 24.00 -7.17 -24.90
CA LYS R 67 23.83 -8.56 -24.50
C LYS R 67 24.34 -9.44 -25.63
N ILE R 68 24.26 -10.74 -25.43
CA ILE R 68 24.65 -11.69 -26.47
C ILE R 68 23.40 -12.19 -27.17
N GLY R 69 22.29 -11.51 -26.96
CA GLY R 69 20.99 -11.87 -27.51
C GLY R 69 20.89 -11.96 -29.02
N PRO R 70 21.21 -10.87 -29.74
CA PRO R 70 21.29 -10.97 -31.20
C PRO R 70 22.36 -11.93 -31.69
N LEU R 71 23.48 -12.00 -30.95
CA LEU R 71 24.54 -12.95 -31.27
C LEU R 71 24.05 -14.38 -31.15
N ARG R 72 23.35 -14.70 -30.05
CA ARG R 72 22.80 -16.04 -29.87
C ARG R 72 21.69 -16.33 -30.85
N SER R 73 20.95 -15.30 -31.27
CA SER R 73 19.89 -15.48 -32.25
C SER R 73 20.45 -15.85 -33.62
N TRP R 74 21.47 -15.13 -34.09
CA TRP R 74 22.09 -15.45 -35.37
C TRP R 74 22.84 -16.78 -35.31
N MET R 75 23.52 -17.00 -34.18
CA MET R 75 24.23 -18.29 -34.00
C MET R 75 23.18 -19.41 -34.13
N ASP R 76 22.11 -19.35 -33.34
CA ASP R 76 21.12 -20.41 -33.35
C ASP R 76 20.43 -20.55 -34.70
N ARG R 77 20.31 -19.45 -35.45
CA ARG R 77 19.62 -19.52 -36.73
C ARG R 77 20.48 -20.23 -37.77
N MET R 78 21.71 -19.79 -37.97
CA MET R 78 22.52 -20.45 -38.99
C MET R 78 23.28 -21.66 -38.48
N TRP R 79 23.13 -22.03 -37.21
CA TRP R 79 23.72 -23.30 -36.81
C TRP R 79 22.75 -24.46 -36.91
N HIS R 80 21.46 -24.20 -37.12
CA HIS R 80 20.46 -25.24 -37.28
C HIS R 80 19.58 -24.95 -38.47
N SER R 81 20.21 -24.60 -39.59
CA SER R 81 19.46 -24.42 -40.82
C SER R 81 19.01 -25.76 -41.36
N SER R 82 17.81 -25.76 -41.97
CA SER R 82 17.12 -27.00 -42.32
C SER R 82 17.76 -27.76 -43.47
N ASP R 83 18.64 -27.12 -44.24
CA ASP R 83 19.29 -27.83 -45.34
C ASP R 83 20.46 -28.68 -44.87
N ILE R 84 20.86 -28.56 -43.60
CA ILE R 84 21.96 -29.37 -43.07
C ILE R 84 21.43 -30.76 -42.75
N ASP R 85 22.02 -31.77 -43.37
CA ASP R 85 21.62 -33.16 -43.17
C ASP R 85 22.51 -33.80 -42.12
N ILE R 86 21.89 -34.55 -41.21
CA ILE R 86 22.64 -35.21 -40.15
C ILE R 86 23.04 -36.64 -40.55
N ASN R 87 22.24 -37.29 -41.41
CA ASN R 87 22.53 -38.66 -41.79
C ASN R 87 23.71 -38.77 -42.75
N LYS R 88 24.06 -37.69 -43.44
CA LYS R 88 25.19 -37.72 -44.36
C LYS R 88 26.54 -37.68 -43.66
N SER R 89 26.58 -37.33 -42.38
CA SER R 89 27.84 -37.28 -41.63
C SER R 89 28.03 -38.61 -40.92
N LYS R 90 29.06 -39.35 -41.32
CA LYS R 90 29.35 -40.63 -40.67
C LYS R 90 29.98 -40.46 -39.30
N VAL R 91 30.52 -39.28 -39.01
CA VAL R 91 31.11 -39.00 -37.70
C VAL R 91 30.04 -39.03 -36.62
N HIS R 92 28.90 -38.41 -36.88
CA HIS R 92 27.84 -38.37 -35.88
C HIS R 92 27.13 -39.71 -35.79
N GLU R 93 27.09 -40.48 -36.88
CA GLU R 93 26.56 -41.83 -36.81
C GLU R 93 27.45 -42.73 -35.96
N TYR R 94 28.76 -42.57 -36.10
CA TYR R 94 29.68 -43.35 -35.27
C TYR R 94 29.68 -42.86 -33.82
N ILE R 95 29.33 -41.60 -33.59
CA ILE R 95 29.16 -41.10 -32.24
C ILE R 95 27.92 -41.73 -31.60
N ALA R 96 26.81 -41.72 -32.34
CA ALA R 96 25.53 -42.13 -31.77
C ALA R 96 25.43 -43.63 -31.59
N LYS R 97 26.00 -44.40 -32.51
CA LYS R 97 25.91 -45.84 -32.39
C LYS R 97 26.89 -46.43 -31.37
N ALA R 98 27.90 -45.66 -30.97
CA ALA R 98 28.86 -46.16 -29.99
C ALA R 98 28.30 -46.06 -28.59
N ASN R 99 28.62 -47.05 -27.76
CA ASN R 99 28.07 -47.14 -26.41
C ASN R 99 28.88 -46.23 -25.48
N PHE R 100 28.56 -44.95 -25.52
CA PHE R 100 29.19 -43.98 -24.64
C PHE R 100 28.21 -43.56 -23.57
N PRO R 101 28.49 -43.81 -22.29
CA PRO R 101 27.53 -43.49 -21.24
C PRO R 101 27.43 -42.00 -20.99
N ILE R 102 28.55 -41.31 -20.94
CA ILE R 102 28.60 -39.89 -20.64
C ILE R 102 29.37 -39.20 -21.76
N ILE R 103 28.76 -38.21 -22.38
CA ILE R 103 29.37 -37.47 -23.48
C ILE R 103 29.40 -35.99 -23.11
N TYR R 104 30.58 -35.41 -23.06
CA TYR R 104 30.73 -33.99 -22.85
C TYR R 104 30.91 -33.29 -24.18
N THR R 105 30.53 -32.02 -24.25
CA THR R 105 30.78 -31.24 -25.44
C THR R 105 30.89 -29.77 -25.10
N THR R 106 31.65 -29.05 -25.92
CA THR R 106 31.73 -27.61 -25.84
C THR R 106 31.03 -26.93 -27.00
N ASN R 107 30.36 -27.70 -27.85
CA ASN R 107 29.60 -27.14 -28.95
C ASN R 107 28.32 -26.51 -28.44
N TYR R 108 27.92 -25.42 -29.07
CA TYR R 108 26.68 -24.77 -28.71
C TYR R 108 25.50 -25.29 -29.51
N ASP R 109 25.72 -26.15 -30.48
CA ASP R 109 24.65 -26.64 -31.32
C ASP R 109 23.94 -27.82 -30.66
N ARG R 110 22.97 -28.39 -31.38
CA ARG R 110 22.21 -29.53 -30.89
C ARG R 110 22.40 -30.77 -31.76
N TRP R 111 23.46 -30.81 -32.56
CA TRP R 111 23.58 -31.86 -33.56
C TRP R 111 23.98 -33.21 -32.96
N ILE R 112 24.65 -33.22 -31.81
CA ILE R 112 24.89 -34.49 -31.14
C ILE R 112 23.59 -35.04 -30.59
N GLU R 113 22.74 -34.16 -30.05
CA GLU R 113 21.43 -34.57 -29.55
C GLU R 113 20.53 -35.04 -30.68
N THR R 114 20.58 -34.36 -31.82
CA THR R 114 19.78 -34.74 -32.97
C THR R 114 20.28 -36.04 -33.57
N ALA R 115 21.60 -36.26 -33.56
CA ALA R 115 22.13 -37.52 -34.03
C ALA R 115 21.84 -38.66 -33.06
N LEU R 116 21.78 -38.37 -31.77
CA LEU R 116 21.46 -39.40 -30.79
C LEU R 116 19.99 -39.80 -30.87
N SER R 117 19.10 -38.83 -31.09
CA SER R 117 17.70 -39.14 -31.28
C SER R 117 17.42 -39.73 -32.65
N ASN R 118 18.27 -39.46 -33.63
CA ASN R 118 18.03 -39.92 -35.00
C ASN R 118 18.22 -41.42 -35.14
N TYR R 119 19.04 -42.02 -34.28
CA TYR R 119 19.32 -43.44 -34.36
C TYR R 119 18.64 -44.23 -33.26
N GLY R 120 17.57 -43.69 -32.69
CA GLY R 120 16.78 -44.40 -31.69
C GLY R 120 17.47 -44.62 -30.36
N LYS R 121 18.22 -43.63 -29.87
CA LYS R 121 18.88 -43.72 -28.58
C LYS R 121 18.36 -42.60 -27.70
N GLU R 122 17.82 -42.98 -26.54
CA GLU R 122 17.33 -41.99 -25.60
C GLU R 122 18.49 -41.28 -24.93
N TYR R 123 18.26 -40.05 -24.51
CA TYR R 123 19.32 -39.25 -23.93
C TYR R 123 18.72 -38.22 -22.98
N ILE R 124 19.56 -37.69 -22.10
CA ILE R 124 19.20 -36.62 -21.18
C ILE R 124 20.18 -35.48 -21.40
N LYS R 125 19.66 -34.33 -21.80
CA LYS R 125 20.49 -33.17 -22.08
C LYS R 125 20.67 -32.35 -20.81
N ILE R 126 21.92 -32.08 -20.46
CA ILE R 126 22.25 -31.32 -19.26
C ILE R 126 22.93 -30.04 -19.69
N SER R 127 22.38 -28.90 -19.28
CA SER R 127 22.98 -27.61 -19.58
C SER R 127 23.21 -26.74 -18.36
N SER R 128 22.43 -26.91 -17.29
CA SER R 128 22.58 -26.11 -16.08
C SER R 128 22.57 -27.05 -14.89
N VAL R 129 22.59 -26.48 -13.69
CA VAL R 129 22.66 -27.29 -12.48
C VAL R 129 21.32 -27.95 -12.17
N SER R 130 20.21 -27.42 -12.68
CA SER R 130 18.91 -28.02 -12.39
C SER R 130 18.68 -29.30 -13.18
N ASP R 131 19.42 -29.51 -14.26
CA ASP R 131 19.22 -30.67 -15.12
C ASP R 131 19.83 -31.94 -14.56
N ILE R 132 20.69 -31.83 -13.54
CA ILE R 132 21.38 -33.00 -12.98
C ILE R 132 20.42 -33.94 -12.26
N ALA R 133 19.26 -33.43 -11.81
CA ALA R 133 18.28 -34.27 -11.16
C ALA R 133 17.56 -35.21 -12.13
N LYS R 134 17.63 -34.96 -13.42
CA LYS R 134 16.95 -35.78 -14.41
C LYS R 134 17.86 -36.84 -15.02
N ILE R 135 18.92 -37.22 -14.33
CA ILE R 135 19.89 -38.16 -14.88
C ILE R 135 19.32 -39.57 -14.80
N ASP R 136 19.32 -40.27 -15.93
CA ASP R 136 18.95 -41.67 -15.99
C ASP R 136 20.17 -42.46 -16.47
N ASN R 137 20.44 -43.60 -15.85
CA ASN R 137 21.59 -44.39 -16.25
C ASN R 137 21.36 -45.14 -17.55
N ASN R 138 20.10 -45.32 -17.95
CA ASN R 138 19.78 -45.99 -19.21
C ASN R 138 19.80 -45.04 -20.40
N LYS R 139 20.04 -43.76 -20.17
CA LYS R 139 20.14 -42.77 -21.23
C LYS R 139 21.50 -42.11 -21.17
N THR R 140 22.05 -41.80 -22.35
CA THR R 140 23.34 -41.13 -22.41
C THR R 140 23.20 -39.67 -21.99
N GLN R 141 24.15 -39.19 -21.22
CA GLN R 141 24.09 -37.85 -20.65
C GLN R 141 24.86 -36.88 -21.52
N ILE R 142 24.17 -36.25 -22.46
CA ILE R 142 24.75 -35.19 -23.28
C ILE R 142 24.90 -34.00 -22.35
N ILE R 143 26.12 -33.51 -22.17
CA ILE R 143 26.36 -32.42 -21.25
C ILE R 143 26.93 -31.27 -22.06
N LYS R 144 26.23 -30.15 -22.08
CA LYS R 144 26.75 -28.97 -22.76
C LYS R 144 27.64 -28.26 -21.75
N PHE R 145 28.92 -28.62 -21.77
CA PHE R 145 29.89 -28.12 -20.80
C PHE R 145 30.15 -26.63 -20.97
N HIS R 146 30.00 -26.12 -22.18
CA HIS R 146 30.14 -24.70 -22.45
C HIS R 146 28.80 -24.00 -22.58
N GLY R 147 27.72 -24.69 -22.24
CA GLY R 147 26.40 -24.11 -22.39
C GLY R 147 25.88 -24.27 -23.79
N ASP R 148 24.62 -23.87 -23.97
CA ASP R 148 23.98 -23.92 -25.27
C ASP R 148 22.98 -22.77 -25.35
N PHE R 149 22.22 -22.73 -26.43
CA PHE R 149 21.36 -21.60 -26.75
C PHE R 149 20.12 -21.49 -25.89
N ASP R 150 19.88 -22.42 -24.97
CA ASP R 150 18.71 -22.34 -24.10
C ASP R 150 18.91 -21.43 -22.91
N ASP R 151 20.10 -20.85 -22.73
CA ASP R 151 20.32 -19.92 -21.63
C ASP R 151 21.38 -18.91 -22.04
N ASP R 152 21.08 -17.64 -21.83
CA ASP R 152 22.06 -16.61 -22.16
C ASP R 152 23.16 -16.51 -21.11
N SER R 153 22.84 -16.76 -19.84
CA SER R 153 23.86 -16.65 -18.81
C SER R 153 24.85 -17.82 -18.82
N SER R 154 24.41 -18.98 -19.28
CA SER R 154 25.30 -20.13 -19.33
C SER R 154 26.19 -20.15 -20.57
N ILE R 155 25.93 -19.29 -21.54
CA ILE R 155 26.73 -19.25 -22.76
C ILE R 155 28.06 -18.58 -22.47
N VAL R 156 29.14 -19.28 -22.82
CA VAL R 156 30.46 -18.68 -22.92
C VAL R 156 30.75 -18.38 -24.39
N LEU R 157 30.77 -17.09 -24.71
CA LEU R 157 31.01 -16.65 -26.06
C LEU R 157 31.96 -15.46 -26.06
N ASP R 158 32.23 -14.93 -24.87
CA ASP R 158 33.04 -13.73 -24.74
C ASP R 158 34.28 -14.05 -23.91
N GLU R 159 35.22 -13.11 -23.92
CA GLU R 159 36.50 -13.29 -23.25
C GLU R 159 36.35 -13.33 -21.72
N THR R 160 35.45 -12.50 -21.18
CA THR R 160 35.23 -12.48 -19.74
C THR R 160 34.56 -13.77 -19.28
N SER R 161 33.60 -14.28 -20.06
CA SER R 161 32.98 -15.56 -19.72
C SER R 161 33.96 -16.71 -19.94
N TYR R 162 34.88 -16.55 -20.88
CA TYR R 162 35.98 -17.50 -21.05
C TYR R 162 36.86 -17.52 -19.81
N PHE R 163 37.07 -16.36 -19.18
CA PHE R 163 37.85 -16.34 -17.96
C PHE R 163 37.06 -16.88 -16.76
N GLN R 164 35.74 -16.72 -16.75
CA GLN R 164 34.89 -17.38 -15.74
C GLN R 164 35.02 -18.90 -15.85
N ARG R 165 34.96 -19.43 -17.08
CA ARG R 165 35.09 -20.86 -17.26
C ARG R 165 36.53 -21.31 -17.07
N LEU R 166 37.49 -20.42 -17.27
CA LEU R 166 38.88 -20.77 -17.07
C LEU R 166 39.26 -20.73 -15.60
N GLU R 167 38.42 -20.12 -14.77
CA GLU R 167 38.65 -20.14 -13.32
C GLU R 167 38.38 -21.52 -12.72
N PHE R 168 37.37 -22.23 -13.26
CA PHE R 168 36.94 -23.58 -12.87
C PHE R 168 36.40 -23.66 -11.42
N GLU R 169 35.31 -22.92 -11.14
CA GLU R 169 34.50 -23.22 -9.95
C GLU R 169 33.01 -23.36 -10.25
N THR R 170 32.62 -23.71 -11.47
CA THR R 170 31.19 -23.85 -11.73
C THR R 170 30.70 -25.19 -11.17
N PRO R 171 29.41 -25.33 -10.86
CA PRO R 171 28.89 -26.64 -10.43
C PRO R 171 28.98 -27.73 -11.48
N LEU R 172 28.92 -27.36 -12.76
CA LEU R 172 29.17 -28.33 -13.82
C LEU R 172 30.59 -28.85 -13.80
N ASP R 173 31.53 -28.02 -13.36
CA ASP R 173 32.92 -28.45 -13.25
C ASP R 173 33.09 -29.42 -12.09
N ILE R 174 32.36 -29.20 -10.99
CA ILE R 174 32.37 -30.12 -9.87
C ILE R 174 31.77 -31.46 -10.27
N LYS R 175 30.71 -31.42 -11.09
CA LYS R 175 30.15 -32.64 -11.65
C LYS R 175 31.16 -33.33 -12.55
N PHE R 176 31.91 -32.55 -13.35
CA PHE R 176 32.90 -33.08 -14.27
C PHE R 176 34.04 -33.80 -13.55
N ARG R 177 34.51 -33.23 -12.44
CA ARG R 177 35.52 -33.92 -11.62
C ARG R 177 34.96 -35.21 -11.04
N SER R 178 33.67 -35.18 -10.67
CA SER R 178 33.02 -36.38 -10.17
C SER R 178 32.85 -37.46 -11.24
N ASP R 179 32.62 -37.12 -12.51
CA ASP R 179 32.60 -38.24 -13.47
C ASP R 179 34.00 -38.70 -13.83
N VAL R 180 34.97 -37.78 -13.87
CA VAL R 180 36.30 -38.12 -14.34
C VAL R 180 37.07 -39.00 -13.37
N LEU R 181 36.76 -38.94 -12.06
CA LEU R 181 37.65 -39.44 -11.00
C LEU R 181 37.98 -40.94 -11.10
N GLY R 182 37.11 -41.73 -11.71
CA GLY R 182 37.50 -43.12 -11.90
C GLY R 182 37.80 -43.52 -13.33
N LYS R 183 37.56 -42.64 -14.29
CA LYS R 183 37.51 -43.03 -15.69
C LYS R 183 38.52 -42.29 -16.55
N SER R 184 38.82 -42.88 -17.70
CA SER R 184 39.63 -42.23 -18.73
C SER R 184 38.76 -41.33 -19.58
N VAL R 185 39.37 -40.30 -20.17
CA VAL R 185 38.63 -39.31 -20.95
C VAL R 185 39.19 -39.29 -22.36
N LEU R 186 38.33 -39.43 -23.36
CA LEU R 186 38.74 -39.36 -24.76
C LEU R 186 38.33 -38.03 -25.33
N PHE R 187 39.29 -37.30 -25.89
CA PHE R 187 39.04 -36.02 -26.55
C PHE R 187 39.12 -36.20 -28.04
N ILE R 188 38.11 -35.75 -28.77
CA ILE R 188 38.18 -35.72 -30.23
C ILE R 188 37.79 -34.34 -30.71
N GLY R 189 38.30 -33.99 -31.89
CA GLY R 189 37.97 -32.74 -32.55
C GLY R 189 38.46 -31.48 -31.86
N TYR R 190 39.63 -31.53 -31.26
CA TYR R 190 40.18 -30.37 -30.57
C TYR R 190 41.52 -29.99 -31.17
N SER R 191 41.79 -28.68 -31.17
CA SER R 191 43.06 -28.16 -31.64
C SER R 191 43.98 -27.94 -30.44
N LEU R 192 45.25 -28.32 -30.60
CA LEU R 192 46.21 -28.21 -29.53
C LEU R 192 46.66 -26.78 -29.25
N SER R 193 46.36 -25.84 -30.14
CA SER R 193 46.70 -24.44 -29.90
C SER R 193 45.72 -23.75 -28.96
N ASP R 194 44.63 -24.41 -28.58
CA ASP R 194 43.69 -23.85 -27.63
C ASP R 194 44.32 -23.78 -26.24
N ILE R 195 43.83 -22.85 -25.44
CA ILE R 195 44.39 -22.64 -24.10
C ILE R 195 43.64 -23.44 -23.04
N ASN R 196 42.31 -23.51 -23.16
CA ASN R 196 41.48 -24.07 -22.10
C ASN R 196 41.64 -25.57 -21.98
N ILE R 197 41.99 -26.26 -23.07
CA ILE R 197 42.23 -27.70 -23.02
C ILE R 197 43.51 -28.00 -22.25
N ARG R 198 44.56 -27.21 -22.49
CA ARG R 198 45.82 -27.40 -21.79
C ARG R 198 45.71 -27.02 -20.32
N LEU R 199 44.96 -25.96 -20.03
CA LEU R 199 44.90 -25.58 -18.62
C LEU R 199 43.93 -26.49 -17.87
N LEU R 200 42.95 -27.06 -18.57
CA LEU R 200 42.12 -28.12 -17.99
C LEU R 200 42.94 -29.36 -17.69
N PHE R 201 43.87 -29.70 -18.60
CA PHE R 201 44.81 -30.79 -18.37
C PHE R 201 45.67 -30.54 -17.15
N TYR R 202 46.17 -29.31 -17.02
CA TYR R 202 47.02 -28.96 -15.89
C TYR R 202 46.24 -28.96 -14.59
N LYS R 203 44.99 -28.49 -14.62
CA LYS R 203 44.15 -28.49 -13.42
C LYS R 203 43.82 -29.91 -13.00
N LEU R 204 43.59 -30.80 -13.98
CA LEU R 204 43.34 -32.20 -13.67
C LEU R 204 44.55 -32.89 -13.08
N SER R 205 45.74 -32.65 -13.67
CA SER R 205 46.96 -33.29 -13.18
C SER R 205 47.35 -32.77 -11.81
N LYS R 206 47.17 -31.47 -11.58
CA LYS R 206 47.43 -30.92 -10.26
C LYS R 206 46.44 -31.45 -9.23
N LEU R 207 45.15 -31.54 -9.59
CA LEU R 207 44.14 -31.99 -8.66
C LEU R 207 44.29 -33.46 -8.31
N TRP R 208 44.86 -34.22 -9.20
CA TRP R 208 45.10 -35.58 -8.82
C TRP R 208 46.40 -35.60 -8.03
N LYS R 209 47.25 -34.60 -8.18
CA LYS R 209 48.46 -34.59 -7.37
C LYS R 209 48.22 -34.10 -5.93
N GLU R 210 47.19 -33.29 -5.69
CA GLU R 210 46.87 -32.90 -4.30
C GLU R 210 46.19 -34.03 -3.55
N GLN R 211 45.12 -34.59 -4.10
CA GLN R 211 44.52 -35.77 -3.53
C GLN R 211 45.29 -36.98 -4.03
N LYS R 212 45.82 -37.77 -3.09
CA LYS R 212 46.76 -38.85 -3.41
C LYS R 212 46.04 -40.02 -4.06
N LEU R 213 45.78 -39.88 -5.35
CA LEU R 213 45.25 -41.02 -6.10
C LEU R 213 45.86 -41.05 -7.49
N GLU R 214 47.20 -40.98 -7.53
CA GLU R 214 47.94 -41.12 -8.77
C GLU R 214 47.82 -42.53 -9.33
N GLU R 215 47.73 -43.54 -8.44
CA GLU R 215 47.56 -44.91 -8.89
C GLU R 215 46.16 -45.16 -9.44
N ALA R 216 45.17 -44.43 -8.95
CA ALA R 216 43.87 -44.42 -9.59
C ALA R 216 43.91 -43.48 -10.78
N GLN R 217 42.87 -43.49 -11.61
CA GLN R 217 42.78 -42.60 -12.79
C GLN R 217 43.59 -42.99 -14.01
N PRO R 218 43.23 -44.11 -14.63
CA PRO R 218 43.98 -44.35 -15.87
C PRO R 218 43.96 -43.12 -16.76
N LYS R 219 45.04 -42.94 -17.52
CA LYS R 219 45.33 -41.71 -18.23
C LYS R 219 44.34 -41.42 -19.35
N SER R 220 44.12 -40.14 -19.61
CA SER R 220 43.22 -39.68 -20.65
C SER R 220 43.87 -39.77 -22.01
N TYR R 221 43.09 -39.49 -23.05
CA TYR R 221 43.59 -39.56 -24.43
C TYR R 221 42.97 -38.44 -25.25
N ILE R 222 43.74 -37.97 -26.23
CA ILE R 222 43.28 -36.95 -27.17
C ILE R 222 43.62 -37.43 -28.57
N PHE R 223 42.70 -37.22 -29.51
CA PHE R 223 42.91 -37.65 -30.89
C PHE R 223 43.29 -36.45 -31.73
N LEU R 224 44.52 -36.42 -32.21
CA LEU R 224 44.99 -35.43 -33.16
C LEU R 224 45.38 -36.17 -34.43
N PRO R 225 44.77 -35.86 -35.59
CA PRO R 225 45.10 -36.61 -36.81
C PRO R 225 46.49 -36.32 -37.34
N ARG R 226 47.04 -35.14 -37.05
CA ARG R 226 48.40 -34.83 -37.43
C ARG R 226 49.34 -35.27 -36.32
N PRO R 227 50.35 -36.09 -36.60
CA PRO R 227 51.28 -36.49 -35.55
C PRO R 227 52.17 -35.33 -35.13
N ASN R 228 52.51 -35.32 -33.85
CA ASN R 228 53.29 -34.24 -33.27
C ASN R 228 54.14 -34.81 -32.14
N PRO R 229 55.46 -34.86 -32.29
CA PRO R 229 56.28 -35.52 -31.27
C PRO R 229 56.42 -34.70 -29.99
N ILE R 230 56.69 -33.40 -30.10
CA ILE R 230 56.93 -32.64 -28.89
C ILE R 230 55.63 -32.30 -28.19
N GLN R 231 54.50 -32.27 -28.91
CA GLN R 231 53.22 -32.08 -28.24
C GLN R 231 52.82 -33.32 -27.48
N GLU R 232 53.16 -34.50 -28.02
CA GLU R 232 52.99 -35.73 -27.28
C GLU R 232 53.92 -35.78 -26.08
N GLU R 233 55.09 -35.15 -26.17
CA GLU R 233 56.01 -35.15 -25.03
C GLU R 233 55.54 -34.24 -23.91
N ILE R 234 55.01 -33.05 -24.22
CA ILE R 234 54.48 -32.21 -23.16
C ILE R 234 53.19 -32.80 -22.59
N LEU R 235 52.34 -33.39 -23.43
CA LEU R 235 51.12 -34.00 -22.90
C LEU R 235 51.36 -35.31 -22.17
N GLU R 236 52.53 -35.93 -22.35
CA GLU R 236 52.83 -37.16 -21.62
C GLU R 236 53.01 -36.92 -20.14
N GLN R 237 53.57 -35.78 -19.75
CA GLN R 237 53.77 -35.52 -18.33
C GLN R 237 52.50 -35.13 -17.60
N TRP R 238 51.42 -34.81 -18.31
CA TRP R 238 50.13 -34.54 -17.70
C TRP R 238 49.23 -35.76 -17.72
N ARG R 239 49.76 -36.92 -18.08
CA ARG R 239 49.06 -38.20 -18.23
C ARG R 239 47.93 -38.12 -19.25
N ILE R 240 48.28 -37.68 -20.46
CA ILE R 240 47.41 -37.81 -21.62
C ILE R 240 48.25 -38.36 -22.77
N GLY R 241 47.85 -39.52 -23.30
CA GLY R 241 48.54 -40.11 -24.42
C GLY R 241 47.92 -39.63 -25.72
N MET R 242 48.75 -39.06 -26.58
CA MET R 242 48.28 -38.60 -27.88
C MET R 242 48.09 -39.77 -28.82
N ILE R 243 47.05 -39.70 -29.64
CA ILE R 243 46.69 -40.74 -30.59
C ILE R 243 46.66 -40.12 -31.97
N SER R 244 47.43 -40.67 -32.90
CA SER R 244 47.57 -40.11 -34.24
C SER R 244 47.10 -41.11 -35.28
N SER R 245 46.53 -40.58 -36.36
CA SER R 245 46.05 -41.40 -37.45
C SER R 245 47.11 -41.46 -38.55
N GLU R 246 46.76 -42.03 -39.69
CA GLU R 246 47.68 -42.16 -40.81
C GLU R 246 47.28 -41.32 -42.02
N ASN R 247 46.03 -41.41 -42.46
CA ASN R 247 45.55 -40.60 -43.56
C ASN R 247 45.44 -39.14 -43.15
N ASP R 248 45.82 -38.27 -44.07
CA ASP R 248 45.99 -36.85 -43.77
C ASP R 248 44.70 -36.05 -43.82
N ASN R 249 43.74 -36.47 -44.62
CA ASN R 249 42.46 -35.79 -44.69
C ASN R 249 41.67 -36.11 -43.42
N PRO R 250 41.24 -35.09 -42.65
CA PRO R 250 40.76 -35.37 -41.28
C PRO R 250 39.41 -36.08 -41.19
N GLY R 251 38.58 -36.01 -42.24
CA GLY R 251 37.23 -36.55 -42.13
C GLY R 251 37.19 -38.06 -42.04
N GLU R 252 37.75 -38.74 -43.04
CA GLU R 252 37.78 -40.20 -42.96
C GLU R 252 38.81 -40.71 -41.99
N SER R 253 39.78 -39.89 -41.58
CA SER R 253 40.67 -40.27 -40.48
C SER R 253 39.91 -40.36 -39.16
N LEU R 254 39.07 -39.36 -38.89
CA LEU R 254 38.26 -39.38 -37.68
C LEU R 254 37.19 -40.46 -37.75
N GLU R 255 36.66 -40.73 -38.95
CA GLU R 255 35.67 -41.80 -39.11
C GLU R 255 36.32 -43.17 -38.91
N GLU R 256 37.55 -43.35 -39.40
CA GLU R 256 38.26 -44.60 -39.16
C GLU R 256 38.69 -44.75 -37.71
N PHE R 257 38.89 -43.63 -37.01
CA PHE R 257 39.18 -43.73 -35.59
C PHE R 257 37.94 -44.12 -34.79
N LEU R 258 36.79 -43.54 -35.13
CA LEU R 258 35.56 -43.87 -34.42
C LEU R 258 34.92 -45.16 -34.91
N LYS R 259 35.46 -45.78 -35.95
CA LYS R 259 35.01 -47.09 -36.39
C LYS R 259 35.28 -48.16 -35.33
N ASN R 260 36.29 -47.98 -34.49
CA ASN R 260 36.66 -48.97 -33.48
C ASN R 260 35.65 -49.11 -32.35
N PHE R 261 34.73 -48.16 -32.19
CA PHE R 261 33.79 -48.20 -31.08
C PHE R 261 32.39 -48.65 -31.48
N VAL R 262 32.00 -48.45 -32.74
CA VAL R 262 30.66 -48.81 -33.20
C VAL R 262 30.46 -50.32 -33.22
N LEU R 263 31.49 -51.10 -33.55
CA LEU R 263 31.31 -52.54 -33.72
C LEU R 263 31.21 -53.25 -32.37
N VAL R 264 31.74 -52.65 -31.32
CA VAL R 264 31.61 -53.19 -29.98
C VAL R 264 30.21 -52.89 -29.47
N MET S 1 48.67 -51.53 52.05
CA MET S 1 47.82 -51.56 50.87
C MET S 1 46.41 -51.25 51.35
N ASN S 2 45.64 -50.53 50.55
CA ASN S 2 44.33 -50.01 50.95
C ASN S 2 43.21 -50.63 50.12
N ILE S 3 42.09 -50.89 50.77
CA ILE S 3 40.87 -51.37 50.14
C ILE S 3 39.72 -50.53 50.67
N ARG S 4 38.94 -49.93 49.77
CA ARG S 4 37.80 -49.15 50.21
C ARG S 4 36.59 -50.05 50.39
N PHE S 5 35.65 -49.59 51.22
CA PHE S 5 34.43 -50.30 51.52
C PHE S 5 33.28 -49.32 51.52
N ILE S 6 32.22 -49.64 50.79
CA ILE S 6 31.13 -48.68 50.66
C ILE S 6 30.10 -48.94 51.72
N THR S 7 30.18 -48.20 52.82
CA THR S 7 29.23 -48.35 53.91
C THR S 7 29.18 -47.06 54.67
N ARG S 8 28.13 -46.28 54.45
CA ARG S 8 28.03 -45.00 55.12
C ARG S 8 28.03 -45.17 56.63
N ASN S 9 27.94 -46.41 57.10
CA ASN S 9 27.98 -46.65 58.53
C ASN S 9 29.39 -46.45 59.01
N ARG S 10 29.68 -46.88 60.22
CA ARG S 10 31.00 -46.62 60.74
C ARG S 10 31.51 -47.71 61.63
N HIS S 11 30.64 -48.24 62.46
CA HIS S 11 31.12 -49.22 63.40
C HIS S 11 31.80 -50.26 62.59
N LYS S 12 31.39 -50.34 61.34
CA LYS S 12 32.07 -51.30 60.48
C LYS S 12 33.43 -50.80 60.01
N ILE S 13 33.69 -49.48 60.06
CA ILE S 13 34.99 -48.90 59.69
C ILE S 13 36.09 -49.44 60.59
N LYS S 14 35.75 -49.74 61.83
CA LYS S 14 36.63 -50.32 62.82
C LYS S 14 36.38 -51.82 62.99
N GLU S 15 35.18 -52.30 62.68
CA GLU S 15 34.90 -53.74 62.80
C GLU S 15 35.61 -54.56 61.71
N ILE S 16 35.62 -54.08 60.46
CA ILE S 16 36.27 -54.82 59.38
C ILE S 16 37.78 -54.78 59.56
N ASN S 17 38.33 -53.67 60.05
CA ASN S 17 39.75 -53.63 60.37
C ASN S 17 40.08 -54.46 61.60
N LYS S 18 39.12 -54.64 62.51
CA LYS S 18 39.33 -55.53 63.65
C LYS S 18 39.38 -56.99 63.21
N ILE S 19 38.52 -57.37 62.27
CA ILE S 19 38.54 -58.74 61.75
C ILE S 19 39.78 -58.96 60.90
N LEU S 20 40.13 -57.99 60.06
CA LEU S 20 41.27 -58.09 59.15
C LEU S 20 42.54 -57.48 59.72
N SER S 21 42.71 -57.52 61.04
CA SER S 21 43.91 -56.96 61.64
C SER S 21 45.11 -57.88 61.43
N GLY S 22 46.27 -57.27 61.21
CA GLY S 22 47.51 -58.01 61.06
C GLY S 22 47.89 -58.36 59.63
N THR S 23 46.98 -58.22 58.67
CA THR S 23 47.30 -58.54 57.28
C THR S 23 47.97 -57.40 56.54
N GLY S 24 48.11 -56.23 57.17
CA GLY S 24 48.68 -55.08 56.51
C GLY S 24 47.75 -54.39 55.54
N VAL S 25 46.46 -54.67 55.60
CA VAL S 25 45.47 -54.11 54.70
C VAL S 25 44.55 -53.21 55.51
N VAL S 26 44.57 -51.91 55.20
CA VAL S 26 43.73 -50.95 55.89
C VAL S 26 42.44 -50.79 55.11
N VAL S 27 41.32 -51.16 55.73
CA VAL S 27 40.02 -51.10 55.09
C VAL S 27 39.47 -49.69 55.26
N LEU S 28 39.32 -48.97 54.15
CA LEU S 28 38.81 -47.61 54.18
C LEU S 28 37.28 -47.61 54.09
N ALA S 29 36.71 -46.42 54.14
CA ALA S 29 35.26 -46.26 54.16
C ALA S 29 34.81 -45.34 53.04
N SER S 30 33.58 -45.55 52.58
CA SER S 30 32.97 -44.74 51.53
C SER S 30 31.63 -44.22 52.03
N GLU S 31 31.29 -43.00 51.60
CA GLU S 31 30.07 -42.33 52.05
C GLU S 31 29.03 -42.21 50.95
N HIS S 32 29.16 -42.99 49.87
CA HIS S 32 28.17 -42.96 48.81
C HIS S 32 26.95 -43.81 49.18
N SER S 33 26.02 -43.91 48.24
CA SER S 33 24.83 -44.73 48.42
C SER S 33 24.72 -45.71 47.27
N ILE S 34 24.46 -46.98 47.58
CA ILE S 34 24.33 -48.03 46.58
C ILE S 34 22.92 -48.56 46.62
N ASP S 35 22.24 -48.50 45.48
CA ASP S 35 20.92 -49.08 45.32
C ASP S 35 21.04 -50.30 44.43
N GLU S 36 20.50 -51.43 44.88
CA GLU S 36 20.58 -52.68 44.16
C GLU S 36 19.23 -53.05 43.57
N ILE S 37 19.26 -53.89 42.56
CA ILE S 37 18.04 -54.50 42.04
C ILE S 37 17.66 -55.63 42.98
N GLN S 38 16.41 -56.09 42.89
CA GLN S 38 15.97 -57.15 43.79
C GLN S 38 15.76 -58.43 43.00
N THR S 39 16.47 -59.49 43.37
CA THR S 39 16.25 -60.81 42.81
C THR S 39 16.72 -61.85 43.82
N GLU S 40 16.40 -63.12 43.54
CA GLU S 40 16.76 -64.20 44.43
C GLU S 40 18.23 -64.58 44.32
N ASN S 41 18.87 -64.27 43.19
CA ASN S 41 20.26 -64.64 42.98
C ASN S 41 21.17 -63.73 43.79
N VAL S 42 21.77 -64.28 44.84
CA VAL S 42 22.69 -63.54 45.70
C VAL S 42 23.97 -63.19 44.93
N HIS S 43 24.35 -64.04 43.97
CA HIS S 43 25.47 -63.75 43.09
C HIS S 43 25.21 -62.52 42.23
N ALA S 44 23.97 -62.35 41.76
CA ALA S 44 23.62 -61.17 40.98
C ALA S 44 23.63 -59.90 41.83
N LEU S 45 23.15 -59.99 43.08
CA LEU S 45 23.22 -58.88 44.03
C LEU S 45 24.65 -58.46 44.30
N ILE S 46 25.52 -59.42 44.62
CA ILE S 46 26.90 -59.08 44.93
C ILE S 46 27.65 -58.66 43.67
N LYS S 47 27.18 -59.11 42.50
CA LYS S 47 27.85 -58.76 41.26
C LYS S 47 27.55 -57.32 40.85
N ASP S 48 26.26 -56.97 40.76
CA ASP S 48 25.92 -55.61 40.34
C ASP S 48 26.25 -54.60 41.42
N LYS S 49 26.26 -55.02 42.70
CA LYS S 49 26.78 -54.15 43.75
C LYS S 49 28.28 -53.92 43.59
N LEU S 50 29.02 -54.96 43.16
CA LEU S 50 30.45 -54.80 42.94
C LEU S 50 30.75 -53.91 41.74
N LEU S 51 29.99 -54.04 40.64
CA LEU S 51 30.28 -53.13 39.53
C LEU S 51 29.78 -51.72 39.78
N LYS S 52 28.73 -51.53 40.59
CA LYS S 52 28.35 -50.17 40.96
C LYS S 52 29.40 -49.52 41.85
N ALA S 53 29.98 -50.30 42.77
CA ALA S 53 31.06 -49.79 43.62
C ALA S 53 32.31 -49.48 42.80
N PHE S 54 32.70 -50.38 41.90
CA PHE S 54 33.87 -50.14 41.09
C PHE S 54 33.65 -49.09 40.01
N LYS S 55 32.39 -48.86 39.61
CA LYS S 55 32.12 -47.71 38.77
C LYS S 55 32.20 -46.42 39.55
N LEU S 56 31.94 -46.49 40.87
CA LEU S 56 32.05 -45.30 41.69
C LEU S 56 33.50 -44.92 41.95
N VAL S 57 34.30 -45.83 42.50
CA VAL S 57 35.64 -45.51 42.97
C VAL S 57 36.74 -45.93 41.97
N GLY S 58 36.61 -47.12 41.37
CA GLY S 58 37.62 -47.54 40.42
C GLY S 58 38.92 -48.05 41.01
N ARG S 59 38.96 -48.28 42.31
CA ARG S 59 40.09 -48.83 43.02
C ARG S 59 39.67 -50.18 43.60
N PRO S 60 40.61 -51.07 43.95
CA PRO S 60 40.23 -52.42 44.45
C PRO S 60 39.42 -52.40 45.73
N VAL S 61 38.17 -52.85 45.63
CA VAL S 61 37.21 -52.80 46.72
C VAL S 61 36.52 -54.14 46.88
N PHE S 62 35.76 -54.24 47.97
CA PHE S 62 34.91 -55.38 48.24
C PHE S 62 33.56 -54.87 48.73
N VAL S 63 32.56 -55.76 48.71
CA VAL S 63 31.22 -55.41 49.17
C VAL S 63 30.56 -56.67 49.71
N GLU S 64 29.53 -56.47 50.56
CA GLU S 64 28.97 -57.53 51.39
C GLU S 64 27.45 -57.57 51.28
N HIS S 65 26.88 -58.77 51.20
CA HIS S 65 25.45 -58.95 51.30
C HIS S 65 25.12 -60.16 52.18
N THR S 66 24.13 -60.00 53.05
CA THR S 66 23.71 -61.02 54.01
C THR S 66 22.28 -61.45 53.69
N GLY S 67 22.04 -62.76 53.63
CA GLY S 67 20.72 -63.27 53.29
C GLY S 67 20.31 -64.45 54.15
N LEU S 68 19.00 -64.55 54.35
CA LEU S 68 18.37 -65.64 55.09
C LEU S 68 17.71 -66.60 54.10
N TYR S 69 18.02 -67.88 54.22
CA TYR S 69 17.56 -68.89 53.26
C TYR S 69 16.78 -69.97 54.02
N ILE S 70 15.46 -70.00 53.79
CA ILE S 70 14.55 -70.88 54.52
C ILE S 70 14.56 -72.26 53.88
N GLU S 71 14.85 -73.29 54.68
CA GLU S 71 14.79 -74.67 54.18
C GLU S 71 13.36 -75.19 54.09
N SER S 72 12.48 -74.73 54.97
CA SER S 72 11.09 -75.19 54.96
C SER S 72 10.35 -74.68 53.72
N LEU S 73 10.59 -73.42 53.36
CA LEU S 73 10.11 -72.88 52.10
C LEU S 73 10.89 -73.56 50.97
N ASN S 74 10.23 -74.46 50.25
CA ASN S 74 10.90 -75.18 49.17
C ASN S 74 11.20 -74.22 48.02
N GLY S 75 12.41 -74.33 47.48
CA GLY S 75 12.86 -73.36 46.48
C GLY S 75 13.15 -71.95 46.97
N PHE S 76 12.15 -71.28 47.55
CA PHE S 76 12.25 -69.90 48.01
C PHE S 76 13.17 -69.78 49.21
N PRO S 77 14.24 -69.01 49.12
CA PRO S 77 15.07 -68.79 50.31
C PRO S 77 14.55 -67.67 51.20
N GLY S 78 13.98 -66.63 50.60
CA GLY S 78 13.73 -65.39 51.27
C GLY S 78 14.19 -64.28 50.35
N GLY S 79 15.29 -64.53 49.62
CA GLY S 79 15.75 -63.67 48.55
C GLY S 79 16.17 -62.28 48.99
N LEU S 80 15.29 -61.33 48.72
CA LEU S 80 15.39 -59.95 49.17
C LEU S 80 15.02 -59.89 50.66
N THR S 81 15.94 -60.37 51.50
CA THR S 81 15.63 -60.61 52.90
C THR S 81 15.59 -59.34 53.73
N GLN S 82 16.32 -58.29 53.33
CA GLN S 82 16.22 -57.02 54.03
C GLN S 82 14.85 -56.38 53.79
N ILE S 83 14.33 -56.52 52.56
CA ILE S 83 13.00 -56.03 52.24
C ILE S 83 11.94 -56.89 52.94
N PHE S 84 12.22 -58.19 53.06
CA PHE S 84 11.37 -59.08 53.87
C PHE S 84 11.35 -58.66 55.34
N TRP S 85 12.51 -58.23 55.85
CA TRP S 85 12.63 -57.78 57.23
C TRP S 85 11.86 -56.48 57.46
N ASP S 86 12.04 -55.49 56.59
CA ASP S 86 11.29 -54.25 56.81
C ASP S 86 9.83 -54.35 56.38
N LYS S 87 9.45 -55.42 55.68
CA LYS S 87 8.03 -55.63 55.38
C LYS S 87 7.33 -56.40 56.49
N LEU S 88 8.06 -57.23 57.23
CA LEU S 88 7.42 -58.07 58.24
C LEU S 88 7.71 -57.66 59.68
N GLN S 89 9.00 -57.51 60.03
CA GLN S 89 9.61 -57.34 61.35
C GLN S 89 9.55 -58.61 62.20
N ALA S 90 10.18 -58.52 63.37
CA ALA S 90 10.59 -59.71 64.13
C ALA S 90 9.41 -60.45 64.74
N ASP S 91 8.42 -59.72 65.28
CA ASP S 91 7.25 -60.35 65.91
C ASP S 91 6.42 -61.12 64.89
N LYS S 92 6.18 -60.50 63.73
CA LYS S 92 5.40 -61.11 62.66
C LYS S 92 6.12 -62.32 62.07
N PHE S 93 7.44 -62.19 61.85
CA PHE S 93 8.22 -63.32 61.34
C PHE S 93 8.30 -64.45 62.36
N SER S 94 8.31 -64.12 63.65
CA SER S 94 8.33 -65.13 64.70
C SER S 94 7.04 -65.93 64.71
N GLN S 95 5.88 -65.25 64.63
CA GLN S 95 4.64 -66.04 64.71
C GLN S 95 4.36 -66.73 63.39
N LEU S 96 4.96 -66.24 62.29
CA LEU S 96 4.74 -66.86 61.00
C LEU S 96 5.59 -68.11 60.81
N LEU S 97 6.88 -68.05 61.13
CA LEU S 97 7.75 -69.19 60.86
C LEU S 97 8.46 -69.77 62.07
N GLY S 98 8.68 -68.98 63.14
CA GLY S 98 9.28 -69.54 64.33
C GLY S 98 8.33 -70.43 65.11
N THR S 99 7.03 -70.21 64.94
CA THR S 99 6.00 -71.05 65.50
C THR S 99 5.50 -72.09 64.51
N SER S 100 6.14 -72.20 63.35
CA SER S 100 5.72 -73.15 62.33
C SER S 100 6.27 -74.54 62.64
N GLU S 101 6.02 -75.48 61.72
CA GLU S 101 6.45 -76.86 61.93
C GLU S 101 7.95 -77.01 61.75
N ASN S 102 8.52 -76.38 60.73
CA ASN S 102 9.96 -76.47 60.45
C ASN S 102 10.59 -75.10 60.48
N PRO S 103 11.28 -74.72 61.56
CA PRO S 103 12.01 -73.45 61.60
C PRO S 103 13.44 -73.53 61.08
N ARG S 104 13.79 -74.57 60.33
CA ARG S 104 15.16 -74.75 59.88
C ARG S 104 15.49 -73.80 58.73
N LEU S 105 16.64 -73.14 58.83
CA LEU S 105 17.07 -72.19 57.82
C LEU S 105 18.59 -72.07 57.83
N VAL S 106 19.13 -71.63 56.70
CA VAL S 106 20.56 -71.41 56.52
C VAL S 106 20.77 -69.92 56.26
N ALA S 107 21.82 -69.35 56.84
CA ALA S 107 22.16 -67.95 56.62
C ALA S 107 23.60 -67.84 56.17
N LYS S 108 23.81 -67.23 55.01
CA LYS S 108 25.16 -67.02 54.47
C LYS S 108 25.40 -65.55 54.22
N THR S 109 26.69 -65.19 54.26
CA THR S 109 27.18 -63.88 53.85
C THR S 109 28.06 -64.12 52.65
N ILE S 110 27.76 -63.46 51.54
CA ILE S 110 28.59 -63.53 50.35
C ILE S 110 29.35 -62.23 50.26
N ILE S 111 30.68 -62.34 50.28
CA ILE S 111 31.55 -61.20 50.04
C ILE S 111 31.77 -61.16 48.53
N GLY S 112 31.95 -59.97 47.99
CA GLY S 112 32.36 -59.89 46.60
C GLY S 112 33.51 -58.94 46.46
N TYR S 113 34.69 -59.43 46.12
CA TYR S 113 35.89 -58.62 46.09
C TYR S 113 36.41 -58.50 44.67
N CYS S 114 36.81 -57.29 44.29
CA CYS S 114 37.47 -57.02 43.03
C CYS S 114 38.81 -56.36 43.30
N ASP S 115 39.84 -56.80 42.58
CA ASP S 115 41.20 -56.31 42.77
C ASP S 115 41.64 -55.39 41.65
N SER S 116 40.67 -54.75 40.98
CA SER S 116 40.78 -53.94 39.76
C SER S 116 41.28 -54.74 38.56
N MET S 117 41.29 -56.06 38.64
CA MET S 117 41.67 -56.93 37.55
C MET S 117 40.67 -58.05 37.31
N LYS S 118 40.11 -58.62 38.38
CA LYS S 118 39.20 -59.74 38.29
C LYS S 118 38.14 -59.63 39.37
N ILE S 119 37.37 -60.71 39.53
CA ILE S 119 36.27 -60.81 40.46
C ILE S 119 36.48 -62.03 41.35
N TYR S 120 36.11 -61.91 42.62
CA TYR S 120 36.22 -63.01 43.57
C TYR S 120 34.99 -63.06 44.46
N ILE S 121 34.40 -64.25 44.57
CA ILE S 121 33.21 -64.48 45.37
C ILE S 121 33.54 -65.50 46.44
N PHE S 122 33.34 -65.13 47.69
CA PHE S 122 33.58 -66.01 48.83
C PHE S 122 32.27 -66.20 49.58
N GLU S 123 32.10 -67.39 50.15
CA GLU S 123 30.82 -67.81 50.70
C GLU S 123 31.04 -68.46 52.07
N GLY S 124 30.61 -67.77 53.13
CA GLY S 124 30.64 -68.34 54.46
C GLY S 124 29.24 -68.65 54.93
N GLU S 125 29.00 -69.85 55.46
CA GLU S 125 27.65 -70.31 55.75
C GLU S 125 27.52 -70.79 57.19
N THR S 126 26.34 -70.54 57.76
CA THR S 126 26.01 -71.01 59.10
C THR S 126 24.51 -71.23 59.17
N GLN S 127 24.09 -72.47 59.47
CA GLN S 127 22.69 -72.82 59.55
C GLN S 127 22.14 -72.43 60.92
N GLY S 128 20.83 -72.60 61.09
CA GLY S 128 20.21 -72.25 62.35
C GLY S 128 18.72 -72.48 62.37
N THR S 129 18.08 -71.94 63.41
CA THR S 129 16.65 -72.08 63.64
C THR S 129 16.04 -70.71 63.90
N ILE S 130 14.71 -70.65 63.77
CA ILE S 130 13.96 -69.43 64.03
C ILE S 130 13.34 -69.52 65.42
N SER S 131 13.52 -68.48 66.21
CA SER S 131 12.88 -68.43 67.52
C SER S 131 11.40 -68.12 67.37
N PRO S 132 10.54 -68.70 68.21
CA PRO S 132 9.11 -68.35 68.16
C PRO S 132 8.80 -66.99 68.76
N VAL S 133 9.72 -66.40 69.50
CA VAL S 133 9.55 -65.06 70.05
C VAL S 133 10.85 -64.29 69.92
N PRO S 134 10.76 -62.97 69.73
CA PRO S 134 12.01 -62.17 69.67
C PRO S 134 12.69 -62.10 71.03
N LYS S 135 13.86 -62.73 71.11
CA LYS S 135 14.68 -62.75 72.31
C LYS S 135 15.91 -61.89 72.07
N GLY S 136 16.16 -60.94 72.96
CA GLY S 136 17.23 -60.00 72.78
C GLY S 136 16.73 -58.71 72.17
N PRO S 137 17.60 -57.69 72.13
CA PRO S 137 17.17 -56.39 71.60
C PRO S 137 17.02 -56.41 70.08
N ARG S 138 16.36 -55.36 69.57
CA ARG S 138 16.04 -55.22 68.15
C ARG S 138 16.80 -54.09 67.48
N ASP S 139 17.93 -53.67 68.05
CA ASP S 139 18.67 -52.55 67.50
C ASP S 139 19.56 -52.92 66.32
N PHE S 140 19.65 -54.20 65.98
CA PHE S 140 20.55 -54.63 64.90
C PHE S 140 19.96 -55.86 64.21
N GLN S 141 19.50 -55.66 62.98
CA GLN S 141 19.00 -56.59 61.94
C GLN S 141 18.03 -57.64 62.52
N TRP S 142 17.98 -58.83 61.91
CA TRP S 142 17.17 -59.93 62.40
C TRP S 142 17.94 -60.85 63.34
N ASP S 143 18.89 -60.30 64.11
CA ASP S 143 19.67 -61.07 65.06
C ASP S 143 18.84 -61.60 66.22
N CYS S 144 17.69 -60.99 66.51
CA CYS S 144 16.86 -61.37 67.63
C CYS S 144 15.89 -62.50 67.32
N ILE S 145 15.93 -63.10 66.14
CA ILE S 145 15.00 -64.18 65.80
C ILE S 145 15.72 -65.38 65.22
N PHE S 146 17.01 -65.24 64.93
CA PHE S 146 17.79 -66.34 64.37
C PHE S 146 18.56 -67.03 65.49
N ILE S 147 18.22 -68.29 65.77
CA ILE S 147 18.95 -69.10 66.74
C ILE S 147 19.85 -70.05 65.97
N PRO S 148 21.17 -69.91 66.06
CA PRO S 148 22.06 -70.82 65.34
C PRO S 148 22.12 -72.20 65.99
N ASP S 149 22.64 -73.16 65.22
CA ASP S 149 22.77 -74.52 65.72
C ASP S 149 23.88 -74.63 66.74
N GLY S 150 23.68 -75.51 67.72
CA GLY S 150 24.54 -75.60 68.88
C GLY S 150 24.20 -74.60 69.97
N GLU S 151 23.21 -73.75 69.75
CA GLU S 151 22.80 -72.72 70.68
C GLU S 151 21.29 -72.75 70.84
N SER S 152 20.82 -72.17 71.92
CA SER S 152 19.39 -72.00 72.16
C SER S 152 19.01 -70.52 72.26
N GLU S 153 19.91 -69.63 71.86
CA GLU S 153 19.70 -68.19 71.99
C GLU S 153 19.83 -67.52 70.63
N THR S 154 19.21 -66.35 70.51
CA THR S 154 19.29 -65.56 69.30
C THR S 154 20.61 -64.80 69.27
N PHE S 155 20.95 -64.26 68.08
CA PHE S 155 22.23 -63.55 67.93
C PHE S 155 22.25 -62.21 68.63
N ALA S 156 21.09 -61.66 68.99
CA ALA S 156 21.08 -60.49 69.87
C ALA S 156 21.43 -60.87 71.31
N GLU S 157 21.29 -62.15 71.67
CA GLU S 157 21.57 -62.56 73.04
C GLU S 157 23.04 -62.83 73.30
N MET S 158 23.80 -63.40 72.36
CA MET S 158 25.23 -63.54 72.61
C MET S 158 25.95 -62.20 72.52
N GLY S 159 25.59 -61.36 71.56
CA GLY S 159 26.16 -60.02 71.55
C GLY S 159 27.58 -59.97 71.00
N ASP S 160 28.56 -59.87 71.89
CA ASP S 160 29.95 -59.90 71.50
C ASP S 160 30.43 -61.31 71.13
N ARG S 161 29.68 -62.35 71.50
CA ARG S 161 29.97 -63.71 71.07
C ARG S 161 29.32 -64.06 69.75
N LYS S 162 28.79 -63.06 69.03
CA LYS S 162 28.20 -63.29 67.71
C LYS S 162 29.26 -63.71 66.70
N ASN S 163 30.43 -63.06 66.74
CA ASN S 163 31.48 -63.26 65.74
C ASN S 163 32.34 -64.50 65.98
N GLU S 164 31.87 -65.46 66.77
CA GLU S 164 32.55 -66.74 66.89
C GLU S 164 31.92 -67.82 66.03
N ILE S 165 30.62 -67.72 65.77
CA ILE S 165 29.88 -68.73 65.03
C ILE S 165 29.08 -68.09 63.91
N SER S 166 29.35 -66.81 63.62
CA SER S 166 28.62 -66.14 62.56
C SER S 166 29.13 -66.58 61.19
N MET S 167 28.25 -66.46 60.20
CA MET S 167 28.64 -66.74 58.83
C MET S 167 29.51 -65.62 58.28
N ARG S 168 29.35 -64.40 58.82
CA ARG S 168 30.13 -63.25 58.39
C ARG S 168 31.59 -63.42 58.75
N LYS S 169 31.86 -63.96 59.95
CA LYS S 169 33.23 -64.26 60.35
C LYS S 169 33.84 -65.36 59.48
N LYS S 170 33.06 -66.38 59.11
CA LYS S 170 33.57 -67.47 58.28
C LYS S 170 33.91 -66.98 56.87
N ALA S 171 33.04 -66.15 56.29
CA ALA S 171 33.33 -65.55 54.99
C ALA S 171 34.52 -64.61 55.08
N PHE S 172 34.67 -63.93 56.22
CA PHE S 172 35.84 -63.09 56.42
C PHE S 172 37.12 -63.89 56.67
N ASP S 173 37.02 -65.10 57.24
CA ASP S 173 38.23 -65.92 57.33
C ASP S 173 38.62 -66.46 55.96
N LYS S 174 37.64 -66.73 55.10
CA LYS S 174 37.96 -67.09 53.72
C LYS S 174 38.60 -65.93 52.97
N PHE S 175 38.07 -64.72 53.18
CA PHE S 175 38.66 -63.51 52.61
C PHE S 175 40.05 -63.23 53.17
N LYS S 176 40.25 -63.46 54.47
CA LYS S 176 41.53 -63.22 55.11
C LYS S 176 42.56 -64.24 54.67
N GLU S 177 42.13 -65.49 54.48
CA GLU S 177 43.02 -66.52 53.97
C GLU S 177 43.42 -66.24 52.53
N TYR S 178 42.50 -65.73 51.72
CA TYR S 178 42.84 -65.35 50.35
C TYR S 178 43.77 -64.14 50.32
N LEU S 179 43.49 -63.13 51.14
CA LEU S 179 44.28 -61.91 51.14
C LEU S 179 45.65 -62.11 51.76
N LEU S 180 45.81 -63.10 52.64
CA LEU S 180 47.10 -63.40 53.21
C LEU S 180 48.04 -64.12 52.25
N GLU S 181 47.53 -64.64 51.14
CA GLU S 181 48.36 -65.22 50.10
C GLU S 181 48.93 -64.17 49.15
N GLY S 182 48.51 -62.92 49.27
CA GLY S 182 48.91 -61.91 48.33
C GLY S 182 47.94 -61.69 47.19
N GLY S 183 46.72 -62.19 47.30
CA GLY S 183 45.74 -62.08 46.24
C GLY S 183 46.02 -63.00 45.06
N LYS S 184 46.66 -64.12 45.32
CA LYS S 184 47.08 -65.03 44.24
C LYS S 184 46.03 -66.10 43.96
N MET T 1 -7.46 -47.27 14.47
CA MET T 1 -6.27 -47.00 15.27
C MET T 1 -5.77 -48.29 15.93
N ASN T 2 -4.51 -48.62 15.69
CA ASN T 2 -3.93 -49.87 16.16
C ASN T 2 -3.03 -49.60 17.35
N ILE T 3 -3.08 -50.51 18.33
CA ILE T 3 -2.30 -50.38 19.56
C ILE T 3 -1.52 -51.68 19.75
N ARG T 4 -0.20 -51.56 19.89
CA ARG T 4 0.60 -52.75 20.10
C ARG T 4 0.49 -53.26 21.53
N PHE T 5 0.96 -54.48 21.75
CA PHE T 5 0.91 -55.10 23.07
C PHE T 5 2.02 -56.15 23.14
N ILE T 6 2.99 -55.97 24.01
CA ILE T 6 4.02 -56.96 24.03
C ILE T 6 3.32 -58.21 24.42
N THR T 7 3.76 -59.35 23.90
CA THR T 7 3.15 -60.64 24.29
C THR T 7 3.60 -61.84 23.48
N ARG T 8 2.74 -62.86 23.40
CA ARG T 8 3.03 -64.07 22.64
C ARG T 8 1.91 -65.04 22.93
N ASN T 9 1.33 -64.91 24.12
CA ASN T 9 0.21 -65.74 24.49
C ASN T 9 -0.94 -65.27 23.65
N ARG T 10 -1.07 -65.85 22.48
CA ARG T 10 -2.12 -65.44 21.59
C ARG T 10 -3.46 -65.36 22.33
N HIS T 11 -3.53 -65.94 23.52
CA HIS T 11 -4.79 -65.83 24.21
C HIS T 11 -5.02 -64.39 24.57
N LYS T 12 -4.23 -63.91 25.51
CA LYS T 12 -4.46 -62.55 25.96
C LYS T 12 -4.91 -61.65 24.83
N ILE T 13 -4.33 -61.82 23.63
CA ILE T 13 -4.62 -60.96 22.49
C ILE T 13 -6.06 -61.16 22.01
N LYS T 14 -6.53 -62.40 21.99
CA LYS T 14 -7.91 -62.68 21.64
C LYS T 14 -8.86 -62.20 22.75
N GLU T 15 -8.42 -62.29 24.01
CA GLU T 15 -9.28 -61.86 25.12
C GLU T 15 -9.47 -60.34 25.15
N ILE T 16 -8.40 -59.57 24.94
CA ILE T 16 -8.56 -58.12 24.87
C ILE T 16 -9.22 -57.69 23.54
N ASN T 17 -9.13 -58.51 22.48
CA ASN T 17 -9.94 -58.22 21.30
C ASN T 17 -11.43 -58.43 21.56
N LYS T 18 -11.78 -59.45 22.34
CA LYS T 18 -13.18 -59.67 22.72
C LYS T 18 -13.66 -58.60 23.69
N ILE T 19 -12.78 -58.13 24.57
CA ILE T 19 -13.14 -57.10 25.55
C ILE T 19 -13.33 -55.75 24.86
N LEU T 20 -12.40 -55.38 24.00
CA LEU T 20 -12.40 -54.06 23.35
C LEU T 20 -13.11 -54.06 22.01
N SER T 21 -14.10 -54.92 21.82
CA SER T 21 -14.83 -54.97 20.56
C SER T 21 -15.73 -53.76 20.42
N GLY T 22 -15.65 -53.09 19.28
CA GLY T 22 -16.47 -51.92 19.03
C GLY T 22 -16.00 -50.65 19.70
N THR T 23 -14.84 -50.66 20.33
CA THR T 23 -14.31 -49.50 21.04
C THR T 23 -13.49 -48.57 20.16
N GLY T 24 -13.35 -48.90 18.87
CA GLY T 24 -12.62 -48.06 17.96
C GLY T 24 -11.16 -48.38 17.78
N VAL T 25 -10.66 -49.42 18.45
CA VAL T 25 -9.25 -49.80 18.33
C VAL T 25 -9.15 -51.31 18.16
N VAL T 26 -8.04 -51.75 17.59
CA VAL T 26 -7.70 -53.15 17.47
C VAL T 26 -6.30 -53.34 18.03
N VAL T 27 -6.15 -54.33 18.90
CA VAL T 27 -4.88 -54.60 19.57
C VAL T 27 -4.06 -55.50 18.65
N LEU T 28 -2.80 -55.12 18.42
CA LEU T 28 -1.88 -55.97 17.67
C LEU T 28 -0.89 -56.61 18.64
N ALA T 29 -0.59 -57.88 18.38
CA ALA T 29 0.31 -58.62 19.25
C ALA T 29 1.76 -58.34 18.90
N SER T 30 2.63 -58.49 19.90
CA SER T 30 4.07 -58.39 19.72
C SER T 30 4.72 -59.53 20.50
N GLU T 31 5.59 -60.26 19.83
CA GLU T 31 6.15 -61.50 20.37
C GLU T 31 7.42 -61.29 21.19
N HIS T 32 7.86 -60.06 21.37
CA HIS T 32 9.09 -59.81 22.11
C HIS T 32 8.89 -60.03 23.60
N SER T 33 9.98 -60.37 24.29
CA SER T 33 9.99 -60.55 25.73
C SER T 33 10.81 -59.44 26.35
N ILE T 34 10.37 -58.97 27.52
CA ILE T 34 11.00 -57.85 28.21
C ILE T 34 11.53 -58.34 29.54
N ASP T 35 12.82 -58.12 29.77
CA ASP T 35 13.41 -58.44 31.07
C ASP T 35 12.97 -57.38 32.08
N GLU T 36 11.89 -57.67 32.80
CA GLU T 36 11.37 -56.74 33.78
C GLU T 36 12.23 -56.72 35.02
N ILE T 37 12.35 -55.56 35.65
CA ILE T 37 13.00 -55.44 36.95
C ILE T 37 11.99 -55.88 37.99
N GLN T 38 12.45 -56.13 39.21
CA GLN T 38 11.59 -56.62 40.30
C GLN T 38 11.68 -55.65 41.47
N THR T 39 10.58 -54.98 41.76
CA THR T 39 10.55 -53.93 42.76
C THR T 39 9.20 -54.02 43.47
N GLU T 40 9.20 -53.78 44.79
CA GLU T 40 7.96 -53.78 45.55
C GLU T 40 7.01 -52.68 45.07
N ASN T 41 7.56 -51.51 44.77
CA ASN T 41 6.78 -50.46 44.13
C ASN T 41 6.45 -50.88 42.71
N VAL T 42 5.22 -51.36 42.52
CA VAL T 42 4.73 -51.84 41.24
C VAL T 42 4.48 -50.70 40.24
N HIS T 43 4.37 -49.45 40.71
CA HIS T 43 4.24 -48.33 39.77
C HIS T 43 5.54 -48.08 39.02
N ALA T 44 6.67 -48.17 39.72
CA ALA T 44 7.97 -48.03 39.07
C ALA T 44 8.25 -49.21 38.15
N LEU T 45 7.79 -50.40 38.52
CA LEU T 45 7.92 -51.57 37.68
C LEU T 45 7.12 -51.42 36.39
N ILE T 46 5.90 -50.87 36.50
CA ILE T 46 5.05 -50.65 35.34
C ILE T 46 5.64 -49.56 34.44
N LYS T 47 6.22 -48.52 35.05
CA LYS T 47 6.86 -47.45 34.29
C LYS T 47 8.09 -47.94 33.54
N ASP T 48 8.91 -48.78 34.19
CA ASP T 48 10.10 -49.34 33.54
C ASP T 48 9.72 -50.31 32.43
N LYS T 49 8.68 -51.13 32.65
CA LYS T 49 8.21 -52.06 31.63
C LYS T 49 7.63 -51.34 30.43
N LEU T 50 6.88 -50.26 30.68
CA LEU T 50 6.33 -49.45 29.59
C LEU T 50 7.42 -48.72 28.83
N LEU T 51 8.47 -48.27 29.54
CA LEU T 51 9.60 -47.64 28.89
C LEU T 51 10.36 -48.61 27.99
N LYS T 52 10.54 -49.85 28.45
CA LYS T 52 11.21 -50.84 27.62
C LYS T 52 10.34 -51.27 26.43
N ALA T 53 9.02 -51.32 26.63
CA ALA T 53 8.13 -51.66 25.53
C ALA T 53 8.08 -50.55 24.49
N PHE T 54 8.13 -49.30 24.92
CA PHE T 54 8.17 -48.20 23.97
C PHE T 54 9.53 -48.08 23.29
N LYS T 55 10.60 -48.51 23.97
CA LYS T 55 11.90 -48.62 23.30
C LYS T 55 11.86 -49.68 22.22
N LEU T 56 11.23 -50.82 22.52
CA LEU T 56 11.20 -51.90 21.55
C LEU T 56 10.18 -51.70 20.45
N VAL T 57 9.20 -50.81 20.63
CA VAL T 57 8.14 -50.68 19.63
C VAL T 57 8.12 -49.28 19.04
N GLY T 58 7.97 -48.26 19.87
CA GLY T 58 7.90 -46.90 19.36
C GLY T 58 6.54 -46.47 18.86
N ARG T 59 5.53 -47.31 19.01
CA ARG T 59 4.16 -47.01 18.64
C ARG T 59 3.34 -47.03 19.94
N PRO T 60 2.05 -46.58 19.95
CA PRO T 60 1.24 -46.70 21.17
C PRO T 60 1.08 -48.12 21.69
N VAL T 61 1.64 -48.34 22.88
CA VAL T 61 1.71 -49.65 23.50
C VAL T 61 1.24 -49.52 24.94
N PHE T 62 0.83 -50.64 25.52
CA PHE T 62 0.43 -50.72 26.92
C PHE T 62 0.99 -52.01 27.49
N VAL T 63 1.25 -52.01 28.80
CA VAL T 63 1.73 -53.19 29.49
C VAL T 63 0.85 -53.41 30.70
N GLU T 64 0.85 -54.65 31.20
CA GLU T 64 0.00 -55.02 32.31
C GLU T 64 0.76 -55.91 33.28
N HIS T 65 0.37 -55.86 34.55
CA HIS T 65 0.94 -56.72 35.57
C HIS T 65 -0.08 -56.89 36.69
N THR T 66 -0.25 -58.13 37.14
CA THR T 66 -1.20 -58.44 38.20
C THR T 66 -0.41 -58.84 39.45
N GLY T 67 -0.67 -58.15 40.56
CA GLY T 67 0.05 -58.39 41.80
C GLY T 67 -0.90 -58.62 42.95
N LEU T 68 -0.34 -59.15 44.04
CA LEU T 68 -1.08 -59.44 45.25
C LEU T 68 -0.56 -58.57 46.38
N TYR T 69 -1.49 -58.06 47.20
CA TYR T 69 -1.15 -57.31 48.41
C TYR T 69 -1.88 -58.00 49.55
N ILE T 70 -1.18 -58.89 50.24
CA ILE T 70 -1.77 -59.60 51.37
C ILE T 70 -1.81 -58.65 52.56
N GLU T 71 -3.00 -58.53 53.16
CA GLU T 71 -3.20 -57.60 54.28
C GLU T 71 -2.41 -58.03 55.50
N SER T 72 -2.39 -59.34 55.80
CA SER T 72 -1.62 -59.84 56.93
C SER T 72 -0.13 -59.78 56.67
N LEU T 73 0.31 -59.98 55.42
CA LEU T 73 1.71 -59.96 55.07
C LEU T 73 2.21 -58.57 54.69
N ASN T 74 1.35 -57.54 54.87
CA ASN T 74 1.64 -56.12 54.58
C ASN T 74 2.02 -55.88 53.12
N GLY T 75 1.40 -56.65 52.22
CA GLY T 75 1.66 -56.53 50.80
C GLY T 75 3.04 -56.95 50.36
N PHE T 76 3.57 -58.03 50.92
CA PHE T 76 4.90 -58.52 50.54
C PHE T 76 5.01 -59.10 49.12
N PRO T 77 3.96 -59.82 48.52
CA PRO T 77 4.10 -60.18 47.10
C PRO T 77 4.29 -59.02 46.14
N GLY T 78 3.31 -58.11 46.05
CA GLY T 78 3.40 -56.87 45.30
C GLY T 78 3.85 -56.96 43.85
N GLY T 79 5.05 -56.44 43.59
CA GLY T 79 5.63 -56.58 42.27
C GLY T 79 6.30 -57.92 42.06
N LEU T 80 6.69 -58.58 43.14
CA LEU T 80 7.31 -59.91 43.06
C LEU T 80 6.29 -61.01 43.29
N THR T 81 5.03 -60.76 42.92
CA THR T 81 3.94 -61.71 43.11
C THR T 81 4.15 -62.98 42.31
N GLN T 82 4.63 -62.84 41.06
CA GLN T 82 4.84 -64.01 40.20
C GLN T 82 6.01 -64.84 40.70
N ILE T 83 7.05 -64.18 41.21
CA ILE T 83 8.21 -64.89 41.76
C ILE T 83 7.83 -65.62 43.05
N PHE T 84 6.99 -64.98 43.87
CA PHE T 84 6.46 -65.61 45.08
C PHE T 84 5.60 -66.81 44.74
N TRP T 85 4.82 -66.72 43.67
CA TRP T 85 3.97 -67.81 43.23
C TRP T 85 4.79 -68.99 42.71
N ASP T 86 5.79 -68.74 41.85
CA ASP T 86 6.58 -69.85 41.31
C ASP T 86 7.54 -70.42 42.34
N LYS T 87 7.91 -69.65 43.36
CA LYS T 87 8.77 -70.16 44.42
C LYS T 87 7.98 -70.75 45.57
N LEU T 88 6.65 -70.59 45.57
CA LEU T 88 5.82 -71.00 46.69
C LEU T 88 4.87 -72.15 46.35
N GLN T 89 4.18 -72.08 45.21
CA GLN T 89 3.15 -73.02 44.71
C GLN T 89 1.90 -73.09 45.58
N ALA T 90 0.86 -73.72 45.00
CA ALA T 90 -0.51 -73.54 45.49
C ALA T 90 -0.76 -74.24 46.81
N ASP T 91 -0.30 -75.49 46.94
CA ASP T 91 -0.55 -76.26 48.16
C ASP T 91 0.19 -75.68 49.36
N LYS T 92 1.43 -75.26 49.17
CA LYS T 92 2.20 -74.63 50.23
C LYS T 92 1.66 -73.25 50.59
N PHE T 93 1.16 -72.49 49.59
CA PHE T 93 0.51 -71.22 49.89
C PHE T 93 -0.78 -71.41 50.66
N SER T 94 -1.56 -72.44 50.30
CA SER T 94 -2.82 -72.71 50.96
C SER T 94 -2.62 -73.17 52.41
N GLN T 95 -1.63 -74.03 52.64
CA GLN T 95 -1.34 -74.42 54.02
C GLN T 95 -0.62 -73.32 54.80
N LEU T 96 0.05 -72.38 54.12
CA LEU T 96 0.75 -71.32 54.83
C LEU T 96 -0.21 -70.23 55.29
N LEU T 97 -1.09 -69.78 54.41
CA LEU T 97 -1.92 -68.62 54.71
C LEU T 97 -3.42 -68.84 54.60
N GLY T 98 -3.88 -69.97 54.06
CA GLY T 98 -5.31 -70.23 54.07
C GLY T 98 -5.80 -70.65 55.44
N THR T 99 -4.94 -71.27 56.23
CA THR T 99 -5.24 -71.66 57.59
C THR T 99 -4.73 -70.66 58.61
N SER T 100 -4.21 -69.51 58.16
CA SER T 100 -3.66 -68.51 59.05
C SER T 100 -4.78 -67.70 59.72
N GLU T 101 -4.35 -66.74 60.55
CA GLU T 101 -5.29 -65.89 61.28
C GLU T 101 -5.96 -64.86 60.39
N ASN T 102 -5.35 -64.49 59.27
CA ASN T 102 -5.92 -63.50 58.36
C ASN T 102 -5.63 -63.83 56.90
N PRO T 103 -6.57 -64.48 56.20
CA PRO T 103 -6.29 -64.68 54.77
C PRO T 103 -6.79 -63.53 53.89
N ARG T 104 -6.87 -62.32 54.43
CA ARG T 104 -7.25 -61.16 53.63
C ARG T 104 -6.10 -60.73 52.72
N LEU T 105 -6.41 -60.49 51.45
CA LEU T 105 -5.41 -60.14 50.47
C LEU T 105 -6.08 -59.32 49.37
N VAL T 106 -5.31 -58.40 48.79
CA VAL T 106 -5.78 -57.50 47.76
C VAL T 106 -5.07 -57.83 46.46
N ALA T 107 -5.83 -58.00 45.39
CA ALA T 107 -5.29 -58.28 44.07
C ALA T 107 -5.56 -57.09 43.16
N LYS T 108 -4.52 -56.60 42.49
CA LYS T 108 -4.67 -55.46 41.60
C LYS T 108 -3.88 -55.67 40.32
N THR T 109 -4.53 -55.37 39.19
CA THR T 109 -3.91 -55.43 37.87
C THR T 109 -3.78 -54.01 37.36
N ILE T 110 -2.55 -53.58 37.09
CA ILE T 110 -2.27 -52.21 36.67
C ILE T 110 -1.83 -52.19 35.22
N ILE T 111 -2.47 -51.31 34.44
CA ILE T 111 -2.19 -51.11 33.03
C ILE T 111 -1.43 -49.80 32.90
N GLY T 112 -0.22 -49.88 32.37
CA GLY T 112 0.51 -48.66 32.04
C GLY T 112 0.39 -48.44 30.56
N TYR T 113 -0.48 -47.52 30.15
CA TYR T 113 -0.73 -47.27 28.75
C TYR T 113 -0.04 -45.99 28.32
N CYS T 114 0.67 -46.04 27.21
CA CYS T 114 1.33 -44.89 26.63
C CYS T 114 0.83 -44.72 25.21
N ASP T 115 0.31 -43.54 24.90
CA ASP T 115 -0.25 -43.27 23.58
C ASP T 115 0.70 -42.47 22.71
N SER T 116 2.00 -42.55 23.02
CA SER T 116 3.19 -41.93 22.44
C SER T 116 3.41 -40.46 22.77
N MET T 117 2.55 -39.81 23.54
CA MET T 117 2.99 -38.57 24.16
C MET T 117 3.06 -38.65 25.68
N LYS T 118 2.06 -39.22 26.33
CA LYS T 118 1.98 -39.24 27.78
C LYS T 118 1.80 -40.66 28.27
N ILE T 119 2.17 -40.89 29.53
CA ILE T 119 2.04 -42.20 30.18
C ILE T 119 0.80 -42.16 31.05
N TYR T 120 -0.10 -43.13 30.85
CA TYR T 120 -1.35 -43.19 31.57
C TYR T 120 -1.45 -44.50 32.33
N ILE T 121 -1.93 -44.42 33.57
CA ILE T 121 -1.99 -45.55 34.49
C ILE T 121 -3.44 -45.86 34.79
N PHE T 122 -3.82 -47.12 34.59
CA PHE T 122 -5.17 -47.60 34.92
C PHE T 122 -5.04 -48.87 35.73
N GLU T 123 -5.86 -48.99 36.78
CA GLU T 123 -5.80 -50.16 37.66
C GLU T 123 -7.20 -50.57 38.07
N GLY T 124 -7.33 -51.86 38.37
CA GLY T 124 -8.56 -52.40 38.89
C GLY T 124 -8.29 -53.16 40.17
N GLU T 125 -9.26 -53.12 41.08
CA GLU T 125 -9.09 -53.67 42.41
C GLU T 125 -10.14 -54.74 42.70
N THR T 126 -9.70 -55.83 43.34
CA THR T 126 -10.59 -56.90 43.77
C THR T 126 -10.07 -57.42 45.11
N GLN T 127 -10.92 -57.35 46.13
CA GLN T 127 -10.59 -57.89 47.46
C GLN T 127 -11.18 -59.28 47.60
N GLY T 128 -10.32 -60.26 47.87
CA GLY T 128 -10.79 -61.62 48.02
C GLY T 128 -10.19 -62.33 49.21
N THR T 129 -10.41 -63.64 49.32
CA THR T 129 -9.88 -64.43 50.41
C THR T 129 -8.89 -65.46 49.86
N ILE T 130 -8.15 -66.08 50.79
CA ILE T 130 -7.23 -67.15 50.46
C ILE T 130 -7.91 -68.48 50.77
N SER T 131 -7.99 -69.35 49.77
CA SER T 131 -8.55 -70.68 50.00
C SER T 131 -7.57 -71.52 50.80
N PRO T 132 -8.03 -72.25 51.83
CA PRO T 132 -7.12 -73.10 52.59
C PRO T 132 -6.74 -74.38 51.87
N VAL T 133 -7.50 -74.79 50.86
CA VAL T 133 -7.13 -75.91 49.99
C VAL T 133 -7.15 -75.42 48.55
N PRO T 134 -6.30 -75.95 47.68
CA PRO T 134 -6.37 -75.59 46.26
C PRO T 134 -7.50 -76.35 45.57
N LYS T 135 -8.44 -75.59 45.00
CA LYS T 135 -9.62 -76.16 44.36
C LYS T 135 -9.61 -75.87 42.87
N GLY T 136 -10.15 -76.81 42.09
CA GLY T 136 -10.23 -76.64 40.67
C GLY T 136 -8.88 -76.89 40.01
N PRO T 137 -8.74 -76.47 38.75
CA PRO T 137 -7.48 -76.70 38.04
C PRO T 137 -6.38 -75.75 38.50
N ARG T 138 -5.15 -76.18 38.33
CA ARG T 138 -3.96 -75.39 38.60
C ARG T 138 -3.18 -75.13 37.33
N ASP T 139 -3.90 -74.84 36.24
CA ASP T 139 -3.26 -74.66 34.94
C ASP T 139 -2.52 -73.34 34.83
N PHE T 140 -3.10 -72.27 35.36
CA PHE T 140 -2.57 -70.92 35.14
C PHE T 140 -2.86 -70.11 36.39
N GLN T 141 -1.79 -69.55 36.97
CA GLN T 141 -1.74 -68.63 38.11
C GLN T 141 -2.45 -69.15 39.38
N TRP T 142 -2.62 -68.25 40.34
CA TRP T 142 -3.18 -68.52 41.65
C TRP T 142 -4.70 -68.46 41.67
N ASP T 143 -5.35 -68.67 40.52
CA ASP T 143 -6.80 -68.67 40.44
C ASP T 143 -7.45 -69.84 41.19
N CYS T 144 -6.69 -70.90 41.44
CA CYS T 144 -7.15 -72.01 42.27
C CYS T 144 -7.18 -71.68 43.75
N ILE T 145 -6.65 -70.52 44.15
CA ILE T 145 -6.66 -70.10 45.55
C ILE T 145 -7.51 -68.86 45.79
N PHE T 146 -7.63 -67.96 44.83
CA PHE T 146 -8.30 -66.67 45.06
C PHE T 146 -9.81 -66.88 45.05
N ILE T 147 -10.41 -66.79 46.23
CA ILE T 147 -11.87 -66.78 46.39
C ILE T 147 -12.28 -65.34 46.65
N PRO T 148 -13.07 -64.72 45.76
CA PRO T 148 -13.50 -63.35 45.98
C PRO T 148 -14.55 -63.25 47.07
N ASP T 149 -14.70 -62.04 47.60
CA ASP T 149 -15.74 -61.78 48.59
C ASP T 149 -17.10 -61.80 47.91
N GLY T 150 -18.08 -62.40 48.60
CA GLY T 150 -19.38 -62.59 48.00
C GLY T 150 -19.51 -63.83 47.15
N GLU T 151 -18.48 -64.68 47.12
CA GLU T 151 -18.51 -65.94 46.40
C GLU T 151 -17.89 -67.03 47.28
N SER T 152 -18.06 -68.28 46.85
CA SER T 152 -17.51 -69.41 47.57
C SER T 152 -16.44 -70.17 46.79
N GLU T 153 -16.40 -70.05 45.47
CA GLU T 153 -15.47 -70.80 44.64
C GLU T 153 -14.17 -70.04 44.45
N THR T 154 -13.16 -70.78 44.00
CA THR T 154 -11.91 -70.17 43.58
C THR T 154 -12.05 -69.69 42.14
N PHE T 155 -11.18 -68.73 41.77
CA PHE T 155 -11.25 -68.09 40.45
C PHE T 155 -10.97 -69.03 39.30
N ALA T 156 -10.30 -70.16 39.54
CA ALA T 156 -10.15 -71.18 38.51
C ALA T 156 -11.46 -71.93 38.25
N GLU T 157 -12.43 -71.85 39.17
CA GLU T 157 -13.68 -72.58 39.04
C GLU T 157 -14.81 -71.77 38.40
N MET T 158 -14.63 -70.47 38.16
CA MET T 158 -15.67 -69.72 37.46
C MET T 158 -15.77 -70.05 35.98
N GLY T 159 -14.65 -70.21 35.28
CA GLY T 159 -14.77 -70.47 33.86
C GLY T 159 -14.82 -69.19 33.05
N ASP T 160 -16.02 -68.71 32.76
CA ASP T 160 -16.22 -67.47 32.01
C ASP T 160 -16.47 -66.27 32.91
N ARG T 161 -17.13 -66.45 34.07
CA ARG T 161 -17.44 -65.35 34.99
C ARG T 161 -16.20 -64.79 35.69
N LYS T 162 -15.07 -65.50 35.64
CA LYS T 162 -13.79 -64.97 36.10
C LYS T 162 -13.30 -63.86 35.19
N ASN T 163 -13.78 -63.82 33.95
CA ASN T 163 -13.52 -62.69 33.07
C ASN T 163 -14.54 -61.57 33.27
N GLU T 164 -15.50 -61.75 34.17
CA GLU T 164 -16.47 -60.72 34.50
C GLU T 164 -16.21 -60.06 35.84
N ILE T 165 -15.70 -60.79 36.83
CA ILE T 165 -15.58 -60.25 38.18
C ILE T 165 -14.13 -60.00 38.58
N SER T 166 -13.18 -60.08 37.65
CA SER T 166 -11.78 -59.91 38.02
C SER T 166 -11.41 -58.44 38.11
N MET T 167 -10.23 -58.20 38.71
CA MET T 167 -9.71 -56.85 38.79
C MET T 167 -9.16 -56.38 37.44
N ARG T 168 -8.71 -57.31 36.60
CA ARG T 168 -8.23 -56.92 35.28
C ARG T 168 -9.37 -56.58 34.36
N LYS T 169 -10.55 -57.15 34.61
CA LYS T 169 -11.76 -56.75 33.87
C LYS T 169 -12.14 -55.32 34.19
N LYS T 170 -12.05 -54.93 35.47
CA LYS T 170 -12.32 -53.55 35.85
C LYS T 170 -11.25 -52.61 35.31
N ALA T 171 -10.00 -53.07 35.26
CA ALA T 171 -8.91 -52.26 34.70
C ALA T 171 -9.08 -52.07 33.20
N PHE T 172 -9.50 -53.13 32.50
CA PHE T 172 -9.80 -53.03 31.07
C PHE T 172 -11.03 -52.17 30.81
N ASP T 173 -11.99 -52.18 31.73
CA ASP T 173 -13.15 -51.29 31.62
C ASP T 173 -12.74 -49.83 31.80
N LYS T 174 -11.82 -49.55 32.73
CA LYS T 174 -11.32 -48.20 32.92
C LYS T 174 -10.51 -47.74 31.72
N PHE T 175 -9.71 -48.65 31.15
CA PHE T 175 -8.98 -48.36 29.93
C PHE T 175 -9.92 -48.09 28.75
N LYS T 176 -11.00 -48.87 28.64
CA LYS T 176 -11.97 -48.72 27.57
C LYS T 176 -12.73 -47.40 27.69
N GLU T 177 -13.16 -47.05 28.90
CA GLU T 177 -13.84 -45.77 29.08
C GLU T 177 -12.89 -44.58 29.00
N TYR T 178 -11.57 -44.80 29.16
CA TYR T 178 -10.65 -43.74 28.79
C TYR T 178 -10.58 -43.57 27.29
N LEU T 179 -10.45 -44.67 26.55
CA LEU T 179 -10.25 -44.52 25.11
C LEU T 179 -11.54 -44.30 24.34
N LEU T 180 -12.70 -44.32 25.00
CA LEU T 180 -13.95 -44.11 24.29
C LEU T 180 -14.17 -42.66 23.86
N GLU T 181 -13.49 -41.70 24.49
CA GLU T 181 -13.60 -40.31 24.09
C GLU T 181 -12.53 -39.90 23.08
N GLY T 182 -11.73 -40.85 22.60
CA GLY T 182 -10.76 -40.58 21.57
C GLY T 182 -9.34 -40.34 22.03
N GLY T 183 -9.05 -40.48 23.32
CA GLY T 183 -7.71 -40.28 23.81
C GLY T 183 -7.33 -38.81 23.93
N LYS T 184 -8.02 -38.09 24.82
CA LYS T 184 -7.76 -36.67 25.03
C LYS T 184 -6.41 -36.43 25.71
N MET U 1 42.36 16.99 -41.66
CA MET U 1 42.36 15.68 -40.95
C MET U 1 43.65 14.92 -41.25
N ASN U 2 44.42 14.55 -40.22
CA ASN U 2 45.64 13.79 -40.38
C ASN U 2 45.31 12.41 -40.90
N ILE U 3 45.42 12.23 -42.22
CA ILE U 3 45.29 10.92 -42.86
C ILE U 3 46.68 10.51 -43.30
N ARG U 4 47.18 9.41 -42.76
CA ARG U 4 48.59 9.09 -42.90
C ARG U 4 48.88 8.34 -44.19
N PHE U 5 50.16 8.33 -44.56
CA PHE U 5 50.67 7.68 -45.75
C PHE U 5 51.90 6.88 -45.36
N ILE U 6 52.01 5.67 -45.88
CA ILE U 6 53.22 4.89 -45.67
C ILE U 6 53.98 4.85 -46.99
N THR U 7 54.94 5.77 -47.14
CA THR U 7 55.70 5.92 -48.37
C THR U 7 57.12 6.36 -48.01
N ARG U 8 58.10 5.76 -48.68
CA ARG U 8 59.50 6.14 -48.51
C ARG U 8 60.05 6.91 -49.71
N ASN U 9 59.16 7.52 -50.50
CA ASN U 9 59.56 8.29 -51.66
C ASN U 9 59.18 9.75 -51.41
N ARG U 10 60.18 10.64 -51.48
CA ARG U 10 59.93 12.07 -51.28
C ARG U 10 59.13 12.66 -52.44
N HIS U 11 59.29 12.08 -53.64
CA HIS U 11 58.53 12.52 -54.81
C HIS U 11 57.02 12.29 -54.63
N LYS U 12 56.65 11.15 -54.05
CA LYS U 12 55.24 10.86 -53.80
C LYS U 12 54.69 11.72 -52.67
N ILE U 13 55.54 12.05 -51.69
CA ILE U 13 55.17 12.95 -50.60
C ILE U 13 54.87 14.34 -51.13
N LYS U 14 55.75 14.87 -51.98
CA LYS U 14 55.54 16.19 -52.56
C LYS U 14 54.39 16.21 -53.56
N GLU U 15 54.18 15.09 -54.28
CA GLU U 15 53.07 15.00 -55.22
C GLU U 15 51.73 14.98 -54.51
N ILE U 16 51.62 14.23 -53.41
CA ILE U 16 50.37 14.24 -52.65
C ILE U 16 50.20 15.53 -51.85
N ASN U 17 51.29 16.21 -51.49
CA ASN U 17 51.12 17.51 -50.84
C ASN U 17 50.68 18.57 -51.83
N LYS U 18 51.10 18.43 -53.10
CA LYS U 18 50.63 19.35 -54.14
C LYS U 18 49.20 19.06 -54.53
N ILE U 19 48.83 17.78 -54.64
CA ILE U 19 47.49 17.41 -55.07
C ILE U 19 46.46 17.70 -53.99
N LEU U 20 46.75 17.32 -52.75
CA LEU U 20 45.81 17.51 -51.65
C LEU U 20 46.00 18.86 -50.95
N SER U 21 46.51 19.86 -51.66
CA SER U 21 46.66 21.19 -51.09
C SER U 21 45.29 21.87 -50.99
N GLY U 22 44.98 22.37 -49.80
CA GLY U 22 43.75 23.09 -49.58
C GLY U 22 42.49 22.25 -49.52
N THR U 23 42.62 20.93 -49.42
CA THR U 23 41.47 20.04 -49.37
C THR U 23 40.99 19.77 -47.96
N GLY U 24 41.62 20.40 -46.96
CA GLY U 24 41.24 20.23 -45.58
C GLY U 24 41.97 19.14 -44.83
N VAL U 25 42.66 18.24 -45.53
CA VAL U 25 43.37 17.15 -44.89
C VAL U 25 44.86 17.34 -45.08
N VAL U 26 45.63 16.79 -44.15
CA VAL U 26 47.09 16.84 -44.19
C VAL U 26 47.62 15.41 -44.22
N VAL U 27 48.53 15.15 -45.15
CA VAL U 27 49.12 13.83 -45.31
C VAL U 27 50.40 13.77 -44.48
N LEU U 28 50.47 12.81 -43.56
CA LEU U 28 51.65 12.60 -42.72
C LEU U 28 52.31 11.31 -43.17
N ALA U 29 53.58 11.41 -43.58
CA ALA U 29 54.30 10.24 -44.06
C ALA U 29 54.71 9.33 -42.90
N SER U 30 54.84 8.05 -43.21
CA SER U 30 55.31 7.06 -42.25
C SER U 30 56.60 6.45 -42.75
N GLU U 31 57.39 5.94 -41.81
CA GLU U 31 58.75 5.49 -42.09
C GLU U 31 58.92 3.98 -42.00
N HIS U 32 57.83 3.22 -41.99
CA HIS U 32 57.91 1.78 -41.90
C HIS U 32 58.14 1.16 -43.28
N SER U 33 58.09 -0.16 -43.35
CA SER U 33 58.25 -0.88 -44.60
C SER U 33 57.03 -1.77 -44.82
N ILE U 34 56.63 -1.89 -46.08
CA ILE U 34 55.53 -2.76 -46.47
C ILE U 34 56.08 -3.83 -47.39
N ASP U 35 55.96 -5.09 -46.97
CA ASP U 35 56.41 -6.22 -47.77
C ASP U 35 55.22 -6.70 -48.60
N GLU U 36 55.13 -6.22 -49.82
CA GLU U 36 54.03 -6.59 -50.70
C GLU U 36 54.34 -7.90 -51.39
N ILE U 37 53.38 -8.82 -51.36
CA ILE U 37 53.48 -10.02 -52.18
C ILE U 37 53.24 -9.65 -53.64
N GLN U 38 53.64 -10.54 -54.54
CA GLN U 38 53.59 -10.26 -55.97
C GLN U 38 52.52 -11.15 -56.61
N THR U 39 51.32 -10.60 -56.77
CA THR U 39 50.19 -11.30 -57.38
C THR U 39 49.73 -10.57 -58.64
N GLU U 40 49.05 -11.31 -59.51
CA GLU U 40 48.43 -10.70 -60.67
C GLU U 40 47.17 -9.93 -60.29
N ASN U 41 46.46 -10.42 -59.27
CA ASN U 41 45.20 -9.81 -58.85
C ASN U 41 45.63 -8.58 -58.07
N VAL U 42 45.41 -7.41 -58.66
CA VAL U 42 45.83 -6.16 -58.05
C VAL U 42 44.95 -5.82 -56.85
N HIS U 43 43.67 -6.25 -56.87
CA HIS U 43 42.74 -5.97 -55.77
C HIS U 43 43.16 -6.66 -54.47
N ALA U 44 43.65 -7.90 -54.57
CA ALA U 44 44.19 -8.58 -53.41
C ALA U 44 45.47 -7.92 -52.93
N LEU U 45 46.25 -7.36 -53.85
CA LEU U 45 47.50 -6.69 -53.49
C LEU U 45 47.23 -5.38 -52.75
N ILE U 46 46.26 -4.59 -53.22
CA ILE U 46 46.00 -3.30 -52.60
C ILE U 46 45.28 -3.53 -51.27
N LYS U 47 44.48 -4.60 -51.18
CA LYS U 47 43.87 -4.99 -49.91
C LYS U 47 44.91 -5.45 -48.91
N ASP U 48 45.90 -6.24 -49.37
CA ASP U 48 46.97 -6.73 -48.51
C ASP U 48 47.83 -5.59 -47.99
N LYS U 49 48.15 -4.63 -48.87
CA LYS U 49 48.97 -3.49 -48.47
C LYS U 49 48.22 -2.59 -47.49
N LEU U 50 46.91 -2.41 -47.69
CA LEU U 50 46.13 -1.60 -46.76
C LEU U 50 45.95 -2.30 -45.41
N LEU U 51 45.78 -3.63 -45.40
CA LEU U 51 45.68 -4.34 -44.13
C LEU U 51 47.01 -4.35 -43.38
N LYS U 52 48.13 -4.43 -44.08
CA LYS U 52 49.42 -4.33 -43.41
C LYS U 52 49.69 -2.92 -42.88
N ALA U 53 49.24 -1.89 -43.62
CA ALA U 53 49.37 -0.53 -43.13
C ALA U 53 48.52 -0.27 -41.89
N PHE U 54 47.27 -0.76 -41.90
CA PHE U 54 46.43 -0.59 -40.73
C PHE U 54 46.85 -1.49 -39.58
N LYS U 55 47.52 -2.61 -39.88
CA LYS U 55 48.13 -3.39 -38.81
C LYS U 55 49.31 -2.64 -38.20
N LEU U 56 50.01 -1.86 -39.01
CA LEU U 56 51.16 -1.11 -38.51
C LEU U 56 50.74 0.09 -37.65
N VAL U 57 49.72 0.85 -38.07
CA VAL U 57 49.42 2.06 -37.32
C VAL U 57 48.03 2.06 -36.69
N GLY U 58 47.01 1.55 -37.39
CA GLY U 58 45.67 1.56 -36.83
C GLY U 58 44.99 2.90 -36.81
N ARG U 59 45.34 3.78 -37.73
CA ARG U 59 44.75 5.11 -37.90
C ARG U 59 44.25 5.18 -39.33
N PRO U 60 43.32 6.14 -39.66
CA PRO U 60 42.83 6.24 -41.04
C PRO U 60 43.92 6.57 -42.07
N VAL U 61 44.22 5.60 -42.93
CA VAL U 61 45.34 5.69 -43.86
C VAL U 61 44.90 5.33 -45.27
N PHE U 62 45.80 5.62 -46.20
CA PHE U 62 45.68 5.26 -47.60
C PHE U 62 47.07 4.86 -48.08
N VAL U 63 47.13 3.96 -49.06
CA VAL U 63 48.37 3.54 -49.69
C VAL U 63 48.24 3.64 -51.20
N GLU U 64 49.37 3.48 -51.90
CA GLU U 64 49.50 3.73 -53.33
C GLU U 64 50.11 2.53 -54.05
N HIS U 65 49.60 2.24 -55.25
CA HIS U 65 50.22 1.29 -56.16
C HIS U 65 49.83 1.65 -57.58
N THR U 66 50.78 1.48 -58.52
CA THR U 66 50.56 1.81 -59.92
C THR U 66 51.24 0.77 -60.79
N GLY U 67 50.48 0.17 -61.70
CA GLY U 67 51.01 -0.85 -62.57
C GLY U 67 50.56 -0.65 -64.01
N LEU U 68 51.38 -1.16 -64.92
CA LEU U 68 51.11 -1.17 -66.35
C LEU U 68 50.46 -2.49 -66.74
N TYR U 69 49.70 -2.47 -67.82
CA TYR U 69 49.00 -3.66 -68.32
C TYR U 69 49.17 -3.69 -69.83
N ILE U 70 49.97 -4.64 -70.31
CA ILE U 70 50.27 -4.76 -71.72
C ILE U 70 49.09 -5.39 -72.44
N GLU U 71 48.72 -4.80 -73.58
CA GLU U 71 47.68 -5.39 -74.43
C GLU U 71 48.16 -6.71 -75.03
N SER U 72 49.44 -6.79 -75.40
CA SER U 72 49.99 -7.99 -76.00
C SER U 72 50.11 -9.13 -75.00
N LEU U 73 50.39 -8.81 -73.74
CA LEU U 73 50.57 -9.84 -72.72
C LEU U 73 49.27 -10.27 -72.06
N ASN U 74 48.11 -9.90 -72.66
CA ASN U 74 46.75 -10.19 -72.17
C ASN U 74 46.53 -9.70 -70.75
N GLY U 75 47.08 -8.52 -70.44
CA GLY U 75 46.99 -7.98 -69.10
C GLY U 75 47.77 -8.75 -68.07
N PHE U 76 48.99 -9.20 -68.41
CA PHE U 76 49.82 -9.91 -67.45
C PHE U 76 50.30 -9.03 -66.28
N PRO U 77 51.04 -7.89 -66.47
CA PRO U 77 51.60 -7.25 -65.29
C PRO U 77 50.61 -6.30 -64.62
N GLY U 78 51.06 -5.55 -63.63
CA GLY U 78 50.21 -4.58 -62.94
C GLY U 78 50.30 -4.60 -61.43
N GLY U 79 50.40 -5.80 -60.85
CA GLY U 79 50.72 -5.87 -59.44
C GLY U 79 52.19 -6.14 -59.19
N LEU U 80 52.93 -6.41 -60.26
CA LEU U 80 54.30 -6.89 -60.21
C LEU U 80 55.19 -6.12 -61.19
N THR U 81 54.76 -4.91 -61.56
CA THR U 81 55.52 -4.10 -62.51
C THR U 81 56.82 -3.56 -61.92
N GLN U 82 56.91 -3.44 -60.59
CA GLN U 82 58.16 -3.00 -59.96
C GLN U 82 59.25 -4.04 -60.15
N ILE U 83 58.95 -5.29 -59.86
CA ILE U 83 59.99 -6.31 -60.00
C ILE U 83 60.17 -6.67 -61.48
N PHE U 84 59.13 -6.46 -62.30
CA PHE U 84 59.25 -6.61 -63.74
C PHE U 84 60.20 -5.57 -64.32
N TRP U 85 60.07 -4.32 -63.86
CA TRP U 85 60.95 -3.25 -64.30
C TRP U 85 62.37 -3.43 -63.76
N ASP U 86 62.49 -3.86 -62.50
CA ASP U 86 63.80 -4.07 -61.89
C ASP U 86 64.55 -5.25 -62.50
N LYS U 87 63.81 -6.24 -63.03
CA LYS U 87 64.47 -7.35 -63.71
C LYS U 87 64.77 -7.03 -65.17
N LEU U 88 63.90 -6.25 -65.83
CA LEU U 88 64.07 -6.04 -67.26
C LEU U 88 64.93 -4.82 -67.60
N GLN U 89 64.65 -3.67 -66.96
CA GLN U 89 65.22 -2.34 -67.19
C GLN U 89 64.89 -1.77 -68.57
N ALA U 90 65.26 -0.50 -68.76
CA ALA U 90 64.67 0.34 -69.80
C ALA U 90 65.07 -0.10 -71.20
N ASP U 91 66.37 -0.34 -71.42
CA ASP U 91 66.88 -0.65 -72.77
C ASP U 91 66.39 -2.02 -73.21
N LYS U 92 66.45 -3.01 -72.32
CA LYS U 92 66.05 -4.37 -72.69
C LYS U 92 64.53 -4.48 -72.82
N PHE U 93 63.77 -3.76 -71.98
CA PHE U 93 62.32 -3.84 -72.07
C PHE U 93 61.80 -3.07 -73.28
N SER U 94 62.46 -1.97 -73.65
CA SER U 94 62.11 -1.25 -74.87
C SER U 94 62.52 -2.04 -76.11
N GLN U 95 63.60 -2.81 -76.02
CA GLN U 95 63.97 -3.70 -77.13
C GLN U 95 62.96 -4.84 -77.27
N LEU U 96 62.47 -5.36 -76.15
CA LEU U 96 61.59 -6.52 -76.21
C LEU U 96 60.17 -6.15 -76.61
N LEU U 97 59.68 -4.97 -76.24
CA LEU U 97 58.30 -4.63 -76.57
C LEU U 97 58.09 -3.31 -77.30
N GLY U 98 59.05 -2.37 -77.26
CA GLY U 98 58.86 -1.11 -77.97
C GLY U 98 59.06 -1.23 -79.46
N THR U 99 59.76 -2.26 -79.92
CA THR U 99 59.92 -2.55 -81.33
C THR U 99 58.89 -3.54 -81.84
N SER U 100 57.96 -3.97 -80.99
CA SER U 100 56.97 -4.96 -81.35
C SER U 100 55.88 -4.35 -82.22
N GLU U 101 55.05 -5.24 -82.79
CA GLU U 101 53.96 -4.81 -83.65
C GLU U 101 52.83 -4.16 -82.87
N ASN U 102 52.67 -4.53 -81.59
CA ASN U 102 51.61 -4.00 -80.73
C ASN U 102 52.28 -3.29 -79.57
N PRO U 103 52.51 -1.98 -79.68
CA PRO U 103 53.07 -1.21 -78.57
C PRO U 103 52.05 -0.65 -77.60
N ARG U 104 50.76 -0.90 -77.81
CA ARG U 104 49.73 -0.31 -76.97
C ARG U 104 49.65 -1.01 -75.62
N LEU U 105 49.36 -0.22 -74.58
CA LEU U 105 49.21 -0.73 -73.22
C LEU U 105 48.38 0.28 -72.43
N VAL U 106 48.06 -0.09 -71.18
CA VAL U 106 47.27 0.74 -70.30
C VAL U 106 47.90 0.72 -68.91
N ALA U 107 48.00 1.89 -68.29
CA ALA U 107 48.53 2.04 -66.93
C ALA U 107 47.42 2.52 -66.00
N LYS U 108 47.33 1.93 -64.82
CA LYS U 108 46.34 2.30 -63.82
C LYS U 108 46.99 2.55 -62.48
N THR U 109 46.39 3.45 -61.71
CA THR U 109 46.75 3.70 -60.32
C THR U 109 45.55 3.36 -59.46
N ILE U 110 45.72 2.43 -58.52
CA ILE U 110 44.64 2.02 -57.63
C ILE U 110 45.01 2.45 -56.22
N ILE U 111 44.12 3.22 -55.59
CA ILE U 111 44.36 3.79 -54.27
C ILE U 111 43.39 3.12 -53.30
N GLY U 112 43.96 2.51 -52.26
CA GLY U 112 43.16 1.89 -51.24
C GLY U 112 43.16 2.72 -49.97
N TYR U 113 42.00 3.28 -49.62
CA TYR U 113 41.89 4.15 -48.46
C TYR U 113 41.02 3.50 -47.41
N CYS U 114 41.48 3.55 -46.17
CA CYS U 114 40.74 3.05 -45.02
C CYS U 114 40.55 4.19 -44.02
N ASP U 115 39.35 4.27 -43.46
CA ASP U 115 39.01 5.30 -42.48
C ASP U 115 38.72 4.70 -41.10
N SER U 116 39.27 3.51 -40.84
CA SER U 116 39.02 2.62 -39.70
C SER U 116 37.57 2.15 -39.62
N MET U 117 36.80 2.28 -40.71
CA MET U 117 35.42 1.85 -40.74
C MET U 117 35.17 0.85 -41.85
N LYS U 118 35.52 1.21 -43.10
CA LYS U 118 35.32 0.39 -44.30
C LYS U 118 36.60 0.35 -45.13
N ILE U 119 36.51 -0.17 -46.34
CA ILE U 119 37.58 -0.08 -47.33
C ILE U 119 37.07 0.74 -48.50
N TYR U 120 37.99 1.36 -49.24
CA TYR U 120 37.64 2.19 -50.39
C TYR U 120 38.68 2.02 -51.48
N ILE U 121 38.23 1.86 -52.71
CA ILE U 121 39.10 1.66 -53.86
C ILE U 121 38.82 2.77 -54.87
N PHE U 122 39.88 3.46 -55.29
CA PHE U 122 39.80 4.52 -56.28
C PHE U 122 40.73 4.19 -57.43
N GLU U 123 40.22 4.27 -58.66
CA GLU U 123 40.97 3.87 -59.84
C GLU U 123 41.11 5.03 -60.82
N GLY U 124 42.32 5.26 -61.27
CA GLY U 124 42.58 6.20 -62.36
C GLY U 124 43.45 5.52 -63.39
N GLU U 125 43.08 5.67 -64.65
CA GLU U 125 43.73 4.94 -65.73
C GLU U 125 44.20 5.88 -66.83
N THR U 126 45.31 5.51 -67.46
CA THR U 126 45.86 6.24 -68.60
C THR U 126 46.48 5.25 -69.56
N GLN U 127 45.99 5.22 -70.79
CA GLN U 127 46.53 4.35 -71.82
C GLN U 127 47.71 5.03 -72.51
N GLY U 128 48.46 4.24 -73.28
CA GLY U 128 49.60 4.81 -73.98
C GLY U 128 50.37 3.73 -74.71
N THR U 129 51.50 4.15 -75.28
CA THR U 129 52.36 3.29 -76.08
C THR U 129 53.77 3.25 -75.48
N ILE U 130 54.43 2.11 -75.65
CA ILE U 130 55.81 1.97 -75.22
C ILE U 130 56.73 2.58 -76.27
N SER U 131 57.63 3.45 -75.83
CA SER U 131 58.62 4.01 -76.73
C SER U 131 59.65 2.93 -77.09
N PRO U 132 60.05 2.82 -78.36
CA PRO U 132 61.08 1.84 -78.73
C PRO U 132 62.45 2.16 -78.17
N VAL U 133 62.73 3.42 -77.86
CA VAL U 133 64.00 3.81 -77.23
C VAL U 133 63.64 4.56 -75.94
N PRO U 134 64.37 4.37 -74.86
CA PRO U 134 64.06 5.12 -73.63
C PRO U 134 64.51 6.57 -73.75
N LYS U 135 63.58 7.49 -73.54
CA LYS U 135 63.82 8.92 -73.73
C LYS U 135 63.64 9.68 -72.43
N GLY U 136 64.67 10.46 -72.06
CA GLY U 136 64.60 11.28 -70.87
C GLY U 136 65.41 10.72 -69.72
N PRO U 137 65.11 11.14 -68.50
CA PRO U 137 65.82 10.60 -67.34
C PRO U 137 65.29 9.23 -66.93
N ARG U 138 66.21 8.39 -66.48
CA ARG U 138 65.90 7.03 -66.02
C ARG U 138 65.56 6.98 -64.54
N ASP U 139 65.41 8.14 -63.88
CA ASP U 139 65.40 8.22 -62.43
C ASP U 139 64.12 7.70 -61.79
N PHE U 140 62.98 7.84 -62.46
CA PHE U 140 61.68 7.58 -61.84
C PHE U 140 60.95 6.51 -62.64
N GLN U 141 61.24 5.24 -62.34
CA GLN U 141 60.74 4.00 -62.97
C GLN U 141 60.56 4.08 -64.49
N TRP U 142 59.41 3.61 -65.00
CA TRP U 142 59.14 3.52 -66.43
C TRP U 142 58.64 4.81 -67.06
N ASP U 143 58.88 5.96 -66.42
CA ASP U 143 58.40 7.23 -66.95
C ASP U 143 59.12 7.67 -68.21
N CYS U 144 60.32 7.14 -68.46
CA CYS U 144 61.07 7.48 -69.65
C CYS U 144 60.65 6.68 -70.87
N ILE U 145 59.69 5.76 -70.75
CA ILE U 145 59.34 4.88 -71.87
C ILE U 145 57.88 5.08 -72.23
N PHE U 146 57.04 5.43 -71.26
CA PHE U 146 55.60 5.49 -71.46
C PHE U 146 55.25 6.76 -72.24
N ILE U 147 54.94 6.59 -73.52
CA ILE U 147 54.37 7.67 -74.33
C ILE U 147 52.86 7.56 -74.24
N PRO U 148 52.18 8.49 -73.58
CA PRO U 148 50.73 8.39 -73.43
C PRO U 148 50.02 8.83 -74.70
N ASP U 149 48.70 8.62 -74.71
CA ASP U 149 47.88 9.09 -75.82
C ASP U 149 47.72 10.59 -75.76
N GLY U 150 47.80 11.23 -76.94
CA GLY U 150 47.70 12.67 -77.04
C GLY U 150 49.01 13.41 -76.87
N GLU U 151 50.10 12.72 -76.54
CA GLU U 151 51.41 13.33 -76.38
C GLU U 151 52.43 12.57 -77.20
N SER U 152 53.51 13.27 -77.56
CA SER U 152 54.64 12.66 -78.25
C SER U 152 55.84 12.45 -77.35
N GLU U 153 55.77 12.90 -76.10
CA GLU U 153 56.86 12.80 -75.16
C GLU U 153 56.52 11.80 -74.07
N THR U 154 57.56 11.24 -73.45
CA THR U 154 57.35 10.31 -72.37
C THR U 154 57.03 11.06 -71.07
N PHE U 155 56.65 10.29 -70.05
CA PHE U 155 56.30 10.87 -68.75
C PHE U 155 57.50 11.56 -68.09
N ALA U 156 58.69 10.97 -68.23
CA ALA U 156 59.89 11.62 -67.71
C ALA U 156 60.37 12.76 -68.60
N GLU U 157 59.92 12.81 -69.85
CA GLU U 157 60.34 13.89 -70.74
C GLU U 157 59.63 15.19 -70.41
N MET U 158 58.30 15.15 -70.33
CA MET U 158 57.54 16.37 -70.05
C MET U 158 57.62 16.81 -68.58
N GLY U 159 57.97 15.92 -67.66
CA GLY U 159 58.27 16.35 -66.30
C GLY U 159 57.12 16.84 -65.44
N ASP U 160 57.06 18.17 -65.25
CA ASP U 160 56.12 18.76 -64.30
C ASP U 160 54.69 18.78 -64.83
N ARG U 161 54.50 18.87 -66.15
CA ARG U 161 53.15 18.86 -66.71
C ARG U 161 52.61 17.45 -66.93
N LYS U 162 53.37 16.42 -66.51
CA LYS U 162 52.81 15.08 -66.38
C LYS U 162 51.74 15.03 -65.30
N ASN U 163 51.87 15.88 -64.26
CA ASN U 163 51.02 15.99 -63.07
C ASN U 163 49.58 16.46 -63.37
N GLU U 164 49.16 16.68 -64.62
CA GLU U 164 47.78 16.95 -64.95
C GLU U 164 47.15 15.86 -65.80
N ILE U 165 47.94 15.04 -66.47
CA ILE U 165 47.46 14.00 -67.37
C ILE U 165 47.73 12.60 -66.85
N SER U 166 48.47 12.47 -65.75
CA SER U 166 48.83 11.16 -65.24
C SER U 166 47.64 10.47 -64.58
N MET U 167 47.66 9.14 -64.59
CA MET U 167 46.60 8.36 -63.96
C MET U 167 46.68 8.42 -62.45
N ARG U 168 47.87 8.71 -61.91
CA ARG U 168 48.01 8.96 -60.48
C ARG U 168 47.23 10.21 -60.08
N LYS U 169 47.27 11.24 -60.93
CA LYS U 169 46.51 12.46 -60.69
C LYS U 169 45.01 12.20 -60.81
N LYS U 170 44.59 11.32 -61.73
CA LYS U 170 43.16 11.00 -61.87
C LYS U 170 42.64 10.22 -60.67
N ALA U 171 43.43 9.25 -60.19
CA ALA U 171 43.03 8.48 -59.01
C ALA U 171 43.01 9.37 -57.75
N PHE U 172 43.97 10.27 -57.62
CA PHE U 172 43.96 11.18 -56.48
C PHE U 172 42.91 12.26 -56.63
N ASP U 173 42.48 12.57 -57.85
CA ASP U 173 41.36 13.49 -58.04
C ASP U 173 40.06 12.83 -57.63
N LYS U 174 39.91 11.53 -57.90
CA LYS U 174 38.74 10.81 -57.39
C LYS U 174 38.80 10.66 -55.88
N PHE U 175 40.01 10.54 -55.32
CA PHE U 175 40.19 10.54 -53.87
C PHE U 175 39.78 11.88 -53.26
N LYS U 176 40.16 12.98 -53.91
CA LYS U 176 39.77 14.31 -53.44
C LYS U 176 38.26 14.53 -53.63
N GLU U 177 37.68 13.92 -54.67
CA GLU U 177 36.24 13.95 -54.89
C GLU U 177 35.49 13.26 -53.75
N TYR U 178 36.00 12.11 -53.31
CA TYR U 178 35.39 11.43 -52.17
C TYR U 178 35.62 12.21 -50.87
N LEU U 179 36.82 12.77 -50.70
CA LEU U 179 37.16 13.44 -49.45
C LEU U 179 36.44 14.78 -49.28
N LEU U 180 36.11 15.43 -50.39
CA LEU U 180 35.46 16.74 -50.31
C LEU U 180 33.97 16.66 -50.05
N GLU U 181 33.39 15.46 -50.05
CA GLU U 181 31.98 15.28 -49.73
C GLU U 181 31.75 15.02 -48.25
N GLY U 182 32.76 15.23 -47.42
CA GLY U 182 32.67 14.92 -46.01
C GLY U 182 33.09 13.51 -45.66
N GLY U 183 33.48 12.70 -46.64
CA GLY U 183 33.86 11.32 -46.40
C GLY U 183 32.74 10.41 -45.94
N LYS U 184 31.59 10.48 -46.59
CA LYS U 184 30.42 9.70 -46.20
C LYS U 184 30.57 8.20 -46.49
N MET V 1 60.28 -46.97 -44.71
CA MET V 1 60.04 -45.54 -44.60
C MET V 1 59.11 -45.06 -45.70
N ASN V 2 57.98 -44.47 -45.31
CA ASN V 2 57.01 -43.92 -46.24
C ASN V 2 57.15 -42.40 -46.26
N ILE V 3 57.13 -41.82 -47.45
CA ILE V 3 57.27 -40.39 -47.62
C ILE V 3 55.98 -39.85 -48.22
N ARG V 4 55.38 -38.88 -47.55
CA ARG V 4 54.17 -38.27 -48.09
C ARG V 4 54.52 -37.30 -49.21
N PHE V 5 53.52 -36.99 -50.03
CA PHE V 5 53.68 -36.05 -51.12
C PHE V 5 52.34 -35.36 -51.33
N ILE V 6 52.36 -34.03 -51.40
CA ILE V 6 51.15 -33.25 -51.62
C ILE V 6 51.16 -32.77 -53.05
N THR V 7 50.16 -33.21 -53.82
CA THR V 7 50.02 -32.80 -55.21
C THR V 7 48.57 -32.90 -55.64
N ARG V 8 48.24 -32.17 -56.69
CA ARG V 8 46.97 -32.33 -57.38
C ARG V 8 47.13 -32.97 -58.74
N ASN V 9 48.37 -33.27 -59.15
CA ASN V 9 48.64 -34.01 -60.38
C ASN V 9 48.71 -35.48 -60.01
N ARG V 10 47.65 -36.22 -60.35
CA ARG V 10 47.55 -37.63 -59.99
C ARG V 10 48.53 -38.49 -60.80
N HIS V 11 48.93 -38.00 -61.98
CA HIS V 11 49.82 -38.74 -62.86
C HIS V 11 51.23 -38.86 -62.29
N LYS V 12 51.62 -37.92 -61.43
CA LYS V 12 52.99 -37.85 -60.92
C LYS V 12 53.34 -38.97 -59.93
N ILE V 13 52.34 -39.60 -59.31
CA ILE V 13 52.59 -40.56 -58.23
C ILE V 13 53.23 -41.84 -58.76
N LYS V 14 52.71 -42.37 -59.87
CA LYS V 14 53.22 -43.62 -60.44
C LYS V 14 54.63 -43.44 -60.98
N GLU V 15 54.91 -42.33 -61.65
CA GLU V 15 56.26 -42.11 -62.15
C GLU V 15 57.24 -41.78 -61.04
N ILE V 16 56.78 -41.16 -59.95
CA ILE V 16 57.66 -40.89 -58.82
C ILE V 16 58.01 -42.19 -58.10
N ASN V 17 57.02 -43.08 -57.92
CA ASN V 17 57.31 -44.38 -57.31
C ASN V 17 58.10 -45.30 -58.22
N LYS V 18 57.99 -45.13 -59.54
CA LYS V 18 58.85 -45.90 -60.44
C LYS V 18 60.25 -45.30 -60.54
N ILE V 19 60.41 -44.00 -60.25
CA ILE V 19 61.74 -43.42 -60.16
C ILE V 19 62.44 -43.92 -58.91
N LEU V 20 61.72 -43.93 -57.78
CA LEU V 20 62.26 -44.39 -56.52
C LEU V 20 62.03 -45.88 -56.29
N SER V 21 61.76 -46.64 -57.36
CA SER V 21 61.58 -48.08 -57.24
C SER V 21 62.92 -48.76 -56.97
N GLY V 22 62.90 -49.72 -56.05
CA GLY V 22 64.10 -50.41 -55.63
C GLY V 22 64.87 -49.73 -54.51
N THR V 23 64.46 -48.53 -54.12
CA THR V 23 65.15 -47.82 -53.05
C THR V 23 64.77 -48.38 -51.68
N GLY V 24 63.64 -49.06 -51.59
CA GLY V 24 63.12 -49.52 -50.32
C GLY V 24 62.24 -48.52 -49.63
N VAL V 25 61.98 -47.38 -50.26
CA VAL V 25 61.16 -46.32 -49.69
C VAL V 25 60.03 -46.07 -50.69
N VAL V 26 58.80 -46.12 -50.21
CA VAL V 26 57.64 -45.87 -51.05
C VAL V 26 57.21 -44.42 -50.88
N VAL V 27 56.39 -43.94 -51.80
CA VAL V 27 55.80 -42.62 -51.71
C VAL V 27 54.29 -42.79 -51.66
N LEU V 28 53.69 -42.43 -50.54
CA LEU V 28 52.25 -42.57 -50.38
C LEU V 28 51.53 -41.38 -50.98
N ALA V 29 50.35 -41.65 -51.52
CA ALA V 29 49.56 -40.63 -52.19
C ALA V 29 48.84 -39.76 -51.18
N SER V 30 48.83 -38.45 -51.45
CA SER V 30 48.05 -37.50 -50.68
C SER V 30 47.72 -36.34 -51.60
N GLU V 31 46.48 -35.86 -51.52
CA GLU V 31 46.02 -34.79 -52.41
C GLU V 31 45.43 -33.67 -51.58
N HIS V 32 46.14 -32.54 -51.54
CA HIS V 32 45.67 -31.34 -50.89
C HIS V 32 46.07 -30.15 -51.73
N SER V 33 45.34 -29.06 -51.58
CA SER V 33 45.61 -27.83 -52.32
C SER V 33 46.48 -26.92 -51.46
N ILE V 34 47.70 -26.66 -51.91
CA ILE V 34 48.62 -25.76 -51.23
C ILE V 34 48.85 -24.56 -52.12
N ASP V 35 48.47 -23.38 -51.64
CA ASP V 35 48.78 -22.16 -52.37
C ASP V 35 50.26 -21.83 -52.22
N GLU V 36 50.83 -21.20 -53.24
CA GLU V 36 52.24 -20.82 -53.25
C GLU V 36 52.35 -19.31 -53.35
N ILE V 37 53.20 -18.74 -52.51
CA ILE V 37 53.47 -17.31 -52.60
C ILE V 37 54.34 -17.05 -53.81
N GLN V 38 53.86 -16.20 -54.72
CA GLN V 38 54.50 -16.00 -56.02
C GLN V 38 55.59 -14.94 -55.90
N THR V 39 56.72 -15.35 -55.32
CA THR V 39 57.92 -14.56 -55.26
C THR V 39 58.98 -15.22 -56.13
N GLU V 40 59.89 -14.41 -56.67
CA GLU V 40 60.86 -14.91 -57.64
C GLU V 40 61.96 -15.75 -56.99
N ASN V 41 62.18 -15.60 -55.69
CA ASN V 41 63.14 -16.46 -55.00
C ASN V 41 62.50 -17.83 -54.83
N VAL V 42 62.92 -18.78 -55.68
CA VAL V 42 62.34 -20.12 -55.66
C VAL V 42 62.76 -20.90 -54.42
N HIS V 43 63.87 -20.50 -53.79
CA HIS V 43 64.24 -21.07 -52.49
C HIS V 43 63.22 -20.73 -51.42
N ALA V 44 62.76 -19.48 -51.41
CA ALA V 44 61.77 -19.05 -50.42
C ALA V 44 60.42 -19.66 -50.70
N LEU V 45 60.06 -19.81 -51.98
CA LEU V 45 58.80 -20.45 -52.37
C LEU V 45 58.80 -21.92 -52.00
N ILE V 46 59.92 -22.62 -52.21
CA ILE V 46 60.03 -24.02 -51.88
C ILE V 46 60.03 -24.21 -50.36
N LYS V 47 60.69 -23.31 -49.63
CA LYS V 47 60.71 -23.39 -48.18
C LYS V 47 59.33 -23.13 -47.57
N ASP V 48 58.59 -22.17 -48.13
CA ASP V 48 57.25 -21.89 -47.62
C ASP V 48 56.27 -23.01 -47.99
N LYS V 49 56.43 -23.58 -49.19
CA LYS V 49 55.57 -24.70 -49.60
C LYS V 49 55.85 -25.95 -48.78
N LEU V 50 57.12 -26.18 -48.43
CA LEU V 50 57.46 -27.32 -47.59
C LEU V 50 57.01 -27.11 -46.16
N LEU V 51 57.04 -25.86 -45.67
CA LEU V 51 56.54 -25.57 -44.34
C LEU V 51 55.02 -25.75 -44.27
N LYS V 52 54.31 -25.34 -45.34
CA LYS V 52 52.87 -25.57 -45.41
C LYS V 52 52.54 -27.06 -45.48
N ALA V 53 53.33 -27.82 -46.24
CA ALA V 53 53.12 -29.26 -46.34
C ALA V 53 53.39 -29.97 -45.02
N PHE V 54 54.46 -29.58 -44.32
CA PHE V 54 54.76 -30.19 -43.03
C PHE V 54 53.79 -29.76 -41.96
N LYS V 55 53.22 -28.55 -42.06
CA LYS V 55 52.14 -28.19 -41.17
C LYS V 55 50.88 -28.98 -41.49
N LEU V 56 50.71 -29.37 -42.76
CA LEU V 56 49.54 -30.15 -43.13
C LEU V 56 49.63 -31.60 -42.66
N VAL V 57 50.78 -32.25 -42.84
CA VAL V 57 50.88 -33.68 -42.60
C VAL V 57 51.69 -34.01 -41.35
N GLY V 58 52.76 -33.27 -41.06
CA GLY V 58 53.58 -33.61 -39.91
C GLY V 58 54.39 -34.89 -40.04
N ARG V 59 54.59 -35.36 -41.26
CA ARG V 59 55.29 -36.60 -41.54
C ARG V 59 56.42 -36.26 -42.51
N PRO V 60 57.34 -37.20 -42.83
CA PRO V 60 58.31 -36.92 -43.90
C PRO V 60 57.67 -36.67 -45.26
N VAL V 61 57.82 -35.43 -45.75
CA VAL V 61 57.13 -34.98 -46.95
C VAL V 61 58.10 -34.16 -47.79
N PHE V 62 58.02 -34.31 -49.11
CA PHE V 62 58.77 -33.49 -50.05
C PHE V 62 57.80 -32.73 -50.94
N VAL V 63 58.32 -31.69 -51.61
CA VAL V 63 57.56 -30.92 -52.57
C VAL V 63 58.43 -30.68 -53.80
N GLU V 64 57.78 -30.39 -54.92
CA GLU V 64 58.48 -30.21 -56.18
C GLU V 64 57.93 -29.00 -56.92
N HIS V 65 58.82 -28.11 -57.36
CA HIS V 65 58.47 -26.96 -58.19
C HIS V 65 59.52 -26.79 -59.27
N THR V 66 59.07 -26.46 -60.48
CA THR V 66 59.95 -26.31 -61.64
C THR V 66 59.83 -24.90 -62.20
N GLY V 67 60.97 -24.29 -62.50
CA GLY V 67 60.98 -22.94 -63.05
C GLY V 67 62.01 -22.79 -64.14
N LEU V 68 61.91 -21.67 -64.86
CA LEU V 68 62.80 -21.35 -65.97
C LEU V 68 63.68 -20.15 -65.64
N TYR V 69 64.75 -20.00 -66.42
CA TYR V 69 65.78 -18.98 -66.20
C TYR V 69 66.31 -18.38 -67.50
N ILE V 70 65.42 -17.83 -68.34
CA ILE V 70 65.84 -17.15 -69.57
C ILE V 70 66.70 -15.94 -69.23
N GLU V 71 68.00 -16.04 -69.56
CA GLU V 71 68.91 -14.92 -69.36
C GLU V 71 68.75 -13.85 -70.43
N SER V 72 68.06 -14.16 -71.53
CA SER V 72 67.69 -13.11 -72.49
C SER V 72 66.61 -12.22 -71.91
N LEU V 73 65.76 -12.77 -71.05
CA LEU V 73 64.79 -11.98 -70.30
C LEU V 73 65.39 -11.34 -69.06
N ASN V 74 66.68 -11.59 -68.80
CA ASN V 74 67.44 -11.13 -67.64
C ASN V 74 66.74 -11.56 -66.35
N GLY V 75 66.62 -12.87 -66.19
CA GLY V 75 65.86 -13.40 -65.10
C GLY V 75 64.37 -13.28 -65.36
N PHE V 76 63.59 -13.43 -64.28
CA PHE V 76 62.11 -13.30 -64.35
C PHE V 76 61.27 -14.41 -64.97
N PRO V 77 61.79 -15.66 -64.99
CA PRO V 77 60.90 -16.71 -65.47
C PRO V 77 60.93 -17.79 -64.41
N GLY V 78 61.28 -17.45 -63.18
CA GLY V 78 61.44 -18.50 -62.19
C GLY V 78 60.33 -18.69 -61.18
N GLY V 79 60.12 -17.69 -60.32
CA GLY V 79 59.12 -17.83 -59.29
C GLY V 79 57.71 -17.64 -59.74
N LEU V 80 57.49 -17.22 -60.98
CA LEU V 80 56.16 -17.00 -61.54
C LEU V 80 56.03 -17.67 -62.90
N THR V 81 56.50 -18.93 -62.97
CA THR V 81 56.48 -19.68 -64.22
C THR V 81 55.04 -20.01 -64.65
N GLN V 82 54.22 -20.42 -63.68
CA GLN V 82 52.80 -20.68 -63.95
C GLN V 82 52.07 -19.41 -64.32
N ILE V 83 52.42 -18.30 -63.66
CA ILE V 83 51.82 -16.98 -63.89
C ILE V 83 52.11 -16.50 -65.30
N PHE V 84 53.34 -16.71 -65.76
CA PHE V 84 53.67 -16.47 -67.16
C PHE V 84 52.91 -17.40 -68.09
N TRP V 85 52.80 -18.67 -67.73
CA TRP V 85 52.36 -19.68 -68.67
C TRP V 85 50.88 -19.55 -69.02
N ASP V 86 50.01 -19.35 -68.00
CA ASP V 86 48.58 -19.25 -68.32
C ASP V 86 48.24 -17.92 -68.98
N LYS V 87 49.02 -16.87 -68.71
CA LYS V 87 48.74 -15.58 -69.32
C LYS V 87 49.38 -15.40 -70.68
N LEU V 88 50.36 -16.23 -71.04
CA LEU V 88 51.05 -16.07 -72.31
C LEU V 88 50.75 -17.17 -73.33
N GLN V 89 50.85 -18.45 -72.93
CA GLN V 89 50.75 -19.65 -73.77
C GLN V 89 51.82 -19.75 -74.86
N ALA V 90 51.80 -20.88 -75.57
CA ALA V 90 52.96 -21.35 -76.31
C ALA V 90 53.22 -20.56 -77.59
N ASP V 91 52.16 -20.17 -78.32
CA ASP V 91 52.36 -19.46 -79.57
C ASP V 91 52.89 -18.05 -79.35
N LYS V 92 52.35 -17.35 -78.36
CA LYS V 92 52.82 -16.02 -78.02
C LYS V 92 54.21 -16.08 -77.38
N PHE V 93 54.47 -17.14 -76.60
CA PHE V 93 55.80 -17.34 -76.03
C PHE V 93 56.84 -17.62 -77.10
N SER V 94 56.46 -18.40 -78.13
CA SER V 94 57.38 -18.71 -79.22
C SER V 94 57.67 -17.51 -80.08
N GLN V 95 56.65 -16.69 -80.38
CA GLN V 95 56.94 -15.50 -81.17
C GLN V 95 57.66 -14.44 -80.35
N LEU V 96 57.49 -14.43 -79.02
CA LEU V 96 58.16 -13.43 -78.21
C LEU V 96 59.61 -13.79 -77.94
N LEU V 97 59.91 -15.06 -77.68
CA LEU V 97 61.25 -15.45 -77.26
C LEU V 97 61.89 -16.54 -78.10
N GLY V 98 61.10 -17.43 -78.73
CA GLY V 98 61.69 -18.43 -79.60
C GLY V 98 62.13 -17.86 -80.94
N THR V 99 61.44 -16.82 -81.43
CA THR V 99 61.79 -16.19 -82.69
C THR V 99 62.80 -15.07 -82.53
N SER V 100 63.20 -14.74 -81.30
CA SER V 100 64.18 -13.70 -81.07
C SER V 100 65.59 -14.25 -81.33
N GLU V 101 66.59 -13.37 -81.19
CA GLU V 101 67.96 -13.75 -81.49
C GLU V 101 68.55 -14.67 -80.43
N ASN V 102 68.14 -14.51 -79.17
CA ASN V 102 68.66 -15.31 -78.07
C ASN V 102 67.53 -16.09 -77.42
N PRO V 103 67.28 -17.33 -77.83
CA PRO V 103 66.30 -18.18 -77.15
C PRO V 103 66.89 -19.05 -76.05
N ARG V 104 68.12 -18.76 -75.60
CA ARG V 104 68.77 -19.60 -74.60
C ARG V 104 68.12 -19.42 -73.23
N LEU V 105 67.81 -20.54 -72.57
CA LEU V 105 67.26 -20.50 -71.22
C LEU V 105 67.80 -21.67 -70.43
N VAL V 106 67.57 -21.60 -69.12
CA VAL V 106 67.98 -22.61 -68.15
C VAL V 106 66.73 -23.05 -67.40
N ALA V 107 66.51 -24.36 -67.28
CA ALA V 107 65.40 -24.87 -66.48
C ALA V 107 65.94 -25.77 -65.38
N LYS V 108 65.71 -25.38 -64.13
CA LYS V 108 65.99 -26.22 -62.97
C LYS V 108 64.69 -26.43 -62.22
N THR V 109 64.57 -27.58 -61.57
CA THR V 109 63.50 -27.81 -60.60
C THR V 109 64.12 -27.98 -59.22
N ILE V 110 63.37 -27.59 -58.20
CA ILE V 110 63.83 -27.66 -56.83
C ILE V 110 62.95 -28.65 -56.08
N ILE V 111 63.57 -29.71 -55.55
CA ILE V 111 62.87 -30.68 -54.73
C ILE V 111 63.24 -30.37 -53.28
N GLY V 112 62.26 -29.89 -52.52
CA GLY V 112 62.48 -29.57 -51.14
C GLY V 112 61.96 -30.67 -50.25
N TYR V 113 62.87 -31.44 -49.65
CA TYR V 113 62.51 -32.62 -48.88
C TYR V 113 62.63 -32.33 -47.39
N CYS V 114 61.62 -32.74 -46.65
CA CYS V 114 61.61 -32.66 -45.19
C CYS V 114 61.43 -34.06 -44.64
N ASP V 115 62.22 -34.41 -43.62
CA ASP V 115 62.13 -35.69 -42.95
C ASP V 115 61.74 -35.54 -41.49
N SER V 116 61.00 -34.46 -41.19
CA SER V 116 60.58 -33.97 -39.87
C SER V 116 61.76 -33.57 -38.98
N MET V 117 62.96 -33.46 -39.54
CA MET V 117 64.16 -33.06 -38.81
C MET V 117 64.83 -31.84 -39.43
N LYS V 118 65.12 -31.90 -40.74
CA LYS V 118 65.79 -30.82 -41.46
C LYS V 118 65.05 -30.57 -42.76
N ILE V 119 65.49 -29.54 -43.48
CA ILE V 119 65.02 -29.25 -44.84
C ILE V 119 66.18 -29.50 -45.78
N TYR V 120 65.96 -30.34 -46.78
CA TYR V 120 66.98 -30.64 -47.78
C TYR V 120 66.53 -30.15 -49.14
N ILE V 121 67.45 -29.53 -49.87
CA ILE V 121 67.16 -28.89 -51.14
C ILE V 121 67.92 -29.63 -52.23
N PHE V 122 67.22 -29.97 -53.31
CA PHE V 122 67.80 -30.70 -54.43
C PHE V 122 67.57 -29.91 -55.71
N GLU V 123 68.66 -29.52 -56.37
CA GLU V 123 68.62 -28.68 -57.56
C GLU V 123 69.55 -29.29 -58.60
N GLY V 124 69.87 -28.50 -59.62
CA GLY V 124 70.81 -28.93 -60.65
C GLY V 124 70.74 -28.00 -61.85
N GLU V 125 70.86 -28.59 -63.04
CA GLU V 125 70.90 -27.82 -64.28
C GLU V 125 70.28 -28.63 -65.40
N THR V 126 69.59 -27.92 -66.31
CA THR V 126 69.14 -28.49 -67.58
C THR V 126 69.04 -27.32 -68.56
N GLN V 127 70.00 -27.24 -69.48
CA GLN V 127 70.03 -26.19 -70.48
C GLN V 127 69.09 -26.50 -71.65
N GLY V 128 68.52 -25.46 -72.23
CA GLY V 128 67.68 -25.64 -73.39
C GLY V 128 67.62 -24.39 -74.24
N THR V 129 66.72 -24.44 -75.22
CA THR V 129 66.42 -23.31 -76.09
C THR V 129 64.92 -23.27 -76.33
N ILE V 130 64.42 -22.09 -76.67
CA ILE V 130 62.99 -21.87 -76.88
C ILE V 130 62.68 -22.03 -78.36
N SER V 131 61.66 -22.82 -78.67
CA SER V 131 61.30 -23.09 -80.05
C SER V 131 60.62 -21.87 -80.69
N PRO V 132 60.95 -21.55 -81.94
CA PRO V 132 60.29 -20.40 -82.59
C PRO V 132 58.86 -20.69 -83.00
N VAL V 133 58.53 -21.95 -83.22
CA VAL V 133 57.16 -22.37 -83.51
C VAL V 133 56.87 -23.52 -82.56
N PRO V 134 55.70 -23.54 -81.91
CA PRO V 134 55.43 -24.58 -80.91
C PRO V 134 55.14 -25.93 -81.56
N LYS V 135 56.00 -26.91 -81.27
CA LYS V 135 55.92 -28.23 -81.87
C LYS V 135 55.56 -29.25 -80.80
N GLY V 136 54.47 -29.99 -81.02
CA GLY V 136 54.03 -30.99 -80.08
C GLY V 136 52.70 -30.66 -79.43
N PRO V 137 52.23 -31.54 -78.55
CA PRO V 137 50.93 -31.33 -77.91
C PRO V 137 51.00 -30.31 -76.78
N ARG V 138 49.83 -29.98 -76.25
CA ARG V 138 49.70 -28.98 -75.19
C ARG V 138 49.35 -29.61 -73.84
N ASP V 139 49.67 -30.89 -73.66
CA ASP V 139 49.21 -31.59 -72.48
C ASP V 139 50.00 -31.20 -71.23
N PHE V 140 51.32 -31.09 -71.32
CA PHE V 140 52.16 -30.90 -70.15
C PHE V 140 53.06 -29.67 -70.31
N GLN V 141 52.51 -28.50 -69.96
CA GLN V 141 53.18 -27.22 -69.71
C GLN V 141 53.95 -26.77 -70.96
N TRP V 142 55.16 -26.21 -70.78
CA TRP V 142 55.96 -25.65 -71.86
C TRP V 142 56.90 -26.67 -72.49
N ASP V 143 56.54 -27.95 -72.48
CA ASP V 143 57.38 -28.95 -73.13
C ASP V 143 57.28 -28.88 -74.66
N CYS V 144 56.24 -28.26 -75.20
CA CYS V 144 56.10 -28.11 -76.63
C CYS V 144 57.01 -27.04 -77.22
N ILE V 145 57.65 -26.22 -76.38
CA ILE V 145 58.55 -25.17 -76.86
C ILE V 145 59.97 -25.34 -76.34
N PHE V 146 60.24 -26.31 -75.46
CA PHE V 146 61.55 -26.47 -74.86
C PHE V 146 62.41 -27.39 -75.71
N ILE V 147 63.35 -26.80 -76.44
CA ILE V 147 64.32 -27.55 -77.23
C ILE V 147 65.61 -27.64 -76.43
N PRO V 148 66.04 -28.82 -75.99
CA PRO V 148 67.28 -28.93 -75.21
C PRO V 148 68.51 -28.77 -76.08
N ASP V 149 69.65 -28.64 -75.41
CA ASP V 149 70.92 -28.56 -76.11
C ASP V 149 71.37 -29.95 -76.55
N GLY V 150 71.85 -30.04 -77.79
CA GLY V 150 72.24 -31.30 -78.37
C GLY V 150 71.13 -32.04 -79.08
N GLU V 151 69.88 -31.58 -78.96
CA GLU V 151 68.74 -32.17 -79.63
C GLU V 151 68.00 -31.08 -80.38
N SER V 152 67.30 -31.47 -81.46
CA SER V 152 66.63 -30.51 -82.31
C SER V 152 65.10 -30.57 -82.19
N GLU V 153 64.57 -31.33 -81.25
CA GLU V 153 63.14 -31.48 -81.08
C GLU V 153 62.71 -30.95 -79.71
N THR V 154 61.45 -30.52 -79.64
CA THR V 154 60.92 -30.01 -78.38
C THR V 154 60.67 -31.15 -77.41
N PHE V 155 60.56 -30.80 -76.12
CA PHE V 155 60.44 -31.79 -75.05
C PHE V 155 59.16 -32.61 -75.14
N ALA V 156 58.07 -32.01 -75.64
CA ALA V 156 56.84 -32.77 -75.81
C ALA V 156 56.90 -33.74 -76.98
N GLU V 157 57.85 -33.54 -77.91
CA GLU V 157 57.97 -34.44 -79.05
C GLU V 157 58.65 -35.75 -78.68
N MET V 158 59.57 -35.74 -77.71
CA MET V 158 60.19 -36.98 -77.26
C MET V 158 59.20 -37.90 -76.53
N GLY V 159 58.47 -37.39 -75.55
CA GLY V 159 57.59 -38.27 -74.81
C GLY V 159 58.32 -38.98 -73.69
N ASP V 160 58.82 -40.18 -73.96
CA ASP V 160 59.54 -40.97 -72.97
C ASP V 160 61.03 -40.61 -72.94
N ARG V 161 61.60 -40.16 -74.07
CA ARG V 161 63.03 -39.90 -74.18
C ARG V 161 63.48 -38.71 -73.33
N LYS V 162 62.60 -37.72 -73.12
CA LYS V 162 62.98 -36.54 -72.32
C LYS V 162 63.18 -36.88 -70.85
N ASN V 163 62.53 -37.94 -70.36
CA ASN V 163 62.57 -38.33 -68.95
C ASN V 163 63.92 -38.82 -68.47
N GLU V 164 64.88 -39.08 -69.35
CA GLU V 164 66.22 -39.47 -68.94
C GLU V 164 67.20 -38.31 -68.91
N ILE V 165 66.77 -37.11 -69.31
CA ILE V 165 67.67 -35.97 -69.38
C ILE V 165 67.05 -34.73 -68.75
N SER V 166 65.78 -34.82 -68.37
CA SER V 166 65.03 -33.67 -67.87
C SER V 166 65.49 -33.26 -66.47
N MET V 167 64.99 -32.11 -66.04
CA MET V 167 65.36 -31.56 -64.74
C MET V 167 64.80 -32.38 -63.58
N ARG V 168 63.61 -32.96 -63.77
CA ARG V 168 63.03 -33.85 -62.79
C ARG V 168 63.86 -35.10 -62.61
N LYS V 169 64.49 -35.57 -63.69
CA LYS V 169 65.33 -36.76 -63.63
C LYS V 169 66.57 -36.53 -62.78
N LYS V 170 67.28 -35.41 -63.01
CA LYS V 170 68.51 -35.17 -62.26
C LYS V 170 68.23 -34.82 -60.80
N ALA V 171 67.15 -34.05 -60.56
CA ALA V 171 66.76 -33.74 -59.19
C ALA V 171 66.32 -34.99 -58.43
N PHE V 172 65.59 -35.88 -59.11
CA PHE V 172 65.16 -37.09 -58.45
C PHE V 172 66.27 -38.13 -58.32
N ASP V 173 67.26 -38.17 -59.22
CA ASP V 173 68.31 -39.14 -58.99
C ASP V 173 69.28 -38.68 -57.91
N LYS V 174 69.49 -37.36 -57.75
CA LYS V 174 70.29 -36.94 -56.60
C LYS V 174 69.49 -37.05 -55.30
N PHE V 175 68.15 -36.93 -55.39
CA PHE V 175 67.28 -37.19 -54.25
C PHE V 175 67.33 -38.66 -53.85
N LYS V 176 67.30 -39.55 -54.83
CA LYS V 176 67.42 -40.99 -54.58
C LYS V 176 68.82 -41.36 -54.10
N GLU V 177 69.84 -40.61 -54.55
CA GLU V 177 71.18 -40.80 -54.05
C GLU V 177 71.29 -40.41 -52.59
N TYR V 178 70.56 -39.37 -52.18
CA TYR V 178 70.48 -39.05 -50.75
C TYR V 178 69.71 -40.11 -49.99
N LEU V 179 68.68 -40.69 -50.61
CA LEU V 179 67.90 -41.74 -49.95
C LEU V 179 68.69 -43.03 -49.76
N LEU V 180 69.51 -43.41 -50.73
CA LEU V 180 70.34 -44.61 -50.60
C LEU V 180 71.52 -44.42 -49.66
N GLU V 181 71.83 -43.17 -49.29
CA GLU V 181 72.93 -42.93 -48.37
C GLU V 181 72.59 -43.38 -46.95
N GLY V 182 71.31 -43.45 -46.60
CA GLY V 182 70.89 -43.91 -45.30
C GLY V 182 70.30 -42.84 -44.40
N GLY V 183 69.95 -41.67 -44.94
CA GLY V 183 69.42 -40.58 -44.15
C GLY V 183 70.41 -39.94 -43.20
N LYS V 184 71.66 -39.77 -43.63
CA LYS V 184 72.68 -39.16 -42.81
C LYS V 184 73.02 -37.76 -43.32
N MET W 1 52.25 -34.33 37.02
CA MET W 1 51.63 -33.99 38.29
C MET W 1 52.30 -32.76 38.87
N GLU W 2 53.57 -32.91 39.22
CA GLU W 2 54.35 -31.78 39.72
C GLU W 2 54.79 -30.85 38.60
N GLN W 3 54.79 -31.35 37.36
CA GLN W 3 55.07 -30.52 36.19
C GLN W 3 54.00 -29.45 36.01
N LEU W 4 52.75 -29.77 36.34
CA LEU W 4 51.68 -28.78 36.35
C LEU W 4 51.91 -27.68 37.37
N LEU W 5 52.39 -28.03 38.56
CA LEU W 5 52.65 -27.00 39.56
C LEU W 5 53.89 -26.18 39.18
N ALA W 6 54.85 -26.81 38.50
CA ALA W 6 56.01 -26.09 38.00
C ALA W 6 55.63 -25.08 36.92
N ASP W 7 54.77 -25.48 35.99
CA ASP W 7 54.31 -24.55 34.97
C ASP W 7 53.28 -23.56 35.51
N TYR W 8 52.60 -23.91 36.61
CA TYR W 8 51.71 -22.97 37.26
C TYR W 8 52.49 -21.90 37.99
N LYS W 9 53.71 -22.23 38.44
CA LYS W 9 54.62 -21.21 38.95
C LYS W 9 55.03 -20.24 37.86
N LYS W 10 55.26 -20.75 36.65
CA LYS W 10 55.58 -19.89 35.51
C LYS W 10 54.35 -19.30 34.84
N GLY W 11 53.15 -19.70 35.27
CA GLY W 11 51.94 -19.18 34.68
C GLY W 11 51.62 -19.74 33.31
N ASN W 12 52.14 -20.92 32.98
CA ASN W 12 51.91 -21.53 31.68
C ASN W 12 50.72 -22.49 31.67
N VAL W 13 49.76 -22.29 32.57
CA VAL W 13 48.59 -23.16 32.67
C VAL W 13 47.36 -22.37 32.30
N ILE W 14 46.63 -22.85 31.29
CA ILE W 14 45.39 -22.24 30.82
C ILE W 14 44.26 -23.11 31.34
N LEU W 15 43.51 -22.60 32.31
CA LEU W 15 42.48 -23.41 32.95
C LEU W 15 41.26 -23.57 32.04
N PHE W 16 40.75 -24.79 31.99
CA PHE W 16 39.59 -25.16 31.18
C PHE W 16 38.63 -25.88 32.09
N VAL W 17 37.36 -25.50 32.09
CA VAL W 17 36.43 -25.99 33.09
C VAL W 17 35.08 -26.31 32.46
N GLY W 18 34.49 -27.44 32.86
CA GLY W 18 33.18 -27.85 32.40
C GLY W 18 32.09 -27.69 33.43
N ALA W 19 31.11 -28.60 33.44
CA ALA W 19 29.96 -28.51 34.33
C ALA W 19 30.17 -29.24 35.66
N GLY W 20 31.31 -29.89 35.83
CA GLY W 20 31.61 -30.61 37.06
C GLY W 20 31.77 -29.72 38.27
N VAL W 21 32.11 -28.45 38.05
CA VAL W 21 32.10 -27.49 39.15
C VAL W 21 30.73 -26.84 39.30
N SER W 22 29.88 -26.90 38.27
CA SER W 22 28.56 -26.33 38.36
C SER W 22 27.59 -27.27 39.05
N MET W 23 27.94 -28.55 39.17
CA MET W 23 27.06 -29.45 39.91
C MET W 23 27.16 -29.27 41.43
N ASN W 24 28.16 -28.54 41.91
CA ASN W 24 28.34 -28.41 43.36
C ASN W 24 27.52 -27.27 43.95
N LEU W 25 27.01 -26.36 43.13
CA LEU W 25 26.27 -25.20 43.62
C LEU W 25 24.78 -25.42 43.71
N GLY W 26 24.31 -26.64 43.48
CA GLY W 26 22.88 -26.87 43.45
C GLY W 26 22.20 -26.33 42.23
N LEU W 27 22.95 -26.13 41.15
CA LEU W 27 22.38 -25.74 39.87
C LEU W 27 21.55 -26.89 39.30
N PRO W 28 20.55 -26.57 38.47
CA PRO W 28 19.84 -27.64 37.75
C PRO W 28 20.77 -28.33 36.77
N SER W 29 20.65 -29.64 36.69
CA SER W 29 21.48 -30.42 35.79
C SER W 29 20.81 -30.50 34.44
N TRP W 30 21.34 -31.35 33.56
CA TRP W 30 20.74 -31.52 32.26
C TRP W 30 19.45 -32.34 32.31
N SER W 31 19.24 -33.08 33.40
CA SER W 31 18.01 -33.84 33.58
C SER W 31 16.81 -32.92 33.74
N GLN W 32 16.99 -31.78 34.42
CA GLN W 32 15.92 -30.79 34.48
C GLN W 32 15.71 -30.10 33.14
N LEU W 33 16.75 -30.01 32.32
CA LEU W 33 16.62 -29.53 30.95
C LEU W 33 15.90 -30.54 30.06
N VAL W 34 15.87 -31.81 30.47
CA VAL W 34 15.02 -32.77 29.77
C VAL W 34 13.61 -32.72 30.37
N ASP W 35 13.47 -32.42 31.66
CA ASP W 35 12.16 -32.37 32.31
C ASP W 35 11.32 -31.20 31.79
N HIS W 36 11.88 -30.00 31.84
CA HIS W 36 11.38 -28.90 31.03
C HIS W 36 11.73 -29.18 29.57
N ILE W 37 10.98 -28.56 28.65
CA ILE W 37 10.94 -28.72 27.18
C ILE W 37 10.59 -30.15 26.76
N ALA W 38 10.08 -30.94 27.70
CA ALA W 38 9.23 -32.08 27.44
C ALA W 38 7.89 -31.90 28.13
N THR W 39 7.89 -31.46 29.38
CA THR W 39 6.62 -31.20 30.06
C THR W 39 5.95 -29.92 29.57
N GLU W 40 6.66 -29.09 28.82
CA GLU W 40 6.06 -27.91 28.19
C GLU W 40 5.76 -28.16 26.72
N LEU W 41 6.59 -28.95 26.04
CA LEU W 41 6.35 -29.33 24.66
C LEU W 41 5.13 -30.25 24.50
N GLY W 42 4.75 -30.97 25.53
CA GLY W 42 3.63 -31.86 25.48
C GLY W 42 3.95 -33.31 25.71
N TYR W 43 4.99 -33.61 26.47
CA TYR W 43 5.41 -34.97 26.72
C TYR W 43 5.50 -35.20 28.22
N ASP W 44 5.35 -36.46 28.60
CA ASP W 44 5.80 -36.91 29.90
C ASP W 44 7.33 -36.74 29.94
N PRO W 45 7.93 -36.27 31.03
CA PRO W 45 9.38 -36.00 30.97
C PRO W 45 10.30 -37.20 31.10
N ASP W 46 9.74 -38.41 31.05
CA ASP W 46 10.38 -39.64 30.62
C ASP W 46 10.10 -39.72 29.13
N ILE W 47 9.92 -40.93 28.57
CA ILE W 47 9.40 -41.33 27.23
C ILE W 47 10.22 -40.73 26.08
N TYR W 48 10.55 -39.47 26.19
CA TYR W 48 11.41 -38.87 25.21
C TYR W 48 12.72 -39.61 25.23
N ARG W 49 13.27 -39.81 26.40
CA ARG W 49 14.61 -40.37 26.60
C ARG W 49 14.82 -41.71 25.91
N THR W 50 13.74 -42.38 25.48
CA THR W 50 13.87 -43.48 24.55
C THR W 50 14.40 -43.01 23.20
N PHE W 51 14.09 -41.78 22.77
CA PHE W 51 14.66 -41.29 21.51
C PHE W 51 15.38 -39.96 21.73
N GLY W 52 16.64 -40.04 22.14
CA GLY W 52 17.41 -38.81 22.28
C GLY W 52 18.57 -38.86 23.24
N SER W 53 19.38 -37.79 23.25
CA SER W 53 20.50 -37.65 24.14
C SER W 53 20.61 -36.23 24.67
N ALA W 54 19.47 -35.53 24.71
CA ALA W 54 19.14 -34.18 25.19
C ALA W 54 19.67 -33.06 24.31
N LEU W 55 20.69 -33.37 23.49
CA LEU W 55 21.04 -32.51 22.38
C LEU W 55 19.95 -32.61 21.32
N GLU W 56 19.37 -33.79 21.19
CA GLU W 56 18.27 -33.99 20.26
C GLU W 56 16.99 -33.29 20.71
N LEU W 57 16.80 -33.15 22.01
CA LEU W 57 15.66 -32.40 22.49
C LEU W 57 15.94 -30.92 22.22
N ALA W 58 17.19 -30.49 22.37
CA ALA W 58 17.55 -29.10 22.07
C ALA W 58 17.31 -28.78 20.60
N GLU W 59 17.66 -29.72 19.72
CA GLU W 59 17.41 -29.54 18.28
C GLU W 59 15.92 -29.56 17.98
N TYR W 60 15.17 -30.47 18.60
CA TYR W 60 13.74 -30.56 18.34
C TYR W 60 13.00 -29.37 18.93
N TYR W 61 13.46 -28.84 20.05
CA TYR W 61 12.79 -27.70 20.65
C TYR W 61 13.07 -26.43 19.89
N LYS W 62 14.30 -26.25 19.41
CA LYS W 62 14.56 -25.10 18.57
C LYS W 62 14.00 -25.26 17.17
N LEU W 63 13.63 -26.47 16.77
CA LEU W 63 12.93 -26.66 15.51
C LEU W 63 11.44 -26.40 15.66
N LYS W 64 10.84 -26.83 16.77
CA LYS W 64 9.42 -26.63 16.99
C LYS W 64 9.11 -25.18 17.33
N LYS W 65 9.95 -24.54 18.15
CA LYS W 65 9.73 -23.14 18.47
C LYS W 65 10.27 -22.21 17.41
N GLY W 66 11.10 -22.71 16.50
CA GLY W 66 11.69 -21.90 15.45
C GLY W 66 12.99 -21.23 15.83
N LYS W 67 13.12 -20.83 17.08
CA LYS W 67 14.31 -20.17 17.58
C LYS W 67 14.83 -20.93 18.79
N ILE W 68 16.07 -20.59 19.18
CA ILE W 68 16.66 -21.11 20.40
C ILE W 68 16.32 -20.24 21.61
N GLY W 69 15.55 -19.18 21.39
CA GLY W 69 15.16 -18.20 22.38
C GLY W 69 14.55 -18.63 23.70
N PRO W 70 13.39 -19.32 23.70
CA PRO W 70 12.75 -19.66 24.98
C PRO W 70 13.54 -20.65 25.83
N LEU W 71 14.29 -21.55 25.21
CA LEU W 71 15.17 -22.43 25.96
C LEU W 71 16.30 -21.66 26.63
N ARG W 72 16.88 -20.70 25.92
CA ARG W 72 17.91 -19.86 26.49
C ARG W 72 17.37 -18.96 27.59
N SER W 73 16.14 -18.48 27.43
CA SER W 73 15.52 -17.66 28.46
C SER W 73 15.21 -18.48 29.71
N TRP W 74 14.80 -19.74 29.54
CA TRP W 74 14.54 -20.59 30.70
C TRP W 74 15.81 -20.94 31.44
N MET W 75 16.89 -21.21 30.70
CA MET W 75 18.16 -21.49 31.37
C MET W 75 18.76 -20.23 32.00
N ASP W 76 18.47 -19.05 31.43
CA ASP W 76 18.89 -17.81 32.07
C ASP W 76 18.08 -17.55 33.33
N ARG W 77 16.81 -17.95 33.35
CA ARG W 77 15.97 -17.69 34.51
C ARG W 77 16.36 -18.59 35.68
N MET W 78 16.54 -19.88 35.44
CA MET W 78 16.92 -20.75 36.55
C MET W 78 18.28 -21.43 36.36
N TRP W 79 19.23 -20.65 35.85
CA TRP W 79 20.65 -20.91 36.05
C TRP W 79 21.29 -19.85 36.92
N HIS W 80 20.63 -18.71 37.07
CA HIS W 80 21.10 -17.59 37.87
C HIS W 80 20.02 -17.17 38.85
N SER W 81 19.43 -18.16 39.53
CA SER W 81 18.42 -17.89 40.53
C SER W 81 19.03 -17.21 41.74
N SER W 82 18.20 -16.46 42.45
CA SER W 82 18.72 -15.63 43.55
C SER W 82 19.03 -16.45 44.79
N ASP W 83 18.34 -17.58 44.99
CA ASP W 83 18.47 -18.31 46.24
C ASP W 83 19.79 -19.07 46.35
N ILE W 84 20.36 -19.48 45.24
CA ILE W 84 21.64 -20.17 45.28
C ILE W 84 22.76 -19.16 45.43
N ASP W 85 23.80 -19.56 46.15
CA ASP W 85 24.85 -18.64 46.59
C ASP W 85 26.19 -19.03 45.99
N ILE W 86 26.96 -18.02 45.59
CA ILE W 86 28.29 -18.26 45.06
C ILE W 86 29.29 -18.58 46.17
N ASN W 87 29.06 -18.05 47.37
CA ASN W 87 30.04 -18.18 48.45
C ASN W 87 30.04 -19.58 49.08
N LYS W 88 29.00 -20.37 48.88
CA LYS W 88 28.96 -21.72 49.46
C LYS W 88 29.49 -22.77 48.48
N SER W 89 30.66 -22.49 47.91
CA SER W 89 31.33 -23.43 47.00
C SER W 89 32.80 -23.06 47.00
N LYS W 90 33.62 -23.90 47.64
CA LYS W 90 35.04 -23.60 47.74
C LYS W 90 35.79 -23.82 46.44
N VAL W 91 35.19 -24.55 45.48
CA VAL W 91 35.81 -24.75 44.17
C VAL W 91 35.93 -23.43 43.43
N HIS W 92 34.84 -22.65 43.44
CA HIS W 92 34.84 -21.35 42.77
C HIS W 92 35.75 -20.34 43.46
N GLU W 93 35.80 -20.38 44.80
CA GLU W 93 36.69 -19.48 45.52
C GLU W 93 38.15 -19.86 45.33
N TYR W 94 38.43 -21.17 45.20
CA TYR W 94 39.79 -21.59 44.90
C TYR W 94 40.18 -21.25 43.46
N ILE W 95 39.20 -21.26 42.55
CA ILE W 95 39.47 -20.86 41.17
C ILE W 95 39.76 -19.36 41.11
N ALA W 96 38.98 -18.57 41.83
CA ALA W 96 39.14 -17.12 41.81
C ALA W 96 40.41 -16.69 42.54
N LYS W 97 40.77 -17.38 43.61
CA LYS W 97 41.99 -17.02 44.35
C LYS W 97 43.26 -17.49 43.66
N ALA W 98 43.16 -18.41 42.72
CA ALA W 98 44.34 -18.93 42.05
C ALA W 98 44.87 -17.92 41.04
N ASN W 99 46.11 -18.14 40.60
CA ASN W 99 46.77 -17.26 39.65
C ASN W 99 46.66 -17.87 38.25
N PHE W 100 45.48 -17.72 37.66
CA PHE W 100 45.23 -18.22 36.32
C PHE W 100 45.06 -17.05 35.36
N PRO W 101 45.94 -16.89 34.38
CA PRO W 101 45.85 -15.74 33.48
C PRO W 101 44.70 -15.83 32.49
N ILE W 102 44.57 -16.99 31.83
CA ILE W 102 43.55 -17.23 30.82
C ILE W 102 42.73 -18.43 31.24
N ILE W 103 41.42 -18.28 31.24
CA ILE W 103 40.49 -19.30 31.72
C ILE W 103 39.40 -19.51 30.67
N TYR W 104 39.28 -20.73 30.18
CA TYR W 104 38.26 -21.10 29.21
C TYR W 104 37.17 -21.88 29.91
N THR W 105 35.94 -21.76 29.41
CA THR W 105 34.84 -22.50 29.99
C THR W 105 33.83 -22.88 28.92
N THR W 106 33.14 -23.99 29.16
CA THR W 106 32.01 -24.39 28.34
C THR W 106 30.69 -24.19 29.06
N ASN W 107 30.72 -23.64 30.28
CA ASN W 107 29.49 -23.30 30.97
C ASN W 107 28.91 -22.03 30.36
N TYR W 108 27.60 -22.04 30.15
CA TYR W 108 26.94 -20.84 29.65
C TYR W 108 26.67 -19.83 30.74
N ASP W 109 26.69 -20.22 32.00
CA ASP W 109 26.39 -19.31 33.08
C ASP W 109 27.60 -18.45 33.42
N ARG W 110 27.37 -17.47 34.29
CA ARG W 110 28.40 -16.50 34.66
C ARG W 110 28.84 -16.66 36.09
N TRP W 111 28.81 -17.88 36.63
CA TRP W 111 29.13 -18.08 38.03
C TRP W 111 30.61 -17.94 38.31
N ILE W 112 31.47 -18.23 37.32
CA ILE W 112 32.89 -17.96 37.46
C ILE W 112 33.12 -16.46 37.50
N GLU W 113 32.33 -15.69 36.73
CA GLU W 113 32.45 -14.25 36.72
C GLU W 113 31.98 -13.62 38.03
N THR W 114 30.92 -14.17 38.63
CA THR W 114 30.50 -13.68 39.93
C THR W 114 31.45 -14.13 41.03
N ALA W 115 32.11 -15.27 40.85
CA ALA W 115 33.16 -15.66 41.79
C ALA W 115 34.38 -14.75 41.67
N LEU W 116 34.67 -14.28 40.47
CA LEU W 116 35.80 -13.38 40.28
C LEU W 116 35.49 -11.98 40.80
N SER W 117 34.26 -11.50 40.60
CA SER W 117 33.86 -10.22 41.17
C SER W 117 33.62 -10.31 42.68
N ASN W 118 33.38 -11.51 43.20
CA ASN W 118 33.25 -11.68 44.64
C ASN W 118 34.58 -11.47 45.35
N TYR W 119 35.68 -11.75 44.66
CA TYR W 119 37.01 -11.52 45.20
C TYR W 119 37.68 -10.29 44.59
N GLY W 120 36.94 -9.50 43.82
CA GLY W 120 37.41 -8.21 43.37
C GLY W 120 38.43 -8.21 42.26
N LYS W 121 38.76 -9.36 41.70
CA LYS W 121 39.74 -9.41 40.62
C LYS W 121 39.07 -9.00 39.31
N GLU W 122 39.77 -8.18 38.54
CA GLU W 122 39.20 -7.61 37.33
C GLU W 122 39.32 -8.59 36.17
N TYR W 123 38.28 -8.59 35.33
CA TYR W 123 38.19 -9.54 34.21
C TYR W 123 37.41 -8.90 33.07
N ILE W 124 37.60 -9.54 31.91
CA ILE W 124 36.96 -9.10 30.71
C ILE W 124 36.44 -10.33 29.99
N LYS W 125 35.13 -10.57 30.01
CA LYS W 125 34.56 -11.80 29.43
C LYS W 125 34.51 -11.83 27.92
N ILE W 126 35.63 -12.13 27.30
CA ILE W 126 35.62 -12.25 25.85
C ILE W 126 34.74 -13.39 25.43
N SER W 127 33.92 -13.18 24.41
CA SER W 127 33.06 -14.23 23.90
C SER W 127 32.57 -13.81 22.55
N SER W 128 33.32 -12.92 21.92
CA SER W 128 32.96 -12.45 20.61
C SER W 128 34.14 -11.80 20.03
N VAL W 129 34.31 -11.94 18.73
CA VAL W 129 35.50 -11.40 18.13
C VAL W 129 35.86 -10.08 18.73
N SER W 130 35.03 -9.06 18.54
CA SER W 130 35.36 -7.74 19.03
C SER W 130 36.08 -7.80 20.35
N ASP W 131 35.41 -8.32 21.34
CA ASP W 131 35.99 -8.41 22.66
C ASP W 131 37.49 -8.62 22.59
N ILE W 132 37.94 -9.46 21.70
CA ILE W 132 39.36 -9.75 21.63
C ILE W 132 40.09 -8.47 21.88
N ALA W 133 39.60 -7.39 21.30
CA ALA W 133 40.21 -6.11 21.51
C ALA W 133 40.28 -5.75 22.99
N LYS W 134 39.18 -5.89 23.71
CA LYS W 134 39.13 -5.52 25.13
C LYS W 134 40.11 -6.32 25.96
N ILE W 135 41.10 -6.91 25.32
CA ILE W 135 42.11 -7.62 26.05
C ILE W 135 42.89 -6.60 26.80
N ASP W 136 43.38 -6.95 27.98
CA ASP W 136 44.23 -6.03 28.73
C ASP W 136 45.38 -6.73 29.42
N ASN W 137 46.44 -6.00 29.68
CA ASN W 137 47.59 -6.62 30.29
C ASN W 137 47.16 -7.73 31.19
N ASN W 138 46.25 -7.45 32.10
CA ASN W 138 45.86 -8.47 33.04
C ASN W 138 44.37 -8.56 33.05
N LYS W 139 43.81 -8.66 34.25
CA LYS W 139 42.40 -8.84 34.34
C LYS W 139 42.09 -10.16 33.67
N THR W 140 42.19 -11.26 34.40
CA THR W 140 41.95 -12.58 33.84
C THR W 140 41.06 -12.55 32.64
N GLN W 141 41.53 -13.09 31.52
CA GLN W 141 40.71 -13.15 30.33
C GLN W 141 39.80 -14.36 30.31
N ILE W 142 38.60 -14.26 30.86
CA ILE W 142 37.69 -15.39 30.76
C ILE W 142 37.24 -15.50 29.32
N ILE W 143 36.77 -16.66 28.91
CA ILE W 143 36.34 -16.92 27.54
C ILE W 143 35.26 -17.98 27.57
N LYS W 144 34.04 -17.61 27.18
CA LYS W 144 32.97 -18.57 27.03
C LYS W 144 33.21 -19.27 25.71
N PHE W 145 33.80 -20.47 25.78
CA PHE W 145 34.15 -21.19 24.56
C PHE W 145 32.91 -21.72 23.84
N HIS W 146 31.89 -22.09 24.59
CA HIS W 146 30.64 -22.56 24.01
C HIS W 146 29.52 -21.54 24.16
N GLY W 147 29.85 -20.26 24.08
CA GLY W 147 28.84 -19.21 24.08
C GLY W 147 28.29 -18.93 25.46
N ASP W 148 27.51 -17.86 25.54
CA ASP W 148 26.88 -17.43 26.77
C ASP W 148 25.52 -16.85 26.45
N PHE W 149 24.77 -16.51 27.49
CA PHE W 149 23.40 -16.05 27.34
C PHE W 149 23.28 -14.66 26.74
N ASP W 150 24.37 -13.91 26.66
CA ASP W 150 24.37 -12.57 26.11
C ASP W 150 24.53 -12.55 24.60
N ASP W 151 24.49 -13.71 23.94
CA ASP W 151 24.56 -13.77 22.49
C ASP W 151 23.80 -15.00 22.04
N ASP W 152 22.67 -14.78 21.37
CA ASP W 152 21.80 -15.88 20.97
C ASP W 152 22.37 -16.69 19.83
N SER W 153 23.11 -16.05 18.92
CA SER W 153 23.58 -16.74 17.72
C SER W 153 24.76 -17.65 18.00
N SER W 154 25.56 -17.36 19.02
CA SER W 154 26.78 -18.10 19.29
C SER W 154 26.62 -19.13 20.39
N ILE W 155 25.41 -19.38 20.86
CA ILE W 155 25.18 -20.43 21.85
C ILE W 155 25.29 -21.78 21.18
N VAL W 156 26.07 -22.68 21.78
CA VAL W 156 26.17 -24.04 21.32
C VAL W 156 25.27 -24.87 22.25
N LEU W 157 24.13 -25.29 21.71
CA LEU W 157 23.19 -26.09 22.47
C LEU W 157 22.60 -27.24 21.68
N ASP W 158 22.57 -27.16 20.36
CA ASP W 158 21.99 -28.12 19.45
C ASP W 158 23.05 -28.96 18.74
N GLU W 159 22.61 -29.83 17.81
CA GLU W 159 23.57 -30.54 16.98
C GLU W 159 24.17 -29.68 15.88
N THR W 160 23.44 -28.66 15.40
CA THR W 160 23.95 -27.86 14.28
C THR W 160 25.14 -27.00 14.69
N SER W 161 25.04 -26.31 15.83
CA SER W 161 26.16 -25.49 16.28
C SER W 161 27.30 -26.35 16.80
N TYR W 162 26.99 -27.46 17.48
CA TYR W 162 28.04 -28.35 17.97
C TYR W 162 28.76 -29.05 16.84
N PHE W 163 28.05 -29.32 15.75
CA PHE W 163 28.68 -29.85 14.55
C PHE W 163 29.36 -28.78 13.74
N GLN W 164 29.02 -27.51 13.96
CA GLN W 164 29.86 -26.45 13.44
C GLN W 164 31.15 -26.32 14.23
N ARG W 165 31.08 -26.54 15.52
CA ARG W 165 32.26 -26.24 16.30
C ARG W 165 33.34 -27.21 15.99
N LEU W 166 32.98 -28.46 15.91
CA LEU W 166 33.99 -29.45 15.74
C LEU W 166 34.95 -29.12 14.60
N GLU W 167 34.64 -28.15 13.75
CA GLU W 167 35.58 -27.75 12.72
C GLU W 167 36.55 -26.79 13.34
N PHE W 168 36.15 -25.54 13.56
CA PHE W 168 36.92 -24.50 14.27
C PHE W 168 37.21 -23.25 13.43
N GLU W 169 36.25 -22.77 12.62
CA GLU W 169 36.53 -21.48 11.97
C GLU W 169 36.09 -20.27 12.79
N THR W 170 35.45 -20.46 13.94
CA THR W 170 35.09 -19.32 14.76
C THR W 170 36.36 -18.71 15.35
N PRO W 171 36.42 -17.38 15.50
CA PRO W 171 37.69 -16.75 15.92
C PRO W 171 38.12 -17.06 17.34
N LEU W 172 37.21 -17.59 18.18
CA LEU W 172 37.60 -18.05 19.50
C LEU W 172 38.53 -19.25 19.41
N ASP W 173 38.36 -20.11 18.41
CA ASP W 173 39.24 -21.27 18.26
C ASP W 173 40.60 -20.86 17.73
N ILE W 174 40.64 -19.85 16.85
CA ILE W 174 41.92 -19.31 16.38
C ILE W 174 42.65 -18.62 17.52
N LYS W 175 41.88 -17.96 18.40
CA LYS W 175 42.45 -17.38 19.60
C LYS W 175 42.98 -18.45 20.54
N PHE W 176 42.25 -19.58 20.65
CA PHE W 176 42.68 -20.71 21.46
C PHE W 176 43.98 -21.31 20.94
N ARG W 177 44.10 -21.43 19.62
CA ARG W 177 45.33 -21.89 19.01
C ARG W 177 46.49 -20.96 19.34
N SER W 178 46.23 -19.65 19.28
CA SER W 178 47.27 -18.66 19.56
C SER W 178 47.65 -18.61 21.04
N ASP W 179 46.71 -18.78 21.97
CA ASP W 179 47.12 -18.80 23.38
C ASP W 179 47.77 -20.12 23.78
N VAL W 180 47.35 -21.23 23.20
CA VAL W 180 47.82 -22.53 23.72
C VAL W 180 49.12 -22.99 23.04
N LEU W 181 49.48 -22.42 21.87
CA LEU W 181 50.68 -22.86 21.14
C LEU W 181 52.03 -22.65 21.84
N GLY W 182 52.06 -21.95 22.97
CA GLY W 182 53.27 -21.85 23.75
C GLY W 182 53.14 -22.40 25.15
N LYS W 183 51.92 -22.72 25.57
CA LYS W 183 51.67 -23.12 26.96
C LYS W 183 50.97 -24.47 27.06
N SER W 184 50.51 -24.81 28.26
CA SER W 184 49.79 -26.03 28.53
C SER W 184 48.44 -25.70 29.17
N VAL W 185 47.51 -26.65 29.09
CA VAL W 185 46.16 -26.45 29.64
C VAL W 185 45.86 -27.49 30.70
N LEU W 186 44.82 -27.21 31.48
CA LEU W 186 44.32 -28.12 32.50
C LEU W 186 42.80 -28.20 32.39
N PHE W 187 42.27 -29.41 32.33
CA PHE W 187 40.84 -29.62 32.18
C PHE W 187 40.24 -29.93 33.55
N ILE W 188 39.10 -29.33 33.85
CA ILE W 188 38.43 -29.51 35.13
C ILE W 188 37.02 -30.03 34.87
N GLY W 189 36.67 -31.16 35.50
CA GLY W 189 35.30 -31.63 35.56
C GLY W 189 34.70 -32.07 34.24
N TYR W 190 35.29 -33.02 33.56
CA TYR W 190 34.79 -33.32 32.25
C TYR W 190 34.74 -34.79 32.07
N SER W 191 33.56 -35.36 32.02
CA SER W 191 33.52 -36.79 31.96
C SER W 191 33.83 -37.23 30.57
N LEU W 192 34.92 -37.93 30.41
CA LEU W 192 35.22 -38.44 29.11
C LEU W 192 34.38 -39.64 28.93
N SER W 193 33.07 -39.48 29.00
CA SER W 193 32.19 -40.61 28.71
C SER W 193 31.19 -40.21 27.64
N ASP W 194 30.87 -38.93 27.58
CA ASP W 194 29.95 -38.44 26.58
C ASP W 194 30.71 -38.23 25.32
N ILE W 195 30.84 -39.28 24.53
CA ILE W 195 31.66 -39.19 23.34
C ILE W 195 31.89 -37.79 22.85
N ASN W 196 30.84 -37.11 22.43
CA ASN W 196 31.05 -35.80 21.86
C ASN W 196 32.19 -35.18 22.60
N ILE W 197 32.01 -35.05 23.90
CA ILE W 197 33.04 -34.44 24.69
C ILE W 197 34.31 -34.96 24.13
N ARG W 198 34.48 -36.26 24.25
CA ARG W 198 35.69 -36.86 23.79
C ARG W 198 36.03 -36.25 22.48
N LEU W 199 35.15 -36.40 21.53
CA LEU W 199 35.48 -35.93 20.21
C LEU W 199 36.24 -34.67 20.36
N LEU W 200 35.63 -33.71 20.99
CA LEU W 200 36.25 -32.43 21.09
C LEU W 200 37.68 -32.70 21.37
N PHE W 201 37.91 -33.19 22.57
CA PHE W 201 39.25 -33.37 22.99
C PHE W 201 40.02 -33.77 21.80
N TYR W 202 39.57 -34.81 21.12
CA TYR W 202 40.39 -35.26 20.04
C TYR W 202 40.76 -34.06 19.27
N LYS W 203 39.77 -33.43 18.68
CA LYS W 203 40.09 -32.31 17.85
C LYS W 203 41.02 -31.44 18.62
N LEU W 204 40.58 -31.02 19.80
CA LEU W 204 41.40 -30.11 20.56
C LEU W 204 42.79 -30.68 20.68
N SER W 205 42.90 -31.99 20.79
CA SER W 205 44.20 -32.54 21.00
C SER W 205 45.00 -32.08 19.86
N LYS W 206 44.50 -32.39 18.68
CA LYS W 206 45.23 -32.04 17.49
C LYS W 206 46.10 -30.84 17.77
N LEU W 207 45.48 -29.71 18.02
CA LEU W 207 46.24 -28.49 18.26
C LEU W 207 47.64 -28.74 18.75
N TRP W 208 47.77 -29.20 19.99
CA TRP W 208 49.11 -29.32 20.56
C TRP W 208 49.90 -30.37 19.83
N LYS W 209 49.86 -31.59 20.33
CA LYS W 209 50.61 -32.67 19.71
C LYS W 209 50.96 -32.27 18.33
N GLU W 210 49.99 -32.37 17.43
CA GLU W 210 50.21 -31.96 16.07
C GLU W 210 51.68 -31.77 15.78
N GLN W 211 52.13 -30.53 15.77
CA GLN W 211 53.52 -30.24 15.47
C GLN W 211 54.27 -29.98 16.76
N LYS W 212 55.53 -30.38 16.78
CA LYS W 212 56.32 -30.16 17.96
C LYS W 212 57.62 -29.55 17.54
N LEU W 213 57.81 -29.45 16.24
CA LEU W 213 59.04 -28.84 15.73
C LEU W 213 59.34 -27.53 16.46
N GLU W 214 60.60 -27.33 16.85
CA GLU W 214 61.00 -26.10 17.54
C GLU W 214 60.42 -25.99 18.95
N GLU W 215 59.14 -26.27 19.12
CA GLU W 215 58.50 -26.16 20.43
C GLU W 215 58.29 -27.50 21.10
N ALA W 216 57.17 -27.65 21.81
CA ALA W 216 56.93 -28.88 22.54
C ALA W 216 55.52 -28.94 23.09
N GLN W 217 54.90 -27.78 23.26
CA GLN W 217 53.58 -27.76 23.85
C GLN W 217 53.60 -28.64 25.05
N PRO W 218 54.12 -28.10 26.13
CA PRO W 218 53.90 -28.68 27.44
C PRO W 218 52.72 -29.59 27.43
N LYS W 219 52.90 -30.78 27.97
CA LYS W 219 51.79 -31.69 28.06
C LYS W 219 50.65 -31.10 28.83
N SER W 220 49.45 -31.54 28.54
CA SER W 220 48.21 -31.10 29.14
C SER W 220 47.67 -32.20 30.04
N TYR W 221 46.84 -31.82 31.01
CA TYR W 221 46.31 -32.81 31.94
C TYR W 221 44.84 -32.54 32.22
N ILE W 222 44.12 -33.61 32.52
CA ILE W 222 42.74 -33.50 32.98
C ILE W 222 42.71 -34.04 34.40
N PHE W 223 41.64 -33.72 35.13
CA PHE W 223 41.47 -34.18 36.49
C PHE W 223 40.18 -34.99 36.58
N LEU W 224 40.30 -36.27 36.84
CA LEU W 224 39.14 -37.13 37.04
C LEU W 224 39.26 -37.80 38.39
N PRO W 225 38.14 -38.02 39.09
CA PRO W 225 38.19 -38.79 40.33
C PRO W 225 38.27 -40.29 40.12
N ARG W 226 38.07 -40.77 38.90
CA ARG W 226 38.12 -42.19 38.62
C ARG W 226 39.48 -42.54 38.02
N PRO W 227 40.32 -43.29 38.71
CA PRO W 227 41.62 -43.65 38.14
C PRO W 227 41.57 -44.94 37.32
N ASN W 228 40.92 -44.87 36.17
CA ASN W 228 40.94 -46.03 35.29
C ASN W 228 42.08 -45.92 34.30
N PRO W 229 42.82 -47.01 34.05
CA PRO W 229 44.02 -46.91 33.20
C PRO W 229 43.73 -46.83 31.72
N ILE W 230 42.50 -47.12 31.30
CA ILE W 230 42.17 -47.14 29.88
C ILE W 230 42.22 -45.74 29.30
N GLN W 231 41.63 -44.77 30.00
CA GLN W 231 41.66 -43.40 29.55
C GLN W 231 43.02 -42.76 29.65
N GLU W 232 43.84 -43.14 30.64
CA GLU W 232 45.18 -42.57 30.71
C GLU W 232 46.07 -43.15 29.61
N GLU W 233 45.84 -44.42 29.24
CA GLU W 233 46.59 -45.02 28.16
C GLU W 233 46.16 -44.46 26.80
N ILE W 234 44.87 -44.18 26.65
CA ILE W 234 44.40 -43.57 25.40
C ILE W 234 44.85 -42.12 25.30
N LEU W 235 44.71 -41.36 26.38
CA LEU W 235 45.05 -39.94 26.38
C LEU W 235 46.55 -39.70 26.30
N GLU W 236 47.38 -40.71 26.61
CA GLU W 236 48.82 -40.59 26.38
C GLU W 236 49.17 -40.40 24.92
N GLN W 237 48.51 -41.10 24.00
CA GLN W 237 48.67 -40.82 22.57
C GLN W 237 48.06 -39.51 22.12
N TRP W 238 47.25 -38.86 22.95
CA TRP W 238 46.83 -37.48 22.66
C TRP W 238 47.63 -36.49 23.48
N ARG W 239 48.80 -36.91 23.94
CA ARG W 239 49.74 -36.25 24.88
C ARG W 239 49.03 -35.53 26.02
N ILE W 240 48.11 -36.26 26.66
CA ILE W 240 47.35 -35.77 27.78
C ILE W 240 47.53 -36.74 28.95
N GLY W 241 48.07 -36.27 30.04
CA GLY W 241 48.13 -37.10 31.23
C GLY W 241 46.85 -37.00 32.03
N MET W 242 46.69 -37.91 32.99
CA MET W 242 45.56 -37.84 33.90
C MET W 242 46.06 -37.71 35.33
N ILE W 243 45.38 -36.86 36.10
CA ILE W 243 45.64 -36.67 37.51
C ILE W 243 44.39 -37.12 38.26
N SER W 244 44.57 -38.02 39.22
CA SER W 244 43.45 -38.53 39.98
C SER W 244 43.74 -38.49 41.47
N SER W 245 42.72 -38.16 42.25
CA SER W 245 42.82 -38.13 43.69
C SER W 245 42.41 -39.49 44.24
N GLU W 246 42.50 -39.63 45.57
CA GLU W 246 42.15 -40.88 46.22
C GLU W 246 40.79 -40.82 46.92
N ASN W 247 40.15 -39.66 46.95
CA ASN W 247 38.85 -39.57 47.61
C ASN W 247 37.72 -39.80 46.61
N ASP W 248 36.74 -40.59 47.03
CA ASP W 248 35.56 -40.90 46.25
C ASP W 248 34.57 -39.75 46.11
N ASN W 249 34.52 -38.85 47.09
CA ASN W 249 33.60 -37.71 47.03
C ASN W 249 34.09 -36.74 45.97
N PRO W 250 33.28 -36.42 44.95
CA PRO W 250 33.79 -35.57 43.85
C PRO W 250 34.02 -34.13 44.26
N GLY W 251 33.16 -33.58 45.13
CA GLY W 251 33.32 -32.20 45.55
C GLY W 251 34.58 -31.99 46.38
N GLU W 252 34.86 -32.93 47.28
CA GLU W 252 36.05 -32.80 48.13
C GLU W 252 37.30 -33.07 47.32
N SER W 253 37.22 -34.00 46.35
CA SER W 253 38.36 -34.31 45.50
C SER W 253 38.72 -33.11 44.63
N LEU W 254 37.72 -32.42 44.13
CA LEU W 254 37.99 -31.25 43.31
C LEU W 254 38.48 -30.08 44.17
N GLU W 255 37.95 -29.95 45.40
CA GLU W 255 38.40 -28.92 46.32
C GLU W 255 39.84 -29.14 46.75
N GLU W 256 40.22 -30.38 47.05
CA GLU W 256 41.60 -30.65 47.42
C GLU W 256 42.52 -30.64 46.21
N PHE W 257 41.98 -30.78 45.00
CA PHE W 257 42.84 -30.62 43.83
C PHE W 257 43.14 -29.15 43.57
N LEU W 258 42.15 -28.26 43.72
CA LEU W 258 42.50 -26.84 43.61
C LEU W 258 43.08 -26.24 44.89
N LYS W 259 43.19 -27.02 45.97
CA LYS W 259 43.91 -26.53 47.14
C LYS W 259 45.40 -26.33 46.85
N ASN W 260 45.95 -27.09 45.91
CA ASN W 260 47.37 -27.00 45.55
C ASN W 260 47.73 -25.70 44.84
N PHE W 261 46.75 -24.97 44.32
CA PHE W 261 46.99 -23.75 43.58
C PHE W 261 46.70 -22.49 44.39
N VAL W 262 46.34 -22.63 45.66
CA VAL W 262 45.93 -21.47 46.45
C VAL W 262 47.14 -20.68 46.92
N LEU W 263 48.05 -21.35 47.64
CA LEU W 263 49.18 -20.64 48.26
C LEU W 263 50.21 -20.20 47.25
N VAL W 264 50.35 -20.92 46.14
CA VAL W 264 51.26 -20.53 45.08
C VAL W 264 50.61 -19.42 44.27
N MET X 1 44.99 10.02 -18.71
CA MET X 1 46.39 10.38 -18.81
C MET X 1 46.67 11.60 -17.94
N GLU X 2 45.70 12.52 -17.88
CA GLU X 2 45.79 13.64 -16.94
C GLU X 2 45.57 13.15 -15.52
N GLN X 3 44.64 12.21 -15.34
CA GLN X 3 44.43 11.55 -14.07
C GLN X 3 45.63 10.68 -13.72
N LEU X 4 46.28 10.11 -14.74
CA LEU X 4 47.51 9.33 -14.53
C LEU X 4 48.63 10.21 -13.99
N LEU X 5 48.81 11.39 -14.57
CA LEU X 5 49.86 12.28 -14.07
C LEU X 5 49.49 12.89 -12.72
N ALA X 6 48.18 13.07 -12.47
CA ALA X 6 47.72 13.55 -11.17
C ALA X 6 48.02 12.53 -10.07
N ASP X 7 47.76 11.25 -10.33
CA ASP X 7 48.12 10.22 -9.37
C ASP X 7 49.61 9.97 -9.33
N TYR X 8 50.33 10.28 -10.42
CA TYR X 8 51.77 10.17 -10.44
C TYR X 8 52.42 11.23 -9.55
N LYS X 9 51.77 12.39 -9.42
CA LYS X 9 52.19 13.35 -8.41
C LYS X 9 51.95 12.82 -7.00
N LYS X 10 50.89 12.03 -6.82
CA LYS X 10 50.58 11.46 -5.52
C LYS X 10 51.41 10.23 -5.20
N GLY X 11 52.15 9.69 -6.17
CA GLY X 11 53.01 8.55 -5.91
C GLY X 11 52.30 7.24 -5.71
N ASN X 12 51.11 7.08 -6.29
CA ASN X 12 50.34 5.83 -6.18
C ASN X 12 50.36 5.04 -7.49
N VAL X 13 51.49 5.07 -8.20
CA VAL X 13 51.61 4.42 -9.50
C VAL X 13 52.75 3.41 -9.45
N ILE X 14 52.50 2.23 -10.02
CA ILE X 14 53.48 1.17 -10.18
C ILE X 14 53.64 0.95 -11.68
N LEU X 15 54.80 0.46 -12.09
CA LEU X 15 55.10 0.28 -13.51
C LEU X 15 55.51 -1.16 -13.78
N PHE X 16 55.04 -1.70 -14.91
CA PHE X 16 55.41 -3.02 -15.38
C PHE X 16 56.37 -2.90 -16.55
N VAL X 17 57.16 -3.95 -16.78
CA VAL X 17 58.12 -4.00 -17.87
C VAL X 17 57.79 -5.19 -18.76
N GLY X 18 57.65 -4.93 -20.06
CA GLY X 18 57.42 -5.99 -21.02
C GLY X 18 58.59 -6.12 -21.98
N ALA X 19 58.33 -6.63 -23.19
CA ALA X 19 59.39 -6.76 -24.18
C ALA X 19 59.63 -5.48 -24.95
N GLY X 20 58.71 -4.51 -24.89
CA GLY X 20 58.89 -3.25 -25.59
C GLY X 20 59.99 -2.40 -25.02
N VAL X 21 60.30 -2.56 -23.73
CA VAL X 21 61.47 -1.92 -23.17
C VAL X 21 62.74 -2.60 -23.69
N SER X 22 62.68 -3.92 -23.84
CA SER X 22 63.86 -4.68 -24.24
C SER X 22 64.19 -4.56 -25.72
N MET X 23 63.22 -4.20 -26.57
CA MET X 23 63.49 -4.15 -28.00
C MET X 23 64.33 -2.94 -28.41
N ASN X 24 64.42 -1.92 -27.56
CA ASN X 24 65.22 -0.74 -27.89
C ASN X 24 66.71 -1.03 -27.77
N LEU X 25 67.10 -1.81 -26.77
CA LEU X 25 68.52 -2.09 -26.57
C LEU X 25 69.06 -3.08 -27.59
N GLY X 26 68.19 -3.90 -28.17
CA GLY X 26 68.66 -4.88 -29.14
C GLY X 26 69.04 -6.20 -28.51
N LEU X 27 68.27 -6.64 -27.53
CA LEU X 27 68.47 -7.95 -26.95
C LEU X 27 68.07 -9.04 -27.95
N PRO X 28 68.64 -10.23 -27.83
CA PRO X 28 68.12 -11.36 -28.61
C PRO X 28 66.73 -11.72 -28.15
N SER X 29 65.76 -11.58 -29.06
CA SER X 29 64.35 -11.76 -28.74
C SER X 29 63.99 -13.24 -28.71
N TRP X 30 62.69 -13.53 -28.68
CA TRP X 30 62.23 -14.91 -28.57
C TRP X 30 62.47 -15.70 -29.84
N SER X 31 62.56 -15.02 -30.98
CA SER X 31 62.70 -15.70 -32.27
C SER X 31 64.05 -16.40 -32.41
N GLN X 32 65.14 -15.69 -32.15
CA GLN X 32 66.46 -16.31 -32.28
C GLN X 32 66.76 -17.25 -31.11
N LEU X 33 66.09 -17.08 -29.97
CA LEU X 33 66.21 -18.05 -28.90
C LEU X 33 65.53 -19.36 -29.28
N VAL X 34 64.37 -19.27 -29.94
CA VAL X 34 63.70 -20.43 -30.52
C VAL X 34 64.60 -21.11 -31.56
N ASP X 35 65.27 -20.30 -32.39
CA ASP X 35 66.21 -20.83 -33.38
C ASP X 35 67.41 -21.50 -32.72
N HIS X 36 67.87 -20.98 -31.59
CA HIS X 36 68.99 -21.60 -30.88
C HIS X 36 68.60 -22.93 -30.25
N ILE X 37 67.39 -23.01 -29.67
CA ILE X 37 66.90 -24.27 -29.13
C ILE X 37 66.71 -25.29 -30.25
N ALA X 38 66.23 -24.82 -31.40
CA ALA X 38 66.00 -25.69 -32.55
C ALA X 38 67.30 -26.24 -33.13
N THR X 39 68.33 -25.41 -33.24
CA THR X 39 69.61 -25.93 -33.71
C THR X 39 70.36 -26.67 -32.62
N GLU X 40 69.96 -26.50 -31.35
CA GLU X 40 70.54 -27.31 -30.28
C GLU X 40 70.00 -28.73 -30.31
N LEU X 41 68.70 -28.88 -30.55
CA LEU X 41 68.11 -30.21 -30.57
C LEU X 41 68.13 -30.85 -31.94
N GLY X 42 68.79 -30.24 -32.92
CA GLY X 42 68.96 -30.84 -34.22
C GLY X 42 67.92 -30.50 -35.25
N TYR X 43 66.94 -29.66 -34.92
CA TYR X 43 65.90 -29.33 -35.89
C TYR X 43 66.25 -28.06 -36.65
N ASP X 44 65.41 -27.73 -37.61
CA ASP X 44 65.56 -26.47 -38.31
C ASP X 44 64.99 -25.33 -37.47
N PRO X 45 65.52 -24.10 -37.63
CA PRO X 45 65.04 -22.97 -36.82
C PRO X 45 63.57 -22.59 -37.00
N ASP X 46 63.00 -22.82 -38.18
CA ASP X 46 61.59 -22.50 -38.39
C ASP X 46 60.72 -23.73 -38.51
N ILE X 47 61.26 -24.93 -38.31
CA ILE X 47 60.42 -26.11 -38.33
C ILE X 47 59.78 -26.36 -36.96
N TYR X 48 60.27 -25.71 -35.91
CA TYR X 48 59.64 -25.86 -34.60
C TYR X 48 58.35 -25.09 -34.50
N ARG X 49 58.18 -24.06 -35.31
CA ARG X 49 57.04 -23.17 -35.14
C ARG X 49 55.72 -23.78 -35.65
N THR X 50 55.79 -24.94 -36.29
CA THR X 50 54.60 -25.72 -36.60
C THR X 50 54.20 -26.64 -35.45
N PHE X 51 54.92 -26.60 -34.33
CA PHE X 51 54.66 -27.50 -33.21
C PHE X 51 54.13 -26.80 -31.97
N GLY X 52 54.36 -25.51 -31.83
CA GLY X 52 53.94 -24.77 -30.65
C GLY X 52 54.44 -23.36 -30.72
N SER X 53 53.99 -22.53 -29.77
CA SER X 53 54.37 -21.13 -29.88
C SER X 53 55.73 -20.81 -29.28
N ALA X 54 55.84 -20.74 -27.95
CA ALA X 54 57.13 -20.55 -27.31
C ALA X 54 57.25 -21.38 -26.05
N LEU X 55 56.15 -21.46 -25.30
CA LEU X 55 56.17 -22.11 -24.00
C LEU X 55 56.25 -23.62 -24.13
N GLU X 56 55.61 -24.18 -25.16
CA GLU X 56 55.74 -25.59 -25.46
C GLU X 56 57.15 -25.93 -25.87
N LEU X 57 57.81 -25.02 -26.59
CA LEU X 57 59.19 -25.20 -27.00
C LEU X 57 60.15 -25.19 -25.82
N ALA X 58 59.96 -24.24 -24.90
CA ALA X 58 60.80 -24.16 -23.72
C ALA X 58 60.59 -25.35 -22.81
N GLU X 59 59.34 -25.83 -22.70
CA GLU X 59 59.08 -27.02 -21.90
C GLU X 59 59.64 -28.28 -22.55
N TYR X 60 59.63 -28.36 -23.88
CA TYR X 60 60.22 -29.52 -24.55
C TYR X 60 61.73 -29.52 -24.39
N TYR X 61 62.35 -28.34 -24.42
CA TYR X 61 63.79 -28.26 -24.15
C TYR X 61 64.12 -28.60 -22.71
N LYS X 62 63.25 -28.20 -21.77
CA LYS X 62 63.44 -28.56 -20.37
C LYS X 62 63.30 -30.06 -20.15
N LEU X 63 62.32 -30.68 -20.81
CA LEU X 63 62.11 -32.12 -20.65
C LEU X 63 63.18 -32.92 -21.37
N LYS X 64 63.76 -32.38 -22.43
CA LYS X 64 64.81 -33.12 -23.12
C LYS X 64 66.14 -32.98 -22.41
N LYS X 65 66.45 -31.79 -21.90
CA LYS X 65 67.73 -31.61 -21.21
C LYS X 65 67.65 -31.94 -19.73
N GLY X 66 66.47 -32.28 -19.22
CA GLY X 66 66.28 -32.62 -17.83
C GLY X 66 65.98 -31.43 -16.94
N LYS X 67 66.47 -30.25 -17.28
CA LYS X 67 66.25 -29.05 -16.48
C LYS X 67 66.38 -27.84 -17.40
N ILE X 68 66.19 -26.65 -16.83
CA ILE X 68 66.35 -25.40 -17.56
C ILE X 68 67.76 -24.82 -17.40
N GLY X 69 68.71 -25.63 -16.96
CA GLY X 69 70.08 -25.21 -16.72
C GLY X 69 70.82 -24.60 -17.89
N PRO X 70 71.03 -25.37 -18.97
CA PRO X 70 71.65 -24.79 -20.17
C PRO X 70 70.84 -23.68 -20.82
N LEU X 71 69.51 -23.74 -20.71
CA LEU X 71 68.69 -22.68 -21.30
C LEU X 71 68.82 -21.38 -20.51
N ARG X 72 68.82 -21.45 -19.18
CA ARG X 72 69.02 -20.26 -18.37
C ARG X 72 70.43 -19.71 -18.53
N SER X 73 71.42 -20.59 -18.66
CA SER X 73 72.79 -20.13 -18.85
C SER X 73 72.98 -19.46 -20.21
N TRP X 74 72.34 -20.00 -21.25
CA TRP X 74 72.43 -19.37 -22.57
C TRP X 74 71.66 -18.05 -22.61
N MET X 75 70.52 -17.98 -21.95
CA MET X 75 69.73 -16.75 -21.94
C MET X 75 70.42 -15.67 -21.12
N ASP X 76 71.09 -16.05 -20.02
CA ASP X 76 71.88 -15.09 -19.25
C ASP X 76 73.12 -14.64 -20.01
N ARG X 77 73.74 -15.53 -20.78
CA ARG X 77 74.91 -15.14 -21.55
C ARG X 77 74.57 -14.22 -22.71
N MET X 78 73.44 -14.47 -23.37
CA MET X 78 73.09 -13.64 -24.52
C MET X 78 72.32 -12.39 -24.14
N TRP X 79 71.65 -12.37 -23.00
CA TRP X 79 70.89 -11.20 -22.60
C TRP X 79 71.70 -10.25 -21.72
N HIS X 80 72.97 -10.56 -21.48
CA HIS X 80 73.87 -9.70 -20.74
C HIS X 80 75.22 -9.64 -21.44
N SER X 81 75.20 -9.54 -22.76
CA SER X 81 76.43 -9.52 -23.53
C SER X 81 77.14 -8.17 -23.39
N SER X 82 78.43 -8.17 -23.74
CA SER X 82 79.27 -7.00 -23.54
C SER X 82 79.05 -5.90 -24.57
N ASP X 83 78.35 -6.17 -25.67
CA ASP X 83 78.13 -5.17 -26.70
C ASP X 83 76.88 -4.34 -26.46
N ILE X 84 76.22 -4.50 -25.32
CA ILE X 84 75.01 -3.78 -25.00
C ILE X 84 75.35 -2.69 -24.00
N ASP X 85 75.08 -1.44 -24.37
CA ASP X 85 75.37 -0.29 -23.53
C ASP X 85 74.07 0.31 -23.03
N ILE X 86 73.96 0.49 -21.71
CA ILE X 86 72.73 1.00 -21.13
C ILE X 86 72.57 2.50 -21.33
N ASN X 87 73.65 3.22 -21.69
CA ASN X 87 73.58 4.66 -21.85
C ASN X 87 72.87 5.06 -23.14
N LYS X 88 72.92 4.22 -24.16
CA LYS X 88 72.29 4.56 -25.43
C LYS X 88 70.78 4.40 -25.42
N SER X 89 70.21 3.75 -24.41
CA SER X 89 68.77 3.56 -24.32
C SER X 89 68.14 4.75 -23.60
N LYS X 90 67.42 5.58 -24.35
CA LYS X 90 66.74 6.70 -23.74
C LYS X 90 65.51 6.27 -22.95
N VAL X 91 64.93 5.12 -23.28
CA VAL X 91 63.80 4.58 -22.52
C VAL X 91 64.25 4.16 -21.13
N HIS X 92 65.42 3.50 -21.06
CA HIS X 92 65.98 3.09 -19.78
C HIS X 92 66.43 4.30 -18.97
N GLU X 93 66.92 5.34 -19.65
CA GLU X 93 67.25 6.60 -18.98
C GLU X 93 65.99 7.27 -18.44
N TYR X 94 64.88 7.18 -19.17
CA TYR X 94 63.63 7.80 -18.73
C TYR X 94 63.01 7.08 -17.54
N ILE X 95 63.12 5.75 -17.47
CA ILE X 95 62.62 5.09 -16.27
C ILE X 95 63.62 5.21 -15.14
N ALA X 96 64.89 5.49 -15.45
CA ALA X 96 65.87 5.73 -14.40
C ALA X 96 65.65 7.08 -13.73
N LYS X 97 65.31 8.11 -14.51
CA LYS X 97 65.12 9.43 -13.95
C LYS X 97 63.75 9.63 -13.30
N ALA X 98 62.80 8.74 -13.56
CA ALA X 98 61.48 8.87 -12.95
C ALA X 98 61.52 8.46 -11.49
N ASN X 99 60.66 9.08 -10.69
CA ASN X 99 60.59 8.79 -9.26
C ASN X 99 59.55 7.72 -8.95
N PHE X 100 59.64 6.59 -9.63
CA PHE X 100 58.75 5.47 -9.35
C PHE X 100 59.20 4.78 -8.06
N PRO X 101 58.33 4.66 -7.06
CA PRO X 101 58.73 3.97 -5.84
C PRO X 101 58.89 2.47 -6.03
N ILE X 102 57.90 1.83 -6.66
CA ILE X 102 57.86 0.39 -6.83
C ILE X 102 57.90 0.07 -8.32
N ILE X 103 58.76 -0.88 -8.69
CA ILE X 103 58.89 -1.32 -10.08
C ILE X 103 58.71 -2.84 -10.11
N TYR X 104 57.77 -3.30 -10.92
CA TYR X 104 57.58 -4.72 -11.17
C TYR X 104 58.03 -5.03 -12.58
N THR X 105 58.64 -6.19 -12.79
CA THR X 105 59.08 -6.57 -14.11
C THR X 105 58.88 -8.06 -14.36
N THR X 106 58.37 -8.37 -15.54
CA THR X 106 58.30 -9.74 -16.02
C THR X 106 59.47 -10.10 -16.91
N ASN X 107 60.41 -9.17 -17.09
CA ASN X 107 61.60 -9.45 -17.87
C ASN X 107 62.65 -10.10 -16.97
N TYR X 108 63.32 -11.11 -17.52
CA TYR X 108 64.29 -11.87 -16.75
C TYR X 108 65.66 -11.23 -16.71
N ASP X 109 65.91 -10.20 -17.53
CA ASP X 109 67.20 -9.55 -17.55
C ASP X 109 67.34 -8.59 -16.38
N ARG X 110 68.56 -8.10 -16.17
CA ARG X 110 68.87 -7.18 -15.08
C ARG X 110 69.16 -5.78 -15.59
N TRP X 111 68.66 -5.41 -16.77
CA TRP X 111 68.99 -4.12 -17.34
C TRP X 111 68.27 -2.96 -16.67
N ILE X 112 67.18 -3.21 -15.96
CA ILE X 112 66.56 -2.16 -15.16
C ILE X 112 67.44 -1.83 -13.96
N GLU X 113 68.01 -2.87 -13.35
CA GLU X 113 68.97 -2.70 -12.26
C GLU X 113 70.24 -2.05 -12.76
N THR X 114 70.68 -2.40 -13.96
CA THR X 114 71.86 -1.79 -14.55
C THR X 114 71.62 -0.32 -14.90
N ALA X 115 70.41 0.02 -15.33
CA ALA X 115 70.07 1.41 -15.62
C ALA X 115 69.98 2.23 -14.34
N LEU X 116 69.46 1.64 -13.26
CA LEU X 116 69.41 2.38 -12.01
C LEU X 116 70.79 2.50 -11.37
N SER X 117 71.66 1.51 -11.59
CA SER X 117 73.04 1.63 -11.10
C SER X 117 73.84 2.62 -11.91
N ASN X 118 73.54 2.73 -13.21
CA ASN X 118 74.27 3.65 -14.08
C ASN X 118 73.91 5.11 -13.80
N TYR X 119 72.64 5.38 -13.53
CA TYR X 119 72.19 6.74 -13.26
C TYR X 119 72.13 7.06 -11.78
N GLY X 120 72.69 6.19 -10.93
CA GLY X 120 72.96 6.50 -9.55
C GLY X 120 71.83 6.30 -8.58
N LYS X 121 70.63 5.97 -9.04
CA LYS X 121 69.49 5.80 -8.14
C LYS X 121 69.59 4.42 -7.50
N GLU X 122 69.68 4.39 -6.17
CA GLU X 122 69.86 3.11 -5.47
C GLU X 122 68.54 2.37 -5.36
N TYR X 123 68.60 1.05 -5.53
CA TYR X 123 67.41 0.21 -5.64
C TYR X 123 67.50 -0.97 -4.68
N ILE X 124 66.41 -1.74 -4.63
CA ILE X 124 66.34 -3.01 -3.93
C ILE X 124 65.78 -4.03 -4.90
N LYS X 125 66.51 -5.12 -5.13
CA LYS X 125 66.09 -6.16 -6.06
C LYS X 125 65.37 -7.26 -5.30
N ILE X 126 64.18 -7.62 -5.77
CA ILE X 126 63.36 -8.65 -5.16
C ILE X 126 63.19 -9.80 -6.14
N SER X 127 63.51 -11.01 -5.70
CA SER X 127 63.29 -12.20 -6.50
C SER X 127 62.55 -13.31 -5.77
N SER X 128 62.48 -13.29 -4.45
CA SER X 128 61.82 -14.32 -3.67
C SER X 128 61.37 -13.71 -2.35
N VAL X 129 61.00 -14.56 -1.40
CA VAL X 129 60.63 -14.10 -0.07
C VAL X 129 61.85 -13.81 0.80
N SER X 130 63.03 -14.25 0.36
CA SER X 130 64.26 -13.91 1.08
C SER X 130 64.60 -12.43 0.93
N ASP X 131 64.26 -11.84 -0.21
CA ASP X 131 64.50 -10.42 -0.45
C ASP X 131 63.42 -9.53 0.14
N ILE X 132 62.28 -10.09 0.56
CA ILE X 132 61.23 -9.25 1.11
C ILE X 132 61.54 -8.78 2.53
N ALA X 133 62.50 -9.42 3.21
CA ALA X 133 62.95 -8.94 4.50
C ALA X 133 63.85 -7.71 4.39
N LYS X 134 64.49 -7.51 3.24
CA LYS X 134 65.36 -6.36 3.00
C LYS X 134 64.63 -5.19 2.39
N ILE X 135 63.35 -5.03 2.66
CA ILE X 135 62.67 -3.88 2.10
C ILE X 135 63.25 -2.61 2.71
N ASP X 136 63.10 -1.48 2.03
CA ASP X 136 63.56 -0.20 2.58
C ASP X 136 62.90 0.93 1.85
N ASN X 137 61.63 1.15 2.15
CA ASN X 137 60.87 2.23 1.51
C ASN X 137 61.76 3.21 0.79
N ASN X 138 62.57 3.94 1.53
CA ASN X 138 63.48 4.89 0.94
C ASN X 138 63.88 4.54 -0.49
N LYS X 139 64.77 3.58 -0.66
CA LYS X 139 65.24 3.21 -1.99
C LYS X 139 64.11 2.80 -2.91
N THR X 140 64.43 2.40 -4.13
CA THR X 140 63.35 1.94 -4.99
C THR X 140 63.37 0.44 -5.05
N GLN X 141 62.21 -0.14 -5.31
CA GLN X 141 62.11 -1.60 -5.33
C GLN X 141 61.98 -2.09 -6.75
N ILE X 142 62.72 -3.15 -7.08
CA ILE X 142 62.59 -3.85 -8.35
C ILE X 142 62.22 -5.29 -8.02
N ILE X 143 61.10 -5.76 -8.55
CA ILE X 143 60.61 -7.11 -8.29
C ILE X 143 60.60 -7.89 -9.59
N LYS X 144 61.44 -8.90 -9.67
CA LYS X 144 61.44 -9.83 -10.80
C LYS X 144 60.22 -10.71 -10.63
N PHE X 145 59.12 -10.33 -11.29
CA PHE X 145 57.86 -11.04 -11.12
C PHE X 145 57.87 -12.41 -11.77
N HIS X 146 58.70 -12.60 -12.79
CA HIS X 146 58.86 -13.90 -13.42
C HIS X 146 60.28 -14.43 -13.25
N GLY X 147 60.94 -14.06 -12.16
CA GLY X 147 62.22 -14.62 -11.80
C GLY X 147 63.39 -14.01 -12.54
N ASP X 148 64.58 -14.30 -12.03
CA ASP X 148 65.83 -13.82 -12.60
C ASP X 148 66.76 -15.01 -12.77
N PHE X 149 68.03 -14.73 -13.06
CA PHE X 149 68.97 -15.79 -13.35
C PHE X 149 69.76 -16.27 -12.13
N ASP X 150 69.62 -15.61 -10.98
CA ASP X 150 70.25 -16.14 -9.78
C ASP X 150 69.52 -17.36 -9.23
N ASP X 151 68.23 -17.50 -9.50
CA ASP X 151 67.45 -18.61 -8.97
C ASP X 151 66.77 -19.34 -10.12
N ASP X 152 67.12 -20.61 -10.30
CA ASP X 152 66.51 -21.40 -11.35
C ASP X 152 65.16 -21.98 -10.97
N SER X 153 64.79 -21.90 -9.68
CA SER X 153 63.52 -22.47 -9.26
C SER X 153 62.36 -21.50 -9.45
N SER X 154 62.65 -20.21 -9.56
CA SER X 154 61.60 -19.20 -9.64
C SER X 154 61.48 -18.57 -11.01
N ILE X 155 62.33 -18.94 -11.96
CA ILE X 155 62.24 -18.35 -13.31
C ILE X 155 61.07 -18.99 -14.04
N VAL X 156 60.20 -18.14 -14.58
CA VAL X 156 58.99 -18.60 -15.24
C VAL X 156 59.13 -18.45 -16.75
N LEU X 157 59.60 -19.50 -17.40
CA LEU X 157 59.81 -19.47 -18.84
C LEU X 157 59.26 -20.67 -19.58
N ASP X 158 58.82 -21.71 -18.89
CA ASP X 158 58.22 -22.86 -19.55
C ASP X 158 56.70 -22.87 -19.31
N GLU X 159 56.04 -23.82 -19.97
CA GLU X 159 54.58 -23.93 -19.89
C GLU X 159 54.11 -24.35 -18.50
N THR X 160 54.85 -25.25 -17.84
CA THR X 160 54.44 -25.73 -16.52
C THR X 160 54.64 -24.66 -15.44
N SER X 161 55.72 -23.89 -15.52
CA SER X 161 55.92 -22.82 -14.53
C SER X 161 54.92 -21.67 -14.74
N TYR X 162 54.59 -21.37 -15.99
CA TYR X 162 53.54 -20.41 -16.32
C TYR X 162 52.18 -20.89 -15.83
N PHE X 163 51.93 -22.19 -16.01
CA PHE X 163 50.71 -22.77 -15.50
C PHE X 163 50.70 -22.90 -13.99
N GLN X 164 51.87 -22.94 -13.35
CA GLN X 164 51.89 -22.84 -11.90
C GLN X 164 51.62 -21.40 -11.48
N ARG X 165 51.97 -20.41 -12.33
CA ARG X 165 51.82 -18.99 -11.99
C ARG X 165 50.46 -18.35 -12.32
N LEU X 166 49.51 -19.03 -12.99
CA LEU X 166 48.15 -18.46 -13.05
C LEU X 166 47.45 -18.34 -11.70
N GLU X 167 47.67 -19.28 -10.78
CA GLU X 167 46.82 -19.35 -9.61
C GLU X 167 47.32 -18.52 -8.45
N PHE X 168 48.50 -17.92 -8.58
CA PHE X 168 49.00 -16.82 -7.76
C PHE X 168 49.11 -17.19 -6.28
N GLU X 169 50.03 -18.11 -5.97
CA GLU X 169 50.27 -18.47 -4.57
C GLU X 169 51.65 -18.12 -4.07
N THR X 170 52.53 -17.59 -4.93
CA THR X 170 53.86 -17.20 -4.48
C THR X 170 53.75 -15.95 -3.60
N PRO X 171 54.71 -15.73 -2.70
CA PRO X 171 54.66 -14.52 -1.85
C PRO X 171 54.79 -13.21 -2.62
N LEU X 172 55.31 -13.24 -3.86
CA LEU X 172 55.29 -12.06 -4.72
C LEU X 172 53.86 -11.64 -5.06
N ASP X 173 52.94 -12.60 -5.13
CA ASP X 173 51.55 -12.26 -5.40
C ASP X 173 50.89 -11.61 -4.19
N ILE X 174 51.25 -12.04 -2.98
CA ILE X 174 50.74 -11.39 -1.78
C ILE X 174 51.32 -9.99 -1.64
N LYS X 175 52.61 -9.84 -1.94
CA LYS X 175 53.26 -8.53 -1.94
C LYS X 175 52.66 -7.62 -3.01
N PHE X 176 52.31 -8.20 -4.16
CA PHE X 176 51.71 -7.42 -5.24
C PHE X 176 50.28 -7.01 -4.89
N ARG X 177 49.53 -7.89 -4.21
CA ARG X 177 48.18 -7.54 -3.77
C ARG X 177 48.20 -6.42 -2.74
N SER X 178 49.16 -6.48 -1.82
CA SER X 178 49.34 -5.42 -0.83
C SER X 178 49.80 -4.11 -1.47
N ASP X 179 50.57 -4.18 -2.56
CA ASP X 179 50.98 -2.96 -3.25
C ASP X 179 49.82 -2.35 -4.05
N VAL X 180 49.02 -3.18 -4.71
CA VAL X 180 47.93 -2.68 -5.55
C VAL X 180 46.75 -2.15 -4.72
N LEU X 181 46.51 -2.69 -3.51
CA LEU X 181 45.39 -2.08 -2.74
C LEU X 181 45.76 -0.62 -2.44
N GLY X 182 44.93 0.32 -2.91
CA GLY X 182 45.19 1.74 -2.67
C GLY X 182 46.03 2.38 -3.77
N LYS X 183 46.55 1.61 -4.73
CA LYS X 183 47.40 2.19 -5.74
C LYS X 183 47.02 1.71 -7.13
N SER X 184 47.54 2.40 -8.15
CA SER X 184 47.31 2.05 -9.54
C SER X 184 48.59 1.51 -10.16
N VAL X 185 48.45 0.88 -11.33
CA VAL X 185 49.59 0.27 -12.00
C VAL X 185 49.66 0.72 -13.45
N LEU X 186 50.88 0.64 -14.00
CA LEU X 186 51.14 0.95 -15.40
C LEU X 186 51.60 -0.33 -16.12
N PHE X 187 51.43 -0.32 -17.44
CA PHE X 187 51.91 -1.41 -18.28
C PHE X 187 52.47 -0.81 -19.56
N ILE X 188 53.71 -1.15 -19.91
CA ILE X 188 54.31 -0.69 -21.15
C ILE X 188 54.99 -1.88 -21.83
N GLY X 189 54.96 -1.88 -23.16
CA GLY X 189 55.57 -2.95 -23.92
C GLY X 189 54.85 -4.28 -23.84
N TYR X 190 53.53 -4.27 -23.74
CA TYR X 190 52.78 -5.50 -23.54
C TYR X 190 51.77 -5.70 -24.63
N SER X 191 52.14 -6.38 -25.71
CA SER X 191 51.25 -6.51 -26.86
C SER X 191 49.79 -6.83 -26.60
N LEU X 192 49.47 -7.47 -25.45
CA LEU X 192 48.07 -7.86 -25.15
C LEU X 192 47.49 -8.59 -26.37
N SER X 193 48.36 -9.25 -27.15
CA SER X 193 47.90 -9.88 -28.38
C SER X 193 48.27 -11.34 -28.39
N ASP X 194 48.50 -11.91 -27.22
CA ASP X 194 48.79 -13.33 -27.15
C ASP X 194 48.05 -13.89 -25.96
N ILE X 195 47.07 -14.75 -26.20
CA ILE X 195 46.25 -15.24 -25.12
C ILE X 195 46.97 -15.15 -23.81
N ASN X 196 48.01 -15.96 -23.65
CA ASN X 196 48.72 -15.97 -22.42
C ASN X 196 48.75 -14.57 -21.87
N ILE X 197 49.45 -13.69 -22.55
CA ILE X 197 49.59 -12.37 -22.00
C ILE X 197 48.23 -11.93 -21.59
N ARG X 198 47.28 -12.00 -22.51
CA ARG X 198 46.00 -11.48 -22.16
C ARG X 198 45.68 -12.14 -20.87
N LEU X 199 45.85 -13.44 -20.80
CA LEU X 199 45.43 -14.11 -19.59
C LEU X 199 45.91 -13.41 -18.37
N LEU X 200 47.21 -13.46 -18.15
CA LEU X 200 47.70 -12.91 -16.91
C LEU X 200 46.99 -11.63 -16.71
N PHE X 201 47.02 -10.80 -17.74
CA PHE X 201 46.45 -9.51 -17.56
C PHE X 201 45.16 -9.69 -16.84
N TYR X 202 44.34 -10.59 -17.31
CA TYR X 202 43.09 -10.69 -16.65
C TYR X 202 43.33 -11.14 -15.28
N LYS X 203 43.86 -12.33 -15.12
CA LYS X 203 43.98 -12.81 -13.77
C LYS X 203 44.32 -11.64 -12.90
N LEU X 204 45.39 -10.96 -13.23
CA LEU X 204 45.80 -9.83 -12.44
C LEU X 204 44.62 -8.93 -12.37
N SER X 205 44.14 -8.52 -13.53
CA SER X 205 43.03 -7.58 -13.59
C SER X 205 42.17 -7.70 -12.37
N LYS X 206 41.96 -8.91 -11.94
CA LYS X 206 41.12 -9.11 -10.80
C LYS X 206 41.66 -8.34 -9.63
N LEU X 207 42.39 -9.01 -8.76
CA LEU X 207 42.89 -8.37 -7.55
C LEU X 207 42.28 -7.00 -7.28
N TRP X 208 42.76 -5.97 -7.98
CA TRP X 208 42.26 -4.62 -7.77
C TRP X 208 40.82 -4.46 -8.16
N LYS X 209 40.58 -4.43 -9.45
CA LYS X 209 39.23 -4.31 -9.92
C LYS X 209 38.45 -5.36 -9.22
N GLU X 210 39.07 -6.51 -9.00
CA GLU X 210 38.39 -7.53 -8.23
C GLU X 210 37.87 -6.82 -7.02
N GLN X 211 38.78 -6.19 -6.30
CA GLN X 211 38.37 -5.47 -5.11
C GLN X 211 37.16 -4.64 -5.44
N LYS X 212 36.22 -4.61 -4.52
CA LYS X 212 34.99 -3.88 -4.74
C LYS X 212 35.20 -2.38 -4.72
N LEU X 213 34.59 -1.71 -3.75
CA LEU X 213 34.67 -0.26 -3.71
C LEU X 213 35.54 0.28 -2.60
N GLU X 214 35.07 1.31 -1.92
CA GLU X 214 35.81 1.86 -0.78
C GLU X 214 37.18 2.40 -1.16
N GLU X 215 37.89 2.93 -0.17
CA GLU X 215 39.23 3.43 -0.41
C GLU X 215 39.30 4.14 -1.75
N ALA X 216 40.22 3.72 -2.60
CA ALA X 216 40.40 4.40 -3.87
C ALA X 216 40.19 3.47 -5.05
N GLN X 217 40.48 2.19 -4.89
CA GLN X 217 40.35 1.29 -6.01
C GLN X 217 40.82 2.04 -7.22
N PRO X 218 42.04 2.60 -7.15
CA PRO X 218 42.45 3.40 -8.29
C PRO X 218 42.34 2.55 -9.53
N LYS X 219 42.19 3.19 -10.67
CA LYS X 219 42.15 2.45 -11.91
C LYS X 219 43.53 1.99 -12.28
N SER X 220 43.85 1.99 -13.55
CA SER X 220 45.14 1.53 -14.04
C SER X 220 45.23 1.80 -15.54
N TYR X 221 46.46 1.76 -16.07
CA TYR X 221 46.67 2.14 -17.45
C TYR X 221 47.70 1.24 -18.11
N ILE X 222 47.60 1.12 -19.42
CA ILE X 222 48.53 0.38 -20.25
C ILE X 222 48.89 1.26 -21.44
N PHE X 223 50.17 1.43 -21.73
CA PHE X 223 50.53 2.26 -22.87
C PHE X 223 50.74 1.38 -24.09
N LEU X 224 49.93 1.61 -25.11
CA LEU X 224 50.08 0.98 -26.41
C LEU X 224 50.24 2.06 -27.48
N PRO X 225 51.22 1.92 -28.37
CA PRO X 225 51.40 2.94 -29.41
C PRO X 225 50.33 2.94 -30.49
N ARG X 226 49.50 1.90 -30.57
CA ARG X 226 48.45 1.81 -31.56
C ARG X 226 47.09 2.10 -30.91
N PRO X 227 46.28 2.99 -31.47
CA PRO X 227 44.91 3.14 -30.99
C PRO X 227 44.03 2.01 -31.49
N ASN X 228 43.11 1.58 -30.63
CA ASN X 228 42.31 0.39 -30.91
C ASN X 228 40.98 0.41 -30.17
N PRO X 229 39.86 0.27 -30.86
CA PRO X 229 38.56 0.36 -30.16
C PRO X 229 38.20 -0.84 -29.30
N ILE X 230 38.50 -2.03 -29.83
CA ILE X 230 38.04 -3.28 -29.24
C ILE X 230 38.69 -3.49 -27.87
N GLN X 231 39.99 -3.31 -27.80
CA GLN X 231 40.65 -3.48 -26.52
C GLN X 231 40.43 -2.34 -25.53
N GLU X 232 40.00 -1.12 -25.92
CA GLU X 232 39.68 -0.21 -24.81
C GLU X 232 38.30 -0.57 -24.28
N GLU X 233 37.43 -1.03 -25.17
CA GLU X 233 36.09 -1.39 -24.75
C GLU X 233 36.09 -2.72 -23.98
N ILE X 234 37.15 -3.52 -24.11
CA ILE X 234 37.34 -4.74 -23.34
C ILE X 234 38.17 -4.49 -22.08
N LEU X 235 39.07 -3.51 -22.10
CA LEU X 235 39.86 -3.26 -20.91
C LEU X 235 39.17 -2.30 -19.95
N GLU X 236 38.07 -1.67 -20.37
CA GLU X 236 37.38 -0.71 -19.51
C GLU X 236 36.52 -1.35 -18.42
N GLN X 237 36.07 -2.60 -18.59
CA GLN X 237 35.47 -3.30 -17.45
C GLN X 237 36.51 -3.62 -16.39
N TRP X 238 37.75 -3.86 -16.79
CA TRP X 238 38.79 -4.23 -15.83
C TRP X 238 39.42 -3.01 -15.18
N ARG X 239 38.91 -1.83 -15.45
CA ARG X 239 39.45 -0.65 -14.83
C ARG X 239 40.85 -0.41 -15.34
N ILE X 240 41.07 -0.65 -16.63
CA ILE X 240 42.33 -0.38 -17.28
C ILE X 240 42.01 0.45 -18.52
N GLY X 241 42.24 1.75 -18.46
CA GLY X 241 42.19 2.52 -19.69
C GLY X 241 43.49 2.37 -20.44
N MET X 242 43.55 2.87 -21.68
CA MET X 242 44.85 2.93 -22.32
C MET X 242 45.10 4.30 -22.93
N ILE X 243 46.39 4.53 -23.19
CA ILE X 243 46.89 5.77 -23.78
C ILE X 243 47.52 5.39 -25.11
N SER X 244 47.13 6.09 -26.18
CA SER X 244 47.64 5.80 -27.50
C SER X 244 48.40 7.00 -28.04
N SER X 245 49.56 6.75 -28.63
CA SER X 245 50.34 7.76 -29.32
C SER X 245 49.99 7.73 -30.80
N GLU X 246 50.33 8.82 -31.49
CA GLU X 246 50.01 8.98 -32.90
C GLU X 246 51.17 8.62 -33.80
N ASN X 247 52.19 7.96 -33.28
CA ASN X 247 53.42 7.67 -34.01
C ASN X 247 53.54 6.19 -34.33
N ASP X 248 54.36 5.89 -35.33
CA ASP X 248 54.43 4.52 -35.85
C ASP X 248 55.53 3.72 -35.19
N ASN X 249 56.72 4.30 -35.01
CA ASN X 249 57.79 3.58 -34.32
C ASN X 249 57.49 3.49 -32.84
N PRO X 250 57.62 2.31 -32.23
CA PRO X 250 57.33 2.19 -30.79
C PRO X 250 58.41 2.77 -29.89
N GLY X 251 59.65 2.91 -30.38
CA GLY X 251 60.72 3.41 -29.54
C GLY X 251 60.57 4.89 -29.20
N GLU X 252 60.35 5.72 -30.23
CA GLU X 252 60.15 7.14 -29.97
C GLU X 252 58.78 7.43 -29.37
N SER X 253 57.79 6.56 -29.63
CA SER X 253 56.50 6.67 -28.95
C SER X 253 56.64 6.42 -27.46
N LEU X 254 57.43 5.40 -27.10
CA LEU X 254 57.74 5.13 -25.71
C LEU X 254 58.54 6.27 -25.08
N GLU X 255 59.50 6.81 -25.84
CA GLU X 255 60.34 7.89 -25.34
C GLU X 255 59.54 9.16 -25.06
N GLU X 256 58.63 9.51 -25.98
CA GLU X 256 57.80 10.69 -25.74
C GLU X 256 56.71 10.43 -24.72
N PHE X 257 56.34 9.16 -24.48
CA PHE X 257 55.40 8.91 -23.39
C PHE X 257 56.09 9.03 -22.03
N LEU X 258 57.30 8.47 -21.90
CA LEU X 258 58.04 8.54 -20.64
C LEU X 258 58.76 9.86 -20.44
N LYS X 259 58.75 10.75 -21.43
CA LYS X 259 59.22 12.10 -21.21
C LYS X 259 58.29 12.90 -20.29
N ASN X 260 57.01 12.50 -20.21
CA ASN X 260 56.06 13.18 -19.35
C ASN X 260 56.30 12.92 -17.87
N PHE X 261 57.06 11.88 -17.52
CA PHE X 261 57.25 11.50 -16.13
C PHE X 261 58.58 11.93 -15.54
N VAL X 262 59.53 12.35 -16.36
CA VAL X 262 60.82 12.72 -15.80
C VAL X 262 60.82 14.16 -15.30
N LEU X 263 59.94 15.01 -15.85
CA LEU X 263 59.90 16.41 -15.45
C LEU X 263 59.11 16.64 -14.17
N VAL X 264 58.32 15.66 -13.74
CA VAL X 264 57.51 15.80 -12.54
C VAL X 264 58.21 15.10 -11.37
#